data_8PEY
#
_entry.id   8PEY
#
_cell.length_a   1.00
_cell.length_b   1.00
_cell.length_c   1.00
_cell.angle_alpha   90.00
_cell.angle_beta   90.00
_cell.angle_gamma   90.00
#
_symmetry.space_group_name_H-M   'P 1'
#
loop_
_entity.id
_entity.type
_entity.pdbx_description
1 polymer 'Transcription termination factor Rho'
2 polymer 'Polarity suppression protein'
3 non-polymer 'PHOSPHOTHIOPHOSPHORIC ACID-ADENYLATE ESTER'
4 non-polymer 'MAGNESIUM ION'
#
loop_
_entity_poly.entity_id
_entity_poly.type
_entity_poly.pdbx_seq_one_letter_code
_entity_poly.pdbx_strand_id
1 'polypeptide(L)'
;MNLTELKNTPVSELITLGENMGLENLARMRKQDIIFAILKQHAKSGEDIFGDGVLEILQDGFGFLRSADSSYLAGPDDIY
VSPSQIRRFNLRTGDTISGKIRPPKEGERYFALLKVNEVNFDKPENARNKILFENLTPLHANSRLRMERGNGSTEDLTAR
VLDLASLIGRGQRGLIVAPPKAGKTMLLQNIAQSIAYNHPDCVLMVLLIDERPEEVTEMQRLVKGEVVASTFDEPASRHV
QVAEMVIEKAKRLVEHKKDVIILLDSITRLARAYNTVVPASGKVLTGGVDANALHRPKRFFGAARNVEEGGSLTIIATAL
IDTGSKMDEVIYEEFKGTGNMELHLSRKIAEKRVFPAIDYNRSGTRKEELLTTQEELQKMWILRKIIHPMGEIDAMEFLI
NKLAMTKTNDDFFEMMKRS
;
A,B,C,D,E,F,G,I,J,K,L,M,N
2 'polypeptide(L)'
;MESTALQQAFDTCQNNKAAWLQRKNELAAAEQEYLRLLSGEGRNVSRLDELRNIIEVRKWQVNQAAGRYIRSHEAVQHIS
IRDRLNDFMQQHGTALAAALAPELMGYSELTAIARNCAIQRATDALREALLSWLAKGEKINYSAQDSDILTTIGFRPDVA
SVDDSREKFTPAQNMIFSRKSAQLASRQSV
;
a,b,c,d,e,f,g,h,i,j
#
loop_
_chem_comp.id
_chem_comp.type
_chem_comp.name
_chem_comp.formula
AGS non-polymer 'PHOSPHOTHIOPHOSPHORIC ACID-ADENYLATE ESTER' 'C10 H16 N5 O12 P3 S'
MG non-polymer 'MAGNESIUM ION' 'Mg 2'
#
# COMPACT_ATOMS: atom_id res chain seq x y z
N LEU A 162 26.82 -21.34 -26.64
CA LEU A 162 27.88 -22.13 -26.02
C LEU A 162 29.25 -21.49 -26.24
N ASP A 163 29.57 -21.23 -27.51
CA ASP A 163 30.85 -20.64 -27.85
C ASP A 163 31.00 -19.25 -27.25
N LEU A 164 32.18 -18.95 -26.72
CA LEU A 164 32.43 -17.63 -26.15
C LEU A 164 32.34 -16.56 -27.22
N ALA A 165 32.86 -16.83 -28.42
CA ALA A 165 32.72 -15.88 -29.52
C ALA A 165 31.26 -15.63 -29.85
N SER A 166 30.41 -16.65 -29.72
CA SER A 166 28.98 -16.46 -29.92
C SER A 166 28.38 -15.57 -28.84
N LEU A 167 28.83 -15.73 -27.59
CA LEU A 167 28.24 -15.01 -26.47
C LEU A 167 29.04 -13.77 -26.08
N ILE A 168 30.32 -13.94 -25.75
CA ILE A 168 31.15 -12.83 -25.28
C ILE A 168 31.98 -12.21 -26.40
N GLY A 169 32.12 -12.90 -27.53
CA GLY A 169 32.93 -12.35 -28.61
C GLY A 169 34.41 -12.35 -28.27
N ARG A 170 35.11 -11.34 -28.77
CA ARG A 170 36.55 -11.22 -28.56
C ARG A 170 36.89 -9.77 -28.28
N GLY A 171 37.38 -9.49 -27.08
CA GLY A 171 37.87 -8.18 -26.71
C GLY A 171 36.94 -7.35 -25.85
N GLN A 172 35.66 -7.71 -25.78
CA GLN A 172 34.70 -6.94 -25.01
C GLN A 172 34.29 -7.69 -23.75
N ARG A 173 34.07 -6.92 -22.68
CA ARG A 173 33.70 -7.45 -21.39
C ARG A 173 32.22 -7.86 -21.38
N GLY A 174 31.82 -8.56 -20.33
CA GLY A 174 30.44 -8.96 -20.17
C GLY A 174 30.21 -9.60 -18.82
N LEU A 175 28.94 -9.66 -18.44
CA LEU A 175 28.54 -10.18 -17.14
C LEU A 175 27.43 -11.22 -17.33
N ILE A 176 27.33 -12.13 -16.36
CA ILE A 176 26.17 -12.98 -16.18
C ILE A 176 25.80 -12.86 -14.70
N VAL A 177 24.52 -12.70 -14.42
CA VAL A 177 24.04 -12.45 -13.06
C VAL A 177 22.96 -13.48 -12.73
N ALA A 178 23.06 -14.07 -11.54
CA ALA A 178 22.14 -15.14 -11.18
C ALA A 178 21.79 -15.04 -9.71
N PRO A 179 20.62 -15.57 -9.32
CA PRO A 179 20.28 -15.67 -7.91
C PRO A 179 20.86 -16.94 -7.31
N PRO A 180 20.82 -17.11 -5.99
CA PRO A 180 21.18 -18.40 -5.41
C PRO A 180 20.21 -19.48 -5.86
N LYS A 181 20.75 -20.70 -5.99
CA LYS A 181 20.00 -21.84 -6.51
C LYS A 181 19.46 -21.54 -7.91
N ALA A 182 20.39 -21.30 -8.83
CA ALA A 182 20.04 -20.99 -10.20
C ALA A 182 20.88 -21.71 -11.25
N GLY A 183 21.89 -22.48 -10.85
CA GLY A 183 22.67 -23.23 -11.81
C GLY A 183 23.91 -22.50 -12.32
N LYS A 184 24.78 -22.07 -11.40
CA LYS A 184 25.96 -21.31 -11.77
C LYS A 184 27.14 -22.22 -12.11
N THR A 185 27.40 -23.22 -11.28
CA THR A 185 28.62 -24.00 -11.39
C THR A 185 28.68 -24.79 -12.69
N MET A 186 27.61 -25.52 -13.00
CA MET A 186 27.62 -26.32 -14.23
C MET A 186 27.55 -25.44 -15.48
N LEU A 187 26.90 -24.28 -15.38
CA LEU A 187 26.92 -23.34 -16.51
C LEU A 187 28.34 -22.85 -16.78
N LEU A 188 29.08 -22.51 -15.71
CA LEU A 188 30.47 -22.14 -15.88
C LEU A 188 31.30 -23.29 -16.44
N GLN A 189 31.00 -24.52 -15.99
CA GLN A 189 31.65 -25.70 -16.56
C GLN A 189 31.44 -25.77 -18.06
N ASN A 190 30.18 -25.66 -18.49
CA ASN A 190 29.85 -25.75 -19.91
C ASN A 190 30.56 -24.66 -20.71
N ILE A 191 30.57 -23.44 -20.18
CA ILE A 191 31.32 -22.35 -20.82
C ILE A 191 32.80 -22.72 -20.93
N ALA A 192 33.34 -23.36 -19.88
CA ALA A 192 34.75 -23.71 -19.87
C ALA A 192 35.08 -24.70 -20.99
N GLN A 193 34.31 -25.80 -21.10
CA GLN A 193 34.66 -26.75 -22.16
C GLN A 193 34.30 -26.21 -23.52
N SER A 194 33.30 -25.32 -23.62
CA SER A 194 33.04 -24.68 -24.91
C SER A 194 34.24 -23.86 -25.36
N ILE A 195 34.84 -23.11 -24.43
CA ILE A 195 36.06 -22.38 -24.75
C ILE A 195 37.18 -23.35 -25.12
N ALA A 196 37.29 -24.44 -24.38
CA ALA A 196 38.39 -25.39 -24.60
C ALA A 196 38.32 -26.02 -25.99
N TYR A 197 37.13 -26.45 -26.41
CA TYR A 197 37.01 -27.11 -27.70
C TYR A 197 36.93 -26.11 -28.86
N ASN A 198 36.03 -25.12 -28.77
CA ASN A 198 35.81 -24.23 -29.89
C ASN A 198 37.04 -23.39 -30.20
N HIS A 199 37.71 -22.86 -29.17
CA HIS A 199 38.89 -22.01 -29.34
C HIS A 199 40.00 -22.51 -28.42
N PRO A 200 40.66 -23.61 -28.78
CA PRO A 200 41.80 -24.08 -27.98
C PRO A 200 42.97 -23.13 -27.98
N ASP A 201 43.08 -22.24 -28.98
CA ASP A 201 44.20 -21.32 -29.04
C ASP A 201 44.21 -20.35 -27.86
N CYS A 202 43.04 -19.84 -27.48
CA CYS A 202 42.96 -18.90 -26.38
C CYS A 202 43.32 -19.58 -25.07
N VAL A 203 43.97 -18.82 -24.18
CA VAL A 203 44.45 -19.36 -22.91
C VAL A 203 43.31 -19.34 -21.90
N LEU A 204 42.92 -20.52 -21.43
CA LEU A 204 41.84 -20.63 -20.46
C LEU A 204 42.32 -20.21 -19.07
N MET A 205 41.44 -19.51 -18.35
CA MET A 205 41.76 -19.05 -16.99
C MET A 205 40.47 -19.05 -16.18
N VAL A 206 40.30 -20.07 -15.34
CA VAL A 206 39.15 -20.16 -14.44
C VAL A 206 39.58 -19.68 -13.07
N LEU A 207 38.78 -18.80 -12.47
CA LEU A 207 39.11 -18.20 -11.19
C LEU A 207 37.91 -18.27 -10.26
N LEU A 208 38.15 -18.62 -9.00
CA LEU A 208 37.11 -18.73 -7.99
C LEU A 208 37.54 -17.96 -6.75
N ILE A 209 36.56 -17.36 -6.07
CA ILE A 209 36.83 -16.60 -4.85
C ILE A 209 35.84 -17.03 -3.78
N ASP A 210 36.37 -17.54 -2.66
CA ASP A 210 35.63 -17.73 -1.42
C ASP A 210 34.36 -18.58 -1.65
N GLU A 211 34.61 -19.84 -2.01
CA GLU A 211 33.53 -20.81 -2.14
C GLU A 211 34.07 -22.16 -1.70
N ARG A 212 33.20 -23.17 -1.71
CA ARG A 212 33.52 -24.45 -1.08
C ARG A 212 34.69 -25.14 -1.78
N PRO A 213 35.60 -25.75 -1.02
CA PRO A 213 36.79 -26.34 -1.64
C PRO A 213 36.48 -27.47 -2.60
N GLU A 214 35.41 -28.23 -2.34
CA GLU A 214 35.09 -29.35 -3.22
C GLU A 214 34.75 -28.85 -4.62
N GLU A 215 34.00 -27.75 -4.72
CA GLU A 215 33.72 -27.18 -6.04
C GLU A 215 34.98 -26.62 -6.68
N VAL A 216 35.92 -26.09 -5.89
CA VAL A 216 37.19 -25.64 -6.45
C VAL A 216 37.92 -26.82 -7.10
N THR A 217 37.99 -27.94 -6.37
CA THR A 217 38.64 -29.13 -6.91
C THR A 217 37.92 -29.65 -8.15
N GLU A 218 36.58 -29.63 -8.13
CA GLU A 218 35.81 -30.09 -9.28
C GLU A 218 36.08 -29.20 -10.49
N MET A 219 36.12 -27.88 -10.29
CA MET A 219 36.42 -26.97 -11.39
C MET A 219 37.80 -27.25 -11.95
N GLN A 220 38.82 -27.34 -11.09
CA GLN A 220 40.18 -27.50 -11.58
C GLN A 220 40.44 -28.91 -12.11
N ARG A 221 39.57 -29.88 -11.82
CA ARG A 221 39.73 -31.23 -12.32
C ARG A 221 38.92 -31.51 -13.58
N LEU A 222 37.83 -30.78 -13.82
CA LEU A 222 37.01 -31.01 -15.00
C LEU A 222 37.37 -30.11 -16.17
N VAL A 223 38.42 -29.31 -16.07
CA VAL A 223 38.87 -28.45 -17.17
C VAL A 223 40.34 -28.72 -17.43
N LYS A 224 40.84 -28.12 -18.51
CA LYS A 224 42.24 -28.27 -18.91
C LYS A 224 43.10 -27.08 -18.51
N GLY A 225 42.53 -25.87 -18.46
CA GLY A 225 43.32 -24.71 -18.11
C GLY A 225 43.61 -24.63 -16.63
N GLU A 226 44.61 -23.84 -16.29
CA GLU A 226 44.98 -23.64 -14.89
C GLU A 226 43.86 -22.88 -14.17
N VAL A 227 43.58 -23.29 -12.94
CA VAL A 227 42.50 -22.73 -12.15
C VAL A 227 43.11 -22.24 -10.84
N VAL A 228 43.50 -20.97 -10.79
CA VAL A 228 43.91 -20.36 -9.54
C VAL A 228 42.65 -19.95 -8.78
N ALA A 229 42.44 -20.55 -7.61
CA ALA A 229 41.21 -20.35 -6.85
C ALA A 229 41.54 -20.19 -5.38
N SER A 230 40.66 -19.48 -4.68
CA SER A 230 40.79 -19.27 -3.25
C SER A 230 39.53 -19.78 -2.57
N THR A 231 39.67 -20.84 -1.77
CA THR A 231 38.55 -21.41 -1.06
C THR A 231 38.05 -20.42 0.01
N PHE A 232 36.98 -20.81 0.70
CA PHE A 232 36.30 -19.87 1.58
C PHE A 232 36.83 -19.94 3.01
N ASP A 233 37.92 -20.68 3.24
CA ASP A 233 38.49 -20.80 4.58
C ASP A 233 39.29 -19.55 4.96
N GLU A 234 40.26 -19.18 4.15
CA GLU A 234 41.18 -18.11 4.47
C GLU A 234 40.48 -16.75 4.41
N PRO A 235 41.05 -15.71 5.07
CA PRO A 235 40.41 -14.39 5.05
C PRO A 235 40.46 -13.73 3.68
N ALA A 236 39.95 -12.50 3.60
CA ALA A 236 39.80 -11.82 2.31
C ALA A 236 41.09 -11.17 1.82
N SER A 237 42.13 -11.08 2.66
CA SER A 237 43.41 -10.56 2.18
C SER A 237 43.99 -11.47 1.09
N ARG A 238 43.86 -12.79 1.29
CA ARG A 238 44.23 -13.74 0.24
C ARG A 238 43.48 -13.46 -1.04
N HIS A 239 42.17 -13.19 -0.92
CA HIS A 239 41.35 -12.90 -2.10
C HIS A 239 41.84 -11.65 -2.82
N VAL A 240 42.07 -10.58 -2.06
CA VAL A 240 42.47 -9.33 -2.72
C VAL A 240 43.82 -9.50 -3.39
N GLN A 241 44.79 -10.13 -2.71
CA GLN A 241 46.13 -10.21 -3.28
C GLN A 241 46.15 -11.16 -4.47
N VAL A 242 45.34 -12.22 -4.45
CA VAL A 242 45.25 -13.06 -5.63
C VAL A 242 44.60 -12.28 -6.77
N ALA A 243 43.71 -11.33 -6.43
CA ALA A 243 43.14 -10.47 -7.48
C ALA A 243 44.22 -9.63 -8.15
N GLU A 244 45.08 -8.96 -7.37
CA GLU A 244 46.13 -8.18 -8.04
C GLU A 244 47.08 -9.09 -8.80
N MET A 245 47.41 -10.27 -8.27
CA MET A 245 48.42 -11.06 -8.99
C MET A 245 47.83 -11.67 -10.27
N VAL A 246 46.55 -12.02 -10.28
CA VAL A 246 45.95 -12.50 -11.54
C VAL A 246 45.84 -11.35 -12.54
N ILE A 247 45.50 -10.14 -12.08
CA ILE A 247 45.40 -9.05 -13.05
C ILE A 247 46.79 -8.70 -13.59
N GLU A 248 47.83 -8.80 -12.75
CA GLU A 248 49.19 -8.54 -13.24
C GLU A 248 49.65 -9.60 -14.22
N LYS A 249 49.35 -10.87 -13.97
CA LYS A 249 49.74 -11.88 -14.95
C LYS A 249 48.93 -11.75 -16.23
N ALA A 250 47.68 -11.30 -16.13
CA ALA A 250 46.91 -11.01 -17.34
C ALA A 250 47.55 -9.88 -18.14
N LYS A 251 48.00 -8.82 -17.45
CA LYS A 251 48.69 -7.74 -18.15
C LYS A 251 49.99 -8.23 -18.79
N ARG A 252 50.72 -9.11 -18.09
CA ARG A 252 51.94 -9.67 -18.67
C ARG A 252 51.64 -10.48 -19.92
N LEU A 253 50.58 -11.30 -19.88
CA LEU A 253 50.18 -12.06 -21.06
C LEU A 253 49.74 -11.13 -22.19
N VAL A 254 49.16 -9.98 -21.84
CA VAL A 254 48.88 -8.96 -22.86
C VAL A 254 50.17 -8.48 -23.50
N GLU A 255 51.18 -8.20 -22.67
CA GLU A 255 52.49 -7.87 -23.20
C GLU A 255 53.15 -9.03 -23.91
N HIS A 256 52.67 -10.26 -23.67
CA HIS A 256 53.18 -11.45 -24.33
C HIS A 256 52.60 -11.66 -25.71
N LYS A 257 51.65 -10.81 -26.13
CA LYS A 257 50.99 -10.92 -27.43
C LYS A 257 50.26 -12.27 -27.54
N LYS A 258 49.26 -12.43 -26.67
CA LYS A 258 48.48 -13.66 -26.62
C LYS A 258 47.11 -13.35 -26.03
N ASP A 259 46.08 -14.02 -26.56
CA ASP A 259 44.73 -13.85 -26.08
C ASP A 259 44.48 -14.70 -24.84
N VAL A 260 43.62 -14.19 -23.96
CA VAL A 260 43.29 -14.86 -22.71
C VAL A 260 41.80 -14.74 -22.47
N ILE A 261 41.22 -15.75 -21.79
CA ILE A 261 39.84 -15.73 -21.34
C ILE A 261 39.83 -16.00 -19.84
N ILE A 262 39.09 -15.19 -19.09
CA ILE A 262 39.04 -15.27 -17.64
C ILE A 262 37.61 -15.58 -17.22
N LEU A 263 37.45 -16.62 -16.42
CA LEU A 263 36.15 -17.02 -15.86
C LEU A 263 36.23 -16.75 -14.35
N LEU A 264 35.83 -15.55 -13.94
CA LEU A 264 35.93 -15.16 -12.54
C LEU A 264 34.58 -15.38 -11.85
N ASP A 265 34.64 -15.82 -10.60
CA ASP A 265 33.43 -16.13 -9.84
C ASP A 265 33.74 -15.94 -8.36
N SER A 266 33.20 -14.89 -7.76
CA SER A 266 32.30 -13.92 -8.38
C SER A 266 32.74 -12.49 -8.09
N ILE A 267 32.31 -11.55 -8.94
CA ILE A 267 32.72 -10.17 -8.79
C ILE A 267 31.99 -9.50 -7.63
N THR A 268 30.78 -9.95 -7.28
CA THR A 268 30.15 -9.44 -6.06
C THR A 268 30.94 -9.85 -4.82
N ARG A 269 31.46 -11.08 -4.82
CA ARG A 269 32.32 -11.54 -3.74
C ARG A 269 33.57 -10.68 -3.64
N LEU A 270 34.24 -10.43 -4.78
CA LEU A 270 35.44 -9.60 -4.77
C LEU A 270 35.12 -8.18 -4.32
N ALA A 271 34.00 -7.63 -4.78
CA ALA A 271 33.65 -6.26 -4.46
C ALA A 271 33.39 -6.09 -2.96
N ARG A 272 32.60 -6.99 -2.37
CA ARG A 272 32.35 -6.82 -0.94
C ARG A 272 33.51 -7.30 -0.08
N ALA A 273 34.41 -8.13 -0.62
CA ALA A 273 35.67 -8.38 0.06
C ALA A 273 36.52 -7.12 0.10
N TYR A 274 36.60 -6.40 -1.02
CA TYR A 274 37.26 -5.09 -1.01
C TYR A 274 36.59 -4.16 -0.01
N ASN A 275 35.26 -4.19 0.04
CA ASN A 275 34.52 -3.33 0.96
C ASN A 275 34.90 -3.63 2.41
N THR A 276 34.97 -4.91 2.77
CA THR A 276 35.29 -5.27 4.15
C THR A 276 36.79 -5.23 4.45
N VAL A 277 37.64 -5.04 3.43
CA VAL A 277 39.07 -4.96 3.66
C VAL A 277 39.63 -3.55 3.45
N VAL A 278 38.99 -2.74 2.62
CA VAL A 278 39.56 -1.42 2.30
C VAL A 278 39.65 -0.58 3.58
N PRO A 279 40.73 0.17 3.79
CA PRO A 279 40.80 1.06 4.95
C PRO A 279 39.72 2.13 4.88
N ALA A 280 39.25 2.56 6.05
CA ALA A 280 38.23 3.58 6.12
C ALA A 280 38.79 4.91 5.63
N SER A 281 37.99 5.60 4.79
CA SER A 281 38.40 6.88 4.22
C SER A 281 37.39 7.99 4.43
N GLY A 282 36.25 7.70 5.07
CA GLY A 282 35.22 8.69 5.29
C GLY A 282 34.30 8.92 4.12
N LYS A 283 34.48 8.21 3.01
CA LYS A 283 33.65 8.35 1.82
C LYS A 283 32.59 7.26 1.74
N VAL A 284 32.17 6.72 2.88
CA VAL A 284 31.17 5.66 2.88
C VAL A 284 29.82 6.21 2.44
N LEU A 285 28.96 5.31 1.96
CA LEU A 285 27.63 5.67 1.50
C LEU A 285 26.59 4.82 2.21
N THR A 286 25.34 4.86 1.74
CA THR A 286 24.27 4.05 2.30
C THR A 286 24.68 2.59 2.34
N GLY A 287 24.73 2.02 3.54
CA GLY A 287 25.22 0.68 3.73
C GLY A 287 26.69 0.57 4.05
N GLY A 288 27.38 1.68 4.29
CA GLY A 288 28.79 1.66 4.61
C GLY A 288 29.67 1.16 3.49
N VAL A 289 29.44 1.62 2.26
CA VAL A 289 30.23 1.22 1.10
C VAL A 289 31.22 2.33 0.80
N ASP A 290 32.51 2.02 0.95
CA ASP A 290 33.56 3.02 0.73
C ASP A 290 33.74 3.30 -0.75
N ALA A 291 34.10 4.55 -1.05
CA ALA A 291 34.35 4.93 -2.45
C ALA A 291 35.57 4.23 -3.00
N ASN A 292 36.60 4.02 -2.18
CA ASN A 292 37.79 3.29 -2.63
C ASN A 292 37.42 1.87 -3.03
N ALA A 293 36.62 1.19 -2.20
CA ALA A 293 36.08 -0.12 -2.51
C ALA A 293 35.13 -0.09 -3.70
N LEU A 294 34.90 1.08 -4.29
CA LEU A 294 34.16 1.19 -5.55
C LEU A 294 35.09 1.35 -6.75
N HIS A 295 36.01 2.32 -6.72
CA HIS A 295 36.79 2.57 -7.93
C HIS A 295 38.03 1.69 -8.05
N ARG A 296 38.46 1.03 -6.97
CA ARG A 296 39.39 -0.09 -7.16
C ARG A 296 38.75 -1.23 -7.96
N PRO A 297 37.54 -1.70 -7.63
CA PRO A 297 36.86 -2.61 -8.56
C PRO A 297 36.62 -2.01 -9.92
N LYS A 298 36.38 -0.70 -10.02
CA LYS A 298 36.27 -0.07 -11.33
C LYS A 298 37.58 -0.19 -12.11
N ARG A 299 38.71 0.02 -11.44
CA ARG A 299 39.99 -0.14 -12.12
C ARG A 299 40.18 -1.59 -12.59
N PHE A 300 39.86 -2.54 -11.72
CA PHE A 300 40.02 -3.94 -12.09
C PHE A 300 39.11 -4.31 -13.26
N PHE A 301 37.88 -3.81 -13.26
CA PHE A 301 36.91 -4.15 -14.28
C PHE A 301 37.17 -3.44 -15.60
N GLY A 302 37.73 -2.23 -15.55
CA GLY A 302 38.13 -1.51 -16.75
C GLY A 302 39.48 -1.91 -17.31
N ALA A 303 40.28 -2.63 -16.53
CA ALA A 303 41.49 -3.22 -17.08
C ALA A 303 41.22 -4.29 -18.13
N ALA A 304 39.97 -4.73 -18.26
CA ALA A 304 39.57 -5.76 -19.20
C ALA A 304 39.32 -5.22 -20.61
N ARG A 305 39.86 -4.04 -20.93
CA ARG A 305 39.65 -3.46 -22.25
C ARG A 305 40.36 -4.29 -23.33
N ASN A 306 39.86 -4.17 -24.56
CA ASN A 306 40.41 -4.92 -25.68
C ASN A 306 41.82 -4.44 -26.00
N VAL A 307 42.62 -5.34 -26.57
CA VAL A 307 43.97 -5.03 -27.02
C VAL A 307 43.88 -4.69 -28.50
N GLU A 308 44.13 -3.41 -28.83
CA GLU A 308 43.99 -2.93 -30.19
C GLU A 308 45.22 -3.15 -31.05
N GLU A 309 46.35 -3.53 -30.46
CA GLU A 309 47.57 -3.72 -31.23
C GLU A 309 47.74 -5.15 -31.74
N GLY A 310 47.25 -6.13 -30.98
CA GLY A 310 47.36 -7.52 -31.39
C GLY A 310 46.78 -8.46 -30.36
N GLY A 311 46.01 -9.44 -30.82
CA GLY A 311 45.28 -10.31 -29.90
C GLY A 311 44.09 -9.58 -29.31
N SER A 312 43.43 -10.27 -28.37
CA SER A 312 42.26 -9.70 -27.72
C SER A 312 42.02 -10.42 -26.41
N LEU A 313 42.10 -9.70 -25.30
CA LEU A 313 41.72 -10.24 -24.01
C LEU A 313 40.22 -10.05 -23.80
N THR A 314 39.61 -11.01 -23.12
CA THR A 314 38.20 -10.87 -22.78
C THR A 314 37.92 -11.69 -21.51
N ILE A 315 36.99 -11.20 -20.72
CA ILE A 315 36.62 -11.86 -19.47
C ILE A 315 35.11 -12.05 -19.44
N ILE A 316 34.67 -13.10 -18.78
CA ILE A 316 33.26 -13.33 -18.49
C ILE A 316 33.07 -13.18 -16.99
N ALA A 317 32.09 -12.36 -16.61
CA ALA A 317 31.88 -12.02 -15.22
C ALA A 317 30.71 -12.81 -14.65
N THR A 318 30.77 -13.07 -13.34
CA THR A 318 29.71 -13.75 -12.63
C THR A 318 29.30 -12.92 -11.41
N ALA A 319 28.01 -12.68 -11.26
CA ALA A 319 27.51 -11.90 -10.13
C ALA A 319 26.30 -12.59 -9.52
N LEU A 320 26.14 -12.38 -8.22
CA LEU A 320 25.05 -12.96 -7.45
C LEU A 320 24.06 -11.86 -7.07
N ILE A 321 22.77 -12.19 -7.15
CA ILE A 321 21.71 -11.22 -6.89
C ILE A 321 20.78 -11.79 -5.82
N ASP A 322 20.03 -10.88 -5.20
CA ASP A 322 18.99 -11.17 -4.21
C ASP A 322 19.35 -12.27 -3.21
N THR A 323 20.54 -12.17 -2.61
CA THR A 323 21.03 -13.17 -1.66
C THR A 323 20.55 -12.93 -0.24
N GLY A 324 19.44 -12.20 -0.07
CA GLY A 324 18.92 -11.89 1.24
C GLY A 324 19.69 -10.82 1.99
N SER A 325 20.60 -10.12 1.33
CA SER A 325 21.40 -9.08 1.94
C SER A 325 21.10 -7.74 1.26
N LYS A 326 21.87 -6.71 1.64
CA LYS A 326 21.69 -5.38 1.11
C LYS A 326 22.94 -4.84 0.41
N MET A 327 24.11 -5.43 0.65
CA MET A 327 25.33 -4.93 0.03
C MET A 327 25.37 -5.22 -1.47
N ASP A 328 24.75 -6.31 -1.90
CA ASP A 328 24.98 -6.80 -3.27
C ASP A 328 24.24 -5.96 -4.31
N GLU A 329 23.04 -5.49 -4.00
CA GLU A 329 22.27 -4.79 -5.03
C GLU A 329 22.84 -3.43 -5.39
N VAL A 330 23.56 -2.77 -4.47
CA VAL A 330 24.17 -1.48 -4.80
C VAL A 330 25.26 -1.66 -5.85
N ILE A 331 26.16 -2.63 -5.61
CA ILE A 331 27.19 -2.87 -6.61
C ILE A 331 26.58 -3.45 -7.87
N TYR A 332 25.46 -4.17 -7.75
CA TYR A 332 24.77 -4.65 -8.94
C TYR A 332 24.25 -3.49 -9.78
N GLU A 333 23.64 -2.49 -9.15
CA GLU A 333 23.09 -1.40 -9.93
C GLU A 333 24.18 -0.51 -10.50
N GLU A 334 25.33 -0.38 -9.80
CA GLU A 334 26.41 0.38 -10.43
C GLU A 334 27.10 -0.40 -11.55
N PHE A 335 27.13 -1.74 -11.47
CA PHE A 335 27.50 -2.52 -12.65
C PHE A 335 26.50 -2.33 -13.79
N LYS A 336 25.21 -2.33 -13.47
CA LYS A 336 24.19 -2.00 -14.46
C LYS A 336 24.50 -0.67 -15.13
N GLY A 337 24.90 0.33 -14.34
CA GLY A 337 25.32 1.59 -14.91
C GLY A 337 26.52 1.45 -15.83
N THR A 338 27.44 0.55 -15.48
CA THR A 338 28.67 0.40 -16.26
C THR A 338 28.72 -0.89 -17.09
N GLY A 339 27.65 -1.68 -17.11
CA GLY A 339 27.70 -2.99 -17.76
C GLY A 339 27.69 -2.90 -19.29
N ASN A 340 28.48 -3.77 -19.91
CA ASN A 340 28.47 -3.89 -21.37
C ASN A 340 27.35 -4.81 -21.83
N MET A 341 27.41 -6.08 -21.42
CA MET A 341 26.32 -7.03 -21.67
C MET A 341 26.15 -7.87 -20.41
N GLU A 342 24.90 -8.13 -20.05
CA GLU A 342 24.58 -8.76 -18.75
C GLU A 342 23.52 -9.83 -18.97
N LEU A 343 23.96 -11.08 -19.10
CA LEU A 343 23.04 -12.21 -19.14
C LEU A 343 22.29 -12.33 -17.82
N HIS A 344 21.01 -12.67 -17.90
CA HIS A 344 20.13 -12.75 -16.74
C HIS A 344 19.39 -14.08 -16.73
N LEU A 345 19.10 -14.58 -15.54
CA LEU A 345 18.40 -15.84 -15.37
C LEU A 345 17.07 -15.70 -14.65
N SER A 346 17.01 -14.90 -13.59
CA SER A 346 15.80 -14.79 -12.80
C SER A 346 14.74 -13.97 -13.54
N ARG A 347 13.56 -13.86 -12.91
CA ARG A 347 12.42 -13.25 -13.57
C ARG A 347 12.47 -11.73 -13.51
N LYS A 348 12.39 -11.17 -12.29
CA LYS A 348 12.06 -9.75 -12.14
C LYS A 348 13.15 -8.84 -12.69
N ILE A 349 14.42 -9.19 -12.46
CA ILE A 349 15.51 -8.29 -12.81
C ILE A 349 15.60 -8.10 -14.32
N ALA A 350 15.10 -9.07 -15.09
CA ALA A 350 15.03 -8.88 -16.54
C ALA A 350 14.19 -7.66 -16.89
N GLU A 351 12.96 -7.59 -16.37
CA GLU A 351 12.13 -6.41 -16.60
C GLU A 351 12.73 -5.17 -15.93
N LYS A 352 13.37 -5.34 -14.78
CA LYS A 352 14.03 -4.21 -14.12
C LYS A 352 15.05 -3.56 -15.05
N ARG A 353 15.78 -4.37 -15.81
CA ARG A 353 16.81 -3.79 -16.66
C ARG A 353 16.21 -3.31 -17.97
N VAL A 354 15.46 -4.17 -18.67
CA VAL A 354 15.02 -3.84 -20.02
C VAL A 354 13.99 -2.72 -19.99
N PHE A 355 13.17 -2.68 -18.94
CA PHE A 355 12.15 -1.66 -18.76
C PHE A 355 12.42 -1.01 -17.42
N PRO A 356 13.34 -0.03 -17.37
CA PRO A 356 13.73 0.57 -16.09
C PRO A 356 12.54 1.13 -15.33
N ALA A 357 12.29 0.58 -14.14
CA ALA A 357 11.21 1.08 -13.29
C ALA A 357 11.45 2.52 -12.86
N ILE A 358 12.73 2.90 -12.67
CA ILE A 358 13.04 4.28 -12.32
C ILE A 358 12.64 5.22 -13.45
N ASP A 359 13.01 4.86 -14.69
CA ASP A 359 12.63 5.67 -15.84
C ASP A 359 11.11 5.67 -16.03
N TYR A 360 10.46 4.53 -15.79
CA TYR A 360 9.01 4.48 -15.91
C TYR A 360 8.34 5.41 -14.91
N ASN A 361 8.82 5.42 -13.66
CA ASN A 361 8.27 6.33 -12.66
C ASN A 361 8.55 7.78 -13.00
N ARG A 362 9.74 8.08 -13.53
CA ARG A 362 10.05 9.44 -13.94
C ARG A 362 9.11 9.90 -15.05
N SER A 363 8.84 9.03 -16.02
CA SER A 363 7.90 9.37 -17.08
C SER A 363 6.49 9.55 -16.54
N GLY A 364 6.05 8.63 -15.66
CA GLY A 364 4.71 8.70 -15.12
C GLY A 364 4.46 9.85 -14.18
N THR A 365 5.52 10.41 -13.59
CA THR A 365 5.37 11.61 -12.79
C THR A 365 4.79 12.75 -13.61
N ARG A 366 5.20 12.85 -14.88
CA ARG A 366 4.63 13.81 -15.82
C ARG A 366 3.54 13.17 -16.69
N LYS A 367 3.16 11.94 -16.40
CA LYS A 367 2.15 11.18 -17.17
C LYS A 367 2.68 11.05 -18.61
N GLU A 368 1.83 11.18 -19.62
CA GLU A 368 2.28 11.14 -21.00
C GLU A 368 2.90 12.49 -21.34
N GLU A 369 4.22 12.57 -21.21
CA GLU A 369 4.92 13.82 -21.48
C GLU A 369 4.74 14.24 -22.93
N LEU A 370 4.43 15.51 -23.15
CA LEU A 370 4.17 16.05 -24.48
C LEU A 370 5.49 16.24 -25.24
N LEU A 371 6.12 15.11 -25.57
CA LEU A 371 7.34 15.15 -26.37
C LEU A 371 7.01 15.59 -27.79
N THR A 372 7.53 16.74 -28.18
CA THR A 372 7.23 17.32 -29.49
C THR A 372 7.95 16.52 -30.57
N THR A 373 7.29 16.35 -31.70
CA THR A 373 7.84 15.81 -32.97
C THR A 373 8.57 14.50 -32.70
N GLN A 374 9.71 14.24 -33.33
CA GLN A 374 10.33 12.92 -33.31
C GLN A 374 10.65 12.44 -31.91
N GLU A 375 10.71 13.35 -30.92
CA GLU A 375 10.95 12.94 -29.55
C GLU A 375 9.94 11.89 -29.08
N GLU A 376 8.70 11.95 -29.58
CA GLU A 376 7.73 10.91 -29.24
C GLU A 376 7.98 9.62 -30.01
N LEU A 377 8.42 9.73 -31.26
CA LEU A 377 8.61 8.55 -32.11
C LEU A 377 9.97 7.87 -31.92
N GLN A 378 10.90 8.50 -31.18
CA GLN A 378 12.21 7.90 -30.99
C GLN A 378 12.12 6.57 -30.26
N LYS A 379 11.28 6.50 -29.22
CA LYS A 379 11.13 5.27 -28.44
C LYS A 379 10.45 4.21 -29.31
N MET A 380 11.21 3.21 -29.73
CA MET A 380 10.69 2.15 -30.58
C MET A 380 11.14 0.80 -30.04
N TRP A 381 10.31 -0.22 -30.30
CA TRP A 381 10.57 -1.57 -29.82
C TRP A 381 10.37 -2.53 -30.99
N ILE A 382 11.42 -3.27 -31.34
CA ILE A 382 11.37 -4.17 -32.49
C ILE A 382 11.57 -5.61 -32.01
N LEU A 383 10.67 -6.49 -32.40
CA LEU A 383 10.78 -7.92 -32.11
C LEU A 383 10.91 -8.66 -33.44
N ARG A 384 12.11 -9.17 -33.72
CA ARG A 384 12.38 -9.91 -34.96
C ARG A 384 12.63 -11.37 -34.60
N LYS A 385 11.82 -12.27 -35.16
CA LYS A 385 12.03 -13.70 -34.94
C LYS A 385 13.16 -14.16 -35.86
N ILE A 386 14.39 -13.83 -35.46
CA ILE A 386 15.56 -14.15 -36.27
C ILE A 386 15.82 -15.64 -36.25
N ILE A 387 16.42 -16.15 -37.32
CA ILE A 387 16.72 -17.57 -37.43
C ILE A 387 17.87 -17.92 -36.49
N HIS A 388 17.67 -18.96 -35.68
CA HIS A 388 18.64 -19.43 -34.71
C HIS A 388 18.77 -20.93 -34.84
N PRO A 389 19.94 -21.49 -34.51
CA PRO A 389 20.09 -22.96 -34.57
C PRO A 389 19.09 -23.70 -33.71
N MET A 390 18.69 -23.12 -32.57
CA MET A 390 17.61 -23.72 -31.78
C MET A 390 16.29 -23.67 -32.56
N GLY A 391 16.09 -22.61 -33.35
CA GLY A 391 14.90 -22.49 -34.17
C GLY A 391 13.99 -21.35 -33.78
N GLU A 392 14.07 -20.25 -34.53
CA GLU A 392 13.18 -19.09 -34.38
C GLU A 392 13.23 -18.53 -32.96
N ILE A 393 14.39 -18.03 -32.58
CA ILE A 393 14.58 -17.34 -31.31
C ILE A 393 14.40 -15.85 -31.54
N ASP A 394 13.42 -15.27 -30.86
CA ASP A 394 13.10 -13.86 -31.07
C ASP A 394 14.17 -12.96 -30.46
N ALA A 395 14.40 -11.82 -31.11
CA ALA A 395 15.32 -10.80 -30.65
C ALA A 395 14.57 -9.49 -30.51
N MET A 396 14.65 -8.88 -29.33
CA MET A 396 13.92 -7.66 -29.02
C MET A 396 14.90 -6.52 -28.79
N GLU A 397 14.75 -5.45 -29.55
CA GLU A 397 15.68 -4.33 -29.57
C GLU A 397 14.95 -3.04 -29.21
N PHE A 398 15.62 -2.23 -28.38
CA PHE A 398 15.13 -0.93 -27.92
C PHE A 398 15.72 0.14 -28.84
N LEU A 399 15.02 0.43 -29.93
CA LEU A 399 15.50 1.42 -30.88
C LEU A 399 15.24 2.82 -30.34
N ILE A 400 16.31 3.62 -30.26
CA ILE A 400 16.23 5.02 -29.86
C ILE A 400 16.84 5.86 -30.97
N ASN A 401 16.13 6.94 -31.34
CA ASN A 401 16.46 7.83 -32.46
C ASN A 401 17.41 7.27 -33.51
N MET B 1 47.12 -49.21 35.91
CA MET B 1 45.98 -48.40 36.31
C MET B 1 46.09 -47.03 35.66
N ASN B 2 45.36 -46.83 34.56
CA ASN B 2 45.41 -45.58 33.82
C ASN B 2 44.62 -44.50 34.56
N LEU B 3 44.82 -43.25 34.13
CA LEU B 3 44.09 -42.13 34.69
C LEU B 3 42.60 -42.20 34.34
N THR B 4 42.26 -42.84 33.22
CA THR B 4 40.89 -42.82 32.73
C THR B 4 39.93 -43.50 33.70
N GLU B 5 40.33 -44.63 34.28
CA GLU B 5 39.41 -45.39 35.12
C GLU B 5 38.98 -44.59 36.34
N LEU B 6 39.94 -44.06 37.11
CA LEU B 6 39.55 -43.29 38.29
C LEU B 6 39.02 -41.92 37.92
N LYS B 7 39.35 -41.40 36.73
CA LYS B 7 38.73 -40.17 36.26
C LYS B 7 37.24 -40.36 36.01
N ASN B 8 36.86 -41.50 35.44
CA ASN B 8 35.46 -41.75 35.09
C ASN B 8 34.60 -42.10 36.30
N THR B 9 35.19 -42.68 37.34
CA THR B 9 34.42 -43.13 38.48
C THR B 9 33.81 -41.94 39.24
N PRO B 10 32.66 -42.14 39.88
CA PRO B 10 32.00 -41.04 40.60
C PRO B 10 32.69 -40.66 41.90
N VAL B 11 32.05 -39.77 42.66
CA VAL B 11 32.66 -39.25 43.89
C VAL B 11 32.82 -40.36 44.92
N SER B 12 31.89 -41.30 44.96
CA SER B 12 31.91 -42.34 45.99
C SER B 12 33.19 -43.16 45.91
N GLU B 13 33.58 -43.57 44.70
CA GLU B 13 34.81 -44.34 44.53
C GLU B 13 36.03 -43.52 44.94
N LEU B 14 36.06 -42.23 44.57
CA LEU B 14 37.19 -41.39 44.91
C LEU B 14 37.34 -41.26 46.42
N ILE B 15 36.25 -40.96 47.12
CA ILE B 15 36.34 -40.77 48.57
C ILE B 15 36.66 -42.08 49.27
N THR B 16 36.10 -43.19 48.78
CA THR B 16 36.40 -44.49 49.37
C THR B 16 37.88 -44.83 49.22
N LEU B 17 38.43 -44.62 48.02
CA LEU B 17 39.84 -44.90 47.79
C LEU B 17 40.72 -43.98 48.62
N GLY B 18 40.31 -42.72 48.77
CA GLY B 18 41.08 -41.81 49.61
C GLY B 18 41.10 -42.21 51.06
N GLU B 19 39.95 -42.58 51.61
CA GLU B 19 39.88 -42.96 53.02
C GLU B 19 40.45 -44.35 53.28
N ASN B 20 40.57 -45.18 52.25
CA ASN B 20 41.12 -46.52 52.46
C ASN B 20 42.60 -46.48 52.76
N MET B 21 43.39 -45.71 52.00
CA MET B 21 44.84 -45.78 52.09
C MET B 21 45.48 -44.54 52.69
N GLY B 22 44.70 -43.59 53.19
CA GLY B 22 45.28 -42.53 54.00
C GLY B 22 45.16 -41.10 53.51
N LEU B 23 44.12 -40.77 52.75
CA LEU B 23 43.84 -39.38 52.42
C LEU B 23 42.92 -38.77 53.48
N GLU B 24 43.35 -37.64 54.03
CA GLU B 24 42.62 -36.96 55.09
C GLU B 24 41.91 -35.74 54.52
N ASN B 25 40.65 -35.57 54.91
CA ASN B 25 39.85 -34.39 54.54
C ASN B 25 39.80 -34.21 53.03
N LEU B 26 39.67 -35.32 52.31
CA LEU B 26 39.69 -35.31 50.86
C LEU B 26 38.34 -34.93 50.24
N ALA B 27 37.30 -34.77 51.06
CA ALA B 27 35.98 -34.56 50.51
C ALA B 27 35.65 -33.09 50.24
N ARG B 28 36.56 -32.16 50.49
CA ARG B 28 36.23 -30.74 50.45
C ARG B 28 37.06 -29.97 49.42
N MET B 29 37.47 -30.61 48.34
CA MET B 29 38.20 -29.93 47.27
C MET B 29 37.64 -30.36 45.92
N ARG B 30 37.99 -29.59 44.89
CA ARG B 30 37.47 -29.83 43.55
C ARG B 30 37.98 -31.16 42.99
N LYS B 31 37.14 -31.80 42.18
CA LYS B 31 37.36 -33.19 41.79
C LYS B 31 38.68 -33.37 41.04
N GLN B 32 39.02 -32.43 40.16
CA GLN B 32 40.29 -32.54 39.45
C GLN B 32 41.47 -32.48 40.42
N ASP B 33 41.39 -31.57 41.40
CA ASP B 33 42.40 -31.54 42.45
C ASP B 33 42.39 -32.83 43.27
N ILE B 34 41.21 -33.41 43.48
CA ILE B 34 41.11 -34.65 44.25
C ILE B 34 41.86 -35.77 43.54
N ILE B 35 41.60 -35.94 42.23
CA ILE B 35 42.26 -37.01 41.50
C ILE B 35 43.75 -36.74 41.38
N PHE B 36 44.14 -35.47 41.21
CA PHE B 36 45.56 -35.13 41.20
C PHE B 36 46.23 -35.55 42.50
N ALA B 37 45.66 -35.16 43.64
CA ALA B 37 46.28 -35.45 44.92
C ALA B 37 46.33 -36.95 45.20
N ILE B 38 45.22 -37.65 44.94
CA ILE B 38 45.18 -39.08 45.26
C ILE B 38 46.11 -39.87 44.35
N LEU B 39 46.20 -39.48 43.07
CA LEU B 39 47.07 -40.20 42.15
C LEU B 39 48.53 -39.90 42.44
N LYS B 40 48.84 -38.67 42.86
CA LYS B 40 50.20 -38.36 43.29
C LYS B 40 50.58 -39.18 44.52
N GLN B 41 49.68 -39.26 45.50
CA GLN B 41 49.97 -40.03 46.70
C GLN B 41 50.15 -41.51 46.38
N HIS B 42 49.34 -42.04 45.46
CA HIS B 42 49.47 -43.45 45.08
C HIS B 42 50.75 -43.69 44.29
N ALA B 43 51.13 -42.74 43.43
CA ALA B 43 52.33 -42.88 42.61
C ALA B 43 53.61 -42.58 43.38
N LYS B 44 53.50 -42.04 44.58
CA LYS B 44 54.68 -41.91 45.44
C LYS B 44 55.38 -43.24 45.69
N SER B 45 54.74 -44.37 45.38
CA SER B 45 55.37 -45.67 45.47
C SER B 45 56.20 -46.02 44.24
N GLY B 46 56.27 -45.13 43.26
CA GLY B 46 57.08 -45.36 42.08
C GLY B 46 56.60 -46.48 41.17
N GLU B 47 55.29 -46.56 40.93
CA GLU B 47 54.71 -47.54 40.01
C GLU B 47 54.25 -46.80 38.76
N ASP B 48 54.92 -47.04 37.64
CA ASP B 48 54.55 -46.40 36.38
C ASP B 48 53.19 -46.89 35.92
N ILE B 49 52.37 -45.95 35.42
CA ILE B 49 51.01 -46.24 34.99
C ILE B 49 50.77 -45.62 33.62
N PHE B 50 49.78 -46.16 32.92
CA PHE B 50 49.43 -45.67 31.60
C PHE B 50 48.70 -44.32 31.70
N GLY B 51 48.68 -43.61 30.57
CA GLY B 51 48.01 -42.33 30.50
C GLY B 51 47.16 -42.22 29.24
N ASP B 52 46.28 -41.23 29.23
CA ASP B 52 45.43 -40.97 28.09
C ASP B 52 45.01 -39.50 28.10
N GLY B 53 44.73 -38.98 26.91
CA GLY B 53 44.29 -37.61 26.78
C GLY B 53 44.65 -37.07 25.41
N VAL B 54 44.45 -35.76 25.26
CA VAL B 54 44.74 -35.04 24.02
C VAL B 54 45.72 -33.92 24.35
N LEU B 55 46.75 -33.78 23.54
CA LEU B 55 47.77 -32.79 23.82
C LEU B 55 47.50 -31.48 23.08
N GLU B 56 48.10 -30.41 23.59
CA GLU B 56 48.04 -29.10 22.96
C GLU B 56 49.31 -28.34 23.32
N ILE B 57 49.61 -27.32 22.51
CA ILE B 57 50.80 -26.51 22.67
C ILE B 57 50.38 -25.07 22.87
N LEU B 58 50.89 -24.45 23.92
CA LEU B 58 50.61 -23.06 24.24
C LEU B 58 51.64 -22.17 23.53
N GLN B 59 51.70 -20.89 23.93
CA GLN B 59 52.63 -19.96 23.31
C GLN B 59 54.07 -20.42 23.46
N ASP B 60 54.43 -20.91 24.64
CA ASP B 60 55.76 -21.47 24.84
C ASP B 60 55.88 -22.83 24.14
N GLY B 61 57.12 -23.26 23.95
CA GLY B 61 57.37 -24.55 23.33
C GLY B 61 56.87 -25.73 24.15
N PHE B 62 56.74 -25.56 25.46
CA PHE B 62 56.20 -26.62 26.31
C PHE B 62 54.73 -26.88 26.00
N GLY B 63 54.32 -28.13 26.18
CA GLY B 63 52.97 -28.52 25.87
C GLY B 63 52.28 -29.20 27.05
N PHE B 64 50.95 -29.20 26.98
CA PHE B 64 50.13 -29.83 28.02
C PHE B 64 49.31 -30.96 27.41
N LEU B 65 48.87 -31.86 28.28
CA LEU B 65 47.98 -32.96 27.89
C LEU B 65 46.78 -32.95 28.80
N ARG B 66 45.59 -32.98 28.21
CA ARG B 66 44.32 -32.88 28.92
C ARG B 66 43.55 -34.19 28.80
N SER B 67 42.44 -34.25 29.53
CA SER B 67 41.58 -35.43 29.57
C SER B 67 40.21 -35.08 29.00
N ALA B 68 39.57 -36.07 28.39
CA ALA B 68 38.25 -35.85 27.78
C ALA B 68 37.16 -35.72 28.84
N ASP B 69 37.24 -36.52 29.90
CA ASP B 69 36.20 -36.50 30.93
C ASP B 69 36.20 -35.18 31.69
N SER B 70 37.32 -34.47 31.73
CA SER B 70 37.42 -33.18 32.39
C SER B 70 36.88 -32.04 31.53
N SER B 71 36.16 -32.35 30.45
CA SER B 71 35.62 -31.35 29.53
C SER B 71 36.73 -30.46 28.96
N TYR B 72 37.90 -31.05 28.76
CA TYR B 72 39.03 -30.36 28.13
C TYR B 72 39.42 -29.11 28.91
N LEU B 73 39.52 -29.26 30.23
CA LEU B 73 39.80 -28.14 31.13
C LEU B 73 41.26 -28.19 31.58
N ALA B 74 41.90 -27.02 31.62
CA ALA B 74 43.26 -26.90 32.10
C ALA B 74 43.25 -26.80 33.62
N GLY B 75 43.83 -27.80 34.28
CA GLY B 75 43.87 -27.82 35.73
C GLY B 75 45.01 -28.66 36.28
N PRO B 76 44.87 -29.11 37.53
CA PRO B 76 45.94 -29.91 38.15
C PRO B 76 46.16 -31.25 37.47
N ASP B 77 45.19 -31.76 36.71
CA ASP B 77 45.31 -33.06 36.07
C ASP B 77 46.13 -33.00 34.78
N ASP B 78 46.54 -31.82 34.35
CA ASP B 78 47.29 -31.68 33.11
C ASP B 78 48.62 -32.44 33.20
N ILE B 79 49.05 -32.97 32.05
CA ILE B 79 50.26 -33.79 31.98
C ILE B 79 51.31 -33.03 31.18
N TYR B 80 52.54 -33.00 31.68
CA TYR B 80 53.63 -32.35 30.97
C TYR B 80 53.89 -33.01 29.62
N VAL B 81 54.25 -32.19 28.63
CA VAL B 81 54.73 -32.67 27.34
C VAL B 81 55.92 -31.80 26.95
N SER B 82 57.13 -32.33 27.14
CA SER B 82 58.32 -31.55 26.86
C SER B 82 58.51 -31.36 25.36
N PRO B 83 59.13 -30.25 24.95
CA PRO B 83 59.37 -30.03 23.51
C PRO B 83 60.24 -31.10 22.87
N SER B 84 61.12 -31.73 23.67
CA SER B 84 61.89 -32.87 23.15
C SER B 84 60.97 -33.97 22.65
N GLN B 85 59.83 -34.18 23.30
CA GLN B 85 58.85 -35.14 22.79
C GLN B 85 58.30 -34.67 21.44
N ILE B 86 58.11 -33.36 21.29
CA ILE B 86 57.59 -32.84 20.02
C ILE B 86 58.57 -33.13 18.88
N ARG B 87 59.86 -32.90 19.11
CA ARG B 87 60.83 -33.26 18.07
C ARG B 87 60.93 -34.76 17.85
N ARG B 88 61.12 -35.54 18.93
CA ARG B 88 61.48 -36.94 18.73
C ARG B 88 60.32 -37.83 18.30
N PHE B 89 59.09 -37.33 18.34
CA PHE B 89 57.95 -38.09 17.82
C PHE B 89 57.04 -37.20 16.98
N ASN B 90 57.61 -36.23 16.27
CA ASN B 90 56.94 -35.29 15.36
C ASN B 90 55.56 -34.89 15.85
N LEU B 91 55.44 -34.64 17.15
CA LEU B 91 54.15 -34.41 17.76
C LEU B 91 53.55 -33.08 17.28
N ARG B 92 52.24 -33.09 17.09
CA ARG B 92 51.48 -31.90 16.77
C ARG B 92 50.18 -31.94 17.57
N THR B 93 49.54 -30.78 17.66
CA THR B 93 48.37 -30.62 18.52
C THR B 93 47.30 -31.66 18.15
N GLY B 94 46.56 -32.11 19.17
CA GLY B 94 45.40 -32.95 18.98
C GLY B 94 45.68 -34.44 18.94
N ASP B 95 46.94 -34.87 18.96
CA ASP B 95 47.24 -36.28 18.91
C ASP B 95 46.93 -36.93 20.26
N THR B 96 46.15 -38.00 20.23
CA THR B 96 45.82 -38.76 21.43
C THR B 96 46.97 -39.72 21.72
N ILE B 97 47.58 -39.58 22.90
CA ILE B 97 48.78 -40.30 23.26
C ILE B 97 48.49 -41.18 24.46
N SER B 98 48.92 -42.43 24.39
CA SER B 98 48.82 -43.37 25.50
C SER B 98 50.20 -43.92 25.81
N GLY B 99 50.58 -43.88 27.08
CA GLY B 99 51.89 -44.36 27.47
C GLY B 99 52.13 -44.15 28.94
N LYS B 100 53.30 -44.57 29.39
CA LYS B 100 53.67 -44.45 30.79
C LYS B 100 53.88 -42.98 31.16
N ILE B 101 53.38 -42.60 32.34
CA ILE B 101 53.53 -41.25 32.84
C ILE B 101 54.58 -41.26 33.95
N ARG B 102 55.13 -40.08 34.24
CA ARG B 102 56.19 -39.95 35.22
C ARG B 102 55.67 -39.29 36.49
N PRO B 103 55.86 -39.92 37.65
CA PRO B 103 55.51 -39.25 38.90
C PRO B 103 56.35 -38.01 39.08
N PRO B 104 55.81 -36.97 39.75
CA PRO B 104 56.54 -35.71 39.87
C PRO B 104 57.58 -35.77 40.98
N LYS B 105 58.82 -35.41 40.62
CA LYS B 105 59.87 -35.25 41.61
C LYS B 105 59.86 -33.80 42.09
N GLU B 106 60.88 -33.41 42.85
CA GLU B 106 60.96 -32.04 43.34
C GLU B 106 61.19 -31.07 42.17
N GLY B 107 60.51 -29.94 42.22
CA GLY B 107 60.63 -28.92 41.21
C GLY B 107 59.48 -28.84 40.23
N GLU B 108 58.61 -29.85 40.18
CA GLU B 108 57.46 -29.83 39.29
C GLU B 108 56.23 -30.32 40.04
N ARG B 109 55.06 -29.89 39.58
CA ARG B 109 53.79 -30.21 40.23
C ARG B 109 52.99 -31.27 39.50
N TYR B 110 52.84 -31.12 38.17
CA TYR B 110 52.00 -32.02 37.40
C TYR B 110 52.74 -33.33 37.17
N PHE B 111 52.20 -34.19 36.32
CA PHE B 111 52.81 -35.47 35.99
C PHE B 111 53.39 -35.41 34.58
N ALA B 112 54.63 -35.88 34.42
CA ALA B 112 55.27 -35.91 33.12
C ALA B 112 54.94 -37.23 32.42
N LEU B 113 55.60 -37.49 31.30
CA LEU B 113 55.35 -38.68 30.49
C LEU B 113 56.65 -39.46 30.35
N LEU B 114 56.68 -40.68 30.89
CA LEU B 114 57.88 -41.50 30.80
C LEU B 114 58.13 -41.97 29.36
N LYS B 115 57.10 -42.50 28.72
CA LYS B 115 57.25 -43.05 27.38
C LYS B 115 55.90 -43.06 26.69
N VAL B 116 55.93 -43.20 25.37
CA VAL B 116 54.74 -43.25 24.54
C VAL B 116 54.56 -44.67 24.04
N ASN B 117 53.32 -45.17 24.09
CA ASN B 117 53.01 -46.53 23.64
C ASN B 117 51.88 -46.60 22.62
N GLU B 118 51.10 -45.53 22.45
CA GLU B 118 50.00 -45.55 21.48
C GLU B 118 49.70 -44.11 21.08
N VAL B 119 49.96 -43.77 19.83
CA VAL B 119 49.71 -42.44 19.30
C VAL B 119 48.55 -42.55 18.32
N ASN B 120 47.47 -41.81 18.60
CA ASN B 120 46.26 -41.83 17.78
C ASN B 120 45.74 -43.25 17.59
N PHE B 121 45.71 -44.00 18.70
CA PHE B 121 45.30 -45.40 18.71
C PHE B 121 46.13 -46.21 17.72
N ASP B 122 47.43 -45.93 17.67
CA ASP B 122 48.34 -46.60 16.75
C ASP B 122 49.74 -46.58 17.32
N LYS B 123 50.58 -47.45 16.79
CA LYS B 123 51.97 -47.54 17.25
C LYS B 123 52.71 -46.25 16.91
N PRO B 124 53.40 -45.63 17.87
CA PRO B 124 54.07 -44.35 17.58
C PRO B 124 55.10 -44.42 16.47
N GLU B 125 55.82 -45.53 16.35
CA GLU B 125 56.91 -45.59 15.36
C GLU B 125 56.38 -45.61 13.93
N ASN B 126 55.30 -46.34 13.66
CA ASN B 126 54.79 -46.41 12.30
C ASN B 126 54.03 -45.15 11.89
N ALA B 127 53.74 -44.25 12.83
CA ALA B 127 53.06 -43.00 12.55
C ALA B 127 54.02 -41.84 12.35
N ARG B 128 55.33 -42.09 12.35
CA ARG B 128 56.30 -41.02 12.14
C ARG B 128 56.13 -40.38 10.77
N ASN B 129 55.94 -41.19 9.74
CA ASN B 129 55.68 -40.69 8.39
C ASN B 129 54.17 -40.66 8.18
N LYS B 130 53.65 -39.48 7.85
CA LYS B 130 52.21 -39.30 7.73
C LYS B 130 51.93 -38.13 6.79
N ILE B 131 50.73 -38.15 6.21
CA ILE B 131 50.32 -37.13 5.26
C ILE B 131 49.61 -36.01 6.03
N LEU B 132 50.03 -34.77 5.78
CA LEU B 132 49.44 -33.62 6.45
C LEU B 132 48.03 -33.37 5.91
N PHE B 133 47.22 -32.68 6.72
CA PHE B 133 45.84 -32.42 6.33
C PHE B 133 45.74 -31.34 5.26
N GLU B 134 46.74 -30.45 5.17
CA GLU B 134 46.64 -29.30 4.28
C GLU B 134 46.58 -29.72 2.81
N ASN B 135 47.39 -30.70 2.43
CA ASN B 135 47.47 -31.10 1.03
C ASN B 135 46.44 -32.16 0.64
N LEU B 136 45.54 -32.52 1.55
CA LEU B 136 44.50 -33.49 1.23
C LEU B 136 43.54 -32.92 0.19
N THR B 137 42.97 -33.82 -0.61
CA THR B 137 42.10 -33.42 -1.71
C THR B 137 40.64 -33.57 -1.31
N PRO B 138 39.86 -32.50 -1.27
CA PRO B 138 38.44 -32.63 -0.93
C PRO B 138 37.66 -33.38 -2.01
N LEU B 139 36.55 -33.97 -1.59
CA LEU B 139 35.70 -34.73 -2.49
C LEU B 139 34.26 -34.65 -2.00
N HIS B 140 33.33 -35.01 -2.87
CA HIS B 140 31.92 -35.03 -2.51
C HIS B 140 31.63 -36.12 -1.47
N ALA B 141 30.45 -36.02 -0.86
CA ALA B 141 30.00 -37.02 0.10
C ALA B 141 29.35 -38.17 -0.67
N ASN B 142 30.20 -39.05 -1.19
CA ASN B 142 29.71 -40.17 -1.99
C ASN B 142 28.92 -41.15 -1.15
N SER B 143 29.34 -41.40 0.09
CA SER B 143 28.71 -42.41 0.92
C SER B 143 27.50 -41.82 1.64
N ARG B 144 26.35 -42.46 1.47
CA ARG B 144 25.15 -42.05 2.18
C ARG B 144 25.23 -42.45 3.65
N LEU B 145 24.86 -41.53 4.54
CA LEU B 145 24.78 -41.81 5.97
C LEU B 145 23.37 -42.27 6.28
N ARG B 146 23.15 -43.57 6.18
CA ARG B 146 21.84 -44.18 6.40
C ARG B 146 21.54 -44.15 7.89
N MET B 147 20.83 -43.12 8.35
CA MET B 147 20.55 -42.93 9.77
C MET B 147 19.16 -43.39 10.16
N GLU B 148 18.45 -44.09 9.27
CA GLU B 148 17.13 -44.63 9.60
C GLU B 148 17.29 -45.72 10.64
N ARG B 149 16.94 -45.42 11.88
CA ARG B 149 17.24 -46.31 13.00
C ARG B 149 16.29 -47.51 13.04
N GLY B 150 15.02 -47.31 12.72
CA GLY B 150 14.06 -48.40 12.72
C GLY B 150 13.81 -49.02 14.07
N ASN B 151 13.61 -48.20 15.11
CA ASN B 151 13.34 -48.76 16.43
C ASN B 151 11.84 -48.82 16.73
N GLY B 152 11.07 -47.84 16.26
CA GLY B 152 9.63 -47.92 16.40
C GLY B 152 8.94 -46.86 17.24
N SER B 153 9.47 -45.65 17.27
CA SER B 153 8.87 -44.54 18.01
C SER B 153 8.67 -43.34 17.08
N THR B 154 7.94 -42.33 17.59
CA THR B 154 7.82 -41.08 16.86
C THR B 154 9.15 -40.34 16.78
N GLU B 155 10.11 -40.67 17.65
CA GLU B 155 11.44 -40.13 17.49
C GLU B 155 12.09 -40.72 16.24
N ASP B 156 11.89 -42.02 16.02
CA ASP B 156 12.22 -42.62 14.73
C ASP B 156 11.41 -42.01 13.60
N LEU B 157 10.18 -41.58 13.89
CA LEU B 157 9.39 -40.89 12.87
C LEU B 157 10.07 -39.58 12.45
N THR B 158 10.61 -38.84 13.43
CA THR B 158 11.40 -37.65 13.11
C THR B 158 12.64 -38.01 12.30
N ALA B 159 13.31 -39.10 12.69
CA ALA B 159 14.47 -39.58 11.93
C ALA B 159 14.10 -39.83 10.47
N ARG B 160 12.99 -40.54 10.26
CA ARG B 160 12.51 -40.81 8.89
C ARG B 160 12.09 -39.53 8.19
N VAL B 161 11.58 -38.54 8.94
CA VAL B 161 11.18 -37.28 8.33
C VAL B 161 12.39 -36.56 7.75
N LEU B 162 13.49 -36.48 8.51
CA LEU B 162 14.63 -35.82 7.89
C LEU B 162 15.38 -36.73 6.92
N ASP B 163 15.16 -38.05 6.98
CA ASP B 163 15.62 -38.91 5.89
C ASP B 163 14.91 -38.55 4.59
N LEU B 164 13.60 -38.33 4.66
CA LEU B 164 12.81 -37.98 3.49
C LEU B 164 12.98 -36.52 3.08
N ALA B 165 13.48 -35.68 3.98
CA ALA B 165 13.66 -34.26 3.70
C ALA B 165 15.11 -33.84 3.51
N SER B 166 16.06 -34.67 3.92
CA SER B 166 17.47 -34.34 3.81
C SER B 166 18.25 -35.57 3.33
N LEU B 167 19.41 -35.30 2.73
CA LEU B 167 20.32 -36.34 2.27
C LEU B 167 21.64 -36.14 3.01
N ILE B 168 21.79 -36.85 4.12
CA ILE B 168 23.00 -36.75 4.94
C ILE B 168 24.08 -37.63 4.31
N GLY B 169 25.18 -37.01 3.91
CA GLY B 169 26.27 -37.70 3.24
C GLY B 169 27.50 -37.76 4.11
N ARG B 170 28.34 -38.78 3.88
CA ARG B 170 29.56 -38.97 4.65
C ARG B 170 30.61 -37.98 4.19
N GLY B 171 30.95 -37.02 5.03
CA GLY B 171 31.93 -36.01 4.69
C GLY B 171 31.37 -34.69 4.19
N GLN B 172 30.06 -34.48 4.31
CA GLN B 172 29.44 -33.26 3.82
C GLN B 172 29.62 -32.12 4.82
N ARG B 173 29.08 -30.96 4.46
CA ARG B 173 29.11 -29.77 5.32
C ARG B 173 27.67 -29.26 5.44
N GLY B 174 27.11 -29.35 6.64
CA GLY B 174 25.70 -29.06 6.85
C GLY B 174 25.47 -27.94 7.85
N LEU B 175 24.43 -27.16 7.59
CA LEU B 175 23.97 -26.11 8.48
C LEU B 175 22.52 -26.35 8.86
N ILE B 176 22.19 -26.06 10.12
CA ILE B 176 20.82 -26.14 10.62
C ILE B 176 20.42 -24.76 11.11
N VAL B 177 19.30 -24.25 10.62
CA VAL B 177 18.76 -22.96 11.03
C VAL B 177 17.37 -23.17 11.60
N ALA B 178 17.14 -22.63 12.79
CA ALA B 178 15.88 -22.84 13.49
C ALA B 178 15.68 -21.75 14.52
N PRO B 179 14.44 -21.33 14.76
CA PRO B 179 14.18 -20.38 15.85
C PRO B 179 14.32 -21.04 17.20
N PRO B 180 14.41 -20.27 18.28
CA PRO B 180 14.51 -20.87 19.62
C PRO B 180 13.25 -21.66 19.95
N LYS B 181 13.44 -22.70 20.77
CA LYS B 181 12.36 -23.59 21.21
C LYS B 181 11.67 -24.25 20.01
N ALA B 182 12.47 -24.82 19.12
CA ALA B 182 11.96 -25.52 17.95
C ALA B 182 12.32 -27.00 17.91
N GLY B 183 13.33 -27.43 18.66
CA GLY B 183 13.70 -28.84 18.68
C GLY B 183 15.11 -29.11 18.22
N LYS B 184 16.01 -28.12 18.38
CA LYS B 184 17.36 -28.24 17.84
C LYS B 184 18.18 -29.29 18.58
N THR B 185 18.24 -29.20 19.91
CA THR B 185 19.18 -30.01 20.68
C THR B 185 18.88 -31.50 20.52
N MET B 186 17.61 -31.87 20.58
CA MET B 186 17.27 -33.29 20.49
C MET B 186 17.12 -33.75 19.05
N LEU B 187 17.01 -32.82 18.10
CA LEU B 187 17.30 -33.19 16.72
C LEU B 187 18.75 -33.61 16.57
N LEU B 188 19.65 -32.87 17.20
CA LEU B 188 21.06 -33.26 17.22
C LEU B 188 21.24 -34.59 17.94
N GLN B 189 20.45 -34.81 19.00
CA GLN B 189 20.39 -36.13 19.62
C GLN B 189 20.05 -37.20 18.60
N ASN B 190 18.87 -37.08 17.97
CA ASN B 190 18.48 -37.96 16.88
C ASN B 190 19.66 -38.29 15.97
N ILE B 191 20.35 -37.26 15.49
CA ILE B 191 21.52 -37.49 14.65
C ILE B 191 22.55 -38.35 15.39
N ALA B 192 22.83 -38.03 16.65
CA ALA B 192 23.90 -38.70 17.39
C ALA B 192 23.59 -40.18 17.59
N GLN B 193 22.47 -40.49 18.24
CA GLN B 193 22.15 -41.88 18.49
C GLN B 193 21.79 -42.65 17.23
N SER B 194 21.29 -41.99 16.18
CA SER B 194 21.07 -42.68 14.92
C SER B 194 22.39 -43.09 14.28
N ILE B 195 23.39 -42.20 14.32
CA ILE B 195 24.71 -42.56 13.84
C ILE B 195 25.31 -43.68 14.69
N ALA B 196 25.11 -43.61 16.00
CA ALA B 196 25.64 -44.65 16.88
C ALA B 196 25.01 -46.01 16.58
N TYR B 197 23.70 -46.06 16.37
CA TYR B 197 23.02 -47.32 16.13
C TYR B 197 23.30 -47.86 14.73
N ASN B 198 23.28 -46.98 13.72
CA ASN B 198 23.40 -47.42 12.33
C ASN B 198 24.84 -47.51 11.85
N HIS B 199 25.72 -46.65 12.33
CA HIS B 199 27.12 -46.61 11.88
C HIS B 199 28.04 -46.63 13.09
N PRO B 200 28.16 -47.78 13.77
CA PRO B 200 29.12 -47.86 14.88
C PRO B 200 30.56 -47.72 14.46
N ASP B 201 30.88 -47.93 13.18
CA ASP B 201 32.27 -47.86 12.73
C ASP B 201 32.84 -46.46 12.89
N CYS B 202 32.08 -45.43 12.52
CA CYS B 202 32.54 -44.06 12.62
C CYS B 202 32.43 -43.56 14.06
N VAL B 203 33.36 -42.71 14.45
CA VAL B 203 33.39 -42.13 15.79
C VAL B 203 32.45 -40.94 15.84
N LEU B 204 31.75 -40.79 16.95
CA LEU B 204 30.78 -39.72 17.15
C LEU B 204 31.34 -38.68 18.11
N MET B 205 31.29 -37.42 17.72
CA MET B 205 31.77 -36.32 18.54
C MET B 205 30.71 -35.23 18.56
N VAL B 206 30.31 -34.81 19.75
CA VAL B 206 29.28 -33.78 19.93
C VAL B 206 29.89 -32.64 20.73
N LEU B 207 29.92 -31.46 20.13
CA LEU B 207 30.50 -30.27 20.76
C LEU B 207 29.38 -29.32 21.13
N LEU B 208 29.34 -28.92 22.40
CA LEU B 208 28.34 -27.99 22.91
C LEU B 208 29.03 -26.81 23.59
N ILE B 209 28.59 -25.60 23.24
CA ILE B 209 29.15 -24.39 23.82
C ILE B 209 28.01 -23.54 24.40
N ASP B 210 28.36 -22.75 25.43
CA ASP B 210 27.51 -21.84 26.19
C ASP B 210 26.08 -22.36 26.31
N GLU B 211 25.94 -23.62 26.69
CA GLU B 211 24.66 -24.26 26.91
C GLU B 211 24.40 -24.40 28.40
N ARG B 212 23.13 -24.53 28.76
CA ARG B 212 22.75 -24.68 30.15
C ARG B 212 23.32 -25.99 30.70
N PRO B 213 23.74 -26.01 31.97
CA PRO B 213 24.36 -27.22 32.53
C PRO B 213 23.46 -28.44 32.51
N GLU B 214 22.15 -28.26 32.69
CA GLU B 214 21.24 -29.40 32.65
C GLU B 214 21.21 -30.03 31.26
N GLU B 215 21.23 -29.21 30.21
CA GLU B 215 21.30 -29.75 28.85
C GLU B 215 22.60 -30.52 28.64
N VAL B 216 23.71 -30.00 29.17
CA VAL B 216 24.99 -30.69 29.05
C VAL B 216 24.93 -32.05 29.73
N THR B 217 24.39 -32.08 30.95
CA THR B 217 24.42 -33.33 31.71
C THR B 217 23.42 -34.35 31.18
N GLU B 218 22.33 -33.90 30.53
CA GLU B 218 21.45 -34.87 29.89
C GLU B 218 21.98 -35.30 28.53
N MET B 219 22.82 -34.49 27.89
CA MET B 219 23.45 -34.91 26.65
C MET B 219 24.57 -35.93 26.91
N GLN B 220 25.31 -35.75 28.00
CA GLN B 220 26.42 -36.66 28.29
C GLN B 220 25.94 -38.07 28.59
N ARG B 221 24.73 -38.22 29.16
CA ARG B 221 24.21 -39.51 29.55
C ARG B 221 23.24 -40.10 28.53
N LEU B 222 23.25 -39.59 27.31
CA LEU B 222 22.30 -40.05 26.30
C LEU B 222 23.00 -40.50 25.03
N VAL B 223 24.16 -39.91 24.73
CA VAL B 223 24.90 -40.23 23.52
C VAL B 223 25.92 -41.32 23.82
N LYS B 224 26.08 -42.25 22.87
CA LYS B 224 27.05 -43.33 23.05
C LYS B 224 28.48 -42.83 22.90
N GLY B 225 28.73 -41.99 21.90
CA GLY B 225 30.06 -41.45 21.71
C GLY B 225 30.40 -40.39 22.74
N GLU B 226 31.69 -40.07 22.81
CA GLU B 226 32.15 -39.06 23.75
C GLU B 226 31.65 -37.68 23.33
N VAL B 227 31.33 -36.85 24.32
CA VAL B 227 30.75 -35.54 24.10
C VAL B 227 31.55 -34.52 24.89
N VAL B 228 31.87 -33.39 24.25
CA VAL B 228 32.56 -32.28 24.90
C VAL B 228 31.61 -31.10 24.97
N ALA B 229 31.52 -30.48 26.15
CA ALA B 229 30.58 -29.39 26.36
C ALA B 229 31.15 -28.43 27.39
N SER B 230 31.06 -27.14 27.08
CA SER B 230 31.43 -26.07 27.99
C SER B 230 30.27 -25.11 28.14
N THR B 231 29.85 -24.89 29.38
CA THR B 231 28.64 -24.11 29.65
C THR B 231 28.90 -22.62 29.43
N PHE B 232 27.87 -21.82 29.68
CA PHE B 232 27.99 -20.37 29.54
C PHE B 232 28.71 -19.72 30.71
N ASP B 233 28.85 -20.41 31.85
CA ASP B 233 29.53 -19.83 33.00
C ASP B 233 30.98 -19.50 32.67
N GLU B 234 31.65 -20.37 31.93
CA GLU B 234 33.04 -20.14 31.59
C GLU B 234 33.18 -18.97 30.63
N PRO B 235 34.34 -18.29 30.63
CA PRO B 235 34.53 -17.15 29.73
C PRO B 235 34.61 -17.55 28.27
N ALA B 236 34.77 -16.55 27.39
CA ALA B 236 34.80 -16.82 25.96
C ALA B 236 36.04 -17.62 25.56
N SER B 237 37.17 -17.36 26.21
CA SER B 237 38.40 -18.08 25.87
C SER B 237 38.25 -19.57 26.09
N ARG B 238 37.49 -19.98 27.11
CA ARG B 238 37.23 -21.40 27.33
C ARG B 238 36.59 -22.04 26.11
N HIS B 239 35.49 -21.45 25.63
CA HIS B 239 34.81 -21.97 24.45
C HIS B 239 35.72 -21.93 23.23
N VAL B 240 36.48 -20.86 23.07
CA VAL B 240 37.34 -20.71 21.90
C VAL B 240 38.38 -21.82 21.85
N GLN B 241 39.08 -22.04 22.97
CA GLN B 241 40.12 -23.07 22.97
C GLN B 241 39.52 -24.46 22.90
N VAL B 242 38.35 -24.68 23.49
CA VAL B 242 37.66 -25.96 23.32
C VAL B 242 37.40 -26.23 21.85
N ALA B 243 36.83 -25.25 21.15
CA ALA B 243 36.50 -25.43 19.74
C ALA B 243 37.74 -25.66 18.90
N GLU B 244 38.79 -24.84 19.10
CA GLU B 244 40.02 -25.02 18.35
C GLU B 244 40.59 -26.43 18.56
N MET B 245 40.75 -26.84 19.82
CA MET B 245 41.41 -28.10 20.06
C MET B 245 40.55 -29.27 19.60
N VAL B 246 39.22 -29.19 19.71
CA VAL B 246 38.39 -30.30 19.27
C VAL B 246 38.38 -30.40 17.75
N ILE B 247 38.35 -29.27 17.04
CA ILE B 247 38.33 -29.35 15.58
C ILE B 247 39.68 -29.86 15.06
N GLU B 248 40.78 -29.45 15.69
CA GLU B 248 42.07 -29.95 15.22
C GLU B 248 42.31 -31.39 15.66
N LYS B 249 41.72 -31.83 16.77
CA LYS B 249 41.78 -33.25 17.12
C LYS B 249 41.00 -34.09 16.11
N ALA B 250 39.84 -33.60 15.68
CA ALA B 250 39.10 -34.29 14.61
C ALA B 250 39.91 -34.28 13.32
N LYS B 251 40.63 -33.20 13.05
CA LYS B 251 41.54 -33.15 11.91
C LYS B 251 42.57 -34.26 11.99
N ARG B 252 43.21 -34.41 13.16
CA ARG B 252 44.21 -35.45 13.34
C ARG B 252 43.60 -36.84 13.18
N LEU B 253 42.39 -37.03 13.69
CA LEU B 253 41.72 -38.33 13.57
C LEU B 253 41.40 -38.65 12.12
N VAL B 254 40.87 -37.68 11.36
CA VAL B 254 40.54 -37.92 9.97
C VAL B 254 41.80 -38.05 9.11
N GLU B 255 42.93 -37.53 9.59
CA GLU B 255 44.19 -37.77 8.91
C GLU B 255 44.55 -39.25 8.88
N HIS B 256 44.03 -40.04 9.82
CA HIS B 256 44.24 -41.48 9.85
C HIS B 256 43.23 -42.24 9.01
N LYS B 257 42.62 -41.59 8.03
CA LYS B 257 41.58 -42.20 7.19
C LYS B 257 40.41 -42.70 8.04
N LYS B 258 39.96 -41.84 8.94
CA LYS B 258 38.85 -42.14 9.84
C LYS B 258 37.65 -41.28 9.50
N ASP B 259 36.47 -41.79 9.87
CA ASP B 259 35.20 -41.09 9.64
C ASP B 259 34.81 -40.39 10.93
N VAL B 260 34.88 -39.06 10.93
CA VAL B 260 34.61 -38.25 12.10
C VAL B 260 33.40 -37.37 11.83
N ILE B 261 32.51 -37.28 12.82
CA ILE B 261 31.30 -36.47 12.75
C ILE B 261 31.27 -35.55 13.96
N ILE B 262 31.08 -34.26 13.72
CA ILE B 262 31.04 -33.25 14.77
C ILE B 262 29.68 -32.56 14.74
N LEU B 263 28.96 -32.66 15.84
CA LEU B 263 27.68 -31.99 16.01
C LEU B 263 27.90 -30.74 16.86
N LEU B 264 27.64 -29.57 16.27
CA LEU B 264 27.92 -28.29 16.90
C LEU B 264 26.62 -27.53 17.13
N ASP B 265 26.43 -27.06 18.35
CA ASP B 265 25.25 -26.27 18.73
C ASP B 265 25.72 -25.24 19.75
N SER B 266 25.88 -23.99 19.30
CA SER B 266 25.63 -23.56 17.93
C SER B 266 26.91 -23.01 17.30
N ILE B 267 26.79 -22.46 16.09
CA ILE B 267 27.93 -21.85 15.42
C ILE B 267 27.85 -20.34 15.59
N THR B 268 26.63 -19.82 15.77
CA THR B 268 26.48 -18.40 16.06
C THR B 268 27.09 -18.05 17.41
N ARG B 269 26.90 -18.91 18.41
CA ARG B 269 27.53 -18.70 19.71
C ARG B 269 29.05 -18.73 19.60
N LEU B 270 29.57 -19.65 18.78
CA LEU B 270 31.01 -19.71 18.56
C LEU B 270 31.53 -18.43 17.91
N ALA B 271 30.79 -17.91 16.93
CA ALA B 271 31.18 -16.67 16.29
C ALA B 271 31.16 -15.51 17.27
N ARG B 272 30.14 -15.46 18.13
CA ARG B 272 30.08 -14.42 19.15
C ARG B 272 31.26 -14.50 20.10
N ALA B 273 31.61 -15.71 20.53
CA ALA B 273 32.75 -15.87 21.44
C ALA B 273 34.05 -15.45 20.77
N TYR B 274 34.23 -15.83 19.51
CA TYR B 274 35.44 -15.43 18.78
C TYR B 274 35.50 -13.93 18.62
N ASN B 275 34.36 -13.29 18.30
CA ASN B 275 34.34 -11.84 18.19
C ASN B 275 34.69 -11.18 19.51
N THR B 276 34.19 -11.75 20.62
CA THR B 276 34.52 -11.22 21.94
C THR B 276 36.01 -11.33 22.22
N VAL B 277 36.63 -12.45 21.87
CA VAL B 277 38.01 -12.68 22.27
C VAL B 277 39.01 -12.05 21.29
N VAL B 278 38.65 -11.95 20.02
CA VAL B 278 39.63 -11.50 19.01
C VAL B 278 39.92 -10.02 19.22
N PRO B 279 41.15 -9.57 19.01
CA PRO B 279 41.42 -8.12 19.03
C PRO B 279 40.68 -7.40 17.92
N ALA B 280 40.28 -6.16 18.20
CA ALA B 280 39.54 -5.38 17.23
C ALA B 280 40.42 -4.99 16.05
N SER B 281 39.85 -5.09 14.84
CA SER B 281 40.56 -4.74 13.62
C SER B 281 40.29 -3.31 13.17
N GLY B 282 39.35 -2.60 13.80
CA GLY B 282 39.02 -1.26 13.41
C GLY B 282 38.03 -1.15 12.26
N LYS B 283 37.61 -2.27 11.68
CA LYS B 283 36.63 -2.29 10.59
C LYS B 283 35.43 -3.09 11.10
N VAL B 284 34.51 -2.39 11.77
CA VAL B 284 33.36 -3.02 12.40
C VAL B 284 32.16 -2.97 11.46
N LEU B 285 31.42 -4.07 11.39
CA LEU B 285 30.22 -4.15 10.59
C LEU B 285 29.00 -3.79 11.45
N THR B 286 27.81 -4.02 10.92
CA THR B 286 26.60 -3.76 11.67
C THR B 286 26.44 -4.76 12.81
N GLY B 287 26.09 -4.28 13.99
CA GLY B 287 25.91 -5.11 15.16
C GLY B 287 27.10 -5.24 16.07
N GLY B 288 28.13 -4.39 15.91
CA GLY B 288 29.28 -4.45 16.78
C GLY B 288 30.23 -5.60 16.52
N VAL B 289 30.21 -6.17 15.32
CA VAL B 289 31.10 -7.26 14.94
C VAL B 289 31.99 -6.79 13.81
N ASP B 290 33.30 -6.96 13.98
CA ASP B 290 34.25 -6.54 12.97
C ASP B 290 34.49 -7.67 11.97
N ALA B 291 35.41 -7.43 11.03
CA ALA B 291 35.57 -8.34 9.89
C ALA B 291 36.34 -9.60 10.26
N ASN B 292 37.55 -9.44 10.79
CA ASN B 292 38.42 -10.59 11.03
C ASN B 292 37.87 -11.54 12.09
N ALA B 293 36.91 -11.10 12.90
CA ALA B 293 36.34 -11.97 13.93
C ALA B 293 35.63 -13.17 13.30
N LEU B 294 34.84 -12.92 12.26
CA LEU B 294 34.08 -13.99 11.63
C LEU B 294 34.94 -14.99 10.89
N HIS B 295 36.18 -14.65 10.56
CA HIS B 295 37.03 -15.56 9.78
C HIS B 295 37.27 -16.86 10.52
N ARG B 296 37.58 -16.79 11.81
CA ARG B 296 37.97 -17.98 12.54
C ARG B 296 36.85 -19.03 12.62
N PRO B 297 35.64 -18.72 13.06
CA PRO B 297 34.58 -19.76 13.06
C PRO B 297 34.21 -20.18 11.66
N LYS B 298 34.52 -19.36 10.67
CA LYS B 298 34.11 -19.58 9.30
C LYS B 298 35.06 -20.53 8.58
N ARG B 299 36.37 -20.40 8.83
CA ARG B 299 37.30 -21.45 8.47
C ARG B 299 37.05 -22.71 9.28
N PHE B 300 36.67 -22.55 10.55
CA PHE B 300 36.26 -23.68 11.39
C PHE B 300 35.19 -24.51 10.70
N PHE B 301 34.13 -23.84 10.24
CA PHE B 301 33.09 -24.53 9.49
C PHE B 301 33.62 -25.11 8.19
N GLY B 302 34.50 -24.37 7.51
CA GLY B 302 35.04 -24.86 6.26
C GLY B 302 35.97 -26.04 6.39
N ALA B 303 36.38 -26.39 7.60
CA ALA B 303 37.27 -27.54 7.79
C ALA B 303 36.62 -28.84 7.31
N ALA B 304 35.30 -28.91 7.30
CA ALA B 304 34.62 -30.14 6.90
C ALA B 304 34.84 -30.43 5.42
N ARG B 305 35.08 -31.69 5.10
CA ARG B 305 35.31 -32.14 3.72
C ARG B 305 35.32 -33.67 3.73
N ASN B 306 35.51 -34.23 2.53
CA ASN B 306 35.66 -35.67 2.36
C ASN B 306 36.97 -35.93 1.61
N VAL B 307 37.78 -36.83 2.13
CA VAL B 307 39.09 -37.11 1.57
C VAL B 307 38.96 -38.20 0.51
N GLU B 308 39.57 -37.97 -0.65
CA GLU B 308 39.46 -38.92 -1.76
C GLU B 308 40.10 -40.26 -1.42
N GLU B 309 41.27 -40.25 -0.78
CA GLU B 309 42.03 -41.46 -0.53
C GLU B 309 41.73 -42.09 0.82
N GLY B 310 40.79 -41.55 1.59
CA GLY B 310 40.42 -42.17 2.84
C GLY B 310 40.12 -41.19 3.96
N GLY B 311 39.00 -41.40 4.64
CA GLY B 311 38.61 -40.55 5.74
C GLY B 311 37.60 -39.50 5.31
N SER B 312 36.75 -39.11 6.25
CA SER B 312 35.74 -38.08 6.01
C SER B 312 35.51 -37.29 7.29
N LEU B 313 35.20 -36.01 7.12
CA LEU B 313 34.95 -35.10 8.23
C LEU B 313 33.61 -34.42 7.97
N THR B 314 32.59 -34.80 8.74
CA THR B 314 31.26 -34.23 8.62
C THR B 314 31.04 -33.28 9.79
N ILE B 315 30.52 -32.09 9.50
CA ILE B 315 30.18 -31.11 10.53
C ILE B 315 28.72 -30.72 10.35
N ILE B 316 27.93 -30.92 11.39
CA ILE B 316 26.53 -30.51 11.41
C ILE B 316 26.41 -29.43 12.48
N ALA B 317 26.36 -28.17 12.05
CA ALA B 317 26.36 -27.04 12.95
C ALA B 317 25.03 -26.31 12.87
N THR B 318 24.51 -25.92 14.03
CA THR B 318 23.25 -25.20 14.12
C THR B 318 23.49 -23.69 14.13
N ALA B 319 22.58 -22.95 13.51
CA ALA B 319 22.65 -21.50 13.47
C ALA B 319 21.34 -20.91 14.00
N LEU B 320 21.46 -19.96 14.90
CA LEU B 320 20.29 -19.32 15.48
C LEU B 320 19.64 -18.37 14.49
N ILE B 321 18.31 -18.29 14.54
CA ILE B 321 17.52 -17.45 13.66
C ILE B 321 16.60 -16.58 14.51
N ASP B 322 16.30 -15.38 14.01
CA ASP B 322 15.32 -14.41 14.51
C ASP B 322 15.20 -14.42 16.03
N THR B 323 16.32 -14.21 16.72
CA THR B 323 16.34 -14.11 18.18
C THR B 323 16.20 -12.68 18.68
N GLY B 324 16.02 -11.72 17.78
CA GLY B 324 15.91 -10.32 18.15
C GLY B 324 17.22 -9.58 18.27
N SER B 325 18.35 -10.23 18.00
CA SER B 325 19.66 -9.60 18.08
C SER B 325 20.30 -9.58 16.70
N LYS B 326 20.78 -8.39 16.29
CA LYS B 326 21.18 -8.18 14.90
C LYS B 326 22.38 -9.05 14.51
N MET B 327 23.33 -9.21 15.42
CA MET B 327 24.51 -10.00 15.06
C MET B 327 24.15 -11.45 14.74
N ASP B 328 23.08 -11.98 15.35
CA ASP B 328 22.66 -13.32 14.98
C ASP B 328 22.36 -13.39 13.48
N GLU B 329 21.65 -12.40 12.95
CA GLU B 329 21.51 -12.31 11.50
C GLU B 329 22.88 -12.19 10.84
N VAL B 330 23.69 -11.23 11.27
CA VAL B 330 24.99 -10.97 10.65
C VAL B 330 25.73 -12.28 10.38
N ILE B 331 25.88 -13.09 11.43
CA ILE B 331 26.40 -14.46 11.24
C ILE B 331 25.53 -15.30 10.30
N TYR B 332 24.20 -15.15 10.38
CA TYR B 332 23.34 -16.02 9.56
C TYR B 332 23.62 -15.83 8.07
N GLU B 333 23.59 -14.60 7.58
CA GLU B 333 23.92 -14.40 6.17
C GLU B 333 25.43 -14.37 5.90
N GLU B 334 26.28 -14.36 6.93
CA GLU B 334 27.70 -14.48 6.64
C GLU B 334 28.07 -15.93 6.32
N PHE B 335 27.45 -16.88 7.02
CA PHE B 335 27.63 -18.31 6.72
C PHE B 335 26.64 -18.86 5.71
N LYS B 336 25.66 -18.08 5.28
CA LYS B 336 24.65 -18.60 4.37
C LYS B 336 25.27 -18.89 3.01
N GLY B 337 24.95 -20.07 2.47
CA GLY B 337 25.45 -20.47 1.17
C GLY B 337 26.83 -21.10 1.18
N THR B 338 27.41 -21.35 2.35
CA THR B 338 28.74 -21.93 2.46
C THR B 338 28.72 -23.38 2.91
N GLY B 339 27.54 -24.00 3.01
CA GLY B 339 27.41 -25.36 3.48
C GLY B 339 26.89 -26.27 2.37
N ASN B 340 27.30 -27.54 2.42
CA ASN B 340 26.84 -28.51 1.43
C ASN B 340 25.35 -28.79 1.56
N MET B 341 24.75 -28.58 2.72
CA MET B 341 23.31 -28.73 2.86
C MET B 341 22.80 -27.77 3.91
N GLU B 342 21.51 -27.43 3.78
CA GLU B 342 20.82 -26.54 4.70
C GLU B 342 19.55 -27.23 5.19
N LEU B 343 19.29 -27.08 6.49
CA LEU B 343 18.09 -27.67 7.11
C LEU B 343 17.37 -26.57 7.87
N HIS B 344 16.20 -26.18 7.39
CA HIS B 344 15.44 -25.07 7.95
C HIS B 344 14.29 -25.58 8.80
N LEU B 345 13.97 -24.83 9.86
CA LEU B 345 12.86 -25.13 10.74
C LEU B 345 12.05 -23.87 10.99
N SER B 346 10.77 -24.04 11.30
CA SER B 346 9.85 -22.94 11.54
C SER B 346 9.21 -23.09 12.92
N ARG B 347 9.10 -21.97 13.64
CA ARG B 347 8.56 -22.01 14.99
C ARG B 347 7.05 -22.19 15.00
N LYS B 348 6.36 -21.75 13.94
CA LYS B 348 4.90 -21.83 13.93
C LYS B 348 4.43 -23.27 13.86
N ILE B 349 5.18 -24.15 13.19
CA ILE B 349 4.85 -25.57 13.20
C ILE B 349 4.93 -26.13 14.62
N ALA B 350 5.98 -25.75 15.35
CA ALA B 350 6.09 -26.13 16.75
C ALA B 350 5.00 -25.52 17.62
N GLU B 351 4.44 -24.38 17.21
CA GLU B 351 3.36 -23.77 17.97
C GLU B 351 2.14 -24.69 18.03
N LYS B 352 1.80 -25.32 16.90
CA LYS B 352 0.74 -26.33 16.88
C LYS B 352 1.25 -27.72 17.26
N ARG B 353 2.51 -27.81 17.70
CA ARG B 353 3.05 -29.02 18.31
C ARG B 353 3.07 -30.20 17.33
N VAL B 354 3.38 -29.90 16.06
CA VAL B 354 3.65 -30.91 15.05
C VAL B 354 5.17 -31.04 14.97
N PHE B 355 5.69 -32.23 15.21
CA PHE B 355 7.12 -32.36 15.37
C PHE B 355 7.68 -33.47 14.50
N PRO B 356 8.83 -33.26 13.86
CA PRO B 356 9.69 -32.07 13.92
C PRO B 356 9.10 -30.88 13.18
N ALA B 357 9.80 -29.74 13.13
CA ALA B 357 9.31 -28.54 12.48
C ALA B 357 10.12 -28.19 11.23
N ILE B 358 10.64 -29.19 10.53
CA ILE B 358 11.47 -28.96 9.37
C ILE B 358 10.65 -28.39 8.23
N ASP B 359 11.16 -27.33 7.59
CA ASP B 359 10.52 -26.78 6.41
C ASP B 359 10.92 -27.63 5.21
N TYR B 360 9.97 -28.41 4.68
CA TYR B 360 10.28 -29.33 3.59
C TYR B 360 10.73 -28.58 2.34
N ASN B 361 10.04 -27.50 1.99
CA ASN B 361 10.39 -26.76 0.77
C ASN B 361 11.73 -26.06 0.93
N ARG B 362 12.00 -25.50 2.11
CA ARG B 362 13.24 -24.74 2.29
C ARG B 362 14.45 -25.65 2.41
N SER B 363 14.28 -26.82 3.04
CA SER B 363 15.40 -27.74 3.20
C SER B 363 15.86 -28.27 1.85
N GLY B 364 17.17 -28.44 1.72
CA GLY B 364 17.73 -28.89 0.46
C GLY B 364 19.14 -29.42 0.64
N THR B 365 19.70 -29.91 -0.46
CA THR B 365 21.03 -30.49 -0.47
C THR B 365 21.71 -30.12 -1.78
N ARG B 366 23.04 -30.11 -1.77
CA ARG B 366 23.82 -29.81 -2.96
C ARG B 366 24.40 -31.11 -3.53
N LYS B 367 24.25 -31.28 -4.84
CA LYS B 367 24.78 -32.43 -5.57
C LYS B 367 24.21 -33.74 -5.05
N GLU B 368 22.88 -33.86 -5.14
CA GLU B 368 22.22 -35.10 -4.77
C GLU B 368 22.51 -36.23 -5.76
N GLU B 369 22.89 -35.91 -6.99
CA GLU B 369 23.06 -36.92 -8.02
C GLU B 369 24.21 -37.86 -7.68
N LEU B 370 25.34 -37.31 -7.26
CA LEU B 370 26.50 -38.15 -6.96
C LEU B 370 26.32 -38.93 -5.67
N LEU B 371 25.52 -38.41 -4.73
CA LEU B 371 25.39 -39.06 -3.44
C LEU B 371 24.54 -40.32 -3.52
N THR B 372 23.46 -40.28 -4.28
CA THR B 372 22.51 -41.38 -4.38
C THR B 372 22.47 -41.93 -5.81
N THR B 373 21.57 -42.87 -6.03
CA THR B 373 21.34 -43.45 -7.34
C THR B 373 20.19 -42.74 -8.04
N GLN B 374 20.08 -42.98 -9.35
CA GLN B 374 19.06 -42.30 -10.15
C GLN B 374 17.66 -42.72 -9.74
N GLU B 375 17.46 -44.01 -9.44
CA GLU B 375 16.12 -44.50 -9.13
C GLU B 375 15.59 -43.87 -7.84
N GLU B 376 16.41 -43.83 -6.79
CA GLU B 376 15.96 -43.21 -5.55
C GLU B 376 15.91 -41.70 -5.67
N LEU B 377 16.75 -41.12 -6.52
CA LEU B 377 16.68 -39.68 -6.78
C LEU B 377 15.32 -39.31 -7.37
N GLN B 378 14.88 -40.06 -8.38
CA GLN B 378 13.55 -39.82 -8.96
C GLN B 378 12.45 -40.16 -7.96
N LYS B 379 12.67 -41.18 -7.14
CA LYS B 379 11.69 -41.57 -6.14
C LYS B 379 11.49 -40.51 -5.07
N MET B 380 12.53 -39.74 -4.74
CA MET B 380 12.39 -38.59 -3.86
C MET B 380 11.90 -37.35 -4.61
N TRP B 381 12.24 -37.23 -5.89
CA TRP B 381 11.75 -36.10 -6.68
C TRP B 381 10.23 -36.13 -6.82
N ILE B 382 9.67 -37.32 -7.01
CA ILE B 382 8.22 -37.41 -7.15
C ILE B 382 7.52 -37.06 -5.83
N LEU B 383 8.13 -37.43 -4.70
CA LEU B 383 7.62 -36.93 -3.41
C LEU B 383 7.72 -35.42 -3.33
N ARG B 384 8.81 -34.85 -3.82
CA ARG B 384 8.92 -33.39 -3.83
C ARG B 384 7.81 -32.77 -4.66
N LYS B 385 7.49 -33.37 -5.81
CA LYS B 385 6.39 -32.89 -6.63
C LYS B 385 5.07 -32.94 -5.89
N ILE B 386 4.79 -34.08 -5.22
CA ILE B 386 3.46 -34.24 -4.65
C ILE B 386 3.31 -33.47 -3.33
N ILE B 387 4.41 -33.19 -2.63
CA ILE B 387 4.34 -32.53 -1.34
C ILE B 387 4.61 -31.02 -1.45
N HIS B 388 5.20 -30.56 -2.54
CA HIS B 388 5.40 -29.13 -2.74
C HIS B 388 4.12 -28.30 -2.73
N PRO B 389 2.99 -28.73 -3.32
CA PRO B 389 1.84 -27.81 -3.42
C PRO B 389 1.28 -27.35 -2.08
N MET B 390 0.88 -28.27 -1.20
CA MET B 390 0.22 -27.85 0.02
C MET B 390 1.21 -27.21 0.99
N GLY B 391 0.67 -26.55 2.01
CA GLY B 391 1.50 -25.80 2.93
C GLY B 391 2.40 -26.70 3.76
N GLU B 392 3.47 -26.09 4.27
CA GLU B 392 4.51 -26.85 4.96
C GLU B 392 3.97 -27.52 6.23
N ILE B 393 3.10 -26.83 6.98
CA ILE B 393 2.47 -27.49 8.12
C ILE B 393 1.53 -28.60 7.66
N ASP B 394 0.74 -28.33 6.61
CA ASP B 394 -0.10 -29.37 6.04
C ASP B 394 0.75 -30.49 5.45
N ALA B 395 1.87 -30.13 4.83
CA ALA B 395 2.79 -31.14 4.29
C ALA B 395 3.30 -32.07 5.38
N MET B 396 3.72 -31.50 6.51
CA MET B 396 4.21 -32.34 7.60
C MET B 396 3.11 -33.17 8.22
N GLU B 397 1.91 -32.61 8.39
CA GLU B 397 0.81 -33.39 8.94
C GLU B 397 0.50 -34.58 8.03
N PHE B 398 0.42 -34.33 6.73
CA PHE B 398 0.16 -35.38 5.74
C PHE B 398 1.26 -36.44 5.77
N LEU B 399 2.52 -36.01 5.83
CA LEU B 399 3.64 -36.93 5.82
C LEU B 399 3.66 -37.80 7.07
N ILE B 400 3.54 -37.19 8.26
CA ILE B 400 3.59 -37.97 9.49
C ILE B 400 2.39 -38.89 9.57
N ASN B 401 1.23 -38.43 9.08
CA ASN B 401 0.03 -39.27 9.11
C ASN B 401 0.23 -40.53 8.28
N LYS B 402 0.59 -40.39 7.00
CA LYS B 402 0.67 -41.57 6.16
C LYS B 402 2.02 -42.27 6.28
N LEU B 403 2.92 -41.77 7.12
CA LEU B 403 4.15 -42.47 7.47
C LEU B 403 4.06 -43.21 8.79
N ALA B 404 3.10 -42.84 9.65
CA ALA B 404 2.94 -43.52 10.93
C ALA B 404 2.59 -45.00 10.74
N MET B 405 1.67 -45.29 9.81
CA MET B 405 1.25 -46.66 9.57
C MET B 405 2.28 -47.47 8.79
N THR B 406 3.32 -46.84 8.24
CA THR B 406 4.31 -47.50 7.42
C THR B 406 5.56 -47.78 8.24
N LYS B 407 6.09 -48.99 8.11
CA LYS B 407 7.20 -49.42 8.95
C LYS B 407 8.50 -48.70 8.57
N THR B 408 8.81 -48.64 7.28
CA THR B 408 10.09 -48.11 6.81
C THR B 408 9.85 -47.06 5.73
N ASN B 409 10.94 -46.42 5.30
CA ASN B 409 10.86 -45.41 4.25
C ASN B 409 10.60 -46.04 2.89
N ASP B 410 11.22 -47.19 2.62
CA ASP B 410 11.00 -47.86 1.34
C ASP B 410 9.54 -48.24 1.17
N ASP B 411 8.98 -48.96 2.14
CA ASP B 411 7.57 -49.33 2.07
C ASP B 411 6.68 -48.10 1.92
N PHE B 412 7.10 -46.97 2.50
CA PHE B 412 6.41 -45.71 2.28
C PHE B 412 6.46 -45.32 0.81
N PHE B 413 7.62 -45.51 0.16
CA PHE B 413 7.77 -45.17 -1.25
C PHE B 413 6.84 -46.03 -2.11
N GLU B 414 6.92 -47.36 -1.96
CA GLU B 414 6.05 -48.22 -2.77
C GLU B 414 4.58 -48.14 -2.36
N MET B 415 4.27 -47.63 -1.18
CA MET B 415 2.87 -47.41 -0.86
C MET B 415 2.37 -46.10 -1.46
N MET B 416 3.26 -45.14 -1.68
CA MET B 416 2.82 -43.91 -2.34
C MET B 416 2.65 -44.13 -3.84
N LYS B 417 3.55 -44.91 -4.46
CA LYS B 417 3.53 -44.97 -5.93
C LYS B 417 2.20 -45.51 -6.46
N ARG B 418 1.62 -46.49 -5.77
CA ARG B 418 0.35 -47.06 -6.22
C ARG B 418 -0.80 -46.06 -6.15
N SER B 419 -0.67 -45.02 -5.33
CA SER B 419 -1.69 -44.00 -5.24
C SER B 419 -1.56 -42.98 -6.37
N MET C 1 25.80 -15.01 75.72
CA MET C 1 24.75 -14.15 75.17
C MET C 1 24.88 -14.04 73.65
N ASN C 2 23.83 -14.46 72.94
CA ASN C 2 23.81 -14.32 71.50
C ASN C 2 23.78 -12.85 71.10
N LEU C 3 24.48 -12.52 70.03
CA LEU C 3 24.43 -11.17 69.48
C LEU C 3 23.30 -11.00 68.46
N THR C 4 22.58 -12.08 68.15
CA THR C 4 21.50 -12.00 67.17
C THR C 4 20.38 -11.10 67.67
N GLU C 5 19.93 -11.31 68.92
CA GLU C 5 18.86 -10.47 69.45
C GLU C 5 19.35 -9.05 69.73
N LEU C 6 20.64 -8.89 70.07
CA LEU C 6 21.19 -7.56 70.25
C LEU C 6 21.25 -6.79 68.93
N LYS C 7 21.47 -7.49 67.82
CA LYS C 7 21.44 -6.84 66.52
C LYS C 7 20.02 -6.56 66.05
N ASN C 8 19.10 -7.49 66.33
CA ASN C 8 17.71 -7.32 65.92
C ASN C 8 17.03 -6.18 66.67
N THR C 9 17.32 -6.04 67.95
CA THR C 9 16.60 -5.10 68.79
C THR C 9 16.88 -3.66 68.39
N PRO C 10 15.90 -2.76 68.54
CA PRO C 10 16.10 -1.35 68.18
C PRO C 10 16.81 -0.55 69.26
N VAL C 11 16.86 0.78 69.06
CA VAL C 11 17.54 1.69 69.97
C VAL C 11 16.91 1.73 71.36
N SER C 12 15.71 1.16 71.52
CA SER C 12 15.18 0.98 72.87
C SER C 12 16.15 0.17 73.72
N GLU C 13 16.75 -0.86 73.13
CA GLU C 13 17.83 -1.58 73.80
C GLU C 13 19.00 -0.65 74.11
N LEU C 14 19.35 0.23 73.17
CA LEU C 14 20.42 1.18 73.40
C LEU C 14 20.19 1.97 74.67
N ILE C 15 19.02 2.59 74.79
CA ILE C 15 18.76 3.47 75.93
C ILE C 15 18.63 2.66 77.22
N THR C 16 17.95 1.51 77.16
CA THR C 16 17.77 0.71 78.37
C THR C 16 19.11 0.20 78.91
N LEU C 17 19.96 -0.32 78.03
CA LEU C 17 21.25 -0.81 78.49
C LEU C 17 22.24 0.30 78.78
N GLY C 18 22.04 1.50 78.21
CA GLY C 18 22.83 2.64 78.64
C GLY C 18 22.50 3.07 80.05
N GLU C 19 21.22 3.08 80.40
CA GLU C 19 20.84 3.43 81.76
C GLU C 19 21.03 2.28 82.74
N ASN C 20 21.20 1.06 82.24
CA ASN C 20 21.46 -0.09 83.11
C ASN C 20 22.95 -0.30 83.38
N MET C 21 23.75 -0.43 82.33
CA MET C 21 25.18 -0.69 82.47
C MET C 21 25.96 0.54 82.92
N GLY C 22 25.34 1.72 82.92
CA GLY C 22 26.03 2.92 83.38
C GLY C 22 27.17 3.38 82.50
N LEU C 23 27.02 3.26 81.18
CA LEU C 23 28.03 3.79 80.27
C LEU C 23 27.96 5.31 80.23
N GLU C 24 29.08 5.94 79.88
CA GLU C 24 29.15 7.40 79.90
C GLU C 24 28.17 8.03 78.92
N ASN C 25 28.10 7.50 77.69
CA ASN C 25 26.99 7.80 76.79
C ASN C 25 27.08 6.87 75.58
N LEU C 26 25.93 6.64 74.95
CA LEU C 26 25.86 5.85 73.72
C LEU C 26 24.87 6.46 72.73
N ALA C 27 24.75 7.79 72.72
CA ALA C 27 23.77 8.43 71.87
C ALA C 27 24.27 8.59 70.44
N ARG C 28 25.37 9.31 70.26
CA ARG C 28 25.84 9.72 68.94
C ARG C 28 27.03 8.86 68.51
N MET C 29 26.72 7.70 67.93
CA MET C 29 27.67 6.86 67.22
C MET C 29 26.88 5.77 66.50
N ARG C 30 27.55 5.09 65.58
CA ARG C 30 26.88 4.11 64.73
C ARG C 30 26.43 2.91 65.54
N LYS C 31 25.39 2.23 65.04
CA LYS C 31 24.81 1.09 65.73
C LYS C 31 25.83 -0.02 65.94
N GLN C 32 26.71 -0.23 64.96
CA GLN C 32 27.72 -1.27 65.09
C GLN C 32 28.65 -0.96 66.26
N ASP C 33 29.05 0.30 66.40
CA ASP C 33 29.88 0.70 67.54
C ASP C 33 29.13 0.54 68.85
N ILE C 34 27.83 0.81 68.84
CA ILE C 34 27.03 0.64 70.07
C ILE C 34 27.01 -0.83 70.48
N ILE C 35 26.80 -1.72 69.52
CA ILE C 35 26.81 -3.15 69.82
C ILE C 35 28.17 -3.58 70.34
N PHE C 36 29.24 -3.08 69.70
CA PHE C 36 30.59 -3.40 70.15
C PHE C 36 30.82 -2.94 71.59
N ALA C 37 30.37 -1.72 71.92
CA ALA C 37 30.58 -1.19 73.27
C ALA C 37 29.79 -1.99 74.29
N ILE C 38 28.53 -2.30 73.99
CA ILE C 38 27.72 -3.10 74.91
C ILE C 38 28.35 -4.47 75.14
N LEU C 39 28.80 -5.12 74.07
CA LEU C 39 29.32 -6.46 74.22
C LEU C 39 30.67 -6.47 74.92
N LYS C 40 31.49 -5.42 74.70
CA LYS C 40 32.72 -5.25 75.47
C LYS C 40 32.42 -5.05 76.95
N GLN C 41 31.44 -4.19 77.27
CA GLN C 41 31.12 -3.93 78.67
C GLN C 41 30.58 -5.17 79.36
N HIS C 42 29.79 -5.98 78.64
CA HIS C 42 29.35 -7.24 79.21
C HIS C 42 30.45 -8.28 79.25
N ALA C 43 31.49 -8.14 78.43
CA ALA C 43 32.58 -9.12 78.39
C ALA C 43 33.52 -8.98 79.57
N LYS C 44 33.54 -7.84 80.27
CA LYS C 44 34.44 -7.68 81.41
C LYS C 44 34.06 -8.56 82.58
N SER C 45 32.80 -8.97 82.67
CA SER C 45 32.37 -9.83 83.77
C SER C 45 32.89 -11.25 83.63
N GLY C 46 33.34 -11.65 82.45
CA GLY C 46 33.86 -12.98 82.22
C GLY C 46 32.81 -14.03 81.90
N GLU C 47 31.54 -13.65 81.82
CA GLU C 47 30.50 -14.60 81.49
C GLU C 47 30.67 -15.11 80.06
N ASP C 48 30.37 -16.39 79.86
CA ASP C 48 30.47 -16.98 78.53
C ASP C 48 29.47 -16.32 77.59
N ILE C 49 29.94 -15.96 76.39
CA ILE C 49 29.13 -15.28 75.40
C ILE C 49 29.17 -16.06 74.10
N PHE C 50 28.00 -16.27 73.50
CA PHE C 50 27.89 -17.03 72.26
C PHE C 50 28.14 -16.11 71.06
N GLY C 51 28.12 -16.71 69.87
CA GLY C 51 28.19 -15.94 68.65
C GLY C 51 27.88 -16.83 67.47
N ASP C 52 27.52 -16.19 66.36
CA ASP C 52 27.18 -16.93 65.15
C ASP C 52 27.18 -15.97 63.97
N GLY C 53 27.19 -16.54 62.77
CA GLY C 53 27.13 -15.74 61.56
C GLY C 53 27.63 -16.52 60.36
N VAL C 54 27.99 -15.76 59.33
CA VAL C 54 28.45 -16.31 58.05
C VAL C 54 29.93 -15.98 57.90
N LEU C 55 30.73 -16.99 57.59
CA LEU C 55 32.18 -16.86 57.55
C LEU C 55 32.66 -16.61 56.13
N GLU C 56 33.71 -15.78 56.02
CA GLU C 56 34.35 -15.50 54.74
C GLU C 56 35.86 -15.45 54.94
N ILE C 57 36.58 -15.71 53.85
CA ILE C 57 38.03 -15.77 53.85
C ILE C 57 38.55 -14.68 52.91
N LEU C 58 39.49 -13.88 53.40
CA LEU C 58 40.10 -12.85 52.59
C LEU C 58 41.31 -13.43 51.86
N GLN C 59 42.12 -12.55 51.27
CA GLN C 59 43.20 -12.97 50.36
C GLN C 59 44.32 -13.72 51.06
N ASP C 60 44.38 -13.72 52.38
CA ASP C 60 45.48 -14.34 53.11
C ASP C 60 44.95 -15.21 54.26
N GLY C 61 43.83 -15.89 54.03
CA GLY C 61 43.25 -16.71 55.07
C GLY C 61 42.82 -15.95 56.30
N PHE C 62 42.59 -14.65 56.16
CA PHE C 62 42.26 -13.77 57.28
C PHE C 62 40.75 -13.80 57.46
N GLY C 63 40.28 -14.69 58.34
CA GLY C 63 38.88 -15.04 58.35
C GLY C 63 38.02 -14.00 59.09
N PHE C 64 36.93 -13.60 58.46
CA PHE C 64 35.93 -12.77 59.10
C PHE C 64 34.63 -13.55 59.23
N LEU C 65 33.81 -13.13 60.20
CA LEU C 65 32.47 -13.68 60.38
C LEU C 65 31.51 -12.51 60.50
N ARG C 66 30.68 -12.33 59.47
CA ARG C 66 29.70 -11.26 59.42
C ARG C 66 28.33 -11.78 59.86
N SER C 67 27.36 -10.88 59.92
CA SER C 67 26.00 -11.21 60.30
C SER C 67 25.04 -10.84 59.18
N ALA C 68 24.05 -11.71 58.94
CA ALA C 68 23.07 -11.44 57.89
C ALA C 68 22.08 -10.35 58.28
N ASP C 69 21.99 -10.01 59.57
CA ASP C 69 21.10 -8.94 59.99
C ASP C 69 21.53 -7.60 59.40
N SER C 70 22.82 -7.28 59.52
CA SER C 70 23.36 -6.02 59.06
C SER C 70 23.73 -6.02 57.59
N SER C 71 23.28 -7.01 56.83
CA SER C 71 23.57 -7.12 55.40
C SER C 71 25.06 -7.18 55.11
N TYR C 72 25.83 -7.71 56.06
CA TYR C 72 27.26 -7.99 55.90
C TYR C 72 28.09 -6.71 55.72
N LEU C 73 27.85 -5.74 56.59
CA LEU C 73 28.80 -4.64 56.73
C LEU C 73 30.08 -5.14 57.38
N ALA C 74 31.19 -4.46 57.08
CA ALA C 74 32.47 -4.73 57.73
C ALA C 74 32.58 -3.97 59.06
N GLY C 75 31.62 -4.25 59.94
CA GLY C 75 31.53 -3.56 61.20
C GLY C 75 32.59 -4.00 62.18
N PRO C 76 32.80 -3.18 63.22
CA PRO C 76 33.79 -3.54 64.24
C PRO C 76 33.45 -4.79 65.01
N ASP C 77 32.18 -5.22 65.03
CA ASP C 77 31.76 -6.38 65.80
C ASP C 77 31.86 -7.68 65.02
N ASP C 78 32.38 -7.65 63.80
CA ASP C 78 32.58 -8.87 63.05
C ASP C 78 33.58 -9.77 63.76
N ILE C 79 33.33 -11.08 63.71
CA ILE C 79 34.06 -12.04 64.52
C ILE C 79 35.35 -12.43 63.81
N TYR C 80 36.47 -12.29 64.51
CA TYR C 80 37.77 -12.73 64.01
C TYR C 80 37.82 -14.25 63.92
N VAL C 81 38.47 -14.76 62.87
CA VAL C 81 38.73 -16.18 62.70
C VAL C 81 40.14 -16.30 62.14
N SER C 82 41.08 -16.74 62.96
CA SER C 82 42.46 -16.89 62.53
C SER C 82 42.58 -18.06 61.55
N PRO C 83 43.63 -18.06 60.72
CA PRO C 83 43.79 -19.17 59.76
C PRO C 83 43.95 -20.54 60.42
N SER C 84 44.28 -20.59 61.71
CA SER C 84 44.39 -21.87 62.40
C SER C 84 43.04 -22.60 62.42
N GLN C 85 41.95 -21.86 62.71
CA GLN C 85 40.64 -22.50 62.71
C GLN C 85 40.25 -22.99 61.31
N ILE C 86 40.59 -22.23 60.27
CA ILE C 86 40.31 -22.71 58.91
C ILE C 86 41.10 -23.98 58.62
N ARG C 87 42.41 -23.96 58.88
CA ARG C 87 43.22 -25.14 58.54
C ARG C 87 42.87 -26.34 59.41
N ARG C 88 42.25 -26.12 60.57
CA ARG C 88 41.79 -27.24 61.39
C ARG C 88 40.36 -27.66 61.09
N PHE C 89 39.59 -26.84 60.38
CA PHE C 89 38.21 -27.18 60.04
C PHE C 89 37.89 -27.06 58.56
N ASN C 90 38.63 -26.26 57.78
CA ASN C 90 38.37 -26.04 56.36
C ASN C 90 36.96 -25.50 56.14
N LEU C 91 36.72 -24.32 56.70
CA LEU C 91 35.47 -23.61 56.51
C LEU C 91 35.60 -22.65 55.33
N ARG C 92 34.64 -22.71 54.42
CA ARG C 92 34.67 -21.94 53.20
C ARG C 92 33.79 -20.70 53.35
N THR C 93 33.86 -19.82 52.34
CA THR C 93 33.03 -18.64 52.33
C THR C 93 31.55 -19.03 52.25
N GLY C 94 30.73 -18.40 53.08
CA GLY C 94 29.33 -18.71 53.13
C GLY C 94 28.93 -19.74 54.17
N ASP C 95 29.89 -20.35 54.87
CA ASP C 95 29.58 -21.32 55.89
C ASP C 95 29.00 -20.63 57.13
N THR C 96 27.96 -21.23 57.69
CA THR C 96 27.33 -20.73 58.90
C THR C 96 28.06 -21.32 60.10
N ILE C 97 28.60 -20.45 60.95
CA ILE C 97 29.42 -20.84 62.09
C ILE C 97 28.80 -20.28 63.35
N SER C 98 28.66 -21.13 64.38
CA SER C 98 28.12 -20.75 65.67
C SER C 98 28.94 -21.41 66.78
N GLY C 99 29.16 -20.66 67.85
CA GLY C 99 29.86 -21.21 69.00
C GLY C 99 30.37 -20.12 69.92
N LYS C 100 31.26 -20.52 70.82
CA LYS C 100 31.89 -19.59 71.75
C LYS C 100 32.79 -18.62 71.02
N ILE C 101 32.82 -17.38 71.51
CA ILE C 101 33.65 -16.33 70.94
C ILE C 101 34.56 -15.77 72.03
N ARG C 102 35.68 -15.19 71.61
CA ARG C 102 36.72 -14.74 72.54
C ARG C 102 36.77 -13.22 72.60
N PRO C 103 36.74 -12.63 73.79
CA PRO C 103 37.00 -11.20 73.90
C PRO C 103 38.40 -10.86 73.42
N PRO C 104 38.58 -9.72 72.76
CA PRO C 104 39.90 -9.38 72.22
C PRO C 104 40.83 -8.81 73.28
N LYS C 105 42.09 -9.19 73.20
CA LYS C 105 43.12 -8.66 74.07
C LYS C 105 43.84 -7.51 73.36
N GLU C 106 44.75 -6.85 74.06
CA GLU C 106 45.41 -5.66 73.53
C GLU C 106 46.26 -6.01 72.32
N GLY C 107 45.98 -5.35 71.19
CA GLY C 107 46.66 -5.61 69.93
C GLY C 107 45.70 -5.84 68.78
N GLU C 108 44.50 -6.30 69.07
CA GLU C 108 43.46 -6.52 68.05
C GLU C 108 42.16 -5.90 68.53
N ARG C 109 41.33 -5.52 67.56
CA ARG C 109 40.06 -4.87 67.83
C ARG C 109 38.84 -5.70 67.41
N TYR C 110 39.05 -6.98 67.12
CA TYR C 110 37.99 -7.86 66.66
C TYR C 110 37.85 -9.05 67.60
N PHE C 111 36.61 -9.41 67.92
CA PHE C 111 36.36 -10.57 68.77
C PHE C 111 36.70 -11.85 68.02
N ALA C 112 37.44 -12.75 68.69
CA ALA C 112 37.85 -14.00 68.08
C ALA C 112 36.82 -15.09 68.40
N LEU C 113 37.05 -16.27 67.84
CA LEU C 113 36.17 -17.42 68.02
C LEU C 113 36.93 -18.49 68.81
N LEU C 114 36.38 -18.86 69.97
CA LEU C 114 37.02 -19.90 70.78
C LEU C 114 36.64 -21.29 70.27
N LYS C 115 35.37 -21.65 70.38
CA LYS C 115 34.86 -22.96 70.02
C LYS C 115 33.75 -22.81 68.99
N VAL C 116 33.52 -23.89 68.24
CA VAL C 116 32.43 -23.97 67.28
C VAL C 116 31.44 -25.02 67.78
N ASN C 117 30.16 -24.68 67.75
CA ASN C 117 29.11 -25.57 68.24
C ASN C 117 28.21 -26.11 67.14
N GLU C 118 28.16 -25.45 65.98
CA GLU C 118 27.29 -25.89 64.90
C GLU C 118 27.78 -25.28 63.61
N VAL C 119 27.92 -26.11 62.57
CA VAL C 119 28.34 -25.67 61.24
C VAL C 119 27.25 -26.02 60.26
N ASN C 120 26.74 -25.01 59.56
CA ASN C 120 25.67 -25.18 58.58
C ASN C 120 24.46 -25.88 59.21
N PHE C 121 24.13 -25.47 60.43
CA PHE C 121 23.04 -26.09 61.20
C PHE C 121 23.25 -27.60 61.34
N ASP C 122 24.50 -28.00 61.59
CA ASP C 122 24.83 -29.40 61.74
C ASP C 122 26.02 -29.52 62.68
N LYS C 123 26.25 -30.74 63.16
CA LYS C 123 27.36 -31.00 64.05
C LYS C 123 28.69 -30.70 63.35
N PRO C 124 29.63 -30.02 64.02
CA PRO C 124 30.79 -29.47 63.30
C PRO C 124 31.58 -30.46 62.47
N GLU C 125 32.00 -31.58 63.05
CA GLU C 125 32.82 -32.53 62.29
C GLU C 125 31.98 -33.46 61.42
N ASN C 126 30.65 -33.37 61.49
CA ASN C 126 29.81 -34.13 60.57
C ASN C 126 29.88 -33.57 59.15
N ALA C 127 30.05 -32.26 59.02
CA ALA C 127 30.09 -31.60 57.72
C ALA C 127 31.46 -31.70 57.05
N ARG C 128 32.43 -32.35 57.70
CA ARG C 128 33.76 -32.46 57.11
C ARG C 128 33.73 -33.27 55.82
N ASN C 129 32.96 -34.35 55.79
CA ASN C 129 32.83 -35.19 54.61
C ASN C 129 31.58 -34.82 53.82
N LYS C 130 31.61 -33.61 53.25
CA LYS C 130 30.50 -33.08 52.48
C LYS C 130 30.90 -32.86 51.04
N ILE C 131 29.96 -33.09 50.13
CA ILE C 131 30.20 -33.00 48.70
C ILE C 131 30.27 -31.53 48.27
N LEU C 132 31.12 -31.27 47.27
CA LEU C 132 31.21 -29.92 46.71
C LEU C 132 29.99 -29.59 45.87
N PHE C 133 29.66 -28.31 45.81
CA PHE C 133 28.55 -27.86 44.98
C PHE C 133 28.86 -28.06 43.49
N GLU C 134 30.06 -27.71 43.07
CA GLU C 134 30.42 -27.82 41.65
C GLU C 134 30.59 -29.27 41.22
N ASN C 135 30.96 -30.15 42.14
CA ASN C 135 31.10 -31.57 41.80
C ASN C 135 29.75 -32.24 41.60
N LEU C 136 28.67 -31.66 42.12
CA LEU C 136 27.35 -32.22 41.92
C LEU C 136 26.92 -32.08 40.46
N THR C 137 26.31 -33.14 39.93
CA THR C 137 25.85 -33.04 38.56
C THR C 137 24.47 -32.37 38.51
N PRO C 138 24.27 -31.44 37.59
CA PRO C 138 22.98 -30.76 37.50
C PRO C 138 21.90 -31.68 36.95
N LEU C 139 20.67 -31.16 36.94
CA LEU C 139 19.52 -31.87 36.40
C LEU C 139 18.47 -30.84 35.99
N HIS C 140 17.35 -31.33 35.50
CA HIS C 140 16.26 -30.46 35.10
C HIS C 140 15.30 -30.24 36.27
N ALA C 141 14.28 -29.43 36.05
CA ALA C 141 13.30 -29.11 37.10
C ALA C 141 12.29 -30.25 37.19
N ASN C 142 12.32 -30.98 38.30
CA ASN C 142 11.42 -32.10 38.53
C ASN C 142 10.29 -31.76 39.50
N SER C 143 10.64 -31.23 40.68
CA SER C 143 9.64 -30.93 41.71
C SER C 143 8.99 -29.59 41.40
N ARG C 144 7.69 -29.61 41.11
CA ARG C 144 6.96 -28.39 40.85
C ARG C 144 6.86 -27.55 42.12
N LEU C 145 7.05 -26.24 41.97
CA LEU C 145 6.95 -25.29 43.07
C LEU C 145 5.71 -24.44 42.83
N ARG C 146 4.59 -24.88 43.37
CA ARG C 146 3.31 -24.22 43.13
C ARG C 146 3.29 -22.84 43.80
N MET C 147 2.63 -21.89 43.14
CA MET C 147 2.56 -20.51 43.60
C MET C 147 1.11 -20.11 43.92
N GLU C 148 0.27 -21.08 44.27
CA GLU C 148 -1.13 -20.82 44.58
C GLU C 148 -1.34 -20.94 46.08
N ARG C 149 -1.62 -19.82 46.73
CA ARG C 149 -1.83 -19.83 48.17
C ARG C 149 -3.07 -20.64 48.55
N GLY C 150 -4.16 -20.49 47.78
CA GLY C 150 -5.38 -21.22 48.03
C GLY C 150 -6.36 -20.54 48.95
N ASN C 151 -5.99 -19.42 49.57
CA ASN C 151 -6.88 -18.71 50.48
C ASN C 151 -7.83 -17.76 49.76
N GLY C 152 -7.67 -17.59 48.45
CA GLY C 152 -8.55 -16.71 47.69
C GLY C 152 -8.44 -15.25 48.06
N SER C 153 -7.22 -14.74 48.25
CA SER C 153 -7.02 -13.35 48.61
C SER C 153 -7.18 -12.45 47.37
N THR C 154 -7.04 -11.15 47.59
CA THR C 154 -7.16 -10.20 46.48
C THR C 154 -5.92 -10.24 45.60
N GLU C 155 -4.74 -10.02 46.19
CA GLU C 155 -3.50 -10.09 45.44
C GLU C 155 -3.14 -11.52 45.07
N ASP C 156 -3.75 -12.52 45.72
CA ASP C 156 -3.48 -13.91 45.38
C ASP C 156 -3.73 -14.19 43.91
N LEU C 157 -4.70 -13.50 43.31
CA LEU C 157 -4.98 -13.67 41.89
C LEU C 157 -3.72 -13.47 41.06
N THR C 158 -2.91 -12.47 41.41
CA THR C 158 -1.63 -12.28 40.73
C THR C 158 -0.81 -13.56 40.74
N ALA C 159 -0.63 -14.15 41.92
CA ALA C 159 0.09 -15.41 42.01
C ALA C 159 -0.56 -16.48 41.16
N ARG C 160 -1.89 -16.52 41.14
CA ARG C 160 -2.59 -17.48 40.29
C ARG C 160 -2.20 -17.28 38.83
N VAL C 161 -2.15 -16.02 38.37
CA VAL C 161 -1.74 -15.76 37.00
C VAL C 161 -0.35 -16.33 36.75
N LEU C 162 0.52 -16.25 37.75
CA LEU C 162 1.85 -16.84 37.62
C LEU C 162 1.76 -18.32 37.31
N ASP C 163 0.93 -19.05 38.05
CA ASP C 163 0.77 -20.48 37.81
C ASP C 163 0.20 -20.76 36.42
N LEU C 164 -0.44 -19.78 35.81
CA LEU C 164 -0.95 -19.95 34.46
C LEU C 164 0.02 -19.47 33.40
N ALA C 165 1.01 -18.66 33.77
CA ALA C 165 1.95 -18.11 32.80
C ALA C 165 3.21 -18.97 32.67
N SER C 166 3.92 -19.17 33.77
CA SER C 166 5.13 -19.99 33.76
C SER C 166 5.16 -20.85 35.02
N LEU C 167 5.89 -21.96 34.92
CA LEU C 167 5.95 -22.95 35.99
C LEU C 167 7.29 -22.83 36.71
N ILE C 168 7.24 -22.67 38.03
CA ILE C 168 8.44 -22.58 38.84
C ILE C 168 8.83 -23.97 39.30
N GLY C 169 10.09 -24.34 39.10
CA GLY C 169 10.57 -25.64 39.51
C GLY C 169 11.64 -25.52 40.57
N ARG C 170 11.79 -26.59 41.34
CA ARG C 170 12.81 -26.65 42.37
C ARG C 170 14.18 -26.78 41.70
N GLY C 171 14.90 -25.67 41.60
CA GLY C 171 16.11 -25.61 40.81
C GLY C 171 15.97 -24.88 39.50
N GLN C 172 14.97 -24.02 39.36
CA GLN C 172 14.68 -23.32 38.11
C GLN C 172 15.67 -22.17 37.96
N ARG C 173 15.78 -21.62 36.74
CA ARG C 173 16.64 -20.46 36.49
C ARG C 173 15.85 -19.50 35.61
N GLY C 174 15.38 -18.41 36.21
CA GLY C 174 14.37 -17.57 35.59
C GLY C 174 14.84 -16.14 35.37
N LEU C 175 14.30 -15.53 34.32
CA LEU C 175 14.47 -14.12 34.02
C LEU C 175 13.11 -13.43 34.10
N ILE C 176 13.10 -12.21 34.64
CA ILE C 176 11.91 -11.37 34.67
C ILE C 176 12.24 -10.14 33.84
N VAL C 177 11.81 -10.13 32.59
CA VAL C 177 12.07 -9.03 31.68
C VAL C 177 10.93 -8.02 31.86
N ALA C 178 11.24 -6.90 32.49
CA ALA C 178 10.24 -5.88 32.79
C ALA C 178 10.79 -4.49 32.53
N PRO C 179 9.96 -3.57 32.05
CA PRO C 179 10.36 -2.17 31.95
C PRO C 179 10.19 -1.49 33.31
N PRO C 180 10.65 -0.25 33.45
CA PRO C 180 10.39 0.49 34.69
C PRO C 180 8.90 0.72 34.87
N LYS C 181 8.49 0.81 36.15
CA LYS C 181 7.09 1.05 36.52
C LYS C 181 6.17 -0.06 36.01
N ALA C 182 6.64 -1.31 36.03
CA ALA C 182 5.84 -2.43 35.55
C ALA C 182 5.28 -3.29 36.67
N GLY C 183 5.67 -3.06 37.92
CA GLY C 183 5.17 -3.83 39.03
C GLY C 183 5.95 -5.07 39.39
N LYS C 184 7.24 -5.13 39.06
CA LYS C 184 8.02 -6.33 39.33
C LYS C 184 8.42 -6.45 40.79
N THR C 185 8.54 -5.33 41.51
CA THR C 185 9.02 -5.38 42.89
C THR C 185 8.05 -6.15 43.78
N MET C 186 6.78 -5.77 43.78
CA MET C 186 5.86 -6.53 44.61
C MET C 186 5.32 -7.77 43.91
N LEU C 187 5.61 -7.97 42.63
CA LEU C 187 5.50 -9.30 42.06
C LEU C 187 6.49 -10.25 42.73
N LEU C 188 7.74 -9.80 42.92
CA LEU C 188 8.71 -10.58 43.67
C LEU C 188 8.27 -10.74 45.13
N GLN C 189 7.66 -9.70 45.70
CA GLN C 189 7.15 -9.82 47.06
C GLN C 189 6.06 -10.88 47.15
N ASN C 190 5.16 -10.92 46.15
CA ASN C 190 4.14 -11.97 46.11
C ASN C 190 4.77 -13.35 45.96
N ILE C 191 5.82 -13.46 45.15
CA ILE C 191 6.53 -14.72 45.01
C ILE C 191 7.10 -15.16 46.34
N ALA C 192 7.72 -14.23 47.08
CA ALA C 192 8.30 -14.56 48.39
C ALA C 192 7.21 -14.97 49.37
N GLN C 193 6.07 -14.27 49.35
CA GLN C 193 4.95 -14.64 50.22
C GLN C 193 4.46 -16.04 49.90
N SER C 194 4.37 -16.38 48.61
CA SER C 194 3.94 -17.71 48.21
C SER C 194 4.95 -18.77 48.65
N ILE C 195 6.25 -18.47 48.56
CA ILE C 195 7.25 -19.40 49.05
C ILE C 195 7.09 -19.63 50.54
N ALA C 196 6.89 -18.55 51.30
CA ALA C 196 6.73 -18.70 52.75
C ALA C 196 5.44 -19.43 53.11
N TYR C 197 4.41 -19.30 52.26
CA TYR C 197 3.11 -19.89 52.57
C TYR C 197 3.07 -21.38 52.19
N ASN C 198 3.25 -21.68 50.90
CA ASN C 198 3.08 -23.03 50.39
C ASN C 198 4.26 -23.93 50.73
N HIS C 199 5.47 -23.40 50.77
CA HIS C 199 6.70 -24.20 50.92
C HIS C 199 7.52 -23.65 52.08
N PRO C 200 7.08 -23.86 53.32
CA PRO C 200 7.86 -23.36 54.46
C PRO C 200 9.19 -24.08 54.64
N ASP C 201 9.37 -25.25 54.04
CA ASP C 201 10.58 -26.02 54.27
C ASP C 201 11.79 -25.41 53.57
N CYS C 202 11.61 -24.96 52.33
CA CYS C 202 12.74 -24.46 51.55
C CYS C 202 13.22 -23.12 52.09
N VAL C 203 14.54 -22.92 52.06
CA VAL C 203 15.14 -21.68 52.52
C VAL C 203 14.89 -20.59 51.48
N LEU C 204 14.35 -19.47 51.92
CA LEU C 204 14.04 -18.34 51.06
C LEU C 204 15.07 -17.23 51.27
N MET C 205 15.66 -16.76 50.18
CA MET C 205 16.65 -15.70 50.20
C MET C 205 16.24 -14.62 49.23
N VAL C 206 16.25 -13.38 49.69
CA VAL C 206 15.95 -12.21 48.86
C VAL C 206 17.18 -11.33 48.83
N LEU C 207 17.62 -10.96 47.62
CA LEU C 207 18.80 -10.13 47.43
C LEU C 207 18.41 -8.90 46.63
N LEU C 208 18.73 -7.73 47.17
CA LEU C 208 18.46 -6.46 46.50
C LEU C 208 19.76 -5.72 46.25
N ILE C 209 19.91 -5.20 45.03
CA ILE C 209 21.11 -4.47 44.62
C ILE C 209 20.72 -3.01 44.35
N ASP C 210 21.58 -2.09 44.79
CA ASP C 210 21.46 -0.63 44.61
C ASP C 210 20.01 -0.17 44.60
N GLU C 211 19.26 -0.62 45.59
CA GLU C 211 17.85 -0.28 45.73
C GLU C 211 17.67 0.91 46.67
N ARG C 212 16.54 1.57 46.51
CA ARG C 212 16.21 2.70 47.37
C ARG C 212 16.00 2.23 48.80
N PRO C 213 16.41 3.03 49.80
CA PRO C 213 16.27 2.60 51.19
C PRO C 213 14.83 2.31 51.61
N GLU C 214 13.86 3.05 51.07
CA GLU C 214 12.46 2.78 51.40
C GLU C 214 12.04 1.39 50.93
N GLU C 215 12.47 1.01 49.73
CA GLU C 215 12.18 -0.34 49.25
C GLU C 215 12.85 -1.40 50.12
N VAL C 216 14.07 -1.12 50.58
CA VAL C 216 14.78 -2.04 51.45
C VAL C 216 14.01 -2.25 52.75
N THR C 217 13.57 -1.16 53.37
CA THR C 217 12.88 -1.28 54.65
C THR C 217 11.47 -1.85 54.49
N GLU C 218 10.86 -1.68 53.31
CA GLU C 218 9.57 -2.32 53.07
C GLU C 218 9.74 -3.82 52.85
N MET C 219 10.79 -4.21 52.13
CA MET C 219 11.06 -5.62 51.90
C MET C 219 11.40 -6.33 53.21
N GLN C 220 12.18 -5.66 54.07
CA GLN C 220 12.63 -6.29 55.31
C GLN C 220 11.49 -6.62 56.27
N ARG C 221 10.36 -5.92 56.16
CA ARG C 221 9.23 -6.14 57.06
C ARG C 221 8.02 -6.72 56.32
N LEU C 222 8.23 -7.39 55.19
CA LEU C 222 7.13 -7.93 54.42
C LEU C 222 7.33 -9.41 54.13
N VAL C 223 8.56 -9.87 54.13
CA VAL C 223 8.88 -11.26 53.86
C VAL C 223 9.29 -11.96 55.15
N LYS C 224 9.12 -13.27 55.17
CA LYS C 224 9.46 -14.08 56.34
C LYS C 224 10.91 -14.55 56.32
N GLY C 225 11.40 -15.00 55.17
CA GLY C 225 12.79 -15.37 55.06
C GLY C 225 13.71 -14.17 55.15
N GLU C 226 14.96 -14.43 55.51
CA GLU C 226 15.92 -13.35 55.68
C GLU C 226 16.22 -12.68 54.34
N VAL C 227 16.33 -11.36 54.37
CA VAL C 227 16.51 -10.55 53.16
C VAL C 227 17.75 -9.68 53.35
N VAL C 228 18.56 -9.60 52.29
CA VAL C 228 19.77 -8.79 52.29
C VAL C 228 19.68 -7.81 51.13
N ALA C 229 20.02 -6.55 51.40
CA ALA C 229 19.86 -5.51 50.41
C ALA C 229 21.05 -4.56 50.47
N SER C 230 21.39 -4.00 49.31
CA SER C 230 22.42 -2.99 49.19
C SER C 230 21.83 -1.79 48.48
N THR C 231 22.05 -0.61 49.04
CA THR C 231 21.56 0.63 48.45
C THR C 231 22.57 1.17 47.44
N PHE C 232 22.25 2.30 46.83
CA PHE C 232 23.15 2.94 45.89
C PHE C 232 24.14 3.89 46.54
N ASP C 233 24.04 4.08 47.86
CA ASP C 233 24.99 4.94 48.55
C ASP C 233 26.38 4.32 48.58
N GLU C 234 26.46 3.06 48.97
CA GLU C 234 27.74 2.36 49.04
C GLU C 234 28.23 2.00 47.65
N PRO C 235 29.54 1.80 47.49
CA PRO C 235 30.09 1.57 46.15
C PRO C 235 29.75 0.19 45.62
N ALA C 236 30.10 -0.02 44.34
CA ALA C 236 29.84 -1.30 43.71
C ALA C 236 30.63 -2.44 44.32
N SER C 237 31.72 -2.14 45.01
CA SER C 237 32.47 -3.20 45.70
C SER C 237 31.61 -3.88 46.74
N ARG C 238 30.84 -3.11 47.50
CA ARG C 238 29.93 -3.73 48.46
C ARG C 238 28.85 -4.53 47.74
N HIS C 239 28.35 -4.04 46.61
CA HIS C 239 27.36 -4.79 45.85
C HIS C 239 27.90 -6.17 45.48
N VAL C 240 29.10 -6.21 44.90
CA VAL C 240 29.65 -7.48 44.43
C VAL C 240 30.00 -8.38 45.60
N GLN C 241 30.50 -7.82 46.71
CA GLN C 241 30.84 -8.69 47.83
C GLN C 241 29.58 -9.25 48.48
N VAL C 242 28.50 -8.47 48.53
CA VAL C 242 27.24 -8.98 49.06
C VAL C 242 26.70 -10.08 48.17
N ALA C 243 26.76 -9.89 46.85
CA ALA C 243 26.28 -10.94 45.94
C ALA C 243 27.10 -12.21 46.09
N GLU C 244 28.43 -12.07 46.20
CA GLU C 244 29.28 -13.25 46.37
C GLU C 244 29.00 -13.94 47.69
N MET C 245 28.80 -13.17 48.76
CA MET C 245 28.46 -13.75 50.05
C MET C 245 27.16 -14.55 49.95
N VAL C 246 26.14 -13.97 49.31
CA VAL C 246 24.86 -14.64 49.20
C VAL C 246 24.99 -15.93 48.40
N ILE C 247 25.69 -15.88 47.27
CA ILE C 247 25.79 -17.07 46.42
C ILE C 247 26.60 -18.16 47.11
N GLU C 248 27.66 -17.78 47.84
CA GLU C 248 28.44 -18.78 48.55
C GLU C 248 27.66 -19.41 49.69
N LYS C 249 26.89 -18.60 50.42
CA LYS C 249 26.05 -19.15 51.48
C LYS C 249 25.00 -20.08 50.91
N ALA C 250 24.40 -19.72 49.77
CA ALA C 250 23.42 -20.58 49.14
C ALA C 250 24.05 -21.90 48.69
N LYS C 251 25.26 -21.84 48.13
CA LYS C 251 25.95 -23.05 47.72
C LYS C 251 26.25 -23.94 48.92
N ARG C 252 26.71 -23.34 50.03
CA ARG C 252 27.02 -24.12 51.22
C ARG C 252 25.75 -24.77 51.79
N LEU C 253 24.63 -24.04 51.76
CA LEU C 253 23.38 -24.60 52.26
C LEU C 253 22.88 -25.73 51.37
N VAL C 254 22.92 -25.55 50.05
CA VAL C 254 22.44 -26.59 49.15
C VAL C 254 23.39 -27.79 49.13
N GLU C 255 24.63 -27.62 49.55
CA GLU C 255 25.54 -28.75 49.69
C GLU C 255 25.03 -29.75 50.74
N HIS C 256 24.18 -29.30 51.66
CA HIS C 256 23.61 -30.16 52.69
C HIS C 256 22.22 -30.67 52.30
N LYS C 257 21.97 -30.84 51.01
CA LYS C 257 20.68 -31.34 50.50
C LYS C 257 19.52 -30.47 50.96
N LYS C 258 19.72 -29.15 50.95
CA LYS C 258 18.69 -28.19 51.29
C LYS C 258 18.22 -27.47 50.02
N ASP C 259 17.00 -26.96 50.08
CA ASP C 259 16.41 -26.23 48.97
C ASP C 259 16.56 -24.73 49.23
N VAL C 260 17.26 -24.03 48.33
CA VAL C 260 17.54 -22.61 48.45
C VAL C 260 16.88 -21.88 47.29
N ILE C 261 16.25 -20.75 47.59
CA ILE C 261 15.62 -19.90 46.58
C ILE C 261 16.16 -18.49 46.73
N ILE C 262 16.60 -17.90 45.63
CA ILE C 262 17.19 -16.56 45.63
C ILE C 262 16.42 -15.70 44.65
N LEU C 263 15.80 -14.64 45.16
CA LEU C 263 15.14 -13.64 44.34
C LEU C 263 16.07 -12.45 44.19
N LEU C 264 16.43 -12.12 42.95
CA LEU C 264 17.46 -11.13 42.68
C LEU C 264 16.85 -9.93 41.96
N ASP C 265 17.11 -8.74 42.51
CA ASP C 265 16.64 -7.47 41.96
C ASP C 265 17.80 -6.49 42.03
N SER C 266 18.54 -6.35 40.93
CA SER C 266 18.31 -7.05 39.67
C SER C 266 19.64 -7.54 39.08
N ILE C 267 19.54 -8.42 38.08
CA ILE C 267 20.75 -8.91 37.42
C ILE C 267 21.44 -7.79 36.65
N THR C 268 20.68 -6.83 36.13
CA THR C 268 21.27 -5.73 35.37
C THR C 268 22.15 -4.87 36.26
N ARG C 269 21.65 -4.51 37.44
CA ARG C 269 22.43 -3.68 38.35
C ARG C 269 23.67 -4.42 38.86
N LEU C 270 23.52 -5.72 39.13
CA LEU C 270 24.68 -6.51 39.55
C LEU C 270 25.72 -6.58 38.45
N ALA C 271 25.27 -6.75 37.20
CA ALA C 271 26.21 -6.76 36.08
C ALA C 271 26.92 -5.42 35.94
N ARG C 272 26.18 -4.32 36.11
CA ARG C 272 26.81 -3.00 36.06
C ARG C 272 27.84 -2.82 37.16
N ALA C 273 27.52 -3.27 38.38
CA ALA C 273 28.48 -3.18 39.47
C ALA C 273 29.73 -4.01 39.19
N TYR C 274 29.54 -5.22 38.68
CA TYR C 274 30.68 -6.06 38.31
C TYR C 274 31.52 -5.39 37.24
N ASN C 275 30.86 -4.74 36.27
CA ASN C 275 31.59 -4.03 35.23
C ASN C 275 32.43 -2.91 35.82
N THR C 276 31.86 -2.13 36.73
CA THR C 276 32.58 -0.98 37.25
C THR C 276 33.53 -1.33 38.40
N VAL C 277 33.58 -2.57 38.85
CA VAL C 277 34.57 -2.98 39.84
C VAL C 277 35.70 -3.80 39.23
N VAL C 278 35.45 -4.57 38.18
CA VAL C 278 36.47 -5.46 37.63
C VAL C 278 37.54 -4.63 36.92
N PRO C 279 38.81 -5.02 36.99
CA PRO C 279 39.83 -4.34 36.19
C PRO C 279 39.53 -4.48 34.69
N ALA C 280 39.85 -3.43 33.95
CA ALA C 280 39.60 -3.43 32.51
C ALA C 280 40.58 -4.35 31.79
N SER C 281 40.05 -5.20 30.93
CA SER C 281 40.86 -6.14 30.16
C SER C 281 41.29 -5.59 28.81
N GLY C 282 40.86 -4.39 28.44
CA GLY C 282 41.19 -3.79 27.18
C GLY C 282 40.23 -4.07 26.05
N LYS C 283 39.37 -5.07 26.19
CA LYS C 283 38.36 -5.40 25.18
C LYS C 283 37.01 -4.93 25.69
N VAL C 284 36.52 -3.83 25.11
CA VAL C 284 35.25 -3.22 25.52
C VAL C 284 34.23 -3.45 24.41
N LEU C 285 33.05 -3.89 24.79
CA LEU C 285 31.95 -4.10 23.85
C LEU C 285 31.19 -2.79 23.67
N THR C 286 30.11 -2.85 22.88
CA THR C 286 29.27 -1.68 22.70
C THR C 286 28.55 -1.34 24.01
N GLY C 287 28.36 -0.04 24.24
CA GLY C 287 27.74 0.43 25.46
C GLY C 287 28.69 0.62 26.63
N GLY C 288 29.97 0.32 26.46
CA GLY C 288 30.94 0.50 27.52
C GLY C 288 31.11 -0.67 28.46
N VAL C 289 30.70 -1.86 28.05
CA VAL C 289 30.80 -3.06 28.88
C VAL C 289 32.04 -3.84 28.47
N ASP C 290 32.84 -4.24 29.45
CA ASP C 290 34.02 -5.05 29.17
C ASP C 290 33.62 -6.48 28.86
N ALA C 291 34.49 -7.16 28.12
CA ALA C 291 34.20 -8.53 27.70
C ALA C 291 34.14 -9.48 28.89
N ASN C 292 35.15 -9.45 29.75
CA ASN C 292 35.18 -10.33 30.92
C ASN C 292 34.36 -9.80 32.08
N ALA C 293 33.94 -8.53 32.04
CA ALA C 293 33.15 -7.98 33.14
C ALA C 293 31.86 -8.74 33.33
N LEU C 294 31.27 -9.23 32.24
CA LEU C 294 30.02 -9.98 32.32
C LEU C 294 30.25 -11.45 32.64
N HIS C 295 31.50 -11.88 32.76
CA HIS C 295 31.78 -13.27 33.11
C HIS C 295 31.32 -13.58 34.54
N ARG C 296 31.62 -12.69 35.48
CA ARG C 296 31.28 -12.94 36.88
C ARG C 296 29.79 -13.09 37.14
N PRO C 297 28.90 -12.23 36.60
CA PRO C 297 27.46 -12.42 36.88
C PRO C 297 26.93 -13.78 36.46
N LYS C 298 27.39 -14.32 35.33
CA LYS C 298 26.93 -15.64 34.91
C LYS C 298 27.24 -16.69 35.96
N ARG C 299 28.45 -16.64 36.52
CA ARG C 299 28.81 -17.59 37.58
C ARG C 299 27.87 -17.45 38.77
N PHE C 300 27.34 -16.24 38.99
CA PHE C 300 26.30 -16.07 39.99
C PHE C 300 24.97 -16.63 39.49
N PHE C 301 24.62 -16.36 38.23
CA PHE C 301 23.33 -16.76 37.68
C PHE C 301 23.32 -18.18 37.16
N GLY C 302 24.46 -18.72 36.75
CA GLY C 302 24.53 -20.08 36.29
C GLY C 302 24.61 -21.13 37.38
N ALA C 303 24.72 -20.71 38.63
CA ALA C 303 24.73 -21.65 39.75
C ALA C 303 23.38 -22.32 39.97
N ALA C 304 22.32 -21.81 39.36
CA ALA C 304 21.01 -22.44 39.51
C ALA C 304 21.00 -23.80 38.84
N ARG C 305 20.62 -24.83 39.60
CA ARG C 305 20.63 -26.19 39.09
C ARG C 305 19.75 -27.05 40.00
N ASN C 306 19.53 -28.29 39.56
CA ASN C 306 18.83 -29.29 40.35
C ASN C 306 19.78 -30.46 40.58
N VAL C 307 19.91 -30.87 41.84
CA VAL C 307 20.88 -31.88 42.24
C VAL C 307 20.13 -33.16 42.61
N GLU C 308 20.52 -34.28 41.99
CA GLU C 308 19.89 -35.55 42.29
C GLU C 308 20.29 -36.08 43.66
N GLU C 309 21.47 -35.67 44.16
CA GLU C 309 21.88 -36.08 45.50
C GLU C 309 20.93 -35.54 46.55
N GLY C 310 20.48 -34.30 46.38
CA GLY C 310 19.55 -33.69 47.31
C GLY C 310 19.58 -32.18 47.28
N GLY C 311 18.41 -31.56 47.35
CA GLY C 311 18.31 -30.12 47.35
C GLY C 311 18.46 -29.52 45.97
N SER C 312 18.25 -28.21 45.90
CA SER C 312 18.38 -27.47 44.66
C SER C 312 18.59 -26.00 44.98
N LEU C 313 18.96 -25.24 43.96
CA LEU C 313 19.23 -23.81 44.08
C LEU C 313 18.46 -23.09 42.97
N THR C 314 17.27 -22.60 43.30
CA THR C 314 16.46 -21.84 42.37
C THR C 314 16.86 -20.37 42.43
N ILE C 315 16.98 -19.74 41.26
CA ILE C 315 17.33 -18.34 41.15
C ILE C 315 16.32 -17.66 40.22
N ILE C 316 15.59 -16.68 40.75
CA ILE C 316 14.68 -15.87 39.97
C ILE C 316 15.22 -14.45 39.99
N ALA C 317 15.88 -14.05 38.91
CA ALA C 317 16.50 -12.75 38.81
C ALA C 317 15.78 -11.91 37.76
N THR C 318 15.52 -10.65 38.11
CA THR C 318 14.83 -9.77 37.18
C THR C 318 15.84 -8.96 36.36
N ALA C 319 15.43 -8.61 35.14
CA ALA C 319 16.27 -7.85 34.22
C ALA C 319 15.52 -6.61 33.75
N LEU C 320 16.26 -5.51 33.57
CA LEU C 320 15.68 -4.24 33.18
C LEU C 320 15.85 -4.04 31.67
N ILE C 321 14.75 -3.66 31.01
CA ILE C 321 14.77 -3.35 29.58
C ILE C 321 14.06 -2.03 29.38
N ASP C 322 14.31 -1.42 28.22
CA ASP C 322 13.66 -0.17 27.82
C ASP C 322 13.89 0.91 28.87
N THR C 323 15.10 0.97 29.41
CA THR C 323 15.46 1.96 30.42
C THR C 323 16.13 3.19 29.82
N GLY C 324 16.29 3.24 28.49
CA GLY C 324 16.94 4.36 27.85
C GLY C 324 18.46 4.28 27.82
N SER C 325 19.06 3.25 28.41
CA SER C 325 20.50 3.08 28.42
C SER C 325 20.86 1.83 27.61
N LYS C 326 21.78 1.98 26.66
CA LYS C 326 22.20 0.86 25.84
C LYS C 326 22.96 -0.18 26.63
N MET C 327 23.50 0.18 27.80
CA MET C 327 24.18 -0.80 28.65
C MET C 327 23.21 -1.89 29.10
N ASP C 328 22.01 -1.48 29.52
CA ASP C 328 20.99 -2.46 29.92
C ASP C 328 20.56 -3.33 28.75
N GLU C 329 20.45 -2.73 27.56
CA GLU C 329 20.09 -3.52 26.38
C GLU C 329 21.17 -4.54 26.06
N VAL C 330 22.44 -4.17 26.17
CA VAL C 330 23.53 -5.11 25.94
C VAL C 330 23.48 -6.23 26.97
N ILE C 331 23.24 -5.88 28.24
CA ILE C 331 23.18 -6.90 29.29
C ILE C 331 22.04 -7.87 29.03
N TYR C 332 20.87 -7.35 28.63
CA TYR C 332 19.74 -8.22 28.32
C TYR C 332 20.06 -9.13 27.16
N GLU C 333 20.50 -8.56 26.04
CA GLU C 333 20.83 -9.35 24.86
C GLU C 333 21.94 -10.36 25.14
N GLU C 334 22.73 -10.13 26.18
CA GLU C 334 23.85 -11.00 26.50
C GLU C 334 23.46 -12.08 27.51
N PHE C 335 22.37 -11.88 28.26
CA PHE C 335 21.75 -12.91 29.08
C PHE C 335 20.48 -13.48 28.46
N LYS C 336 20.29 -13.30 27.15
CA LYS C 336 19.00 -13.58 26.54
C LYS C 336 18.60 -15.04 26.68
N GLY C 337 19.40 -15.95 26.11
CA GLY C 337 19.03 -17.35 26.09
C GLY C 337 19.66 -18.20 27.17
N THR C 338 20.14 -17.56 28.23
CA THR C 338 20.87 -18.27 29.28
C THR C 338 19.97 -18.80 30.39
N GLY C 339 18.69 -18.45 30.39
CA GLY C 339 17.76 -18.88 31.43
C GLY C 339 16.69 -19.80 30.86
N ASN C 340 16.31 -20.81 31.65
CA ASN C 340 15.31 -21.77 31.21
C ASN C 340 13.90 -21.42 31.66
N MET C 341 13.71 -20.29 32.34
CA MET C 341 12.39 -19.72 32.55
C MET C 341 12.44 -18.25 32.18
N GLU C 342 11.39 -17.77 31.51
CA GLU C 342 11.40 -16.39 31.03
C GLU C 342 10.00 -15.82 31.17
N LEU C 343 9.84 -14.81 32.03
CA LEU C 343 8.57 -14.13 32.24
C LEU C 343 8.71 -12.68 31.82
N HIS C 344 7.84 -12.24 30.93
CA HIS C 344 7.89 -10.89 30.38
C HIS C 344 6.75 -10.04 30.94
N LEU C 345 7.09 -8.82 31.33
CA LEU C 345 6.10 -7.82 31.73
C LEU C 345 6.10 -6.71 30.70
N SER C 346 4.91 -6.20 30.38
CA SER C 346 4.74 -5.22 29.32
C SER C 346 4.28 -3.88 29.90
N ARG C 347 4.86 -2.80 29.37
CA ARG C 347 4.47 -1.47 29.83
C ARG C 347 3.08 -1.09 29.33
N LYS C 348 2.66 -1.61 28.17
CA LYS C 348 1.34 -1.29 27.66
C LYS C 348 0.25 -1.78 28.60
N ILE C 349 0.40 -2.99 29.14
CA ILE C 349 -0.57 -3.51 30.08
C ILE C 349 -0.51 -2.73 31.39
N ALA C 350 0.69 -2.33 31.81
CA ALA C 350 0.83 -1.58 33.06
C ALA C 350 0.15 -0.21 32.97
N GLU C 351 0.28 0.46 31.83
CA GLU C 351 -0.33 1.79 31.67
C GLU C 351 -1.85 1.71 31.75
N LYS C 352 -2.44 0.59 31.35
CA LYS C 352 -3.88 0.37 31.45
C LYS C 352 -4.32 0.16 32.90
N ARG C 353 -3.36 0.00 33.82
CA ARG C 353 -3.60 -0.15 35.25
C ARG C 353 -4.25 -1.49 35.61
N VAL C 354 -4.26 -2.44 34.68
CA VAL C 354 -4.67 -3.81 34.98
C VAL C 354 -3.42 -4.60 35.36
N PHE C 355 -3.47 -5.28 36.50
CA PHE C 355 -2.29 -5.93 37.05
C PHE C 355 -2.62 -7.35 37.46
N PRO C 356 -1.62 -8.26 37.39
CA PRO C 356 -0.24 -8.04 36.97
C PRO C 356 -0.10 -7.85 35.47
N ALA C 357 0.85 -7.03 35.02
CA ALA C 357 1.07 -6.79 33.60
C ALA C 357 2.04 -7.85 33.10
N ILE C 358 1.51 -8.92 32.51
CA ILE C 358 2.31 -10.06 32.08
C ILE C 358 2.08 -10.27 30.58
N ASP C 359 3.18 -10.35 29.83
CA ASP C 359 3.13 -10.70 28.42
C ASP C 359 3.00 -12.21 28.31
N TYR C 360 1.77 -12.70 28.16
CA TYR C 360 1.53 -14.13 28.19
C TYR C 360 2.20 -14.84 27.04
N ASN C 361 2.02 -14.33 25.82
CA ASN C 361 2.52 -15.02 24.64
C ASN C 361 4.04 -15.08 24.63
N ARG C 362 4.71 -14.01 25.06
CA ARG C 362 6.16 -13.94 25.02
C ARG C 362 6.82 -14.57 26.24
N SER C 363 6.05 -15.11 27.17
CA SER C 363 6.58 -15.74 28.37
C SER C 363 6.26 -17.23 28.36
N GLY C 364 7.18 -18.01 28.90
CA GLY C 364 7.00 -19.45 28.94
C GLY C 364 8.13 -20.11 29.71
N THR C 365 7.99 -21.42 29.87
CA THR C 365 8.96 -22.24 30.61
C THR C 365 9.56 -23.27 29.66
N ARG C 366 10.88 -23.44 29.75
CA ARG C 366 11.59 -24.42 28.94
C ARG C 366 11.52 -25.78 29.59
N LYS C 367 11.03 -26.78 28.83
CA LYS C 367 10.87 -28.15 29.31
C LYS C 367 10.01 -28.20 30.57
N GLU C 368 8.80 -27.66 30.46
CA GLU C 368 7.87 -27.64 31.59
C GLU C 368 7.20 -29.00 31.81
N GLU C 369 7.32 -29.92 30.86
CA GLU C 369 6.66 -31.22 30.98
C GLU C 369 7.21 -32.03 32.14
N LEU C 370 8.51 -31.86 32.46
CA LEU C 370 9.09 -32.59 33.58
C LEU C 370 8.58 -32.10 34.93
N LEU C 371 7.89 -30.97 34.97
CA LEU C 371 7.43 -30.39 36.23
C LEU C 371 6.04 -30.87 36.61
N THR C 372 5.07 -30.69 35.73
CA THR C 372 3.66 -30.92 36.03
C THR C 372 3.20 -32.29 35.55
N THR C 373 1.93 -32.58 35.76
CA THR C 373 1.30 -33.80 35.31
C THR C 373 0.93 -33.68 33.83
N GLN C 374 0.18 -34.65 33.32
CA GLN C 374 -0.16 -34.63 31.90
C GLN C 374 -1.40 -33.78 31.64
N GLU C 375 -2.53 -34.17 32.25
CA GLU C 375 -3.82 -33.60 31.85
C GLU C 375 -3.84 -32.08 32.04
N GLU C 376 -3.28 -31.58 33.14
CA GLU C 376 -3.22 -30.14 33.31
C GLU C 376 -2.25 -29.49 32.31
N LEU C 377 -1.31 -30.26 31.76
CA LEU C 377 -0.47 -29.71 30.70
C LEU C 377 -1.28 -29.45 29.43
N GLN C 378 -2.16 -30.37 29.04
CA GLN C 378 -3.06 -30.07 27.93
C GLN C 378 -4.07 -29.00 28.30
N LYS C 379 -4.48 -28.91 29.56
CA LYS C 379 -5.34 -27.80 29.98
C LYS C 379 -4.65 -26.47 29.73
N MET C 380 -3.38 -26.36 30.14
CA MET C 380 -2.60 -25.16 29.91
C MET C 380 -2.37 -24.91 28.43
N TRP C 381 -2.17 -25.96 27.64
CA TRP C 381 -1.99 -25.77 26.20
C TRP C 381 -3.27 -25.28 25.53
N ILE C 382 -4.42 -25.77 25.97
CA ILE C 382 -5.69 -25.27 25.46
C ILE C 382 -5.87 -23.81 25.83
N LEU C 383 -5.53 -23.46 27.07
CA LEU C 383 -5.59 -22.06 27.48
C LEU C 383 -4.65 -21.20 26.64
N ARG C 384 -3.45 -21.71 26.36
CA ARG C 384 -2.49 -20.96 25.55
C ARG C 384 -3.00 -20.75 24.14
N LYS C 385 -3.60 -21.80 23.53
CA LYS C 385 -4.06 -21.67 22.16
C LYS C 385 -5.31 -20.81 22.05
N ILE C 386 -6.13 -20.75 23.12
CA ILE C 386 -7.28 -19.85 23.08
C ILE C 386 -6.89 -18.42 23.41
N ILE C 387 -5.78 -18.22 24.14
CA ILE C 387 -5.32 -16.87 24.44
C ILE C 387 -4.51 -16.28 23.29
N HIS C 388 -3.78 -17.12 22.55
CA HIS C 388 -2.83 -16.64 21.56
C HIS C 388 -3.41 -15.67 20.53
N PRO C 389 -4.58 -15.89 19.93
CA PRO C 389 -5.08 -14.91 18.96
C PRO C 389 -5.29 -13.52 19.55
N MET C 390 -5.68 -13.42 20.82
CA MET C 390 -5.93 -12.14 21.43
C MET C 390 -4.61 -11.39 21.68
N GLY C 391 -4.70 -10.07 21.70
CA GLY C 391 -3.54 -9.26 22.01
C GLY C 391 -3.15 -9.36 23.47
N GLU C 392 -1.95 -8.87 23.79
CA GLU C 392 -1.43 -9.00 25.15
C GLU C 392 -2.34 -8.31 26.16
N ILE C 393 -2.74 -7.08 25.89
CA ILE C 393 -3.64 -6.38 26.80
C ILE C 393 -4.98 -7.10 26.88
N ASP C 394 -5.58 -7.40 25.73
CA ASP C 394 -6.89 -8.03 25.70
C ASP C 394 -6.87 -9.38 26.40
N ALA C 395 -5.85 -10.20 26.12
CA ALA C 395 -5.69 -11.45 26.84
C ALA C 395 -5.57 -11.21 28.33
N MET C 396 -4.94 -10.10 28.72
CA MET C 396 -4.76 -9.84 30.13
C MET C 396 -6.10 -9.55 30.82
N GLU C 397 -6.93 -8.66 30.25
CA GLU C 397 -8.19 -8.42 30.96
C GLU C 397 -9.12 -9.62 30.86
N PHE C 398 -9.02 -10.38 29.76
CA PHE C 398 -9.83 -11.60 29.67
C PHE C 398 -9.44 -12.57 30.78
N LEU C 399 -8.14 -12.75 31.01
CA LEU C 399 -7.69 -13.65 32.07
C LEU C 399 -8.10 -13.14 33.44
N ILE C 400 -8.00 -11.82 33.67
CA ILE C 400 -8.42 -11.27 34.96
C ILE C 400 -9.90 -11.50 35.18
N ASN C 401 -10.72 -11.23 34.16
CA ASN C 401 -12.17 -11.42 34.30
C ASN C 401 -12.52 -12.88 34.54
N LYS C 402 -11.85 -13.80 33.83
CA LYS C 402 -12.15 -15.22 34.00
C LYS C 402 -11.71 -15.72 35.37
N LEU C 403 -10.57 -15.23 35.88
CA LEU C 403 -10.10 -15.65 37.19
C LEU C 403 -10.93 -15.04 38.31
N ALA C 404 -11.54 -13.87 38.06
CA ALA C 404 -12.34 -13.22 39.09
C ALA C 404 -13.57 -14.04 39.45
N MET C 405 -14.22 -14.64 38.44
CA MET C 405 -15.45 -15.40 38.67
C MET C 405 -15.20 -16.81 39.19
N THR C 406 -13.95 -17.26 39.22
CA THR C 406 -13.61 -18.59 39.72
C THR C 406 -12.95 -18.47 41.09
N LYS C 407 -12.54 -19.62 41.63
CA LYS C 407 -11.90 -19.68 42.94
C LYS C 407 -10.47 -20.19 42.87
N THR C 408 -10.25 -21.33 42.23
CA THR C 408 -8.92 -21.91 42.10
C THR C 408 -8.62 -22.18 40.63
N ASN C 409 -7.39 -22.64 40.37
CA ASN C 409 -6.99 -22.93 39.00
C ASN C 409 -7.78 -24.12 38.44
N ASP C 410 -8.08 -25.11 39.27
CA ASP C 410 -8.84 -26.26 38.81
C ASP C 410 -10.23 -25.86 38.36
N ASP C 411 -10.91 -25.03 39.15
CA ASP C 411 -12.24 -24.56 38.77
C ASP C 411 -12.15 -23.69 37.52
N PHE C 412 -11.09 -22.91 37.39
CA PHE C 412 -10.89 -22.11 36.18
C PHE C 412 -10.78 -23.00 34.96
N PHE C 413 -10.01 -24.08 35.05
CA PHE C 413 -9.88 -25.01 33.92
C PHE C 413 -11.20 -25.70 33.62
N GLU C 414 -11.94 -26.07 34.66
CA GLU C 414 -13.25 -26.69 34.46
C GLU C 414 -14.19 -25.75 33.72
N MET C 415 -14.20 -24.47 34.10
CA MET C 415 -15.11 -23.52 33.45
C MET C 415 -14.63 -23.13 32.06
N MET C 416 -13.32 -23.19 31.81
CA MET C 416 -12.81 -23.10 30.44
C MET C 416 -13.34 -24.24 29.58
N LYS C 417 -13.21 -25.48 30.07
CA LYS C 417 -13.53 -26.62 29.21
C LYS C 417 -15.03 -26.78 29.04
N ARG C 418 -15.82 -26.40 30.04
CA ARG C 418 -17.28 -26.55 29.93
C ARG C 418 -17.88 -25.54 28.95
N SER C 419 -17.18 -24.44 28.66
CA SER C 419 -17.69 -23.45 27.73
C SER C 419 -17.61 -23.93 26.30
N MET D 1 25.54 41.98 72.10
CA MET D 1 25.90 42.13 70.69
C MET D 1 26.15 40.75 70.07
N ASN D 2 25.69 40.57 68.84
CA ASN D 2 25.78 39.29 68.14
C ASN D 2 26.72 39.40 66.95
N LEU D 3 27.57 38.39 66.79
CA LEU D 3 28.40 38.30 65.59
C LEU D 3 27.54 38.13 64.35
N THR D 4 26.50 37.29 64.45
CA THR D 4 25.58 37.11 63.33
C THR D 4 24.86 38.41 62.99
N GLU D 5 24.54 39.21 64.02
CA GLU D 5 23.90 40.50 63.77
C GLU D 5 24.81 41.41 62.94
N LEU D 6 26.10 41.45 63.27
CA LEU D 6 27.03 42.22 62.46
C LEU D 6 27.14 41.65 61.05
N LYS D 7 27.16 40.33 60.93
CA LYS D 7 27.31 39.72 59.60
C LYS D 7 26.11 40.04 58.71
N ASN D 8 24.91 40.05 59.27
CA ASN D 8 23.71 40.32 58.47
C ASN D 8 23.63 41.77 58.02
N THR D 9 24.34 42.69 58.69
CA THR D 9 24.33 44.08 58.28
C THR D 9 25.02 44.25 56.93
N PRO D 10 24.63 45.27 56.16
CA PRO D 10 25.26 45.47 54.84
C PRO D 10 26.72 45.89 54.94
N VAL D 11 27.37 46.08 53.79
CA VAL D 11 28.79 46.41 53.79
C VAL D 11 29.02 47.83 54.29
N SER D 12 28.18 48.78 53.85
CA SER D 12 28.48 50.19 54.06
C SER D 12 28.57 50.54 55.54
N GLU D 13 27.71 49.94 56.37
CA GLU D 13 27.67 50.28 57.80
C GLU D 13 29.02 50.12 58.49
N LEU D 14 29.97 49.44 57.86
CA LEU D 14 31.31 49.33 58.45
C LEU D 14 31.87 50.71 58.77
N ILE D 15 31.57 51.70 57.94
CA ILE D 15 32.00 53.06 58.24
C ILE D 15 31.27 53.58 59.47
N THR D 16 29.95 53.44 59.50
CA THR D 16 29.14 54.07 60.53
C THR D 16 29.56 53.64 61.92
N LEU D 17 29.79 52.35 62.12
CA LEU D 17 30.33 51.88 63.40
C LEU D 17 31.80 52.25 63.53
N GLY D 18 32.58 52.03 62.47
CA GLY D 18 34.04 52.10 62.61
C GLY D 18 34.53 53.48 63.01
N GLU D 19 34.08 54.51 62.31
CA GLU D 19 34.50 55.86 62.63
C GLU D 19 34.02 56.28 64.02
N ASN D 20 33.00 55.60 64.55
CA ASN D 20 32.51 55.90 65.88
C ASN D 20 33.16 55.04 66.96
N MET D 21 34.11 54.17 66.61
CA MET D 21 34.57 53.17 67.55
C MET D 21 36.09 53.01 67.57
N GLY D 22 36.82 53.62 66.63
CA GLY D 22 38.26 53.66 66.71
C GLY D 22 39.01 53.22 65.47
N LEU D 23 38.33 52.89 64.37
CA LEU D 23 39.01 52.46 63.16
C LEU D 23 39.20 53.65 62.23
N GLU D 24 40.44 53.89 61.81
CA GLU D 24 40.77 55.06 61.01
C GLU D 24 40.81 54.79 59.52
N ASN D 25 41.18 53.58 59.08
CA ASN D 25 41.07 53.17 57.69
C ASN D 25 40.44 51.77 57.65
N LEU D 26 39.11 51.74 57.64
CA LEU D 26 38.36 50.50 57.71
C LEU D 26 37.62 50.19 56.41
N ALA D 27 37.67 51.09 55.43
CA ALA D 27 36.90 50.88 54.20
C ALA D 27 37.54 49.83 53.31
N ARG D 28 38.87 49.83 53.18
CA ARG D 28 39.55 49.08 52.13
C ARG D 28 40.13 47.78 52.70
N MET D 29 39.24 46.81 52.93
CA MET D 29 39.61 45.41 53.14
C MET D 29 38.34 44.57 53.11
N ARG D 30 38.52 43.25 53.16
CA ARG D 30 37.41 42.33 53.02
C ARG D 30 36.46 42.39 54.23
N LYS D 31 35.18 42.19 53.96
CA LYS D 31 34.14 42.42 54.96
C LYS D 31 34.37 41.61 56.23
N GLN D 32 34.81 40.36 56.09
CA GLN D 32 35.10 39.55 57.27
C GLN D 32 36.20 40.17 58.11
N ASP D 33 37.17 40.85 57.47
CA ASP D 33 38.20 41.53 58.23
C ASP D 33 37.61 42.70 59.03
N ILE D 34 36.66 43.44 58.46
CA ILE D 34 35.99 44.48 59.24
C ILE D 34 35.25 43.87 60.42
N ILE D 35 34.53 42.76 60.19
CA ILE D 35 33.81 42.13 61.28
C ILE D 35 34.77 41.72 62.39
N PHE D 36 35.90 41.12 62.01
CA PHE D 36 36.91 40.74 62.98
C PHE D 36 37.40 41.94 63.77
N ALA D 37 37.71 43.04 63.08
CA ALA D 37 38.26 44.22 63.75
C ALA D 37 37.26 44.83 64.73
N ILE D 38 36.01 45.01 64.28
CA ILE D 38 35.01 45.59 65.17
C ILE D 38 34.75 44.70 66.37
N LEU D 39 34.71 43.37 66.17
CA LEU D 39 34.38 42.55 67.32
C LEU D 39 35.57 42.41 68.27
N LYS D 40 36.80 42.51 67.74
CA LYS D 40 37.97 42.68 68.61
C LYS D 40 37.86 43.94 69.45
N GLN D 41 37.54 45.07 68.81
CA GLN D 41 37.45 46.33 69.55
C GLN D 41 36.31 46.29 70.56
N HIS D 42 35.26 45.51 70.28
CA HIS D 42 34.18 45.37 71.25
C HIS D 42 34.58 44.48 72.42
N ALA D 43 35.33 43.41 72.14
CA ALA D 43 35.87 42.59 73.22
C ALA D 43 36.86 43.38 74.07
N LYS D 44 37.50 44.40 73.49
CA LYS D 44 38.35 45.27 74.28
C LYS D 44 37.56 45.99 75.36
N SER D 45 36.31 46.37 75.05
CA SER D 45 35.48 47.07 76.03
C SER D 45 35.19 46.18 77.23
N GLY D 46 34.88 44.91 77.01
CA GLY D 46 34.73 43.94 78.08
C GLY D 46 33.36 43.36 78.26
N GLU D 47 32.35 43.84 77.54
CA GLU D 47 31.01 43.27 77.69
C GLU D 47 30.98 41.87 77.08
N ASP D 48 30.02 41.07 77.58
CA ASP D 48 29.86 39.71 77.06
C ASP D 48 29.45 39.73 75.60
N ILE D 49 29.95 38.74 74.86
CA ILE D 49 29.76 38.67 73.41
C ILE D 49 29.20 37.31 73.02
N PHE D 50 28.11 37.33 72.27
CA PHE D 50 27.41 36.13 71.81
C PHE D 50 28.05 35.59 70.53
N GLY D 51 27.64 34.39 70.17
CA GLY D 51 28.03 33.80 68.91
C GLY D 51 27.18 32.60 68.61
N ASP D 52 27.09 32.28 67.32
CA ASP D 52 26.30 31.13 66.89
C ASP D 52 26.70 30.74 65.47
N GLY D 53 26.36 29.51 65.11
CA GLY D 53 26.61 29.05 63.77
C GLY D 53 26.66 27.54 63.69
N VAL D 54 27.12 27.06 62.54
CA VAL D 54 27.17 25.63 62.24
C VAL D 54 28.59 25.13 62.49
N LEU D 55 28.70 24.01 63.21
CA LEU D 55 29.98 23.47 63.60
C LEU D 55 30.58 22.62 62.49
N GLU D 56 31.91 22.55 62.48
CA GLU D 56 32.66 21.73 61.53
C GLU D 56 33.83 21.08 62.24
N ILE D 57 34.07 19.82 61.93
CA ILE D 57 35.14 19.02 62.53
C ILE D 57 36.20 18.77 61.48
N LEU D 58 37.44 19.12 61.80
CA LEU D 58 38.56 18.89 60.89
C LEU D 58 39.09 17.47 61.08
N GLN D 59 40.24 17.18 60.48
CA GLN D 59 40.78 15.82 60.51
C GLN D 59 41.35 15.45 61.88
N ASP D 60 41.57 16.42 62.76
CA ASP D 60 42.18 16.16 64.06
C ASP D 60 41.45 16.91 65.17
N GLY D 61 40.13 17.03 65.05
CA GLY D 61 39.34 17.69 66.06
C GLY D 61 39.59 19.18 66.21
N PHE D 62 40.26 19.80 65.23
CA PHE D 62 40.59 21.22 65.30
C PHE D 62 39.36 22.02 64.84
N GLY D 63 38.34 22.01 65.69
CA GLY D 63 37.00 22.36 65.24
C GLY D 63 36.82 23.83 64.93
N PHE D 64 35.92 24.11 63.99
CA PHE D 64 35.56 25.46 63.63
C PHE D 64 34.06 25.63 63.69
N LEU D 65 33.63 26.89 63.60
CA LEU D 65 32.21 27.23 63.60
C LEU D 65 32.01 28.35 62.59
N ARG D 66 31.23 28.06 61.55
CA ARG D 66 30.98 28.99 60.45
C ARG D 66 29.59 29.57 60.54
N SER D 67 29.32 30.56 59.70
CA SER D 67 28.05 31.26 59.67
C SER D 67 27.32 31.01 58.35
N ALA D 68 25.99 30.96 58.43
CA ALA D 68 25.19 30.66 57.25
C ALA D 68 25.20 31.82 56.25
N ASP D 69 25.11 33.06 56.75
CA ASP D 69 25.06 34.21 55.85
C ASP D 69 26.35 34.42 55.09
N SER D 70 27.47 33.85 55.56
CA SER D 70 28.73 33.90 54.86
C SER D 70 28.92 32.73 53.92
N SER D 71 27.88 31.90 53.74
CA SER D 71 27.93 30.73 52.87
C SER D 71 28.98 29.72 53.34
N TYR D 72 29.18 29.63 54.66
CA TYR D 72 30.11 28.68 55.26
C TYR D 72 31.53 28.86 54.71
N LEU D 73 31.96 30.12 54.63
CA LEU D 73 33.28 30.45 54.09
C LEU D 73 34.28 30.58 55.22
N ALA D 74 35.44 29.95 55.04
CA ALA D 74 36.51 30.01 56.04
C ALA D 74 37.08 31.41 56.10
N GLY D 75 36.76 32.14 57.17
CA GLY D 75 37.21 33.50 57.34
C GLY D 75 37.76 33.78 58.72
N PRO D 76 38.33 34.96 58.90
CA PRO D 76 38.87 35.32 60.24
C PRO D 76 37.81 35.34 61.33
N ASP D 77 36.56 35.62 60.98
CA ASP D 77 35.49 35.71 61.97
C ASP D 77 34.93 34.36 62.38
N ASP D 78 35.51 33.26 61.90
CA ASP D 78 35.07 31.93 62.31
C ASP D 78 35.37 31.72 63.79
N ILE D 79 34.58 30.86 64.42
CA ILE D 79 34.66 30.64 65.86
C ILE D 79 35.44 29.35 66.11
N TYR D 80 36.54 29.45 66.83
CA TYR D 80 37.35 28.27 67.16
C TYR D 80 36.61 27.37 68.15
N VAL D 81 36.82 26.06 68.01
CA VAL D 81 36.21 25.07 68.88
C VAL D 81 37.27 24.01 69.17
N SER D 82 37.73 23.95 70.42
CA SER D 82 38.74 23.00 70.86
C SER D 82 38.14 21.61 71.03
N PRO D 83 38.98 20.56 70.96
CA PRO D 83 38.45 19.20 71.15
C PRO D 83 37.89 18.92 72.53
N SER D 84 38.22 19.73 73.53
CA SER D 84 37.79 19.44 74.90
C SER D 84 36.27 19.47 75.02
N GLN D 85 35.64 20.58 74.60
CA GLN D 85 34.19 20.65 74.68
C GLN D 85 33.52 19.80 73.61
N ILE D 86 34.24 19.49 72.52
CA ILE D 86 33.73 18.52 71.56
C ILE D 86 33.56 17.16 72.23
N ARG D 87 34.56 16.72 73.00
CA ARG D 87 34.47 15.45 73.69
C ARG D 87 33.44 15.50 74.81
N ARG D 88 33.38 16.63 75.54
CA ARG D 88 32.49 16.68 76.69
C ARG D 88 31.03 16.77 76.27
N PHE D 89 30.73 17.52 75.21
CA PHE D 89 29.38 17.67 74.69
C PHE D 89 29.01 16.64 73.64
N ASN D 90 29.97 15.83 73.19
CA ASN D 90 29.76 14.85 72.12
C ASN D 90 29.20 15.51 70.86
N LEU D 91 29.72 16.69 70.54
CA LEU D 91 29.28 17.40 69.35
C LEU D 91 29.79 16.70 68.09
N ARG D 92 29.06 16.92 66.99
CA ARG D 92 29.42 16.36 65.71
C ARG D 92 29.22 17.42 64.64
N THR D 93 29.69 17.12 63.42
CA THR D 93 29.62 18.08 62.33
C THR D 93 28.16 18.40 61.99
N GLY D 94 27.91 19.67 61.67
CA GLY D 94 26.57 20.12 61.33
C GLY D 94 25.75 20.63 62.50
N ASP D 95 26.28 20.60 63.72
CA ASP D 95 25.53 21.06 64.88
C ASP D 95 25.36 22.57 64.84
N THR D 96 24.20 23.03 65.31
CA THR D 96 23.94 24.45 65.50
C THR D 96 24.30 24.83 66.93
N ILE D 97 25.31 25.68 67.09
CA ILE D 97 25.87 26.01 68.39
C ILE D 97 25.67 27.50 68.63
N SER D 98 25.18 27.84 69.82
CA SER D 98 24.98 29.23 70.20
C SER D 98 25.36 29.43 71.66
N GLY D 99 26.04 30.53 71.95
CA GLY D 99 26.39 30.86 73.32
C GLY D 99 27.51 31.87 73.38
N LYS D 100 28.15 31.93 74.55
CA LYS D 100 29.27 32.84 74.78
C LYS D 100 30.39 32.58 73.78
N ILE D 101 31.14 33.63 73.45
CA ILE D 101 32.41 33.47 72.74
C ILE D 101 33.47 34.30 73.46
N ARG D 102 34.73 33.87 73.28
CA ARG D 102 35.87 34.42 74.00
C ARG D 102 36.83 35.14 73.05
N PRO D 103 37.32 36.32 73.43
CA PRO D 103 38.36 36.96 72.63
C PRO D 103 39.61 36.12 72.59
N PRO D 104 40.34 36.14 71.47
CA PRO D 104 41.55 35.31 71.37
C PRO D 104 42.65 35.80 72.30
N LYS D 105 43.49 34.86 72.72
CA LYS D 105 44.64 35.15 73.54
C LYS D 105 45.88 35.26 72.65
N GLU D 106 47.05 35.40 73.26
CA GLU D 106 48.29 35.46 72.50
C GLU D 106 48.56 34.12 71.83
N GLY D 107 48.96 34.18 70.56
CA GLY D 107 49.21 32.98 69.79
C GLY D 107 48.00 32.39 69.11
N GLU D 108 46.82 32.97 69.31
CA GLU D 108 45.59 32.50 68.69
C GLU D 108 44.94 33.63 67.91
N ARG D 109 44.47 33.32 66.70
CA ARG D 109 43.83 34.32 65.86
C ARG D 109 42.31 34.17 65.81
N TYR D 110 41.77 33.03 66.25
CA TYR D 110 40.36 32.75 66.15
C TYR D 110 39.68 32.94 67.51
N PHE D 111 38.37 33.15 67.46
CA PHE D 111 37.57 33.38 68.67
C PHE D 111 37.07 32.05 69.20
N ALA D 112 37.52 31.69 70.40
CA ALA D 112 36.98 30.51 71.06
C ALA D 112 35.67 30.86 71.75
N LEU D 113 34.95 29.82 72.17
CA LEU D 113 33.67 29.98 72.86
C LEU D 113 33.84 29.60 74.33
N LEU D 114 33.29 30.44 75.22
CA LEU D 114 33.37 30.14 76.65
C LEU D 114 32.51 28.94 77.01
N LYS D 115 31.21 29.04 76.78
CA LYS D 115 30.28 27.97 77.07
C LYS D 115 29.10 28.06 76.13
N VAL D 116 28.58 26.91 75.73
CA VAL D 116 27.44 26.87 74.82
C VAL D 116 26.15 27.09 75.61
N ASN D 117 25.24 27.86 75.01
CA ASN D 117 23.93 28.09 75.60
C ASN D 117 22.83 27.29 74.93
N GLU D 118 23.03 26.87 73.68
CA GLU D 118 22.01 26.12 72.96
C GLU D 118 22.67 25.30 71.87
N VAL D 119 22.24 24.05 71.73
CA VAL D 119 22.72 23.13 70.71
C VAL D 119 21.52 22.66 69.90
N ASN D 120 21.55 22.89 68.59
CA ASN D 120 20.48 22.50 67.68
C ASN D 120 19.14 23.06 68.14
N PHE D 121 19.15 24.31 68.59
CA PHE D 121 17.95 24.99 69.11
C PHE D 121 17.31 24.19 70.24
N ASP D 122 18.15 23.60 71.10
CA ASP D 122 17.67 22.79 72.20
C ASP D 122 18.71 22.83 73.32
N LYS D 123 18.26 22.43 74.51
CA LYS D 123 19.18 22.36 75.64
C LYS D 123 20.27 21.34 75.36
N PRO D 124 21.53 21.64 75.69
CA PRO D 124 22.61 20.68 75.39
C PRO D 124 22.39 19.31 76.04
N GLU D 125 21.86 19.27 77.27
CA GLU D 125 21.58 17.98 77.89
C GLU D 125 20.50 17.22 77.12
N ASN D 126 19.44 17.91 76.72
CA ASN D 126 18.38 17.25 75.95
C ASN D 126 18.88 16.85 74.57
N ALA D 127 19.66 17.72 73.92
CA ALA D 127 20.21 17.42 72.61
C ALA D 127 21.30 16.34 72.66
N ARG D 128 21.82 16.04 73.85
CA ARG D 128 22.84 15.01 73.95
C ARG D 128 22.30 13.64 73.56
N ASN D 129 21.08 13.32 74.00
CA ASN D 129 20.48 12.01 73.76
C ASN D 129 19.59 12.09 72.52
N LYS D 130 20.23 11.95 71.36
CA LYS D 130 19.53 11.96 70.08
C LYS D 130 20.01 10.78 69.24
N ILE D 131 19.12 10.28 68.40
CA ILE D 131 19.38 9.09 67.60
C ILE D 131 20.05 9.49 66.30
N LEU D 132 20.90 8.62 65.79
CA LEU D 132 21.61 8.89 64.54
C LEU D 132 20.65 8.92 63.36
N PHE D 133 21.00 9.73 62.36
CA PHE D 133 20.25 9.74 61.12
C PHE D 133 20.36 8.40 60.40
N GLU D 134 21.54 7.76 60.48
CA GLU D 134 21.73 6.46 59.84
C GLU D 134 20.85 5.40 60.48
N ASN D 135 20.73 5.41 61.81
CA ASN D 135 19.94 4.40 62.50
C ASN D 135 18.44 4.55 62.28
N LEU D 136 17.99 5.70 61.79
CA LEU D 136 16.56 5.90 61.56
C LEU D 136 16.11 5.08 60.36
N THR D 137 15.04 4.33 60.54
CA THR D 137 14.53 3.49 59.46
C THR D 137 13.77 4.34 58.45
N PRO D 138 14.11 4.26 57.16
CA PRO D 138 13.42 5.07 56.16
C PRO D 138 12.01 4.59 55.87
N LEU D 139 11.27 5.34 55.06
CA LEU D 139 9.92 4.97 54.65
C LEU D 139 9.62 5.61 53.30
N HIS D 140 8.40 5.40 52.83
CA HIS D 140 7.90 6.12 51.67
C HIS D 140 7.29 7.45 52.10
N ALA D 141 6.97 8.28 51.12
CA ALA D 141 6.39 9.59 51.40
C ALA D 141 4.94 9.42 51.81
N ASN D 142 4.60 9.90 53.00
CA ASN D 142 3.24 9.81 53.53
C ASN D 142 2.52 11.15 53.49
N SER D 143 3.11 12.19 54.08
CA SER D 143 2.46 13.49 54.16
C SER D 143 2.65 14.24 52.84
N ARG D 144 1.55 14.52 52.16
CA ARG D 144 1.61 15.26 50.91
C ARG D 144 2.09 16.69 51.15
N LEU D 145 2.97 17.15 50.27
CA LEU D 145 3.51 18.51 50.32
C LEU D 145 2.91 19.25 49.13
N ARG D 146 1.71 19.80 49.33
CA ARG D 146 1.01 20.48 48.25
C ARG D 146 1.72 21.77 47.86
N MET D 147 1.81 22.02 46.56
CA MET D 147 2.49 23.19 46.04
C MET D 147 1.54 24.25 45.50
N GLU D 148 0.24 24.00 45.50
CA GLU D 148 -0.73 24.97 45.01
C GLU D 148 -0.74 26.17 45.93
N ARG D 149 -0.31 27.33 45.42
CA ARG D 149 -0.23 28.52 46.25
C ARG D 149 -1.63 28.99 46.68
N GLY D 150 -2.59 28.96 45.76
CA GLY D 150 -3.97 29.22 46.10
C GLY D 150 -4.38 30.68 46.11
N ASN D 151 -3.45 31.60 45.89
CA ASN D 151 -3.78 33.02 45.86
C ASN D 151 -4.12 33.53 44.47
N GLY D 152 -4.12 32.67 43.47
CA GLY D 152 -4.43 33.09 42.10
C GLY D 152 -3.43 34.07 41.53
N SER D 153 -2.14 33.83 41.76
CA SER D 153 -1.11 34.73 41.28
C SER D 153 -0.88 34.56 39.79
N THR D 154 -0.05 35.44 39.23
CA THR D 154 0.26 35.39 37.81
C THR D 154 1.14 34.20 37.44
N GLU D 155 1.81 33.59 38.41
CA GLU D 155 2.70 32.46 38.17
C GLU D 155 2.20 31.18 38.84
N ASP D 156 1.07 31.23 39.54
CA ASP D 156 0.55 30.06 40.24
C ASP D 156 0.23 28.92 39.28
N LEU D 157 0.08 29.20 37.99
CA LEU D 157 -0.13 28.13 37.02
C LEU D 157 1.05 27.17 36.99
N THR D 158 2.27 27.67 37.25
CA THR D 158 3.43 26.78 37.32
C THR D 158 3.29 25.79 38.46
N ALA D 159 2.91 26.27 39.64
CA ALA D 159 2.72 25.38 40.78
C ALA D 159 1.56 24.42 40.54
N ARG D 160 0.50 24.89 39.88
CA ARG D 160 -0.62 24.01 39.57
C ARG D 160 -0.20 22.90 38.61
N VAL D 161 0.57 23.24 37.58
CA VAL D 161 1.07 22.22 36.66
C VAL D 161 2.00 21.26 37.40
N LEU D 162 2.79 21.77 38.34
CA LEU D 162 3.65 20.90 39.14
C LEU D 162 2.83 19.91 39.95
N ASP D 163 1.75 20.38 40.58
CA ASP D 163 0.89 19.48 41.35
C ASP D 163 0.24 18.43 40.44
N LEU D 164 -0.25 18.85 39.27
CA LEU D 164 -0.86 17.91 38.34
C LEU D 164 0.15 16.95 37.72
N ALA D 165 1.43 17.29 37.72
CA ALA D 165 2.44 16.47 37.05
C ALA D 165 3.05 15.44 38.00
N SER D 166 3.67 15.90 39.07
CA SER D 166 4.36 15.01 40.01
C SER D 166 4.03 15.47 41.43
N LEU D 167 3.34 14.62 42.18
CA LEU D 167 3.05 14.91 43.57
C LEU D 167 4.34 14.90 44.38
N ILE D 168 4.50 15.89 45.25
CA ILE D 168 5.69 16.02 46.09
C ILE D 168 5.26 15.77 47.53
N GLY D 169 6.01 14.89 48.22
CA GLY D 169 5.73 14.58 49.60
C GLY D 169 6.97 14.74 50.46
N ARG D 170 6.77 14.64 51.77
CA ARG D 170 7.87 14.77 52.71
C ARG D 170 8.79 13.55 52.60
N GLY D 171 10.10 13.81 52.70
CA GLY D 171 11.08 12.74 52.58
C GLY D 171 11.12 12.10 51.21
N GLN D 172 11.03 12.90 50.16
CA GLN D 172 10.98 12.39 48.79
C GLN D 172 12.25 12.75 48.05
N ARG D 173 12.68 11.84 47.18
CA ARG D 173 13.92 11.97 46.41
C ARG D 173 13.54 12.34 44.99
N GLY D 174 13.73 13.60 44.61
CA GLY D 174 13.26 14.11 43.35
C GLY D 174 14.41 14.51 42.43
N LEU D 175 14.16 14.37 41.12
CA LEU D 175 15.09 14.79 40.08
C LEU D 175 14.38 15.69 39.09
N ILE D 176 15.06 16.74 38.67
CA ILE D 176 14.57 17.65 37.64
C ILE D 176 15.55 17.55 36.47
N VAL D 177 15.13 16.87 35.41
CA VAL D 177 15.96 16.66 34.23
C VAL D 177 15.56 17.69 33.19
N ALA D 178 16.51 18.55 32.81
CA ALA D 178 16.22 19.65 31.90
C ALA D 178 17.46 20.01 31.11
N PRO D 179 17.29 20.51 29.88
CA PRO D 179 18.43 21.04 29.14
C PRO D 179 18.69 22.48 29.54
N PRO D 180 19.76 23.09 29.02
CA PRO D 180 19.95 24.52 29.27
C PRO D 180 18.83 25.35 28.64
N LYS D 181 18.60 26.52 29.23
CA LYS D 181 17.56 27.45 28.76
C LYS D 181 16.17 26.84 28.88
N ALA D 182 15.94 26.06 29.93
CA ALA D 182 14.66 25.41 30.14
C ALA D 182 13.81 26.07 31.22
N GLY D 183 14.42 26.62 32.26
CA GLY D 183 13.66 27.26 33.31
C GLY D 183 13.84 26.62 34.66
N LYS D 184 14.99 25.96 34.86
CA LYS D 184 15.25 25.26 36.11
C LYS D 184 15.30 26.22 37.29
N THR D 185 15.99 27.36 37.12
CA THR D 185 16.30 28.22 38.25
C THR D 185 15.03 28.77 38.89
N MET D 186 14.15 29.38 38.10
CA MET D 186 12.99 29.96 38.76
C MET D 186 11.83 28.98 38.88
N LEU D 187 11.90 27.80 38.26
CA LEU D 187 11.04 26.71 38.69
C LEU D 187 11.37 26.33 40.13
N LEU D 188 12.66 26.20 40.44
CA LEU D 188 13.07 26.00 41.82
C LEU D 188 12.69 27.18 42.70
N GLN D 189 12.74 28.39 42.15
CA GLN D 189 12.33 29.57 42.90
C GLN D 189 10.85 29.51 43.27
N ASN D 190 10.00 29.11 42.32
CA ASN D 190 8.58 28.94 42.61
C ASN D 190 8.36 27.83 43.63
N ILE D 191 9.12 26.74 43.52
CA ILE D 191 9.02 25.66 44.50
C ILE D 191 9.34 26.18 45.90
N ALA D 192 10.42 26.96 46.02
CA ALA D 192 10.81 27.50 47.30
C ALA D 192 9.78 28.46 47.84
N GLN D 193 9.21 29.31 46.97
CA GLN D 193 8.17 30.24 47.42
C GLN D 193 6.95 29.50 47.91
N SER D 194 6.53 28.45 47.20
CA SER D 194 5.37 27.67 47.61
C SER D 194 5.63 26.95 48.94
N ILE D 195 6.85 26.42 49.12
CA ILE D 195 7.18 25.80 50.40
C ILE D 195 7.15 26.82 51.52
N ALA D 196 7.70 28.01 51.30
CA ALA D 196 7.72 29.03 52.33
C ALA D 196 6.32 29.49 52.69
N TYR D 197 5.43 29.57 51.70
CA TYR D 197 4.09 30.08 51.95
C TYR D 197 3.18 29.02 52.56
N ASN D 198 2.99 27.90 51.84
CA ASN D 198 2.07 26.87 52.30
C ASN D 198 2.56 26.16 53.56
N HIS D 199 3.86 25.92 53.67
CA HIS D 199 4.42 25.11 54.76
C HIS D 199 5.52 25.90 55.46
N PRO D 200 5.16 26.89 56.27
CA PRO D 200 6.18 27.65 57.00
C PRO D 200 6.88 26.85 58.08
N ASP D 201 6.32 25.72 58.51
CA ASP D 201 6.91 24.97 59.60
C ASP D 201 8.20 24.26 59.18
N CYS D 202 8.20 23.67 57.99
CA CYS D 202 9.37 22.90 57.55
C CYS D 202 10.53 23.83 57.21
N VAL D 203 11.74 23.39 57.56
CA VAL D 203 12.93 24.16 57.28
C VAL D 203 13.27 24.04 55.80
N LEU D 204 13.43 25.18 55.13
CA LEU D 204 13.74 25.22 53.72
C LEU D 204 15.19 25.61 53.52
N MET D 205 15.93 24.80 52.77
CA MET D 205 17.32 25.06 52.46
C MET D 205 17.49 25.04 50.95
N VAL D 206 18.19 26.04 50.41
CA VAL D 206 18.52 26.10 48.99
C VAL D 206 20.04 26.06 48.87
N LEU D 207 20.53 25.17 48.02
CA LEU D 207 21.96 24.99 47.81
C LEU D 207 22.26 25.15 46.32
N LEU D 208 23.22 26.03 46.02
CA LEU D 208 23.62 26.28 44.64
C LEU D 208 25.09 25.98 44.46
N ILE D 209 25.42 25.36 43.33
CA ILE D 209 26.79 24.95 43.01
C ILE D 209 27.22 25.69 41.74
N ASP D 210 28.44 26.22 41.77
CA ASP D 210 29.11 26.93 40.66
C ASP D 210 28.13 27.75 39.82
N GLU D 211 27.29 28.51 40.51
CA GLU D 211 26.33 29.38 39.85
C GLU D 211 26.92 30.78 39.70
N ARG D 212 26.40 31.51 38.72
CA ARG D 212 26.85 32.87 38.48
C ARG D 212 26.42 33.78 39.63
N PRO D 213 27.24 34.79 39.96
CA PRO D 213 26.93 35.64 41.12
C PRO D 213 25.58 36.35 41.03
N GLU D 214 25.14 36.74 39.83
CA GLU D 214 23.85 37.40 39.71
C GLU D 214 22.71 36.48 40.12
N GLU D 215 22.79 35.21 39.71
CA GLU D 215 21.78 34.23 40.11
C GLU D 215 21.81 34.04 41.62
N VAL D 216 23.00 34.01 42.21
CA VAL D 216 23.12 33.88 43.66
C VAL D 216 22.44 35.05 44.37
N THR D 217 22.68 36.27 43.87
CA THR D 217 22.07 37.44 44.49
C THR D 217 20.55 37.41 44.37
N GLU D 218 20.05 37.05 43.18
CA GLU D 218 18.61 36.96 43.00
C GLU D 218 18.00 35.90 43.91
N MET D 219 18.65 34.75 44.03
CA MET D 219 18.15 33.68 44.89
C MET D 219 18.14 34.13 46.34
N GLN D 220 19.20 34.82 46.78
CA GLN D 220 19.25 35.32 48.15
C GLN D 220 18.14 36.33 48.42
N ARG D 221 17.88 37.21 47.46
CA ARG D 221 16.88 38.24 47.67
C ARG D 221 15.45 37.76 47.42
N LEU D 222 15.25 36.55 46.89
CA LEU D 222 13.91 36.10 46.59
C LEU D 222 13.34 35.11 47.59
N VAL D 223 14.11 34.08 47.99
CA VAL D 223 13.57 33.03 48.85
C VAL D 223 13.57 33.49 50.30
N LYS D 224 12.53 33.07 51.03
CA LYS D 224 12.43 33.41 52.44
C LYS D 224 13.41 32.61 53.28
N GLY D 225 13.54 31.31 52.99
CA GLY D 225 14.45 30.48 53.74
C GLY D 225 15.91 30.79 53.41
N GLU D 226 16.79 30.31 54.29
CA GLU D 226 18.21 30.57 54.12
C GLU D 226 18.75 29.83 52.90
N VAL D 227 19.65 30.49 52.17
CA VAL D 227 20.19 29.97 50.92
C VAL D 227 21.71 30.05 50.98
N VAL D 228 22.37 29.01 50.46
CA VAL D 228 23.82 28.93 50.44
C VAL D 228 24.27 28.60 49.02
N ALA D 229 25.30 29.31 48.56
CA ALA D 229 25.76 29.15 47.19
C ALA D 229 27.25 29.38 47.12
N SER D 230 27.92 28.64 46.24
CA SER D 230 29.33 28.83 45.93
C SER D 230 29.47 29.02 44.42
N THR D 231 30.05 30.14 44.02
CA THR D 231 30.14 30.49 42.61
C THR D 231 31.22 29.64 41.93
N PHE D 232 31.20 29.66 40.59
CA PHE D 232 32.18 28.92 39.82
C PHE D 232 33.59 29.46 39.98
N ASP D 233 33.74 30.67 40.53
CA ASP D 233 35.07 31.19 40.82
C ASP D 233 35.78 30.33 41.86
N GLU D 234 35.04 29.86 42.87
CA GLU D 234 35.63 29.08 43.93
C GLU D 234 36.08 27.71 43.40
N PRO D 235 37.11 27.11 44.01
CA PRO D 235 37.56 25.78 43.57
C PRO D 235 36.59 24.68 43.93
N ALA D 236 36.87 23.46 43.46
CA ALA D 236 35.96 22.34 43.69
C ALA D 236 35.89 21.95 45.16
N SER D 237 37.00 22.11 45.90
CA SER D 237 36.98 21.81 47.32
C SER D 237 35.98 22.68 48.06
N ARG D 238 35.81 23.94 47.63
CA ARG D 238 34.79 24.80 48.21
C ARG D 238 33.40 24.22 47.98
N HIS D 239 33.13 23.75 46.76
CA HIS D 239 31.84 23.14 46.47
C HIS D 239 31.59 21.93 47.34
N VAL D 240 32.61 21.09 47.48
CA VAL D 240 32.47 19.86 48.26
C VAL D 240 32.20 20.18 49.72
N GLN D 241 32.95 21.13 50.29
CA GLN D 241 32.76 21.43 51.71
C GLN D 241 31.42 22.10 51.95
N VAL D 242 30.96 22.94 51.02
CA VAL D 242 29.64 23.56 51.18
C VAL D 242 28.55 22.50 51.15
N ALA D 243 28.62 21.58 50.18
CA ALA D 243 27.61 20.53 50.11
C ALA D 243 27.64 19.63 51.34
N GLU D 244 28.83 19.28 51.82
CA GLU D 244 28.94 18.45 53.01
C GLU D 244 28.36 19.16 54.23
N MET D 245 28.65 20.46 54.38
CA MET D 245 28.09 21.21 55.50
C MET D 245 26.58 21.25 55.43
N VAL D 246 26.02 21.47 54.24
CA VAL D 246 24.58 21.54 54.10
C VAL D 246 23.94 20.21 54.46
N ILE D 247 24.49 19.11 53.95
CA ILE D 247 23.87 17.81 54.20
C ILE D 247 24.00 17.43 55.68
N GLU D 248 25.14 17.74 56.31
CA GLU D 248 25.29 17.44 57.73
C GLU D 248 24.33 18.27 58.57
N LYS D 249 24.15 19.55 58.24
CA LYS D 249 23.21 20.38 58.98
C LYS D 249 21.79 19.87 58.81
N ALA D 250 21.43 19.44 57.60
CA ALA D 250 20.10 18.88 57.36
C ALA D 250 19.89 17.61 58.18
N LYS D 251 20.91 16.74 58.23
CA LYS D 251 20.80 15.54 59.05
C LYS D 251 20.62 15.88 60.52
N ARG D 252 21.40 16.86 61.02
CA ARG D 252 21.27 17.24 62.42
C ARG D 252 19.89 17.80 62.72
N LEU D 253 19.35 18.61 61.81
CA LEU D 253 18.02 19.16 62.03
C LEU D 253 16.94 18.08 62.00
N VAL D 254 17.03 17.15 61.04
CA VAL D 254 16.02 16.11 60.94
C VAL D 254 16.14 15.10 62.08
N GLU D 255 17.31 15.02 62.72
CA GLU D 255 17.43 14.18 63.91
C GLU D 255 16.55 14.65 65.05
N HIS D 256 16.11 15.91 65.02
CA HIS D 256 15.23 16.47 66.05
C HIS D 256 13.77 16.48 65.62
N LYS D 257 13.37 15.51 64.79
CA LYS D 257 11.99 15.39 64.30
C LYS D 257 11.54 16.68 63.59
N LYS D 258 12.43 17.25 62.80
CA LYS D 258 12.14 18.43 62.00
C LYS D 258 12.10 18.05 60.52
N ASP D 259 11.35 18.82 59.74
CA ASP D 259 11.24 18.62 58.31
C ASP D 259 12.18 19.57 57.60
N VAL D 260 13.12 19.02 56.83
CA VAL D 260 14.12 19.79 56.10
C VAL D 260 13.92 19.54 54.61
N ILE D 261 14.03 20.60 53.81
CA ILE D 261 13.92 20.51 52.37
C ILE D 261 15.16 21.14 51.74
N ILE D 262 15.79 20.42 50.83
CA ILE D 262 17.01 20.88 50.17
C ILE D 262 16.74 20.94 48.68
N LEU D 263 16.87 22.13 48.10
CA LEU D 263 16.78 22.33 46.66
C LEU D 263 18.20 22.46 46.12
N LEU D 264 18.59 21.54 45.24
CA LEU D 264 19.95 21.45 44.75
C LEU D 264 20.01 21.79 43.27
N ASP D 265 20.88 22.76 42.95
CA ASP D 265 21.12 23.18 41.57
C ASP D 265 22.62 23.39 41.43
N SER D 266 23.31 22.40 40.87
CA SER D 266 22.72 21.15 40.38
C SER D 266 23.53 19.95 40.82
N ILE D 267 22.91 18.77 40.78
CA ILE D 267 23.61 17.55 41.17
C ILE D 267 24.71 17.22 40.16
N THR D 268 24.54 17.61 38.90
CA THR D 268 25.58 17.37 37.90
C THR D 268 26.85 18.15 38.24
N ARG D 269 26.70 19.41 38.63
CA ARG D 269 27.88 20.22 38.99
C ARG D 269 28.56 19.68 40.24
N LEU D 270 27.76 19.25 41.23
CA LEU D 270 28.35 18.65 42.43
C LEU D 270 29.09 17.37 42.09
N ALA D 271 28.53 16.55 41.21
CA ALA D 271 29.22 15.33 40.79
C ALA D 271 30.52 15.65 40.05
N ARG D 272 30.50 16.70 39.21
CA ARG D 272 31.73 17.11 38.52
C ARG D 272 32.77 17.57 39.51
N ALA D 273 32.37 18.35 40.52
CA ALA D 273 33.32 18.81 41.54
C ALA D 273 33.91 17.64 42.30
N TYR D 274 33.07 16.66 42.68
CA TYR D 274 33.57 15.48 43.37
C TYR D 274 34.53 14.70 42.48
N ASN D 275 34.21 14.59 41.18
CA ASN D 275 35.08 13.88 40.26
C ASN D 275 36.44 14.56 40.15
N THR D 276 36.46 15.89 40.11
CA THR D 276 37.71 16.61 39.96
C THR D 276 38.41 16.87 41.29
N VAL D 277 37.84 16.46 42.42
CA VAL D 277 38.52 16.57 43.70
C VAL D 277 38.93 15.21 44.27
N VAL D 278 38.21 14.15 43.98
CA VAL D 278 38.54 12.83 44.53
C VAL D 278 39.75 12.27 43.79
N PRO D 279 40.74 11.73 44.50
CA PRO D 279 41.90 11.13 43.82
C PRO D 279 41.50 9.95 42.96
N ALA D 280 42.23 9.77 41.86
CA ALA D 280 41.92 8.71 40.92
C ALA D 280 42.12 7.34 41.55
N SER D 281 41.24 6.40 41.17
CA SER D 281 41.30 5.03 41.66
C SER D 281 41.74 4.03 40.61
N GLY D 282 42.11 4.49 39.41
CA GLY D 282 42.54 3.60 38.36
C GLY D 282 41.44 3.10 37.45
N LYS D 283 40.17 3.35 37.79
CA LYS D 283 39.04 2.96 36.96
C LYS D 283 38.33 4.23 36.50
N VAL D 284 38.45 4.54 35.20
CA VAL D 284 37.86 5.73 34.62
C VAL D 284 36.75 5.30 33.68
N LEU D 285 35.54 5.80 33.93
CA LEU D 285 34.39 5.49 33.08
C LEU D 285 34.46 6.31 31.79
N THR D 286 33.44 6.15 30.95
CA THR D 286 33.35 6.93 29.73
C THR D 286 33.17 8.40 30.05
N GLY D 287 33.77 9.25 29.22
CA GLY D 287 33.72 10.68 29.44
C GLY D 287 34.77 11.22 30.40
N GLY D 288 35.76 10.42 30.75
CA GLY D 288 36.81 10.86 31.66
C GLY D 288 36.35 11.16 33.06
N VAL D 289 35.50 10.30 33.63
CA VAL D 289 34.99 10.47 34.98
C VAL D 289 35.27 9.19 35.77
N ASP D 290 35.77 9.35 36.99
CA ASP D 290 36.16 8.19 37.80
C ASP D 290 34.94 7.42 38.28
N ALA D 291 35.18 6.18 38.72
CA ALA D 291 34.10 5.31 39.17
C ALA D 291 33.62 5.69 40.57
N ASN D 292 34.52 5.62 41.56
CA ASN D 292 34.14 5.94 42.93
C ASN D 292 33.89 7.43 43.14
N ALA D 293 34.22 8.27 42.15
CA ALA D 293 33.98 9.70 42.28
C ALA D 293 32.50 10.01 42.44
N LEU D 294 31.63 9.17 41.87
CA LEU D 294 30.19 9.35 42.02
C LEU D 294 29.65 8.73 43.30
N HIS D 295 30.51 8.07 44.09
CA HIS D 295 30.07 7.51 45.36
C HIS D 295 29.58 8.60 46.31
N ARG D 296 30.35 9.69 46.42
CA ARG D 296 29.98 10.74 47.36
C ARG D 296 28.68 11.44 46.98
N PRO D 297 28.46 11.88 45.73
CA PRO D 297 27.18 12.56 45.44
C PRO D 297 25.96 11.71 45.70
N LYS D 298 26.00 10.41 45.39
CA LYS D 298 24.84 9.56 45.60
C LYS D 298 24.45 9.52 47.06
N ARG D 299 25.44 9.43 47.96
CA ARG D 299 25.15 9.51 49.39
C ARG D 299 24.41 10.80 49.71
N PHE D 300 24.84 11.92 49.12
CA PHE D 300 24.12 13.17 49.31
C PHE D 300 22.69 13.05 48.82
N PHE D 301 22.50 12.40 47.68
CA PHE D 301 21.15 12.14 47.18
C PHE D 301 20.47 11.01 47.93
N GLY D 302 21.23 10.18 48.65
CA GLY D 302 20.68 9.06 49.38
C GLY D 302 20.15 9.37 50.75
N ALA D 303 20.21 10.62 51.18
CA ALA D 303 19.74 11.01 52.50
C ALA D 303 18.24 11.30 52.55
N ALA D 304 17.56 11.34 51.40
CA ALA D 304 16.13 11.61 51.39
C ALA D 304 15.37 10.40 51.91
N ARG D 305 14.68 10.57 53.04
CA ARG D 305 13.94 9.47 53.64
C ARG D 305 12.84 10.02 54.53
N ASN D 306 11.90 9.15 54.87
CA ASN D 306 10.83 9.44 55.84
C ASN D 306 11.02 8.51 57.02
N VAL D 307 10.97 9.06 58.23
CA VAL D 307 11.43 8.37 59.43
C VAL D 307 10.23 7.99 60.30
N GLU D 308 10.25 6.76 60.83
CA GLU D 308 9.28 6.35 61.84
C GLU D 308 9.22 7.33 63.00
N GLU D 309 10.38 7.64 63.60
CA GLU D 309 10.41 8.42 64.82
C GLU D 309 9.83 9.81 64.61
N GLY D 310 10.15 10.44 63.50
CA GLY D 310 9.65 11.77 63.21
C GLY D 310 10.60 12.51 62.32
N GLY D 311 10.12 13.64 61.79
CA GLY D 311 10.91 14.44 60.89
C GLY D 311 10.89 13.91 59.48
N SER D 312 11.57 14.63 58.59
CA SER D 312 11.61 14.29 57.18
C SER D 312 12.74 15.06 56.53
N LEU D 313 13.28 14.50 55.45
CA LEU D 313 14.33 15.16 54.68
C LEU D 313 14.03 14.97 53.21
N THR D 314 13.50 16.01 52.58
CA THR D 314 13.18 16.02 51.17
C THR D 314 14.31 16.68 50.39
N ILE D 315 14.65 16.10 49.24
CA ILE D 315 15.70 16.62 48.38
C ILE D 315 15.16 16.70 46.96
N ILE D 316 15.19 17.88 46.38
CA ILE D 316 14.83 18.10 44.99
C ILE D 316 16.08 18.62 44.29
N ALA D 317 16.77 17.75 43.57
CA ALA D 317 18.00 18.10 42.89
C ALA D 317 17.78 18.06 41.38
N THR D 318 18.36 19.04 40.69
CA THR D 318 18.20 19.12 39.24
C THR D 318 19.44 18.58 38.54
N ALA D 319 19.22 18.01 37.36
CA ALA D 319 20.28 17.43 36.55
C ALA D 319 20.23 18.02 35.14
N LEU D 320 21.40 18.08 34.50
CA LEU D 320 21.54 18.70 33.19
C LEU D 320 21.72 17.63 32.13
N ILE D 321 20.98 17.78 31.03
CA ILE D 321 21.12 16.92 29.85
C ILE D 321 21.18 17.82 28.62
N ASP D 322 21.50 17.20 27.48
CA ASP D 322 21.62 17.89 26.19
C ASP D 322 22.63 19.04 26.29
N THR D 323 23.72 18.81 27.02
CA THR D 323 24.76 19.82 27.18
C THR D 323 25.87 19.68 26.16
N GLY D 324 26.21 18.45 25.76
CA GLY D 324 27.31 18.19 24.86
C GLY D 324 28.53 17.61 25.51
N SER D 325 28.61 17.63 26.84
CA SER D 325 29.70 17.01 27.57
C SER D 325 29.31 15.59 27.94
N LYS D 326 30.16 14.63 27.60
CA LYS D 326 29.81 13.21 27.76
C LYS D 326 29.57 12.86 29.24
N MET D 327 30.40 13.40 30.14
CA MET D 327 30.27 13.07 31.55
C MET D 327 28.91 13.51 32.11
N ASP D 328 28.27 14.52 31.50
CA ASP D 328 26.96 14.95 31.99
C ASP D 328 25.93 13.84 31.86
N GLU D 329 25.79 13.27 30.65
CA GLU D 329 24.84 12.17 30.53
C GLU D 329 25.38 10.90 31.19
N VAL D 330 26.69 10.74 31.30
CA VAL D 330 27.21 9.63 32.08
C VAL D 330 26.63 9.67 33.49
N ILE D 331 26.70 10.85 34.12
CA ILE D 331 26.08 11.05 35.42
C ILE D 331 24.58 10.82 35.35
N TYR D 332 23.96 11.25 34.24
CA TYR D 332 22.49 11.14 34.13
C TYR D 332 22.03 9.69 34.18
N GLU D 333 22.60 8.82 33.34
CA GLU D 333 22.30 7.40 33.50
C GLU D 333 22.96 6.76 34.71
N GLU D 334 23.81 7.47 35.45
CA GLU D 334 24.21 6.99 36.76
C GLU D 334 23.28 7.48 37.88
N PHE D 335 22.15 8.10 37.53
CA PHE D 335 21.23 8.63 38.54
C PHE D 335 19.76 8.38 38.22
N LYS D 336 19.43 7.62 37.17
CA LYS D 336 18.03 7.45 36.81
C LYS D 336 17.26 6.69 37.89
N GLY D 337 17.79 5.54 38.32
CA GLY D 337 17.04 4.70 39.24
C GLY D 337 17.03 5.16 40.67
N THR D 338 17.86 6.14 41.03
CA THR D 338 17.96 6.57 42.42
C THR D 338 16.73 7.35 42.85
N GLY D 339 16.29 8.29 42.02
CA GLY D 339 15.19 9.17 42.42
C GLY D 339 13.85 8.50 42.29
N ASN D 340 12.96 8.81 43.24
CA ASN D 340 11.59 8.30 43.23
C ASN D 340 10.57 9.35 42.78
N MET D 341 11.02 10.55 42.41
CA MET D 341 10.16 11.53 41.76
C MET D 341 10.91 12.09 40.58
N GLU D 342 10.23 12.21 39.44
CA GLU D 342 10.86 12.58 38.19
C GLU D 342 10.11 13.73 37.56
N LEU D 343 10.84 14.76 37.15
CA LEU D 343 10.26 15.94 36.49
C LEU D 343 11.11 16.29 35.29
N HIS D 344 10.57 16.09 34.10
CA HIS D 344 11.30 16.32 32.86
C HIS D 344 10.88 17.64 32.22
N LEU D 345 11.85 18.47 31.89
CA LEU D 345 11.63 19.68 31.11
C LEU D 345 12.21 19.50 29.73
N SER D 346 11.46 19.89 28.70
CA SER D 346 11.84 19.66 27.32
C SER D 346 12.23 20.96 26.65
N ARG D 347 13.24 20.89 25.77
CA ARG D 347 13.68 22.07 25.04
C ARG D 347 12.61 22.55 24.06
N LYS D 348 11.86 21.62 23.47
CA LYS D 348 10.91 21.99 22.42
C LYS D 348 9.83 22.92 22.94
N ILE D 349 9.31 22.65 24.13
CA ILE D 349 8.27 23.50 24.70
C ILE D 349 8.84 24.88 25.02
N ALA D 350 10.08 24.93 25.51
CA ALA D 350 10.71 26.21 25.79
C ALA D 350 10.97 27.01 24.52
N GLU D 351 11.23 26.34 23.40
CA GLU D 351 11.45 27.03 22.15
C GLU D 351 10.19 27.72 21.65
N LYS D 352 9.01 27.24 22.05
CA LYS D 352 7.75 27.87 21.70
C LYS D 352 7.33 28.92 22.71
N ARG D 353 8.19 29.24 23.68
CA ARG D 353 7.95 30.27 24.69
C ARG D 353 6.75 29.95 25.57
N VAL D 354 6.38 28.68 25.65
CA VAL D 354 5.27 28.23 26.49
C VAL D 354 5.89 27.75 27.79
N PHE D 355 5.57 28.42 28.89
CA PHE D 355 6.14 28.05 30.17
C PHE D 355 5.04 27.83 31.20
N PRO D 356 5.26 26.94 32.19
CA PRO D 356 6.47 26.13 32.41
C PRO D 356 6.60 25.00 31.39
N ALA D 357 7.82 24.73 30.93
CA ALA D 357 8.06 23.70 29.91
C ALA D 357 8.32 22.38 30.61
N ILE D 358 7.26 21.63 30.86
CA ILE D 358 7.33 20.37 31.58
C ILE D 358 6.88 19.26 30.64
N ASP D 359 7.71 18.23 30.48
CA ASP D 359 7.33 17.05 29.71
C ASP D 359 6.39 16.23 30.57
N TYR D 360 5.10 16.50 30.42
CA TYR D 360 4.11 15.93 31.34
C TYR D 360 4.04 14.41 31.21
N ASN D 361 4.09 13.90 29.98
CA ASN D 361 3.97 12.46 29.77
C ASN D 361 5.12 11.69 30.41
N ARG D 362 6.35 12.18 30.24
CA ARG D 362 7.50 11.46 30.77
C ARG D 362 7.65 11.65 32.27
N SER D 363 7.29 12.81 32.79
CA SER D 363 7.40 13.07 34.22
C SER D 363 6.31 12.34 34.99
N GLY D 364 6.61 12.00 36.24
CA GLY D 364 5.65 11.31 37.07
C GLY D 364 6.23 11.02 38.43
N THR D 365 5.40 10.41 39.27
CA THR D 365 5.78 10.04 40.63
C THR D 365 5.41 8.60 40.90
N ARG D 366 6.30 7.86 41.55
CA ARG D 366 6.07 6.49 41.91
C ARG D 366 5.58 6.39 43.35
N LYS D 367 4.76 5.37 43.62
CA LYS D 367 4.12 5.18 44.92
C LYS D 367 3.34 6.43 45.34
N GLU D 368 2.57 6.97 44.40
CA GLU D 368 1.76 8.15 44.66
C GLU D 368 0.48 7.85 45.42
N GLU D 369 0.13 6.57 45.57
CA GLU D 369 -1.10 6.22 46.29
C GLU D 369 -1.01 6.62 47.76
N LEU D 370 0.15 6.44 48.38
CA LEU D 370 0.33 6.78 49.78
C LEU D 370 0.33 8.29 50.03
N LEU D 371 0.41 9.10 48.98
CA LEU D 371 0.50 10.54 49.13
C LEU D 371 -0.82 11.27 48.91
N THR D 372 -1.76 10.67 48.19
CA THR D 372 -2.97 11.37 47.77
C THR D 372 -4.19 10.51 48.01
N THR D 373 -5.34 11.18 48.13
CA THR D 373 -6.61 10.48 48.28
C THR D 373 -7.03 9.85 46.95
N GLN D 374 -8.00 8.95 47.03
CA GLN D 374 -8.37 8.15 45.86
C GLN D 374 -9.15 8.96 44.83
N GLU D 375 -9.97 9.92 45.27
CA GLU D 375 -10.81 10.65 44.31
C GLU D 375 -9.96 11.52 43.38
N GLU D 376 -9.06 12.32 43.96
CA GLU D 376 -8.23 13.17 43.11
C GLU D 376 -7.16 12.36 42.39
N LEU D 377 -6.77 11.20 42.95
CA LEU D 377 -5.90 10.30 42.20
C LEU D 377 -6.61 9.78 40.95
N GLN D 378 -7.90 9.44 41.08
CA GLN D 378 -8.67 9.02 39.91
C GLN D 378 -8.82 10.16 38.92
N LYS D 379 -9.03 11.38 39.42
CA LYS D 379 -9.10 12.53 38.52
C LYS D 379 -7.81 12.72 37.75
N MET D 380 -6.66 12.59 38.43
CA MET D 380 -5.38 12.72 37.75
C MET D 380 -5.16 11.57 36.77
N TRP D 381 -5.64 10.38 37.10
CA TRP D 381 -5.54 9.27 36.16
C TRP D 381 -6.36 9.53 34.91
N ILE D 382 -7.56 10.10 35.07
CA ILE D 382 -8.38 10.45 33.92
C ILE D 382 -7.68 11.51 33.08
N LEU D 383 -7.07 12.50 33.73
CA LEU D 383 -6.32 13.52 33.00
C LEU D 383 -5.15 12.89 32.25
N ARG D 384 -4.45 11.94 32.87
CA ARG D 384 -3.32 11.30 32.22
C ARG D 384 -3.76 10.49 31.01
N LYS D 385 -4.88 9.77 31.13
CA LYS D 385 -5.34 8.97 30.00
C LYS D 385 -5.95 9.83 28.88
N ILE D 386 -6.40 11.05 29.19
CA ILE D 386 -6.85 11.94 28.13
C ILE D 386 -5.74 12.86 27.61
N ILE D 387 -4.56 12.84 28.25
CA ILE D 387 -3.44 13.68 27.82
C ILE D 387 -2.34 12.89 27.12
N HIS D 388 -2.37 11.56 27.21
CA HIS D 388 -1.27 10.77 26.66
C HIS D 388 -1.10 10.89 25.14
N PRO D 389 -2.15 10.76 24.31
CA PRO D 389 -1.90 10.69 22.85
C PRO D 389 -1.24 11.92 22.25
N MET D 390 -1.62 13.13 22.64
CA MET D 390 -1.11 14.30 21.96
C MET D 390 0.24 14.74 22.54
N GLY D 391 1.02 15.43 21.71
CA GLY D 391 2.41 15.67 22.02
C GLY D 391 2.62 16.66 23.15
N GLU D 392 3.89 16.73 23.59
CA GLU D 392 4.23 17.48 24.79
C GLU D 392 3.94 18.98 24.63
N ILE D 393 4.29 19.55 23.47
CA ILE D 393 3.99 20.97 23.25
C ILE D 393 2.49 21.21 23.26
N ASP D 394 1.75 20.39 22.52
CA ASP D 394 0.30 20.50 22.51
C ASP D 394 -0.29 20.20 23.88
N ALA D 395 0.28 19.22 24.59
CA ALA D 395 -0.22 18.88 25.92
C ALA D 395 -0.08 20.05 26.87
N MET D 396 1.08 20.72 26.86
CA MET D 396 1.27 21.86 27.76
C MET D 396 0.43 23.05 27.34
N GLU D 397 0.29 23.29 26.03
CA GLU D 397 -0.58 24.39 25.59
C GLU D 397 -2.01 24.15 26.04
N PHE D 398 -2.51 22.92 25.88
CA PHE D 398 -3.85 22.58 26.33
C PHE D 398 -3.99 22.72 27.84
N LEU D 399 -2.99 22.25 28.59
CA LEU D 399 -3.05 22.32 30.04
C LEU D 399 -3.07 23.76 30.53
N ILE D 400 -2.22 24.61 29.97
CA ILE D 400 -2.20 26.02 30.36
C ILE D 400 -3.50 26.71 29.98
N ASN D 401 -4.02 26.42 28.77
CA ASN D 401 -5.26 27.04 28.35
C ASN D 401 -6.41 26.64 29.27
N LYS D 402 -6.49 25.37 29.65
CA LYS D 402 -7.56 24.92 30.52
C LYS D 402 -7.40 25.44 31.95
N LEU D 403 -6.16 25.54 32.44
CA LEU D 403 -5.93 26.01 33.80
C LEU D 403 -6.12 27.52 33.93
N ALA D 404 -5.93 28.27 32.85
CA ALA D 404 -6.02 29.71 32.92
C ALA D 404 -7.44 30.17 33.27
N MET D 405 -8.45 29.53 32.69
CA MET D 405 -9.82 29.96 32.88
C MET D 405 -10.46 29.43 34.16
N THR D 406 -9.74 28.60 34.91
CA THR D 406 -10.22 28.13 36.20
C THR D 406 -9.55 28.93 37.32
N LYS D 407 -9.84 28.54 38.56
CA LYS D 407 -9.27 29.21 39.72
C LYS D 407 -8.34 28.31 40.52
N THR D 408 -8.82 27.14 40.94
CA THR D 408 -8.04 26.19 41.72
C THR D 408 -8.00 24.84 41.01
N ASN D 409 -7.25 23.90 41.59
CA ASN D 409 -7.11 22.58 41.00
C ASN D 409 -8.44 21.83 41.00
N ASP D 410 -9.18 21.91 42.11
CA ASP D 410 -10.47 21.21 42.19
C ASP D 410 -11.44 21.74 41.17
N ASP D 411 -11.50 23.06 41.01
CA ASP D 411 -12.38 23.66 40.00
C ASP D 411 -12.00 23.18 38.61
N PHE D 412 -10.71 23.04 38.34
CA PHE D 412 -10.27 22.45 37.07
C PHE D 412 -10.76 21.02 36.93
N PHE D 413 -10.73 20.26 38.03
CA PHE D 413 -11.20 18.87 37.98
C PHE D 413 -12.68 18.81 37.61
N GLU D 414 -13.52 19.61 38.28
CA GLU D 414 -14.93 19.61 37.90
C GLU D 414 -15.14 20.17 36.50
N MET D 415 -14.33 21.13 36.08
CA MET D 415 -14.49 21.69 34.74
C MET D 415 -14.23 20.64 33.68
N MET D 416 -13.19 19.81 33.87
CA MET D 416 -12.93 18.77 32.89
C MET D 416 -13.88 17.59 33.03
N LYS D 417 -14.39 17.32 34.22
CA LYS D 417 -15.32 16.20 34.39
C LYS D 417 -16.69 16.52 33.80
N ARG D 418 -17.14 17.77 33.94
CA ARG D 418 -18.45 18.15 33.41
C ARG D 418 -18.47 18.15 31.89
N SER D 419 -17.31 18.18 31.24
CA SER D 419 -17.24 18.16 29.79
C SER D 419 -17.11 16.72 29.28
N MET E 1 55.71 68.72 33.04
CA MET E 1 56.73 67.75 32.66
C MET E 1 56.41 66.38 33.23
N ASN E 2 55.88 65.51 32.39
CA ASN E 2 55.46 64.17 32.80
C ASN E 2 56.28 63.12 32.07
N LEU E 3 56.18 61.88 32.55
CA LEU E 3 56.88 60.78 31.90
C LEU E 3 56.14 60.27 30.67
N THR E 4 54.86 60.62 30.51
CA THR E 4 54.07 60.07 29.42
C THR E 4 54.52 60.60 28.07
N GLU E 5 54.69 61.93 27.95
CA GLU E 5 54.98 62.51 26.65
C GLU E 5 56.39 62.16 26.16
N LEU E 6 57.26 61.69 27.05
CA LEU E 6 58.59 61.24 26.66
C LEU E 6 58.66 59.73 26.43
N LYS E 7 57.52 59.03 26.49
CA LYS E 7 57.48 57.59 26.30
C LYS E 7 56.80 57.19 25.00
N ASN E 8 55.64 57.76 24.69
CA ASN E 8 54.90 57.37 23.50
C ASN E 8 55.55 57.87 22.21
N THR E 9 56.37 58.91 22.28
CA THR E 9 56.98 59.48 21.10
C THR E 9 58.04 58.53 20.53
N PRO E 10 58.23 58.54 19.20
CA PRO E 10 59.21 57.64 18.58
C PRO E 10 60.65 58.11 18.71
N VAL E 11 61.56 57.42 18.01
CA VAL E 11 62.98 57.73 18.08
C VAL E 11 63.33 59.13 17.60
N SER E 12 62.37 59.84 16.97
CA SER E 12 62.58 61.25 16.71
C SER E 12 62.79 62.01 18.01
N GLU E 13 62.05 61.64 19.05
CA GLU E 13 62.32 62.19 20.38
C GLU E 13 63.72 61.83 20.84
N LEU E 14 64.16 60.60 20.56
CA LEU E 14 65.52 60.19 20.93
C LEU E 14 66.55 61.12 20.32
N ILE E 15 66.47 61.33 18.99
CA ILE E 15 67.50 62.12 18.32
C ILE E 15 67.41 63.58 18.74
N THR E 16 66.19 64.11 18.88
CA THR E 16 66.05 65.52 19.28
C THR E 16 66.60 65.75 20.68
N LEU E 17 66.28 64.87 21.62
CA LEU E 17 66.79 65.02 22.98
C LEU E 17 68.29 64.77 23.04
N GLY E 18 68.81 63.89 22.20
CA GLY E 18 70.26 63.69 22.16
C GLY E 18 71.00 64.91 21.66
N GLU E 19 70.48 65.56 20.61
CA GLU E 19 71.12 66.75 20.09
C GLU E 19 70.85 67.99 20.94
N ASN E 20 69.81 67.96 21.78
CA ASN E 20 69.50 69.11 22.62
C ASN E 20 70.22 69.04 23.97
N MET E 21 69.97 67.97 24.74
CA MET E 21 70.54 67.85 26.07
C MET E 21 71.95 67.27 26.07
N GLY E 22 72.49 66.94 24.91
CA GLY E 22 73.89 66.54 24.79
C GLY E 22 74.27 65.25 25.46
N LEU E 23 73.46 64.20 25.30
CA LEU E 23 73.84 62.89 25.80
C LEU E 23 74.97 62.31 24.95
N GLU E 24 75.72 61.38 25.54
CA GLU E 24 76.91 60.86 24.87
C GLU E 24 76.57 60.12 23.58
N ASN E 25 75.87 58.99 23.70
CA ASN E 25 75.54 58.20 22.51
C ASN E 25 74.28 57.38 22.82
N LEU E 26 73.15 57.83 22.30
CA LEU E 26 71.89 57.10 22.39
C LEU E 26 71.73 56.21 21.18
N ALA E 27 70.52 55.68 20.98
CA ALA E 27 70.17 54.87 19.80
C ALA E 27 70.95 53.57 19.75
N ARG E 28 71.28 53.02 20.92
CA ARG E 28 71.95 51.72 21.00
C ARG E 28 71.39 50.89 22.15
N MET E 29 70.11 51.07 22.46
CA MET E 29 69.51 50.42 23.61
C MET E 29 67.99 50.55 23.53
N ARG E 30 67.32 49.83 24.42
CA ARG E 30 65.86 49.80 24.47
C ARG E 30 65.29 51.15 24.88
N LYS E 31 64.01 51.37 24.55
CA LYS E 31 63.34 52.60 24.94
C LYS E 31 63.35 52.82 26.45
N GLN E 32 63.32 51.75 27.24
CA GLN E 32 63.39 51.92 28.69
C GLN E 32 64.70 52.56 29.10
N ASP E 33 65.82 52.11 28.52
CA ASP E 33 67.11 52.69 28.87
C ASP E 33 67.28 54.09 28.30
N ILE E 34 66.75 54.36 27.10
CA ILE E 34 66.80 55.71 26.56
C ILE E 34 66.04 56.67 27.46
N ILE E 35 64.83 56.27 27.87
CA ILE E 35 64.03 57.10 28.76
C ILE E 35 64.74 57.27 30.10
N PHE E 36 65.41 56.21 30.58
CA PHE E 36 66.15 56.31 31.82
C PHE E 36 67.28 57.33 31.71
N ALA E 37 68.01 57.33 30.59
CA ALA E 37 69.06 58.32 30.40
C ALA E 37 68.48 59.73 30.35
N ILE E 38 67.36 59.90 29.64
CA ILE E 38 66.76 61.23 29.53
C ILE E 38 66.32 61.73 30.90
N LEU E 39 65.65 60.87 31.68
CA LEU E 39 65.18 61.27 32.99
C LEU E 39 66.34 61.55 33.95
N LYS E 40 67.42 60.76 33.87
CA LYS E 40 68.58 61.04 34.71
C LYS E 40 69.19 62.38 34.37
N GLN E 41 69.37 62.66 33.07
CA GLN E 41 69.97 63.93 32.67
C GLN E 41 69.07 65.12 33.01
N HIS E 42 67.76 64.93 32.94
CA HIS E 42 66.85 66.03 33.28
C HIS E 42 66.79 66.27 34.78
N ALA E 43 66.80 65.20 35.58
CA ALA E 43 66.85 65.34 37.03
C ALA E 43 68.19 65.90 37.49
N LYS E 44 69.24 65.75 36.69
CA LYS E 44 70.51 66.39 37.02
C LYS E 44 70.37 67.90 37.07
N SER E 45 69.58 68.48 36.16
CA SER E 45 69.35 69.92 36.17
C SER E 45 68.62 70.36 37.43
N GLY E 46 67.65 69.56 37.87
CA GLY E 46 66.89 69.88 39.07
C GLY E 46 65.49 70.42 38.84
N GLU E 47 65.03 70.48 37.59
CA GLU E 47 63.68 70.94 37.32
C GLU E 47 62.66 69.96 37.89
N ASP E 48 61.60 70.51 38.48
CA ASP E 48 60.56 69.67 39.07
C ASP E 48 59.89 68.81 38.02
N ILE E 49 59.73 67.52 38.34
CA ILE E 49 59.10 66.56 37.44
C ILE E 49 58.13 65.71 38.23
N PHE E 50 57.17 65.13 37.52
CA PHE E 50 56.15 64.29 38.12
C PHE E 50 55.87 63.10 37.20
N GLY E 51 55.31 62.04 37.79
CA GLY E 51 55.05 60.82 37.07
C GLY E 51 53.64 60.29 37.33
N ASP E 52 53.32 59.21 36.63
CA ASP E 52 52.02 58.56 36.74
C ASP E 52 52.14 57.11 36.30
N GLY E 53 51.12 56.33 36.65
CA GLY E 53 51.08 54.94 36.22
C GLY E 53 50.14 54.12 37.09
N VAL E 54 50.36 52.82 37.05
CA VAL E 54 49.52 51.85 37.75
C VAL E 54 50.35 51.18 38.84
N LEU E 55 49.83 51.20 40.07
CA LEU E 55 50.55 50.67 41.21
C LEU E 55 50.49 49.13 41.22
N GLU E 56 51.49 48.53 41.86
CA GLU E 56 51.60 47.09 41.97
C GLU E 56 52.30 46.75 43.27
N ILE E 57 51.79 45.72 43.95
CA ILE E 57 52.32 45.27 45.24
C ILE E 57 53.03 43.94 45.04
N LEU E 58 54.26 43.85 45.52
CA LEU E 58 55.03 42.61 45.48
C LEU E 58 54.73 41.80 46.75
N GLN E 59 55.51 40.74 46.98
CA GLN E 59 55.26 39.83 48.07
C GLN E 59 55.61 40.40 49.44
N ASP E 60 56.31 41.54 49.49
CA ASP E 60 56.76 42.09 50.78
C ASP E 60 56.60 43.60 50.83
N GLY E 61 55.58 44.15 50.18
CA GLY E 61 55.37 45.58 50.19
C GLY E 61 56.31 46.38 49.31
N PHE E 62 57.09 45.71 48.46
CA PHE E 62 58.03 46.36 47.56
C PHE E 62 57.23 47.02 46.43
N GLY E 63 56.74 48.23 46.71
CA GLY E 63 55.81 48.88 45.81
C GLY E 63 56.47 49.21 44.48
N PHE E 64 55.85 48.80 43.38
CA PHE E 64 56.29 49.18 42.06
C PHE E 64 55.18 49.95 41.36
N LEU E 65 55.55 50.72 40.34
CA LEU E 65 54.59 51.47 39.55
C LEU E 65 54.94 51.28 38.08
N ARG E 66 54.06 50.61 37.35
CA ARG E 66 54.25 50.31 35.94
C ARG E 66 53.56 51.37 35.08
N SER E 67 53.86 51.33 33.79
CA SER E 67 53.28 52.25 32.81
C SER E 67 52.49 51.45 31.79
N ALA E 68 51.26 51.90 31.52
CA ALA E 68 50.42 51.22 30.54
C ALA E 68 50.86 51.47 29.11
N ASP E 69 51.60 52.56 28.86
CA ASP E 69 52.10 52.83 27.51
C ASP E 69 53.08 51.74 27.07
N SER E 70 53.94 51.29 27.97
CA SER E 70 54.94 50.27 27.67
C SER E 70 54.43 48.85 27.93
N SER E 71 53.11 48.68 28.01
CA SER E 71 52.49 47.35 28.17
C SER E 71 52.97 46.62 29.42
N TYR E 72 53.31 47.39 30.46
CA TYR E 72 53.66 46.85 31.78
C TYR E 72 54.90 45.93 31.73
N LEU E 73 55.85 46.25 30.86
CA LEU E 73 57.15 45.61 30.96
C LEU E 73 57.85 46.03 32.23
N ALA E 74 58.57 45.10 32.85
CA ALA E 74 59.35 45.38 34.06
C ALA E 74 60.72 45.88 33.62
N GLY E 75 60.93 47.18 33.75
CA GLY E 75 62.17 47.79 33.31
C GLY E 75 62.64 48.90 34.24
N PRO E 76 63.71 49.59 33.84
CA PRO E 76 64.23 50.68 34.68
C PRO E 76 63.22 51.80 34.90
N ASP E 77 62.28 52.00 33.98
CA ASP E 77 61.34 53.10 34.09
C ASP E 77 60.29 52.89 35.18
N ASP E 78 60.22 51.69 35.76
CA ASP E 78 59.27 51.45 36.83
C ASP E 78 59.58 52.35 38.02
N ILE E 79 58.53 52.86 38.65
CA ILE E 79 58.66 53.86 39.71
C ILE E 79 58.61 53.16 41.06
N TYR E 80 59.58 53.48 41.93
CA TYR E 80 59.57 52.95 43.29
C TYR E 80 58.39 53.51 44.08
N VAL E 81 57.81 52.65 44.92
CA VAL E 81 56.73 53.02 45.83
C VAL E 81 57.04 52.36 47.17
N SER E 82 57.33 53.17 48.18
CA SER E 82 57.77 52.67 49.46
C SER E 82 56.59 52.04 50.24
N PRO E 83 56.87 51.05 51.08
CA PRO E 83 55.81 50.50 51.93
C PRO E 83 55.20 51.52 52.87
N SER E 84 55.96 52.55 53.26
CA SER E 84 55.40 53.59 54.12
C SER E 84 54.24 54.31 53.42
N GLN E 85 54.43 54.65 52.15
CA GLN E 85 53.33 55.24 51.39
C GLN E 85 52.19 54.26 51.20
N ILE E 86 52.50 52.96 51.09
CA ILE E 86 51.46 51.95 50.92
C ILE E 86 50.57 51.91 52.16
N ARG E 87 51.17 51.89 53.34
CA ARG E 87 50.37 51.86 54.56
C ARG E 87 49.85 53.25 54.97
N ARG E 88 50.32 54.32 54.36
CA ARG E 88 49.82 55.66 54.66
C ARG E 88 48.61 56.01 53.80
N PHE E 89 48.71 55.82 52.49
CA PHE E 89 47.60 56.10 51.59
C PHE E 89 46.66 54.92 51.41
N ASN E 90 47.01 53.75 51.93
CA ASN E 90 46.19 52.54 51.83
C ASN E 90 45.87 52.21 50.37
N LEU E 91 46.93 51.90 49.63
CA LEU E 91 46.83 51.60 48.21
C LEU E 91 47.14 50.13 47.97
N ARG E 92 46.44 49.53 47.00
CA ARG E 92 46.66 48.14 46.61
C ARG E 92 46.91 48.08 45.10
N THR E 93 47.06 46.86 44.60
CA THR E 93 47.39 46.66 43.20
C THR E 93 46.27 47.18 42.29
N GLY E 94 46.66 47.75 41.16
CA GLY E 94 45.71 48.28 40.20
C GLY E 94 45.35 49.73 40.39
N ASP E 95 45.81 50.37 41.46
CA ASP E 95 45.51 51.78 41.68
C ASP E 95 46.25 52.64 40.66
N THR E 96 45.54 53.64 40.12
CA THR E 96 46.14 54.60 39.21
C THR E 96 46.69 55.75 40.05
N ILE E 97 48.01 55.88 40.08
CA ILE E 97 48.70 56.83 40.96
C ILE E 97 49.49 57.80 40.10
N SER E 98 49.31 59.10 40.37
CA SER E 98 50.10 60.14 39.73
C SER E 98 50.47 61.19 40.77
N GLY E 99 51.68 61.72 40.64
CA GLY E 99 52.13 62.75 41.57
C GLY E 99 53.60 63.05 41.38
N LYS E 100 54.12 63.84 42.31
CA LYS E 100 55.53 64.25 42.28
C LYS E 100 56.44 63.03 42.38
N ILE E 101 57.58 63.11 41.69
CA ILE E 101 58.51 62.00 41.57
C ILE E 101 59.89 62.49 41.97
N ARG E 102 60.72 61.57 42.48
CA ARG E 102 61.98 61.92 43.10
C ARG E 102 63.15 61.24 42.39
N PRO E 103 64.24 61.96 42.11
CA PRO E 103 65.44 61.28 41.62
C PRO E 103 66.04 60.40 42.70
N PRO E 104 66.74 59.34 42.33
CA PRO E 104 67.23 58.38 43.33
C PRO E 104 68.55 58.82 43.92
N LYS E 105 68.73 58.47 45.20
CA LYS E 105 70.00 58.72 45.88
C LYS E 105 70.97 57.58 45.57
N GLU E 106 72.14 57.62 46.20
CA GLU E 106 73.11 56.55 46.02
C GLU E 106 72.60 55.25 46.64
N GLY E 107 72.92 54.14 45.99
CA GLY E 107 72.49 52.83 46.43
C GLY E 107 71.23 52.31 45.77
N GLU E 108 70.47 53.17 45.10
CA GLU E 108 69.26 52.75 44.40
C GLU E 108 69.22 53.44 43.04
N ARG E 109 68.50 52.81 42.11
CA ARG E 109 68.47 53.25 40.71
C ARG E 109 67.06 53.52 40.21
N TYR E 110 66.07 53.62 41.09
CA TYR E 110 64.69 53.85 40.69
C TYR E 110 64.20 55.15 41.29
N PHE E 111 63.47 55.93 40.49
CA PHE E 111 62.72 57.05 41.06
C PHE E 111 61.73 56.57 42.11
N ALA E 112 61.74 57.25 43.25
CA ALA E 112 60.75 57.04 44.30
C ALA E 112 59.57 57.97 44.06
N LEU E 113 58.68 58.08 45.04
CA LEU E 113 57.48 58.89 44.94
C LEU E 113 57.53 59.96 46.03
N LEU E 114 57.69 61.22 45.63
CA LEU E 114 57.69 62.32 46.60
C LEU E 114 56.34 62.45 47.28
N LYS E 115 55.28 62.56 46.49
CA LYS E 115 53.93 62.71 47.01
C LYS E 115 52.94 62.46 45.87
N VAL E 116 51.75 62.00 46.23
CA VAL E 116 50.69 61.74 45.27
C VAL E 116 49.83 62.98 45.13
N ASN E 117 49.32 63.23 43.92
CA ASN E 117 48.35 64.28 43.71
C ASN E 117 47.10 63.82 42.97
N GLU E 118 47.06 62.57 42.52
CA GLU E 118 45.83 62.04 41.90
C GLU E 118 45.83 60.53 42.03
N VAL E 119 44.82 59.98 42.69
CA VAL E 119 44.67 58.54 42.87
C VAL E 119 43.37 58.12 42.21
N ASN E 120 43.47 57.21 41.23
CA ASN E 120 42.31 56.72 40.48
C ASN E 120 41.50 57.88 39.89
N PHE E 121 42.21 58.88 39.38
CA PHE E 121 41.59 60.10 38.83
C PHE E 121 40.67 60.75 39.86
N ASP E 122 41.12 60.78 41.11
CA ASP E 122 40.34 61.34 42.20
C ASP E 122 41.28 61.75 43.32
N LYS E 123 40.75 62.53 44.25
CA LYS E 123 41.55 62.98 45.38
C LYS E 123 41.95 61.78 46.24
N PRO E 124 43.21 61.72 46.68
CA PRO E 124 43.63 60.57 47.51
C PRO E 124 42.86 60.44 48.81
N GLU E 125 42.35 61.55 49.35
CA GLU E 125 41.57 61.47 50.58
C GLU E 125 40.29 60.67 50.38
N ASN E 126 39.60 60.90 49.26
CA ASN E 126 38.37 60.19 48.98
C ASN E 126 38.60 58.78 48.43
N ALA E 127 39.82 58.46 47.99
CA ALA E 127 40.08 57.14 47.44
C ALA E 127 40.16 56.07 48.53
N ARG E 128 40.60 56.45 49.74
CA ARG E 128 40.71 55.48 50.82
C ARG E 128 39.34 54.94 51.22
N ASN E 129 38.33 55.81 51.28
CA ASN E 129 36.99 55.40 51.70
C ASN E 129 36.19 54.92 50.49
N LYS E 130 36.56 53.73 50.01
CA LYS E 130 35.90 53.10 48.88
C LYS E 130 35.60 51.65 49.21
N ILE E 131 34.46 51.16 48.73
CA ILE E 131 34.03 49.79 49.00
C ILE E 131 34.78 48.84 48.08
N LEU E 132 35.12 47.66 48.59
CA LEU E 132 35.83 46.67 47.81
C LEU E 132 34.97 46.14 46.67
N PHE E 133 35.64 45.71 45.60
CA PHE E 133 34.95 45.06 44.50
C PHE E 133 34.30 43.76 44.95
N GLU E 134 34.99 43.01 45.82
CA GLU E 134 34.45 41.74 46.32
C GLU E 134 33.27 41.94 47.27
N ASN E 135 33.06 43.15 47.77
CA ASN E 135 31.98 43.44 48.69
C ASN E 135 30.79 44.10 48.02
N LEU E 136 30.79 44.17 46.69
CA LEU E 136 29.70 44.78 45.93
C LEU E 136 28.73 43.70 45.47
N THR E 137 27.44 43.91 45.71
CA THR E 137 26.43 42.93 45.36
C THR E 137 26.18 42.94 43.86
N PRO E 138 26.38 41.83 43.16
CA PRO E 138 26.13 41.81 41.72
C PRO E 138 24.64 41.78 41.40
N LEU E 139 24.33 42.15 40.16
CA LEU E 139 22.98 42.05 39.62
C LEU E 139 23.08 41.58 38.17
N HIS E 140 21.95 41.61 37.48
CA HIS E 140 21.93 41.28 36.06
C HIS E 140 22.18 42.55 35.24
N ALA E 141 22.46 42.34 33.95
CA ALA E 141 22.71 43.47 33.05
C ALA E 141 21.43 44.25 32.83
N ASN E 142 21.44 45.54 33.18
CA ASN E 142 20.27 46.40 33.06
C ASN E 142 20.36 47.30 31.83
N SER E 143 21.43 48.07 31.71
CA SER E 143 21.57 49.04 30.63
C SER E 143 22.05 48.35 29.36
N ARG E 144 21.28 48.48 28.28
CA ARG E 144 21.68 47.91 27.01
C ARG E 144 22.87 48.67 26.44
N LEU E 145 23.84 47.93 25.91
CA LEU E 145 25.04 48.49 25.31
C LEU E 145 24.95 48.26 23.80
N ARG E 146 24.33 49.21 23.11
CA ARG E 146 24.10 49.05 21.68
C ARG E 146 25.41 49.10 20.90
N MET E 147 25.47 48.31 19.84
CA MET E 147 26.67 48.24 19.00
C MET E 147 26.47 48.84 17.62
N GLU E 148 25.25 49.24 17.25
CA GLU E 148 25.03 49.83 15.94
C GLU E 148 25.69 51.20 15.87
N ARG E 149 26.69 51.33 15.01
CA ARG E 149 27.45 52.58 14.95
C ARG E 149 26.59 53.73 14.44
N GLY E 150 25.75 53.46 13.43
CA GLY E 150 24.81 54.45 12.95
C GLY E 150 25.33 55.39 11.89
N ASN E 151 26.59 55.26 11.48
CA ASN E 151 27.15 56.14 10.45
C ASN E 151 26.82 55.68 9.04
N GLY E 152 26.14 54.55 8.88
CA GLY E 152 25.79 54.05 7.56
C GLY E 152 26.97 53.60 6.73
N SER E 153 27.96 52.96 7.36
CA SER E 153 29.11 52.43 6.65
C SER E 153 28.83 51.00 6.21
N THR E 154 29.84 50.31 5.72
CA THR E 154 29.69 48.92 5.31
C THR E 154 30.27 47.93 6.31
N GLU E 155 31.29 48.32 7.08
CA GLU E 155 31.76 47.47 8.17
C GLU E 155 30.72 47.38 9.28
N ASP E 156 30.05 48.50 9.56
CA ASP E 156 29.00 48.55 10.59
C ASP E 156 27.98 47.44 10.42
N LEU E 157 27.89 46.86 9.21
CA LEU E 157 26.99 45.73 8.98
C LEU E 157 27.19 44.65 10.03
N THR E 158 28.44 44.25 10.27
CA THR E 158 28.67 43.20 11.27
C THR E 158 28.19 43.65 12.64
N ALA E 159 28.44 44.92 13.00
CA ALA E 159 27.92 45.43 14.26
C ALA E 159 26.41 45.32 14.30
N ARG E 160 25.74 45.65 13.20
CA ARG E 160 24.30 45.47 13.13
C ARG E 160 23.93 44.02 13.39
N VAL E 161 24.67 43.08 12.79
CA VAL E 161 24.41 41.67 13.02
C VAL E 161 24.51 41.34 14.50
N LEU E 162 25.47 41.96 15.19
CA LEU E 162 25.60 41.75 16.62
C LEU E 162 24.31 42.13 17.34
N ASP E 163 23.75 43.30 17.01
CA ASP E 163 22.52 43.73 17.66
C ASP E 163 21.34 42.81 17.34
N LEU E 164 21.47 41.97 16.31
CA LEU E 164 20.46 40.98 16.01
C LEU E 164 20.82 39.59 16.53
N ALA E 165 22.09 39.35 16.86
CA ALA E 165 22.53 38.01 17.25
C ALA E 165 22.46 37.82 18.76
N SER E 166 23.20 38.64 19.52
CA SER E 166 23.24 38.53 20.97
C SER E 166 23.32 39.93 21.55
N LEU E 167 22.31 40.31 22.32
CA LEU E 167 22.30 41.61 22.96
C LEU E 167 23.41 41.68 24.01
N ILE E 168 24.12 42.80 24.03
CA ILE E 168 25.22 43.03 24.96
C ILE E 168 24.87 44.23 25.81
N GLY E 169 25.00 44.07 27.14
CA GLY E 169 24.72 45.14 28.07
C GLY E 169 25.87 45.34 29.05
N ARG E 170 25.71 46.34 29.91
CA ARG E 170 26.73 46.63 30.90
C ARG E 170 26.77 45.53 31.95
N GLY E 171 27.98 45.06 32.26
CA GLY E 171 28.14 43.99 33.22
C GLY E 171 27.94 42.60 32.67
N GLN E 172 27.85 42.45 31.35
CA GLN E 172 27.66 41.14 30.74
C GLN E 172 28.90 40.27 30.89
N ARG E 173 28.75 39.00 30.54
CA ARG E 173 29.84 38.04 30.58
C ARG E 173 29.68 37.15 29.35
N GLY E 174 30.45 37.43 28.31
CA GLY E 174 30.25 36.81 27.02
C GLY E 174 31.46 36.02 26.55
N LEU E 175 31.19 34.98 25.78
CA LEU E 175 32.22 34.16 25.15
C LEU E 175 32.00 34.13 23.65
N ILE E 176 33.05 34.41 22.90
CA ILE E 176 33.05 34.32 21.44
C ILE E 176 33.74 33.01 21.09
N VAL E 177 32.95 32.00 20.73
CA VAL E 177 33.47 30.68 20.40
C VAL E 177 33.67 30.61 18.89
N ALA E 178 34.89 30.31 18.46
CA ALA E 178 35.20 30.33 17.04
C ALA E 178 36.37 29.41 16.70
N PRO E 179 36.34 28.77 15.54
CA PRO E 179 37.51 28.04 15.07
C PRO E 179 38.56 28.99 14.53
N PRO E 180 39.78 28.51 14.28
CA PRO E 180 40.80 29.39 13.69
C PRO E 180 40.36 29.91 12.33
N LYS E 181 40.75 31.15 12.05
CA LYS E 181 40.45 31.82 10.78
C LYS E 181 38.94 31.93 10.57
N ALA E 182 38.27 32.61 11.51
CA ALA E 182 36.83 32.79 11.45
C ALA E 182 36.42 34.24 11.65
N GLY E 183 37.36 35.17 11.76
CA GLY E 183 37.03 36.57 11.92
C GLY E 183 37.00 37.07 13.35
N LYS E 184 37.68 36.40 14.28
CA LYS E 184 37.69 36.86 15.67
C LYS E 184 38.33 38.23 15.79
N THR E 185 39.46 38.43 15.11
CA THR E 185 40.21 39.67 15.26
C THR E 185 39.41 40.86 14.76
N MET E 186 38.84 40.74 13.56
CA MET E 186 38.06 41.85 13.02
C MET E 186 36.75 42.04 13.77
N LEU E 187 36.17 40.97 14.31
CA LEU E 187 35.00 41.12 15.17
C LEU E 187 35.35 41.95 16.40
N LEU E 188 36.51 41.67 17.02
CA LEU E 188 36.95 42.47 18.16
C LEU E 188 37.23 43.91 17.75
N GLN E 189 37.83 44.10 16.57
CA GLN E 189 38.04 45.44 16.03
C GLN E 189 36.73 46.21 15.95
N ASN E 190 35.70 45.58 15.37
CA ASN E 190 34.43 46.25 15.18
C ASN E 190 33.73 46.50 16.51
N ILE E 191 33.85 45.57 17.47
CA ILE E 191 33.29 45.79 18.79
C ILE E 191 33.95 46.98 19.46
N ALA E 192 35.27 47.07 19.38
CA ALA E 192 35.98 48.20 19.97
C ALA E 192 35.58 49.52 19.30
N GLN E 193 35.44 49.50 17.98
CA GLN E 193 35.00 50.70 17.27
C GLN E 193 33.62 51.13 17.72
N SER E 194 32.69 50.17 17.86
CA SER E 194 31.34 50.49 18.30
C SER E 194 31.34 51.06 19.72
N ILE E 195 32.15 50.48 20.61
CA ILE E 195 32.23 51.00 21.97
C ILE E 195 32.79 52.42 21.97
N ALA E 196 33.83 52.67 21.18
CA ALA E 196 34.41 54.00 21.12
C ALA E 196 33.45 55.02 20.54
N TYR E 197 32.63 54.61 19.57
CA TYR E 197 31.73 55.55 18.91
C TYR E 197 30.47 55.80 19.74
N ASN E 198 29.70 54.76 20.00
CA ASN E 198 28.40 54.93 20.63
C ASN E 198 28.51 55.26 22.11
N HIS E 199 29.51 54.73 22.81
CA HIS E 199 29.64 54.88 24.25
C HIS E 199 31.02 55.42 24.60
N PRO E 200 31.26 56.71 24.35
CA PRO E 200 32.56 57.30 24.71
C PRO E 200 32.81 57.37 26.20
N ASP E 201 31.76 57.32 27.03
CA ASP E 201 31.94 57.49 28.46
C ASP E 201 32.59 56.27 29.11
N CYS E 202 32.18 55.07 28.70
CA CYS E 202 32.69 53.86 29.32
C CYS E 202 34.15 53.63 28.95
N VAL E 203 34.90 53.07 29.89
CA VAL E 203 36.32 52.81 29.71
C VAL E 203 36.48 51.52 28.91
N LEU E 204 37.19 51.61 27.79
CA LEU E 204 37.46 50.45 26.94
C LEU E 204 38.94 50.11 27.00
N MET E 205 39.24 48.84 27.23
CA MET E 205 40.61 48.36 27.30
C MET E 205 40.65 46.93 26.79
N VAL E 206 41.60 46.65 25.90
CA VAL E 206 41.69 45.36 25.21
C VAL E 206 42.97 44.66 25.62
N LEU E 207 42.84 43.42 26.07
CA LEU E 207 43.96 42.60 26.52
C LEU E 207 44.23 41.52 25.47
N LEU E 208 45.50 41.41 25.06
CA LEU E 208 45.91 40.42 24.07
C LEU E 208 46.99 39.52 24.65
N ILE E 209 46.81 38.21 24.48
CA ILE E 209 47.71 37.19 25.04
C ILE E 209 48.31 36.41 23.89
N ASP E 210 49.63 36.19 23.95
CA ASP E 210 50.45 35.44 23.01
C ASP E 210 50.02 35.61 21.56
N GLU E 211 49.70 36.85 21.18
CA GLU E 211 49.36 37.19 19.81
C GLU E 211 50.60 37.65 19.06
N ARG E 212 50.54 37.54 17.74
CA ARG E 212 51.66 37.95 16.90
C ARG E 212 51.87 39.46 16.99
N PRO E 213 53.12 39.92 16.91
CA PRO E 213 53.39 41.36 17.05
C PRO E 213 52.70 42.21 16.00
N GLU E 214 52.54 41.71 14.78
CA GLU E 214 51.84 42.48 13.75
C GLU E 214 50.40 42.73 14.15
N GLU E 215 49.73 41.72 14.71
CA GLU E 215 48.37 41.90 15.19
C GLU E 215 48.32 42.89 16.34
N VAL E 216 49.34 42.88 17.20
CA VAL E 216 49.41 43.85 18.29
C VAL E 216 49.50 45.28 17.74
N THR E 217 50.36 45.48 16.74
CA THR E 217 50.49 46.80 16.14
C THR E 217 49.21 47.23 15.45
N GLU E 218 48.54 46.30 14.76
CA GLU E 218 47.27 46.63 14.13
C GLU E 218 46.23 47.00 15.18
N MET E 219 46.19 46.29 16.29
CA MET E 219 45.25 46.59 17.37
C MET E 219 45.51 47.98 17.95
N GLN E 220 46.77 48.27 18.25
CA GLN E 220 47.08 49.49 19.00
C GLN E 220 46.97 50.75 18.17
N ARG E 221 46.99 50.65 16.85
CA ARG E 221 46.90 51.82 15.98
C ARG E 221 45.49 52.03 15.43
N LEU E 222 44.51 51.28 15.91
CA LEU E 222 43.14 51.43 15.45
C LEU E 222 42.16 51.77 16.57
N VAL E 223 42.28 51.12 17.72
CA VAL E 223 41.32 51.33 18.80
C VAL E 223 41.60 52.66 19.50
N LYS E 224 40.55 53.22 20.10
CA LYS E 224 40.65 54.48 20.81
C LYS E 224 41.12 54.29 22.25
N GLY E 225 40.47 53.37 22.98
CA GLY E 225 40.90 53.08 24.33
C GLY E 225 42.25 52.40 24.35
N GLU E 226 42.94 52.54 25.50
CA GLU E 226 44.28 51.98 25.62
C GLU E 226 44.23 50.46 25.57
N VAL E 227 45.23 49.87 24.94
CA VAL E 227 45.30 48.43 24.70
C VAL E 227 46.60 47.90 25.27
N VAL E 228 46.53 46.73 25.89
CA VAL E 228 47.69 46.05 26.46
C VAL E 228 47.81 44.68 25.81
N ALA E 229 49.03 44.34 25.39
CA ALA E 229 49.24 43.09 24.68
C ALA E 229 50.59 42.51 25.04
N SER E 230 50.64 41.20 25.18
CA SER E 230 51.88 40.46 25.36
C SER E 230 51.99 39.43 24.25
N THR E 231 53.14 39.38 23.58
CA THR E 231 53.33 38.46 22.47
C THR E 231 53.70 37.07 22.98
N PHE E 232 53.72 36.10 22.07
CA PHE E 232 54.12 34.75 22.45
C PHE E 232 55.60 34.63 22.73
N ASP E 233 56.39 35.65 22.40
CA ASP E 233 57.82 35.63 22.71
C ASP E 233 58.04 35.62 24.22
N GLU E 234 57.29 36.44 24.96
CA GLU E 234 57.44 36.50 26.40
C GLU E 234 56.94 35.21 27.05
N PRO E 235 57.49 34.83 28.19
CA PRO E 235 57.04 33.62 28.88
C PRO E 235 55.63 33.80 29.45
N ALA E 236 54.99 32.66 29.73
CA ALA E 236 53.63 32.67 30.25
C ALA E 236 53.52 33.36 31.61
N SER E 237 54.62 33.43 32.36
CA SER E 237 54.61 34.18 33.61
C SER E 237 54.24 35.64 33.36
N ARG E 238 54.78 36.23 32.28
CA ARG E 238 54.38 37.58 31.94
C ARG E 238 52.93 37.66 31.49
N HIS E 239 52.42 36.62 30.82
CA HIS E 239 51.00 36.60 30.48
C HIS E 239 50.15 36.68 31.73
N VAL E 240 50.49 35.88 32.74
CA VAL E 240 49.76 35.89 34.00
C VAL E 240 49.88 37.25 34.68
N GLN E 241 51.08 37.83 34.68
CA GLN E 241 51.29 39.13 35.31
C GLN E 241 50.44 40.20 34.64
N VAL E 242 50.43 40.22 33.31
CA VAL E 242 49.67 41.22 32.57
C VAL E 242 48.17 41.04 32.83
N ALA E 243 47.69 39.80 32.82
CA ALA E 243 46.27 39.56 33.08
C ALA E 243 45.88 40.01 34.48
N GLU E 244 46.73 39.72 35.46
CA GLU E 244 46.44 40.15 36.83
C GLU E 244 46.41 41.67 36.94
N MET E 245 47.38 42.35 36.30
CA MET E 245 47.37 43.80 36.31
C MET E 245 46.12 44.37 35.67
N VAL E 246 45.70 43.78 34.55
CA VAL E 246 44.52 44.27 33.84
C VAL E 246 43.28 44.11 34.71
N ILE E 247 43.11 42.93 35.32
CA ILE E 247 41.91 42.68 36.09
C ILE E 247 41.89 43.54 37.36
N GLU E 248 43.06 43.75 37.98
CA GLU E 248 43.10 44.59 39.17
C GLU E 248 42.81 46.05 38.82
N LYS E 249 43.33 46.53 37.70
CA LYS E 249 43.04 47.90 37.26
C LYS E 249 41.56 48.07 36.96
N ALA E 250 40.95 47.06 36.31
CA ALA E 250 39.53 47.11 36.03
C ALA E 250 38.71 47.14 37.31
N LYS E 251 39.10 46.33 38.30
CA LYS E 251 38.39 46.33 39.58
C LYS E 251 38.51 47.67 40.27
N ARG E 252 39.71 48.26 40.27
CA ARG E 252 39.90 49.56 40.90
C ARG E 252 39.07 50.64 40.19
N LEU E 253 39.01 50.59 38.86
CA LEU E 253 38.23 51.57 38.11
C LEU E 253 36.74 51.42 38.40
N VAL E 254 36.23 50.18 38.41
CA VAL E 254 34.81 49.97 38.63
C VAL E 254 34.43 50.22 40.09
N GLU E 255 35.39 50.19 41.01
CA GLU E 255 35.10 50.57 42.39
C GLU E 255 34.72 52.03 42.52
N HIS E 256 35.00 52.85 41.50
CA HIS E 256 34.64 54.27 41.50
C HIS E 256 33.42 54.55 40.66
N LYS E 257 32.50 53.59 40.57
CA LYS E 257 31.25 53.74 39.81
C LYS E 257 31.51 54.05 38.35
N LYS E 258 32.55 53.42 37.79
CA LYS E 258 32.89 53.56 36.39
C LYS E 258 32.47 52.31 35.62
N ASP E 259 32.24 52.49 34.32
CA ASP E 259 31.88 51.40 33.42
C ASP E 259 33.14 50.93 32.71
N VAL E 260 33.60 49.73 33.02
CA VAL E 260 34.81 49.16 32.45
C VAL E 260 34.43 48.06 31.48
N ILE E 261 35.09 48.03 30.33
CA ILE E 261 34.87 47.01 29.31
C ILE E 261 36.23 46.40 28.96
N ILE E 262 36.28 45.06 28.99
CA ILE E 262 37.50 44.32 28.70
C ILE E 262 37.23 43.39 27.53
N LEU E 263 38.13 43.40 26.54
CA LEU E 263 38.08 42.47 25.42
C LEU E 263 39.32 41.59 25.49
N LEU E 264 39.11 40.28 25.53
CA LEU E 264 40.19 39.34 25.78
C LEU E 264 40.33 38.37 24.60
N ASP E 265 41.57 38.22 24.12
CA ASP E 265 41.91 37.30 23.04
C ASP E 265 43.27 36.69 23.39
N SER E 266 43.26 35.49 23.95
CA SER E 266 42.05 34.69 24.20
C SER E 266 42.06 34.11 25.62
N ILE E 267 40.87 33.71 26.09
CA ILE E 267 40.79 33.06 27.39
C ILE E 267 41.48 31.70 27.35
N THR E 268 41.47 31.03 26.20
CA THR E 268 42.17 29.75 26.08
C THR E 268 43.67 29.92 26.29
N ARG E 269 44.25 30.98 25.71
CA ARG E 269 45.67 31.23 25.88
C ARG E 269 46.01 31.57 27.33
N LEU E 270 45.16 32.35 27.99
CA LEU E 270 45.39 32.66 29.39
C LEU E 270 45.28 31.41 30.26
N ALA E 271 44.34 30.53 29.94
CA ALA E 271 44.24 29.26 30.64
C ALA E 271 45.48 28.41 30.42
N ARG E 272 46.02 28.42 29.20
CA ARG E 272 47.28 27.73 28.92
C ARG E 272 48.40 28.28 29.79
N ALA E 273 48.49 29.60 29.87
CA ALA E 273 49.55 30.23 30.68
C ALA E 273 49.42 29.85 32.14
N TYR E 274 48.19 29.91 32.68
CA TYR E 274 47.98 29.53 34.07
C TYR E 274 48.32 28.07 34.30
N ASN E 275 47.94 27.20 33.36
CA ASN E 275 48.24 25.78 33.50
C ASN E 275 49.75 25.54 33.52
N THR E 276 50.49 26.27 32.70
CA THR E 276 51.93 26.05 32.60
C THR E 276 52.73 26.87 33.61
N VAL E 277 52.11 27.72 34.41
CA VAL E 277 52.80 28.47 35.43
C VAL E 277 52.47 27.99 36.84
N VAL E 278 51.23 27.56 37.07
CA VAL E 278 50.82 27.14 38.42
C VAL E 278 51.44 25.79 38.75
N PRO E 279 52.02 25.62 39.93
CA PRO E 279 52.56 24.30 40.31
C PRO E 279 51.48 23.24 40.35
N ALA E 280 51.87 22.01 40.01
CA ALA E 280 50.92 20.91 39.94
C ALA E 280 50.36 20.59 41.33
N SER E 281 49.06 20.35 41.38
CA SER E 281 48.37 20.01 42.62
C SER E 281 48.23 18.51 42.83
N GLY E 282 48.80 17.69 41.93
CA GLY E 282 48.69 16.26 42.04
C GLY E 282 47.45 15.66 41.39
N LYS E 283 46.54 16.48 40.89
CA LYS E 283 45.33 16.02 40.21
C LYS E 283 45.33 16.59 38.80
N VAL E 284 45.49 15.72 37.81
CA VAL E 284 45.56 16.11 36.41
C VAL E 284 44.28 15.64 35.73
N LEU E 285 43.57 16.58 35.11
CA LEU E 285 42.35 16.27 34.40
C LEU E 285 42.68 15.75 32.99
N THR E 286 41.63 15.45 32.22
CA THR E 286 41.83 15.04 30.85
C THR E 286 42.37 16.20 30.02
N GLY E 287 43.28 15.87 29.09
CA GLY E 287 43.90 16.87 28.25
C GLY E 287 45.18 17.45 28.79
N GLY E 288 45.58 17.10 30.01
CA GLY E 288 46.81 17.59 30.59
C GLY E 288 46.70 18.84 31.43
N VAL E 289 45.50 19.20 31.87
CA VAL E 289 45.29 20.39 32.69
C VAL E 289 45.20 19.99 34.16
N ASP E 290 45.86 20.77 35.02
CA ASP E 290 45.72 20.57 36.45
C ASP E 290 44.36 21.08 36.91
N ALA E 291 43.82 20.41 37.93
CA ALA E 291 42.49 20.78 38.43
C ALA E 291 42.47 22.21 38.96
N ASN E 292 43.48 22.59 39.74
CA ASN E 292 43.56 23.95 40.26
C ASN E 292 44.00 24.96 39.21
N ALA E 293 44.61 24.49 38.12
CA ALA E 293 45.14 25.40 37.11
C ALA E 293 44.04 26.26 36.49
N LEU E 294 42.85 25.70 36.32
CA LEU E 294 41.73 26.44 35.74
C LEU E 294 40.99 27.29 36.78
N HIS E 295 41.36 27.19 38.06
CA HIS E 295 40.71 28.02 39.07
C HIS E 295 41.00 29.51 38.84
N ARG E 296 42.25 29.84 38.52
CA ARG E 296 42.62 31.24 38.34
C ARG E 296 41.93 31.90 37.16
N PRO E 297 41.90 31.33 35.95
CA PRO E 297 41.21 32.02 34.85
C PRO E 297 39.73 32.26 35.11
N LYS E 298 39.06 31.33 35.76
CA LYS E 298 37.63 31.50 36.05
C LYS E 298 37.39 32.75 36.87
N ARG E 299 38.22 32.98 37.89
CA ARG E 299 38.13 34.22 38.66
C ARG E 299 38.26 35.44 37.75
N PHE E 300 39.20 35.39 36.81
CA PHE E 300 39.31 36.48 35.84
C PHE E 300 38.02 36.64 35.05
N PHE E 301 37.41 35.52 34.66
CA PHE E 301 36.12 35.57 33.98
C PHE E 301 34.98 35.82 34.95
N GLY E 302 35.20 35.61 36.25
CA GLY E 302 34.15 35.80 37.23
C GLY E 302 33.98 37.20 37.74
N ALA E 303 34.84 38.13 37.32
CA ALA E 303 34.73 39.52 37.76
C ALA E 303 33.65 40.29 37.01
N ALA E 304 33.11 39.74 35.93
CA ALA E 304 32.06 40.43 35.18
C ALA E 304 30.78 40.48 36.00
N ARG E 305 30.35 41.68 36.36
CA ARG E 305 29.15 41.86 37.17
C ARG E 305 28.60 43.26 36.94
N ASN E 306 27.35 43.44 37.35
CA ASN E 306 26.66 44.73 37.27
C ASN E 306 26.40 45.18 38.70
N VAL E 307 27.28 46.05 39.22
CA VAL E 307 27.18 46.48 40.60
C VAL E 307 25.97 47.40 40.77
N GLU E 308 25.19 47.17 41.83
CA GLU E 308 24.04 48.03 42.09
C GLU E 308 24.45 49.38 42.66
N GLU E 309 25.59 49.44 43.37
CA GLU E 309 26.03 50.71 43.93
C GLU E 309 26.38 51.71 42.83
N GLY E 310 27.03 51.23 41.77
CA GLY E 310 27.39 52.10 40.67
C GLY E 310 28.47 51.50 39.78
N GLY E 311 28.33 51.69 38.47
CA GLY E 311 29.30 51.17 37.54
C GLY E 311 29.09 49.70 37.24
N SER E 312 29.88 49.20 36.29
CA SER E 312 29.79 47.80 35.88
C SER E 312 31.11 47.40 35.24
N LEU E 313 31.31 46.09 35.12
CA LEU E 313 32.50 45.52 34.50
C LEU E 313 32.06 44.45 33.51
N THR E 314 32.16 44.76 32.23
CA THR E 314 31.82 43.82 31.17
C THR E 314 33.09 43.18 30.63
N ILE E 315 33.04 41.87 30.41
CA ILE E 315 34.17 41.12 29.89
C ILE E 315 33.69 40.30 28.71
N ILE E 316 34.36 40.47 27.56
CA ILE E 316 34.07 39.69 26.37
C ILE E 316 35.38 38.98 26.01
N ALA E 317 35.45 37.68 26.28
CA ALA E 317 36.65 36.89 26.02
C ALA E 317 36.33 35.87 24.94
N THR E 318 37.23 35.74 23.96
CA THR E 318 37.04 34.77 22.90
C THR E 318 37.66 33.43 23.28
N ALA E 319 37.07 32.35 22.78
CA ALA E 319 37.51 31.00 23.08
C ALA E 319 37.76 30.24 21.77
N LEU E 320 38.81 29.44 21.76
CA LEU E 320 39.23 28.70 20.57
C LEU E 320 38.69 27.27 20.64
N ILE E 321 38.11 26.82 19.52
CA ILE E 321 37.64 25.45 19.37
C ILE E 321 38.12 24.92 18.03
N ASP E 322 38.09 23.60 17.89
CA ASP E 322 38.49 22.92 16.66
C ASP E 322 39.93 23.27 16.27
N THR E 323 40.80 23.42 17.26
CA THR E 323 42.20 23.74 17.04
C THR E 323 43.08 22.49 16.95
N GLY E 324 42.49 21.30 17.03
CA GLY E 324 43.25 20.07 16.99
C GLY E 324 43.90 19.68 18.30
N SER E 325 43.67 20.43 19.37
CA SER E 325 44.22 20.14 20.69
C SER E 325 43.09 19.81 21.64
N LYS E 326 43.20 18.66 22.31
CA LYS E 326 42.18 18.25 23.27
C LYS E 326 42.14 19.18 24.48
N MET E 327 43.26 19.82 24.79
CA MET E 327 43.30 20.72 25.94
C MET E 327 42.43 21.95 25.72
N ASP E 328 42.40 22.48 24.50
CA ASP E 328 41.50 23.59 24.18
C ASP E 328 40.05 23.17 24.34
N GLU E 329 39.71 21.96 23.90
CA GLU E 329 38.34 21.47 24.08
C GLU E 329 37.99 21.33 25.55
N VAL E 330 38.93 20.84 26.36
CA VAL E 330 38.69 20.72 27.80
C VAL E 330 38.46 22.09 28.42
N ILE E 331 39.27 23.07 28.04
CA ILE E 331 39.12 24.42 28.58
C ILE E 331 37.76 24.99 28.19
N TYR E 332 37.37 24.83 26.92
CA TYR E 332 36.08 25.33 26.48
C TYR E 332 34.94 24.65 27.22
N GLU E 333 35.04 23.34 27.44
CA GLU E 333 34.01 22.63 28.18
C GLU E 333 33.92 23.14 29.62
N GLU E 334 35.06 23.42 30.24
CA GLU E 334 35.04 23.93 31.62
C GLU E 334 34.48 25.35 31.68
N PHE E 335 34.65 26.13 30.61
CA PHE E 335 34.14 27.49 30.55
C PHE E 335 32.78 27.60 29.86
N LYS E 336 32.15 26.47 29.55
CA LYS E 336 30.98 26.50 28.68
C LYS E 336 29.80 27.23 29.32
N GLY E 337 29.45 26.86 30.55
CA GLY E 337 28.29 27.43 31.20
C GLY E 337 28.51 28.67 32.03
N THR E 338 29.73 29.18 32.10
CA THR E 338 30.00 30.31 32.98
C THR E 338 29.41 31.61 32.44
N GLY E 339 29.58 31.87 31.14
CA GLY E 339 29.18 33.14 30.59
C GLY E 339 27.68 33.24 30.37
N ASN E 340 27.18 34.47 30.41
CA ASN E 340 25.77 34.74 30.17
C ASN E 340 25.48 35.20 28.75
N MET E 341 26.50 35.31 27.90
CA MET E 341 26.29 35.64 26.49
C MET E 341 27.18 34.72 25.65
N GLU E 342 26.63 34.18 24.58
CA GLU E 342 27.37 33.27 23.71
C GLU E 342 27.28 33.77 22.27
N LEU E 343 28.43 33.85 21.61
CA LEU E 343 28.49 34.21 20.20
C LEU E 343 29.30 33.15 19.47
N HIS E 344 28.61 32.31 18.70
CA HIS E 344 29.24 31.17 18.05
C HIS E 344 29.57 31.51 16.61
N LEU E 345 30.84 31.40 16.25
CA LEU E 345 31.30 31.55 14.89
C LEU E 345 31.59 30.18 14.30
N SER E 346 31.28 30.00 13.02
CA SER E 346 31.45 28.72 12.36
C SER E 346 32.41 28.87 11.19
N ARG E 347 33.34 27.91 11.07
CA ARG E 347 34.27 27.91 9.95
C ARG E 347 33.57 27.57 8.63
N LYS E 348 32.43 26.89 8.69
CA LYS E 348 31.70 26.55 7.47
C LYS E 348 31.25 27.79 6.73
N ILE E 349 30.73 28.79 7.46
CA ILE E 349 30.31 30.03 6.82
C ILE E 349 31.52 30.82 6.33
N ALA E 350 32.58 30.87 7.14
CA ALA E 350 33.78 31.61 6.76
C ALA E 350 34.48 31.00 5.55
N GLU E 351 34.27 29.71 5.28
CA GLU E 351 34.87 29.10 4.10
C GLU E 351 34.34 29.74 2.82
N LYS E 352 33.05 30.06 2.78
CA LYS E 352 32.46 30.76 1.65
C LYS E 352 32.78 32.25 1.65
N ARG E 353 33.63 32.71 2.57
CA ARG E 353 34.04 34.10 2.66
C ARG E 353 32.84 35.04 2.81
N VAL E 354 31.86 34.60 3.59
CA VAL E 354 30.70 35.42 3.96
C VAL E 354 30.96 35.91 5.37
N PHE E 355 31.11 37.23 5.53
CA PHE E 355 31.46 37.78 6.83
C PHE E 355 30.42 38.79 7.27
N PRO E 356 30.09 38.83 8.58
CA PRO E 356 30.64 38.01 9.66
C PRO E 356 30.11 36.57 9.63
N ALA E 357 30.94 35.61 10.03
CA ALA E 357 30.55 34.20 10.05
C ALA E 357 30.07 33.88 11.46
N ILE E 358 28.77 34.07 11.69
CA ILE E 358 28.15 33.87 12.99
C ILE E 358 27.12 32.76 12.88
N ASP E 359 27.23 31.76 13.76
CA ASP E 359 26.22 30.72 13.86
C ASP E 359 25.03 31.31 14.62
N TYR E 360 24.03 31.77 13.88
CA TYR E 360 22.97 32.57 14.48
C TYR E 360 22.17 31.78 15.51
N ASN E 361 21.80 30.54 15.17
CA ASN E 361 20.96 29.75 16.07
C ASN E 361 21.67 29.44 17.38
N ARG E 362 22.94 29.06 17.30
CA ARG E 362 23.69 28.72 18.51
C ARG E 362 23.99 29.95 19.35
N SER E 363 24.31 31.07 18.70
CA SER E 363 24.61 32.29 19.43
C SER E 363 23.36 32.87 20.06
N GLY E 364 23.54 33.55 21.18
CA GLY E 364 22.42 34.17 21.87
C GLY E 364 22.82 34.62 23.26
N THR E 365 21.87 35.26 23.92
CA THR E 365 22.05 35.78 25.27
C THR E 365 20.90 35.30 26.14
N ARG E 366 21.14 35.27 27.45
CA ARG E 366 20.16 34.78 28.41
C ARG E 366 19.47 35.96 29.10
N LYS E 367 18.17 35.81 29.32
CA LYS E 367 17.31 36.81 29.96
C LYS E 367 17.64 38.23 29.51
N GLU E 368 17.49 38.45 28.21
CA GLU E 368 17.67 39.77 27.62
C GLU E 368 16.48 40.69 27.86
N GLU E 369 15.44 40.21 28.53
CA GLU E 369 14.28 41.04 28.82
C GLU E 369 14.67 42.25 29.67
N LEU E 370 15.54 42.03 30.66
CA LEU E 370 15.99 43.12 31.51
C LEU E 370 16.88 44.12 30.78
N LEU E 371 17.36 43.78 29.59
CA LEU E 371 18.25 44.67 28.83
C LEU E 371 17.49 45.57 27.87
N THR E 372 16.69 44.97 26.98
CA THR E 372 16.03 45.71 25.92
C THR E 372 14.56 45.94 26.25
N THR E 373 13.88 46.65 25.36
CA THR E 373 12.44 46.87 25.49
C THR E 373 11.69 45.60 25.09
N GLN E 374 10.37 45.69 25.06
CA GLN E 374 9.54 44.52 24.77
C GLN E 374 9.12 44.43 23.31
N GLU E 375 8.78 45.54 22.66
CA GLU E 375 8.30 45.47 21.28
C GLU E 375 9.37 44.95 20.34
N GLU E 376 10.59 45.50 20.44
CA GLU E 376 11.68 44.96 19.65
C GLU E 376 12.10 43.59 20.13
N LEU E 377 11.75 43.22 21.37
CA LEU E 377 12.00 41.86 21.83
C LEU E 377 11.19 40.86 21.01
N GLN E 378 9.89 41.12 20.81
CA GLN E 378 9.13 40.22 19.94
C GLN E 378 9.48 40.40 18.47
N LYS E 379 9.98 41.57 18.07
CA LYS E 379 10.53 41.69 16.72
C LYS E 379 11.68 40.71 16.51
N MET E 380 12.64 40.71 17.44
CA MET E 380 13.74 39.75 17.36
C MET E 380 13.24 38.33 17.51
N TRP E 381 12.18 38.12 18.29
CA TRP E 381 11.64 36.77 18.48
C TRP E 381 11.07 36.22 17.18
N ILE E 382 10.27 37.03 16.47
CA ILE E 382 9.72 36.55 15.20
C ILE E 382 10.82 36.43 14.16
N LEU E 383 11.83 37.29 14.20
CA LEU E 383 12.98 37.12 13.31
C LEU E 383 13.67 35.79 13.56
N ARG E 384 13.90 35.45 14.82
CA ARG E 384 14.50 34.16 15.17
C ARG E 384 13.63 33.01 14.71
N LYS E 385 12.31 33.14 14.88
CA LYS E 385 11.40 32.08 14.47
C LYS E 385 11.45 31.85 12.97
N ILE E 386 11.51 32.92 12.18
CA ILE E 386 11.49 32.76 10.73
C ILE E 386 12.87 32.33 10.21
N ILE E 387 13.93 32.66 10.94
CA ILE E 387 15.28 32.30 10.48
C ILE E 387 15.72 30.94 11.03
N HIS E 388 14.98 30.37 11.97
CA HIS E 388 15.38 29.10 12.56
C HIS E 388 15.45 27.94 11.56
N PRO E 389 14.47 27.72 10.68
CA PRO E 389 14.47 26.47 9.90
C PRO E 389 15.69 26.28 8.99
N MET E 390 15.96 27.23 8.10
CA MET E 390 16.98 27.00 7.09
C MET E 390 18.38 26.99 7.71
N GLY E 391 19.34 26.50 6.94
CA GLY E 391 20.68 26.29 7.42
C GLY E 391 21.41 27.58 7.74
N GLU E 392 22.51 27.43 8.47
CA GLU E 392 23.22 28.59 8.99
C GLU E 392 23.85 29.42 7.88
N ILE E 393 24.39 28.78 6.85
CA ILE E 393 24.97 29.53 5.73
C ILE E 393 23.88 30.29 5.00
N ASP E 394 22.77 29.62 4.69
CA ASP E 394 21.64 30.30 4.07
C ASP E 394 21.08 31.38 4.98
N ALA E 395 21.06 31.11 6.29
CA ALA E 395 20.57 32.10 7.25
C ALA E 395 21.41 33.37 7.20
N MET E 396 22.73 33.21 7.18
CA MET E 396 23.60 34.39 7.13
C MET E 396 23.51 35.11 5.80
N GLU E 397 23.40 34.36 4.69
CA GLU E 397 23.24 35.02 3.39
C GLU E 397 21.97 35.84 3.35
N PHE E 398 20.86 35.26 3.83
CA PHE E 398 19.60 35.99 3.88
C PHE E 398 19.70 37.21 4.78
N LEU E 399 20.35 37.05 5.95
CA LEU E 399 20.46 38.15 6.90
C LEU E 399 21.26 39.31 6.32
N ILE E 400 22.41 39.00 5.70
CA ILE E 400 23.25 40.07 5.16
C ILE E 400 22.56 40.73 3.98
N ASN E 401 21.86 39.96 3.14
CA ASN E 401 21.14 40.56 2.03
C ASN E 401 20.07 41.51 2.52
N LYS E 402 19.24 41.06 3.47
CA LYS E 402 18.16 41.90 3.97
C LYS E 402 18.68 43.12 4.73
N LEU E 403 19.82 42.97 5.41
CA LEU E 403 20.39 44.12 6.12
C LEU E 403 20.99 45.13 5.15
N ALA E 404 21.60 44.64 4.06
CA ALA E 404 22.12 45.56 3.05
C ALA E 404 21.00 46.28 2.31
N MET E 405 19.85 45.62 2.14
CA MET E 405 18.72 46.28 1.49
C MET E 405 18.23 47.47 2.29
N THR E 406 18.21 47.36 3.62
CA THR E 406 17.73 48.44 4.48
C THR E 406 18.89 49.34 4.90
N LYS E 407 18.63 50.24 5.84
CA LYS E 407 19.64 51.18 6.33
C LYS E 407 19.92 51.01 7.81
N THR E 408 18.89 50.93 8.64
CA THR E 408 19.05 50.81 10.08
C THR E 408 18.30 49.57 10.58
N ASN E 409 18.56 49.22 11.84
CA ASN E 409 17.90 48.05 12.43
C ASN E 409 16.40 48.26 12.51
N ASP E 410 15.97 49.45 12.91
CA ASP E 410 14.53 49.74 12.95
C ASP E 410 13.90 49.64 11.57
N ASP E 411 14.59 50.18 10.56
CA ASP E 411 14.10 50.06 9.19
C ASP E 411 14.09 48.61 8.74
N PHE E 412 15.09 47.83 9.19
CA PHE E 412 15.10 46.41 8.88
C PHE E 412 13.88 45.71 9.44
N PHE E 413 13.54 45.98 10.71
CA PHE E 413 12.35 45.39 11.31
C PHE E 413 11.09 45.85 10.60
N GLU E 414 11.03 47.13 10.22
CA GLU E 414 9.88 47.63 9.47
C GLU E 414 9.70 46.84 8.18
N MET E 415 10.77 46.67 7.41
CA MET E 415 10.69 45.94 6.14
C MET E 415 10.30 44.48 6.37
N MET E 416 10.89 43.85 7.39
CA MET E 416 10.58 42.45 7.65
C MET E 416 9.12 42.26 8.04
N LYS E 417 8.56 43.20 8.81
CA LYS E 417 7.18 43.06 9.24
C LYS E 417 6.21 43.38 8.11
N ARG E 418 6.53 44.39 7.30
CA ARG E 418 5.61 44.78 6.23
C ARG E 418 5.61 43.76 5.09
N SER E 419 6.72 43.06 4.88
CA SER E 419 6.82 42.08 3.81
C SER E 419 6.26 40.73 4.25
N MET F 1 97.04 41.87 2.11
CA MET F 1 96.02 42.90 1.99
C MET F 1 94.97 42.77 3.09
N ASN F 2 94.23 41.66 3.08
CA ASN F 2 93.20 41.41 4.07
C ASN F 2 93.22 39.93 4.41
N LEU F 3 92.97 39.61 5.68
CA LEU F 3 93.14 38.23 6.14
C LEU F 3 92.04 37.31 5.64
N THR F 4 90.86 37.83 5.30
CA THR F 4 89.77 36.96 4.86
C THR F 4 90.04 36.39 3.48
N GLU F 5 90.57 37.20 2.56
CA GLU F 5 90.87 36.71 1.22
C GLU F 5 91.96 35.66 1.22
N LEU F 6 92.82 35.63 2.23
CA LEU F 6 93.80 34.56 2.39
C LEU F 6 93.32 33.45 3.31
N LYS F 7 92.10 33.56 3.83
CA LYS F 7 91.50 32.53 4.66
C LYS F 7 90.44 31.71 3.94
N ASN F 8 89.65 32.34 3.07
CA ASN F 8 88.64 31.62 2.31
C ASN F 8 89.24 30.74 1.22
N THR F 9 90.55 30.85 0.96
CA THR F 9 91.19 30.01 -0.04
C THR F 9 91.11 28.54 0.38
N PRO F 10 91.05 27.62 -0.58
CA PRO F 10 90.94 26.20 -0.24
C PRO F 10 92.18 25.71 0.49
N VAL F 11 92.06 24.50 1.05
CA VAL F 11 93.10 23.94 1.89
C VAL F 11 94.37 23.69 1.08
N SER F 12 94.23 23.16 -0.14
CA SER F 12 95.40 22.79 -0.93
C SER F 12 96.25 24.00 -1.28
N GLU F 13 95.61 25.07 -1.76
CA GLU F 13 96.36 26.28 -2.11
C GLU F 13 97.01 26.90 -0.88
N LEU F 14 96.30 26.92 0.25
CA LEU F 14 96.84 27.52 1.47
C LEU F 14 98.04 26.73 1.98
N ILE F 15 97.96 25.38 1.95
CA ILE F 15 99.09 24.59 2.42
C ILE F 15 100.25 24.69 1.44
N THR F 16 99.97 24.84 0.14
CA THR F 16 101.04 25.07 -0.82
C THR F 16 101.75 26.38 -0.53
N LEU F 17 101.00 27.45 -0.24
CA LEU F 17 101.60 28.72 0.12
C LEU F 17 102.41 28.61 1.41
N GLY F 18 101.88 27.88 2.39
CA GLY F 18 102.61 27.69 3.64
C GLY F 18 103.91 26.92 3.44
N GLU F 19 103.91 25.97 2.50
CA GLU F 19 105.14 25.28 2.16
C GLU F 19 106.12 26.20 1.46
N ASN F 20 105.62 27.06 0.56
CA ASN F 20 106.49 27.99 -0.14
C ASN F 20 107.15 29.00 0.79
N MET F 21 106.39 29.52 1.76
CA MET F 21 106.97 30.50 2.68
C MET F 21 108.04 29.87 3.56
N GLY F 22 107.85 28.60 3.94
CA GLY F 22 108.88 27.87 4.67
C GLY F 22 108.48 27.41 6.06
N LEU F 23 108.23 26.11 6.18
CA LEU F 23 107.97 25.47 7.47
C LEU F 23 108.26 23.99 7.29
N GLU F 24 108.50 23.29 8.40
CA GLU F 24 109.00 21.92 8.33
C GLU F 24 108.06 21.01 7.55
N ASN F 25 106.89 20.70 8.11
CA ASN F 25 105.81 20.14 7.30
C ASN F 25 104.43 20.67 7.64
N LEU F 26 104.18 21.07 8.89
CA LEU F 26 102.83 21.30 9.41
C LEU F 26 101.90 20.19 8.93
N ALA F 27 100.98 20.51 8.04
CA ALA F 27 100.09 19.55 7.37
C ALA F 27 99.27 18.70 8.34
N ARG F 28 99.27 19.03 9.63
CA ARG F 28 98.56 18.24 10.63
C ARG F 28 97.69 19.03 11.59
N MET F 29 97.95 20.33 11.76
CA MET F 29 97.21 21.15 12.71
C MET F 29 96.76 22.40 11.98
N ARG F 30 95.72 23.05 12.52
CA ARG F 30 95.07 24.15 11.82
C ARG F 30 96.07 25.26 11.49
N LYS F 31 95.74 26.05 10.47
CA LYS F 31 96.71 26.91 9.80
C LYS F 31 96.93 28.25 10.49
N GLN F 32 96.67 28.33 11.80
CA GLN F 32 96.92 29.58 12.52
C GLN F 32 98.39 30.00 12.43
N ASP F 33 99.31 29.04 12.51
CA ASP F 33 100.74 29.37 12.48
C ASP F 33 101.14 29.98 11.15
N ILE F 34 100.63 29.43 10.04
CA ILE F 34 100.98 29.95 8.72
C ILE F 34 100.49 31.38 8.55
N ILE F 35 99.24 31.65 8.95
CA ILE F 35 98.71 33.00 8.84
C ILE F 35 99.47 33.95 9.76
N PHE F 36 99.80 33.49 10.97
CA PHE F 36 100.60 34.30 11.88
C PHE F 36 101.93 34.71 11.25
N ALA F 37 102.67 33.73 10.72
CA ALA F 37 103.99 34.02 10.17
C ALA F 37 103.88 34.90 8.92
N ILE F 38 102.90 34.62 8.05
CA ILE F 38 102.74 35.42 6.84
C ILE F 38 102.38 36.85 7.18
N LEU F 39 101.46 37.04 8.13
CA LEU F 39 101.08 38.39 8.54
C LEU F 39 102.23 39.12 9.18
N LYS F 40 103.03 38.44 10.00
CA LYS F 40 104.19 39.08 10.61
C LYS F 40 105.20 39.50 9.56
N GLN F 41 105.47 38.63 8.58
CA GLN F 41 106.40 38.97 7.52
C GLN F 41 105.89 40.15 6.69
N HIS F 42 104.59 40.17 6.40
CA HIS F 42 104.01 41.27 5.65
C HIS F 42 104.06 42.58 6.43
N ALA F 43 103.83 42.52 7.74
CA ALA F 43 103.94 43.72 8.57
C ALA F 43 105.38 44.22 8.61
N LYS F 44 106.34 43.30 8.66
CA LYS F 44 107.74 43.71 8.56
C LYS F 44 108.01 44.36 7.21
N SER F 45 107.44 43.83 6.14
CA SER F 45 107.57 44.41 4.82
C SER F 45 106.69 45.63 4.61
N GLY F 46 105.80 45.94 5.55
CA GLY F 46 104.92 47.08 5.41
C GLY F 46 103.73 46.86 4.51
N GLU F 47 103.34 45.62 4.27
CA GLU F 47 102.19 45.33 3.43
C GLU F 47 100.90 45.75 4.12
N ASP F 48 99.87 45.98 3.31
CA ASP F 48 98.57 46.37 3.84
C ASP F 48 98.00 45.25 4.71
N ILE F 49 97.47 45.61 5.87
CA ILE F 49 96.93 44.67 6.84
C ILE F 49 95.47 45.03 7.10
N PHE F 50 94.58 44.06 6.88
CA PHE F 50 93.15 44.28 7.09
C PHE F 50 92.49 42.96 7.45
N GLY F 51 91.27 43.06 7.98
CA GLY F 51 90.54 41.88 8.38
C GLY F 51 89.05 42.17 8.45
N ASP F 52 88.27 41.08 8.36
CA ASP F 52 86.81 41.15 8.43
C ASP F 52 86.29 40.02 9.30
N GLY F 53 85.16 40.27 9.95
CA GLY F 53 84.53 39.25 10.77
C GLY F 53 83.23 39.76 11.34
N VAL F 54 82.59 38.91 12.15
CA VAL F 54 81.34 39.23 12.81
C VAL F 54 81.54 39.11 14.32
N LEU F 55 81.09 40.11 15.06
CA LEU F 55 81.46 40.27 16.47
C LEU F 55 80.52 39.52 17.39
N GLU F 56 81.09 39.00 18.48
CA GLU F 56 80.34 38.38 19.55
C GLU F 56 80.99 38.73 20.88
N ILE F 57 80.19 38.79 21.93
CA ILE F 57 80.62 39.22 23.26
C ILE F 57 80.35 38.10 24.25
N LEU F 58 81.36 37.77 25.06
CA LEU F 58 81.24 36.77 26.11
C LEU F 58 80.69 37.42 27.38
N GLN F 59 80.68 36.67 28.48
CA GLN F 59 80.18 37.20 29.75
C GLN F 59 81.05 38.34 30.26
N ASP F 60 82.36 38.21 30.14
CA ASP F 60 83.28 39.22 30.65
C ASP F 60 83.35 40.46 29.77
N GLY F 61 82.71 40.45 28.60
CA GLY F 61 82.81 41.54 27.67
C GLY F 61 83.92 41.42 26.65
N PHE F 62 84.77 40.40 26.76
CA PHE F 62 85.81 40.17 25.78
C PHE F 62 85.20 39.81 24.43
N GLY F 63 85.72 40.42 23.37
CA GLY F 63 85.12 40.32 22.06
C GLY F 63 85.84 39.32 21.17
N PHE F 64 85.06 38.38 20.63
CA PHE F 64 85.57 37.42 19.65
C PHE F 64 84.94 37.74 18.31
N LEU F 65 85.76 37.96 17.29
CA LEU F 65 85.29 38.26 15.95
C LEU F 65 85.40 36.97 15.14
N ARG F 66 84.29 36.26 15.03
CA ARG F 66 84.24 34.99 14.32
C ARG F 66 84.12 35.21 12.82
N SER F 67 84.16 34.12 12.07
CA SER F 67 83.99 34.14 10.63
C SER F 67 82.94 33.11 10.23
N ALA F 68 82.15 33.44 9.21
CA ALA F 68 81.07 32.57 8.76
C ALA F 68 81.54 31.47 7.82
N ASP F 69 82.77 31.56 7.30
CA ASP F 69 83.24 30.56 6.34
C ASP F 69 83.50 29.21 7.00
N SER F 70 83.92 29.21 8.27
CA SER F 70 84.28 27.99 8.98
C SER F 70 83.14 27.44 9.82
N SER F 71 81.90 27.64 9.39
CA SER F 71 80.71 27.15 10.09
C SER F 71 80.62 27.67 11.52
N TYR F 72 81.19 28.86 11.75
CA TYR F 72 81.11 29.56 13.03
C TYR F 72 81.75 28.77 14.17
N LEU F 73 82.72 27.90 13.86
CA LEU F 73 83.49 27.25 14.89
C LEU F 73 84.35 28.25 15.64
N ALA F 74 84.45 28.07 16.96
CA ALA F 74 85.26 28.92 17.81
C ALA F 74 86.67 28.37 17.88
N GLY F 75 87.64 29.15 17.41
CA GLY F 75 89.02 28.73 17.40
C GLY F 75 89.99 29.90 17.44
N PRO F 76 91.29 29.59 17.40
CA PRO F 76 92.29 30.67 17.42
C PRO F 76 92.19 31.62 16.24
N ASP F 77 91.59 31.21 15.12
CA ASP F 77 91.44 32.08 13.97
C ASP F 77 90.50 33.26 14.25
N ASP F 78 89.75 33.21 15.34
CA ASP F 78 88.89 34.33 15.71
C ASP F 78 89.73 35.55 16.05
N ILE F 79 89.16 36.73 15.86
CA ILE F 79 89.89 38.00 15.95
C ILE F 79 89.66 38.61 17.33
N TYR F 80 90.75 39.06 17.95
CA TYR F 80 90.68 39.77 19.22
C TYR F 80 89.88 41.05 19.07
N VAL F 81 89.03 41.32 20.06
CA VAL F 81 88.30 42.58 20.15
C VAL F 81 88.31 43.02 21.62
N SER F 82 88.98 44.12 21.91
CA SER F 82 89.08 44.59 23.28
C SER F 82 87.75 45.16 23.75
N PRO F 83 87.45 45.05 25.04
CA PRO F 83 86.25 45.73 25.57
C PRO F 83 86.27 47.24 25.38
N SER F 84 87.46 47.84 25.35
CA SER F 84 87.55 49.27 25.09
C SER F 84 87.01 49.61 23.71
N GLN F 85 87.25 48.73 22.72
CA GLN F 85 86.76 48.99 21.37
C GLN F 85 85.24 49.02 21.31
N ILE F 86 84.59 48.02 21.90
CA ILE F 86 83.13 47.99 21.88
C ILE F 86 82.56 49.11 22.75
N ARG F 87 83.27 49.49 23.82
CA ARG F 87 82.81 50.60 24.65
C ARG F 87 82.86 51.92 23.87
N ARG F 88 83.94 52.15 23.13
CA ARG F 88 84.10 53.42 22.42
C ARG F 88 83.25 53.49 21.16
N PHE F 89 83.03 52.37 20.49
CA PHE F 89 82.32 52.37 19.21
C PHE F 89 80.95 51.72 19.32
N ASN F 90 80.44 51.56 20.54
CA ASN F 90 79.07 51.10 20.83
C ASN F 90 78.70 49.86 20.00
N LEU F 91 79.63 48.91 19.91
CA LEU F 91 79.36 47.68 19.19
C LEU F 91 78.61 46.68 20.07
N ARG F 92 78.08 45.65 19.43
CA ARG F 92 77.36 44.58 20.12
C ARG F 92 77.37 43.35 19.21
N THR F 93 76.73 42.29 19.69
CA THR F 93 76.73 41.01 18.96
C THR F 93 76.02 41.17 17.61
N GLY F 94 76.56 40.48 16.60
CA GLY F 94 75.97 40.47 15.28
C GLY F 94 76.49 41.51 14.32
N ASP F 95 77.32 42.43 14.78
CA ASP F 95 77.86 43.47 13.90
C ASP F 95 79.06 42.94 13.13
N THR F 96 79.25 43.49 11.93
CA THR F 96 80.38 43.14 11.08
C THR F 96 81.46 44.21 11.23
N ILE F 97 82.69 43.77 11.45
CA ILE F 97 83.83 44.65 11.64
C ILE F 97 84.87 44.32 10.59
N SER F 98 85.34 45.35 9.87
CA SER F 98 86.47 45.20 8.97
C SER F 98 87.36 46.42 9.07
N GLY F 99 88.66 46.21 8.93
CA GLY F 99 89.62 47.29 8.97
C GLY F 99 90.97 46.80 9.42
N LYS F 100 91.77 47.74 9.94
CA LYS F 100 93.13 47.45 10.33
C LYS F 100 93.18 46.36 11.40
N ILE F 101 94.18 45.48 11.27
CA ILE F 101 94.36 44.36 12.20
C ILE F 101 95.75 44.49 12.84
N ARG F 102 95.94 43.71 13.90
CA ARG F 102 97.19 43.71 14.65
C ARG F 102 97.59 42.27 14.94
N PRO F 103 98.86 41.89 14.70
CA PRO F 103 99.29 40.56 15.11
C PRO F 103 99.35 40.45 16.62
N PRO F 104 99.10 39.27 17.18
CA PRO F 104 98.98 39.16 18.64
C PRO F 104 100.34 39.23 19.31
N LYS F 105 100.34 39.86 20.50
CA LYS F 105 101.53 39.92 21.33
C LYS F 105 101.52 38.74 22.30
N GLU F 106 102.41 38.76 23.29
CA GLU F 106 102.46 37.70 24.28
C GLU F 106 101.20 37.70 25.14
N GLY F 107 100.71 36.51 25.45
CA GLY F 107 99.54 36.33 26.28
C GLY F 107 98.27 35.99 25.53
N GLU F 108 98.24 36.21 24.21
CA GLU F 108 97.07 35.90 23.40
C GLU F 108 97.51 35.29 22.08
N ARG F 109 96.63 34.48 21.50
CA ARG F 109 96.89 33.83 20.22
C ARG F 109 95.93 34.30 19.13
N TYR F 110 95.10 35.30 19.42
CA TYR F 110 94.12 35.80 18.47
C TYR F 110 94.60 37.12 17.87
N PHE F 111 94.42 37.26 16.55
CA PHE F 111 94.77 38.49 15.88
C PHE F 111 93.96 39.65 16.44
N ALA F 112 94.63 40.77 16.70
CA ALA F 112 93.98 41.97 17.20
C ALA F 112 93.71 42.93 16.05
N LEU F 113 93.17 44.10 16.40
CA LEU F 113 92.85 45.12 15.41
C LEU F 113 93.36 46.47 15.87
N LEU F 114 93.84 47.27 14.93
CA LEU F 114 94.30 48.62 15.25
C LEU F 114 93.12 49.59 15.31
N LYS F 115 92.38 49.72 14.22
CA LYS F 115 91.24 50.61 14.15
C LYS F 115 90.21 50.03 13.20
N VAL F 116 88.96 50.45 13.38
CA VAL F 116 87.85 50.00 12.55
C VAL F 116 87.73 50.92 11.35
N ASN F 117 87.44 50.32 10.18
CA ASN F 117 87.28 51.08 8.96
C ASN F 117 85.95 50.87 8.25
N GLU F 118 85.22 49.81 8.57
CA GLU F 118 83.95 49.54 7.90
C GLU F 118 83.10 48.63 8.79
N VAL F 119 81.93 49.12 9.18
CA VAL F 119 81.02 48.38 10.06
C VAL F 119 79.65 48.33 9.40
N ASN F 120 79.08 47.12 9.32
CA ASN F 120 77.71 46.90 8.84
C ASN F 120 77.50 47.50 7.45
N PHE F 121 78.51 47.38 6.58
CA PHE F 121 78.44 47.88 5.21
C PHE F 121 78.07 49.36 5.17
N ASP F 122 78.62 50.12 6.11
CA ASP F 122 78.30 51.55 6.21
C ASP F 122 79.47 52.28 6.86
N LYS F 123 79.48 53.60 6.67
CA LYS F 123 80.53 54.42 7.25
C LYS F 123 80.48 54.33 8.77
N PRO F 124 81.64 54.20 9.44
CA PRO F 124 81.61 53.94 10.89
C PRO F 124 80.88 55.00 11.70
N GLU F 125 81.01 56.28 11.34
CA GLU F 125 80.30 57.32 12.08
C GLU F 125 78.81 57.32 11.74
N ASN F 126 78.45 56.91 10.53
CA ASN F 126 77.05 56.83 10.15
C ASN F 126 76.34 55.68 10.87
N ALA F 127 76.99 54.52 10.94
CA ALA F 127 76.34 53.32 11.46
C ALA F 127 76.08 53.38 12.97
N ARG F 128 76.83 54.21 13.70
CA ARG F 128 76.62 54.27 15.15
C ARG F 128 75.27 54.87 15.52
N ASN F 129 74.65 55.63 14.62
CA ASN F 129 73.33 56.20 14.85
C ASN F 129 72.31 55.36 14.06
N LYS F 130 71.90 54.26 14.67
CA LYS F 130 70.95 53.33 14.08
C LYS F 130 69.82 53.07 15.05
N ILE F 131 68.88 52.22 14.64
CA ILE F 131 67.69 51.90 15.42
C ILE F 131 67.71 50.40 15.74
N LEU F 132 67.37 50.07 16.98
CA LEU F 132 67.36 48.69 17.41
C LEU F 132 66.27 47.90 16.69
N PHE F 133 66.51 46.60 16.53
CA PHE F 133 65.51 45.73 15.92
C PHE F 133 64.25 45.67 16.77
N GLU F 134 64.40 45.59 18.09
CA GLU F 134 63.25 45.61 18.98
C GLU F 134 62.61 46.99 19.05
N ASN F 135 63.30 48.03 18.59
CA ASN F 135 62.75 49.38 18.57
C ASN F 135 61.78 49.59 17.42
N LEU F 136 61.67 48.64 16.50
CA LEU F 136 60.87 48.78 15.30
C LEU F 136 59.44 48.30 15.54
N THR F 137 58.51 48.82 14.75
CA THR F 137 57.11 48.45 14.86
C THR F 137 56.78 47.43 13.79
N PRO F 138 56.43 46.19 14.15
CA PRO F 138 56.12 45.19 13.12
C PRO F 138 54.87 45.55 12.34
N LEU F 139 54.83 45.10 11.09
CA LEU F 139 53.69 45.31 10.22
C LEU F 139 53.41 44.02 9.45
N HIS F 140 52.18 43.90 8.95
CA HIS F 140 51.83 42.76 8.13
C HIS F 140 52.60 42.79 6.81
N ALA F 141 53.00 41.61 6.34
CA ALA F 141 53.72 41.52 5.08
C ALA F 141 52.85 42.00 3.92
N ASN F 142 53.43 42.84 3.06
CA ASN F 142 52.69 43.39 1.94
C ASN F 142 53.43 43.15 0.63
N SER F 143 54.75 43.06 0.69
CA SER F 143 55.57 42.87 -0.50
C SER F 143 55.55 41.40 -0.91
N ARG F 144 55.02 41.12 -2.09
CA ARG F 144 54.95 39.74 -2.57
C ARG F 144 56.35 39.23 -2.91
N LEU F 145 56.60 37.97 -2.58
CA LEU F 145 57.87 37.30 -2.86
C LEU F 145 57.56 36.12 -3.78
N ARG F 146 57.55 36.38 -5.09
CA ARG F 146 57.21 35.34 -6.05
C ARG F 146 58.33 34.30 -6.12
N MET F 147 57.93 33.04 -6.33
CA MET F 147 58.87 31.93 -6.39
C MET F 147 59.08 31.38 -7.79
N GLU F 148 58.23 31.73 -8.74
CA GLU F 148 58.33 31.20 -10.09
C GLU F 148 59.49 31.85 -10.83
N ARG F 149 60.52 31.06 -11.14
CA ARG F 149 61.69 31.61 -11.83
C ARG F 149 61.35 31.98 -13.27
N GLY F 150 60.53 31.16 -13.93
CA GLY F 150 60.16 31.42 -15.31
C GLY F 150 61.05 30.78 -16.35
N ASN F 151 62.09 30.06 -15.94
CA ASN F 151 62.99 29.41 -16.88
C ASN F 151 62.48 28.06 -17.36
N GLY F 152 61.37 27.58 -16.84
CA GLY F 152 60.81 26.31 -17.27
C GLY F 152 61.65 25.10 -16.90
N SER F 153 62.28 25.12 -15.73
CA SER F 153 63.09 24.00 -15.28
C SER F 153 62.20 22.94 -14.63
N THR F 154 62.80 21.79 -14.35
CA THR F 154 62.07 20.72 -13.67
C THR F 154 61.67 21.13 -12.27
N GLU F 155 62.58 21.76 -11.53
CA GLU F 155 62.24 22.27 -10.20
C GLU F 155 61.47 23.59 -10.27
N ASP F 156 61.47 24.25 -11.43
CA ASP F 156 60.55 25.37 -11.60
C ASP F 156 59.10 24.91 -11.49
N LEU F 157 58.84 23.63 -11.79
CA LEU F 157 57.50 23.10 -11.62
C LEU F 157 57.07 23.08 -10.16
N THR F 158 57.93 22.59 -9.26
CA THR F 158 57.59 22.59 -7.85
C THR F 158 57.60 24.02 -7.29
N ALA F 159 58.42 24.90 -7.86
CA ALA F 159 58.34 26.31 -7.49
C ALA F 159 56.98 26.90 -7.84
N ARG F 160 56.46 26.57 -9.03
CA ARG F 160 55.13 27.03 -9.42
C ARG F 160 54.06 26.42 -8.52
N VAL F 161 54.21 25.15 -8.16
CA VAL F 161 53.25 24.52 -7.25
C VAL F 161 53.24 25.24 -5.90
N LEU F 162 54.42 25.57 -5.37
CA LEU F 162 54.49 26.29 -4.12
C LEU F 162 53.89 27.68 -4.23
N ASP F 163 54.12 28.36 -5.37
CA ASP F 163 53.50 29.65 -5.59
C ASP F 163 51.97 29.55 -5.57
N LEU F 164 51.43 28.53 -6.23
CA LEU F 164 49.99 28.31 -6.21
C LEU F 164 49.49 27.80 -4.86
N ALA F 165 50.39 27.33 -4.00
CA ALA F 165 50.00 26.74 -2.73
C ALA F 165 49.84 27.78 -1.63
N SER F 166 50.90 28.52 -1.32
CA SER F 166 50.87 29.48 -0.23
C SER F 166 51.65 30.72 -0.64
N LEU F 167 51.08 31.89 -0.33
CA LEU F 167 51.75 33.14 -0.62
C LEU F 167 52.96 33.32 0.27
N ILE F 168 54.03 33.88 -0.29
CA ILE F 168 55.25 34.18 0.45
C ILE F 168 55.45 35.69 0.43
N GLY F 169 55.61 36.28 1.61
CA GLY F 169 55.72 37.72 1.74
C GLY F 169 57.06 38.12 2.31
N ARG F 170 57.50 39.32 1.97
CA ARG F 170 58.76 39.85 2.49
C ARG F 170 58.57 40.24 3.96
N GLY F 171 59.25 39.52 4.84
CA GLY F 171 59.06 39.71 6.27
C GLY F 171 58.04 38.79 6.90
N GLN F 172 57.54 37.81 6.16
CA GLN F 172 56.53 36.89 6.67
C GLN F 172 57.16 35.86 7.60
N ARG F 173 56.32 35.20 8.39
CA ARG F 173 56.75 34.16 9.30
C ARG F 173 56.00 32.87 8.93
N GLY F 174 56.75 31.86 8.50
CA GLY F 174 56.15 30.65 7.99
C GLY F 174 56.71 29.41 8.66
N LEU F 175 55.94 28.33 8.55
CA LEU F 175 56.30 27.03 9.10
C LEU F 175 55.93 25.93 8.12
N ILE F 176 56.84 24.98 7.93
CA ILE F 176 56.62 23.82 7.08
C ILE F 176 56.67 22.59 7.98
N VAL F 177 55.62 21.77 7.93
CA VAL F 177 55.57 20.56 8.74
C VAL F 177 55.48 19.35 7.83
N ALA F 178 56.24 18.31 8.16
CA ALA F 178 56.37 17.14 7.30
C ALA F 178 56.88 15.97 8.10
N PRO F 179 56.39 14.76 7.81
CA PRO F 179 57.05 13.55 8.32
C PRO F 179 58.38 13.34 7.61
N PRO F 180 59.24 12.49 8.14
CA PRO F 180 60.53 12.23 7.48
C PRO F 180 60.32 11.65 6.08
N LYS F 181 61.28 11.93 5.20
CA LYS F 181 61.27 11.46 3.82
C LYS F 181 60.05 11.98 3.07
N ALA F 182 59.92 13.31 3.03
CA ALA F 182 58.82 13.96 2.34
C ALA F 182 59.27 15.06 1.39
N GLY F 183 60.56 15.16 1.11
CA GLY F 183 61.07 16.19 0.22
C GLY F 183 61.41 17.52 0.87
N LYS F 184 61.63 17.54 2.19
CA LYS F 184 61.91 18.80 2.88
C LYS F 184 63.19 19.44 2.36
N THR F 185 64.28 18.67 2.33
CA THR F 185 65.59 19.26 2.05
C THR F 185 65.64 19.90 0.67
N MET F 186 65.14 19.18 -0.34
CA MET F 186 65.20 19.75 -1.69
C MET F 186 64.13 20.82 -1.89
N LEU F 187 63.05 20.81 -1.10
CA LEU F 187 62.16 21.95 -1.09
C LEU F 187 62.87 23.20 -0.60
N LEU F 188 63.66 23.06 0.47
CA LEU F 188 64.46 24.17 0.95
C LEU F 188 65.48 24.63 -0.09
N GLN F 189 66.12 23.68 -0.77
CA GLN F 189 67.07 24.07 -1.81
C GLN F 189 66.38 24.77 -2.97
N ASN F 190 65.17 24.32 -3.34
CA ASN F 190 64.42 25.01 -4.39
C ASN F 190 64.06 26.42 -3.96
N ILE F 191 63.67 26.60 -2.70
CA ILE F 191 63.38 27.94 -2.20
C ILE F 191 64.63 28.81 -2.27
N ALA F 192 65.79 28.25 -1.89
CA ALA F 192 67.03 29.01 -1.95
C ALA F 192 67.37 29.41 -3.38
N GLN F 193 67.20 28.49 -4.32
CA GLN F 193 67.44 28.80 -5.73
C GLN F 193 66.51 29.89 -6.22
N SER F 194 65.23 29.81 -5.82
CA SER F 194 64.27 30.83 -6.24
C SER F 194 64.63 32.20 -5.66
N ILE F 195 65.07 32.24 -4.40
CA ILE F 195 65.51 33.50 -3.82
C ILE F 195 66.72 34.04 -4.56
N ALA F 196 67.68 33.17 -4.88
CA ALA F 196 68.87 33.62 -5.59
C ALA F 196 68.53 34.16 -6.97
N TYR F 197 67.57 33.52 -7.65
CA TYR F 197 67.24 33.89 -9.02
C TYR F 197 66.33 35.11 -9.09
N ASN F 198 65.13 35.00 -8.53
CA ASN F 198 64.11 36.04 -8.68
C ASN F 198 64.50 37.33 -7.96
N HIS F 199 65.01 37.22 -6.73
CA HIS F 199 65.33 38.38 -5.90
C HIS F 199 66.77 38.27 -5.40
N PRO F 200 67.74 38.49 -6.29
CA PRO F 200 69.15 38.44 -5.85
C PRO F 200 69.52 39.54 -4.86
N ASP F 201 68.75 40.63 -4.82
CA ASP F 201 69.10 41.74 -3.94
C ASP F 201 68.96 41.37 -2.47
N CYS F 202 67.91 40.65 -2.11
CA CYS F 202 67.65 40.32 -0.72
C CYS F 202 68.67 39.30 -0.21
N VAL F 203 69.05 39.46 1.05
CA VAL F 203 70.03 38.55 1.67
C VAL F 203 69.36 37.22 1.97
N LEU F 204 70.04 36.14 1.60
CA LEU F 204 69.54 34.79 1.83
C LEU F 204 70.47 34.06 2.78
N MET F 205 69.90 33.44 3.81
CA MET F 205 70.68 32.69 4.78
C MET F 205 69.96 31.38 5.07
N VAL F 206 70.72 30.30 5.18
CA VAL F 206 70.19 28.96 5.45
C VAL F 206 70.90 28.41 6.67
N LEU F 207 70.12 27.91 7.63
CA LEU F 207 70.65 27.34 8.87
C LEU F 207 70.13 25.93 9.03
N LEU F 208 71.00 25.03 9.49
CA LEU F 208 70.65 23.64 9.72
C LEU F 208 71.09 23.22 11.11
N ILE F 209 70.31 22.36 11.76
CA ILE F 209 70.56 21.91 13.12
C ILE F 209 70.66 20.39 13.13
N ASP F 210 71.76 19.88 13.69
CA ASP F 210 72.06 18.46 13.86
C ASP F 210 71.70 17.62 12.63
N GLU F 211 71.95 18.16 11.44
CA GLU F 211 71.74 17.42 10.21
C GLU F 211 72.85 16.40 10.02
N ARG F 212 72.76 15.63 8.95
CA ARG F 212 73.85 14.71 8.72
C ARG F 212 74.82 15.28 7.69
N PRO F 213 76.10 14.90 7.75
CA PRO F 213 77.16 15.75 7.15
C PRO F 213 77.04 16.00 5.66
N GLU F 214 76.57 15.05 4.86
CA GLU F 214 76.72 15.17 3.41
C GLU F 214 75.87 16.30 2.84
N GLU F 215 74.65 16.48 3.34
CA GLU F 215 73.82 17.58 2.84
C GLU F 215 74.41 18.94 3.17
N VAL F 216 75.28 19.04 4.18
CA VAL F 216 75.96 20.32 4.42
C VAL F 216 76.77 20.72 3.19
N THR F 217 77.76 19.90 2.84
CA THR F 217 78.57 20.18 1.66
C THR F 217 77.75 20.20 0.39
N GLU F 218 76.60 19.52 0.38
CA GLU F 218 75.66 19.73 -0.72
C GLU F 218 75.15 21.17 -0.73
N MET F 219 74.87 21.73 0.44
CA MET F 219 74.38 23.11 0.51
C MET F 219 75.45 24.10 0.07
N GLN F 220 76.66 24.02 0.63
CA GLN F 220 77.66 25.02 0.27
C GLN F 220 78.04 24.95 -1.22
N ARG F 221 77.71 23.85 -1.90
CA ARG F 221 77.95 23.74 -3.33
C ARG F 221 76.68 23.91 -4.16
N LEU F 222 75.58 24.34 -3.54
CA LEU F 222 74.35 24.50 -4.31
C LEU F 222 73.72 25.88 -4.16
N VAL F 223 73.74 26.46 -2.96
CA VAL F 223 73.07 27.74 -2.72
C VAL F 223 74.05 28.88 -2.96
N LYS F 224 73.61 29.87 -3.73
CA LYS F 224 74.46 31.04 -3.98
C LYS F 224 74.65 31.86 -2.71
N GLY F 225 73.60 31.99 -1.90
CA GLY F 225 73.69 32.78 -0.68
C GLY F 225 74.47 32.10 0.41
N GLU F 226 74.74 32.87 1.47
CA GLU F 226 75.49 32.36 2.60
C GLU F 226 74.69 31.29 3.34
N VAL F 227 75.38 30.25 3.77
CA VAL F 227 74.76 29.13 4.48
C VAL F 227 75.61 28.76 5.69
N VAL F 228 74.95 28.52 6.82
CA VAL F 228 75.59 28.07 8.04
C VAL F 228 74.98 26.75 8.45
N ALA F 229 75.82 25.77 8.78
CA ALA F 229 75.33 24.44 9.11
C ALA F 229 76.20 23.84 10.20
N SER F 230 75.63 22.86 10.90
CA SER F 230 76.35 22.17 11.97
C SER F 230 75.69 20.81 12.17
N THR F 231 76.43 19.75 11.86
CA THR F 231 75.89 18.40 11.94
C THR F 231 75.65 18.01 13.40
N PHE F 232 75.11 16.81 13.60
CA PHE F 232 74.76 16.37 14.95
C PHE F 232 75.98 16.07 15.81
N ASP F 233 77.17 15.98 15.22
CA ASP F 233 78.36 15.68 16.02
C ASP F 233 78.61 16.75 17.07
N GLU F 234 78.38 18.02 16.73
CA GLU F 234 78.57 19.09 17.68
C GLU F 234 77.53 19.02 18.79
N PRO F 235 77.85 19.53 19.98
CA PRO F 235 76.90 19.46 21.09
C PRO F 235 75.73 20.41 20.90
N ALA F 236 74.66 20.15 21.67
CA ALA F 236 73.47 20.99 21.60
C ALA F 236 73.76 22.42 22.03
N SER F 237 74.74 22.61 22.92
CA SER F 237 75.13 23.96 23.31
C SER F 237 75.67 24.73 22.11
N ARG F 238 76.48 24.08 21.28
CA ARG F 238 76.94 24.74 20.07
C ARG F 238 75.79 25.04 19.13
N HIS F 239 74.82 24.13 19.04
CA HIS F 239 73.65 24.37 18.20
C HIS F 239 72.91 25.62 18.65
N VAL F 240 72.64 25.74 19.94
CA VAL F 240 71.86 26.88 20.41
C VAL F 240 72.66 28.18 20.28
N GLN F 241 73.97 28.13 20.55
CA GLN F 241 74.75 29.36 20.45
C GLN F 241 74.88 29.81 19.00
N VAL F 242 75.04 28.87 18.06
CA VAL F 242 75.14 29.26 16.66
C VAL F 242 73.79 29.77 16.14
N ALA F 243 72.69 29.18 16.60
CA ALA F 243 71.37 29.69 16.22
C ALA F 243 71.17 31.11 16.73
N GLU F 244 71.55 31.36 17.99
CA GLU F 244 71.45 32.72 18.52
C GLU F 244 72.36 33.68 17.75
N MET F 245 73.55 33.23 17.40
CA MET F 245 74.46 34.08 16.64
C MET F 245 73.89 34.44 15.28
N VAL F 246 73.28 33.46 14.60
CA VAL F 246 72.70 33.72 13.28
C VAL F 246 71.48 34.62 13.38
N ILE F 247 70.64 34.43 14.39
CA ILE F 247 69.48 35.30 14.51
C ILE F 247 69.91 36.73 14.86
N GLU F 248 70.98 36.87 15.65
CA GLU F 248 71.51 38.21 15.92
C GLU F 248 72.09 38.82 14.65
N LYS F 249 72.79 38.01 13.84
CA LYS F 249 73.23 38.43 12.52
C LYS F 249 72.08 39.00 11.69
N ALA F 250 70.98 38.24 11.62
CA ALA F 250 69.84 38.67 10.82
C ALA F 250 69.22 39.95 11.37
N LYS F 251 69.12 40.06 12.70
CA LYS F 251 68.56 41.26 13.31
C LYS F 251 69.41 42.48 12.99
N ARG F 252 70.74 42.35 13.12
CA ARG F 252 71.61 43.49 12.85
C ARG F 252 71.65 43.82 11.36
N LEU F 253 71.40 42.84 10.49
CA LEU F 253 71.30 43.13 9.07
C LEU F 253 70.01 43.87 8.73
N VAL F 254 68.89 43.43 9.32
CA VAL F 254 67.61 44.12 9.12
C VAL F 254 67.65 45.52 9.70
N GLU F 255 68.48 45.73 10.73
CA GLU F 255 68.59 47.05 11.35
C GLU F 255 68.99 48.13 10.36
N HIS F 256 69.63 47.75 9.25
CA HIS F 256 70.06 48.71 8.23
C HIS F 256 69.16 48.71 7.01
N LYS F 257 67.86 48.48 7.20
CA LYS F 257 66.87 48.53 6.12
C LYS F 257 67.22 47.55 5.01
N LYS F 258 67.68 46.36 5.38
CA LYS F 258 68.06 45.34 4.43
C LYS F 258 67.20 44.10 4.65
N ASP F 259 66.66 43.56 3.56
CA ASP F 259 65.79 42.38 3.64
C ASP F 259 66.63 41.14 3.88
N VAL F 260 66.22 40.34 4.86
CA VAL F 260 66.93 39.12 5.23
C VAL F 260 65.94 37.96 5.21
N ILE F 261 66.36 36.81 4.69
CA ILE F 261 65.54 35.61 4.64
C ILE F 261 66.31 34.47 5.27
N ILE F 262 65.67 33.74 6.18
CA ILE F 262 66.26 32.65 6.91
C ILE F 262 65.51 31.36 6.58
N LEU F 263 66.26 30.31 6.28
CA LEU F 263 65.71 28.98 6.01
C LEU F 263 66.24 28.04 7.09
N LEU F 264 65.34 27.47 7.87
CA LEU F 264 65.70 26.70 9.06
C LEU F 264 65.24 25.26 8.93
N ASP F 265 66.16 24.32 9.19
CA ASP F 265 65.87 22.89 9.16
C ASP F 265 66.69 22.25 10.28
N SER F 266 66.05 21.95 11.40
CA SER F 266 64.62 22.14 11.63
C SER F 266 64.37 22.87 12.95
N ILE F 267 63.21 23.53 13.05
CA ILE F 267 62.86 24.22 14.28
C ILE F 267 62.60 23.23 15.41
N THR F 268 62.09 22.04 15.09
CA THR F 268 61.92 21.02 16.12
C THR F 268 63.26 20.61 16.71
N ARG F 269 64.28 20.44 15.86
CA ARG F 269 65.60 20.10 16.35
C ARG F 269 66.19 21.24 17.18
N LEU F 270 65.95 22.48 16.78
CA LEU F 270 66.43 23.62 17.57
C LEU F 270 65.76 23.66 18.94
N ALA F 271 64.45 23.38 18.98
CA ALA F 271 63.75 23.32 20.26
C ALA F 271 64.29 22.19 21.13
N ARG F 272 64.58 21.04 20.52
CA ARG F 272 65.20 19.94 21.25
C ARG F 272 66.54 20.35 21.84
N ALA F 273 67.36 21.04 21.04
CA ALA F 273 68.66 21.49 21.53
C ALA F 273 68.51 22.47 22.68
N TYR F 274 67.58 23.42 22.56
CA TYR F 274 67.37 24.37 23.64
C TYR F 274 66.88 23.68 24.91
N ASN F 275 65.99 22.70 24.77
CA ASN F 275 65.53 21.94 25.93
C ASN F 275 66.69 21.19 26.56
N THR F 276 67.57 20.63 25.74
CA THR F 276 68.74 19.92 26.27
C THR F 276 69.70 20.88 26.98
N VAL F 277 69.75 22.13 26.55
CA VAL F 277 70.69 23.08 27.12
C VAL F 277 70.08 23.88 28.28
N VAL F 278 68.79 24.23 28.18
CA VAL F 278 68.20 25.13 29.18
C VAL F 278 68.21 24.46 30.54
N PRO F 279 68.52 25.18 31.62
CA PRO F 279 68.43 24.58 32.95
C PRO F 279 67.00 24.24 33.31
N ALA F 280 66.85 23.22 34.15
CA ALA F 280 65.53 22.80 34.59
C ALA F 280 64.90 23.86 35.48
N SER F 281 63.66 24.22 35.19
CA SER F 281 62.93 25.23 35.94
C SER F 281 62.05 24.64 37.04
N GLY F 282 62.07 23.32 37.22
CA GLY F 282 61.22 22.68 38.20
C GLY F 282 59.82 22.35 37.74
N LYS F 283 59.44 22.76 36.53
CA LYS F 283 58.13 22.48 35.97
C LYS F 283 58.33 21.79 34.62
N VAL F 284 58.27 20.47 34.62
CA VAL F 284 58.45 19.68 33.41
C VAL F 284 57.07 19.39 32.81
N LEU F 285 56.87 19.86 31.58
CA LEU F 285 55.59 19.66 30.91
C LEU F 285 55.48 18.22 30.42
N THR F 286 54.34 17.90 29.80
CA THR F 286 54.13 16.57 29.26
C THR F 286 55.10 16.32 28.11
N GLY F 287 55.59 15.08 28.02
CA GLY F 287 56.56 14.72 27.01
C GLY F 287 58.00 15.00 27.39
N GLY F 288 58.27 15.30 28.66
CA GLY F 288 59.63 15.59 29.10
C GLY F 288 60.23 16.85 28.52
N VAL F 289 59.46 17.94 28.49
CA VAL F 289 59.94 19.23 28.02
C VAL F 289 59.71 20.27 29.11
N ASP F 290 60.71 21.12 29.32
CA ASP F 290 60.61 22.16 30.34
C ASP F 290 59.71 23.29 29.86
N ALA F 291 59.08 23.97 30.83
CA ALA F 291 58.23 25.10 30.50
C ALA F 291 59.03 26.22 29.85
N ASN F 292 60.21 26.51 30.37
CA ASN F 292 61.08 27.53 29.81
C ASN F 292 61.91 27.03 28.65
N ALA F 293 61.82 25.74 28.32
CA ALA F 293 62.62 25.19 27.23
C ALA F 293 62.23 25.81 25.89
N LEU F 294 60.94 26.00 25.66
CA LEU F 294 60.44 26.54 24.40
C LEU F 294 60.34 28.05 24.39
N HIS F 295 60.67 28.71 25.50
CA HIS F 295 60.58 30.17 25.54
C HIS F 295 61.56 30.82 24.57
N ARG F 296 62.77 30.29 24.48
CA ARG F 296 63.80 30.85 23.62
C ARG F 296 63.56 30.53 22.13
N PRO F 297 63.19 29.30 21.77
CA PRO F 297 62.83 29.06 20.36
C PRO F 297 61.66 29.90 19.89
N LYS F 298 60.70 30.19 20.77
CA LYS F 298 59.62 31.09 20.40
C LYS F 298 60.15 32.49 20.09
N ARG F 299 61.10 32.98 20.90
CA ARG F 299 61.71 34.27 20.62
C ARG F 299 62.47 34.25 19.30
N PHE F 300 63.16 33.14 19.02
CA PHE F 300 63.87 33.02 17.75
C PHE F 300 62.90 33.06 16.57
N PHE F 301 61.80 32.32 16.66
CA PHE F 301 60.87 32.21 15.55
C PHE F 301 59.99 33.44 15.38
N GLY F 302 59.73 34.18 16.45
CA GLY F 302 58.90 35.37 16.37
C GLY F 302 59.62 36.63 15.97
N ALA F 303 60.91 36.55 15.67
CA ALA F 303 61.65 37.73 15.21
C ALA F 303 61.25 38.17 13.82
N ALA F 304 60.55 37.32 13.07
CA ALA F 304 60.13 37.70 11.72
C ALA F 304 59.10 38.82 11.78
N ARG F 305 59.32 39.86 10.98
CA ARG F 305 58.45 41.03 10.99
C ARG F 305 58.74 41.86 9.74
N ASN F 306 57.90 42.86 9.51
CA ASN F 306 58.05 43.81 8.41
C ASN F 306 58.18 45.20 9.02
N VAL F 307 59.37 45.79 8.90
CA VAL F 307 59.64 47.08 9.52
C VAL F 307 58.85 48.17 8.81
N GLU F 308 58.46 49.19 9.57
CA GLU F 308 57.62 50.25 9.02
C GLU F 308 58.40 51.16 8.07
N GLU F 309 59.68 51.42 8.37
CA GLU F 309 60.45 52.39 7.60
C GLU F 309 61.34 51.75 6.54
N GLY F 310 61.56 50.45 6.60
CA GLY F 310 62.39 49.77 5.62
C GLY F 310 63.06 48.55 6.23
N GLY F 311 63.27 47.54 5.38
CA GLY F 311 63.86 46.30 5.82
C GLY F 311 62.81 45.32 6.33
N SER F 312 63.17 44.03 6.29
CA SER F 312 62.27 42.99 6.75
C SER F 312 63.08 41.74 7.05
N LEU F 313 62.48 40.86 7.84
CA LEU F 313 63.09 39.58 8.20
C LEU F 313 62.05 38.49 7.98
N THR F 314 62.25 37.69 6.93
CA THR F 314 61.40 36.54 6.65
C THR F 314 62.08 35.30 7.20
N ILE F 315 61.32 34.48 7.93
CA ILE F 315 61.84 33.25 8.51
C ILE F 315 60.92 32.11 8.10
N ILE F 316 61.48 31.10 7.43
CA ILE F 316 60.74 29.89 7.08
C ILE F 316 61.48 28.71 7.68
N ALA F 317 60.77 27.89 8.43
CA ALA F 317 61.37 26.80 9.18
C ALA F 317 60.58 25.53 9.00
N THR F 318 61.27 24.40 9.14
CA THR F 318 60.65 23.09 9.05
C THR F 318 60.42 22.52 10.45
N ALA F 319 59.26 21.90 10.64
CA ALA F 319 58.90 21.23 11.88
C ALA F 319 58.60 19.77 11.60
N LEU F 320 59.06 18.88 12.47
CA LEU F 320 58.94 17.45 12.27
C LEU F 320 57.71 16.91 12.97
N ILE F 321 56.94 16.07 12.26
CA ILE F 321 55.79 15.38 12.81
C ILE F 321 55.88 13.91 12.41
N ASP F 322 55.11 13.08 13.10
CA ASP F 322 54.98 11.64 12.85
C ASP F 322 56.29 10.90 13.11
N THR F 323 57.32 11.57 13.61
CA THR F 323 58.61 10.93 13.85
C THR F 323 58.56 9.88 14.95
N GLY F 324 57.49 9.85 15.75
CA GLY F 324 57.35 8.90 16.82
C GLY F 324 57.66 9.43 18.20
N SER F 325 58.36 10.56 18.29
CA SER F 325 58.67 11.19 19.57
C SER F 325 57.51 12.10 19.96
N LYS F 326 56.98 11.89 21.17
CA LYS F 326 55.81 12.65 21.59
C LYS F 326 56.18 14.11 21.87
N MET F 327 57.40 14.36 22.34
CA MET F 327 57.82 15.75 22.59
C MET F 327 57.93 16.54 21.30
N ASP F 328 58.23 15.88 20.19
CA ASP F 328 58.18 16.56 18.90
C ASP F 328 56.76 17.03 18.59
N GLU F 329 55.77 16.20 18.86
CA GLU F 329 54.38 16.61 18.68
C GLU F 329 54.02 17.74 19.63
N VAL F 330 54.55 17.71 20.85
CA VAL F 330 54.30 18.79 21.80
C VAL F 330 54.87 20.10 21.26
N ILE F 331 56.09 20.06 20.72
CA ILE F 331 56.70 21.26 20.15
C ILE F 331 55.88 21.77 18.97
N TYR F 332 55.44 20.86 18.09
CA TYR F 332 54.63 21.26 16.95
C TYR F 332 53.32 21.90 17.40
N GLU F 333 52.69 21.34 18.43
CA GLU F 333 51.47 21.94 18.96
C GLU F 333 51.74 23.32 19.54
N GLU F 334 52.89 23.48 20.21
CA GLU F 334 53.26 24.79 20.73
C GLU F 334 53.50 25.79 19.61
N PHE F 335 53.92 25.32 18.44
CA PHE F 335 54.14 26.18 17.28
C PHE F 335 52.99 26.13 16.28
N LYS F 336 51.79 25.75 16.74
CA LYS F 336 50.67 25.57 15.82
C LYS F 336 50.23 26.90 15.20
N GLY F 337 50.00 27.91 16.04
CA GLY F 337 49.42 29.16 15.57
C GLY F 337 50.36 30.35 15.47
N THR F 338 51.66 30.16 15.66
CA THR F 338 52.58 31.30 15.62
C THR F 338 52.86 31.76 14.20
N GLY F 339 52.94 30.84 13.24
CA GLY F 339 53.37 31.19 11.90
C GLY F 339 52.25 31.83 11.07
N ASN F 340 52.63 32.81 10.26
CA ASN F 340 51.69 33.42 9.32
C ASN F 340 51.41 32.52 8.12
N MET F 341 52.43 31.81 7.65
CA MET F 341 52.30 30.89 6.53
C MET F 341 52.45 29.46 7.05
N GLU F 342 51.65 28.55 6.50
CA GLU F 342 51.66 27.16 6.95
C GLU F 342 51.68 26.26 5.73
N LEU F 343 52.75 25.49 5.58
CA LEU F 343 52.89 24.55 4.46
C LEU F 343 53.02 23.14 5.01
N HIS F 344 52.34 22.19 4.35
CA HIS F 344 52.28 20.82 4.80
C HIS F 344 52.85 19.90 3.73
N LEU F 345 53.81 19.06 4.11
CA LEU F 345 54.30 17.99 3.26
C LEU F 345 53.85 16.68 3.88
N SER F 346 53.16 15.85 3.11
CA SER F 346 52.50 14.67 3.64
C SER F 346 53.20 13.39 3.18
N ARG F 347 53.20 12.41 4.07
CA ARG F 347 53.88 11.14 3.80
C ARG F 347 53.23 10.38 2.64
N LYS F 348 51.90 10.37 2.60
CA LYS F 348 51.19 9.50 1.65
C LYS F 348 51.43 9.95 0.21
N ILE F 349 51.52 11.25 -0.03
CA ILE F 349 51.83 11.72 -1.38
C ILE F 349 53.22 11.26 -1.80
N ALA F 350 54.19 11.35 -0.88
CA ALA F 350 55.54 10.87 -1.18
C ALA F 350 55.55 9.37 -1.41
N GLU F 351 54.68 8.64 -0.72
CA GLU F 351 54.54 7.21 -1.00
C GLU F 351 54.01 6.99 -2.41
N LYS F 352 53.04 7.79 -2.84
CA LYS F 352 52.61 7.78 -4.23
C LYS F 352 53.71 8.29 -5.16
N ARG F 353 54.65 9.08 -4.64
CA ARG F 353 55.89 9.54 -5.25
C ARG F 353 55.64 10.68 -6.24
N VAL F 354 54.39 11.10 -6.47
CA VAL F 354 54.16 12.34 -7.19
C VAL F 354 54.70 13.49 -6.37
N PHE F 355 55.49 14.35 -6.99
CA PHE F 355 56.24 15.36 -6.25
C PHE F 355 55.95 16.75 -6.79
N PRO F 356 55.92 17.77 -5.91
CA PRO F 356 56.19 17.73 -4.46
C PRO F 356 55.07 17.06 -3.67
N ALA F 357 55.26 16.77 -2.38
CA ALA F 357 54.23 16.09 -1.59
C ALA F 357 53.46 17.13 -0.77
N ILE F 358 52.72 17.99 -1.45
CA ILE F 358 52.07 19.14 -0.84
C ILE F 358 50.60 18.80 -0.59
N ASP F 359 50.15 19.00 0.64
CA ASP F 359 48.75 18.87 1.00
C ASP F 359 48.07 20.21 0.73
N TYR F 360 47.50 20.35 -0.46
CA TYR F 360 46.98 21.64 -0.89
C TYR F 360 45.82 22.10 -0.02
N ASN F 361 44.87 21.20 0.29
CA ASN F 361 43.65 21.61 0.96
C ASN F 361 43.93 22.17 2.35
N ARG F 362 44.81 21.54 3.11
CA ARG F 362 45.06 21.93 4.48
C ARG F 362 46.12 23.02 4.61
N SER F 363 47.02 23.14 3.63
CA SER F 363 48.01 24.20 3.63
C SER F 363 47.37 25.51 3.18
N GLY F 364 47.95 26.62 3.64
CA GLY F 364 47.44 27.93 3.27
C GLY F 364 48.25 29.02 3.91
N THR F 365 47.86 30.26 3.60
CA THR F 365 48.50 31.45 4.14
C THR F 365 47.44 32.39 4.67
N ARG F 366 47.65 32.91 5.87
CA ARG F 366 46.73 33.87 6.46
C ARG F 366 47.16 35.30 6.11
N LYS F 367 46.18 36.20 6.08
CA LYS F 367 46.41 37.60 5.71
C LYS F 367 47.05 37.71 4.33
N GLU F 368 46.58 36.88 3.40
CA GLU F 368 47.16 36.84 2.06
C GLU F 368 46.63 37.93 1.14
N GLU F 369 45.55 38.62 1.54
CA GLU F 369 44.95 39.63 0.68
C GLU F 369 45.87 40.82 0.48
N LEU F 370 46.73 41.12 1.46
CA LEU F 370 47.69 42.21 1.31
C LEU F 370 48.90 41.81 0.48
N LEU F 371 49.10 40.53 0.21
CA LEU F 371 50.30 40.03 -0.44
C LEU F 371 50.12 39.82 -1.94
N THR F 372 48.96 40.13 -2.50
CA THR F 372 48.72 39.82 -3.90
C THR F 372 47.65 40.75 -4.45
N THR F 373 47.58 40.80 -5.78
CA THR F 373 46.56 41.59 -6.45
C THR F 373 45.21 40.87 -6.39
N GLN F 374 44.15 41.62 -6.65
CA GLN F 374 42.80 41.10 -6.48
C GLN F 374 42.49 40.00 -7.50
N GLU F 375 42.75 40.27 -8.79
CA GLU F 375 42.27 39.38 -9.85
C GLU F 375 42.88 37.99 -9.71
N GLU F 376 44.20 37.91 -9.51
CA GLU F 376 44.81 36.61 -9.29
C GLU F 376 44.40 36.02 -7.94
N LEU F 377 43.98 36.87 -6.99
CA LEU F 377 43.46 36.33 -5.74
C LEU F 377 42.17 35.55 -5.96
N GLN F 378 41.22 36.11 -6.72
CA GLN F 378 40.02 35.30 -6.98
C GLN F 378 40.31 34.16 -7.97
N LYS F 379 41.33 34.31 -8.83
CA LYS F 379 41.72 33.16 -9.64
C LYS F 379 42.18 32.00 -8.76
N MET F 380 43.03 32.29 -7.77
CA MET F 380 43.47 31.27 -6.84
C MET F 380 42.32 30.72 -6.02
N TRP F 381 41.37 31.58 -5.65
CA TRP F 381 40.19 31.11 -4.91
C TRP F 381 39.37 30.14 -5.76
N ILE F 382 39.17 30.47 -7.04
CA ILE F 382 38.43 29.58 -7.93
C ILE F 382 39.16 28.24 -8.07
N LEU F 383 40.49 28.30 -8.21
CA LEU F 383 41.26 27.06 -8.24
C LEU F 383 41.09 26.26 -6.95
N ARG F 384 41.07 26.95 -5.81
CA ARG F 384 40.91 26.27 -4.53
C ARG F 384 39.55 25.57 -4.44
N LYS F 385 38.48 26.23 -4.88
CA LYS F 385 37.18 25.55 -4.90
C LYS F 385 37.19 24.37 -5.86
N ILE F 386 37.76 24.52 -7.05
CA ILE F 386 37.68 23.44 -8.03
C ILE F 386 38.56 22.26 -7.62
N ILE F 387 39.57 22.48 -6.78
CA ILE F 387 40.44 21.39 -6.35
C ILE F 387 40.06 20.83 -4.97
N HIS F 388 39.25 21.55 -4.20
CA HIS F 388 39.00 21.15 -2.82
C HIS F 388 38.35 19.79 -2.66
N PRO F 389 37.25 19.44 -3.35
CA PRO F 389 36.57 18.18 -3.03
C PRO F 389 37.41 16.94 -3.23
N MET F 390 38.29 16.91 -4.23
CA MET F 390 39.03 15.71 -4.53
C MET F 390 40.15 15.48 -3.50
N GLY F 391 40.54 14.21 -3.36
CA GLY F 391 41.54 13.85 -2.37
C GLY F 391 42.93 14.35 -2.72
N GLU F 392 43.81 14.33 -1.73
CA GLU F 392 45.12 14.97 -1.87
C GLU F 392 45.95 14.31 -2.97
N ILE F 393 45.94 12.97 -3.05
CA ILE F 393 46.60 12.31 -4.17
C ILE F 393 45.99 12.77 -5.49
N ASP F 394 44.66 12.69 -5.58
CA ASP F 394 43.97 13.12 -6.79
C ASP F 394 44.18 14.61 -7.05
N ALA F 395 44.10 15.42 -5.99
CA ALA F 395 44.26 16.86 -6.15
C ALA F 395 45.63 17.20 -6.73
N MET F 396 46.68 16.59 -6.17
CA MET F 396 48.02 16.99 -6.61
C MET F 396 48.36 16.38 -7.96
N GLU F 397 47.90 15.17 -8.27
CA GLU F 397 48.15 14.65 -9.60
C GLU F 397 47.40 15.48 -10.65
N PHE F 398 46.17 15.90 -10.33
CA PHE F 398 45.41 16.78 -11.21
C PHE F 398 46.16 18.09 -11.45
N LEU F 399 46.62 18.71 -10.36
CA LEU F 399 47.33 19.98 -10.48
C LEU F 399 48.62 19.83 -11.27
N ILE F 400 49.38 18.76 -11.01
CA ILE F 400 50.68 18.60 -11.68
C ILE F 400 50.48 18.30 -13.15
N ASN F 401 49.48 17.49 -13.50
CA ASN F 401 49.24 17.19 -14.91
C ASN F 401 48.77 18.42 -15.67
N LYS F 402 47.88 19.22 -15.07
CA LYS F 402 47.38 20.40 -15.79
C LYS F 402 48.22 21.64 -15.56
N LEU F 403 49.33 21.53 -14.82
CA LEU F 403 50.32 22.59 -14.74
C LEU F 403 51.56 22.31 -15.57
N ALA F 404 51.91 21.03 -15.76
CA ALA F 404 53.07 20.69 -16.56
C ALA F 404 52.89 21.11 -18.01
N MET F 405 51.69 20.93 -18.56
CA MET F 405 51.41 21.27 -19.95
C MET F 405 51.38 22.77 -20.20
N THR F 406 51.35 23.59 -19.14
CA THR F 406 51.37 25.03 -19.29
C THR F 406 52.82 25.51 -19.26
N LYS F 407 53.01 26.84 -19.28
CA LYS F 407 54.34 27.43 -19.21
C LYS F 407 54.54 28.26 -17.95
N THR F 408 53.63 29.18 -17.66
CA THR F 408 53.71 30.01 -16.47
C THR F 408 52.36 30.00 -15.76
N ASN F 409 52.31 30.65 -14.59
CA ASN F 409 51.11 30.64 -13.78
C ASN F 409 49.95 31.36 -14.47
N ASP F 410 50.25 32.45 -15.18
CA ASP F 410 49.20 33.15 -15.91
C ASP F 410 48.60 32.26 -17.00
N ASP F 411 49.45 31.50 -17.70
CA ASP F 411 48.93 30.55 -18.68
C ASP F 411 48.11 29.46 -17.99
N PHE F 412 48.52 29.06 -16.78
CA PHE F 412 47.73 28.09 -16.03
C PHE F 412 46.34 28.64 -15.72
N PHE F 413 46.26 29.89 -15.30
CA PHE F 413 44.96 30.49 -15.02
C PHE F 413 44.13 30.64 -16.29
N GLU F 414 44.78 30.98 -17.40
CA GLU F 414 44.09 31.01 -18.69
C GLU F 414 43.46 29.67 -19.01
N MET F 415 44.25 28.59 -18.86
CA MET F 415 43.73 27.26 -19.13
C MET F 415 42.59 26.90 -18.17
N MET F 416 42.71 27.30 -16.91
CA MET F 416 41.67 26.98 -15.94
C MET F 416 40.35 27.67 -16.28
N LYS F 417 40.39 28.97 -16.53
CA LYS F 417 39.13 29.69 -16.76
C LYS F 417 38.57 29.45 -18.17
N ARG F 418 39.42 29.14 -19.14
CA ARG F 418 38.90 28.78 -20.46
C ARG F 418 38.21 27.43 -20.41
N SER F 419 38.74 26.48 -19.66
CA SER F 419 38.15 25.15 -19.54
C SER F 419 36.93 25.18 -18.62
N GLY G 46 123.35 -8.05 16.06
CA GLY G 46 123.38 -8.13 14.61
C GLY G 46 122.04 -8.44 13.99
N GLU G 47 121.31 -9.37 14.59
CA GLU G 47 120.00 -9.75 14.10
C GLU G 47 118.97 -8.66 14.41
N ASP G 48 117.84 -8.74 13.72
CA ASP G 48 116.77 -7.76 13.85
C ASP G 48 115.46 -8.45 14.20
N ILE G 49 114.68 -7.83 15.09
CA ILE G 49 113.38 -8.33 15.48
C ILE G 49 112.36 -7.20 15.31
N PHE G 50 111.09 -7.57 15.20
CA PHE G 50 110.03 -6.65 14.86
C PHE G 50 109.05 -6.47 16.01
N GLY G 51 108.51 -5.26 16.11
CA GLY G 51 107.45 -4.99 17.06
C GLY G 51 106.38 -4.13 16.41
N ASP G 52 105.24 -4.03 17.09
CA ASP G 52 104.10 -3.29 16.55
C ASP G 52 103.24 -2.77 17.70
N GLY G 53 102.45 -1.74 17.40
CA GLY G 53 101.53 -1.19 18.36
C GLY G 53 100.94 0.12 17.85
N VAL G 54 100.22 0.79 18.73
CA VAL G 54 99.63 2.09 18.42
C VAL G 54 99.94 3.06 19.56
N LEU G 55 100.51 4.21 19.22
CA LEU G 55 100.91 5.19 20.22
C LEU G 55 99.84 6.26 20.36
N GLU G 56 99.64 6.74 21.59
CA GLU G 56 98.68 7.79 21.86
C GLU G 56 99.15 8.62 23.04
N ILE G 57 98.62 9.83 23.13
CA ILE G 57 98.96 10.76 24.20
C ILE G 57 97.85 10.71 25.23
N LEU G 58 98.22 10.45 26.49
CA LEU G 58 97.26 10.33 27.58
C LEU G 58 97.03 11.70 28.21
N GLN G 59 96.36 11.71 29.37
CA GLN G 59 96.04 12.96 30.05
C GLN G 59 97.27 13.69 30.59
N ASP G 60 98.42 13.02 30.65
CA ASP G 60 99.65 13.61 31.17
C ASP G 60 100.51 14.23 30.08
N GLY G 61 100.00 14.33 28.86
CA GLY G 61 100.83 14.83 27.76
C GLY G 61 102.00 13.93 27.45
N PHE G 62 101.79 12.61 27.49
CA PHE G 62 102.85 11.64 27.38
C PHE G 62 102.51 10.60 26.32
N GLY G 63 103.53 10.12 25.61
CA GLY G 63 103.36 9.11 24.60
C GLY G 63 103.45 7.69 25.12
N PHE G 64 102.34 6.97 25.10
CA PHE G 64 102.29 5.57 25.48
C PHE G 64 101.85 4.77 24.27
N LEU G 65 102.63 3.74 23.92
CA LEU G 65 102.30 2.90 22.76
C LEU G 65 101.72 1.59 23.29
N ARG G 66 100.40 1.46 23.16
CA ARG G 66 99.65 0.28 23.56
C ARG G 66 99.75 -0.81 22.50
N SER G 67 99.50 -2.04 22.94
CA SER G 67 99.46 -3.18 22.03
C SER G 67 98.20 -3.12 21.16
N ALA G 68 98.26 -3.79 20.02
CA ALA G 68 97.17 -3.80 19.05
C ALA G 68 96.48 -5.16 18.94
N ASP G 69 97.25 -6.24 18.78
CA ASP G 69 96.67 -7.56 18.55
C ASP G 69 96.19 -8.24 19.81
N SER G 70 96.46 -7.68 20.99
CA SER G 70 96.03 -8.26 22.26
C SER G 70 94.78 -7.59 22.81
N SER G 71 93.88 -7.16 21.92
CA SER G 71 92.65 -6.46 22.31
C SER G 71 92.96 -5.18 23.08
N TYR G 72 94.09 -4.55 22.77
CA TYR G 72 94.53 -3.30 23.40
C TYR G 72 94.70 -3.48 24.91
N LEU G 73 95.57 -4.42 25.27
CA LEU G 73 95.90 -4.69 26.67
C LEU G 73 97.37 -4.36 26.92
N ALA G 74 97.68 -4.13 28.19
CA ALA G 74 99.04 -3.80 28.58
C ALA G 74 99.97 -4.98 28.36
N GLY G 75 101.19 -4.69 27.91
CA GLY G 75 102.17 -5.73 27.65
C GLY G 75 103.56 -5.16 27.46
N PRO G 76 104.55 -6.04 27.25
CA PRO G 76 105.92 -5.58 27.02
C PRO G 76 106.07 -4.73 25.76
N ASP G 77 105.22 -4.97 24.75
CA ASP G 77 105.35 -4.24 23.49
C ASP G 77 104.92 -2.78 23.60
N ASP G 78 104.33 -2.36 24.72
CA ASP G 78 104.07 -0.95 24.95
C ASP G 78 105.37 -0.17 24.90
N ILE G 79 105.35 0.97 24.22
CA ILE G 79 106.58 1.71 23.91
C ILE G 79 106.54 3.09 24.55
N TYR G 80 107.69 3.49 25.10
CA TYR G 80 107.92 4.77 25.76
C TYR G 80 108.03 5.87 24.71
N VAL G 81 106.88 6.27 24.16
CA VAL G 81 106.83 7.25 23.08
C VAL G 81 106.87 8.62 23.73
N SER G 82 108.09 9.15 23.91
CA SER G 82 108.31 10.43 24.58
C SER G 82 107.90 11.59 23.67
N PRO G 83 107.41 12.69 24.25
CA PRO G 83 106.86 13.78 23.42
C PRO G 83 107.83 14.34 22.39
N SER G 84 109.11 14.50 22.76
CA SER G 84 110.09 14.94 21.77
C SER G 84 110.25 13.91 20.67
N GLN G 85 110.21 12.63 21.03
CA GLN G 85 110.25 11.58 20.02
C GLN G 85 108.98 11.54 19.18
N ILE G 86 107.86 12.04 19.72
CA ILE G 86 106.67 12.22 18.90
C ILE G 86 106.89 13.34 17.88
N ARG G 87 107.43 14.47 18.34
CA ARG G 87 107.55 15.62 17.45
C ARG G 87 108.67 15.48 16.43
N ARG G 88 109.67 14.63 16.69
CA ARG G 88 110.78 14.52 15.76
C ARG G 88 110.34 13.95 14.41
N PHE G 89 109.44 12.97 14.43
CA PHE G 89 109.05 12.24 13.23
C PHE G 89 107.65 12.59 12.76
N ASN G 90 107.04 13.63 13.33
CA ASN G 90 105.71 14.09 12.94
C ASN G 90 104.67 12.99 13.14
N LEU G 91 104.55 12.54 14.39
CA LEU G 91 103.51 11.57 14.73
C LEU G 91 102.21 12.29 15.11
N ARG G 92 101.14 11.50 15.19
CA ARG G 92 99.84 11.98 15.62
C ARG G 92 99.37 11.15 16.80
N THR G 93 98.18 11.45 17.30
CA THR G 93 97.57 10.65 18.36
C THR G 93 96.86 9.46 17.73
N GLY G 94 97.19 8.26 18.20
CA GLY G 94 96.53 7.05 17.73
C GLY G 94 97.13 6.40 16.50
N ASP G 95 98.22 6.96 15.96
CA ASP G 95 98.85 6.36 14.79
C ASP G 95 99.50 5.03 15.14
N THR G 96 99.48 4.11 14.18
CA THR G 96 100.08 2.79 14.37
C THR G 96 101.54 2.81 13.92
N ILE G 97 102.39 2.16 14.71
CA ILE G 97 103.82 2.07 14.45
C ILE G 97 104.24 0.61 14.54
N SER G 98 104.94 0.13 13.51
CA SER G 98 105.52 -1.20 13.49
C SER G 98 106.87 -1.14 12.80
N GLY G 99 107.84 -1.84 13.35
CA GLY G 99 109.17 -1.85 12.76
C GLY G 99 110.19 -2.48 13.68
N LYS G 100 111.46 -2.21 13.37
CA LYS G 100 112.56 -2.84 14.10
C LYS G 100 112.56 -2.40 15.55
N ILE G 101 112.80 -3.37 16.45
CA ILE G 101 112.83 -3.11 17.88
C ILE G 101 114.08 -3.77 18.47
N ARG G 102 114.46 -3.30 19.65
CA ARG G 102 115.63 -3.75 20.38
C ARG G 102 115.25 -3.98 21.84
N PRO G 103 116.09 -4.69 22.60
CA PRO G 103 115.83 -4.88 24.04
C PRO G 103 115.62 -3.55 24.75
N PRO G 104 115.04 -3.57 25.94
CA PRO G 104 114.62 -2.32 26.58
C PRO G 104 115.75 -1.31 26.72
N LYS G 105 115.43 -0.05 26.44
CA LYS G 105 116.41 1.02 26.50
C LYS G 105 116.74 1.36 27.96
N GLU G 106 117.80 2.14 28.14
CA GLU G 106 118.16 2.60 29.47
C GLU G 106 117.07 3.50 30.04
N GLY G 107 116.69 3.24 31.28
CA GLY G 107 115.64 3.98 31.94
C GLY G 107 114.23 3.54 31.57
N GLU G 108 114.07 2.57 30.68
CA GLU G 108 112.76 2.09 30.27
C GLU G 108 112.72 0.57 30.42
N ARG G 109 111.74 0.08 31.17
CA ARG G 109 111.60 -1.36 31.38
C ARG G 109 110.99 -2.05 30.16
N TYR G 110 110.10 -1.38 29.45
CA TYR G 110 109.41 -1.99 28.33
C TYR G 110 110.30 -2.01 27.09
N PHE G 111 109.89 -2.82 26.11
CA PHE G 111 110.56 -2.84 24.82
C PHE G 111 110.36 -1.51 24.10
N ALA G 112 111.42 -1.03 23.44
CA ALA G 112 111.38 0.26 22.77
C ALA G 112 112.18 0.18 21.48
N LEU G 113 112.35 1.32 20.83
CA LEU G 113 113.05 1.41 19.56
C LEU G 113 113.59 2.82 19.39
N LEU G 114 114.52 2.97 18.45
CA LEU G 114 115.14 4.26 18.17
C LEU G 114 114.52 4.97 16.97
N LYS G 115 114.49 4.30 15.82
CA LYS G 115 114.02 4.90 14.57
C LYS G 115 112.76 4.18 14.08
N VAL G 116 111.94 4.91 13.35
CA VAL G 116 110.70 4.39 12.77
C VAL G 116 110.85 4.39 11.25
N ASN G 117 110.57 3.25 10.63
CA ASN G 117 110.76 3.07 9.21
C ASN G 117 109.47 2.77 8.44
N GLU G 118 108.34 2.66 9.13
CA GLU G 118 107.07 2.35 8.46
C GLU G 118 105.93 2.92 9.28
N VAL G 119 105.20 3.87 8.72
CA VAL G 119 104.04 4.47 9.36
C VAL G 119 102.86 4.33 8.40
N ASN G 120 101.85 3.56 8.82
CA ASN G 120 100.63 3.35 8.04
C ASN G 120 100.91 2.77 6.66
N PHE G 121 102.03 2.06 6.51
CA PHE G 121 102.37 1.32 5.29
C PHE G 121 102.47 2.24 4.07
N ASP G 122 103.41 3.19 4.15
CA ASP G 122 103.77 4.01 3.00
C ASP G 122 105.16 4.57 3.24
N LYS G 123 105.63 5.38 2.29
CA LYS G 123 106.98 5.94 2.37
C LYS G 123 106.99 7.08 3.38
N PRO G 124 107.86 7.05 4.39
CA PRO G 124 107.75 8.02 5.49
C PRO G 124 107.84 9.48 5.06
N GLU G 125 108.72 9.80 4.10
CA GLU G 125 108.81 11.18 3.64
C GLU G 125 107.54 11.60 2.94
N ASN G 126 106.96 10.71 2.12
CA ASN G 126 105.65 10.97 1.54
C ASN G 126 104.55 10.90 2.58
N ALA G 127 104.77 10.17 3.68
CA ALA G 127 103.78 10.12 4.75
C ALA G 127 103.70 11.44 5.50
N ARG G 128 104.83 12.13 5.64
CA ARG G 128 104.82 13.43 6.32
C ARG G 128 103.93 14.42 5.60
N ASN G 129 104.09 14.53 4.28
CA ASN G 129 103.31 15.49 3.48
C ASN G 129 101.96 14.87 3.18
N LYS G 130 101.01 15.11 4.08
CA LYS G 130 99.69 14.51 3.97
C LYS G 130 98.67 15.42 4.65
N ILE G 131 97.45 15.44 4.12
CA ILE G 131 96.40 16.34 4.59
C ILE G 131 95.78 15.77 5.86
N LEU G 132 95.02 16.59 6.58
CA LEU G 132 94.29 16.15 7.76
C LEU G 132 92.93 15.60 7.37
N PHE G 133 92.49 14.57 8.09
CA PHE G 133 91.27 13.86 7.72
C PHE G 133 90.02 14.71 7.93
N GLU G 134 89.90 15.34 9.10
CA GLU G 134 88.69 16.05 9.45
C GLU G 134 88.61 17.47 8.91
N ASN G 135 89.65 17.92 8.20
CA ASN G 135 89.58 19.14 7.40
C ASN G 135 89.26 18.85 5.94
N LEU G 136 88.55 17.76 5.66
CA LEU G 136 88.30 17.30 4.31
C LEU G 136 86.81 17.18 4.06
N THR G 137 86.37 17.63 2.89
CA THR G 137 84.94 17.76 2.61
C THR G 137 84.29 16.39 2.42
N PRO G 138 83.20 16.09 3.12
CA PRO G 138 82.47 14.85 2.90
C PRO G 138 81.59 14.93 1.66
N LEU G 139 80.96 13.81 1.35
CA LEU G 139 80.03 13.71 0.22
C LEU G 139 79.23 12.43 0.41
N HIS G 140 78.13 12.30 -0.35
CA HIS G 140 77.27 11.14 -0.25
C HIS G 140 78.01 9.87 -0.65
N ALA G 141 77.38 8.72 -0.39
CA ALA G 141 77.92 7.45 -0.83
C ALA G 141 77.95 7.40 -2.36
N ASN G 142 79.00 6.79 -2.90
CA ASN G 142 79.21 6.83 -4.35
C ASN G 142 79.65 5.49 -4.91
N SER G 143 79.22 4.38 -4.29
CA SER G 143 79.60 3.07 -4.77
C SER G 143 78.60 2.03 -4.27
N ARG G 144 78.65 0.85 -4.88
CA ARG G 144 77.81 -0.28 -4.52
C ARG G 144 78.68 -1.37 -3.91
N LEU G 145 78.22 -1.93 -2.79
CA LEU G 145 78.95 -2.93 -2.02
C LEU G 145 78.05 -4.13 -1.74
N ARG G 146 77.43 -4.67 -2.79
CA ARG G 146 76.52 -5.78 -2.63
C ARG G 146 77.22 -6.97 -1.98
N MET G 147 76.44 -7.78 -1.25
CA MET G 147 76.97 -8.82 -0.38
C MET G 147 76.37 -10.19 -0.67
N GLU G 148 76.04 -10.46 -1.93
CA GLU G 148 75.55 -11.77 -2.33
C GLU G 148 76.74 -12.69 -2.61
N ARG G 149 76.78 -13.83 -1.90
CA ARG G 149 77.86 -14.80 -2.12
C ARG G 149 77.78 -15.38 -3.53
N GLY G 150 76.59 -15.77 -3.97
CA GLY G 150 76.39 -16.32 -5.29
C GLY G 150 76.49 -17.83 -5.39
N ASN G 151 76.88 -18.51 -4.31
CA ASN G 151 77.00 -19.97 -4.37
C ASN G 151 75.70 -20.69 -4.04
N GLY G 152 74.64 -19.97 -3.65
CA GLY G 152 73.35 -20.58 -3.45
C GLY G 152 73.14 -21.29 -2.14
N SER G 153 73.99 -21.06 -1.14
CA SER G 153 73.84 -21.71 0.14
C SER G 153 72.77 -21.01 0.99
N THR G 154 72.48 -21.60 2.15
CA THR G 154 71.49 -21.02 3.05
C THR G 154 71.94 -19.66 3.57
N GLU G 155 73.20 -19.55 3.98
CA GLU G 155 73.74 -18.24 4.33
C GLU G 155 73.75 -17.32 3.12
N ASP G 156 74.03 -17.87 1.94
CA ASP G 156 73.89 -17.09 0.71
C ASP G 156 72.43 -16.73 0.44
N LEU G 157 71.49 -17.60 0.81
CA LEU G 157 70.09 -17.25 0.69
C LEU G 157 69.74 -16.05 1.57
N THR G 158 70.22 -16.05 2.81
CA THR G 158 70.02 -14.90 3.69
C THR G 158 70.68 -13.65 3.13
N ALA G 159 71.90 -13.80 2.59
CA ALA G 159 72.60 -12.66 2.00
C ALA G 159 71.82 -12.09 0.83
N ARG G 160 71.28 -12.95 -0.03
CA ARG G 160 70.51 -12.48 -1.18
C ARG G 160 69.22 -11.81 -0.74
N VAL G 161 68.57 -12.35 0.30
CA VAL G 161 67.38 -11.71 0.85
C VAL G 161 67.71 -10.31 1.36
N LEU G 162 68.83 -10.18 2.08
CA LEU G 162 69.23 -8.88 2.60
C LEU G 162 69.55 -7.90 1.47
N ASP G 163 70.22 -8.39 0.42
CA ASP G 163 70.51 -7.54 -0.74
C ASP G 163 69.22 -7.08 -1.41
N LEU G 164 68.25 -7.98 -1.55
CA LEU G 164 66.94 -7.59 -2.06
C LEU G 164 66.21 -6.65 -1.13
N ALA G 165 66.59 -6.63 0.16
CA ALA G 165 65.91 -5.79 1.14
C ALA G 165 66.60 -4.43 1.31
N SER G 166 67.88 -4.44 1.67
CA SER G 166 68.61 -3.22 1.98
C SER G 166 69.75 -3.01 0.98
N LEU G 167 70.38 -1.85 1.09
CA LEU G 167 71.47 -1.44 0.21
C LEU G 167 72.69 -1.06 1.04
N ILE G 168 73.87 -1.32 0.49
CA ILE G 168 75.15 -1.03 1.15
C ILE G 168 75.98 -0.17 0.20
N GLY G 169 76.55 0.91 0.73
CA GLY G 169 77.37 1.81 -0.05
C GLY G 169 78.70 2.08 0.61
N ARG G 170 79.60 2.70 -0.16
CA ARG G 170 80.93 3.04 0.32
C ARG G 170 80.88 4.36 1.08
N GLY G 171 81.45 4.38 2.29
CA GLY G 171 81.35 5.54 3.13
C GLY G 171 79.92 5.87 3.52
N GLN G 172 79.09 4.85 3.69
CA GLN G 172 77.65 5.01 3.87
C GLN G 172 77.29 4.56 5.28
N ARG G 173 76.75 5.48 6.07
CA ARG G 173 76.42 5.19 7.45
C ARG G 173 75.25 4.21 7.54
N GLY G 174 75.28 3.38 8.58
CA GLY G 174 74.28 2.33 8.73
C GLY G 174 73.96 1.94 10.16
N LEU G 175 72.67 1.95 10.49
CA LEU G 175 72.20 1.53 11.80
C LEU G 175 71.14 0.45 11.62
N ILE G 176 71.28 -0.64 12.37
CA ILE G 176 70.32 -1.74 12.35
C ILE G 176 69.88 -1.97 13.80
N VAL G 177 68.59 -1.81 14.06
CA VAL G 177 68.07 -1.94 15.41
C VAL G 177 67.26 -3.23 15.51
N ALA G 178 67.31 -3.88 16.67
CA ALA G 178 66.70 -5.19 16.83
C ALA G 178 66.40 -5.42 18.31
N PRO G 179 65.50 -6.35 18.61
CA PRO G 179 65.33 -6.81 20.00
C PRO G 179 66.19 -8.03 20.26
N PRO G 180 66.35 -8.44 21.52
CA PRO G 180 67.21 -9.59 21.81
C PRO G 180 66.64 -10.90 21.31
N LYS G 181 67.52 -11.88 21.14
CA LYS G 181 67.22 -13.24 20.68
C LYS G 181 66.74 -13.29 19.23
N ALA G 182 66.73 -12.16 18.51
CA ALA G 182 66.16 -12.13 17.18
C ALA G 182 67.18 -12.43 16.08
N GLY G 183 68.42 -12.73 16.42
CA GLY G 183 69.39 -13.13 15.43
C GLY G 183 70.30 -12.04 14.91
N LYS G 184 70.94 -11.30 15.82
CA LYS G 184 71.84 -10.23 15.40
C LYS G 184 73.25 -10.74 15.10
N THR G 185 73.76 -11.65 15.92
CA THR G 185 75.18 -12.01 15.86
C THR G 185 75.51 -12.76 14.57
N MET G 186 74.73 -13.79 14.24
CA MET G 186 75.04 -14.53 13.02
C MET G 186 74.69 -13.73 11.76
N LEU G 187 73.73 -12.81 11.84
CA LEU G 187 73.50 -11.91 10.72
C LEU G 187 74.69 -11.00 10.49
N LEU G 188 75.26 -10.45 11.57
CA LEU G 188 76.46 -9.63 11.44
C LEU G 188 77.62 -10.46 10.89
N GLN G 189 77.77 -11.69 11.38
CA GLN G 189 78.82 -12.57 10.84
C GLN G 189 78.61 -12.83 9.35
N ASN G 190 77.37 -13.08 8.95
CA ASN G 190 77.08 -13.35 7.55
C ASN G 190 77.39 -12.15 6.67
N ILE G 191 77.00 -10.95 7.11
CA ILE G 191 77.27 -9.78 6.28
C ILE G 191 78.77 -9.50 6.22
N ALA G 192 79.48 -9.71 7.34
CA ALA G 192 80.92 -9.51 7.34
C ALA G 192 81.63 -10.47 6.39
N GLN G 193 81.29 -11.76 6.46
CA GLN G 193 81.93 -12.72 5.57
C GLN G 193 81.52 -12.50 4.12
N SER G 194 80.30 -12.05 3.88
CA SER G 194 79.86 -11.76 2.52
C SER G 194 80.66 -10.61 1.93
N ILE G 195 80.85 -9.54 2.70
CA ILE G 195 81.68 -8.43 2.22
C ILE G 195 83.13 -8.88 2.03
N ALA G 196 83.62 -9.74 2.92
CA ALA G 196 85.00 -10.21 2.79
C ALA G 196 85.19 -11.02 1.52
N TYR G 197 84.27 -11.94 1.23
CA TYR G 197 84.41 -12.80 0.05
C TYR G 197 84.16 -12.01 -1.23
N ASN G 198 83.08 -11.23 -1.26
CA ASN G 198 82.71 -10.52 -2.49
C ASN G 198 83.74 -9.46 -2.85
N HIS G 199 84.26 -8.75 -1.86
CA HIS G 199 85.23 -7.67 -2.08
C HIS G 199 86.44 -7.89 -1.18
N PRO G 200 87.32 -8.82 -1.55
CA PRO G 200 88.57 -8.99 -0.79
C PRO G 200 89.50 -7.79 -0.90
N ASP G 201 89.32 -6.94 -1.91
CA ASP G 201 90.19 -5.78 -2.09
C ASP G 201 90.07 -4.81 -0.93
N CYS G 202 88.85 -4.55 -0.46
CA CYS G 202 88.65 -3.63 0.64
C CYS G 202 89.03 -4.29 1.97
N VAL G 203 89.16 -3.47 3.00
CA VAL G 203 89.57 -3.91 4.32
C VAL G 203 88.37 -3.83 5.26
N LEU G 204 88.08 -4.92 5.95
CA LEU G 204 86.92 -5.04 6.82
C LEU G 204 87.36 -5.28 8.25
N MET G 205 86.67 -4.63 9.19
CA MET G 205 86.87 -4.85 10.62
C MET G 205 85.52 -5.08 11.29
N VAL G 206 85.55 -5.82 12.39
CA VAL G 206 84.36 -6.11 13.18
C VAL G 206 84.68 -5.76 14.64
N LEU G 207 83.71 -5.18 15.33
CA LEU G 207 83.87 -4.80 16.73
C LEU G 207 82.77 -5.44 17.56
N LEU G 208 83.16 -6.03 18.69
CA LEU G 208 82.23 -6.62 19.63
C LEU G 208 82.56 -6.14 21.03
N ILE G 209 81.52 -6.00 21.86
CA ILE G 209 81.67 -5.56 23.23
C ILE G 209 80.91 -6.53 24.13
N ASP G 210 81.42 -6.70 25.35
CA ASP G 210 80.85 -7.54 26.42
C ASP G 210 80.23 -8.83 25.90
N GLU G 211 80.95 -9.50 25.00
CA GLU G 211 80.52 -10.77 24.44
C GLU G 211 81.24 -11.92 25.15
N ARG G 212 80.58 -13.06 25.20
CA ARG G 212 81.17 -14.25 25.80
C ARG G 212 82.32 -14.76 24.94
N PRO G 213 83.31 -15.43 25.55
CA PRO G 213 84.49 -15.85 24.79
C PRO G 213 84.19 -16.80 23.64
N GLU G 214 83.19 -17.68 23.77
CA GLU G 214 82.99 -18.73 22.79
C GLU G 214 82.59 -18.19 21.42
N GLU G 215 81.59 -17.31 21.38
CA GLU G 215 81.17 -16.77 20.09
C GLU G 215 82.22 -15.84 19.51
N VAL G 216 82.96 -15.14 20.37
CA VAL G 216 84.06 -14.30 19.89
C VAL G 216 85.10 -15.15 19.18
N THR G 217 85.56 -16.21 19.84
CA THR G 217 86.56 -17.08 19.23
C THR G 217 86.04 -17.71 17.94
N GLU G 218 84.78 -18.13 17.94
CA GLU G 218 84.17 -18.71 16.74
C GLU G 218 84.17 -17.72 15.58
N MET G 219 83.69 -16.50 15.80
CA MET G 219 83.63 -15.53 14.71
C MET G 219 85.01 -15.03 14.31
N GLN G 220 86.02 -15.17 15.19
CA GLN G 220 87.37 -14.77 14.80
C GLN G 220 87.88 -15.56 13.60
N ARG G 221 87.57 -16.85 13.51
CA ARG G 221 88.01 -17.64 12.37
C ARG G 221 86.86 -18.07 11.46
N LEU G 222 85.65 -17.54 11.64
CA LEU G 222 84.72 -17.49 10.52
C LEU G 222 85.08 -16.37 9.54
N VAL G 223 85.47 -15.20 10.04
CA VAL G 223 85.76 -14.05 9.17
C VAL G 223 87.26 -13.79 9.18
N LYS G 224 87.79 -13.40 8.02
CA LYS G 224 89.21 -13.08 7.91
C LYS G 224 89.54 -11.67 8.39
N GLY G 225 88.55 -10.81 8.54
CA GLY G 225 88.80 -9.45 8.96
C GLY G 225 89.26 -9.36 10.41
N GLU G 226 90.04 -8.33 10.69
CA GLU G 226 90.51 -8.11 12.05
C GLU G 226 89.34 -7.74 12.96
N VAL G 227 89.35 -8.29 14.17
CA VAL G 227 88.28 -8.09 15.13
C VAL G 227 88.88 -7.75 16.49
N VAL G 228 88.26 -6.80 17.18
CA VAL G 228 88.62 -6.44 18.55
C VAL G 228 87.39 -6.65 19.41
N ALA G 229 87.50 -7.50 20.43
CA ALA G 229 86.40 -7.83 21.31
C ALA G 229 86.84 -7.67 22.75
N SER G 230 85.91 -7.26 23.61
CA SER G 230 86.17 -7.00 25.01
C SER G 230 85.14 -7.70 25.89
N THR G 231 85.57 -8.16 27.05
CA THR G 231 84.73 -8.94 27.94
C THR G 231 83.89 -8.02 28.84
N PHE G 232 82.79 -8.58 29.36
CA PHE G 232 81.82 -7.79 30.12
C PHE G 232 82.32 -7.44 31.52
N ASP G 233 83.03 -8.35 32.18
CA ASP G 233 83.37 -8.15 33.58
C ASP G 233 84.33 -6.98 33.78
N GLU G 234 85.18 -6.71 32.80
CA GLU G 234 86.13 -5.61 32.94
C GLU G 234 85.41 -4.27 32.77
N PRO G 235 85.95 -3.20 33.37
CA PRO G 235 85.21 -1.92 33.39
C PRO G 235 85.01 -1.33 32.01
N ALA G 236 83.97 -0.50 31.90
CA ALA G 236 83.61 0.13 30.63
C ALA G 236 84.66 1.13 30.15
N SER G 237 85.56 1.57 31.02
CA SER G 237 86.58 2.53 30.62
C SER G 237 87.46 1.97 29.50
N ARG G 238 87.89 0.72 29.64
CA ARG G 238 88.71 0.11 28.59
C ARG G 238 87.92 -0.09 27.32
N HIS G 239 86.60 -0.34 27.42
CA HIS G 239 85.76 -0.33 26.24
C HIS G 239 85.84 1.03 25.54
N VAL G 240 85.76 2.10 26.32
CA VAL G 240 85.85 3.44 25.73
C VAL G 240 87.20 3.64 25.04
N GLN G 241 88.28 3.25 25.71
CA GLN G 241 89.60 3.44 25.12
C GLN G 241 89.77 2.66 23.83
N VAL G 242 89.38 1.37 23.84
CA VAL G 242 89.52 0.59 22.62
C VAL G 242 88.65 1.18 21.53
N ALA G 243 87.51 1.78 21.90
CA ALA G 243 86.68 2.46 20.92
C ALA G 243 87.43 3.62 20.26
N GLU G 244 88.07 4.47 21.06
CA GLU G 244 88.72 5.61 20.41
C GLU G 244 89.93 5.17 19.60
N MET G 245 90.70 4.19 20.08
CA MET G 245 91.81 3.74 19.24
C MET G 245 91.33 3.09 17.94
N VAL G 246 90.27 2.29 18.00
CA VAL G 246 89.82 1.64 16.76
C VAL G 246 89.29 2.68 15.78
N ILE G 247 88.50 3.65 16.26
CA ILE G 247 88.00 4.67 15.34
C ILE G 247 89.15 5.53 14.80
N GLU G 248 90.16 5.80 15.63
CA GLU G 248 91.27 6.63 15.17
C GLU G 248 92.09 5.91 14.10
N LYS G 249 92.40 4.63 14.32
CA LYS G 249 93.14 3.91 13.30
C LYS G 249 92.31 3.75 12.03
N ALA G 250 90.99 3.56 12.18
CA ALA G 250 90.13 3.49 11.00
C ALA G 250 90.18 4.79 10.21
N LYS G 251 90.08 5.94 10.90
CA LYS G 251 90.07 7.21 10.17
C LYS G 251 91.44 7.52 9.59
N ARG G 252 92.53 7.09 10.24
CA ARG G 252 93.84 7.22 9.63
C ARG G 252 93.94 6.40 8.36
N LEU G 253 93.41 5.18 8.36
CA LEU G 253 93.46 4.35 7.16
C LEU G 253 92.57 4.94 6.05
N VAL G 254 91.44 5.54 6.42
CA VAL G 254 90.62 6.21 5.43
C VAL G 254 91.36 7.40 4.83
N GLU G 255 92.02 8.20 5.68
CA GLU G 255 92.72 9.38 5.19
C GLU G 255 93.84 9.01 4.22
N HIS G 256 94.34 7.77 4.28
CA HIS G 256 95.32 7.27 3.33
C HIS G 256 94.69 6.81 2.02
N LYS G 257 93.46 7.25 1.75
CA LYS G 257 92.74 6.90 0.51
C LYS G 257 92.50 5.40 0.41
N LYS G 258 92.20 4.77 1.55
CA LYS G 258 91.87 3.36 1.62
C LYS G 258 90.50 3.18 2.26
N ASP G 259 89.69 2.30 1.68
CA ASP G 259 88.34 2.07 2.18
C ASP G 259 88.38 1.32 3.51
N VAL G 260 87.43 1.66 4.39
CA VAL G 260 87.30 1.02 5.69
C VAL G 260 85.83 0.68 5.90
N ILE G 261 85.57 -0.55 6.35
CA ILE G 261 84.24 -0.99 6.73
C ILE G 261 84.30 -1.49 8.17
N ILE G 262 83.45 -0.93 9.02
CA ILE G 262 83.41 -1.26 10.45
C ILE G 262 82.08 -1.88 10.78
N LEU G 263 82.10 -2.97 11.54
CA LEU G 263 80.91 -3.63 12.05
C LEU G 263 80.90 -3.51 13.56
N LEU G 264 79.75 -3.12 14.13
CA LEU G 264 79.71 -2.82 15.56
C LEU G 264 78.44 -3.37 16.20
N ASP G 265 78.62 -3.92 17.40
CA ASP G 265 77.53 -4.51 18.18
C ASP G 265 77.86 -4.33 19.65
N SER G 266 77.10 -3.48 20.35
CA SER G 266 75.96 -2.67 19.89
C SER G 266 76.14 -1.21 20.29
N ILE G 267 75.66 -0.29 19.45
CA ILE G 267 75.95 1.13 19.66
C ILE G 267 75.20 1.68 20.86
N THR G 268 73.92 1.33 21.02
CA THR G 268 73.14 1.91 22.11
C THR G 268 73.59 1.39 23.46
N ARG G 269 73.96 0.11 23.53
CA ARG G 269 74.39 -0.45 24.80
C ARG G 269 75.80 -0.01 25.17
N LEU G 270 76.69 0.18 24.19
CA LEU G 270 77.98 0.80 24.51
C LEU G 270 77.81 2.26 24.90
N ALA G 271 76.81 2.94 24.33
CA ALA G 271 76.48 4.29 24.81
C ALA G 271 76.02 4.25 26.26
N ARG G 272 75.22 3.25 26.61
CA ARG G 272 74.82 3.05 28.01
C ARG G 272 76.05 2.85 28.89
N ALA G 273 76.99 2.02 28.43
CA ALA G 273 78.21 1.78 29.21
C ALA G 273 79.02 3.05 29.37
N TYR G 274 79.15 3.84 28.30
CA TYR G 274 79.87 5.10 28.39
C TYR G 274 79.19 6.06 29.35
N ASN G 275 77.85 6.13 29.31
CA ASN G 275 77.13 6.97 30.25
C ASN G 275 77.38 6.52 31.69
N THR G 276 77.41 5.21 31.92
CA THR G 276 77.68 4.72 33.28
C THR G 276 79.10 5.07 33.71
N VAL G 277 80.06 5.00 32.80
CA VAL G 277 81.45 5.22 33.19
C VAL G 277 81.84 6.70 33.15
N VAL G 278 81.20 7.50 32.29
CA VAL G 278 81.53 8.93 32.23
C VAL G 278 81.05 9.60 33.51
N PRO G 279 81.80 10.54 34.08
CA PRO G 279 81.28 11.29 35.23
C PRO G 279 80.13 12.19 34.82
N ALA G 280 79.19 12.39 35.74
CA ALA G 280 78.02 13.21 35.47
C ALA G 280 78.42 14.68 35.43
N SER G 281 78.10 15.36 34.32
CA SER G 281 78.41 16.76 34.18
C SER G 281 77.48 17.66 35.00
N GLY G 282 76.43 17.10 35.58
CA GLY G 282 75.46 17.87 36.35
C GLY G 282 74.18 18.17 35.60
N LYS G 283 74.19 18.07 34.27
CA LYS G 283 72.98 18.25 33.46
C LYS G 283 72.33 16.88 33.28
N VAL G 284 71.42 16.55 34.19
CA VAL G 284 70.78 15.24 34.20
C VAL G 284 69.49 15.31 33.41
N LEU G 285 69.37 14.48 32.37
CA LEU G 285 68.16 14.37 31.59
C LEU G 285 67.24 13.35 32.24
N THR G 286 66.19 12.93 31.53
CA THR G 286 65.25 11.97 32.07
C THR G 286 65.94 10.62 32.30
N GLY G 287 65.76 10.06 33.49
CA GLY G 287 66.34 8.77 33.81
C GLY G 287 67.82 8.77 34.05
N GLY G 288 68.40 9.91 34.40
CA GLY G 288 69.84 9.99 34.65
C GLY G 288 70.70 10.14 33.42
N VAL G 289 70.11 10.20 32.23
CA VAL G 289 70.89 10.37 31.01
C VAL G 289 71.53 11.76 31.01
N ASP G 290 72.72 11.86 30.42
CA ASP G 290 73.43 13.12 30.28
C ASP G 290 73.66 13.41 28.81
N ALA G 291 73.60 14.70 28.45
CA ALA G 291 73.86 15.09 27.07
C ALA G 291 75.30 14.76 26.67
N ASN G 292 76.26 15.05 27.54
CA ASN G 292 77.65 14.69 27.26
C ASN G 292 77.86 13.19 27.23
N ALA G 293 77.00 12.44 27.95
CA ALA G 293 77.10 10.98 27.92
C ALA G 293 76.80 10.43 26.53
N LEU G 294 75.81 10.99 25.84
CA LEU G 294 75.50 10.59 24.48
C LEU G 294 76.27 11.38 23.44
N HIS G 295 77.01 12.41 23.85
CA HIS G 295 77.75 13.23 22.89
C HIS G 295 78.85 12.41 22.21
N ARG G 296 79.66 11.70 22.99
CA ARG G 296 80.76 10.92 22.42
C ARG G 296 80.26 9.80 21.51
N PRO G 297 79.30 8.96 21.90
CA PRO G 297 78.78 7.97 20.94
C PRO G 297 78.17 8.60 19.71
N LYS G 298 77.58 9.79 19.85
CA LYS G 298 76.99 10.47 18.69
C LYS G 298 78.07 10.83 17.67
N ARG G 299 79.18 11.40 18.13
CA ARG G 299 80.30 11.68 17.23
C ARG G 299 80.88 10.39 16.66
N PHE G 300 80.97 9.35 17.50
CA PHE G 300 81.50 8.07 17.04
C PHE G 300 80.69 7.52 15.89
N PHE G 301 79.36 7.57 16.01
CA PHE G 301 78.49 7.05 14.95
C PHE G 301 78.49 7.96 13.74
N GLY G 302 78.54 9.28 13.95
CA GLY G 302 78.57 10.22 12.85
C GLY G 302 79.89 10.35 12.14
N ALA G 303 80.94 9.69 12.65
CA ALA G 303 82.22 9.71 11.98
C ALA G 303 82.17 9.05 10.60
N ALA G 304 81.15 8.23 10.34
CA ALA G 304 80.99 7.63 9.02
C ALA G 304 80.89 8.73 7.97
N ARG G 305 81.84 8.76 7.05
CA ARG G 305 82.03 9.91 6.18
C ARG G 305 82.64 9.46 4.86
N ASN G 306 81.83 9.45 3.80
CA ASN G 306 82.34 9.20 2.47
C ASN G 306 83.03 10.46 1.93
N VAL G 307 84.11 10.25 1.19
CA VAL G 307 84.93 11.35 0.67
C VAL G 307 84.97 11.24 -0.85
N GLU G 308 84.67 12.35 -1.53
CA GLU G 308 84.78 12.37 -2.99
C GLU G 308 86.23 12.40 -3.45
N GLU G 309 87.12 13.01 -2.65
CA GLU G 309 88.54 13.02 -3.00
C GLU G 309 89.12 11.61 -2.99
N GLY G 310 88.74 10.79 -2.02
CA GLY G 310 89.23 9.44 -1.93
C GLY G 310 89.00 8.80 -0.57
N GLY G 311 88.77 7.50 -0.56
CA GLY G 311 88.56 6.77 0.68
C GLY G 311 87.11 6.76 1.13
N SER G 312 86.86 5.94 2.14
CA SER G 312 85.52 5.78 2.69
C SER G 312 85.63 5.17 4.07
N LEU G 313 84.66 5.48 4.93
CA LEU G 313 84.69 5.10 6.35
C LEU G 313 83.34 4.51 6.74
N THR G 314 82.89 3.52 5.97
CA THR G 314 81.56 2.93 6.19
C THR G 314 81.47 2.32 7.59
N ILE G 315 80.40 2.65 8.30
CA ILE G 315 80.13 2.11 9.63
C ILE G 315 78.76 1.46 9.61
N ILE G 316 78.67 0.23 10.12
CA ILE G 316 77.42 -0.49 10.27
C ILE G 316 77.33 -0.91 11.72
N ALA G 317 76.48 -0.24 12.48
CA ALA G 317 76.34 -0.50 13.91
C ALA G 317 74.93 -0.98 14.20
N THR G 318 74.81 -1.82 15.24
CA THR G 318 73.50 -2.31 15.65
C THR G 318 73.12 -1.71 17.00
N ALA G 319 71.81 -1.68 17.22
CA ALA G 319 71.21 -1.19 18.45
C ALA G 319 70.23 -2.23 18.98
N LEU G 320 70.11 -2.29 20.30
CA LEU G 320 69.27 -3.26 20.98
C LEU G 320 68.15 -2.53 21.70
N ILE G 321 66.92 -2.97 21.49
CA ILE G 321 65.74 -2.41 22.14
C ILE G 321 64.94 -3.53 22.78
N ASP G 322 63.88 -3.14 23.51
CA ASP G 322 63.01 -4.07 24.22
C ASP G 322 63.83 -4.90 25.22
N THR G 323 64.47 -4.19 26.15
CA THR G 323 65.30 -4.81 27.18
C THR G 323 64.77 -4.62 28.59
N GLY G 324 63.74 -3.81 28.79
CA GLY G 324 63.21 -3.52 30.10
C GLY G 324 63.71 -2.24 30.73
N SER G 325 64.84 -1.72 30.24
CA SER G 325 65.39 -0.44 30.69
C SER G 325 65.28 0.56 29.55
N LYS G 326 64.68 1.71 29.82
CA LYS G 326 64.41 2.69 28.77
C LYS G 326 65.64 3.48 28.34
N MET G 327 66.81 3.20 28.93
CA MET G 327 68.05 3.81 28.46
C MET G 327 68.24 3.56 26.97
N ASP G 328 68.36 2.29 26.58
CA ASP G 328 68.57 1.93 25.19
C ASP G 328 67.51 2.56 24.29
N GLU G 329 66.29 2.68 24.78
CA GLU G 329 65.28 3.41 24.02
C GLU G 329 65.71 4.86 23.80
N VAL G 330 66.06 5.56 24.88
CA VAL G 330 66.39 6.97 24.78
C VAL G 330 67.51 7.19 23.77
N ILE G 331 68.54 6.35 23.84
CA ILE G 331 69.58 6.40 22.81
C ILE G 331 69.00 6.10 21.43
N TYR G 332 67.98 5.23 21.35
CA TYR G 332 67.42 4.90 20.04
C TYR G 332 66.74 6.12 19.40
N GLU G 333 65.83 6.78 20.13
CA GLU G 333 65.22 7.94 19.49
C GLU G 333 66.14 9.16 19.49
N GLU G 334 67.28 9.12 20.17
CA GLU G 334 68.26 10.19 19.97
C GLU G 334 69.16 9.92 18.78
N PHE G 335 69.28 8.67 18.36
CA PHE G 335 70.14 8.28 17.25
C PHE G 335 69.41 8.06 15.94
N LYS G 336 68.14 7.65 15.99
CA LYS G 336 67.43 7.32 14.76
C LYS G 336 67.26 8.57 13.90
N GLY G 337 67.33 8.37 12.59
CA GLY G 337 67.27 9.47 11.64
C GLY G 337 68.60 10.13 11.35
N THR G 338 69.67 9.73 12.02
CA THR G 338 70.99 10.29 11.81
C THR G 338 71.88 9.39 10.96
N GLY G 339 71.34 8.30 10.43
CA GLY G 339 72.10 7.37 9.61
C GLY G 339 71.61 7.40 8.17
N ASN G 340 72.53 7.15 7.24
CA ASN G 340 72.18 7.16 5.82
C ASN G 340 71.32 5.97 5.42
N MET G 341 71.14 4.97 6.30
CA MET G 341 70.18 3.91 6.06
C MET G 341 69.59 3.49 7.39
N GLU G 342 68.62 2.59 7.32
CA GLU G 342 68.01 2.00 8.49
C GLU G 342 67.48 0.62 8.13
N LEU G 343 67.69 -0.35 9.01
CA LEU G 343 67.22 -1.71 8.82
C LEU G 343 66.54 -2.14 10.12
N HIS G 344 65.24 -1.90 10.19
CA HIS G 344 64.47 -2.37 11.33
C HIS G 344 64.44 -3.89 11.35
N LEU G 345 64.41 -4.45 12.55
CA LEU G 345 64.35 -5.89 12.73
C LEU G 345 63.49 -6.17 13.95
N SER G 346 62.69 -7.24 13.88
CA SER G 346 61.72 -7.51 14.91
C SER G 346 61.78 -8.98 15.32
N ARG G 347 61.29 -9.25 16.54
CA ARG G 347 61.34 -10.57 17.13
C ARG G 347 60.15 -11.41 16.70
N LYS G 348 59.16 -10.80 16.03
CA LYS G 348 57.92 -11.50 15.71
C LYS G 348 58.12 -12.64 14.70
N ILE G 349 59.24 -12.66 13.99
CA ILE G 349 59.48 -13.71 13.00
C ILE G 349 60.05 -14.98 13.62
N ALA G 350 60.74 -14.87 14.76
CA ALA G 350 61.46 -16.03 15.29
C ALA G 350 60.52 -17.04 15.94
N GLU G 351 59.28 -16.63 16.26
CA GLU G 351 58.31 -17.61 16.76
C GLU G 351 58.03 -18.67 15.71
N LYS G 352 57.86 -18.27 14.46
CA LYS G 352 57.56 -19.20 13.38
C LYS G 352 58.81 -19.90 12.85
N ARG G 353 59.99 -19.62 13.43
CA ARG G 353 61.24 -20.27 13.08
C ARG G 353 61.56 -20.07 11.59
N VAL G 354 61.76 -18.80 11.24
CA VAL G 354 62.18 -18.39 9.90
C VAL G 354 63.33 -17.42 10.04
N PHE G 355 64.44 -17.72 9.37
CA PHE G 355 65.62 -16.86 9.39
C PHE G 355 66.06 -16.57 7.96
N PRO G 356 66.43 -15.33 7.66
CA PRO G 356 66.52 -14.17 8.55
C PRO G 356 65.15 -13.56 8.90
N ALA G 357 65.10 -12.73 9.93
CA ALA G 357 63.88 -12.06 10.36
C ALA G 357 63.77 -10.65 9.77
N ILE G 358 64.26 -10.45 8.56
CA ILE G 358 64.37 -9.13 7.97
C ILE G 358 63.04 -8.80 7.29
N ASP G 359 62.21 -8.01 7.97
CA ASP G 359 60.99 -7.49 7.34
C ASP G 359 61.35 -6.43 6.32
N TYR G 360 60.55 -6.35 5.25
CA TYR G 360 60.88 -5.53 4.10
C TYR G 360 60.04 -4.27 3.97
N ASN G 361 58.81 -4.27 4.49
CA ASN G 361 57.91 -3.15 4.25
C ASN G 361 58.43 -1.86 4.90
N ARG G 362 58.80 -1.92 6.17
CA ARG G 362 59.25 -0.74 6.91
C ARG G 362 60.77 -0.58 6.92
N SER G 363 61.50 -1.42 6.20
CA SER G 363 62.93 -1.24 6.01
C SER G 363 63.18 -0.31 4.83
N GLY G 364 64.12 0.61 4.99
CA GLY G 364 64.37 1.60 3.96
C GLY G 364 65.80 2.05 3.94
N THR G 365 66.07 3.02 3.06
CA THR G 365 67.41 3.57 2.89
C THR G 365 67.27 4.96 2.28
N ARG G 366 68.31 5.78 2.43
CA ARG G 366 68.31 7.15 1.95
C ARG G 366 69.08 7.23 0.65
N LYS G 367 68.50 7.93 -0.34
CA LYS G 367 69.15 8.22 -1.62
C LYS G 367 69.49 6.94 -2.40
N GLU G 368 68.44 6.20 -2.73
CA GLU G 368 68.57 5.08 -3.66
C GLU G 368 68.82 5.52 -5.10
N GLU G 369 68.45 6.75 -5.46
CA GLU G 369 68.50 7.17 -6.85
C GLU G 369 69.93 7.33 -7.37
N LEU G 370 70.94 7.29 -6.51
CA LEU G 370 72.32 7.53 -6.92
C LEU G 370 73.20 6.29 -6.89
N LEU G 371 72.86 5.29 -6.06
CA LEU G 371 73.77 4.17 -5.85
C LEU G 371 73.91 3.31 -7.10
N THR G 372 72.79 2.92 -7.72
CA THR G 372 72.83 1.99 -8.84
C THR G 372 71.80 2.40 -9.89
N THR G 373 71.74 1.62 -10.96
CA THR G 373 70.88 1.95 -12.11
C THR G 373 69.41 1.77 -11.76
N GLN G 374 68.57 2.53 -12.48
CA GLN G 374 67.15 2.54 -12.19
C GLN G 374 66.44 1.26 -12.60
N GLU G 375 67.10 0.35 -13.30
CA GLU G 375 66.51 -0.96 -13.58
C GLU G 375 66.28 -1.73 -12.28
N GLU G 376 67.33 -1.84 -11.46
CA GLU G 376 67.19 -2.45 -10.15
C GLU G 376 66.22 -1.66 -9.28
N LEU G 377 66.26 -0.32 -9.39
CA LEU G 377 65.33 0.51 -8.64
C LEU G 377 63.88 0.18 -8.98
N GLN G 378 63.56 0.09 -10.26
CA GLN G 378 62.17 -0.12 -10.66
C GLN G 378 61.71 -1.54 -10.34
N LYS G 379 62.60 -2.52 -10.47
CA LYS G 379 62.21 -3.88 -10.08
C LYS G 379 62.02 -3.98 -8.56
N MET G 380 62.86 -3.29 -7.79
CA MET G 380 62.68 -3.25 -6.34
C MET G 380 61.38 -2.54 -5.98
N TRP G 381 61.03 -1.50 -6.73
CA TRP G 381 59.77 -0.80 -6.52
C TRP G 381 58.58 -1.71 -6.80
N ILE G 382 58.67 -2.50 -7.87
CA ILE G 382 57.61 -3.46 -8.18
C ILE G 382 57.47 -4.48 -7.07
N LEU G 383 58.59 -4.99 -6.56
CA LEU G 383 58.54 -5.93 -5.45
C LEU G 383 57.93 -5.28 -4.21
N ARG G 384 58.30 -4.03 -3.94
CA ARG G 384 57.74 -3.30 -2.81
C ARG G 384 56.22 -3.18 -2.94
N LYS G 385 55.74 -2.75 -4.12
CA LYS G 385 54.31 -2.51 -4.28
C LYS G 385 53.51 -3.81 -4.35
N ILE G 386 54.13 -4.93 -4.72
CA ILE G 386 53.43 -6.21 -4.61
C ILE G 386 53.60 -6.86 -3.25
N ILE G 387 54.46 -6.32 -2.38
CA ILE G 387 54.70 -6.92 -1.09
C ILE G 387 54.24 -6.04 0.07
N HIS G 388 54.00 -4.73 -0.15
CA HIS G 388 53.74 -3.84 0.98
C HIS G 388 52.35 -4.05 1.57
N PRO G 389 51.25 -3.87 0.84
CA PRO G 389 49.92 -3.96 1.48
C PRO G 389 49.63 -5.33 2.06
N MET G 390 50.16 -6.39 1.45
CA MET G 390 49.91 -7.75 1.90
C MET G 390 50.67 -8.04 3.20
N GLY G 391 50.30 -9.15 3.84
CA GLY G 391 50.68 -9.39 5.22
C GLY G 391 52.17 -9.58 5.41
N GLU G 392 52.59 -9.41 6.68
CA GLU G 392 54.02 -9.43 7.02
C GLU G 392 54.58 -10.85 7.05
N ILE G 393 53.95 -11.74 7.80
CA ILE G 393 54.34 -13.15 7.79
C ILE G 393 54.18 -13.72 6.38
N ASP G 394 53.09 -13.35 5.72
CA ASP G 394 52.88 -13.73 4.33
C ASP G 394 54.01 -13.22 3.44
N ALA G 395 54.43 -11.96 3.66
CA ALA G 395 55.54 -11.40 2.89
C ALA G 395 56.83 -12.18 3.14
N MET G 396 57.12 -12.51 4.39
CA MET G 396 58.36 -13.21 4.70
C MET G 396 58.39 -14.59 4.05
N GLU G 397 57.29 -15.34 4.18
CA GLU G 397 57.29 -16.68 3.58
C GLU G 397 57.33 -16.59 2.06
N PHE G 398 56.64 -15.60 1.49
CA PHE G 398 56.67 -15.41 0.04
C PHE G 398 58.08 -15.13 -0.44
N LEU G 399 58.79 -14.22 0.24
CA LEU G 399 60.13 -13.88 -0.21
C LEU G 399 61.10 -15.05 -0.04
N ILE G 400 61.03 -15.76 1.08
CA ILE G 400 61.96 -16.87 1.28
C ILE G 400 61.70 -17.97 0.26
N ASN G 401 60.43 -18.28 -0.02
CA ASN G 401 60.14 -19.30 -1.01
C ASN G 401 60.56 -18.87 -2.42
N LYS G 402 60.19 -17.65 -2.82
CA LYS G 402 60.49 -17.21 -4.17
C LYS G 402 61.99 -17.05 -4.40
N LEU G 403 62.75 -16.76 -3.35
CA LEU G 403 64.20 -16.68 -3.47
C LEU G 403 64.88 -18.03 -3.21
N ALA G 404 64.14 -19.04 -2.77
CA ALA G 404 64.74 -20.33 -2.47
C ALA G 404 65.18 -21.05 -3.73
N MET G 405 64.24 -21.36 -4.63
CA MET G 405 64.59 -22.14 -5.81
C MET G 405 65.38 -21.33 -6.84
N THR G 406 65.43 -20.02 -6.71
CA THR G 406 66.16 -19.18 -7.66
C THR G 406 67.63 -19.12 -7.27
N LYS G 407 68.50 -19.27 -8.27
CA LYS G 407 69.93 -19.35 -7.99
C LYS G 407 70.50 -17.98 -7.62
N THR G 408 70.14 -16.94 -8.37
CA THR G 408 70.77 -15.63 -8.23
C THR G 408 69.72 -14.53 -8.22
N ASN G 409 70.17 -13.32 -7.86
CA ASN G 409 69.27 -12.18 -7.78
C ASN G 409 68.78 -11.74 -9.15
N ASP G 410 69.64 -11.85 -10.18
CA ASP G 410 69.22 -11.48 -11.53
C ASP G 410 68.08 -12.37 -12.00
N ASP G 411 68.23 -13.68 -11.81
CA ASP G 411 67.15 -14.61 -12.16
C ASP G 411 65.92 -14.38 -11.28
N PHE G 412 66.11 -13.94 -10.04
CA PHE G 412 64.99 -13.65 -9.16
C PHE G 412 64.19 -12.46 -9.70
N PHE G 413 64.89 -11.39 -10.08
CA PHE G 413 64.23 -10.26 -10.73
C PHE G 413 63.53 -10.68 -12.01
N GLU G 414 64.18 -11.55 -12.79
CA GLU G 414 63.58 -12.04 -14.02
C GLU G 414 62.29 -12.82 -13.75
N MET G 415 62.27 -13.61 -12.67
CA MET G 415 61.09 -14.40 -12.40
C MET G 415 59.97 -13.59 -11.76
N MET G 416 60.26 -12.47 -11.10
CA MET G 416 59.17 -11.51 -10.85
C MET G 416 58.69 -10.90 -12.17
N LYS G 417 59.61 -10.56 -13.07
CA LYS G 417 59.22 -9.88 -14.29
C LYS G 417 58.31 -10.75 -15.16
N ARG G 418 58.63 -12.04 -15.27
CA ARG G 418 57.78 -12.94 -16.03
C ARG G 418 56.45 -13.18 -15.35
N SER G 419 56.42 -13.14 -14.02
CA SER G 419 55.19 -13.37 -13.26
C SER G 419 54.20 -12.22 -13.47
N MET H 1 -12.48 1.91 -75.40
CA MET H 1 -11.18 2.54 -75.62
C MET H 1 -10.24 2.24 -74.46
N ASN H 2 -9.26 3.10 -74.27
CA ASN H 2 -8.30 2.99 -73.17
C ASN H 2 -8.95 3.42 -71.86
N LEU H 3 -9.67 2.48 -71.23
CA LEU H 3 -10.42 2.77 -70.02
C LEU H 3 -9.53 3.28 -68.89
N THR H 4 -8.26 2.88 -68.86
CA THR H 4 -7.36 3.32 -67.79
C THR H 4 -7.21 4.83 -67.79
N GLU H 5 -6.85 5.40 -68.94
CA GLU H 5 -6.69 6.85 -69.03
C GLU H 5 -8.03 7.57 -69.09
N LEU H 6 -9.06 6.92 -69.61
CA LEU H 6 -10.39 7.53 -69.64
C LEU H 6 -10.93 7.74 -68.22
N LYS H 7 -10.67 6.79 -67.32
CA LYS H 7 -11.16 6.86 -65.96
C LYS H 7 -10.21 7.60 -65.03
N ASN H 8 -8.90 7.45 -65.24
CA ASN H 8 -7.93 8.07 -64.34
C ASN H 8 -7.93 9.59 -64.49
N THR H 9 -8.22 10.09 -65.69
CA THR H 9 -8.16 11.52 -65.93
C THR H 9 -9.19 12.26 -65.07
N PRO H 10 -8.88 13.45 -64.59
CA PRO H 10 -9.84 14.20 -63.78
C PRO H 10 -11.06 14.62 -64.60
N VAL H 11 -12.13 14.92 -63.87
CA VAL H 11 -13.39 15.32 -64.51
C VAL H 11 -13.26 16.64 -65.23
N SER H 12 -12.23 17.44 -64.91
CA SER H 12 -12.11 18.78 -65.47
C SER H 12 -12.06 18.77 -66.99
N GLU H 13 -11.32 17.82 -67.58
CA GLU H 13 -11.31 17.65 -69.02
C GLU H 13 -12.17 16.51 -69.52
N LEU H 14 -12.52 15.56 -68.64
CA LEU H 14 -13.45 14.51 -69.04
C LEU H 14 -14.80 15.10 -69.39
N ILE H 15 -15.21 16.16 -68.68
CA ILE H 15 -16.46 16.83 -69.01
C ILE H 15 -16.41 17.45 -70.40
N THR H 16 -15.28 18.08 -70.74
CA THR H 16 -15.14 18.68 -72.07
C THR H 16 -15.18 17.61 -73.15
N LEU H 17 -14.48 16.50 -72.92
CA LEU H 17 -14.62 15.35 -73.81
C LEU H 17 -16.07 14.90 -73.91
N GLY H 18 -16.81 15.02 -72.81
CA GLY H 18 -18.21 14.61 -72.81
C GLY H 18 -19.06 15.45 -73.73
N GLU H 19 -18.93 16.78 -73.65
CA GLU H 19 -19.76 17.58 -74.55
C GLU H 19 -19.23 17.53 -75.98
N ASN H 20 -17.93 17.29 -76.16
CA ASN H 20 -17.41 17.17 -77.52
C ASN H 20 -17.87 15.89 -78.19
N MET H 21 -18.05 14.81 -77.42
CA MET H 21 -18.50 13.54 -77.99
C MET H 21 -19.97 13.58 -78.39
N GLY H 22 -20.79 14.36 -77.71
CA GLY H 22 -22.19 14.48 -78.09
C GLY H 22 -23.18 14.22 -76.96
N LEU H 23 -22.71 14.30 -75.71
CA LEU H 23 -23.59 14.12 -74.56
C LEU H 23 -24.03 15.47 -74.01
N GLU H 24 -25.15 15.45 -73.30
CA GLU H 24 -25.75 16.67 -72.78
C GLU H 24 -25.98 16.66 -71.27
N ASN H 25 -26.26 15.49 -70.68
CA ASN H 25 -26.55 15.39 -69.26
C ASN H 25 -25.31 14.83 -68.57
N LEU H 26 -24.36 15.72 -68.25
CA LEU H 26 -23.12 15.32 -67.59
C LEU H 26 -22.77 16.35 -66.53
N ALA H 27 -21.76 16.02 -65.72
CA ALA H 27 -21.44 16.76 -64.50
C ALA H 27 -22.65 16.82 -63.58
N ARG H 28 -23.42 15.74 -63.56
CA ARG H 28 -24.65 15.67 -62.78
C ARG H 28 -24.73 14.46 -61.87
N MET H 29 -24.03 13.38 -62.16
CA MET H 29 -24.01 12.17 -61.36
C MET H 29 -22.59 11.92 -60.85
N ARG H 30 -22.39 10.76 -60.25
CA ARG H 30 -21.08 10.40 -59.72
C ARG H 30 -20.08 10.22 -60.86
N LYS H 31 -18.80 10.13 -60.49
CA LYS H 31 -17.74 10.04 -61.48
C LYS H 31 -17.77 8.74 -62.28
N GLN H 32 -18.47 7.72 -61.79
CA GLN H 32 -18.61 6.48 -62.54
C GLN H 32 -19.83 6.47 -63.45
N ASP H 33 -20.89 7.20 -63.09
CA ASP H 33 -22.10 7.21 -63.92
C ASP H 33 -21.89 8.01 -65.20
N ILE H 34 -21.06 9.05 -65.17
CA ILE H 34 -20.72 9.75 -66.39
C ILE H 34 -19.92 8.84 -67.34
N ILE H 35 -19.09 7.97 -66.76
CA ILE H 35 -18.44 6.94 -67.57
C ILE H 35 -19.47 5.99 -68.15
N PHE H 36 -20.57 5.75 -67.43
CA PHE H 36 -21.65 4.95 -67.98
C PHE H 36 -22.36 5.67 -69.13
N ALA H 37 -22.49 6.99 -69.05
CA ALA H 37 -23.03 7.75 -70.17
C ALA H 37 -22.11 7.65 -71.38
N ILE H 38 -20.80 7.73 -71.15
CA ILE H 38 -19.83 7.50 -72.23
C ILE H 38 -20.01 6.09 -72.80
N LEU H 39 -20.20 5.11 -71.92
CA LEU H 39 -20.46 3.73 -72.33
C LEU H 39 -21.64 3.65 -73.29
N LYS H 40 -22.77 4.23 -72.90
CA LYS H 40 -23.97 4.17 -73.72
C LYS H 40 -23.78 4.90 -75.05
N GLN H 41 -23.16 6.09 -75.01
CA GLN H 41 -22.97 6.84 -76.25
C GLN H 41 -22.05 6.10 -77.21
N HIS H 42 -20.97 5.51 -76.69
CA HIS H 42 -20.05 4.79 -77.57
C HIS H 42 -20.62 3.45 -78.01
N ALA H 43 -21.53 2.86 -77.23
CA ALA H 43 -22.28 1.71 -77.72
C ALA H 43 -23.18 2.09 -78.88
N LYS H 44 -23.78 3.29 -78.80
CA LYS H 44 -24.49 3.82 -79.96
C LYS H 44 -23.53 4.01 -81.14
N SER H 45 -22.32 4.46 -80.88
CA SER H 45 -21.27 4.51 -81.89
C SER H 45 -20.65 3.12 -82.04
N GLY H 46 -19.52 3.03 -82.75
CA GLY H 46 -18.85 1.76 -82.88
C GLY H 46 -17.34 1.86 -83.07
N GLU H 47 -16.58 1.17 -82.22
CA GLU H 47 -15.13 1.13 -82.27
C GLU H 47 -14.65 0.12 -81.23
N ASP H 48 -13.53 -0.55 -81.55
CA ASP H 48 -13.02 -1.61 -80.69
C ASP H 48 -12.61 -1.07 -79.34
N ILE H 49 -13.01 -1.76 -78.27
CA ILE H 49 -12.91 -1.25 -76.91
C ILE H 49 -12.08 -2.18 -76.04
N PHE H 50 -11.09 -1.61 -75.36
CA PHE H 50 -10.34 -2.30 -74.32
C PHE H 50 -11.12 -2.30 -73.01
N GLY H 51 -10.85 -3.32 -72.19
CA GLY H 51 -11.44 -3.41 -70.87
C GLY H 51 -10.48 -4.01 -69.88
N ASP H 52 -10.24 -3.30 -68.77
CA ASP H 52 -9.27 -3.72 -67.78
C ASP H 52 -9.87 -3.60 -66.38
N GLY H 53 -9.37 -4.44 -65.50
CA GLY H 53 -9.81 -4.46 -64.12
C GLY H 53 -9.47 -5.76 -63.45
N VAL H 54 -9.68 -5.78 -62.13
CA VAL H 54 -9.45 -6.97 -61.33
C VAL H 54 -10.74 -7.78 -61.29
N LEU H 55 -10.68 -9.00 -61.81
CA LEU H 55 -11.88 -9.83 -61.94
C LEU H 55 -12.27 -10.41 -60.59
N GLU H 56 -13.57 -10.47 -60.35
CA GLU H 56 -14.11 -11.12 -59.15
C GLU H 56 -15.35 -11.89 -59.53
N ILE H 57 -15.56 -13.03 -58.85
CA ILE H 57 -16.69 -13.91 -59.09
C ILE H 57 -17.79 -13.59 -58.09
N LEU H 58 -19.04 -13.70 -58.54
CA LEU H 58 -20.21 -13.51 -57.69
C LEU H 58 -20.91 -14.85 -57.58
N GLN H 59 -21.66 -15.05 -56.47
CA GLN H 59 -22.08 -16.41 -56.12
C GLN H 59 -22.98 -17.04 -57.18
N ASP H 60 -23.75 -16.24 -57.92
CA ASP H 60 -24.71 -16.80 -58.86
C ASP H 60 -24.12 -17.11 -60.23
N GLY H 61 -22.94 -16.60 -60.55
CA GLY H 61 -22.28 -17.03 -61.76
C GLY H 61 -21.58 -15.99 -62.61
N PHE H 62 -22.11 -14.76 -62.66
CA PHE H 62 -21.49 -13.73 -63.48
C PHE H 62 -20.50 -12.92 -62.66
N GLY H 63 -19.39 -12.54 -63.28
CA GLY H 63 -18.34 -11.82 -62.58
C GLY H 63 -18.22 -10.36 -62.98
N PHE H 64 -17.55 -9.59 -62.13
CA PHE H 64 -17.32 -8.17 -62.38
C PHE H 64 -15.84 -7.88 -62.41
N LEU H 65 -15.50 -6.64 -62.77
CA LEU H 65 -14.11 -6.17 -62.77
C LEU H 65 -14.03 -4.88 -61.97
N ARG H 66 -13.46 -4.97 -60.78
CA ARG H 66 -13.21 -3.78 -59.97
C ARG H 66 -12.09 -2.95 -60.56
N SER H 67 -12.15 -1.64 -60.32
CA SER H 67 -11.16 -0.69 -60.82
C SER H 67 -10.31 -0.21 -59.65
N ALA H 68 -8.98 -0.20 -59.86
CA ALA H 68 -8.07 0.21 -58.80
C ALA H 68 -8.28 1.68 -58.43
N ASP H 69 -8.49 2.54 -59.43
CA ASP H 69 -8.67 3.96 -59.18
C ASP H 69 -10.05 4.30 -58.63
N SER H 70 -10.97 3.34 -58.59
CA SER H 70 -12.31 3.55 -58.06
C SER H 70 -12.40 3.20 -56.58
N SER H 71 -11.27 2.95 -55.92
CA SER H 71 -11.24 2.53 -54.52
C SER H 71 -11.99 1.22 -54.31
N TYR H 72 -12.11 0.43 -55.38
CA TYR H 72 -12.67 -0.93 -55.32
C TYR H 72 -14.12 -0.92 -54.83
N LEU H 73 -14.97 -0.25 -55.61
CA LEU H 73 -16.40 -0.21 -55.34
C LEU H 73 -17.17 -0.70 -56.56
N ALA H 74 -18.31 -1.36 -56.30
CA ALA H 74 -19.18 -1.80 -57.37
C ALA H 74 -20.01 -0.65 -57.89
N GLY H 75 -20.24 -0.64 -59.20
CA GLY H 75 -21.00 0.42 -59.83
C GLY H 75 -21.23 0.17 -61.30
N PRO H 76 -21.64 1.22 -62.03
CA PRO H 76 -21.85 1.07 -63.48
C PRO H 76 -20.60 0.70 -64.25
N ASP H 77 -19.40 0.96 -63.70
CA ASP H 77 -18.15 0.61 -64.36
C ASP H 77 -17.75 -0.82 -63.97
N ASP H 78 -18.53 -1.76 -64.49
CA ASP H 78 -18.28 -3.18 -64.28
C ASP H 78 -18.22 -3.89 -65.63
N ILE H 79 -17.40 -4.94 -65.69
CA ILE H 79 -17.20 -5.71 -66.91
C ILE H 79 -17.90 -7.05 -66.75
N TYR H 80 -18.88 -7.31 -67.61
CA TYR H 80 -19.60 -8.57 -67.55
C TYR H 80 -18.72 -9.70 -68.06
N VAL H 81 -18.68 -10.80 -67.30
CA VAL H 81 -17.89 -11.98 -67.67
C VAL H 81 -18.82 -13.18 -67.62
N SER H 82 -18.93 -13.89 -68.75
CA SER H 82 -19.78 -15.06 -68.83
C SER H 82 -19.14 -16.24 -68.09
N PRO H 83 -19.96 -17.16 -67.57
CA PRO H 83 -19.39 -18.35 -66.90
C PRO H 83 -18.55 -19.20 -67.83
N SER H 84 -18.85 -19.20 -69.13
CA SER H 84 -18.04 -19.96 -70.07
C SER H 84 -16.61 -19.45 -70.12
N GLN H 85 -16.44 -18.12 -70.16
CA GLN H 85 -15.11 -17.54 -70.11
C GLN H 85 -14.42 -17.83 -68.79
N ILE H 86 -15.19 -17.88 -67.70
CA ILE H 86 -14.64 -18.19 -66.39
C ILE H 86 -14.10 -19.61 -66.36
N ARG H 87 -14.84 -20.57 -66.91
CA ARG H 87 -14.44 -21.97 -66.83
C ARG H 87 -13.40 -22.34 -67.87
N ARG H 88 -13.38 -21.66 -69.02
CA ARG H 88 -12.41 -22.01 -70.06
C ARG H 88 -11.00 -21.54 -69.70
N PHE H 89 -10.89 -20.46 -68.93
CA PHE H 89 -9.62 -19.98 -68.41
C PHE H 89 -9.52 -20.12 -66.89
N ASN H 90 -10.27 -21.07 -66.33
CA ASN H 90 -10.34 -21.40 -64.90
C ASN H 90 -10.16 -20.17 -64.02
N LEU H 91 -10.90 -19.11 -64.36
CA LEU H 91 -10.66 -17.79 -63.77
C LEU H 91 -11.00 -17.78 -62.28
N ARG H 92 -10.17 -17.11 -61.51
CA ARG H 92 -10.37 -16.93 -60.08
C ARG H 92 -10.25 -15.45 -59.75
N THR H 93 -10.85 -15.07 -58.62
CA THR H 93 -10.89 -13.67 -58.23
C THR H 93 -9.49 -13.13 -58.02
N GLY H 94 -9.22 -11.95 -58.57
CA GLY H 94 -7.94 -11.29 -58.43
C GLY H 94 -7.16 -11.13 -59.72
N ASP H 95 -7.55 -11.79 -60.81
CA ASP H 95 -6.82 -11.67 -62.07
C ASP H 95 -6.97 -10.27 -62.64
N THR H 96 -5.85 -9.73 -63.15
CA THR H 96 -5.83 -8.39 -63.74
C THR H 96 -6.04 -8.53 -65.24
N ILE H 97 -7.29 -8.42 -65.66
CA ILE H 97 -7.65 -8.54 -67.07
C ILE H 97 -7.44 -7.20 -67.75
N SER H 98 -6.82 -7.22 -68.93
CA SER H 98 -6.59 -6.02 -69.74
C SER H 98 -6.90 -6.32 -71.20
N GLY H 99 -8.08 -6.89 -71.45
CA GLY H 99 -8.37 -7.52 -72.72
C GLY H 99 -9.30 -6.73 -73.62
N LYS H 100 -9.86 -7.42 -74.61
CA LYS H 100 -10.80 -6.87 -75.57
C LYS H 100 -12.22 -7.16 -75.08
N ILE H 101 -13.05 -6.11 -75.01
CA ILE H 101 -14.41 -6.26 -74.53
C ILE H 101 -15.39 -5.90 -75.64
N ARG H 102 -16.68 -6.01 -75.35
CA ARG H 102 -17.71 -5.75 -76.35
C ARG H 102 -18.74 -4.76 -75.82
N PRO H 103 -19.36 -3.98 -76.70
CA PRO H 103 -20.37 -3.01 -76.28
C PRO H 103 -21.61 -3.71 -75.74
N PRO H 104 -22.37 -3.03 -74.88
CA PRO H 104 -23.60 -3.64 -74.36
C PRO H 104 -24.69 -3.74 -75.42
N LYS H 105 -25.63 -4.65 -75.19
CA LYS H 105 -26.76 -4.86 -76.09
C LYS H 105 -28.00 -5.11 -75.24
N GLU H 106 -29.05 -5.62 -75.87
CA GLU H 106 -30.30 -5.92 -75.16
C GLU H 106 -30.06 -7.09 -74.21
N GLY H 107 -30.12 -6.81 -72.90
CA GLY H 107 -29.90 -7.82 -71.90
C GLY H 107 -28.74 -7.49 -70.97
N GLU H 108 -27.67 -6.94 -71.53
CA GLU H 108 -26.50 -6.53 -70.77
C GLU H 108 -26.38 -5.02 -70.86
N ARG H 109 -26.35 -4.35 -69.71
CA ARG H 109 -26.41 -2.90 -69.66
C ARG H 109 -25.04 -2.24 -69.62
N TYR H 110 -23.95 -3.01 -69.62
CA TYR H 110 -22.61 -2.44 -69.53
C TYR H 110 -21.67 -3.26 -70.39
N PHE H 111 -20.38 -2.93 -70.29
CA PHE H 111 -19.35 -3.63 -71.04
C PHE H 111 -19.29 -5.12 -70.67
N ALA H 112 -19.04 -5.95 -71.66
CA ALA H 112 -18.90 -7.39 -71.47
C ALA H 112 -17.56 -7.82 -72.07
N LEU H 113 -16.79 -8.58 -71.30
CA LEU H 113 -15.50 -9.07 -71.77
C LEU H 113 -15.69 -10.17 -72.80
N LEU H 114 -15.00 -10.04 -73.93
CA LEU H 114 -15.02 -11.09 -74.96
C LEU H 114 -13.76 -11.91 -75.01
N LYS H 115 -12.58 -11.31 -74.78
CA LYS H 115 -11.35 -12.08 -74.73
C LYS H 115 -10.32 -11.26 -73.97
N VAL H 116 -9.27 -11.92 -73.50
CA VAL H 116 -8.23 -11.28 -72.70
C VAL H 116 -6.94 -11.21 -73.51
N ASN H 117 -6.39 -10.01 -73.64
CA ASN H 117 -5.10 -9.85 -74.31
C ASN H 117 -3.98 -10.47 -73.49
N GLU H 118 -3.93 -10.15 -72.20
CA GLU H 118 -2.93 -10.71 -71.30
C GLU H 118 -3.51 -10.78 -69.90
N VAL H 119 -3.27 -11.91 -69.23
CA VAL H 119 -3.77 -12.13 -67.88
C VAL H 119 -2.68 -11.68 -66.91
N ASN H 120 -2.85 -10.49 -66.36
CA ASN H 120 -1.93 -9.92 -65.38
C ASN H 120 -0.50 -9.85 -65.93
N PHE H 121 -0.36 -9.13 -67.05
CA PHE H 121 0.91 -8.96 -67.73
C PHE H 121 1.53 -10.32 -68.10
N ASP H 122 0.68 -11.25 -68.52
CA ASP H 122 1.14 -12.57 -68.94
C ASP H 122 0.13 -13.14 -69.92
N LYS H 123 0.61 -13.99 -70.83
CA LYS H 123 -0.25 -14.56 -71.84
C LYS H 123 -1.33 -15.44 -71.20
N PRO H 124 -2.53 -15.49 -71.79
CA PRO H 124 -3.60 -16.29 -71.16
C PRO H 124 -3.28 -17.78 -71.10
N GLU H 125 -2.93 -18.40 -72.23
CA GLU H 125 -2.65 -19.82 -72.24
C GLU H 125 -1.33 -20.14 -71.53
N ASN H 126 -0.39 -19.20 -71.51
CA ASN H 126 0.88 -19.43 -70.85
C ASN H 126 0.69 -19.59 -69.34
N ALA H 127 -0.18 -18.77 -68.75
CA ALA H 127 -0.41 -18.81 -67.31
C ALA H 127 -1.40 -19.88 -66.89
N ARG H 128 -1.90 -20.69 -67.82
CA ARG H 128 -2.87 -21.73 -67.48
C ARG H 128 -2.26 -22.86 -66.67
N ASN H 129 -0.94 -22.91 -66.54
CA ASN H 129 -0.29 -24.01 -65.83
C ASN H 129 0.49 -23.49 -64.63
N LYS H 130 -0.11 -22.59 -63.86
CA LYS H 130 0.50 -22.03 -62.67
C LYS H 130 0.02 -22.78 -61.43
N ILE H 131 0.91 -22.91 -60.45
CA ILE H 131 0.61 -23.63 -59.23
C ILE H 131 -0.12 -22.71 -58.26
N LEU H 132 -1.21 -23.22 -57.67
CA LEU H 132 -1.96 -22.46 -56.69
C LEU H 132 -1.12 -22.21 -55.43
N PHE H 133 -1.61 -21.33 -54.56
CA PHE H 133 -0.85 -21.02 -53.35
C PHE H 133 -0.95 -22.14 -52.33
N GLU H 134 -2.13 -22.76 -52.19
CA GLU H 134 -2.31 -23.76 -51.15
C GLU H 134 -1.46 -25.00 -51.39
N ASN H 135 -1.52 -25.56 -52.60
CA ASN H 135 -0.74 -26.77 -52.88
C ASN H 135 0.74 -26.48 -53.01
N LEU H 136 1.14 -25.22 -53.07
CA LEU H 136 2.56 -24.83 -53.08
C LEU H 136 2.99 -24.64 -51.65
N THR H 137 3.71 -25.63 -51.11
CA THR H 137 4.06 -25.64 -49.69
C THR H 137 4.95 -24.45 -49.35
N PRO H 138 4.64 -23.68 -48.31
CA PRO H 138 5.47 -22.51 -47.97
C PRO H 138 6.86 -22.93 -47.54
N LEU H 139 7.85 -22.47 -48.30
CA LEU H 139 9.26 -22.76 -48.02
C LEU H 139 10.10 -21.79 -48.83
N HIS H 140 11.10 -21.19 -48.19
CA HIS H 140 11.97 -20.22 -48.84
C HIS H 140 12.90 -20.96 -49.79
N ALA H 141 12.52 -21.04 -51.06
CA ALA H 141 13.32 -21.72 -52.07
C ALA H 141 13.99 -20.72 -52.99
N ASP H 163 13.09 1.26 -43.95
CA ASP H 163 13.79 0.25 -44.75
C ASP H 163 13.12 -1.11 -44.59
N LEU H 164 12.55 -1.63 -45.68
CA LEU H 164 11.81 -2.89 -45.60
C LEU H 164 12.71 -4.05 -45.26
N ALA H 165 13.95 -4.07 -45.80
CA ALA H 165 14.82 -5.21 -45.61
C ALA H 165 15.17 -5.41 -44.15
N SER H 166 15.49 -4.33 -43.44
CA SER H 166 15.84 -4.45 -42.03
C SER H 166 14.63 -4.81 -41.18
N LEU H 167 13.51 -4.11 -41.38
CA LEU H 167 12.36 -4.31 -40.51
C LEU H 167 11.72 -5.68 -40.72
N ILE H 168 11.44 -6.04 -41.98
CA ILE H 168 10.73 -7.27 -42.27
C ILE H 168 11.44 -8.16 -43.26
N GLY H 169 12.32 -7.66 -44.12
CA GLY H 169 12.96 -8.51 -45.09
C GLY H 169 12.00 -8.94 -46.20
N ARG H 170 12.21 -10.15 -46.70
CA ARG H 170 11.44 -10.69 -47.81
C ARG H 170 10.70 -11.94 -47.35
N GLY H 171 9.38 -11.94 -47.51
CA GLY H 171 8.55 -13.10 -47.23
C GLY H 171 7.96 -13.16 -45.84
N GLN H 172 8.38 -12.29 -44.93
CA GLN H 172 7.91 -12.35 -43.55
C GLN H 172 6.70 -11.43 -43.34
N ARG H 173 6.05 -11.63 -42.20
CA ARG H 173 4.82 -10.93 -41.85
C ARG H 173 5.09 -9.98 -40.70
N GLY H 174 4.67 -8.73 -40.83
CA GLY H 174 4.95 -7.73 -39.83
C GLY H 174 3.71 -6.97 -39.41
N LEU H 175 3.71 -6.54 -38.15
CA LEU H 175 2.62 -5.73 -37.63
C LEU H 175 3.19 -4.69 -36.66
N ILE H 176 2.58 -3.51 -36.68
CA ILE H 176 2.99 -2.38 -35.87
C ILE H 176 1.83 -2.00 -34.97
N VAL H 177 2.01 -2.16 -33.67
CA VAL H 177 0.98 -1.83 -32.68
C VAL H 177 1.30 -0.46 -32.10
N ALA H 178 0.30 0.40 -32.03
CA ALA H 178 0.55 1.78 -31.62
C ALA H 178 -0.72 2.36 -31.02
N PRO H 179 -0.60 3.40 -30.20
CA PRO H 179 -1.78 4.13 -29.74
C PRO H 179 -2.12 5.26 -30.69
N PRO H 180 -3.26 5.93 -30.50
CA PRO H 180 -3.54 7.13 -31.28
C PRO H 180 -2.53 8.23 -30.97
N LYS H 181 -2.30 9.09 -31.96
CA LYS H 181 -1.37 10.21 -31.85
C LYS H 181 0.05 9.74 -31.55
N ALA H 182 0.47 8.67 -32.23
CA ALA H 182 1.79 8.07 -32.02
C ALA H 182 2.62 8.03 -33.30
N GLY H 183 2.33 8.90 -34.25
CA GLY H 183 3.11 8.94 -35.48
C GLY H 183 2.90 7.76 -36.41
N LYS H 184 1.74 7.10 -36.35
CA LYS H 184 1.50 5.95 -37.21
C LYS H 184 1.52 6.35 -38.68
N THR H 185 0.78 7.40 -39.02
CA THR H 185 0.66 7.80 -40.42
C THR H 185 2.00 8.24 -41.01
N MET H 186 2.80 8.99 -40.25
CA MET H 186 4.13 9.34 -40.77
C MET H 186 5.06 8.14 -40.83
N LEU H 187 4.93 7.19 -39.91
CA LEU H 187 5.73 5.96 -39.98
C LEU H 187 5.41 5.20 -41.26
N LEU H 188 4.12 5.07 -41.56
CA LEU H 188 3.69 4.42 -42.80
C LEU H 188 4.18 5.22 -44.02
N GLN H 189 4.13 6.54 -43.94
CA GLN H 189 4.62 7.38 -45.03
C GLN H 189 6.09 7.10 -45.31
N ASN H 190 6.93 7.15 -44.26
CA ASN H 190 8.36 6.95 -44.43
C ASN H 190 8.67 5.54 -44.92
N ILE H 191 7.94 4.55 -44.41
CA ILE H 191 8.09 3.19 -44.93
C ILE H 191 7.76 3.15 -46.41
N ALA H 192 6.71 3.87 -46.83
CA ALA H 192 6.34 3.89 -48.23
C ALA H 192 7.41 4.52 -49.10
N GLN H 193 7.97 5.65 -48.67
CA GLN H 193 9.03 6.27 -49.48
C GLN H 193 10.27 5.40 -49.52
N SER H 194 10.61 4.76 -48.39
CA SER H 194 11.77 3.86 -48.37
C SER H 194 11.56 2.69 -49.32
N ILE H 195 10.35 2.14 -49.35
CA ILE H 195 10.02 1.09 -50.32
C ILE H 195 10.17 1.64 -51.73
N ALA H 196 9.74 2.88 -51.95
CA ALA H 196 9.76 3.46 -53.29
C ALA H 196 11.18 3.59 -53.83
N TYR H 197 12.08 4.21 -53.06
CA TYR H 197 13.40 4.47 -53.63
C TYR H 197 14.40 3.34 -53.36
N ASN H 198 14.35 2.71 -52.18
CA ASN H 198 15.25 1.60 -51.91
C ASN H 198 14.92 0.38 -52.74
N HIS H 199 13.65 0.12 -53.02
CA HIS H 199 13.21 -1.06 -53.74
C HIS H 199 12.28 -0.65 -54.88
N PRO H 200 12.80 0.00 -55.92
CA PRO H 200 11.95 0.37 -57.06
C PRO H 200 11.37 -0.83 -57.79
N ASP H 201 12.08 -1.96 -57.82
CA ASP H 201 11.59 -3.13 -58.53
C ASP H 201 10.35 -3.71 -57.86
N CYS H 202 10.31 -3.69 -56.53
CA CYS H 202 9.18 -4.25 -55.80
C CYS H 202 7.92 -3.42 -56.04
N VAL H 203 6.77 -4.10 -55.96
CA VAL H 203 5.47 -3.46 -56.20
C VAL H 203 4.92 -2.96 -54.88
N LEU H 204 4.63 -1.67 -54.81
CA LEU H 204 4.08 -1.06 -53.61
C LEU H 204 2.56 -1.08 -53.64
N MET H 205 1.95 -1.39 -52.51
CA MET H 205 0.50 -1.47 -52.40
C MET H 205 0.10 -1.06 -50.98
N VAL H 206 -0.72 -0.02 -50.88
CA VAL H 206 -1.15 0.52 -49.59
C VAL H 206 -2.66 0.38 -49.48
N LEU H 207 -3.11 -0.22 -48.39
CA LEU H 207 -4.53 -0.41 -48.13
C LEU H 207 -4.90 0.29 -46.83
N LEU H 208 -5.95 1.12 -46.89
CA LEU H 208 -6.43 1.86 -45.74
C LEU H 208 -7.86 1.45 -45.43
N ILE H 209 -8.18 1.29 -44.15
CA ILE H 209 -9.50 0.91 -43.69
C ILE H 209 -10.09 2.09 -42.92
N ASP H 210 -11.32 2.46 -43.29
CA ASP H 210 -12.15 3.48 -42.64
C ASP H 210 -11.37 4.68 -42.13
N GLU H 211 -10.39 5.14 -42.92
CA GLU H 211 -9.57 6.28 -42.57
C GLU H 211 -10.24 7.57 -43.03
N ARG H 212 -9.78 8.68 -42.47
CA ARG H 212 -10.34 9.98 -42.82
C ARG H 212 -10.03 10.30 -44.29
N PRO H 213 -10.95 11.00 -44.97
CA PRO H 213 -10.73 11.29 -46.40
C PRO H 213 -9.47 12.08 -46.68
N GLU H 214 -9.10 13.02 -45.80
CA GLU H 214 -7.89 13.80 -46.01
C GLU H 214 -6.65 12.91 -45.93
N GLU H 215 -6.64 11.97 -44.99
CA GLU H 215 -5.52 11.02 -44.90
C GLU H 215 -5.44 10.18 -46.17
N VAL H 216 -6.58 9.74 -46.69
CA VAL H 216 -6.59 8.96 -47.93
C VAL H 216 -6.02 9.77 -49.07
N THR H 217 -6.44 11.04 -49.17
CA THR H 217 -5.94 11.89 -50.25
C THR H 217 -4.44 12.10 -50.14
N GLU H 218 -3.93 12.34 -48.94
CA GLU H 218 -2.49 12.58 -48.80
C GLU H 218 -1.69 11.29 -49.03
N MET H 219 -2.24 10.13 -48.65
CA MET H 219 -1.58 8.87 -48.98
C MET H 219 -1.52 8.67 -50.49
N GLN H 220 -2.62 8.96 -51.20
CA GLN H 220 -2.64 8.78 -52.64
C GLN H 220 -1.69 9.74 -53.33
N ARG H 221 -1.58 10.97 -52.84
CA ARG H 221 -0.79 12.00 -53.49
C ARG H 221 0.65 12.07 -52.99
N LEU H 222 1.02 11.27 -52.00
CA LEU H 222 2.37 11.32 -51.45
C LEU H 222 3.25 10.14 -51.84
N VAL H 223 2.68 8.94 -51.99
CA VAL H 223 3.47 7.76 -52.26
C VAL H 223 3.50 7.50 -53.76
N LYS H 224 4.49 6.69 -54.18
CA LYS H 224 4.62 6.37 -55.60
C LYS H 224 3.70 5.24 -56.01
N GLY H 225 3.53 4.23 -55.15
CA GLY H 225 2.69 3.11 -55.49
C GLY H 225 1.21 3.46 -55.43
N GLU H 226 0.41 2.60 -56.07
CA GLU H 226 -1.03 2.79 -56.08
C GLU H 226 -1.61 2.52 -54.70
N VAL H 227 -2.66 3.27 -54.35
CA VAL H 227 -3.30 3.19 -53.04
C VAL H 227 -4.77 2.88 -53.23
N VAL H 228 -5.25 1.85 -52.52
CA VAL H 228 -6.67 1.54 -52.45
C VAL H 228 -7.11 1.75 -51.02
N ALA H 229 -8.08 2.65 -50.82
CA ALA H 229 -8.49 3.03 -49.48
C ALA H 229 -10.00 3.14 -49.41
N SER H 230 -10.57 2.83 -48.25
CA SER H 230 -11.99 2.96 -47.98
C SER H 230 -12.18 3.88 -46.77
N THR H 231 -13.07 4.85 -46.90
CA THR H 231 -13.32 5.78 -45.82
C THR H 231 -14.37 5.23 -44.87
N PHE H 232 -14.48 5.85 -43.70
CA PHE H 232 -15.39 5.39 -42.66
C PHE H 232 -16.86 5.65 -43.01
N ASP H 233 -17.13 6.57 -43.93
CA ASP H 233 -18.51 6.87 -44.30
C ASP H 233 -19.18 5.65 -44.92
N GLU H 234 -18.55 5.08 -45.94
CA GLU H 234 -19.11 3.93 -46.63
C GLU H 234 -19.05 2.68 -45.76
N PRO H 235 -20.02 1.77 -45.89
CA PRO H 235 -20.29 0.79 -44.82
C PRO H 235 -19.22 -0.28 -44.63
N ALA H 236 -19.46 -1.15 -43.65
CA ALA H 236 -18.49 -2.18 -43.29
C ALA H 236 -18.35 -3.24 -44.38
N SER H 237 -19.46 -3.63 -45.01
CA SER H 237 -19.39 -4.60 -46.09
C SER H 237 -18.55 -4.09 -47.25
N ARG H 238 -18.50 -2.77 -47.42
CA ARG H 238 -17.58 -2.17 -48.39
C ARG H 238 -16.13 -2.48 -48.04
N HIS H 239 -15.79 -2.32 -46.75
CA HIS H 239 -14.45 -2.71 -46.30
C HIS H 239 -14.21 -4.19 -46.52
N VAL H 240 -15.24 -5.00 -46.29
CA VAL H 240 -15.13 -6.44 -46.51
C VAL H 240 -14.73 -6.73 -47.96
N GLN H 241 -15.47 -6.15 -48.90
CA GLN H 241 -15.22 -6.48 -50.30
C GLN H 241 -13.90 -5.89 -50.78
N VAL H 242 -13.52 -4.70 -50.30
CA VAL H 242 -12.25 -4.14 -50.75
C VAL H 242 -11.08 -4.94 -50.20
N ALA H 243 -11.18 -5.42 -48.95
CA ALA H 243 -10.13 -6.27 -48.41
C ALA H 243 -10.02 -7.57 -49.19
N GLU H 244 -11.16 -8.20 -49.50
CA GLU H 244 -11.14 -9.42 -50.29
C GLU H 244 -10.50 -9.18 -51.65
N MET H 245 -10.89 -8.09 -52.31
CA MET H 245 -10.35 -7.79 -53.64
C MET H 245 -8.86 -7.53 -53.58
N VAL H 246 -8.39 -6.79 -52.59
CA VAL H 246 -6.97 -6.46 -52.52
C VAL H 246 -6.14 -7.70 -52.20
N ILE H 247 -6.64 -8.59 -51.34
CA ILE H 247 -5.87 -9.79 -51.05
C ILE H 247 -5.85 -10.73 -52.25
N GLU H 248 -6.96 -10.82 -53.00
CA GLU H 248 -6.96 -11.62 -54.21
C GLU H 248 -6.02 -11.03 -55.26
N LYS H 249 -5.98 -9.70 -55.36
CA LYS H 249 -5.04 -9.06 -56.28
C LYS H 249 -3.60 -9.35 -55.88
N ALA H 250 -3.30 -9.31 -54.58
CA ALA H 250 -1.95 -9.64 -54.14
C ALA H 250 -1.60 -11.08 -54.49
N LYS H 251 -2.55 -12.01 -54.28
CA LYS H 251 -2.29 -13.41 -54.60
C LYS H 251 -2.08 -13.62 -56.09
N ARG H 252 -2.80 -12.88 -56.94
CA ARG H 252 -2.68 -13.05 -58.38
C ARG H 252 -1.57 -12.21 -59.00
N LEU H 253 -0.97 -11.28 -58.25
CA LEU H 253 0.28 -10.66 -58.66
C LEU H 253 1.51 -11.41 -58.15
N VAL H 254 1.37 -12.21 -57.09
CA VAL H 254 2.51 -13.03 -56.67
C VAL H 254 2.61 -14.33 -57.45
N GLU H 255 1.53 -14.73 -58.15
CA GLU H 255 1.55 -16.00 -58.86
C GLU H 255 2.50 -15.97 -60.06
N HIS H 256 2.60 -14.83 -60.75
CA HIS H 256 3.50 -14.69 -61.89
C HIS H 256 4.87 -14.14 -61.48
N LYS H 257 5.27 -14.37 -60.24
CA LYS H 257 6.65 -14.15 -59.77
C LYS H 257 7.02 -12.66 -59.76
N LYS H 258 6.13 -11.85 -59.19
CA LYS H 258 6.44 -10.46 -58.86
C LYS H 258 6.14 -10.24 -57.39
N ASP H 259 7.03 -9.52 -56.71
CA ASP H 259 6.93 -9.29 -55.28
C ASP H 259 6.06 -8.09 -54.97
N VAL H 260 5.21 -8.21 -53.95
CA VAL H 260 4.24 -7.20 -53.57
C VAL H 260 4.29 -6.99 -52.06
N ILE H 261 4.15 -5.73 -51.65
CA ILE H 261 4.14 -5.33 -50.25
C ILE H 261 2.81 -4.67 -49.96
N ILE H 262 2.14 -5.14 -48.91
CA ILE H 262 0.84 -4.62 -48.50
C ILE H 262 1.04 -3.75 -47.27
N LEU H 263 0.48 -2.54 -47.31
CA LEU H 263 0.58 -1.55 -46.23
C LEU H 263 -0.81 -1.42 -45.61
N LEU H 264 -1.11 -2.28 -44.65
CA LEU H 264 -2.46 -2.38 -44.11
C LEU H 264 -2.63 -1.49 -42.88
N ASP H 265 -3.66 -0.64 -42.92
CA ASP H 265 -3.93 0.27 -41.81
C ASP H 265 -5.43 0.52 -41.77
N SER H 266 -6.11 -0.08 -40.78
CA SER H 266 -5.54 -0.90 -39.72
C SER H 266 -6.24 -2.25 -39.63
N ILE H 267 -5.55 -3.24 -39.06
CA ILE H 267 -6.16 -4.56 -38.90
C ILE H 267 -7.28 -4.51 -37.87
N THR H 268 -7.18 -3.63 -36.87
CA THR H 268 -8.20 -3.55 -35.84
C THR H 268 -9.56 -3.14 -36.42
N ARG H 269 -9.55 -2.11 -37.27
CA ARG H 269 -10.81 -1.65 -37.84
C ARG H 269 -11.38 -2.64 -38.83
N LEU H 270 -10.52 -3.34 -39.58
CA LEU H 270 -10.99 -4.40 -40.46
C LEU H 270 -11.63 -5.53 -39.66
N ALA H 271 -11.02 -5.90 -38.54
CA ALA H 271 -11.62 -6.91 -37.66
C ALA H 271 -12.95 -6.43 -37.11
N ARG H 272 -13.05 -5.15 -36.75
CA ARG H 272 -14.32 -4.58 -36.32
C ARG H 272 -15.38 -4.70 -37.41
N ALA H 273 -15.00 -4.37 -38.65
CA ALA H 273 -15.95 -4.43 -39.75
C ALA H 273 -16.44 -5.85 -39.99
N TYR H 274 -15.52 -6.82 -40.02
CA TYR H 274 -15.95 -8.20 -40.21
C TYR H 274 -16.78 -8.69 -39.04
N ASN H 275 -16.45 -8.28 -37.81
CA ASN H 275 -17.27 -8.65 -36.66
C ASN H 275 -18.68 -8.12 -36.78
N THR H 276 -18.82 -6.88 -37.25
CA THR H 276 -20.15 -6.29 -37.34
C THR H 276 -20.89 -6.67 -38.62
N VAL H 277 -20.25 -7.39 -39.55
CA VAL H 277 -20.94 -7.85 -40.75
C VAL H 277 -21.15 -9.37 -40.77
N VAL H 278 -20.29 -10.15 -40.13
CA VAL H 278 -20.37 -11.61 -40.27
C VAL H 278 -21.62 -12.11 -39.55
N PRO H 279 -22.35 -13.07 -40.13
CA PRO H 279 -23.47 -13.69 -39.41
C PRO H 279 -22.97 -14.42 -38.17
N ALA H 280 -23.78 -14.40 -37.11
CA ALA H 280 -23.41 -15.05 -35.88
C ALA H 280 -23.38 -16.56 -36.04
N SER H 281 -22.40 -17.20 -35.40
CA SER H 281 -22.24 -18.65 -35.46
C SER H 281 -22.95 -19.37 -34.33
N GLY H 282 -23.63 -18.65 -33.44
CA GLY H 282 -24.34 -19.23 -32.32
C GLY H 282 -23.60 -19.14 -31.00
N LYS H 283 -22.29 -18.94 -31.03
CA LYS H 283 -21.49 -18.77 -29.82
C LYS H 283 -20.73 -17.45 -29.91
N VAL H 284 -20.54 -16.81 -28.77
CA VAL H 284 -19.93 -15.49 -28.70
C VAL H 284 -18.71 -15.56 -27.79
N LEU H 285 -17.61 -14.94 -28.23
CA LEU H 285 -16.44 -14.78 -27.40
C LEU H 285 -16.48 -13.43 -26.70
N THR H 286 -15.43 -13.14 -25.93
CA THR H 286 -15.32 -11.82 -25.31
C THR H 286 -15.15 -10.75 -26.38
N GLY H 287 -15.82 -9.62 -26.19
CA GLY H 287 -15.82 -8.56 -27.17
C GLY H 287 -16.89 -8.66 -28.23
N GLY H 288 -17.81 -9.62 -28.10
CA GLY H 288 -18.87 -9.77 -29.10
C GLY H 288 -18.41 -10.32 -30.42
N VAL H 289 -17.31 -11.07 -30.43
CA VAL H 289 -16.74 -11.61 -31.67
C VAL H 289 -17.09 -13.09 -31.79
N ASP H 290 -17.14 -13.57 -33.02
CA ASP H 290 -17.41 -14.97 -33.32
C ASP H 290 -16.21 -15.59 -34.03
N ALA H 291 -16.19 -16.93 -34.05
CA ALA H 291 -15.03 -17.65 -34.55
C ALA H 291 -14.71 -17.30 -36.00
N ASN H 292 -15.73 -17.02 -36.81
CA ASN H 292 -15.50 -16.71 -38.22
C ASN H 292 -14.67 -15.44 -38.38
N ALA H 293 -15.03 -14.39 -37.63
CA ALA H 293 -14.29 -13.14 -37.66
C ALA H 293 -12.91 -13.25 -37.04
N LEU H 294 -12.63 -14.34 -36.32
CA LEU H 294 -11.30 -14.57 -35.77
C LEU H 294 -10.42 -15.36 -36.73
N HIS H 295 -10.99 -16.35 -37.41
CA HIS H 295 -10.16 -17.15 -38.31
C HIS H 295 -10.09 -16.57 -39.72
N ARG H 296 -10.90 -15.55 -40.04
CA ARG H 296 -10.68 -14.85 -41.30
C ARG H 296 -9.30 -14.20 -41.33
N PRO H 297 -8.93 -13.31 -40.41
CA PRO H 297 -7.70 -12.50 -40.60
C PRO H 297 -6.46 -13.35 -40.72
N LYS H 298 -6.48 -14.58 -40.23
CA LYS H 298 -5.34 -15.47 -40.43
C LYS H 298 -5.17 -15.85 -41.89
N ARG H 299 -6.23 -15.74 -42.70
CA ARG H 299 -6.10 -16.02 -44.13
C ARG H 299 -5.19 -15.00 -44.80
N PHE H 300 -5.33 -13.71 -44.44
CA PHE H 300 -4.46 -12.69 -45.01
C PHE H 300 -3.01 -12.96 -44.68
N PHE H 301 -2.74 -13.37 -43.43
CA PHE H 301 -1.37 -13.63 -43.01
C PHE H 301 -0.83 -14.89 -43.69
N GLY H 302 -1.63 -15.95 -43.75
CA GLY H 302 -1.18 -17.18 -44.36
C GLY H 302 -0.91 -17.03 -45.85
N ALA H 303 -1.75 -16.26 -46.55
CA ALA H 303 -1.47 -15.96 -47.94
C ALA H 303 -0.17 -15.21 -48.11
N ALA H 304 0.23 -14.45 -47.08
CA ALA H 304 1.50 -13.73 -47.07
C ALA H 304 2.56 -14.42 -46.23
N ARG H 305 2.33 -15.68 -45.84
CA ARG H 305 3.26 -16.36 -44.95
C ARG H 305 4.62 -16.57 -45.60
N ASN H 306 4.64 -17.02 -46.84
CA ASN H 306 5.90 -17.26 -47.54
C ASN H 306 5.62 -17.45 -49.02
N VAL H 307 6.64 -17.18 -49.83
CA VAL H 307 6.62 -17.41 -51.27
C VAL H 307 7.90 -18.14 -51.65
N GLU H 308 7.78 -19.10 -52.56
CA GLU H 308 8.80 -20.15 -52.70
C GLU H 308 9.88 -19.82 -53.72
N GLU H 309 9.51 -19.67 -54.99
CA GLU H 309 10.50 -19.61 -56.07
C GLU H 309 10.70 -18.22 -56.67
N GLY H 310 9.69 -17.37 -56.66
CA GLY H 310 9.83 -16.05 -57.25
C GLY H 310 8.77 -15.11 -56.72
N GLY H 311 9.16 -13.85 -56.55
CA GLY H 311 8.29 -12.85 -55.96
C GLY H 311 8.10 -13.10 -54.48
N SER H 312 7.22 -12.29 -53.89
CA SER H 312 6.89 -12.43 -52.48
C SER H 312 5.59 -11.70 -52.22
N LEU H 313 5.02 -11.96 -51.05
CA LEU H 313 3.83 -11.23 -50.57
C LEU H 313 4.10 -10.89 -49.11
N THR H 314 4.53 -9.66 -48.85
CA THR H 314 4.90 -9.23 -47.51
C THR H 314 3.90 -8.20 -47.02
N ILE H 315 3.25 -8.50 -45.90
CA ILE H 315 2.22 -7.63 -45.33
C ILE H 315 2.76 -6.98 -44.07
N ILE H 316 2.64 -5.65 -43.99
CA ILE H 316 2.90 -4.89 -42.78
C ILE H 316 1.59 -4.23 -42.38
N ALA H 317 1.01 -4.70 -41.29
CA ALA H 317 -0.27 -4.21 -40.80
C ALA H 317 -0.07 -3.28 -39.62
N THR H 318 -1.12 -2.53 -39.29
CA THR H 318 -1.11 -1.67 -38.12
C THR H 318 -2.27 -2.01 -37.20
N ALA H 319 -2.05 -1.86 -35.91
CA ALA H 319 -3.05 -2.16 -34.88
C ALA H 319 -3.09 -1.03 -33.87
N LEU H 320 -4.29 -0.78 -33.35
CA LEU H 320 -4.55 0.30 -32.41
C LEU H 320 -4.66 -0.24 -31.00
N ILE H 321 -4.11 0.51 -30.04
CA ILE H 321 -4.14 0.13 -28.64
C ILE H 321 -4.63 1.29 -27.79
N ASP H 322 -5.11 0.95 -26.58
CA ASP H 322 -5.66 1.89 -25.61
C ASP H 322 -6.49 3.00 -26.26
N THR H 323 -7.46 2.58 -27.07
CA THR H 323 -8.36 3.48 -27.75
C THR H 323 -9.64 3.76 -26.96
N GLY H 324 -9.74 3.23 -25.75
CA GLY H 324 -10.90 3.44 -24.90
C GLY H 324 -11.93 2.35 -24.92
N SER H 325 -11.90 1.46 -25.91
CA SER H 325 -12.79 0.31 -25.98
C SER H 325 -11.99 -0.97 -25.79
N LYS H 326 -12.53 -1.87 -24.96
CA LYS H 326 -11.79 -3.06 -24.55
C LYS H 326 -11.72 -4.13 -25.64
N MET H 327 -12.65 -4.13 -26.58
CA MET H 327 -12.64 -5.18 -27.61
C MET H 327 -11.42 -5.07 -28.52
N ASP H 328 -10.87 -3.87 -28.69
CA ASP H 328 -9.69 -3.76 -29.53
C ASP H 328 -8.45 -4.30 -28.83
N GLU H 329 -8.34 -4.11 -27.51
CA GLU H 329 -7.28 -4.84 -26.80
C GLU H 329 -7.54 -6.34 -26.84
N VAL H 330 -8.80 -6.77 -26.84
CA VAL H 330 -9.09 -8.20 -26.96
C VAL H 330 -8.56 -8.75 -28.27
N ILE H 331 -8.86 -8.07 -29.37
CA ILE H 331 -8.41 -8.55 -30.68
C ILE H 331 -6.89 -8.42 -30.81
N TYR H 332 -6.30 -7.41 -30.17
CA TYR H 332 -4.84 -7.30 -30.14
C TYR H 332 -4.22 -8.49 -29.43
N GLU H 333 -4.73 -8.83 -28.24
CA GLU H 333 -4.22 -9.98 -27.51
C GLU H 333 -4.42 -11.26 -28.29
N GLU H 334 -5.49 -11.34 -29.07
CA GLU H 334 -5.67 -12.52 -29.92
C GLU H 334 -4.69 -12.50 -31.10
N PHE H 335 -4.23 -11.32 -31.51
CA PHE H 335 -3.24 -11.18 -32.58
C PHE H 335 -1.81 -11.08 -32.05
N LYS H 336 -1.57 -11.47 -30.79
CA LYS H 336 -0.24 -11.30 -30.20
C LYS H 336 0.80 -12.16 -30.92
N GLY H 337 0.49 -13.43 -31.13
CA GLY H 337 1.46 -14.38 -31.66
C GLY H 337 1.37 -14.69 -33.13
N THR H 338 0.39 -14.13 -33.86
CA THR H 338 0.24 -14.45 -35.26
C THR H 338 1.43 -13.95 -36.09
N GLY H 339 1.79 -12.68 -35.91
CA GLY H 339 2.91 -12.13 -36.66
C GLY H 339 4.25 -12.51 -36.06
N ASN H 340 5.29 -12.42 -36.89
CA ASN H 340 6.65 -12.70 -36.45
C ASN H 340 7.42 -11.45 -36.08
N MET H 341 7.16 -10.32 -36.73
CA MET H 341 7.80 -9.05 -36.41
C MET H 341 6.75 -8.11 -35.85
N GLU H 342 7.02 -7.57 -34.67
CA GLU H 342 6.06 -6.74 -33.93
C GLU H 342 6.75 -5.45 -33.53
N LEU H 343 6.39 -4.35 -34.19
CA LEU H 343 6.93 -3.03 -33.87
C LEU H 343 6.00 -2.36 -32.87
N HIS H 344 6.50 -2.17 -31.65
CA HIS H 344 5.73 -1.57 -30.57
C HIS H 344 6.11 -0.11 -30.39
N LEU H 345 5.12 0.73 -30.09
CA LEU H 345 5.36 2.13 -29.80
C LEU H 345 4.96 2.53 -28.38
N SER H 346 4.51 1.58 -27.56
CA SER H 346 4.19 1.83 -26.16
C SER H 346 4.82 0.75 -25.30
N ARG H 347 5.26 1.13 -24.11
CA ARG H 347 5.90 0.18 -23.21
C ARG H 347 4.88 -0.72 -22.51
N LYS H 348 3.65 -0.23 -22.33
CA LYS H 348 2.65 -0.95 -21.54
C LYS H 348 2.34 -2.31 -22.15
N ILE H 349 2.17 -2.36 -23.48
CA ILE H 349 1.93 -3.64 -24.13
C ILE H 349 3.22 -4.33 -24.53
N ALA H 350 4.32 -3.58 -24.69
CA ALA H 350 5.60 -4.20 -25.01
C ALA H 350 6.06 -5.11 -23.87
N GLU H 351 5.93 -4.65 -22.63
CA GLU H 351 6.32 -5.49 -21.50
C GLU H 351 5.43 -6.73 -21.37
N LYS H 352 4.15 -6.60 -21.71
CA LYS H 352 3.25 -7.75 -21.63
C LYS H 352 3.56 -8.77 -22.71
N ARG H 353 3.73 -8.30 -23.96
CA ARG H 353 3.99 -9.23 -25.06
C ARG H 353 5.36 -9.88 -24.91
N VAL H 354 6.39 -9.11 -24.55
CA VAL H 354 7.72 -9.69 -24.37
C VAL H 354 7.74 -10.58 -23.13
N PHE H 355 7.14 -10.13 -22.03
CA PHE H 355 7.20 -10.83 -20.76
C PHE H 355 5.79 -11.13 -20.29
N PRO H 356 5.21 -12.24 -20.75
CA PRO H 356 3.86 -12.61 -20.29
C PRO H 356 3.81 -12.82 -18.79
N ALA H 357 2.71 -12.39 -18.18
CA ALA H 357 2.56 -12.46 -16.73
C ALA H 357 1.87 -13.73 -16.25
N ILE H 358 1.20 -14.47 -17.14
CA ILE H 358 0.50 -15.69 -16.72
C ILE H 358 1.49 -16.69 -16.13
N ASP H 359 2.60 -16.90 -16.83
CA ASP H 359 3.66 -17.75 -16.28
C ASP H 359 4.16 -17.21 -14.95
N TYR H 360 4.24 -15.88 -14.83
CA TYR H 360 4.61 -15.28 -13.55
C TYR H 360 3.53 -15.48 -12.51
N ASN H 361 2.25 -15.44 -12.91
CA ASN H 361 1.17 -15.70 -11.96
C ASN H 361 1.27 -17.11 -11.40
N ARG H 362 1.61 -18.09 -12.24
CA ARG H 362 1.85 -19.44 -11.73
C ARG H 362 3.10 -19.47 -10.86
N SER H 363 4.21 -18.90 -11.33
CA SER H 363 5.50 -19.08 -10.68
C SER H 363 5.53 -18.42 -9.30
N GLY H 364 4.85 -17.28 -9.14
CA GLY H 364 4.87 -16.59 -7.86
C GLY H 364 4.35 -17.46 -6.72
N THR H 365 3.26 -18.18 -6.99
CA THR H 365 2.74 -19.11 -6.00
C THR H 365 3.41 -20.46 -6.08
N ARG H 366 4.03 -20.79 -7.22
CA ARG H 366 4.62 -22.11 -7.41
C ARG H 366 6.14 -22.12 -7.20
N LYS H 367 6.75 -20.95 -7.02
CA LYS H 367 8.18 -20.83 -6.68
C LYS H 367 9.05 -21.44 -7.77
N GLU H 368 8.98 -20.86 -8.96
CA GLU H 368 9.74 -21.30 -10.14
C GLU H 368 9.45 -22.75 -10.51
N GLU H 369 8.35 -23.29 -9.99
CA GLU H 369 7.79 -24.61 -10.30
C GLU H 369 8.61 -25.76 -9.71
N LEU H 370 9.81 -25.48 -9.23
CA LEU H 370 10.66 -26.42 -8.50
C LEU H 370 10.58 -27.85 -9.02
N LEU H 371 10.54 -28.03 -10.34
CA LEU H 371 10.39 -29.37 -10.91
C LEU H 371 11.72 -30.08 -11.12
N THR H 372 12.84 -29.38 -11.02
CA THR H 372 14.15 -29.94 -11.31
C THR H 372 15.22 -28.97 -10.83
N THR H 373 16.31 -29.51 -10.29
CA THR H 373 17.43 -28.65 -9.87
C THR H 373 18.03 -27.90 -11.05
N GLN H 374 18.08 -28.55 -12.22
CA GLN H 374 18.66 -27.95 -13.41
C GLN H 374 17.59 -27.54 -14.44
N GLU H 375 16.39 -27.23 -13.99
CA GLU H 375 15.36 -26.72 -14.91
C GLU H 375 15.58 -25.26 -15.28
N GLU H 376 16.49 -24.57 -14.60
CA GLU H 376 16.76 -23.16 -14.89
C GLU H 376 17.66 -22.97 -16.11
N LEU H 377 18.21 -24.04 -16.68
CA LEU H 377 19.05 -23.93 -17.86
C LEU H 377 18.26 -24.08 -19.16
N GLN H 378 16.93 -24.15 -19.09
CA GLN H 378 16.08 -24.01 -20.25
C GLN H 378 15.46 -22.62 -20.37
N LYS H 379 15.83 -21.70 -19.48
CA LYS H 379 15.38 -20.31 -19.56
C LYS H 379 16.59 -19.41 -19.35
N MET H 380 17.28 -19.09 -20.44
CA MET H 380 18.33 -18.08 -20.43
C MET H 380 17.88 -16.86 -21.21
N TRP H 381 18.72 -15.83 -21.18
CA TRP H 381 18.50 -14.60 -21.92
C TRP H 381 19.86 -14.09 -22.37
N ILE H 382 20.19 -14.31 -23.65
CA ILE H 382 21.39 -13.70 -24.22
C ILE H 382 21.11 -12.22 -24.43
N LEU H 383 21.87 -11.37 -23.75
CA LEU H 383 21.48 -9.98 -23.57
C LEU H 383 22.55 -9.03 -24.09
N ARG H 384 23.05 -9.32 -25.29
CA ARG H 384 24.17 -8.58 -25.89
C ARG H 384 23.73 -7.19 -26.33
N LYS H 385 24.70 -6.27 -26.36
CA LYS H 385 24.51 -4.96 -26.97
C LYS H 385 25.08 -5.00 -28.39
N ILE H 386 24.20 -4.86 -29.38
CA ILE H 386 24.54 -5.11 -30.77
C ILE H 386 24.59 -3.78 -31.52
N ILE H 387 25.36 -3.77 -32.62
CA ILE H 387 25.58 -2.56 -33.41
C ILE H 387 24.62 -2.56 -34.61
N HIS H 388 24.14 -1.38 -34.94
CA HIS H 388 23.28 -1.17 -36.10
C HIS H 388 23.51 0.23 -36.62
N PRO H 389 22.95 0.58 -37.78
CA PRO H 389 23.00 1.98 -38.23
C PRO H 389 22.36 2.94 -37.24
N MET H 390 21.41 2.46 -36.43
CA MET H 390 20.89 3.29 -35.34
C MET H 390 21.98 3.62 -34.34
N GLY H 391 22.80 2.63 -33.99
CA GLY H 391 23.97 2.88 -33.16
C GLY H 391 23.90 2.28 -31.77
N GLU H 392 24.55 1.12 -31.60
CA GLU H 392 24.76 0.49 -30.29
C GLU H 392 23.42 0.28 -29.55
N ILE H 393 22.60 -0.57 -30.15
CA ILE H 393 21.26 -0.85 -29.66
C ILE H 393 21.28 -2.16 -28.87
N ASP H 394 20.48 -2.22 -27.80
CA ASP H 394 20.41 -3.42 -26.98
C ASP H 394 19.72 -4.55 -27.74
N ALA H 395 19.86 -5.75 -27.21
CA ALA H 395 19.26 -6.94 -27.79
C ALA H 395 18.90 -7.92 -26.68
N MET H 396 18.04 -8.88 -27.02
CA MET H 396 17.50 -9.83 -26.07
C MET H 396 17.19 -11.14 -26.80
N GLU H 397 17.15 -12.25 -26.04
CA GLU H 397 16.87 -13.55 -26.61
C GLU H 397 16.16 -14.42 -25.58
N PHE H 398 15.11 -15.12 -26.01
CA PHE H 398 14.54 -16.23 -25.26
C PHE H 398 15.23 -17.51 -25.67
N LEU H 399 16.01 -18.08 -24.75
CA LEU H 399 16.56 -19.42 -24.92
C LEU H 399 15.65 -20.44 -24.24
N ILE H 400 14.37 -20.40 -24.63
CA ILE H 400 13.34 -21.24 -24.04
C ILE H 400 13.43 -22.59 -24.75
N ASN H 401 14.16 -23.52 -24.13
CA ASN H 401 14.31 -24.86 -24.68
C ASN H 401 13.04 -25.68 -24.44
N MET I 1 -47.56 38.27 -53.46
CA MET I 1 -46.24 38.80 -53.18
C MET I 1 -45.28 37.69 -52.78
N ASN I 2 -44.05 38.06 -52.43
CA ASN I 2 -43.08 37.09 -51.95
C ASN I 2 -43.53 36.53 -50.60
N LEU I 3 -43.73 35.22 -50.55
CA LEU I 3 -44.23 34.58 -49.33
C LEU I 3 -43.20 34.55 -48.21
N THR I 4 -41.92 34.79 -48.51
CA THR I 4 -40.90 34.72 -47.48
C THR I 4 -41.10 35.79 -46.42
N GLU I 5 -41.38 37.03 -46.84
CA GLU I 5 -41.54 38.10 -45.87
C GLU I 5 -42.76 37.88 -44.98
N LEU I 6 -43.88 37.47 -45.57
CA LEU I 6 -45.06 37.21 -44.75
C LEU I 6 -44.86 35.99 -43.85
N LYS I 7 -44.08 35.00 -44.31
CA LYS I 7 -43.77 33.85 -43.46
C LYS I 7 -42.92 34.26 -42.27
N ASN I 8 -41.97 35.16 -42.48
CA ASN I 8 -41.12 35.60 -41.38
C ASN I 8 -41.86 36.50 -40.38
N THR I 9 -42.96 37.11 -40.80
CA THR I 9 -43.71 37.97 -39.90
C THR I 9 -44.43 37.14 -38.84
N PRO I 10 -44.45 37.60 -37.58
CA PRO I 10 -45.24 36.91 -36.56
C PRO I 10 -46.72 36.87 -36.93
N VAL I 11 -47.47 36.07 -36.15
CA VAL I 11 -48.81 35.66 -36.53
C VAL I 11 -49.82 36.79 -36.37
N SER I 12 -49.58 37.72 -35.44
CA SER I 12 -50.60 38.73 -35.13
C SER I 12 -50.89 39.62 -36.32
N GLU I 13 -49.85 40.22 -36.92
CA GLU I 13 -50.10 41.09 -38.05
C GLU I 13 -50.49 40.30 -39.28
N LEU I 14 -50.07 39.04 -39.39
CA LEU I 14 -50.57 38.18 -40.45
C LEU I 14 -52.08 38.04 -40.35
N ILE I 15 -52.59 37.81 -39.14
CA ILE I 15 -54.03 37.68 -38.96
C ILE I 15 -54.74 39.00 -39.27
N THR I 16 -54.18 40.12 -38.80
CA THR I 16 -54.87 41.39 -39.01
C THR I 16 -54.88 41.78 -40.48
N LEU I 17 -53.81 41.44 -41.22
CA LEU I 17 -53.81 41.73 -42.65
C LEU I 17 -54.66 40.73 -43.43
N GLY I 18 -54.84 39.51 -42.92
CA GLY I 18 -55.78 38.61 -43.53
C GLY I 18 -57.20 39.13 -43.38
N GLU I 19 -57.53 39.58 -42.17
CA GLU I 19 -58.89 40.04 -41.90
C GLU I 19 -59.21 41.39 -42.55
N ASN I 20 -58.22 42.28 -42.68
CA ASN I 20 -58.53 43.63 -43.13
C ASN I 20 -58.77 43.72 -44.63
N MET I 21 -58.57 42.65 -45.39
CA MET I 21 -58.70 42.69 -46.84
C MET I 21 -59.49 41.49 -47.36
N GLY I 22 -60.56 41.13 -46.66
CA GLY I 22 -61.52 40.17 -47.18
C GLY I 22 -61.34 38.72 -46.79
N LEU I 23 -61.27 38.44 -45.49
CA LEU I 23 -61.24 37.08 -44.98
C LEU I 23 -62.20 36.94 -43.81
N GLU I 24 -62.63 35.69 -43.56
CA GLU I 24 -63.73 35.43 -42.64
C GLU I 24 -63.25 35.15 -41.21
N ASN I 25 -62.37 34.16 -41.03
CA ASN I 25 -61.84 33.87 -39.70
C ASN I 25 -60.49 33.18 -39.85
N LEU I 26 -59.46 33.75 -39.24
CA LEU I 26 -58.10 33.23 -39.36
C LEU I 26 -57.43 32.95 -38.02
N ALA I 27 -58.03 33.40 -36.91
CA ALA I 27 -57.36 33.26 -35.61
C ALA I 27 -57.17 31.81 -35.23
N ARG I 28 -58.21 30.99 -35.38
CA ARG I 28 -58.22 29.63 -34.83
C ARG I 28 -57.88 28.58 -35.88
N MET I 29 -56.70 28.73 -36.49
CA MET I 29 -56.02 27.62 -37.13
C MET I 29 -54.53 27.94 -37.24
N ARG I 30 -53.77 26.97 -37.75
CA ARG I 30 -52.32 27.04 -37.72
C ARG I 30 -51.78 28.13 -38.64
N LYS I 31 -50.52 28.49 -38.43
CA LYS I 31 -49.86 29.50 -39.25
C LYS I 31 -49.74 29.04 -40.70
N GLN I 32 -49.44 27.77 -40.91
CA GLN I 32 -49.31 27.25 -42.27
C GLN I 32 -50.63 27.39 -43.04
N ASP I 33 -51.75 27.06 -42.40
CA ASP I 33 -53.04 27.19 -43.06
C ASP I 33 -53.37 28.66 -43.32
N ILE I 34 -53.00 29.55 -42.40
CA ILE I 34 -53.21 30.99 -42.61
C ILE I 34 -52.45 31.44 -43.85
N ILE I 35 -51.18 31.05 -43.95
CA ILE I 35 -50.36 31.44 -45.09
C ILE I 35 -50.92 30.87 -46.37
N PHE I 36 -51.36 29.62 -46.35
CA PHE I 36 -51.94 29.00 -47.54
C PHE I 36 -53.19 29.74 -47.99
N ALA I 37 -54.06 30.09 -47.05
CA ALA I 37 -55.30 30.77 -47.40
C ALA I 37 -55.03 32.17 -47.97
N ILE I 38 -54.13 32.93 -47.34
CA ILE I 38 -53.86 34.27 -47.82
C ILE I 38 -53.17 34.21 -49.18
N LEU I 39 -52.27 33.24 -49.39
CA LEU I 39 -51.65 33.09 -50.70
C LEU I 39 -52.67 32.72 -51.76
N LYS I 40 -53.62 31.83 -51.42
CA LYS I 40 -54.64 31.46 -52.38
C LYS I 40 -55.50 32.65 -52.76
N GLN I 41 -55.93 33.45 -51.78
CA GLN I 41 -56.78 34.59 -52.11
C GLN I 41 -56.00 35.66 -52.88
N HIS I 42 -54.74 35.91 -52.52
CA HIS I 42 -53.95 36.88 -53.26
C HIS I 42 -53.67 36.42 -54.68
N ALA I 43 -53.51 35.12 -54.90
CA ALA I 43 -53.34 34.62 -56.26
C ALA I 43 -54.65 34.69 -57.04
N LYS I 44 -55.78 34.44 -56.38
CA LYS I 44 -57.08 34.62 -57.04
C LYS I 44 -57.30 36.08 -57.41
N SER I 45 -56.70 37.01 -56.65
CA SER I 45 -56.78 38.42 -57.02
C SER I 45 -56.14 38.68 -58.37
N GLY I 46 -54.99 38.05 -58.64
CA GLY I 46 -54.37 38.12 -59.94
C GLY I 46 -52.95 38.64 -59.97
N GLU I 47 -52.39 39.14 -58.86
CA GLU I 47 -51.04 39.67 -58.89
C GLU I 47 -50.02 38.55 -58.88
N ASP I 48 -48.79 38.89 -59.26
CA ASP I 48 -47.70 37.92 -59.29
C ASP I 48 -47.34 37.49 -57.87
N ILE I 49 -47.00 36.20 -57.72
CA ILE I 49 -46.67 35.63 -56.42
C ILE I 49 -45.31 34.93 -56.52
N PHE I 50 -44.45 35.20 -55.56
CA PHE I 50 -43.06 34.76 -55.55
C PHE I 50 -42.85 33.76 -54.41
N GLY I 51 -41.92 32.82 -54.63
CA GLY I 51 -41.61 31.84 -53.61
C GLY I 51 -40.14 31.46 -53.68
N ASP I 52 -39.67 30.84 -52.60
CA ASP I 52 -38.30 30.36 -52.53
C ASP I 52 -38.18 29.33 -51.42
N GLY I 53 -37.09 28.57 -51.48
CA GLY I 53 -36.86 27.56 -50.47
C GLY I 53 -35.89 26.49 -50.95
N VAL I 54 -36.04 25.30 -50.37
CA VAL I 54 -35.14 24.17 -50.61
C VAL I 54 -35.95 23.02 -51.19
N LEU I 55 -35.42 22.42 -52.25
CA LEU I 55 -36.13 21.36 -52.97
C LEU I 55 -35.90 20.00 -52.31
N GLU I 56 -36.96 19.21 -52.23
CA GLU I 56 -36.91 17.83 -51.78
C GLU I 56 -37.52 16.94 -52.85
N ILE I 57 -36.79 15.89 -53.22
CA ILE I 57 -37.27 14.90 -54.19
C ILE I 57 -37.74 13.67 -53.42
N LEU I 58 -38.97 13.25 -53.68
CA LEU I 58 -39.53 12.09 -53.01
C LEU I 58 -39.01 10.80 -53.64
N GLN I 59 -39.51 9.66 -53.16
CA GLN I 59 -39.04 8.37 -53.65
C GLN I 59 -39.41 8.11 -55.10
N ASP I 60 -40.37 8.85 -55.64
CA ASP I 60 -40.83 8.67 -57.02
C ASP I 60 -40.38 9.80 -57.94
N GLY I 61 -39.33 10.52 -57.57
CA GLY I 61 -38.88 11.65 -58.38
C GLY I 61 -39.80 12.84 -58.36
N PHE I 62 -40.62 12.98 -57.32
CA PHE I 62 -41.64 14.01 -57.24
C PHE I 62 -41.24 15.05 -56.21
N GLY I 63 -41.43 16.32 -56.54
CA GLY I 63 -40.75 17.41 -55.85
C GLY I 63 -41.67 18.25 -54.97
N PHE I 64 -41.24 18.45 -53.74
CA PHE I 64 -41.75 19.50 -52.87
C PHE I 64 -40.69 20.56 -52.67
N LEU I 65 -41.12 21.74 -52.27
CA LEU I 65 -40.21 22.82 -51.90
C LEU I 65 -40.58 23.32 -50.52
N ARG I 66 -39.65 23.19 -49.58
CA ARG I 66 -39.84 23.55 -48.19
C ARG I 66 -39.18 24.89 -47.89
N SER I 67 -39.51 25.44 -46.72
CA SER I 67 -38.96 26.71 -46.27
C SER I 67 -38.16 26.51 -44.99
N ALA I 68 -37.02 27.18 -44.91
CA ALA I 68 -36.15 27.06 -43.73
C ALA I 68 -36.72 27.75 -42.51
N ASP I 69 -37.60 28.75 -42.71
CA ASP I 69 -38.21 29.42 -41.57
C ASP I 69 -39.06 28.47 -40.75
N SER I 70 -39.83 27.62 -41.43
CA SER I 70 -40.67 26.64 -40.76
C SER I 70 -39.91 25.38 -40.37
N SER I 71 -38.58 25.38 -40.49
CA SER I 71 -37.74 24.23 -40.18
C SER I 71 -38.10 23.01 -41.01
N TYR I 72 -38.55 23.26 -42.26
CA TYR I 72 -38.82 22.21 -43.24
C TYR I 72 -39.96 21.30 -42.81
N LEU I 73 -41.03 21.90 -42.27
CA LEU I 73 -42.25 21.14 -42.03
C LEU I 73 -42.94 20.80 -43.35
N ALA I 74 -43.73 19.72 -43.31
CA ALA I 74 -44.52 19.32 -44.48
C ALA I 74 -45.86 20.07 -44.49
N GLY I 75 -45.75 21.40 -44.46
CA GLY I 75 -46.92 22.25 -44.41
C GLY I 75 -47.65 22.35 -45.74
N PRO I 76 -48.89 22.83 -45.69
CA PRO I 76 -49.66 23.00 -46.93
C PRO I 76 -49.07 24.04 -47.87
N ASP I 77 -48.21 24.93 -47.38
CA ASP I 77 -47.64 25.98 -48.21
C ASP I 77 -46.38 25.53 -48.97
N ASP I 78 -45.98 24.27 -48.83
CA ASP I 78 -44.85 23.77 -49.59
C ASP I 78 -45.16 23.82 -51.08
N ILE I 79 -44.15 24.12 -51.89
CA ILE I 79 -44.36 24.42 -53.30
C ILE I 79 -44.33 23.12 -54.10
N TYR I 80 -45.38 22.90 -54.90
CA TYR I 80 -45.43 21.80 -55.86
C TYR I 80 -44.30 21.91 -56.86
N VAL I 81 -43.69 20.77 -57.20
CA VAL I 81 -42.65 20.70 -58.23
C VAL I 81 -42.81 19.37 -58.94
N SER I 82 -43.16 19.42 -60.22
CA SER I 82 -43.33 18.22 -61.03
C SER I 82 -41.98 17.67 -61.45
N PRO I 83 -41.90 16.36 -61.71
CA PRO I 83 -40.62 15.78 -62.19
C PRO I 83 -40.16 16.34 -63.52
N SER I 84 -41.08 16.88 -64.33
CA SER I 84 -40.68 17.46 -65.61
C SER I 84 -39.76 18.65 -65.40
N GLN I 85 -40.09 19.53 -64.46
CA GLN I 85 -39.21 20.66 -64.16
C GLN I 85 -37.89 20.18 -63.58
N ILE I 86 -37.92 19.12 -62.77
CA ILE I 86 -36.70 18.58 -62.19
C ILE I 86 -35.76 18.09 -63.29
N ARG I 87 -36.31 17.37 -64.28
CA ARG I 87 -35.48 16.85 -65.36
C ARG I 87 -35.10 17.91 -66.38
N ARG I 88 -35.87 18.99 -66.49
CA ARG I 88 -35.58 20.01 -67.50
C ARG I 88 -34.59 21.05 -67.00
N PHE I 89 -34.79 21.58 -65.79
CA PHE I 89 -33.78 22.45 -65.21
C PHE I 89 -32.66 21.69 -64.52
N ASN I 90 -32.82 20.38 -64.32
CA ASN I 90 -31.75 19.48 -63.91
C ASN I 90 -31.15 19.90 -62.56
N LEU I 91 -31.97 19.74 -61.52
CA LEU I 91 -31.60 20.15 -60.17
C LEU I 91 -31.01 18.97 -59.38
N ARG I 92 -30.68 19.23 -58.11
CA ARG I 92 -30.24 18.23 -57.15
C ARG I 92 -31.23 18.21 -56.00
N THR I 93 -30.88 17.46 -54.95
CA THR I 93 -31.61 17.49 -53.69
C THR I 93 -30.93 18.48 -52.75
N GLY I 94 -31.70 19.42 -52.20
CA GLY I 94 -31.15 20.42 -51.32
C GLY I 94 -30.78 21.74 -51.97
N ASP I 95 -31.13 21.93 -53.24
CA ASP I 95 -30.83 23.19 -53.91
C ASP I 95 -31.71 24.31 -53.37
N THR I 96 -31.24 25.55 -53.53
CA THR I 96 -32.02 26.71 -53.14
C THR I 96 -32.65 27.33 -54.38
N ILE I 97 -33.98 27.36 -54.43
CA ILE I 97 -34.72 27.77 -55.61
C ILE I 97 -35.60 28.96 -55.26
N SER I 98 -35.56 29.99 -56.11
CA SER I 98 -36.40 31.16 -55.98
C SER I 98 -37.02 31.50 -57.34
N GLY I 99 -38.30 31.79 -57.34
CA GLY I 99 -38.96 32.17 -58.60
C GLY I 99 -40.44 32.41 -58.41
N LYS I 100 -41.07 32.81 -59.50
CA LYS I 100 -42.52 32.96 -59.52
C LYS I 100 -43.18 31.61 -59.35
N ILE I 101 -44.33 31.61 -58.66
CA ILE I 101 -45.06 30.37 -58.40
C ILE I 101 -46.50 30.53 -58.90
N ARG I 102 -47.18 29.39 -59.01
CA ARG I 102 -48.51 29.33 -59.60
C ARG I 102 -49.55 28.88 -58.57
N PRO I 103 -50.71 29.52 -58.53
CA PRO I 103 -51.77 29.04 -57.64
C PRO I 103 -52.22 27.64 -58.04
N PRO I 104 -52.57 26.81 -57.08
CA PRO I 104 -53.09 25.48 -57.42
C PRO I 104 -54.47 25.57 -58.04
N LYS I 105 -54.77 24.59 -58.88
CA LYS I 105 -56.07 24.46 -59.52
C LYS I 105 -56.70 23.13 -59.09
N GLU I 106 -57.82 22.80 -59.72
CA GLU I 106 -58.51 21.55 -59.40
C GLU I 106 -57.61 20.36 -59.72
N GLY I 107 -57.59 19.39 -58.80
CA GLY I 107 -56.76 18.21 -58.92
C GLY I 107 -55.49 18.24 -58.10
N GLU I 108 -55.07 19.40 -57.64
CA GLU I 108 -53.88 19.52 -56.82
C GLU I 108 -54.13 20.54 -55.72
N ARG I 109 -53.27 20.50 -54.69
CA ARG I 109 -53.46 21.33 -53.50
C ARG I 109 -52.19 21.97 -52.95
N TYR I 110 -51.07 21.95 -53.68
CA TYR I 110 -49.93 22.80 -53.38
C TYR I 110 -49.69 23.77 -54.54
N PHE I 111 -49.16 24.94 -54.19
CA PHE I 111 -48.78 25.93 -55.20
C PHE I 111 -47.67 25.38 -56.09
N ALA I 112 -47.84 25.52 -57.40
CA ALA I 112 -46.88 25.02 -58.36
C ALA I 112 -45.84 26.10 -58.68
N LEU I 113 -44.67 25.65 -59.11
CA LEU I 113 -43.58 26.54 -59.48
C LEU I 113 -43.68 26.86 -60.96
N LEU I 114 -43.94 28.14 -61.28
CA LEU I 114 -44.08 28.55 -62.68
C LEU I 114 -42.72 28.60 -63.37
N LYS I 115 -41.83 29.46 -62.89
CA LYS I 115 -40.49 29.60 -63.46
C LYS I 115 -39.50 29.84 -62.35
N VAL I 116 -38.23 29.54 -62.63
CA VAL I 116 -37.15 29.70 -61.67
C VAL I 116 -36.34 30.93 -62.05
N ASN I 117 -36.04 31.76 -61.04
CA ASN I 117 -35.24 32.97 -61.25
C ASN I 117 -33.84 32.89 -60.66
N GLU I 118 -33.59 31.96 -59.74
CA GLU I 118 -32.28 31.83 -59.13
C GLU I 118 -32.18 30.46 -58.46
N VAL I 119 -31.09 29.75 -58.75
CA VAL I 119 -30.80 28.45 -58.15
C VAL I 119 -29.45 28.57 -57.44
N ASN I 120 -29.44 28.30 -56.13
CA ASN I 120 -28.23 28.38 -55.32
C ASN I 120 -27.54 29.74 -55.48
N PHE I 121 -28.34 30.79 -55.60
CA PHE I 121 -27.87 32.18 -55.63
C PHE I 121 -27.03 32.50 -56.86
N ASP I 122 -27.23 31.79 -57.98
CA ASP I 122 -26.66 32.23 -59.25
C ASP I 122 -27.64 31.92 -60.37
N LYS I 123 -27.19 32.16 -61.60
CA LYS I 123 -28.06 32.03 -62.75
C LYS I 123 -28.44 30.56 -62.95
N PRO I 124 -29.71 30.27 -63.29
CA PRO I 124 -30.14 28.87 -63.40
C PRO I 124 -29.34 28.06 -64.42
N GLU I 125 -28.95 28.67 -65.53
CA GLU I 125 -28.17 27.93 -66.52
C GLU I 125 -26.77 27.63 -66.03
N ASN I 126 -26.23 28.45 -65.12
CA ASN I 126 -24.92 28.22 -64.55
C ASN I 126 -24.92 27.04 -63.58
N ALA I 127 -26.08 26.62 -63.10
CA ALA I 127 -26.14 25.51 -62.14
C ALA I 127 -25.95 24.15 -62.82
N ARG I 128 -26.35 24.01 -64.08
CA ARG I 128 -26.28 22.71 -64.74
C ARG I 128 -24.84 22.24 -64.89
N ASN I 129 -23.95 23.13 -65.31
CA ASN I 129 -22.54 22.76 -65.52
C ASN I 129 -21.72 22.93 -64.24
N LYS I 130 -22.20 22.33 -63.16
CA LYS I 130 -21.54 22.39 -61.87
C LYS I 130 -20.94 21.03 -61.53
N ILE I 131 -19.86 21.07 -60.76
CA ILE I 131 -19.11 19.88 -60.39
C ILE I 131 -19.65 19.29 -59.09
N LEU I 132 -19.71 17.97 -59.03
CA LEU I 132 -20.33 17.28 -57.91
C LEU I 132 -19.49 17.40 -56.64
N PHE I 133 -20.17 17.31 -55.49
CA PHE I 133 -19.48 17.38 -54.21
C PHE I 133 -18.60 16.15 -53.98
N GLU I 134 -19.09 14.96 -54.34
CA GLU I 134 -18.32 13.75 -54.09
C GLU I 134 -17.12 13.64 -55.00
N ASN I 135 -17.19 14.24 -56.20
CA ASN I 135 -16.04 14.23 -57.11
C ASN I 135 -14.90 15.10 -56.60
N LEU I 136 -15.17 16.01 -55.66
CA LEU I 136 -14.15 16.89 -55.12
C LEU I 136 -13.12 16.10 -54.31
N THR I 137 -11.86 16.47 -54.45
CA THR I 137 -10.88 15.80 -53.61
C THR I 137 -10.70 16.53 -52.29
N PRO I 138 -10.78 15.82 -51.17
CA PRO I 138 -10.61 16.46 -49.87
C PRO I 138 -9.16 16.81 -49.58
N LEU I 139 -8.99 17.71 -48.63
CA LEU I 139 -7.67 18.06 -48.11
C LEU I 139 -7.78 18.23 -46.61
N HIS I 140 -6.72 18.77 -46.01
CA HIS I 140 -6.71 19.13 -44.61
C HIS I 140 -7.13 20.59 -44.45
N ALA I 141 -7.40 20.97 -43.20
CA ALA I 141 -7.78 22.34 -42.91
C ALA I 141 -6.56 23.25 -43.08
N ASN I 142 -6.71 24.31 -43.87
CA ASN I 142 -5.62 25.23 -44.16
C ASN I 142 -5.86 26.62 -43.60
N SER I 143 -6.99 27.25 -43.93
CA SER I 143 -7.27 28.60 -43.50
C SER I 143 -7.72 28.59 -42.05
N ARG I 144 -7.02 29.34 -41.20
CA ARG I 144 -7.37 29.41 -39.79
C ARG I 144 -8.68 30.15 -39.60
N LEU I 145 -9.53 29.62 -38.73
CA LEU I 145 -10.83 30.21 -38.42
C LEU I 145 -10.76 30.69 -36.97
N ARG I 146 -10.31 31.94 -36.80
CA ARG I 146 -10.09 32.49 -35.46
C ARG I 146 -11.40 32.63 -34.71
N MET I 147 -11.36 32.33 -33.42
CA MET I 147 -12.54 32.37 -32.55
C MET I 147 -12.45 33.50 -31.52
N GLU I 148 -11.74 34.58 -31.86
CA GLU I 148 -11.58 35.72 -30.96
C GLU I 148 -12.29 36.92 -31.57
N ARG I 149 -13.28 37.45 -30.84
CA ARG I 149 -14.03 38.60 -31.34
C ARG I 149 -13.16 39.84 -31.40
N GLY I 150 -12.31 40.04 -30.38
CA GLY I 150 -11.44 41.20 -30.33
C GLY I 150 -12.07 42.46 -29.78
N ASN I 151 -13.34 42.41 -29.36
CA ASN I 151 -14.00 43.57 -28.79
C ASN I 151 -13.75 43.71 -27.29
N GLY I 152 -13.01 42.79 -26.69
CA GLY I 152 -12.73 42.86 -25.26
C GLY I 152 -13.95 42.68 -24.38
N SER I 153 -14.86 41.78 -24.76
CA SER I 153 -16.04 41.54 -23.96
C SER I 153 -15.70 40.73 -22.72
N THR I 154 -16.54 40.88 -21.69
CA THR I 154 -16.34 40.14 -20.45
C THR I 154 -16.48 38.64 -20.67
N GLU I 155 -17.49 38.22 -21.44
CA GLU I 155 -17.67 36.81 -21.76
C GLU I 155 -16.74 36.33 -22.87
N ASP I 156 -16.12 37.25 -23.61
CA ASP I 156 -15.22 36.87 -24.69
C ASP I 156 -14.08 36.00 -24.17
N LEU I 157 -13.77 36.11 -22.88
CA LEU I 157 -12.84 35.20 -22.22
C LEU I 157 -13.04 33.77 -22.67
N THR I 158 -14.28 33.27 -22.59
CA THR I 158 -14.57 31.90 -22.99
C THR I 158 -14.08 31.64 -24.41
N ALA I 159 -14.49 32.50 -25.35
CA ALA I 159 -14.03 32.33 -26.73
C ALA I 159 -12.53 32.36 -26.81
N ARG I 160 -11.89 33.26 -26.07
CA ARG I 160 -10.43 33.33 -26.06
C ARG I 160 -9.84 32.00 -25.64
N VAL I 161 -10.42 31.38 -24.60
CA VAL I 161 -9.92 30.09 -24.15
C VAL I 161 -9.96 29.08 -25.28
N LEU I 162 -11.01 29.14 -26.10
CA LEU I 162 -11.10 28.22 -27.23
C LEU I 162 -9.90 28.37 -28.15
N ASP I 163 -9.50 29.62 -28.44
CA ASP I 163 -8.34 29.84 -29.28
C ASP I 163 -7.07 29.26 -28.64
N LEU I 164 -7.00 29.27 -27.31
CA LEU I 164 -5.87 28.66 -26.62
C LEU I 164 -5.99 27.15 -26.52
N ALA I 165 -7.20 26.60 -26.70
CA ALA I 165 -7.42 25.18 -26.45
C ALA I 165 -7.26 24.35 -27.73
N SER I 166 -8.04 24.66 -28.75
CA SER I 166 -8.04 23.90 -29.99
C SER I 166 -8.02 24.85 -31.18
N LEU I 167 -7.51 24.35 -32.29
CA LEU I 167 -7.44 25.12 -33.54
C LEU I 167 -8.58 24.70 -34.44
N ILE I 168 -9.36 25.68 -34.90
CA ILE I 168 -10.49 25.45 -35.79
C ILE I 168 -10.21 26.14 -37.11
N GLY I 169 -10.39 25.42 -38.21
CA GLY I 169 -10.18 25.98 -39.53
C GLY I 169 -11.29 25.56 -40.47
N ARG I 170 -11.25 26.14 -41.67
CA ARG I 170 -12.23 25.80 -42.68
C ARG I 170 -12.06 24.34 -43.12
N GLY I 171 -13.18 23.62 -43.17
CA GLY I 171 -13.14 22.20 -43.49
C GLY I 171 -12.83 21.30 -42.31
N GLN I 172 -12.76 21.83 -41.10
CA GLN I 172 -12.41 21.04 -39.94
C GLN I 172 -13.57 20.15 -39.53
N ARG I 173 -13.23 18.96 -39.04
CA ARG I 173 -14.21 18.00 -38.54
C ARG I 173 -14.07 17.94 -37.02
N GLY I 174 -14.98 18.61 -36.31
CA GLY I 174 -14.84 18.83 -34.89
C GLY I 174 -15.86 18.06 -34.07
N LEU I 175 -15.44 17.66 -32.87
CA LEU I 175 -16.29 17.01 -31.88
C LEU I 175 -16.15 17.73 -30.54
N ILE I 176 -17.27 17.89 -29.85
CA ILE I 176 -17.29 18.46 -28.51
C ILE I 176 -17.98 17.44 -27.61
N VAL I 177 -17.21 16.67 -26.88
CA VAL I 177 -17.77 15.67 -25.96
C VAL I 177 -17.89 16.30 -24.58
N ALA I 178 -19.06 16.16 -23.97
CA ALA I 178 -19.30 16.78 -22.68
C ALA I 178 -20.49 16.12 -22.01
N PRO I 179 -20.45 15.88 -20.71
CA PRO I 179 -21.62 15.37 -20.01
C PRO I 179 -22.66 16.46 -19.84
N PRO I 180 -23.88 16.10 -19.43
CA PRO I 180 -24.92 17.13 -19.27
C PRO I 180 -24.54 18.14 -18.20
N LYS I 181 -25.12 19.35 -18.34
CA LYS I 181 -24.90 20.45 -17.40
C LYS I 181 -23.45 20.93 -17.43
N ALA I 182 -22.89 21.08 -18.63
CA ALA I 182 -21.50 21.47 -18.79
C ALA I 182 -21.31 22.71 -19.66
N GLY I 183 -22.37 23.30 -20.18
CA GLY I 183 -22.25 24.50 -20.98
C GLY I 183 -22.07 24.29 -22.47
N LYS I 184 -22.54 23.16 -23.01
CA LYS I 184 -22.37 22.91 -24.45
C LYS I 184 -23.16 23.92 -25.28
N THR I 185 -24.41 24.18 -24.91
CA THR I 185 -25.27 25.02 -25.75
C THR I 185 -24.75 26.46 -25.82
N MET I 186 -24.32 27.02 -24.69
CA MET I 186 -23.82 28.38 -24.76
C MET I 186 -22.39 28.45 -25.29
N LEU I 187 -21.65 27.34 -25.22
CA LEU I 187 -20.39 27.28 -25.97
C LEU I 187 -20.66 27.36 -27.47
N LEU I 188 -21.69 26.66 -27.94
CA LEU I 188 -22.12 26.79 -29.32
C LEU I 188 -22.61 28.20 -29.62
N GLN I 189 -23.28 28.83 -28.64
CA GLN I 189 -23.66 30.24 -28.80
C GLN I 189 -22.45 31.11 -29.06
N ASN I 190 -21.40 30.93 -28.24
CA ASN I 190 -20.20 31.73 -28.38
C ASN I 190 -19.52 31.48 -29.72
N ILE I 191 -19.47 30.21 -30.14
CA ILE I 191 -18.88 29.88 -31.43
C ILE I 191 -19.65 30.54 -32.56
N ALA I 192 -20.98 30.48 -32.51
CA ALA I 192 -21.80 31.08 -33.56
C ALA I 192 -21.63 32.60 -33.59
N GLN I 193 -21.58 33.24 -32.42
CA GLN I 193 -21.36 34.69 -32.39
C GLN I 193 -19.99 35.05 -32.96
N SER I 194 -18.97 34.26 -32.61
CA SER I 194 -17.64 34.52 -33.15
C SER I 194 -17.60 34.36 -34.66
N ILE I 195 -18.28 33.34 -35.18
CA ILE I 195 -18.33 33.15 -36.64
C ILE I 195 -19.06 34.32 -37.29
N ALA I 196 -20.18 34.74 -36.71
CA ALA I 196 -20.94 35.84 -37.29
C ALA I 196 -20.16 37.16 -37.26
N TYR I 197 -19.35 37.35 -36.23
CA TYR I 197 -18.61 38.61 -36.10
C TYR I 197 -17.35 38.59 -36.96
N ASN I 198 -16.45 37.64 -36.71
CA ASN I 198 -15.14 37.66 -37.36
C ASN I 198 -15.25 37.30 -38.84
N HIS I 199 -16.13 36.36 -39.20
CA HIS I 199 -16.21 35.82 -40.56
C HIS I 199 -17.64 35.95 -41.06
N PRO I 200 -18.06 37.15 -41.46
CA PRO I 200 -19.44 37.34 -41.92
C PRO I 200 -19.69 36.84 -43.35
N ASP I 201 -18.69 36.29 -44.02
CA ASP I 201 -18.86 35.82 -45.38
C ASP I 201 -19.25 34.36 -45.45
N CYS I 202 -18.71 33.53 -44.56
CA CYS I 202 -19.02 32.10 -44.57
C CYS I 202 -20.45 31.86 -44.10
N VAL I 203 -21.11 30.88 -44.71
CA VAL I 203 -22.48 30.54 -44.37
C VAL I 203 -22.50 29.76 -43.06
N LEU I 204 -23.29 30.23 -42.10
CA LEU I 204 -23.38 29.61 -40.78
C LEU I 204 -24.72 28.89 -40.65
N MET I 205 -24.66 27.62 -40.23
CA MET I 205 -25.85 26.81 -40.00
C MET I 205 -25.76 26.21 -38.61
N VAL I 206 -26.85 26.29 -37.86
CA VAL I 206 -26.93 25.70 -36.53
C VAL I 206 -28.09 24.71 -36.55
N LEU I 207 -27.76 23.43 -36.41
CA LEU I 207 -28.73 22.35 -36.47
C LEU I 207 -28.95 21.78 -35.07
N LEU I 208 -30.20 21.66 -34.67
CA LEU I 208 -30.55 21.06 -33.39
C LEU I 208 -31.44 19.85 -33.60
N ILE I 209 -31.23 18.83 -32.77
CA ILE I 209 -32.00 17.59 -32.82
C ILE I 209 -32.64 17.39 -31.45
N ASP I 210 -33.92 17.02 -31.45
CA ASP I 210 -34.74 16.70 -30.27
C ASP I 210 -34.45 17.63 -29.08
N GLU I 211 -34.30 18.92 -29.39
CA GLU I 211 -33.97 19.93 -28.41
C GLU I 211 -35.24 20.57 -27.88
N ARG I 212 -35.19 21.04 -26.63
CA ARG I 212 -36.35 21.62 -25.98
C ARG I 212 -36.77 22.91 -26.69
N PRO I 213 -38.08 23.20 -26.73
CA PRO I 213 -38.55 24.38 -27.48
C PRO I 213 -37.98 25.70 -26.98
N GLU I 214 -37.80 25.87 -25.67
CA GLU I 214 -37.22 27.10 -25.17
C GLU I 214 -35.78 27.27 -25.64
N GLU I 215 -35.00 26.19 -25.63
CA GLU I 215 -33.66 26.25 -26.20
C GLU I 215 -33.72 26.55 -27.69
N VAL I 216 -34.74 26.02 -28.37
CA VAL I 216 -34.89 26.25 -29.81
C VAL I 216 -35.10 27.74 -30.08
N THR I 217 -35.98 28.38 -29.31
CA THR I 217 -36.24 29.80 -29.56
C THR I 217 -35.08 30.67 -29.10
N GLU I 218 -34.35 30.24 -28.07
CA GLU I 218 -33.15 30.98 -27.68
C GLU I 218 -32.10 30.93 -28.78
N MET I 219 -31.94 29.76 -29.41
CA MET I 219 -31.09 29.69 -30.61
C MET I 219 -31.63 30.58 -31.71
N GLN I 220 -32.94 30.57 -31.93
CA GLN I 220 -33.55 31.43 -32.94
C GLN I 220 -33.15 32.89 -32.73
N ARG I 221 -33.14 33.34 -31.48
CA ARG I 221 -32.92 34.74 -31.17
C ARG I 221 -31.46 35.10 -30.92
N LEU I 222 -30.55 34.12 -30.82
CA LEU I 222 -29.16 34.42 -30.51
C LEU I 222 -28.18 33.95 -31.59
N VAL I 223 -28.61 33.91 -32.85
CA VAL I 223 -27.70 33.63 -33.96
C VAL I 223 -28.02 34.58 -35.11
N LYS I 224 -26.96 35.08 -35.75
CA LYS I 224 -27.14 35.92 -36.93
C LYS I 224 -27.52 35.07 -38.15
N GLY I 225 -26.88 33.93 -38.33
CA GLY I 225 -27.21 33.05 -39.42
C GLY I 225 -28.48 32.26 -39.17
N GLU I 226 -28.95 31.57 -40.19
CA GLU I 226 -30.18 30.82 -40.09
C GLU I 226 -29.96 29.55 -39.27
N VAL I 227 -30.94 29.23 -38.42
CA VAL I 227 -30.86 28.12 -37.48
C VAL I 227 -32.09 27.24 -37.64
N VAL I 228 -31.87 25.92 -37.63
CA VAL I 228 -32.92 24.94 -37.85
C VAL I 228 -32.91 23.95 -36.70
N ALA I 229 -34.10 23.61 -36.21
CA ALA I 229 -34.21 22.74 -35.05
C ALA I 229 -35.46 21.88 -35.17
N SER I 230 -35.38 20.69 -34.60
CA SER I 230 -36.52 19.79 -34.47
C SER I 230 -36.61 19.38 -33.00
N THR I 231 -37.77 19.60 -32.39
CA THR I 231 -37.94 19.34 -30.97
C THR I 231 -38.16 17.85 -30.73
N PHE I 232 -38.02 17.45 -29.45
CA PHE I 232 -38.24 16.07 -29.08
C PHE I 232 -39.69 15.64 -29.25
N ASP I 233 -40.62 16.60 -29.33
CA ASP I 233 -42.02 16.27 -29.55
C ASP I 233 -42.21 15.53 -30.87
N GLU I 234 -41.56 16.01 -31.91
CA GLU I 234 -41.67 15.50 -33.26
C GLU I 234 -40.91 14.18 -33.40
N PRO I 235 -41.40 13.26 -34.26
CA PRO I 235 -40.82 11.92 -34.31
C PRO I 235 -39.41 11.88 -34.89
N ALA I 236 -38.83 10.67 -34.93
CA ALA I 236 -37.46 10.52 -35.41
C ALA I 236 -37.35 10.71 -36.92
N SER I 237 -38.41 10.38 -37.66
CA SER I 237 -38.40 10.65 -39.09
C SER I 237 -38.22 12.14 -39.37
N ARG I 238 -38.81 12.99 -38.53
CA ARG I 238 -38.59 14.41 -38.63
C ARG I 238 -37.11 14.75 -38.44
N HIS I 239 -36.47 14.14 -37.44
CA HIS I 239 -35.06 14.41 -37.18
C HIS I 239 -34.20 14.02 -38.38
N VAL I 240 -34.43 12.83 -38.93
CA VAL I 240 -33.59 12.36 -40.01
C VAL I 240 -33.82 13.18 -41.28
N GLN I 241 -35.08 13.58 -41.54
CA GLN I 241 -35.30 14.39 -42.74
C GLN I 241 -34.72 15.78 -42.58
N VAL I 242 -34.76 16.35 -41.37
CA VAL I 242 -34.12 17.65 -41.15
C VAL I 242 -32.61 17.54 -41.36
N ALA I 243 -32.00 16.46 -40.85
CA ALA I 243 -30.57 16.27 -41.04
C ALA I 243 -30.23 16.12 -42.52
N GLU I 244 -31.05 15.36 -43.26
CA GLU I 244 -30.81 15.21 -44.69
C GLU I 244 -30.93 16.54 -45.41
N MET I 245 -31.93 17.34 -45.06
CA MET I 245 -32.09 18.65 -45.70
C MET I 245 -30.87 19.52 -45.44
N VAL I 246 -30.40 19.54 -44.18
CA VAL I 246 -29.26 20.38 -43.83
C VAL I 246 -28.02 19.95 -44.57
N ILE I 247 -27.76 18.64 -44.61
CA ILE I 247 -26.53 18.16 -45.24
C ILE I 247 -26.59 18.36 -46.75
N GLU I 248 -27.76 18.18 -47.37
CA GLU I 248 -27.87 18.40 -48.80
C GLU I 248 -27.71 19.87 -49.15
N LYS I 249 -28.29 20.77 -48.36
CA LYS I 249 -28.12 22.19 -48.60
C LYS I 249 -26.68 22.60 -48.42
N ALA I 250 -26.00 22.06 -47.40
CA ALA I 250 -24.58 22.38 -47.20
C ALA I 250 -23.74 21.90 -48.37
N LYS I 251 -24.01 20.68 -48.86
CA LYS I 251 -23.26 20.17 -50.01
C LYS I 251 -23.49 21.02 -51.24
N ARG I 252 -24.74 21.41 -51.49
CA ARG I 252 -25.04 22.23 -52.66
C ARG I 252 -24.36 23.60 -52.55
N LEU I 253 -24.36 24.19 -51.36
CA LEU I 253 -23.70 25.49 -51.19
C LEU I 253 -22.19 25.38 -51.36
N VAL I 254 -21.57 24.35 -50.77
CA VAL I 254 -20.13 24.22 -50.87
C VAL I 254 -19.70 23.82 -52.28
N GLU I 255 -20.61 23.25 -53.08
CA GLU I 255 -20.30 23.00 -54.48
C GLU I 255 -20.02 24.29 -55.25
N HIS I 256 -20.53 25.42 -54.76
CA HIS I 256 -20.32 26.72 -55.37
C HIS I 256 -19.18 27.49 -54.73
N LYS I 257 -18.18 26.78 -54.18
CA LYS I 257 -17.02 27.39 -53.54
C LYS I 257 -17.42 28.34 -52.41
N LYS I 258 -18.33 27.86 -51.56
CA LYS I 258 -18.79 28.61 -50.40
C LYS I 258 -18.34 27.90 -49.12
N ASP I 259 -17.96 28.68 -48.13
CA ASP I 259 -17.55 28.16 -46.84
C ASP I 259 -18.79 27.97 -45.97
N VAL I 260 -19.19 26.73 -45.76
CA VAL I 260 -20.38 26.39 -44.98
C VAL I 260 -19.93 25.85 -43.64
N ILE I 261 -20.57 26.30 -42.56
CA ILE I 261 -20.29 25.84 -41.21
C ILE I 261 -21.59 25.33 -40.60
N ILE I 262 -21.53 24.13 -40.01
CA ILE I 262 -22.70 23.50 -39.40
C ILE I 262 -22.36 23.18 -37.96
N LEU I 263 -23.13 23.75 -37.02
CA LEU I 263 -23.04 23.42 -35.61
C LEU I 263 -24.17 22.45 -35.26
N LEU I 264 -23.80 21.24 -34.85
CA LEU I 264 -24.76 20.17 -34.62
C LEU I 264 -24.85 19.86 -33.12
N ASP I 265 -26.08 19.82 -32.62
CA ASP I 265 -26.35 19.51 -31.22
C ASP I 265 -27.62 18.67 -31.18
N SER I 266 -27.47 17.35 -31.04
CA SER I 266 -26.19 16.68 -30.91
C SER I 266 -26.12 15.47 -31.84
N ILE I 267 -24.90 15.01 -32.12
CA ILE I 267 -24.74 13.85 -32.98
C ILE I 267 -25.28 12.59 -32.32
N THR I 268 -25.27 12.54 -30.99
CA THR I 268 -25.79 11.37 -30.29
C THR I 268 -27.28 11.20 -30.53
N ARG I 269 -28.03 12.30 -30.43
CA ARG I 269 -29.47 12.23 -30.64
C ARG I 269 -29.80 11.91 -32.09
N LEU I 270 -29.03 12.47 -33.02
CA LEU I 270 -29.22 12.14 -34.43
C LEU I 270 -28.97 10.66 -34.69
N ALA I 271 -27.90 10.11 -34.09
CA ALA I 271 -27.61 8.70 -34.25
C ALA I 271 -28.73 7.84 -33.66
N ARG I 272 -29.25 8.25 -32.50
CA ARG I 272 -30.36 7.51 -31.90
C ARG I 272 -31.61 7.54 -32.79
N ALA I 273 -31.90 8.70 -33.37
CA ALA I 273 -33.04 8.80 -34.28
C ALA I 273 -32.85 7.92 -35.50
N TYR I 274 -31.64 7.92 -36.07
CA TYR I 274 -31.36 7.05 -37.21
C TYR I 274 -31.50 5.58 -36.82
N ASN I 275 -31.06 5.24 -35.62
CA ASN I 275 -31.19 3.85 -35.14
C ASN I 275 -32.66 3.46 -35.03
N THR I 276 -33.49 4.34 -34.47
CA THR I 276 -34.89 4.00 -34.25
C THR I 276 -35.76 4.21 -35.49
N VAL I 277 -35.20 4.73 -36.58
CA VAL I 277 -35.95 4.86 -37.82
C VAL I 277 -35.52 3.85 -38.87
N VAL I 278 -34.27 3.37 -38.83
CA VAL I 278 -33.78 2.46 -39.87
C VAL I 278 -34.41 1.09 -39.68
N PRO I 279 -34.72 0.35 -40.75
CA PRO I 279 -35.17 -1.04 -40.57
C PRO I 279 -34.08 -1.90 -39.96
N ALA I 280 -34.51 -2.89 -39.18
CA ALA I 280 -33.58 -3.77 -38.50
C ALA I 280 -32.84 -4.66 -39.51
N SER I 281 -31.62 -5.06 -39.14
CA SER I 281 -30.79 -5.91 -39.98
C SER I 281 -30.42 -7.22 -39.32
N GLY I 282 -30.83 -7.46 -38.08
CA GLY I 282 -30.54 -8.69 -37.38
C GLY I 282 -29.20 -8.73 -36.68
N LYS I 283 -28.37 -7.70 -36.83
CA LYS I 283 -27.06 -7.62 -36.18
C LYS I 283 -27.10 -6.42 -35.24
N VAL I 284 -27.40 -6.67 -33.97
CA VAL I 284 -27.51 -5.62 -32.97
C VAL I 284 -26.30 -5.68 -32.04
N LEU I 285 -25.73 -4.52 -31.76
CA LEU I 285 -24.61 -4.41 -30.84
C LEU I 285 -25.11 -4.29 -29.40
N THR I 286 -24.19 -4.11 -28.47
CA THR I 286 -24.57 -3.91 -27.08
C THR I 286 -25.31 -2.58 -26.90
N GLY I 287 -26.28 -2.58 -26.01
CA GLY I 287 -27.10 -1.41 -25.77
C GLY I 287 -28.25 -1.23 -26.73
N GLY I 288 -28.42 -2.12 -27.70
CA GLY I 288 -29.51 -2.01 -28.65
C GLY I 288 -29.22 -1.20 -29.88
N VAL I 289 -27.95 -0.99 -30.22
CA VAL I 289 -27.57 -0.21 -31.39
C VAL I 289 -27.40 -1.15 -32.58
N ASP I 290 -28.13 -0.88 -33.66
CA ASP I 290 -28.04 -1.70 -34.86
C ASP I 290 -26.71 -1.48 -35.56
N ALA I 291 -26.26 -2.50 -36.29
CA ALA I 291 -24.95 -2.44 -36.95
C ALA I 291 -24.93 -1.40 -38.06
N ASN I 292 -25.92 -1.44 -38.96
CA ASN I 292 -25.97 -0.53 -40.09
C ASN I 292 -26.69 0.77 -39.77
N ALA I 293 -27.23 0.91 -38.55
CA ALA I 293 -27.90 2.16 -38.18
C ALA I 293 -26.93 3.32 -38.16
N LEU I 294 -25.72 3.10 -37.65
CA LEU I 294 -24.73 4.17 -37.52
C LEU I 294 -24.08 4.54 -38.85
N HIS I 295 -24.35 3.81 -39.92
CA HIS I 295 -23.76 4.14 -41.21
C HIS I 295 -24.22 5.51 -41.69
N ARG I 296 -25.51 5.81 -41.55
CA ARG I 296 -26.01 7.10 -42.03
C ARG I 296 -25.43 8.28 -41.26
N PRO I 297 -25.42 8.30 -39.92
CA PRO I 297 -24.82 9.47 -39.23
C PRO I 297 -23.36 9.69 -39.58
N LYS I 298 -22.57 8.62 -39.70
CA LYS I 298 -21.16 8.77 -40.03
C LYS I 298 -20.98 9.53 -41.32
N ARG I 299 -21.74 9.16 -42.36
CA ARG I 299 -21.72 9.91 -43.61
C ARG I 299 -22.01 11.38 -43.36
N PHE I 300 -23.05 11.66 -42.57
CA PHE I 300 -23.37 13.04 -42.23
C PHE I 300 -22.20 13.72 -41.56
N PHE I 301 -21.48 13.01 -40.70
CA PHE I 301 -20.33 13.58 -40.02
C PHE I 301 -19.05 13.44 -40.85
N GLY I 302 -19.10 12.73 -41.97
CA GLY I 302 -17.93 12.56 -42.79
C GLY I 302 -17.91 13.52 -43.97
N ALA I 303 -19.01 14.25 -44.16
CA ALA I 303 -19.09 15.20 -45.26
C ALA I 303 -18.16 16.40 -45.06
N ALA I 304 -17.71 16.64 -43.83
CA ALA I 304 -16.82 17.76 -43.58
C ALA I 304 -15.47 17.55 -44.25
N ARG I 305 -15.05 18.53 -45.05
CA ARG I 305 -13.81 18.43 -45.80
C ARG I 305 -13.40 19.82 -46.25
N ASN I 306 -12.14 19.93 -46.68
CA ASN I 306 -11.59 21.17 -47.22
C ASN I 306 -11.29 20.92 -48.70
N VAL I 307 -12.18 21.41 -49.57
CA VAL I 307 -12.07 21.14 -50.99
C VAL I 307 -11.02 22.04 -51.61
N GLU I 308 -10.14 21.46 -52.43
CA GLU I 308 -9.08 22.25 -53.07
C GLU I 308 -9.63 23.12 -54.20
N GLU I 309 -10.72 22.70 -54.83
CA GLU I 309 -11.29 23.49 -55.92
C GLU I 309 -11.80 24.83 -55.42
N GLY I 310 -12.44 24.84 -54.26
CA GLY I 310 -12.98 26.06 -53.70
C GLY I 310 -14.00 25.82 -52.62
N GLY I 311 -13.99 26.63 -51.57
CA GLY I 311 -14.93 26.48 -50.48
C GLY I 311 -14.53 25.37 -49.53
N SER I 312 -15.34 25.23 -48.48
CA SER I 312 -15.08 24.23 -47.45
C SER I 312 -16.38 23.94 -46.71
N LEU I 313 -16.40 22.79 -46.04
CA LEU I 313 -17.54 22.37 -45.23
C LEU I 313 -17.03 21.98 -43.85
N THR I 314 -17.29 22.82 -42.86
CA THR I 314 -16.86 22.60 -41.49
C THR I 314 -18.05 22.14 -40.66
N ILE I 315 -17.86 21.09 -39.88
CA ILE I 315 -18.91 20.54 -39.02
C ILE I 315 -18.38 20.45 -37.60
N ILE I 316 -19.03 21.13 -36.68
CA ILE I 316 -18.72 21.05 -35.25
C ILE I 316 -19.94 20.39 -34.60
N ALA I 317 -19.84 19.10 -34.30
CA ALA I 317 -20.94 18.34 -33.74
C ALA I 317 -20.60 17.93 -32.31
N THR I 318 -21.49 18.23 -31.38
CA THR I 318 -21.27 17.88 -29.99
C THR I 318 -21.80 16.48 -29.69
N ALA I 319 -21.16 15.83 -28.72
CA ALA I 319 -21.53 14.48 -28.33
C ALA I 319 -21.76 14.43 -26.83
N LEU I 320 -22.63 13.52 -26.41
CA LEU I 320 -23.00 13.37 -25.01
C LEU I 320 -22.30 12.15 -24.41
N ILE I 321 -21.72 12.33 -23.23
CA ILE I 321 -21.06 11.25 -22.51
C ILE I 321 -21.55 11.26 -21.07
N ASP I 322 -21.36 10.13 -20.40
CA ASP I 322 -21.71 9.98 -18.98
C ASP I 322 -23.18 10.35 -18.74
N THR I 323 -24.04 9.85 -19.63
CA THR I 323 -25.47 10.08 -19.52
C THR I 323 -26.21 8.90 -18.89
N GLY I 324 -25.48 7.90 -18.41
CA GLY I 324 -26.11 6.73 -17.85
C GLY I 324 -26.77 5.82 -18.85
N SER I 325 -26.37 5.90 -20.12
CA SER I 325 -26.96 5.10 -21.18
C SER I 325 -25.88 4.33 -21.92
N LYS I 326 -26.19 3.07 -22.25
CA LYS I 326 -25.26 2.29 -23.06
C LYS I 326 -25.30 2.73 -24.53
N MET I 327 -26.45 3.19 -25.00
CA MET I 327 -26.56 3.65 -26.38
C MET I 327 -25.62 4.83 -26.64
N ASP I 328 -25.64 5.82 -25.75
CA ASP I 328 -24.79 7.00 -25.93
C ASP I 328 -23.32 6.62 -25.86
N GLU I 329 -22.97 5.72 -24.93
CA GLU I 329 -21.58 5.28 -24.82
C GLU I 329 -21.12 4.56 -26.08
N VAL I 330 -21.97 3.70 -26.63
CA VAL I 330 -21.64 2.98 -27.86
C VAL I 330 -21.46 3.97 -29.01
N ILE I 331 -22.38 4.94 -29.12
CA ILE I 331 -22.28 5.93 -30.18
C ILE I 331 -20.99 6.73 -30.06
N TYR I 332 -20.62 7.11 -28.83
CA TYR I 332 -19.38 7.82 -28.62
C TYR I 332 -18.18 6.97 -29.04
N GLU I 333 -18.17 5.69 -28.64
CA GLU I 333 -17.06 4.82 -29.00
C GLU I 333 -16.92 4.66 -30.50
N GLU I 334 -18.04 4.54 -31.22
CA GLU I 334 -17.97 4.43 -32.66
C GLU I 334 -17.56 5.74 -33.33
N PHE I 335 -17.76 6.87 -32.66
CA PHE I 335 -17.38 8.18 -33.21
C PHE I 335 -16.14 8.76 -32.54
N LYS I 336 -15.43 7.99 -31.73
CA LYS I 336 -14.36 8.55 -30.92
C LYS I 336 -13.17 8.98 -31.78
N GLY I 337 -12.72 8.11 -32.68
CA GLY I 337 -11.52 8.37 -33.44
C GLY I 337 -11.75 8.93 -34.83
N THR I 338 -12.95 9.48 -35.06
CA THR I 338 -13.33 9.94 -36.40
C THR I 338 -12.91 11.38 -36.65
N GLY I 339 -13.33 12.30 -35.78
CA GLY I 339 -13.05 13.71 -36.01
C GLY I 339 -11.59 14.04 -35.82
N ASN I 340 -11.13 15.04 -36.58
CA ASN I 340 -9.75 15.50 -36.51
C ASN I 340 -9.55 16.67 -35.55
N MET I 341 -10.64 17.24 -35.03
CA MET I 341 -10.56 18.24 -33.98
C MET I 341 -11.49 17.78 -32.87
N GLU I 342 -11.05 17.94 -31.62
CA GLU I 342 -11.83 17.38 -30.52
C GLU I 342 -11.65 18.23 -29.27
N LEU I 343 -12.71 18.29 -28.46
CA LEU I 343 -12.73 19.08 -27.23
C LEU I 343 -13.54 18.36 -26.17
N HIS I 344 -12.91 18.03 -25.04
CA HIS I 344 -13.63 17.53 -23.87
C HIS I 344 -14.07 18.69 -22.98
N LEU I 345 -15.24 18.52 -22.37
CA LEU I 345 -15.67 19.30 -21.21
C LEU I 345 -16.00 18.32 -20.09
N SER I 346 -15.86 18.77 -18.85
CA SER I 346 -16.06 17.91 -17.69
C SER I 346 -17.00 18.56 -16.69
N ARG I 347 -17.85 17.74 -16.06
CA ARG I 347 -18.78 18.25 -15.06
C ARG I 347 -18.04 18.76 -13.82
N LYS I 348 -17.01 18.04 -13.38
CA LYS I 348 -16.37 18.37 -12.11
C LYS I 348 -15.65 19.72 -12.16
N ILE I 349 -15.22 20.15 -13.35
CA ILE I 349 -14.69 21.50 -13.49
C ILE I 349 -15.81 22.52 -13.36
N ALA I 350 -16.97 22.24 -13.97
CA ALA I 350 -18.11 23.14 -13.87
C ALA I 350 -18.71 23.15 -12.47
N GLU I 351 -18.39 22.16 -11.63
CA GLU I 351 -18.89 22.15 -10.27
C GLU I 351 -18.37 23.34 -9.48
N LYS I 352 -17.15 23.76 -9.77
CA LYS I 352 -16.60 24.99 -9.19
C LYS I 352 -17.14 26.23 -9.87
N ARG I 353 -17.95 26.07 -10.92
CA ARG I 353 -18.60 27.17 -11.63
C ARG I 353 -17.59 28.12 -12.27
N VAL I 354 -16.43 27.57 -12.66
CA VAL I 354 -15.48 28.30 -13.49
C VAL I 354 -15.76 27.92 -14.93
N PHE I 355 -15.95 28.93 -15.78
CA PHE I 355 -16.36 28.58 -17.13
C PHE I 355 -15.49 29.29 -18.17
N PRO I 356 -15.28 28.68 -19.34
CA PRO I 356 -15.83 27.38 -19.79
C PRO I 356 -15.13 26.20 -19.13
N ALA I 357 -15.88 25.13 -18.84
CA ALA I 357 -15.31 23.94 -18.19
C ALA I 357 -14.61 23.10 -19.25
N ILE I 358 -13.41 23.52 -19.62
CA ILE I 358 -12.64 22.92 -20.70
C ILE I 358 -11.47 22.15 -20.11
N ASP I 359 -11.35 20.89 -20.49
CA ASP I 359 -10.20 20.06 -20.10
C ASP I 359 -9.07 20.35 -21.08
N TYR I 360 -8.16 21.24 -20.69
CA TYR I 360 -7.11 21.70 -21.60
C TYR I 360 -6.17 20.57 -21.98
N ASN I 361 -5.74 19.78 -20.99
CA ASN I 361 -4.74 18.74 -21.25
C ASN I 361 -5.30 17.66 -22.18
N ARG I 362 -6.54 17.24 -21.94
CA ARG I 362 -7.10 16.12 -22.69
C ARG I 362 -7.61 16.52 -24.06
N SER I 363 -7.83 17.82 -24.30
CA SER I 363 -8.28 18.29 -25.60
C SER I 363 -7.10 18.50 -26.52
N GLY I 364 -7.38 18.98 -27.73
CA GLY I 364 -6.34 19.27 -28.70
C GLY I 364 -6.87 19.13 -30.11
N THR I 365 -5.99 19.44 -31.06
CA THR I 365 -6.29 19.36 -32.48
C THR I 365 -5.13 18.67 -33.19
N ARG I 366 -5.45 17.85 -34.19
CA ARG I 366 -4.43 17.15 -34.95
C ARG I 366 -4.08 17.94 -36.21
N LYS I 367 -2.81 17.86 -36.61
CA LYS I 367 -2.29 18.57 -37.78
C LYS I 367 -2.61 20.06 -37.70
N GLU I 368 -2.45 20.63 -36.51
CA GLU I 368 -2.66 22.06 -36.32
C GLU I 368 -1.60 22.91 -37.00
N GLU I 369 -0.51 22.29 -37.47
CA GLU I 369 0.59 23.04 -38.03
C GLU I 369 0.15 23.85 -39.25
N LEU I 370 -0.70 23.28 -40.10
CA LEU I 370 -1.19 23.98 -41.27
C LEU I 370 -2.18 25.08 -40.93
N LEU I 371 -2.66 25.15 -39.69
CA LEU I 371 -3.66 26.13 -39.28
C LEU I 371 -3.08 27.31 -38.54
N THR I 372 -1.76 27.45 -38.48
CA THR I 372 -1.16 28.50 -37.69
C THR I 372 0.22 28.84 -38.24
N THR I 373 0.72 30.01 -37.85
CA THR I 373 2.07 30.43 -38.21
C THR I 373 3.07 29.71 -37.34
N GLN I 374 4.34 30.11 -37.41
CA GLN I 374 5.38 29.38 -36.71
C GLN I 374 5.46 29.77 -35.24
N GLU I 375 5.76 31.04 -34.94
CA GLU I 375 6.17 31.43 -33.59
C GLU I 375 5.07 31.14 -32.57
N GLU I 376 3.82 31.47 -32.90
CA GLU I 376 2.73 31.20 -31.97
C GLU I 376 2.53 29.71 -31.75
N LEU I 377 2.98 28.86 -32.68
CA LEU I 377 2.87 27.42 -32.47
C LEU I 377 3.70 26.98 -31.28
N GLN I 378 5.00 27.34 -31.24
CA GLN I 378 5.77 26.95 -30.06
C GLN I 378 5.41 27.80 -28.85
N LYS I 379 4.83 28.98 -29.04
CA LYS I 379 4.27 29.69 -27.89
C LYS I 379 3.18 28.87 -27.23
N MET I 380 2.27 28.30 -28.04
CA MET I 380 1.23 27.42 -27.51
C MET I 380 1.83 26.13 -26.96
N TRP I 381 2.90 25.63 -27.56
CA TRP I 381 3.57 24.46 -26.99
C TRP I 381 4.13 24.75 -25.61
N ILE I 382 4.74 25.92 -25.43
CA ILE I 382 5.23 26.32 -24.12
C ILE I 382 4.08 26.44 -23.14
N LEU I 383 2.96 27.01 -23.58
CA LEU I 383 1.79 27.11 -22.72
C LEU I 383 1.30 25.72 -22.31
N ARG I 384 1.29 24.77 -23.26
CA ARG I 384 0.86 23.42 -22.94
C ARG I 384 1.82 22.75 -21.97
N LYS I 385 3.12 22.96 -22.13
CA LYS I 385 4.08 22.41 -21.19
C LYS I 385 3.89 22.99 -19.79
N ILE I 386 3.55 24.27 -19.71
CA ILE I 386 3.28 24.88 -18.41
C ILE I 386 2.02 24.29 -17.80
N ILE I 387 0.97 24.14 -18.61
CA ILE I 387 -0.35 23.74 -18.10
C ILE I 387 -0.33 22.28 -17.68
N HIS I 388 0.35 21.42 -18.43
CA HIS I 388 0.24 19.97 -18.27
C HIS I 388 0.46 19.46 -16.85
N PRO I 389 1.52 19.85 -16.12
CA PRO I 389 1.67 19.33 -14.75
C PRO I 389 0.55 19.74 -13.82
N MET I 390 -0.07 20.89 -14.04
CA MET I 390 -1.11 21.38 -13.15
C MET I 390 -2.37 20.54 -13.29
N GLY I 391 -3.17 20.52 -12.22
CA GLY I 391 -4.46 19.88 -12.29
C GLY I 391 -5.41 20.61 -13.22
N GLU I 392 -6.35 19.85 -13.80
CA GLU I 392 -7.22 20.40 -14.83
C GLU I 392 -8.07 21.56 -14.30
N ILE I 393 -8.62 21.42 -13.09
CA ILE I 393 -9.33 22.55 -12.48
C ILE I 393 -8.36 23.67 -12.18
N ASP I 394 -7.20 23.34 -11.61
CA ASP I 394 -6.18 24.34 -11.34
C ASP I 394 -5.68 24.98 -12.62
N ALA I 395 -5.48 24.18 -13.67
CA ALA I 395 -5.03 24.73 -14.94
C ALA I 395 -6.07 25.68 -15.51
N MET I 396 -7.36 25.31 -15.44
CA MET I 396 -8.40 26.17 -15.97
C MET I 396 -8.49 27.48 -15.20
N GLU I 397 -8.43 27.43 -13.87
CA GLU I 397 -8.52 28.67 -13.10
C GLU I 397 -7.28 29.53 -13.32
N PHE I 398 -6.10 28.91 -13.44
CA PHE I 398 -4.89 29.66 -13.76
C PHE I 398 -5.00 30.36 -15.10
N LEU I 399 -5.50 29.65 -16.11
CA LEU I 399 -5.65 30.23 -17.44
C LEU I 399 -6.65 31.37 -17.43
N ILE I 400 -7.76 31.19 -16.71
CA ILE I 400 -8.78 32.24 -16.62
C ILE I 400 -8.21 33.48 -15.95
N ASN I 401 -7.48 33.29 -14.85
CA ASN I 401 -6.87 34.42 -14.15
C ASN I 401 -5.86 35.13 -15.03
N LYS I 402 -5.04 34.37 -15.76
CA LYS I 402 -4.02 34.99 -16.60
C LYS I 402 -4.63 35.77 -17.76
N LEU I 403 -5.67 35.22 -18.39
CA LEU I 403 -6.31 35.96 -19.48
C LEU I 403 -7.18 37.11 -18.97
N ALA I 404 -7.59 37.07 -17.70
CA ALA I 404 -8.43 38.14 -17.17
C ALA I 404 -7.69 39.47 -17.16
N MET I 405 -6.42 39.46 -16.76
CA MET I 405 -5.65 40.70 -16.66
C MET I 405 -5.03 41.12 -17.99
N THR I 406 -5.12 40.29 -19.02
CA THR I 406 -4.64 40.66 -20.34
C THR I 406 -5.78 41.26 -21.16
N LYS I 407 -5.47 41.62 -22.40
CA LYS I 407 -6.45 42.17 -23.33
C LYS I 407 -6.53 41.45 -24.66
N THR I 408 -5.51 40.68 -25.03
CA THR I 408 -5.47 39.99 -26.32
C THR I 408 -4.60 38.76 -26.16
N ASN I 409 -4.86 37.74 -26.98
CA ASN I 409 -4.08 36.51 -26.91
C ASN I 409 -2.59 36.79 -27.12
N ASP I 410 -2.26 37.72 -28.00
CA ASP I 410 -0.87 38.13 -28.18
C ASP I 410 -0.32 38.75 -26.89
N ASP I 411 -1.13 39.56 -26.22
CA ASP I 411 -0.71 40.15 -24.96
C ASP I 411 -0.46 39.07 -23.91
N PHE I 412 -1.33 38.06 -23.86
CA PHE I 412 -1.10 36.96 -22.92
C PHE I 412 0.16 36.18 -23.27
N PHE I 413 0.42 35.99 -24.57
CA PHE I 413 1.63 35.28 -24.99
C PHE I 413 2.88 36.03 -24.56
N GLU I 414 2.91 37.34 -24.81
CA GLU I 414 4.08 38.11 -24.41
C GLU I 414 4.21 38.19 -22.90
N MET I 415 3.07 38.26 -22.19
CA MET I 415 3.12 38.31 -20.73
C MET I 415 3.67 37.01 -20.16
N MET I 416 3.32 35.86 -20.75
CA MET I 416 3.83 34.61 -20.22
C MET I 416 5.28 34.39 -20.61
N LYS I 417 5.69 34.81 -21.82
CA LYS I 417 7.08 34.57 -22.20
C LYS I 417 8.04 35.55 -21.53
N ARG I 418 7.57 36.74 -21.16
CA ARG I 418 8.43 37.66 -20.40
C ARG I 418 8.58 37.24 -18.96
N SER I 419 7.68 36.40 -18.46
CA SER I 419 7.73 35.93 -17.07
C SER I 419 8.39 34.56 -16.99
N MET J 1 -83.12 23.07 -13.49
CA MET J 1 -82.00 23.51 -12.69
C MET J 1 -80.68 23.26 -13.40
N ASN J 2 -79.58 23.70 -12.79
CA ASN J 2 -78.27 23.52 -13.39
C ASN J 2 -77.85 22.07 -13.36
N LEU J 3 -77.22 21.61 -14.44
CA LEU J 3 -76.75 20.23 -14.51
C LEU J 3 -75.58 19.99 -13.56
N THR J 4 -74.64 20.94 -13.49
CA THR J 4 -73.46 20.76 -12.67
C THR J 4 -73.80 20.67 -11.19
N GLU J 5 -74.72 21.51 -10.71
CA GLU J 5 -75.05 21.51 -9.29
C GLU J 5 -75.67 20.20 -8.85
N LEU J 6 -76.53 19.61 -9.69
CA LEU J 6 -77.11 18.32 -9.34
C LEU J 6 -76.10 17.19 -9.54
N LYS J 7 -75.16 17.35 -10.48
CA LYS J 7 -74.13 16.34 -10.65
C LYS J 7 -73.20 16.28 -9.44
N ASN J 8 -72.89 17.43 -8.85
CA ASN J 8 -72.02 17.46 -7.68
C ASN J 8 -72.71 16.93 -6.42
N THR J 9 -74.04 16.82 -6.43
CA THR J 9 -74.74 16.29 -5.28
C THR J 9 -74.45 14.80 -5.13
N PRO J 10 -74.44 14.28 -3.90
CA PRO J 10 -74.19 12.85 -3.70
C PRO J 10 -75.37 11.99 -4.12
N VAL J 11 -75.28 10.68 -3.91
CA VAL J 11 -76.35 9.77 -4.29
C VAL J 11 -77.62 10.04 -3.48
N SER J 12 -77.49 10.62 -2.29
CA SER J 12 -78.66 10.94 -1.48
C SER J 12 -79.63 11.86 -2.23
N GLU J 13 -79.10 12.71 -3.12
CA GLU J 13 -79.92 13.53 -4.02
C GLU J 13 -81.08 12.73 -4.59
N LEU J 14 -80.79 11.48 -4.98
CA LEU J 14 -81.79 10.55 -5.48
C LEU J 14 -83.08 10.58 -4.66
N ILE J 15 -82.97 10.26 -3.36
CA ILE J 15 -84.19 10.17 -2.56
C ILE J 15 -84.83 11.53 -2.40
N THR J 16 -84.02 12.60 -2.42
CA THR J 16 -84.60 13.94 -2.33
C THR J 16 -85.22 14.40 -3.65
N LEU J 17 -84.96 13.69 -4.75
CA LEU J 17 -85.54 14.02 -6.04
C LEU J 17 -86.36 12.87 -6.63
N GLY J 18 -86.67 11.85 -5.84
CA GLY J 18 -87.50 10.77 -6.32
C GLY J 18 -88.88 10.75 -5.71
N GLU J 19 -88.97 11.08 -4.42
CA GLU J 19 -90.26 11.06 -3.74
C GLU J 19 -91.09 12.31 -4.08
N ASN J 20 -90.42 13.45 -4.26
CA ASN J 20 -91.11 14.71 -4.51
C ASN J 20 -91.15 15.10 -5.98
N MET J 21 -90.76 14.18 -6.88
CA MET J 21 -90.68 14.48 -8.29
C MET J 21 -91.35 13.41 -9.14
N GLY J 22 -91.88 12.36 -8.53
CA GLY J 22 -92.64 11.35 -9.26
C GLY J 22 -91.84 10.49 -10.22
N LEU J 23 -90.67 10.02 -9.81
CA LEU J 23 -89.86 9.11 -10.62
C LEU J 23 -90.06 7.68 -10.15
N GLU J 24 -90.17 6.76 -11.11
CA GLU J 24 -90.61 5.40 -10.81
C GLU J 24 -89.62 4.68 -9.90
N ASN J 25 -88.40 4.45 -10.38
CA ASN J 25 -87.43 3.67 -9.63
C ASN J 25 -86.03 4.14 -10.03
N LEU J 26 -85.27 4.64 -9.07
CA LEU J 26 -83.97 5.24 -9.33
C LEU J 26 -82.82 4.60 -8.58
N ALA J 27 -83.09 3.81 -7.53
CA ALA J 27 -82.05 3.41 -6.60
C ALA J 27 -81.00 2.51 -7.25
N ARG J 28 -81.45 1.46 -7.94
CA ARG J 28 -80.53 0.43 -8.44
C ARG J 28 -80.18 0.69 -9.90
N MET J 29 -79.46 1.79 -10.12
CA MET J 29 -78.82 2.03 -11.41
C MET J 29 -77.73 3.08 -11.23
N ARG J 30 -76.98 3.31 -12.29
CA ARG J 30 -75.81 4.17 -12.23
C ARG J 30 -76.21 5.62 -12.00
N LYS J 31 -75.29 6.39 -11.40
CA LYS J 31 -75.57 7.80 -11.09
C LYS J 31 -75.84 8.60 -12.35
N GLN J 32 -75.09 8.32 -13.42
CA GLN J 32 -75.30 9.04 -14.68
C GLN J 32 -76.70 8.79 -15.23
N ASP J 33 -77.17 7.54 -15.16
CA ASP J 33 -78.52 7.24 -15.61
C ASP J 33 -79.57 7.94 -14.75
N ILE J 34 -79.34 8.00 -13.44
CA ILE J 34 -80.26 8.73 -12.56
C ILE J 34 -80.31 10.19 -12.95
N ILE J 35 -79.14 10.79 -13.21
CA ILE J 35 -79.09 12.20 -13.61
C ILE J 35 -79.83 12.41 -14.92
N PHE J 36 -79.63 11.51 -15.89
CA PHE J 36 -80.31 11.65 -17.18
C PHE J 36 -81.82 11.54 -17.02
N ALA J 37 -82.28 10.59 -16.20
CA ALA J 37 -83.71 10.44 -15.99
C ALA J 37 -84.30 11.66 -15.29
N ILE J 38 -83.59 12.19 -14.30
CA ILE J 38 -84.08 13.39 -13.62
C ILE J 38 -84.14 14.57 -14.58
N LEU J 39 -83.12 14.73 -15.43
CA LEU J 39 -83.13 15.81 -16.40
C LEU J 39 -84.29 15.68 -17.38
N LYS J 40 -84.55 14.46 -17.85
CA LYS J 40 -85.67 14.26 -18.77
C LYS J 40 -87.00 14.57 -18.09
N GLN J 41 -87.18 14.09 -16.85
CA GLN J 41 -88.42 14.32 -16.13
C GLN J 41 -88.65 15.80 -15.88
N HIS J 42 -87.60 16.53 -15.52
CA HIS J 42 -87.74 17.97 -15.30
C HIS J 42 -87.90 18.73 -16.61
N ALA J 43 -87.33 18.20 -17.70
CA ALA J 43 -87.37 18.92 -18.97
C ALA J 43 -88.74 18.82 -19.63
N LYS J 44 -89.39 17.65 -19.55
CA LYS J 44 -90.69 17.57 -20.19
C LYS J 44 -91.77 18.32 -19.41
N SER J 45 -91.45 18.82 -18.21
CA SER J 45 -92.37 19.71 -17.49
C SER J 45 -92.32 21.14 -18.01
N GLY J 46 -91.33 21.49 -18.82
CA GLY J 46 -91.31 22.78 -19.51
C GLY J 46 -90.49 23.88 -18.88
N GLU J 47 -89.66 23.57 -17.89
CA GLU J 47 -88.83 24.59 -17.26
C GLU J 47 -87.56 24.81 -18.08
N ASP J 48 -86.63 25.59 -17.53
CA ASP J 48 -85.36 25.91 -18.19
C ASP J 48 -84.22 25.33 -17.37
N ILE J 49 -83.24 24.74 -18.05
CA ILE J 49 -82.14 24.02 -17.42
C ILE J 49 -80.82 24.47 -18.01
N PHE J 50 -79.82 24.64 -17.15
CA PHE J 50 -78.48 25.03 -17.55
C PHE J 50 -77.69 23.83 -18.06
N GLY J 51 -76.49 24.10 -18.54
CA GLY J 51 -75.55 23.03 -18.84
C GLY J 51 -74.18 23.62 -19.12
N ASP J 52 -73.16 22.79 -18.93
CA ASP J 52 -71.79 23.22 -19.15
C ASP J 52 -70.88 22.00 -19.17
N GLY J 53 -69.69 22.19 -19.74
CA GLY J 53 -68.69 21.13 -19.73
C GLY J 53 -67.66 21.34 -20.82
N VAL J 54 -66.78 20.36 -20.93
CA VAL J 54 -65.65 20.41 -21.85
C VAL J 54 -66.01 19.72 -23.15
N LEU J 55 -65.67 20.35 -24.27
CA LEU J 55 -66.00 19.84 -25.59
C LEU J 55 -64.97 18.82 -26.06
N GLU J 56 -65.45 17.78 -26.73
CA GLU J 56 -64.61 16.78 -27.38
C GLU J 56 -65.13 16.58 -28.80
N ILE J 57 -64.22 16.62 -29.77
CA ILE J 57 -64.57 16.51 -31.18
C ILE J 57 -64.28 15.09 -31.63
N LEU J 58 -65.29 14.41 -32.16
CA LEU J 58 -65.11 13.06 -32.68
C LEU J 58 -64.54 13.10 -34.09
N GLN J 59 -64.13 11.93 -34.58
CA GLN J 59 -63.49 11.84 -35.89
C GLN J 59 -64.42 12.21 -37.03
N ASP J 60 -65.73 12.14 -36.83
CA ASP J 60 -66.70 12.46 -37.87
C ASP J 60 -67.35 13.83 -37.68
N GLY J 61 -66.79 14.68 -36.83
CA GLY J 61 -67.36 16.00 -36.59
C GLY J 61 -68.51 16.03 -35.61
N PHE J 62 -68.87 14.89 -35.03
CA PHE J 62 -69.97 14.80 -34.07
C PHE J 62 -69.46 15.21 -32.71
N GLY J 63 -69.79 16.43 -32.29
CA GLY J 63 -69.24 16.97 -31.06
C GLY J 63 -70.00 16.48 -29.83
N PHE J 64 -69.25 16.18 -28.77
CA PHE J 64 -69.83 15.79 -27.50
C PHE J 64 -69.35 16.73 -26.42
N LEU J 65 -70.16 16.89 -25.38
CA LEU J 65 -69.81 17.73 -24.23
C LEU J 65 -69.82 16.85 -22.99
N ARG J 66 -68.65 16.69 -22.37
CA ARG J 66 -68.47 15.85 -21.20
C ARG J 66 -68.28 16.74 -19.97
N SER J 67 -68.26 16.09 -18.80
CA SER J 67 -68.13 16.77 -17.53
C SER J 67 -66.90 16.25 -16.80
N ALA J 68 -66.20 17.16 -16.11
CA ALA J 68 -65.02 16.80 -15.36
C ALA J 68 -65.32 16.09 -14.05
N ASP J 69 -66.56 16.19 -13.56
CA ASP J 69 -66.93 15.49 -12.33
C ASP J 69 -66.86 13.98 -12.51
N SER J 70 -67.33 13.49 -13.65
CA SER J 70 -67.28 12.06 -13.97
C SER J 70 -65.98 11.65 -14.65
N SER J 71 -64.93 12.47 -14.51
CA SER J 71 -63.63 12.20 -15.13
C SER J 71 -63.75 12.05 -16.65
N TYR J 72 -64.61 12.87 -17.25
CA TYR J 72 -64.81 12.90 -18.69
C TYR J 72 -65.26 11.55 -19.24
N LEU J 73 -66.03 10.81 -18.45
CA LEU J 73 -66.54 9.51 -18.87
C LEU J 73 -67.67 9.68 -19.87
N ALA J 74 -67.67 8.85 -20.91
CA ALA J 74 -68.72 8.88 -21.92
C ALA J 74 -69.98 8.27 -21.33
N GLY J 75 -70.93 9.13 -20.96
CA GLY J 75 -72.16 8.70 -20.34
C GLY J 75 -73.39 9.22 -21.04
N PRO J 76 -74.56 8.77 -20.59
CA PRO J 76 -75.82 9.23 -21.20
C PRO J 76 -76.07 10.72 -21.02
N ASP J 77 -75.43 11.35 -20.02
CA ASP J 77 -75.63 12.76 -19.74
C ASP J 77 -74.75 13.67 -20.58
N ASP J 78 -73.90 13.12 -21.44
CA ASP J 78 -73.10 13.94 -22.34
C ASP J 78 -74.01 14.68 -23.31
N ILE J 79 -73.56 15.86 -23.74
CA ILE J 79 -74.41 16.81 -24.44
C ILE J 79 -74.08 16.81 -25.93
N TYR J 80 -75.13 16.73 -26.75
CA TYR J 80 -75.03 16.89 -28.19
C TYR J 80 -74.38 18.21 -28.58
N VAL J 81 -73.52 18.16 -29.59
CA VAL J 81 -72.95 19.36 -30.21
C VAL J 81 -72.89 19.09 -31.71
N SER J 82 -73.78 19.72 -32.47
CA SER J 82 -73.85 19.49 -33.90
C SER J 82 -72.65 20.14 -34.61
N PRO J 83 -72.25 19.62 -35.76
CA PRO J 83 -71.18 20.27 -36.52
C PRO J 83 -71.51 21.70 -36.94
N SER J 84 -72.79 22.03 -37.07
CA SER J 84 -73.18 23.38 -37.43
C SER J 84 -72.72 24.38 -36.38
N GLN J 85 -72.94 24.07 -35.10
CA GLN J 85 -72.48 24.94 -34.03
C GLN J 85 -70.95 25.01 -34.00
N ILE J 86 -70.30 23.88 -34.28
CA ILE J 86 -68.84 23.84 -34.30
C ILE J 86 -68.30 24.81 -35.35
N ARG J 87 -68.87 24.77 -36.55
CA ARG J 87 -68.45 25.69 -37.59
C ARG J 87 -68.82 27.13 -37.26
N ARG J 88 -69.99 27.34 -36.66
CA ARG J 88 -70.44 28.70 -36.36
C ARG J 88 -69.55 29.37 -35.32
N PHE J 89 -69.18 28.66 -34.27
CA PHE J 89 -68.42 29.24 -33.17
C PHE J 89 -66.94 28.91 -33.21
N ASN J 90 -66.48 28.18 -34.23
CA ASN J 90 -65.06 27.84 -34.38
C ASN J 90 -64.51 27.16 -33.13
N LEU J 91 -65.24 26.14 -32.67
CA LEU J 91 -64.88 25.43 -31.46
C LEU J 91 -63.96 24.26 -31.77
N ARG J 92 -63.03 24.00 -30.86
CA ARG J 92 -62.13 22.85 -30.95
C ARG J 92 -62.19 22.07 -29.64
N THR J 93 -61.44 20.98 -29.57
CA THR J 93 -61.42 20.15 -28.37
C THR J 93 -60.83 20.92 -27.20
N GLY J 94 -61.39 20.69 -26.02
CA GLY J 94 -60.93 21.35 -24.81
C GLY J 94 -61.65 22.64 -24.46
N ASP J 95 -62.52 23.13 -25.34
CA ASP J 95 -63.27 24.35 -25.05
C ASP J 95 -64.28 24.10 -23.94
N THR J 96 -64.38 25.05 -23.02
CA THR J 96 -65.32 24.99 -21.90
C THR J 96 -66.58 25.74 -22.31
N ILE J 97 -67.63 25.01 -22.65
CA ILE J 97 -68.89 25.58 -23.11
C ILE J 97 -69.86 25.64 -21.96
N SER J 98 -70.69 26.68 -21.94
CA SER J 98 -71.72 26.84 -20.92
C SER J 98 -72.91 27.56 -21.53
N GLY J 99 -74.11 27.05 -21.27
CA GLY J 99 -75.31 27.72 -21.75
C GLY J 99 -76.54 26.83 -21.64
N LYS J 100 -77.55 27.18 -22.42
CA LYS J 100 -78.80 26.41 -22.46
C LYS J 100 -78.57 25.03 -23.06
N ILE J 101 -79.41 24.08 -22.65
CA ILE J 101 -79.41 22.74 -23.22
C ILE J 101 -80.84 22.35 -23.56
N ARG J 102 -80.96 21.39 -24.47
CA ARG J 102 -82.26 20.97 -24.99
C ARG J 102 -82.51 19.51 -24.69
N PRO J 103 -83.71 19.15 -24.21
CA PRO J 103 -84.03 17.73 -24.06
C PRO J 103 -84.07 17.03 -25.40
N PRO J 104 -83.69 15.76 -25.46
CA PRO J 104 -83.71 15.06 -26.74
C PRO J 104 -85.13 14.80 -27.23
N LYS J 105 -85.27 14.76 -28.54
CA LYS J 105 -86.53 14.42 -29.19
C LYS J 105 -86.47 12.99 -29.72
N GLU J 106 -87.53 12.58 -30.40
CA GLU J 106 -87.57 11.24 -30.97
C GLU J 106 -86.46 11.06 -32.00
N GLY J 107 -85.82 9.90 -31.97
CA GLY J 107 -84.68 9.61 -32.83
C GLY J 107 -83.33 9.74 -32.17
N GLU J 108 -83.27 10.35 -30.99
CA GLU J 108 -82.01 10.49 -30.27
C GLU J 108 -82.32 10.54 -28.77
N ARG J 109 -81.30 10.25 -27.96
CA ARG J 109 -81.45 10.28 -26.52
C ARG J 109 -80.25 10.95 -25.86
N TYR J 110 -79.66 11.92 -26.55
CA TYR J 110 -78.64 12.79 -25.99
C TYR J 110 -79.19 14.20 -25.91
N PHE J 111 -78.97 14.86 -24.77
CA PHE J 111 -79.39 16.24 -24.61
C PHE J 111 -78.63 17.15 -25.58
N ALA J 112 -79.36 18.07 -26.20
CA ALA J 112 -78.80 18.96 -27.21
C ALA J 112 -78.39 20.30 -26.58
N LEU J 113 -77.85 21.17 -27.43
CA LEU J 113 -77.41 22.49 -27.00
C LEU J 113 -78.22 23.54 -27.74
N LEU J 114 -78.91 24.41 -27.00
CA LEU J 114 -79.70 25.46 -27.62
C LEU J 114 -78.83 26.65 -28.01
N LYS J 115 -78.21 27.30 -27.02
CA LYS J 115 -77.39 28.47 -27.28
C LYS J 115 -76.29 28.54 -26.23
N VAL J 116 -75.08 28.87 -26.68
CA VAL J 116 -73.95 28.99 -25.77
C VAL J 116 -73.97 30.38 -25.14
N ASN J 117 -73.75 30.42 -23.83
CA ASN J 117 -73.64 31.68 -23.10
C ASN J 117 -72.22 32.04 -22.72
N GLU J 118 -71.30 31.07 -22.70
CA GLU J 118 -69.92 31.34 -22.33
C GLU J 118 -69.03 30.27 -22.93
N VAL J 119 -67.88 30.70 -23.44
CA VAL J 119 -66.85 29.80 -23.97
C VAL J 119 -65.52 30.17 -23.31
N ASN J 120 -64.90 29.20 -22.64
CA ASN J 120 -63.62 29.41 -21.96
C ASN J 120 -63.71 30.57 -20.98
N PHE J 121 -64.82 30.66 -20.26
CA PHE J 121 -65.08 31.74 -19.31
C PHE J 121 -65.00 33.11 -19.98
N ASP J 122 -65.50 33.19 -21.21
CA ASP J 122 -65.50 34.43 -21.96
C ASP J 122 -66.60 34.38 -23.01
N LYS J 123 -66.93 35.54 -23.56
CA LYS J 123 -67.94 35.61 -24.61
C LYS J 123 -67.43 34.91 -25.87
N PRO J 124 -68.32 34.27 -26.63
CA PRO J 124 -67.89 33.58 -27.85
C PRO J 124 -67.23 34.50 -28.86
N GLU J 125 -67.69 35.74 -28.96
CA GLU J 125 -67.10 36.68 -29.92
C GLU J 125 -65.64 36.95 -29.59
N ASN J 126 -65.33 37.15 -28.31
CA ASN J 126 -63.94 37.35 -27.92
C ASN J 126 -63.15 36.04 -27.96
N ALA J 127 -63.84 34.91 -27.80
CA ALA J 127 -63.16 33.62 -27.84
C ALA J 127 -62.75 33.22 -29.24
N ARG J 128 -63.48 33.69 -30.26
CA ARG J 128 -63.13 33.34 -31.64
C ARG J 128 -61.76 33.89 -32.01
N ASN J 129 -61.45 35.12 -31.59
CA ASN J 129 -60.19 35.77 -31.97
C ASN J 129 -59.13 35.45 -30.92
N LYS J 130 -58.60 34.24 -31.00
CA LYS J 130 -57.54 33.80 -30.11
C LYS J 130 -56.46 33.08 -30.91
N ILE J 131 -55.24 33.12 -30.40
CA ILE J 131 -54.10 32.52 -31.07
C ILE J 131 -53.98 31.05 -30.66
N LEU J 132 -53.53 30.23 -31.60
CA LEU J 132 -53.29 28.82 -31.29
C LEU J 132 -52.14 28.67 -30.30
N PHE J 133 -52.21 27.59 -29.51
CA PHE J 133 -51.13 27.31 -28.58
C PHE J 133 -49.83 26.96 -29.30
N GLU J 134 -49.93 26.39 -30.50
CA GLU J 134 -48.73 26.05 -31.26
C GLU J 134 -48.04 27.28 -31.81
N ASN J 135 -48.80 28.34 -32.09
CA ASN J 135 -48.23 29.57 -32.63
C ASN J 135 -47.58 30.45 -31.57
N LEU J 136 -47.80 30.16 -30.29
CA LEU J 136 -47.21 30.96 -29.23
C LEU J 136 -45.73 30.61 -29.07
N THR J 137 -44.90 31.63 -28.98
CA THR J 137 -43.46 31.42 -28.88
C THR J 137 -43.09 30.94 -27.49
N PRO J 138 -42.41 29.80 -27.35
CA PRO J 138 -41.99 29.35 -26.03
C PRO J 138 -40.92 30.24 -25.44
N LEU J 139 -40.74 30.11 -24.13
CA LEU J 139 -39.72 30.88 -23.42
C LEU J 139 -39.33 30.12 -22.15
N HIS J 140 -38.21 30.52 -21.57
CA HIS J 140 -37.78 29.95 -20.31
C HIS J 140 -38.65 30.46 -19.17
N ALA J 141 -38.69 29.68 -18.09
CA ALA J 141 -39.47 30.06 -16.92
C ALA J 141 -38.88 31.30 -16.27
N ASN J 142 -39.75 32.23 -15.87
CA ASN J 142 -39.33 33.49 -15.27
C ASN J 142 -39.90 33.72 -13.89
N SER J 143 -41.15 33.33 -13.65
CA SER J 143 -41.81 33.57 -12.38
C SER J 143 -41.74 32.33 -11.51
N ARG J 144 -41.10 32.45 -10.36
CA ARG J 144 -40.95 31.31 -9.46
C ARG J 144 -42.26 30.98 -8.76
N LEU J 145 -42.52 29.68 -8.57
CA LEU J 145 -43.59 29.20 -7.72
C LEU J 145 -42.98 28.74 -6.41
N ARG J 146 -43.14 29.54 -5.36
CA ARG J 146 -42.58 29.19 -4.05
C ARG J 146 -43.53 28.23 -3.34
N MET J 147 -43.05 27.02 -3.08
CA MET J 147 -43.86 26.01 -2.43
C MET J 147 -43.91 26.17 -0.91
N GLU J 148 -43.14 27.09 -0.34
CA GLU J 148 -43.19 27.35 1.09
C GLU J 148 -44.56 27.93 1.44
N ARG J 149 -45.39 27.13 2.11
CA ARG J 149 -46.75 27.55 2.42
C ARG J 149 -46.76 28.75 3.35
N GLY J 150 -45.91 28.74 4.37
CA GLY J 150 -45.88 29.82 5.34
C GLY J 150 -46.88 29.69 6.46
N ASN J 151 -47.70 28.65 6.47
CA ASN J 151 -48.66 28.43 7.55
C ASN J 151 -48.06 27.72 8.76
N GLY J 152 -46.77 27.38 8.70
CA GLY J 152 -46.13 26.68 9.80
C GLY J 152 -46.64 25.28 10.02
N SER J 153 -46.91 24.54 8.95
CA SER J 153 -47.36 23.17 9.08
C SER J 153 -46.25 22.28 9.64
N THR J 154 -46.65 21.28 10.43
CA THR J 154 -45.69 20.35 10.99
C THR J 154 -45.07 19.44 9.93
N GLU J 155 -45.76 19.25 8.80
CA GLU J 155 -45.24 18.48 7.68
C GLU J 155 -44.68 19.37 6.57
N ASP J 156 -44.66 20.68 6.78
CA ASP J 156 -44.20 21.60 5.75
C ASP J 156 -42.71 21.44 5.44
N LEU J 157 -42.01 20.56 6.15
CA LEU J 157 -40.61 20.30 5.83
C LEU J 157 -40.44 19.80 4.41
N THR J 158 -41.44 19.08 3.89
CA THR J 158 -41.37 18.62 2.50
C THR J 158 -41.31 19.80 1.53
N ALA J 159 -42.18 20.79 1.73
CA ALA J 159 -42.19 21.95 0.85
C ALA J 159 -40.89 22.75 0.97
N ARG J 160 -40.38 22.90 2.20
CA ARG J 160 -39.14 23.65 2.39
C ARG J 160 -37.96 22.94 1.73
N VAL J 161 -37.88 21.62 1.87
CA VAL J 161 -36.82 20.87 1.22
C VAL J 161 -36.95 20.95 -0.30
N LEU J 162 -38.19 20.90 -0.81
CA LEU J 162 -38.39 21.02 -2.24
C LEU J 162 -37.93 22.38 -2.74
N ASP J 163 -38.22 23.45 -1.97
CA ASP J 163 -37.74 24.77 -2.34
C ASP J 163 -36.22 24.85 -2.33
N LEU J 164 -35.59 24.23 -1.33
CA LEU J 164 -34.13 24.25 -1.26
C LEU J 164 -33.49 23.40 -2.35
N ALA J 165 -34.21 22.41 -2.87
CA ALA J 165 -33.62 21.47 -3.82
C ALA J 165 -33.84 21.89 -5.28
N SER J 166 -35.09 22.00 -5.69
CA SER J 166 -35.42 22.30 -7.09
C SER J 166 -36.35 23.50 -7.14
N LEU J 167 -35.98 24.49 -7.93
CA LEU J 167 -36.82 25.68 -8.12
C LEU J 167 -37.85 25.40 -9.21
N ILE J 168 -39.11 25.69 -8.93
CA ILE J 168 -40.20 25.47 -9.87
C ILE J 168 -40.73 26.82 -10.33
N GLY J 169 -40.76 27.03 -11.64
CA GLY J 169 -41.28 28.24 -12.23
C GLY J 169 -42.44 27.95 -13.17
N ARG J 170 -42.98 29.03 -13.73
CA ARG J 170 -44.10 28.92 -14.64
C ARG J 170 -43.63 28.38 -15.99
N GLY J 171 -44.17 27.24 -16.40
CA GLY J 171 -43.82 26.65 -17.68
C GLY J 171 -42.73 25.61 -17.66
N GLN J 172 -42.35 25.12 -16.49
CA GLN J 172 -41.30 24.11 -16.42
C GLN J 172 -41.82 22.73 -16.77
N ARG J 173 -40.89 21.82 -17.03
CA ARG J 173 -41.16 20.40 -17.23
C ARG J 173 -40.38 19.65 -16.17
N GLY J 174 -41.10 19.07 -15.20
CA GLY J 174 -40.50 18.41 -14.07
C GLY J 174 -40.75 16.91 -14.10
N LEU J 175 -39.68 16.15 -13.88
CA LEU J 175 -39.76 14.70 -13.72
C LEU J 175 -39.45 14.35 -12.27
N ILE J 176 -40.40 13.72 -11.60
CA ILE J 176 -40.21 13.20 -10.25
C ILE J 176 -39.87 11.72 -10.41
N VAL J 177 -38.57 11.43 -10.39
CA VAL J 177 -38.08 10.06 -10.59
C VAL J 177 -38.02 9.37 -9.24
N ALA J 178 -38.74 8.28 -9.09
CA ALA J 178 -38.84 7.62 -7.79
C ALA J 178 -39.16 6.15 -7.93
N PRO J 179 -38.57 5.30 -7.08
CA PRO J 179 -38.99 3.90 -7.02
C PRO J 179 -40.32 3.78 -6.31
N PRO J 180 -40.94 2.60 -6.33
CA PRO J 180 -42.16 2.40 -5.54
C PRO J 180 -41.88 2.58 -4.06
N LYS J 181 -42.90 3.05 -3.33
CA LYS J 181 -42.82 3.27 -1.89
C LYS J 181 -41.82 4.38 -1.56
N ALA J 182 -41.98 5.53 -2.21
CA ALA J 182 -41.06 6.64 -2.02
C ALA J 182 -41.78 7.96 -1.75
N GLY J 183 -43.06 7.93 -1.41
CA GLY J 183 -43.77 9.16 -1.10
C GLY J 183 -44.16 10.01 -2.29
N LYS J 184 -44.37 9.39 -3.45
CA LYS J 184 -44.73 10.14 -4.65
C LYS J 184 -46.10 10.81 -4.50
N THR J 185 -47.10 10.05 -4.03
CA THR J 185 -48.48 10.53 -4.08
C THR J 185 -48.67 11.76 -3.21
N MET J 186 -48.20 11.73 -1.97
CA MET J 186 -48.42 12.91 -1.16
C MET J 186 -47.28 13.93 -1.27
N LEU J 187 -46.20 13.61 -1.98
CA LEU J 187 -45.36 14.68 -2.52
C LEU J 187 -46.16 15.53 -3.51
N LEU J 188 -46.91 14.86 -4.39
CA LEU J 188 -47.81 15.58 -5.29
C LEU J 188 -48.90 16.31 -4.50
N GLN J 189 -49.40 15.68 -3.44
CA GLN J 189 -50.40 16.34 -2.61
C GLN J 189 -49.86 17.61 -1.96
N ASN J 190 -48.63 17.56 -1.44
CA ASN J 190 -48.03 18.74 -0.85
C ASN J 190 -47.81 19.82 -1.91
N ILE J 191 -47.38 19.42 -3.10
CA ILE J 191 -47.22 20.39 -4.18
C ILE J 191 -48.55 21.05 -4.50
N ALA J 192 -49.62 20.27 -4.57
CA ALA J 192 -50.94 20.81 -4.87
C ALA J 192 -51.42 21.75 -3.77
N GLN J 193 -51.19 21.38 -2.50
CA GLN J 193 -51.58 22.25 -1.40
C GLN J 193 -50.82 23.56 -1.43
N SER J 194 -49.51 23.51 -1.68
CA SER J 194 -48.72 24.73 -1.75
C SER J 194 -49.18 25.60 -2.92
N ILE J 195 -49.50 24.97 -4.05
CA ILE J 195 -49.96 25.73 -5.22
C ILE J 195 -51.30 26.40 -4.91
N ALA J 196 -52.21 25.67 -4.29
CA ALA J 196 -53.54 26.23 -4.00
C ALA J 196 -53.47 27.31 -2.93
N TYR J 197 -52.51 27.23 -2.02
CA TYR J 197 -52.40 28.21 -0.94
C TYR J 197 -51.65 29.47 -1.39
N ASN J 198 -50.41 29.29 -1.85
CA ASN J 198 -49.57 30.44 -2.21
C ASN J 198 -50.09 31.14 -3.45
N HIS J 199 -50.54 30.39 -4.46
CA HIS J 199 -50.94 30.94 -5.75
C HIS J 199 -52.35 30.49 -6.07
N PRO J 200 -53.36 31.14 -5.48
CA PRO J 200 -54.75 30.75 -5.75
C PRO J 200 -55.28 31.20 -7.11
N ASP J 201 -54.48 31.92 -7.90
CA ASP J 201 -54.94 32.42 -9.18
C ASP J 201 -54.72 31.43 -10.33
N CYS J 202 -53.60 30.70 -10.30
CA CYS J 202 -53.31 29.75 -11.36
C CYS J 202 -54.24 28.55 -11.29
N VAL J 203 -54.67 28.06 -12.45
CA VAL J 203 -55.55 26.91 -12.51
C VAL J 203 -54.72 25.64 -12.27
N LEU J 204 -55.13 24.85 -11.28
CA LEU J 204 -54.43 23.63 -10.91
C LEU J 204 -55.23 22.42 -11.36
N MET J 205 -54.57 21.51 -12.07
CA MET J 205 -55.17 20.28 -12.55
C MET J 205 -54.31 19.12 -12.12
N VAL J 206 -54.91 18.11 -11.49
CA VAL J 206 -54.21 16.93 -11.03
C VAL J 206 -54.70 15.74 -11.86
N LEU J 207 -53.83 15.19 -12.69
CA LEU J 207 -54.18 14.08 -13.55
C LEU J 207 -53.58 12.79 -13.00
N LEU J 208 -54.43 11.78 -12.80
CA LEU J 208 -53.98 10.48 -12.33
C LEU J 208 -54.34 9.42 -13.36
N ILE J 209 -53.36 8.58 -13.71
CA ILE J 209 -53.54 7.52 -14.69
C ILE J 209 -53.51 6.19 -13.95
N ASP J 210 -54.43 5.29 -14.34
CA ASP J 210 -54.59 3.91 -13.86
C ASP J 210 -54.18 3.74 -12.40
N GLU J 211 -54.72 4.59 -11.53
CA GLU J 211 -54.46 4.52 -10.10
C GLU J 211 -55.57 3.73 -9.41
N ARG J 212 -55.21 3.08 -8.31
CA ARG J 212 -56.20 2.30 -7.56
C ARG J 212 -57.28 3.22 -7.00
N PRO J 213 -58.52 2.73 -6.89
CA PRO J 213 -59.65 3.62 -6.58
C PRO J 213 -59.52 4.36 -5.25
N GLU J 214 -58.90 3.75 -4.24
CA GLU J 214 -58.81 4.42 -2.94
C GLU J 214 -57.97 5.69 -3.03
N GLU J 215 -56.85 5.64 -3.74
CA GLU J 215 -56.05 6.84 -3.93
C GLU J 215 -56.79 7.88 -4.74
N VAL J 216 -57.56 7.44 -5.74
CA VAL J 216 -58.32 8.38 -6.56
C VAL J 216 -59.35 9.12 -5.72
N THR J 217 -60.08 8.39 -4.88
CA THR J 217 -61.10 9.02 -4.05
C THR J 217 -60.53 9.81 -2.88
N GLU J 218 -59.33 9.46 -2.40
CA GLU J 218 -58.70 10.26 -1.36
C GLU J 218 -58.11 11.54 -1.93
N MET J 219 -57.63 11.49 -3.18
CA MET J 219 -57.10 12.68 -3.82
C MET J 219 -58.19 13.72 -4.07
N GLN J 220 -59.39 13.27 -4.43
CA GLN J 220 -60.48 14.19 -4.76
C GLN J 220 -60.96 14.98 -3.57
N ARG J 221 -60.68 14.53 -2.35
CA ARG J 221 -61.16 15.19 -1.14
C ARG J 221 -60.03 15.88 -0.37
N LEU J 222 -58.89 16.11 -1.02
CA LEU J 222 -57.76 16.78 -0.38
C LEU J 222 -57.30 18.01 -1.14
N VAL J 223 -57.26 17.96 -2.47
CA VAL J 223 -56.78 19.08 -3.26
C VAL J 223 -57.92 20.07 -3.49
N LYS J 224 -57.56 21.31 -3.81
CA LYS J 224 -58.55 22.36 -4.04
C LYS J 224 -58.96 22.44 -5.50
N GLY J 225 -57.99 22.46 -6.42
CA GLY J 225 -58.31 22.46 -7.82
C GLY J 225 -58.93 21.14 -8.26
N GLU J 226 -59.59 21.19 -9.40
CA GLU J 226 -60.28 20.00 -9.91
C GLU J 226 -59.26 18.91 -10.26
N VAL J 227 -59.60 17.68 -9.92
CA VAL J 227 -58.73 16.53 -10.11
C VAL J 227 -59.44 15.50 -10.96
N VAL J 228 -58.72 14.96 -11.95
CA VAL J 228 -59.26 13.98 -12.88
C VAL J 228 -58.41 12.73 -12.82
N ALA J 229 -59.07 11.57 -12.80
CA ALA J 229 -58.37 10.31 -12.65
C ALA J 229 -59.15 9.20 -13.34
N SER J 230 -58.41 8.23 -13.85
CA SER J 230 -58.97 7.00 -14.40
C SER J 230 -58.29 5.83 -13.73
N THR J 231 -59.08 4.88 -13.24
CA THR J 231 -58.53 3.74 -12.54
C THR J 231 -57.94 2.72 -13.52
N PHE J 232 -57.27 1.72 -12.98
CA PHE J 232 -56.72 0.67 -13.82
C PHE J 232 -57.78 -0.28 -14.35
N ASP J 233 -59.01 -0.19 -13.84
CA ASP J 233 -60.10 -1.02 -14.36
C ASP J 233 -60.40 -0.66 -15.81
N GLU J 234 -60.42 0.63 -16.13
CA GLU J 234 -60.75 1.07 -17.47
C GLU J 234 -59.62 0.71 -18.45
N PRO J 235 -59.93 0.57 -19.74
CA PRO J 235 -58.90 0.21 -20.72
C PRO J 235 -57.95 1.35 -21.01
N ALA J 236 -56.93 1.10 -21.82
CA ALA J 236 -55.95 2.13 -22.16
C ALA J 236 -56.57 3.23 -23.00
N SER J 237 -57.62 2.92 -23.75
CA SER J 237 -58.32 3.96 -24.50
C SER J 237 -58.87 5.03 -23.55
N ARG J 238 -59.38 4.62 -22.39
CA ARG J 238 -59.81 5.58 -21.39
C ARG J 238 -58.66 6.46 -20.93
N HIS J 239 -57.48 5.87 -20.70
CA HIS J 239 -56.33 6.64 -20.24
C HIS J 239 -55.92 7.68 -21.27
N VAL J 240 -55.81 7.27 -22.53
CA VAL J 240 -55.40 8.21 -23.57
C VAL J 240 -56.45 9.28 -23.79
N GLN J 241 -57.74 8.90 -23.68
CA GLN J 241 -58.80 9.89 -23.81
C GLN J 241 -58.73 10.93 -22.71
N VAL J 242 -58.53 10.49 -21.47
CA VAL J 242 -58.44 11.43 -20.35
C VAL J 242 -57.24 12.35 -20.51
N ALA J 243 -56.09 11.78 -20.89
CA ALA J 243 -54.90 12.61 -21.07
C ALA J 243 -55.10 13.63 -22.19
N GLU J 244 -55.69 13.21 -23.31
CA GLU J 244 -55.93 14.15 -24.40
C GLU J 244 -56.90 15.25 -24.00
N MET J 245 -57.97 14.90 -23.29
CA MET J 245 -58.90 15.92 -22.83
C MET J 245 -58.22 16.90 -21.89
N VAL J 246 -57.40 16.40 -20.96
CA VAL J 246 -56.72 17.27 -20.02
C VAL J 246 -55.78 18.22 -20.74
N ILE J 247 -54.99 17.70 -21.68
CA ILE J 247 -54.01 18.55 -22.34
C ILE J 247 -54.69 19.57 -23.24
N GLU J 248 -55.78 19.18 -23.91
CA GLU J 248 -56.51 20.14 -24.73
C GLU J 248 -57.15 21.22 -23.87
N LYS J 249 -57.71 20.85 -22.72
CA LYS J 249 -58.29 21.86 -21.83
C LYS J 249 -57.21 22.82 -21.33
N ALA J 250 -56.04 22.28 -20.97
CA ALA J 250 -54.94 23.14 -20.53
C ALA J 250 -54.50 24.09 -21.62
N LYS J 251 -54.39 23.59 -22.86
CA LYS J 251 -54.01 24.45 -23.97
C LYS J 251 -55.04 25.55 -24.21
N ARG J 252 -56.32 25.19 -24.19
CA ARG J 252 -57.36 26.19 -24.39
C ARG J 252 -57.35 27.24 -23.28
N LEU J 253 -57.11 26.80 -22.04
CA LEU J 253 -57.07 27.75 -20.93
C LEU J 253 -55.88 28.69 -21.05
N VAL J 254 -54.70 28.14 -21.36
CA VAL J 254 -53.50 28.98 -21.46
C VAL J 254 -53.54 29.87 -22.69
N GLU J 255 -54.38 29.53 -23.69
CA GLU J 255 -54.59 30.44 -24.81
C GLU J 255 -55.19 31.77 -24.36
N HIS J 256 -55.89 31.79 -23.23
CA HIS J 256 -56.48 33.01 -22.68
C HIS J 256 -55.57 33.69 -21.66
N LYS J 257 -54.25 33.53 -21.80
CA LYS J 257 -53.28 34.15 -20.91
C LYS J 257 -53.49 33.70 -19.46
N LYS J 258 -53.86 32.45 -19.27
CA LYS J 258 -54.01 31.85 -17.95
C LYS J 258 -52.79 31.00 -17.61
N ASP J 259 -52.60 30.78 -16.32
CA ASP J 259 -51.51 29.94 -15.82
C ASP J 259 -52.10 28.59 -15.42
N VAL J 260 -51.76 27.55 -16.18
CA VAL J 260 -52.28 26.21 -15.97
C VAL J 260 -51.16 25.33 -15.42
N ILE J 261 -51.50 24.52 -14.42
CA ILE J 261 -50.55 23.59 -13.80
C ILE J 261 -51.14 22.19 -13.84
N ILE J 262 -50.34 21.23 -14.29
CA ILE J 262 -50.76 19.84 -14.40
C ILE J 262 -49.81 18.99 -13.57
N LEU J 263 -50.38 18.12 -12.74
CA LEU J 263 -49.63 17.15 -11.97
C LEU J 263 -49.99 15.76 -12.49
N LEU J 264 -49.01 15.07 -13.07
CA LEU J 264 -49.25 13.80 -13.75
C LEU J 264 -48.63 12.66 -12.96
N ASP J 265 -49.44 11.65 -12.68
CA ASP J 265 -49.01 10.45 -11.95
C ASP J 265 -49.68 9.25 -12.61
N SER J 266 -48.96 8.56 -13.48
CA SER J 266 -47.57 8.87 -13.82
C SER J 266 -47.37 8.84 -15.32
N ILE J 267 -46.31 9.48 -15.80
CA ILE J 267 -46.05 9.51 -17.24
C ILE J 267 -45.67 8.13 -17.75
N THR J 268 -45.10 7.28 -16.88
CA THR J 268 -44.72 5.93 -17.30
C THR J 268 -45.95 5.11 -17.68
N ARG J 269 -47.00 5.16 -16.86
CA ARG J 269 -48.19 4.37 -17.15
C ARG J 269 -48.98 4.96 -18.31
N LEU J 270 -48.96 6.29 -18.47
CA LEU J 270 -49.54 6.89 -19.67
C LEU J 270 -48.81 6.43 -20.92
N ALA J 271 -47.48 6.37 -20.86
CA ALA J 271 -46.71 5.85 -21.99
C ALA J 271 -47.04 4.40 -22.26
N ARG J 272 -47.24 3.60 -21.21
CA ARG J 272 -47.63 2.21 -21.40
C ARG J 272 -48.99 2.11 -22.08
N ALA J 273 -49.94 2.94 -21.66
CA ALA J 273 -51.26 2.95 -22.30
C ALA J 273 -51.17 3.33 -23.76
N TYR J 274 -50.37 4.36 -24.07
CA TYR J 274 -50.19 4.74 -25.47
C TYR J 274 -49.52 3.63 -26.26
N ASN J 275 -48.57 2.92 -25.64
CA ASN J 275 -47.93 1.79 -26.29
C ASN J 275 -48.94 0.70 -26.64
N THR J 276 -49.84 0.40 -25.71
CA THR J 276 -50.80 -0.68 -25.92
C THR J 276 -52.07 -0.24 -26.62
N VAL J 277 -52.18 1.03 -27.02
CA VAL J 277 -53.34 1.48 -27.77
C VAL J 277 -53.02 1.77 -29.23
N VAL J 278 -51.81 2.25 -29.55
CA VAL J 278 -51.48 2.66 -30.91
C VAL J 278 -51.22 1.42 -31.77
N PRO J 279 -51.48 1.48 -33.08
CA PRO J 279 -51.13 0.34 -33.95
C PRO J 279 -49.63 0.15 -34.04
N ALA J 280 -49.23 -1.11 -34.24
CA ALA J 280 -47.82 -1.43 -34.34
C ALA J 280 -47.23 -0.84 -35.62
N SER J 281 -46.05 -0.24 -35.48
CA SER J 281 -45.35 0.37 -36.61
C SER J 281 -44.36 -0.57 -37.29
N GLY J 282 -44.25 -1.81 -36.82
CA GLY J 282 -43.32 -2.76 -37.38
C GLY J 282 -41.89 -2.62 -36.89
N LYS J 283 -41.61 -1.67 -36.00
CA LYS J 283 -40.28 -1.47 -35.43
C LYS J 283 -40.44 -1.38 -33.91
N VAL J 284 -40.17 -2.47 -33.22
CA VAL J 284 -40.29 -2.54 -31.77
C VAL J 284 -38.92 -2.42 -31.14
N LEU J 285 -38.81 -1.55 -30.13
CA LEU J 285 -37.56 -1.38 -29.41
C LEU J 285 -37.46 -2.42 -28.29
N THR J 286 -36.39 -2.33 -27.51
CA THR J 286 -36.22 -3.23 -26.39
C THR J 286 -37.28 -2.97 -25.33
N GLY J 287 -37.72 -4.04 -24.66
CA GLY J 287 -38.75 -3.96 -23.65
C GLY J 287 -40.16 -4.05 -24.17
N GLY J 288 -40.36 -4.07 -25.48
CA GLY J 288 -41.68 -4.18 -26.06
C GLY J 288 -42.33 -2.88 -26.48
N VAL J 289 -41.60 -1.78 -26.50
CA VAL J 289 -42.14 -0.48 -26.88
C VAL J 289 -41.94 -0.26 -28.37
N ASP J 290 -42.87 0.48 -28.98
CA ASP J 290 -42.79 0.79 -30.39
C ASP J 290 -42.09 2.13 -30.61
N ALA J 291 -41.68 2.37 -31.85
CA ALA J 291 -41.01 3.62 -32.18
C ALA J 291 -41.96 4.81 -32.05
N ASN J 292 -43.16 4.69 -32.61
CA ASN J 292 -44.14 5.75 -32.56
C ASN J 292 -45.04 5.69 -31.34
N ALA J 293 -44.89 4.66 -30.50
CA ALA J 293 -45.73 4.55 -29.31
C ALA J 293 -45.47 5.70 -28.34
N LEU J 294 -44.21 6.07 -28.16
CA LEU J 294 -43.85 7.13 -27.22
C LEU J 294 -43.96 8.52 -27.82
N HIS J 295 -44.32 8.64 -29.09
CA HIS J 295 -44.41 9.95 -29.72
C HIS J 295 -45.48 10.82 -29.06
N ARG J 296 -46.65 10.24 -28.78
CA ARG J 296 -47.72 11.00 -28.14
C ARG J 296 -47.36 11.44 -26.72
N PRO J 297 -46.85 10.57 -25.83
CA PRO J 297 -46.46 11.06 -24.49
C PRO J 297 -45.39 12.14 -24.54
N LYS J 298 -44.48 12.07 -25.50
CA LYS J 298 -43.49 13.14 -25.64
C LYS J 298 -44.16 14.47 -25.97
N ARG J 299 -45.17 14.44 -26.86
CA ARG J 299 -45.92 15.66 -27.15
C ARG J 299 -46.64 16.17 -25.90
N PHE J 300 -47.25 15.27 -25.14
CA PHE J 300 -47.95 15.67 -23.92
C PHE J 300 -47.00 16.34 -22.94
N PHE J 301 -45.82 15.75 -22.74
CA PHE J 301 -44.87 16.34 -21.80
C PHE J 301 -44.30 17.65 -22.32
N GLY J 302 -43.96 17.72 -23.60
CA GLY J 302 -43.37 18.92 -24.17
C GLY J 302 -44.34 20.03 -24.46
N ALA J 303 -45.64 19.78 -24.28
CA ALA J 303 -46.61 20.86 -24.39
C ALA J 303 -46.39 21.95 -23.34
N ALA J 304 -45.74 21.62 -22.23
CA ALA J 304 -45.48 22.61 -21.20
C ALA J 304 -44.46 23.63 -21.67
N ARG J 305 -44.77 24.91 -21.49
CA ARG J 305 -43.90 25.99 -21.93
C ARG J 305 -44.32 27.27 -21.21
N ASN J 306 -43.49 28.29 -21.35
CA ASN J 306 -43.78 29.63 -20.83
C ASN J 306 -44.04 30.54 -22.02
N VAL J 307 -45.29 30.93 -22.20
CA VAL J 307 -45.69 31.70 -23.38
C VAL J 307 -45.24 33.15 -23.20
N GLU J 308 -44.56 33.67 -24.23
CA GLU J 308 -44.13 35.07 -24.20
C GLU J 308 -45.31 36.02 -24.19
N GLU J 309 -46.34 35.73 -24.98
CA GLU J 309 -47.48 36.63 -25.09
C GLU J 309 -48.21 36.76 -23.76
N GLY J 310 -48.38 35.66 -23.04
CA GLY J 310 -49.07 35.68 -21.77
C GLY J 310 -49.51 34.30 -21.31
N GLY J 311 -49.45 34.06 -20.01
CA GLY J 311 -49.82 32.77 -19.45
C GLY J 311 -48.69 31.77 -19.53
N SER J 312 -48.92 30.62 -18.92
CA SER J 312 -47.91 29.56 -18.90
C SER J 312 -48.59 28.23 -18.65
N LEU J 313 -47.87 27.16 -18.96
CA LEU J 313 -48.35 25.79 -18.75
C LEU J 313 -47.23 25.00 -18.10
N THR J 314 -47.37 24.71 -16.81
CA THR J 314 -46.41 23.93 -16.06
C THR J 314 -46.89 22.49 -15.95
N ILE J 315 -45.97 21.54 -16.12
CA ILE J 315 -46.28 20.12 -16.02
C ILE J 315 -45.26 19.47 -15.11
N ILE J 316 -45.73 18.83 -14.05
CA ILE J 316 -44.90 18.05 -13.14
C ILE J 316 -45.38 16.62 -13.25
N ALA J 317 -44.65 15.80 -14.01
CA ALA J 317 -45.02 14.42 -14.25
C ALA J 317 -44.01 13.51 -13.59
N THR J 318 -44.49 12.56 -12.80
CA THR J 318 -43.60 11.63 -12.11
C THR J 318 -43.31 10.41 -12.99
N ALA J 319 -42.09 9.92 -12.90
CA ALA J 319 -41.64 8.77 -13.67
C ALA J 319 -41.24 7.65 -12.71
N LEU J 320 -41.49 6.41 -13.14
CA LEU J 320 -41.29 5.24 -12.29
C LEU J 320 -40.01 4.53 -12.70
N ILE J 321 -39.17 4.22 -11.70
CA ILE J 321 -37.96 3.46 -11.91
C ILE J 321 -37.90 2.37 -10.85
N ASP J 322 -36.98 1.42 -11.06
CA ASP J 322 -36.79 0.28 -10.16
C ASP J 322 -38.09 -0.50 -9.95
N THR J 323 -38.90 -0.63 -11.01
CA THR J 323 -40.13 -1.39 -10.92
C THR J 323 -39.91 -2.87 -11.16
N GLY J 324 -38.89 -3.23 -11.94
CA GLY J 324 -38.66 -4.59 -12.34
C GLY J 324 -39.08 -4.92 -13.76
N SER J 325 -39.59 -3.95 -14.50
CA SER J 325 -40.02 -4.14 -15.88
C SER J 325 -39.11 -3.35 -16.81
N LYS J 326 -38.72 -3.98 -17.92
CA LYS J 326 -37.86 -3.29 -18.89
C LYS J 326 -38.59 -2.14 -19.56
N MET J 327 -39.91 -2.24 -19.70
CA MET J 327 -40.67 -1.19 -20.38
C MET J 327 -40.57 0.14 -19.63
N ASP J 328 -40.70 0.10 -18.30
CA ASP J 328 -40.59 1.32 -17.51
C ASP J 328 -39.19 1.91 -17.62
N GLU J 329 -38.16 1.06 -17.60
CA GLU J 329 -36.79 1.55 -17.74
C GLU J 329 -36.59 2.22 -19.09
N VAL J 330 -37.12 1.62 -20.17
CA VAL J 330 -36.99 2.22 -21.49
C VAL J 330 -37.72 3.56 -21.55
N ILE J 331 -38.93 3.61 -20.98
CA ILE J 331 -39.70 4.85 -20.99
C ILE J 331 -38.97 5.95 -20.24
N TYR J 332 -38.39 5.61 -19.07
CA TYR J 332 -37.62 6.60 -18.33
C TYR J 332 -36.39 7.03 -19.12
N GLU J 333 -35.75 6.10 -19.82
CA GLU J 333 -34.57 6.44 -20.60
C GLU J 333 -34.91 7.43 -21.71
N GLU J 334 -36.05 7.22 -22.38
CA GLU J 334 -36.43 8.12 -23.46
C GLU J 334 -36.81 9.51 -22.96
N PHE J 335 -37.08 9.65 -21.66
CA PHE J 335 -37.45 10.93 -21.06
C PHE J 335 -36.34 11.56 -20.25
N LYS J 336 -35.16 10.94 -20.19
CA LYS J 336 -34.13 11.39 -19.25
C LYS J 336 -33.65 12.80 -19.58
N GLY J 337 -33.44 13.10 -20.85
CA GLY J 337 -32.94 14.40 -21.24
C GLY J 337 -34.03 15.36 -21.68
N THR J 338 -35.27 15.08 -21.29
CA THR J 338 -36.41 15.84 -21.79
C THR J 338 -36.75 17.02 -20.88
N GLY J 339 -37.08 16.75 -19.62
CA GLY J 339 -37.51 17.82 -18.74
C GLY J 339 -36.37 18.73 -18.31
N ASN J 340 -36.74 19.96 -17.97
CA ASN J 340 -35.78 20.95 -17.49
C ASN J 340 -35.71 21.00 -15.97
N MET J 341 -36.45 20.16 -15.26
CA MET J 341 -36.32 20.05 -13.81
C MET J 341 -36.49 18.60 -13.42
N GLU J 342 -35.63 18.13 -12.51
CA GLU J 342 -35.67 16.75 -12.06
C GLU J 342 -35.63 16.71 -10.54
N LEU J 343 -36.46 15.84 -9.97
CA LEU J 343 -36.50 15.60 -8.53
C LEU J 343 -36.37 14.10 -8.32
N HIS J 344 -35.22 13.67 -7.79
CA HIS J 344 -34.92 12.25 -7.63
C HIS J 344 -35.21 11.83 -6.21
N LEU J 345 -36.07 10.82 -6.06
CA LEU J 345 -36.37 10.24 -4.76
C LEU J 345 -35.65 8.91 -4.62
N SER J 346 -35.04 8.69 -3.46
CA SER J 346 -34.22 7.51 -3.22
C SER J 346 -34.95 6.56 -2.26
N ARG J 347 -34.96 5.27 -2.61
CA ARG J 347 -35.60 4.27 -1.77
C ARG J 347 -34.86 4.10 -0.45
N LYS J 348 -33.53 4.24 -0.46
CA LYS J 348 -32.74 4.02 0.76
C LYS J 348 -33.14 4.99 1.86
N ILE J 349 -33.33 6.26 1.52
CA ILE J 349 -33.76 7.24 2.53
C ILE J 349 -35.17 6.90 3.00
N ALA J 350 -36.06 6.54 2.08
CA ALA J 350 -37.44 6.22 2.46
C ALA J 350 -37.53 5.00 3.36
N GLU J 351 -36.56 4.09 3.30
CA GLU J 351 -36.57 2.91 4.15
C GLU J 351 -36.18 3.22 5.59
N LYS J 352 -35.73 4.43 5.89
CA LYS J 352 -35.27 4.79 7.23
C LYS J 352 -36.16 5.84 7.88
N ARG J 353 -37.43 5.88 7.49
CA ARG J 353 -38.45 6.79 8.00
C ARG J 353 -38.19 8.25 7.67
N VAL J 354 -37.09 8.57 7.00
CA VAL J 354 -36.74 9.96 6.71
C VAL J 354 -37.51 10.41 5.48
N PHE J 355 -38.42 11.36 5.66
CA PHE J 355 -39.23 11.87 4.56
C PHE J 355 -39.23 13.39 4.58
N PRO J 356 -39.30 14.01 3.39
CA PRO J 356 -39.36 13.41 2.06
C PRO J 356 -38.04 12.82 1.62
N ALA J 357 -38.06 11.61 1.06
CA ALA J 357 -36.83 10.94 0.60
C ALA J 357 -36.44 11.56 -0.72
N ILE J 358 -35.55 12.55 -0.68
CA ILE J 358 -35.12 13.29 -1.86
C ILE J 358 -33.62 13.14 -2.01
N ASP J 359 -33.19 12.66 -3.17
CA ASP J 359 -31.76 12.60 -3.51
C ASP J 359 -31.32 14.02 -3.84
N TYR J 360 -30.77 14.71 -2.83
CA TYR J 360 -30.44 16.12 -3.00
C TYR J 360 -29.38 16.33 -4.06
N ASN J 361 -28.34 15.50 -4.07
CA ASN J 361 -27.24 15.69 -5.01
C ASN J 361 -27.69 15.52 -6.45
N ARG J 362 -28.52 14.51 -6.73
CA ARG J 362 -28.96 14.26 -8.09
C ARG J 362 -30.03 15.25 -8.54
N SER J 363 -30.85 15.74 -7.61
CA SER J 363 -31.90 16.68 -7.97
C SER J 363 -31.33 18.05 -8.30
N GLY J 364 -32.06 18.80 -9.12
CA GLY J 364 -31.64 20.13 -9.49
C GLY J 364 -32.52 20.68 -10.58
N THR J 365 -32.25 21.94 -10.92
CA THR J 365 -32.96 22.66 -11.96
C THR J 365 -31.95 23.37 -12.86
N ARG J 366 -32.24 23.40 -14.16
CA ARG J 366 -31.36 24.02 -15.13
C ARG J 366 -31.82 25.45 -15.41
N LYS J 367 -30.85 26.35 -15.59
CA LYS J 367 -31.11 27.77 -15.79
C LYS J 367 -32.03 28.32 -14.70
N GLU J 368 -31.66 28.05 -13.45
CA GLU J 368 -32.40 28.57 -12.31
C GLU J 368 -32.10 30.04 -12.03
N GLU J 369 -31.08 30.61 -12.68
CA GLU J 369 -30.73 32.00 -12.43
C GLU J 369 -31.88 32.93 -12.77
N LEU J 370 -32.61 32.64 -13.84
CA LEU J 370 -33.76 33.47 -14.21
C LEU J 370 -34.94 33.30 -13.27
N LEU J 371 -34.92 32.28 -12.40
CA LEU J 371 -36.05 31.98 -11.54
C LEU J 371 -35.90 32.49 -10.13
N THR J 372 -34.80 33.17 -9.81
CA THR J 372 -34.56 33.53 -8.42
C THR J 372 -33.62 34.73 -8.35
N THR J 373 -33.63 35.39 -7.20
CA THR J 373 -32.70 36.46 -6.93
C THR J 373 -31.30 35.90 -6.69
N GLN J 374 -30.29 36.73 -6.90
CA GLN J 374 -28.91 36.25 -6.88
C GLN J 374 -28.45 35.91 -5.47
N GLU J 375 -28.77 36.75 -4.48
CA GLU J 375 -28.24 36.54 -3.14
C GLU J 375 -28.64 35.18 -2.57
N GLU J 376 -29.94 34.86 -2.65
CA GLU J 376 -30.35 33.52 -2.25
C GLU J 376 -29.79 32.47 -3.19
N LEU J 377 -29.36 32.86 -4.39
CA LEU J 377 -28.73 31.89 -5.28
C LEU J 377 -27.37 31.46 -4.76
N GLN J 378 -26.52 32.40 -4.31
CA GLN J 378 -25.28 31.89 -3.72
C GLN J 378 -25.53 31.30 -2.34
N LYS J 379 -26.62 31.69 -1.66
CA LYS J 379 -26.97 30.97 -0.44
C LYS J 379 -27.24 29.50 -0.73
N MET J 380 -28.04 29.22 -1.75
CA MET J 380 -28.31 27.84 -2.16
C MET J 380 -27.04 27.16 -2.63
N TRP J 381 -26.16 27.89 -3.32
CA TRP J 381 -24.91 27.31 -3.79
C TRP J 381 -24.02 26.90 -2.63
N ILE J 382 -23.94 27.74 -1.59
CA ILE J 382 -23.17 27.39 -0.40
C ILE J 382 -23.78 26.17 0.28
N LEU J 383 -25.12 26.14 0.38
CA LEU J 383 -25.78 24.98 0.98
C LEU J 383 -25.48 23.71 0.20
N ARG J 384 -25.52 23.80 -1.13
CA ARG J 384 -25.23 22.64 -1.97
C ARG J 384 -23.77 22.20 -1.82
N LYS J 385 -22.85 23.15 -1.72
CA LYS J 385 -21.45 22.81 -1.51
C LYS J 385 -21.25 22.11 -0.17
N ILE J 386 -21.96 22.57 0.86
CA ILE J 386 -21.87 21.92 2.17
C ILE J 386 -22.42 20.50 2.10
N ILE J 387 -23.57 20.32 1.45
CA ILE J 387 -24.23 19.02 1.46
C ILE J 387 -23.56 18.01 0.53
N HIS J 388 -22.92 18.48 -0.54
CA HIS J 388 -22.44 17.59 -1.60
C HIS J 388 -21.56 16.44 -1.11
N PRO J 389 -20.56 16.65 -0.25
CA PRO J 389 -19.77 15.49 0.22
C PRO J 389 -20.58 14.45 0.98
N MET J 390 -21.64 14.86 1.67
CA MET J 390 -22.37 13.95 2.53
C MET J 390 -23.15 12.93 1.70
N GLY J 391 -23.38 11.77 2.31
CA GLY J 391 -24.20 10.74 1.69
C GLY J 391 -25.67 11.11 1.71
N GLU J 392 -26.45 10.36 0.92
CA GLU J 392 -27.86 10.71 0.71
C GLU J 392 -28.63 10.71 2.03
N ILE J 393 -28.54 9.61 2.78
CA ILE J 393 -29.28 9.54 4.05
C ILE J 393 -28.77 10.58 5.03
N ASP J 394 -27.44 10.71 5.14
CA ASP J 394 -26.87 11.70 6.04
C ASP J 394 -27.25 13.11 5.62
N ALA J 395 -27.20 13.40 4.31
CA ALA J 395 -27.57 14.73 3.83
C ALA J 395 -29.03 15.03 4.15
N MET J 396 -29.92 14.07 3.93
CA MET J 396 -31.34 14.32 4.15
C MET J 396 -31.64 14.50 5.64
N GLU J 397 -31.03 13.69 6.51
CA GLU J 397 -31.27 13.86 7.93
C GLU J 397 -30.69 15.17 8.44
N PHE J 398 -29.53 15.57 7.91
CA PHE J 398 -28.95 16.87 8.29
C PHE J 398 -29.87 18.00 7.86
N LEU J 399 -30.40 17.94 6.64
CA LEU J 399 -31.33 18.98 6.19
C LEU J 399 -32.57 19.00 7.07
N ILE J 400 -33.11 17.83 7.41
CA ILE J 400 -34.33 17.77 8.21
C ILE J 400 -34.11 18.36 9.59
N ASN J 401 -33.06 17.94 10.29
CA ASN J 401 -32.89 18.42 11.65
C ASN J 401 -32.32 19.83 11.71
N LYS J 402 -31.76 20.35 10.61
CA LYS J 402 -31.45 21.77 10.56
C LYS J 402 -32.70 22.61 10.30
N LEU J 403 -33.60 22.12 9.45
CA LEU J 403 -34.81 22.87 9.14
C LEU J 403 -35.84 22.80 10.27
N ALA J 404 -35.77 21.77 11.12
CA ALA J 404 -36.75 21.63 12.20
C ALA J 404 -36.65 22.78 13.20
N MET J 405 -35.43 23.19 13.54
CA MET J 405 -35.24 24.23 14.54
C MET J 405 -35.49 25.64 14.02
N THR J 406 -35.67 25.81 12.72
CA THR J 406 -35.96 27.11 12.14
C THR J 406 -37.44 27.21 11.81
N LYS J 407 -37.84 28.36 11.25
CA LYS J 407 -39.23 28.59 10.88
C LYS J 407 -39.41 28.80 9.39
N THR J 408 -38.55 29.61 8.77
CA THR J 408 -38.64 29.89 7.34
C THR J 408 -37.28 29.63 6.69
N ASN J 409 -37.28 29.64 5.35
CA ASN J 409 -36.05 29.35 4.62
C ASN J 409 -34.98 30.41 4.87
N ASP J 410 -35.37 31.68 4.91
CA ASP J 410 -34.40 32.75 5.13
C ASP J 410 -33.73 32.60 6.50
N ASP J 411 -34.49 32.21 7.52
CA ASP J 411 -33.90 31.93 8.82
C ASP J 411 -32.92 30.77 8.74
N PHE J 412 -33.24 29.76 7.92
CA PHE J 412 -32.33 28.64 7.74
C PHE J 412 -31.01 29.09 7.11
N PHE J 413 -31.09 29.93 6.08
CA PHE J 413 -29.86 30.44 5.47
C PHE J 413 -29.08 31.32 6.43
N GLU J 414 -29.78 32.11 7.24
CA GLU J 414 -29.12 32.92 8.26
C GLU J 414 -28.37 32.05 9.24
N MET J 415 -29.00 30.95 9.69
CA MET J 415 -28.32 30.03 10.59
C MET J 415 -27.12 29.37 9.93
N MET J 416 -27.27 28.99 8.65
CA MET J 416 -26.17 28.34 7.95
C MET J 416 -24.96 29.28 7.81
N LYS J 417 -25.21 30.53 7.43
CA LYS J 417 -24.10 31.45 7.26
C LYS J 417 -23.54 31.92 8.60
N ARG J 418 -24.35 31.91 9.65
CA ARG J 418 -23.86 32.31 10.98
C ARG J 418 -22.82 31.31 11.49
N SER J 419 -23.04 30.03 11.28
CA SER J 419 -22.10 29.01 11.73
C SER J 419 -20.88 28.94 10.81
N MET K 1 -90.37 -29.76 -0.23
CA MET K 1 -89.24 -29.45 0.64
C MET K 1 -88.32 -28.42 0.01
N ASN K 2 -87.27 -28.04 0.73
CA ASN K 2 -86.32 -27.07 0.22
C ASN K 2 -85.40 -27.72 -0.81
N LEU K 3 -85.00 -26.92 -1.80
CA LEU K 3 -84.08 -27.42 -2.82
C LEU K 3 -82.67 -27.53 -2.29
N THR K 4 -82.26 -26.62 -1.42
CA THR K 4 -80.90 -26.65 -0.88
C THR K 4 -80.66 -27.88 -0.02
N GLU K 5 -81.64 -28.26 0.80
CA GLU K 5 -81.47 -29.45 1.62
C GLU K 5 -81.48 -30.72 0.79
N LEU K 6 -82.21 -30.72 -0.33
CA LEU K 6 -82.12 -31.83 -1.27
C LEU K 6 -80.73 -31.89 -1.90
N LYS K 7 -80.17 -30.73 -2.26
CA LYS K 7 -78.86 -30.72 -2.91
C LYS K 7 -77.74 -31.09 -1.96
N ASN K 8 -77.88 -30.76 -0.66
CA ASN K 8 -76.83 -31.07 0.29
C ASN K 8 -76.67 -32.56 0.51
N THR K 9 -77.78 -33.30 0.49
CA THR K 9 -77.71 -34.74 0.74
C THR K 9 -76.99 -35.44 -0.40
N PRO K 10 -76.04 -36.34 -0.10
CA PRO K 10 -75.39 -37.11 -1.16
C PRO K 10 -76.33 -38.06 -1.89
N VAL K 11 -75.77 -38.80 -2.86
CA VAL K 11 -76.58 -39.56 -3.81
C VAL K 11 -77.30 -40.72 -3.14
N SER K 12 -76.73 -41.29 -2.07
CA SER K 12 -77.27 -42.53 -1.52
C SER K 12 -78.70 -42.36 -1.02
N GLU K 13 -78.93 -41.36 -0.16
CA GLU K 13 -80.30 -41.17 0.31
C GLU K 13 -81.18 -40.49 -0.73
N LEU K 14 -80.60 -39.87 -1.75
CA LEU K 14 -81.42 -39.48 -2.90
C LEU K 14 -82.01 -40.70 -3.60
N ILE K 15 -81.19 -41.74 -3.79
CA ILE K 15 -81.68 -43.00 -4.32
C ILE K 15 -82.72 -43.60 -3.39
N THR K 16 -82.46 -43.54 -2.08
CA THR K 16 -83.40 -44.07 -1.10
C THR K 16 -84.75 -43.36 -1.18
N LEU K 17 -84.74 -42.04 -1.28
CA LEU K 17 -85.98 -41.28 -1.40
C LEU K 17 -86.69 -41.58 -2.71
N GLY K 18 -85.93 -41.72 -3.81
CA GLY K 18 -86.55 -42.10 -5.07
C GLY K 18 -87.24 -43.44 -4.99
N GLU K 19 -86.63 -44.40 -4.28
CA GLU K 19 -87.27 -45.70 -4.08
C GLU K 19 -88.51 -45.59 -3.20
N ASN K 20 -88.40 -44.83 -2.11
CA ASN K 20 -89.53 -44.72 -1.18
C ASN K 20 -90.72 -44.08 -1.86
N MET K 21 -90.46 -43.09 -2.71
CA MET K 21 -91.43 -42.18 -3.30
C MET K 21 -91.98 -42.68 -4.65
N GLY K 22 -91.63 -43.90 -5.04
CA GLY K 22 -92.26 -44.55 -6.18
C GLY K 22 -91.78 -44.13 -7.56
N LEU K 23 -90.48 -43.89 -7.73
CA LEU K 23 -89.92 -43.59 -9.03
C LEU K 23 -89.28 -44.82 -9.63
N GLU K 24 -89.36 -44.93 -10.96
CA GLU K 24 -89.07 -46.17 -11.67
C GLU K 24 -87.60 -46.58 -11.60
N ASN K 25 -86.69 -45.75 -12.12
CA ASN K 25 -85.27 -46.10 -12.16
C ASN K 25 -84.45 -44.82 -12.31
N LEU K 26 -83.85 -44.36 -11.21
CA LEU K 26 -83.07 -43.14 -11.21
C LEU K 26 -81.66 -43.35 -10.68
N ALA K 27 -81.20 -44.61 -10.60
CA ALA K 27 -79.85 -44.88 -10.10
C ALA K 27 -78.79 -44.48 -11.12
N ARG K 28 -79.00 -44.82 -12.39
CA ARG K 28 -78.01 -44.53 -13.44
C ARG K 28 -78.40 -43.26 -14.20
N MET K 29 -78.38 -42.14 -13.48
CA MET K 29 -78.65 -40.84 -14.06
C MET K 29 -78.08 -39.78 -13.13
N ARG K 30 -77.82 -38.61 -13.68
CA ARG K 30 -77.01 -37.61 -12.97
C ARG K 30 -77.76 -37.04 -11.76
N LYS K 31 -76.97 -36.52 -10.82
CA LYS K 31 -77.54 -36.00 -9.57
C LYS K 31 -78.51 -34.86 -9.83
N GLN K 32 -78.15 -33.94 -10.73
CA GLN K 32 -79.06 -32.87 -11.10
C GLN K 32 -80.35 -33.44 -11.67
N ASP K 33 -80.22 -34.45 -12.53
CA ASP K 33 -81.39 -35.09 -13.12
C ASP K 33 -82.20 -35.86 -12.08
N ILE K 34 -81.53 -36.48 -11.10
CA ILE K 34 -82.24 -37.14 -10.02
C ILE K 34 -83.07 -36.13 -9.25
N ILE K 35 -82.48 -34.98 -8.93
CA ILE K 35 -83.20 -33.95 -8.18
C ILE K 35 -84.38 -33.43 -8.99
N PHE K 36 -84.18 -33.23 -10.29
CA PHE K 36 -85.28 -32.79 -11.15
C PHE K 36 -86.41 -33.82 -11.16
N ALA K 37 -86.06 -35.11 -11.27
CA ALA K 37 -87.09 -36.14 -11.29
C ALA K 37 -87.85 -36.21 -9.98
N ILE K 38 -87.13 -36.08 -8.86
CA ILE K 38 -87.80 -36.09 -7.55
C ILE K 38 -88.74 -34.91 -7.42
N LEU K 39 -88.29 -33.72 -7.85
CA LEU K 39 -89.14 -32.53 -7.76
C LEU K 39 -90.38 -32.70 -8.64
N LYS K 40 -90.21 -33.23 -9.85
CA LYS K 40 -91.35 -33.45 -10.73
C LYS K 40 -92.33 -34.45 -10.14
N GLN K 41 -91.83 -35.55 -9.58
CA GLN K 41 -92.72 -36.55 -9.00
C GLN K 41 -93.45 -36.00 -7.78
N HIS K 42 -92.80 -35.11 -7.04
CA HIS K 42 -93.45 -34.49 -5.88
C HIS K 42 -94.48 -33.46 -6.33
N ALA K 43 -94.27 -32.85 -7.51
CA ALA K 43 -95.14 -31.77 -7.96
C ALA K 43 -96.59 -32.23 -8.10
N LYS K 44 -96.81 -33.46 -8.59
CA LYS K 44 -98.17 -33.95 -8.76
C LYS K 44 -98.89 -34.15 -7.43
N SER K 45 -98.15 -34.22 -6.32
CA SER K 45 -98.80 -34.38 -5.03
C SER K 45 -99.54 -33.11 -4.61
N GLY K 46 -99.12 -31.95 -5.13
CA GLY K 46 -99.79 -30.70 -4.86
C GLY K 46 -99.28 -29.91 -3.68
N GLU K 47 -98.23 -30.37 -3.00
CA GLU K 47 -97.69 -29.64 -1.86
C GLU K 47 -96.80 -28.49 -2.34
N ASP K 48 -96.55 -27.54 -1.43
CA ASP K 48 -95.72 -26.39 -1.71
C ASP K 48 -94.26 -26.70 -1.40
N ILE K 49 -93.37 -26.29 -2.30
CA ILE K 49 -91.94 -26.57 -2.19
C ILE K 49 -91.18 -25.25 -2.26
N PHE K 50 -90.22 -25.09 -1.35
CA PHE K 50 -89.39 -23.89 -1.30
C PHE K 50 -88.33 -23.92 -2.40
N GLY K 51 -87.76 -22.76 -2.67
CA GLY K 51 -86.64 -22.67 -3.58
C GLY K 51 -85.86 -21.40 -3.31
N ASP K 52 -84.60 -21.40 -3.74
CA ASP K 52 -83.72 -20.27 -3.49
C ASP K 52 -82.46 -20.42 -4.34
N GLY K 53 -81.75 -19.31 -4.49
CA GLY K 53 -80.48 -19.33 -5.18
C GLY K 53 -80.12 -17.97 -5.73
N VAL K 54 -79.04 -17.94 -6.50
CA VAL K 54 -78.47 -16.73 -7.06
C VAL K 54 -79.00 -16.52 -8.46
N LEU K 55 -79.37 -15.29 -8.78
CA LEU K 55 -80.00 -14.95 -10.05
C LEU K 55 -78.94 -14.63 -11.11
N GLU K 56 -79.30 -14.91 -12.37
CA GLU K 56 -78.45 -14.60 -13.51
C GLU K 56 -79.33 -14.18 -14.66
N ILE K 57 -79.10 -12.98 -15.19
CA ILE K 57 -79.88 -12.44 -16.30
C ILE K 57 -79.09 -12.63 -17.58
N LEU K 58 -79.71 -13.25 -18.58
CA LEU K 58 -79.08 -13.47 -19.87
C LEU K 58 -79.19 -12.19 -20.72
N GLN K 59 -78.86 -12.30 -22.00
CA GLN K 59 -78.85 -11.12 -22.87
C GLN K 59 -80.24 -10.62 -23.23
N ASP K 60 -81.30 -11.38 -22.89
CA ASP K 60 -82.65 -11.01 -23.25
C ASP K 60 -83.60 -11.10 -22.06
N GLY K 61 -83.09 -10.86 -20.84
CA GLY K 61 -83.92 -10.94 -19.66
C GLY K 61 -84.41 -12.32 -19.33
N PHE K 62 -83.88 -13.35 -19.98
CA PHE K 62 -84.31 -14.74 -19.78
C PHE K 62 -83.65 -15.23 -18.49
N GLY K 63 -84.29 -14.95 -17.37
CA GLY K 63 -83.63 -15.10 -16.08
C GLY K 63 -83.51 -16.55 -15.64
N PHE K 64 -82.35 -16.88 -15.08
CA PHE K 64 -82.12 -18.19 -14.49
C PHE K 64 -81.74 -18.02 -13.02
N LEU K 65 -81.91 -19.09 -12.26
CA LEU K 65 -81.57 -19.09 -10.84
C LEU K 65 -80.78 -20.37 -10.56
N ARG K 66 -79.52 -20.19 -10.18
CA ARG K 66 -78.59 -21.29 -9.93
C ARG K 66 -78.31 -21.38 -8.44
N SER K 67 -77.49 -22.37 -8.06
CA SER K 67 -77.13 -22.59 -6.67
C SER K 67 -75.63 -22.77 -6.53
N ALA K 68 -75.11 -22.36 -5.38
CA ALA K 68 -73.67 -22.46 -5.11
C ALA K 68 -73.24 -23.89 -4.80
N ASP K 69 -74.16 -24.77 -4.40
CA ASP K 69 -73.80 -26.15 -4.14
C ASP K 69 -73.31 -26.84 -5.41
N SER K 70 -73.97 -26.56 -6.53
CA SER K 70 -73.59 -27.10 -7.83
C SER K 70 -72.56 -26.25 -8.56
N SER K 71 -71.96 -25.28 -7.88
CA SER K 71 -70.99 -24.37 -8.48
C SER K 71 -71.58 -23.62 -9.68
N TYR K 72 -72.86 -23.24 -9.56
CA TYR K 72 -73.56 -22.45 -10.56
C TYR K 72 -73.58 -23.12 -11.92
N LEU K 73 -73.65 -24.44 -11.94
CA LEU K 73 -73.74 -25.17 -13.19
C LEU K 73 -75.13 -25.03 -13.79
N ALA K 74 -75.19 -24.93 -15.12
CA ALA K 74 -76.46 -24.80 -15.83
C ALA K 74 -77.13 -26.16 -15.85
N GLY K 75 -77.86 -26.47 -14.78
CA GLY K 75 -78.53 -27.74 -14.64
C GLY K 75 -79.99 -27.67 -15.00
N PRO K 76 -80.60 -28.83 -15.25
CA PRO K 76 -82.04 -28.85 -15.58
C PRO K 76 -82.94 -28.37 -14.47
N ASP K 77 -82.46 -28.35 -13.23
CA ASP K 77 -83.25 -27.92 -12.09
C ASP K 77 -83.10 -26.44 -11.78
N ASP K 78 -82.35 -25.70 -12.60
CA ASP K 78 -82.22 -24.26 -12.40
C ASP K 78 -83.58 -23.60 -12.53
N ILE K 79 -83.85 -22.64 -11.64
CA ILE K 79 -85.20 -22.08 -11.53
C ILE K 79 -85.38 -20.99 -12.57
N TYR K 80 -86.43 -21.10 -13.36
CA TYR K 80 -86.75 -20.08 -14.36
C TYR K 80 -87.26 -18.81 -13.68
N VAL K 81 -86.89 -17.67 -14.27
CA VAL K 81 -87.33 -16.36 -13.79
C VAL K 81 -87.66 -15.52 -15.02
N SER K 82 -88.95 -15.23 -15.21
CA SER K 82 -89.40 -14.44 -16.35
C SER K 82 -89.01 -12.97 -16.15
N PRO K 83 -88.92 -12.21 -17.25
CA PRO K 83 -88.59 -10.78 -17.13
C PRO K 83 -89.63 -9.98 -16.37
N SER K 84 -90.86 -10.48 -16.25
CA SER K 84 -91.92 -9.70 -15.61
C SER K 84 -91.59 -9.41 -14.16
N GLN K 85 -91.26 -10.45 -13.38
CA GLN K 85 -90.92 -10.21 -11.98
C GLN K 85 -89.53 -9.59 -11.83
N ILE K 86 -88.64 -9.78 -12.81
CA ILE K 86 -87.37 -9.08 -12.80
C ILE K 86 -87.60 -7.57 -12.84
N ARG K 87 -88.50 -7.13 -13.72
CA ARG K 87 -88.83 -5.70 -13.78
C ARG K 87 -89.63 -5.28 -12.55
N ARG K 88 -90.50 -6.16 -12.05
CA ARG K 88 -91.32 -5.81 -10.90
C ARG K 88 -90.49 -5.56 -9.65
N PHE K 89 -89.51 -6.42 -9.37
CA PHE K 89 -88.70 -6.30 -8.18
C PHE K 89 -87.35 -5.62 -8.41
N ASN K 90 -87.08 -5.19 -9.63
CA ASN K 90 -85.82 -4.50 -9.98
C ASN K 90 -84.61 -5.34 -9.57
N LEU K 91 -84.66 -6.63 -9.91
CA LEU K 91 -83.59 -7.55 -9.56
C LEU K 91 -82.44 -7.44 -10.56
N ARG K 92 -81.24 -7.76 -10.08
CA ARG K 92 -80.04 -7.75 -10.89
C ARG K 92 -79.26 -9.04 -10.65
N THR K 93 -78.22 -9.24 -11.45
CA THR K 93 -77.40 -10.44 -11.33
C THR K 93 -76.71 -10.47 -9.97
N GLY K 94 -76.64 -11.66 -9.38
CA GLY K 94 -76.06 -11.83 -8.07
C GLY K 94 -77.03 -11.73 -6.92
N ASP K 95 -78.28 -11.39 -7.18
CA ASP K 95 -79.28 -11.31 -6.12
C ASP K 95 -79.60 -12.71 -5.58
N THR K 96 -79.78 -12.79 -4.26
CA THR K 96 -80.13 -14.04 -3.60
C THR K 96 -81.64 -14.07 -3.41
N ILE K 97 -82.32 -14.84 -4.26
CA ILE K 97 -83.78 -14.92 -4.25
C ILE K 97 -84.20 -16.18 -3.51
N SER K 98 -85.34 -16.10 -2.83
CA SER K 98 -85.90 -17.27 -2.17
C SER K 98 -87.41 -17.11 -2.05
N GLY K 99 -88.13 -18.20 -2.25
CA GLY K 99 -89.58 -18.19 -2.12
C GLY K 99 -90.20 -19.43 -2.74
N LYS K 100 -91.49 -19.32 -3.03
CA LYS K 100 -92.22 -20.40 -3.70
C LYS K 100 -91.71 -20.59 -5.13
N ILE K 101 -91.85 -21.81 -5.63
CA ILE K 101 -91.46 -22.16 -6.99
C ILE K 101 -92.59 -22.94 -7.66
N ARG K 102 -92.85 -22.63 -8.93
CA ARG K 102 -93.92 -23.25 -9.70
C ARG K 102 -93.41 -24.48 -10.43
N PRO K 103 -94.06 -25.63 -10.28
CA PRO K 103 -93.69 -26.80 -11.08
C PRO K 103 -93.93 -26.53 -12.56
N PRO K 104 -93.06 -27.04 -13.42
CA PRO K 104 -93.23 -26.79 -14.86
C PRO K 104 -94.45 -27.49 -15.41
N LYS K 105 -95.06 -26.88 -16.43
CA LYS K 105 -96.17 -27.45 -17.17
C LYS K 105 -95.74 -27.68 -18.62
N GLU K 106 -96.70 -28.09 -19.44
CA GLU K 106 -96.42 -28.32 -20.85
C GLU K 106 -95.98 -27.03 -21.53
N GLY K 107 -94.94 -27.13 -22.36
CA GLY K 107 -94.38 -26.00 -23.05
C GLY K 107 -93.09 -25.47 -22.46
N GLU K 108 -92.78 -25.83 -21.20
CA GLU K 108 -91.53 -25.43 -20.57
C GLU K 108 -90.98 -26.60 -19.78
N ARG K 109 -89.67 -26.58 -19.54
CA ARG K 109 -88.98 -27.65 -18.84
C ARG K 109 -88.20 -27.16 -17.63
N TYR K 110 -88.56 -25.99 -17.10
CA TYR K 110 -87.84 -25.38 -15.98
C TYR K 110 -88.83 -24.96 -14.90
N PHE K 111 -88.45 -25.18 -13.65
CA PHE K 111 -89.28 -24.78 -12.52
C PHE K 111 -89.38 -23.27 -12.47
N ALA K 112 -90.59 -22.75 -12.63
CA ALA K 112 -90.81 -21.32 -12.57
C ALA K 112 -90.88 -20.84 -11.12
N LEU K 113 -90.81 -19.53 -10.95
CA LEU K 113 -90.85 -18.91 -9.63
C LEU K 113 -92.25 -18.39 -9.37
N LEU K 114 -92.91 -18.93 -8.33
CA LEU K 114 -94.26 -18.48 -8.00
C LEU K 114 -94.24 -17.11 -7.36
N LYS K 115 -93.60 -16.99 -6.20
CA LYS K 115 -93.53 -15.72 -5.49
C LYS K 115 -92.31 -15.73 -4.58
N VAL K 116 -91.59 -14.63 -4.58
CA VAL K 116 -90.40 -14.46 -3.75
C VAL K 116 -90.81 -13.97 -2.37
N ASN K 117 -90.25 -14.58 -1.33
CA ASN K 117 -90.45 -14.11 0.03
C ASN K 117 -89.20 -13.54 0.67
N GLU K 118 -88.03 -13.63 0.01
CA GLU K 118 -86.84 -13.00 0.54
C GLU K 118 -85.87 -12.71 -0.60
N VAL K 119 -85.24 -11.53 -0.54
CA VAL K 119 -84.23 -11.11 -1.51
C VAL K 119 -83.01 -10.65 -0.73
N ASN K 120 -81.85 -11.24 -1.02
CA ASN K 120 -80.59 -10.90 -0.36
C ASN K 120 -80.72 -11.02 1.15
N PHE K 121 -81.43 -12.05 1.61
CA PHE K 121 -81.70 -12.27 3.03
C PHE K 121 -82.36 -11.04 3.65
N ASP K 122 -83.28 -10.44 2.91
CA ASP K 122 -83.94 -9.22 3.34
C ASP K 122 -85.33 -9.16 2.72
N LYS K 123 -86.15 -8.24 3.24
CA LYS K 123 -87.50 -8.07 2.74
C LYS K 123 -87.45 -7.64 1.27
N PRO K 124 -88.33 -8.18 0.42
CA PRO K 124 -88.23 -7.90 -1.02
C PRO K 124 -88.29 -6.42 -1.37
N GLU K 125 -89.13 -5.64 -0.69
CA GLU K 125 -89.21 -4.21 -0.98
C GLU K 125 -88.18 -3.38 -0.22
N ASN K 126 -87.45 -3.97 0.72
CA ASN K 126 -86.34 -3.27 1.35
C ASN K 126 -85.05 -3.40 0.56
N ALA K 127 -85.00 -4.29 -0.43
CA ALA K 127 -83.81 -4.45 -1.26
C ALA K 127 -83.82 -3.55 -2.48
N ARG K 128 -84.99 -3.08 -2.92
CA ARG K 128 -85.05 -2.18 -4.06
C ARG K 128 -84.42 -0.82 -3.75
N ASN K 129 -84.53 -0.37 -2.50
CA ASN K 129 -83.97 0.92 -2.09
C ASN K 129 -82.54 0.76 -1.56
N LYS K 130 -81.70 0.19 -2.42
CA LYS K 130 -80.29 -0.03 -2.09
C LYS K 130 -79.42 0.63 -3.15
N ILE K 131 -78.40 1.35 -2.69
CA ILE K 131 -77.50 2.04 -3.61
C ILE K 131 -76.68 1.03 -4.40
N LEU K 132 -76.42 1.33 -5.66
CA LEU K 132 -75.60 0.46 -6.50
C LEU K 132 -74.16 0.48 -6.02
N PHE K 133 -73.45 -0.61 -6.32
CA PHE K 133 -72.07 -0.76 -5.85
C PHE K 133 -71.16 0.31 -6.46
N GLU K 134 -71.35 0.62 -7.74
CA GLU K 134 -70.49 1.59 -8.40
C GLU K 134 -70.65 2.99 -7.82
N ASN K 135 -71.84 3.32 -7.33
CA ASN K 135 -72.07 4.65 -6.77
C ASN K 135 -71.44 4.83 -5.40
N LEU K 136 -71.08 3.75 -4.72
CA LEU K 136 -70.47 3.86 -3.41
C LEU K 136 -69.06 4.42 -3.52
N THR K 137 -68.67 5.22 -2.53
CA THR K 137 -67.36 5.86 -2.53
C THR K 137 -66.35 4.96 -1.84
N PRO K 138 -65.25 4.61 -2.50
CA PRO K 138 -64.24 3.76 -1.84
C PRO K 138 -63.49 4.53 -0.76
N LEU K 139 -62.69 3.79 -0.01
CA LEU K 139 -61.83 4.35 1.02
C LEU K 139 -60.63 3.43 1.21
N HIS K 140 -59.77 3.78 2.16
CA HIS K 140 -58.71 2.89 2.57
C HIS K 140 -59.27 1.89 3.59
N ALA K 141 -58.41 0.97 4.04
CA ALA K 141 -58.82 -0.05 4.98
C ALA K 141 -58.55 0.43 6.41
N ASN K 142 -59.60 0.43 7.23
CA ASN K 142 -59.51 0.87 8.61
C ASN K 142 -59.52 -0.30 9.60
N SER K 143 -60.47 -1.22 9.44
CA SER K 143 -60.63 -2.32 10.39
C SER K 143 -59.58 -3.39 10.11
N ARG K 144 -58.74 -3.66 11.09
CA ARG K 144 -57.75 -4.72 10.97
C ARG K 144 -58.44 -6.08 10.96
N LEU K 145 -57.96 -6.96 10.09
CA LEU K 145 -58.47 -8.33 9.97
C LEU K 145 -57.38 -9.26 10.48
N ARG K 146 -57.36 -9.49 11.79
CA ARG K 146 -56.30 -10.28 12.39
C ARG K 146 -56.39 -11.74 11.97
N MET K 147 -55.22 -12.36 11.77
CA MET K 147 -55.16 -13.74 11.32
C MET K 147 -54.75 -14.72 12.40
N GLU K 148 -54.11 -14.25 13.48
CA GLU K 148 -53.71 -15.16 14.54
C GLU K 148 -54.93 -15.68 15.28
N ARG K 149 -54.99 -17.00 15.47
CA ARG K 149 -56.14 -17.63 16.13
C ARG K 149 -56.04 -17.58 17.65
N GLY K 150 -54.84 -17.72 18.20
CA GLY K 150 -54.65 -17.68 19.63
C GLY K 150 -54.89 -18.99 20.36
N ASN K 151 -55.29 -20.04 19.66
CA ASN K 151 -55.53 -21.33 20.29
C ASN K 151 -54.26 -22.15 20.47
N GLY K 152 -53.11 -21.65 20.02
CA GLY K 152 -51.87 -22.38 20.13
C GLY K 152 -51.81 -23.64 19.30
N SER K 153 -52.33 -23.59 18.07
CA SER K 153 -52.29 -24.76 17.19
C SER K 153 -50.85 -25.06 16.78
N THR K 154 -50.54 -26.35 16.65
CA THR K 154 -49.20 -26.76 16.26
C THR K 154 -48.85 -26.34 14.84
N GLU K 155 -49.85 -26.12 13.99
CA GLU K 155 -49.63 -25.68 12.61
C GLU K 155 -49.97 -24.20 12.42
N ASP K 156 -50.27 -23.49 13.50
CA ASP K 156 -50.67 -22.08 13.45
C ASP K 156 -49.51 -21.15 13.08
N LEU K 157 -48.33 -21.68 12.74
CA LEU K 157 -47.21 -20.81 12.39
C LEU K 157 -47.52 -19.98 11.14
N THR K 158 -48.30 -20.53 10.20
CA THR K 158 -48.59 -19.81 8.98
C THR K 158 -49.36 -18.52 9.26
N ALA K 159 -50.40 -18.60 10.10
CA ALA K 159 -51.19 -17.42 10.39
C ALA K 159 -50.39 -16.38 11.17
N ARG K 160 -49.57 -16.82 12.13
CA ARG K 160 -48.75 -15.89 12.89
C ARG K 160 -47.72 -15.20 12.00
N VAL K 161 -47.08 -15.95 11.12
CA VAL K 161 -46.11 -15.34 10.20
C VAL K 161 -46.82 -14.39 9.24
N LEU K 162 -48.04 -14.73 8.81
CA LEU K 162 -48.81 -13.84 7.96
C LEU K 162 -49.12 -12.53 8.67
N ASP K 163 -49.51 -12.61 9.94
CA ASP K 163 -49.78 -11.40 10.71
C ASP K 163 -48.51 -10.57 10.88
N LEU K 164 -47.37 -11.25 11.11
CA LEU K 164 -46.11 -10.53 11.31
C LEU K 164 -45.59 -9.92 10.01
N ALA K 165 -45.97 -10.48 8.86
CA ALA K 165 -45.38 -10.07 7.59
C ALA K 165 -46.20 -8.98 6.90
N SER K 166 -47.45 -9.27 6.57
CA SER K 166 -48.30 -8.35 5.83
C SER K 166 -49.65 -8.26 6.53
N LEU K 167 -49.99 -7.08 7.03
CA LEU K 167 -51.28 -6.88 7.64
C LEU K 167 -52.39 -6.93 6.60
N ILE K 168 -53.43 -7.69 6.89
CA ILE K 168 -54.61 -7.80 6.03
C ILE K 168 -55.76 -7.10 6.75
N GLY K 169 -56.38 -6.15 6.07
CA GLY K 169 -57.47 -5.39 6.65
C GLY K 169 -58.79 -5.60 5.94
N ARG K 170 -59.87 -5.10 6.53
CA ARG K 170 -61.19 -5.27 5.97
C ARG K 170 -61.35 -4.33 4.77
N GLY K 171 -61.08 -4.84 3.58
CA GLY K 171 -61.14 -4.06 2.37
C GLY K 171 -59.88 -4.06 1.53
N GLN K 172 -58.92 -4.93 1.82
CA GLN K 172 -57.68 -4.98 1.06
C GLN K 172 -57.92 -5.56 -0.34
N ARG K 173 -56.87 -5.46 -1.15
CA ARG K 173 -56.83 -6.03 -2.49
C ARG K 173 -55.45 -6.64 -2.62
N GLY K 174 -55.33 -7.91 -2.26
CA GLY K 174 -54.02 -8.52 -2.09
C GLY K 174 -53.60 -9.50 -3.17
N LEU K 175 -52.30 -9.68 -3.31
CA LEU K 175 -51.70 -10.63 -4.24
C LEU K 175 -50.80 -11.60 -3.49
N ILE K 176 -50.84 -12.86 -3.89
CA ILE K 176 -49.97 -13.90 -3.38
C ILE K 176 -49.11 -14.37 -4.55
N VAL K 177 -47.92 -13.79 -4.69
CA VAL K 177 -47.02 -14.13 -5.78
C VAL K 177 -46.19 -15.34 -5.36
N ALA K 178 -46.30 -16.43 -6.10
CA ALA K 178 -45.64 -17.66 -5.70
C ALA K 178 -45.36 -18.57 -6.89
N PRO K 179 -44.23 -19.29 -6.87
CA PRO K 179 -43.98 -20.30 -7.89
C PRO K 179 -44.76 -21.57 -7.59
N PRO K 180 -44.77 -22.53 -8.51
CA PRO K 180 -45.41 -23.82 -8.21
C PRO K 180 -44.70 -24.54 -7.06
N LYS K 181 -45.46 -25.36 -6.36
CA LYS K 181 -44.97 -26.14 -5.21
C LYS K 181 -44.45 -25.22 -4.10
N ALA K 182 -45.16 -24.12 -3.86
CA ALA K 182 -44.80 -23.18 -2.81
C ALA K 182 -45.69 -23.26 -1.58
N GLY K 183 -46.94 -23.68 -1.74
CA GLY K 183 -47.83 -23.80 -0.61
C GLY K 183 -49.01 -22.85 -0.67
N LYS K 184 -49.40 -22.45 -1.88
CA LYS K 184 -50.49 -21.49 -2.03
C LYS K 184 -51.81 -22.06 -1.53
N THR K 185 -52.11 -23.31 -1.86
CA THR K 185 -53.45 -23.85 -1.62
C THR K 185 -53.77 -23.88 -0.13
N MET K 186 -52.90 -24.47 0.68
CA MET K 186 -53.24 -24.53 2.09
C MET K 186 -52.79 -23.32 2.87
N LEU K 187 -52.01 -22.41 2.26
CA LEU K 187 -51.93 -21.05 2.80
C LEU K 187 -53.31 -20.38 2.73
N LEU K 188 -53.98 -20.52 1.59
CA LEU K 188 -55.36 -20.04 1.49
C LEU K 188 -56.28 -20.79 2.44
N GLN K 189 -56.05 -22.09 2.64
CA GLN K 189 -56.85 -22.84 3.61
C GLN K 189 -56.64 -22.29 5.02
N ASN K 190 -55.40 -21.98 5.40
CA ASN K 190 -55.15 -21.38 6.71
C ASN K 190 -55.82 -20.03 6.83
N ILE K 191 -55.78 -19.22 5.77
CA ILE K 191 -56.47 -17.93 5.80
C ILE K 191 -57.97 -18.14 6.00
N ALA K 192 -58.55 -19.11 5.32
CA ALA K 192 -59.98 -19.38 5.46
C ALA K 192 -60.31 -19.86 6.87
N GLN K 193 -59.46 -20.72 7.44
CA GLN K 193 -59.68 -21.17 8.81
C GLN K 193 -59.62 -20.01 9.79
N SER K 194 -58.64 -19.12 9.62
CA SER K 194 -58.54 -17.96 10.50
C SER K 194 -59.74 -17.04 10.35
N ILE K 195 -60.21 -16.86 9.11
CA ILE K 195 -61.38 -16.01 8.88
C ILE K 195 -62.61 -16.60 9.56
N ALA K 196 -62.81 -17.91 9.40
CA ALA K 196 -63.97 -18.56 10.03
C ALA K 196 -63.87 -18.55 11.54
N TYR K 197 -62.64 -18.57 12.08
CA TYR K 197 -62.47 -18.61 13.53
C TYR K 197 -62.62 -17.22 14.15
N ASN K 198 -61.76 -16.29 13.77
CA ASN K 198 -61.73 -14.98 14.42
C ASN K 198 -62.87 -14.08 13.96
N HIS K 199 -63.32 -14.19 12.72
CA HIS K 199 -64.28 -13.26 12.12
C HIS K 199 -65.45 -14.04 11.54
N PRO K 200 -66.33 -14.56 12.40
CA PRO K 200 -67.49 -15.32 11.88
C PRO K 200 -68.53 -14.45 11.22
N ASP K 201 -68.49 -13.13 11.43
CA ASP K 201 -69.54 -12.27 10.90
C ASP K 201 -69.40 -12.07 9.39
N CYS K 202 -68.17 -11.89 8.92
CA CYS K 202 -67.96 -11.58 7.50
C CYS K 202 -68.21 -12.80 6.63
N VAL K 203 -68.82 -12.57 5.47
CA VAL K 203 -69.08 -13.65 4.52
C VAL K 203 -67.78 -14.05 3.86
N LEU K 204 -67.49 -15.34 3.88
CA LEU K 204 -66.26 -15.89 3.30
C LEU K 204 -66.59 -16.63 2.02
N MET K 205 -65.86 -16.30 0.95
CA MET K 205 -66.06 -16.92 -0.35
C MET K 205 -64.71 -17.40 -0.87
N VAL K 206 -64.65 -18.64 -1.33
CA VAL K 206 -63.43 -19.21 -1.90
C VAL K 206 -63.72 -19.61 -3.33
N LEU K 207 -63.10 -18.92 -4.28
CA LEU K 207 -63.29 -19.16 -5.70
C LEU K 207 -62.05 -19.85 -6.26
N LEU K 208 -62.24 -21.01 -6.87
CA LEU K 208 -61.16 -21.76 -7.49
C LEU K 208 -61.38 -21.87 -8.98
N ILE K 209 -60.34 -21.60 -9.77
CA ILE K 209 -60.41 -21.60 -11.22
C ILE K 209 -59.53 -22.73 -11.75
N ASP K 210 -60.07 -23.50 -12.69
CA ASP K 210 -59.42 -24.64 -13.35
C ASP K 210 -58.54 -25.46 -12.42
N GLU K 211 -59.09 -25.83 -11.27
CA GLU K 211 -58.37 -26.55 -10.24
C GLU K 211 -58.61 -28.05 -10.37
N ARG K 212 -57.63 -28.83 -9.92
CA ARG K 212 -57.76 -30.28 -9.98
C ARG K 212 -58.92 -30.75 -9.10
N PRO K 213 -59.67 -31.76 -9.54
CA PRO K 213 -60.86 -32.16 -8.78
C PRO K 213 -60.58 -32.58 -7.35
N GLU K 214 -59.45 -33.26 -7.11
CA GLU K 214 -59.11 -33.65 -5.75
C GLU K 214 -58.85 -32.44 -4.86
N GLU K 215 -58.18 -31.42 -5.39
CA GLU K 215 -57.99 -30.18 -4.63
C GLU K 215 -59.32 -29.49 -4.39
N VAL K 216 -60.22 -29.54 -5.37
CA VAL K 216 -61.54 -28.92 -5.21
C VAL K 216 -62.30 -29.59 -4.07
N THR K 217 -62.32 -30.92 -4.05
CA THR K 217 -63.07 -31.62 -3.02
C THR K 217 -62.38 -31.57 -1.66
N GLU K 218 -61.06 -31.37 -1.63
CA GLU K 218 -60.39 -31.16 -0.34
C GLU K 218 -60.70 -29.77 0.20
N MET K 219 -60.73 -28.77 -0.67
CA MET K 219 -61.11 -27.41 -0.26
C MET K 219 -62.56 -27.37 0.21
N GLN K 220 -63.44 -28.09 -0.48
CA GLN K 220 -64.88 -28.02 -0.20
C GLN K 220 -65.21 -28.55 1.20
N ARG K 221 -64.48 -29.55 1.67
CA ARG K 221 -64.73 -30.17 2.96
C ARG K 221 -63.79 -29.66 4.04
N LEU K 222 -63.23 -28.46 3.87
CA LEU K 222 -62.27 -27.94 4.83
C LEU K 222 -62.66 -26.55 5.33
N VAL K 223 -63.24 -25.75 4.44
CA VAL K 223 -63.60 -24.37 4.78
C VAL K 223 -65.05 -24.33 5.25
N LYS K 224 -65.36 -23.33 6.08
CA LYS K 224 -66.70 -23.18 6.62
C LYS K 224 -67.61 -22.38 5.70
N GLY K 225 -67.12 -21.28 5.14
CA GLY K 225 -67.90 -20.53 4.18
C GLY K 225 -68.08 -21.29 2.88
N GLU K 226 -69.10 -20.89 2.12
CA GLU K 226 -69.40 -21.58 0.87
C GLU K 226 -68.27 -21.38 -0.13
N VAL K 227 -67.93 -22.45 -0.85
CA VAL K 227 -66.81 -22.47 -1.77
C VAL K 227 -67.31 -22.87 -3.15
N VAL K 228 -66.82 -22.17 -4.17
CA VAL K 228 -67.17 -22.45 -5.56
C VAL K 228 -65.88 -22.70 -6.32
N ALA K 229 -65.92 -23.67 -7.24
CA ALA K 229 -64.71 -24.06 -7.94
C ALA K 229 -65.06 -24.50 -9.35
N SER K 230 -64.09 -24.30 -10.25
CA SER K 230 -64.18 -24.79 -11.62
C SER K 230 -62.95 -25.64 -11.90
N THR K 231 -63.14 -26.73 -12.62
CA THR K 231 -62.04 -27.62 -12.96
C THR K 231 -61.55 -27.36 -14.37
N PHE K 232 -60.39 -27.91 -14.70
CA PHE K 232 -59.85 -27.77 -16.04
C PHE K 232 -60.62 -28.57 -17.08
N ASP K 233 -61.54 -29.45 -16.64
CA ASP K 233 -62.31 -30.25 -17.59
C ASP K 233 -63.23 -29.37 -18.43
N GLU K 234 -64.00 -28.51 -17.78
CA GLU K 234 -64.96 -27.67 -18.50
C GLU K 234 -64.26 -26.46 -19.09
N PRO K 235 -64.83 -25.86 -20.15
CA PRO K 235 -64.11 -24.80 -20.88
C PRO K 235 -63.98 -23.50 -20.10
N ALA K 236 -63.25 -22.54 -20.69
CA ALA K 236 -63.02 -21.26 -20.05
C ALA K 236 -64.28 -20.41 -19.96
N SER K 237 -65.28 -20.71 -20.78
CA SER K 237 -66.55 -19.97 -20.70
C SER K 237 -67.18 -20.15 -19.32
N ARG K 238 -67.12 -21.37 -18.78
CA ARG K 238 -67.66 -21.58 -17.44
C ARG K 238 -66.79 -20.91 -16.38
N HIS K 239 -65.47 -20.84 -16.60
CA HIS K 239 -64.62 -20.09 -15.67
C HIS K 239 -65.06 -18.63 -15.61
N VAL K 240 -65.28 -18.02 -16.78
CA VAL K 240 -65.73 -16.64 -16.82
C VAL K 240 -67.09 -16.49 -16.17
N GLN K 241 -68.00 -17.43 -16.45
CA GLN K 241 -69.34 -17.37 -15.86
C GLN K 241 -69.28 -17.43 -14.34
N VAL K 242 -68.47 -18.35 -13.80
CA VAL K 242 -68.37 -18.50 -12.35
C VAL K 242 -67.75 -17.26 -11.73
N ALA K 243 -66.70 -16.72 -12.34
CA ALA K 243 -66.08 -15.52 -11.80
C ALA K 243 -67.06 -14.35 -11.78
N GLU K 244 -67.80 -14.16 -12.88
CA GLU K 244 -68.79 -13.08 -12.93
C GLU K 244 -69.87 -13.29 -11.88
N MET K 245 -70.34 -14.54 -11.73
CA MET K 245 -71.37 -14.82 -10.74
C MET K 245 -70.89 -14.48 -9.34
N VAL K 246 -69.65 -14.89 -9.01
CA VAL K 246 -69.12 -14.64 -7.67
C VAL K 246 -68.97 -13.15 -7.42
N ILE K 247 -68.43 -12.42 -8.40
CA ILE K 247 -68.20 -10.99 -8.18
C ILE K 247 -69.53 -10.25 -8.07
N GLU K 248 -70.53 -10.63 -8.86
CA GLU K 248 -71.83 -9.99 -8.77
C GLU K 248 -72.50 -10.28 -7.44
N LYS K 249 -72.41 -11.53 -6.96
CA LYS K 249 -73.00 -11.86 -5.67
C LYS K 249 -72.30 -11.11 -4.55
N ALA K 250 -70.97 -10.98 -4.62
CA ALA K 250 -70.25 -10.22 -3.62
C ALA K 250 -70.65 -8.76 -3.63
N LYS K 251 -70.83 -8.17 -4.82
CA LYS K 251 -71.28 -6.79 -4.91
C LYS K 251 -72.67 -6.63 -4.29
N ARG K 252 -73.58 -7.54 -4.61
CA ARG K 252 -74.93 -7.46 -4.04
C ARG K 252 -74.89 -7.58 -2.53
N LEU K 253 -74.05 -8.48 -2.00
CA LEU K 253 -73.94 -8.64 -0.55
C LEU K 253 -73.37 -7.39 0.11
N VAL K 254 -72.30 -6.82 -0.45
CA VAL K 254 -71.68 -5.66 0.16
C VAL K 254 -72.56 -4.43 0.01
N GLU K 255 -73.50 -4.43 -0.95
CA GLU K 255 -74.46 -3.35 -1.03
C GLU K 255 -75.36 -3.29 0.21
N HIS K 256 -75.43 -4.37 0.99
CA HIS K 256 -76.21 -4.41 2.22
C HIS K 256 -75.34 -4.21 3.46
N LYS K 257 -74.24 -3.47 3.32
CA LYS K 257 -73.33 -3.19 4.44
C LYS K 257 -72.78 -4.48 5.06
N LYS K 258 -72.51 -5.46 4.21
CA LYS K 258 -71.90 -6.72 4.63
C LYS K 258 -70.42 -6.71 4.28
N ASP K 259 -69.67 -7.54 5.00
CA ASP K 259 -68.24 -7.72 4.77
C ASP K 259 -68.03 -9.01 4.01
N VAL K 260 -67.59 -8.90 2.76
CA VAL K 260 -67.39 -10.05 1.88
C VAL K 260 -65.89 -10.26 1.69
N ILE K 261 -65.46 -11.52 1.72
CA ILE K 261 -64.06 -11.87 1.50
C ILE K 261 -64.01 -12.94 0.42
N ILE K 262 -63.17 -12.72 -0.59
CA ILE K 262 -63.04 -13.61 -1.73
C ILE K 262 -61.59 -14.05 -1.84
N LEU K 263 -61.35 -15.36 -1.72
CA LEU K 263 -60.04 -15.96 -1.93
C LEU K 263 -60.01 -16.55 -3.33
N LEU K 264 -59.12 -16.07 -4.18
CA LEU K 264 -59.07 -16.44 -5.58
C LEU K 264 -57.79 -17.19 -5.89
N ASP K 265 -57.93 -18.36 -6.51
CA ASP K 265 -56.80 -19.20 -6.90
C ASP K 265 -57.12 -19.79 -8.26
N SER K 266 -56.56 -19.21 -9.31
CA SER K 266 -55.66 -18.06 -9.24
C SER K 266 -56.07 -17.02 -10.27
N ILE K 267 -55.63 -15.77 -10.06
CA ILE K 267 -55.97 -14.71 -11.00
C ILE K 267 -55.31 -14.94 -12.35
N THR K 268 -54.19 -15.66 -12.38
CA THR K 268 -53.53 -15.96 -13.65
C THR K 268 -54.40 -16.85 -14.52
N ARG K 269 -55.00 -17.88 -13.93
CA ARG K 269 -55.86 -18.78 -14.71
C ARG K 269 -57.11 -18.06 -15.18
N LEU K 270 -57.67 -17.19 -14.35
CA LEU K 270 -58.83 -16.40 -14.77
C LEU K 270 -58.47 -15.45 -15.92
N ALA K 271 -57.30 -14.83 -15.85
CA ALA K 271 -56.84 -13.98 -16.93
C ALA K 271 -56.66 -14.78 -18.21
N ARG K 272 -56.10 -15.99 -18.11
CA ARG K 272 -55.94 -16.83 -19.28
C ARG K 272 -57.29 -17.21 -19.87
N ALA K 273 -58.27 -17.53 -19.01
CA ALA K 273 -59.60 -17.87 -19.49
C ALA K 273 -60.24 -16.68 -20.20
N TYR K 274 -60.10 -15.48 -19.64
CA TYR K 274 -60.63 -14.29 -20.30
C TYR K 274 -59.93 -14.06 -21.64
N ASN K 275 -58.62 -14.31 -21.68
CA ASN K 275 -57.88 -14.14 -22.93
C ASN K 275 -58.37 -15.10 -24.00
N THR K 276 -58.65 -16.35 -23.63
CA THR K 276 -59.07 -17.35 -24.60
C THR K 276 -60.58 -17.35 -24.84
N VAL K 277 -61.35 -16.49 -24.16
CA VAL K 277 -62.78 -16.42 -24.42
C VAL K 277 -63.18 -15.16 -25.20
N VAL K 278 -62.49 -14.04 -25.02
CA VAL K 278 -62.88 -12.79 -25.66
C VAL K 278 -62.45 -12.79 -27.13
N PRO K 279 -63.18 -12.11 -28.01
CA PRO K 279 -62.74 -11.99 -29.40
C PRO K 279 -61.48 -11.15 -29.50
N ALA K 280 -60.68 -11.45 -30.53
CA ALA K 280 -59.46 -10.70 -30.75
C ALA K 280 -59.77 -9.26 -31.16
N SER K 281 -59.04 -8.31 -30.58
CA SER K 281 -59.22 -6.90 -30.86
C SER K 281 -58.29 -6.39 -31.95
N GLY K 282 -57.46 -7.25 -32.53
CA GLY K 282 -56.51 -6.85 -33.55
C GLY K 282 -55.17 -6.41 -33.04
N LYS K 283 -55.01 -6.25 -31.72
CA LYS K 283 -53.74 -5.87 -31.10
C LYS K 283 -53.35 -6.99 -30.14
N VAL K 284 -52.31 -7.72 -30.50
CA VAL K 284 -51.83 -8.85 -29.70
C VAL K 284 -50.59 -8.40 -28.95
N LEU K 285 -50.68 -8.35 -27.62
CA LEU K 285 -49.55 -7.99 -26.79
C LEU K 285 -48.57 -9.17 -26.72
N THR K 286 -47.33 -8.86 -26.33
CA THR K 286 -46.29 -9.88 -26.29
C THR K 286 -46.66 -11.00 -25.33
N GLY K 287 -46.19 -12.20 -25.64
CA GLY K 287 -46.55 -13.38 -24.88
C GLY K 287 -47.78 -14.11 -25.37
N GLY K 288 -48.43 -13.62 -26.43
CA GLY K 288 -49.61 -14.27 -26.96
C GLY K 288 -50.90 -13.95 -26.26
N VAL K 289 -50.92 -12.93 -25.41
CA VAL K 289 -52.12 -12.53 -24.67
C VAL K 289 -52.65 -11.23 -25.26
N ASP K 290 -53.96 -11.19 -25.47
CA ASP K 290 -54.59 -9.98 -26.00
C ASP K 290 -54.56 -8.87 -24.97
N ALA K 291 -54.22 -7.66 -25.43
CA ALA K 291 -54.16 -6.51 -24.53
C ALA K 291 -55.54 -6.18 -23.96
N ASN K 292 -56.57 -6.21 -24.80
CA ASN K 292 -57.92 -5.92 -24.33
C ASN K 292 -58.41 -7.00 -23.37
N ALA K 293 -57.90 -8.23 -23.51
CA ALA K 293 -58.40 -9.36 -22.74
C ALA K 293 -58.21 -9.16 -21.24
N LEU K 294 -57.23 -8.35 -20.84
CA LEU K 294 -56.98 -8.11 -19.42
C LEU K 294 -57.90 -7.06 -18.83
N HIS K 295 -58.78 -6.45 -19.63
CA HIS K 295 -59.73 -5.48 -19.08
C HIS K 295 -60.67 -6.13 -18.09
N ARG K 296 -61.24 -7.29 -18.45
CA ARG K 296 -62.22 -7.94 -17.58
C ARG K 296 -61.64 -8.40 -16.26
N PRO K 297 -60.48 -9.10 -16.20
CA PRO K 297 -59.97 -9.51 -14.88
C PRO K 297 -59.72 -8.34 -13.93
N LYS K 298 -59.23 -7.22 -14.44
CA LYS K 298 -58.96 -6.07 -13.57
C LYS K 298 -60.23 -5.59 -12.91
N ARG K 299 -61.31 -5.46 -13.68
CA ARG K 299 -62.59 -5.06 -13.12
C ARG K 299 -63.04 -6.03 -12.03
N PHE K 300 -62.59 -7.28 -12.09
CA PHE K 300 -62.77 -8.19 -10.97
C PHE K 300 -61.86 -7.79 -9.82
N PHE K 301 -60.55 -7.79 -10.07
CA PHE K 301 -59.58 -7.53 -9.00
C PHE K 301 -59.75 -6.13 -8.42
N GLY K 302 -60.11 -5.16 -9.26
CA GLY K 302 -60.34 -3.81 -8.80
C GLY K 302 -61.65 -3.59 -8.08
N ALA K 303 -62.50 -4.62 -7.98
CA ALA K 303 -63.75 -4.48 -7.24
C ALA K 303 -63.54 -4.46 -5.73
N ALA K 304 -62.34 -4.77 -5.25
CA ALA K 304 -62.08 -4.80 -3.82
C ALA K 304 -61.92 -3.38 -3.30
N ARG K 305 -62.75 -2.99 -2.33
CA ARG K 305 -62.71 -1.65 -1.79
C ARG K 305 -63.41 -1.64 -0.43
N ASN K 306 -63.13 -0.59 0.35
CA ASN K 306 -63.74 -0.37 1.65
C ASN K 306 -64.78 0.72 1.48
N VAL K 307 -66.06 0.34 1.48
CA VAL K 307 -67.13 1.30 1.23
C VAL K 307 -67.29 2.22 2.43
N GLU K 308 -67.34 3.53 2.17
CA GLU K 308 -67.52 4.50 3.24
C GLU K 308 -68.89 4.34 3.90
N GLU K 309 -69.93 4.10 3.10
CA GLU K 309 -71.28 4.00 3.64
C GLU K 309 -71.40 2.82 4.61
N GLY K 310 -70.83 1.68 4.26
CA GLY K 310 -70.89 0.51 5.11
C GLY K 310 -70.50 -0.77 4.39
N GLY K 311 -69.85 -1.67 5.11
CA GLY K 311 -69.40 -2.92 4.52
C GLY K 311 -68.14 -2.74 3.70
N SER K 312 -67.63 -3.87 3.21
CA SER K 312 -66.40 -3.87 2.42
C SER K 312 -66.31 -5.18 1.66
N LEU K 313 -65.42 -5.19 0.67
CA LEU K 313 -65.15 -6.36 -0.15
C LEU K 313 -63.64 -6.54 -0.24
N THR K 314 -63.13 -7.55 0.45
CA THR K 314 -61.72 -7.88 0.43
C THR K 314 -61.48 -9.02 -0.55
N ILE K 315 -60.43 -8.89 -1.36
CA ILE K 315 -60.08 -9.89 -2.36
C ILE K 315 -58.61 -10.25 -2.18
N ILE K 316 -58.35 -11.52 -1.90
CA ILE K 316 -56.99 -12.05 -1.83
C ILE K 316 -56.85 -13.04 -2.98
N ALA K 317 -56.21 -12.61 -4.06
CA ALA K 317 -56.03 -13.43 -5.25
C ALA K 317 -54.56 -13.77 -5.42
N THR K 318 -54.28 -15.03 -5.71
CA THR K 318 -52.89 -15.46 -5.89
C THR K 318 -52.51 -15.42 -7.37
N ALA K 319 -51.23 -15.16 -7.61
CA ALA K 319 -50.67 -15.07 -8.95
C ALA K 319 -49.51 -16.04 -9.10
N LEU K 320 -49.36 -16.57 -10.30
CA LEU K 320 -48.37 -17.61 -10.58
C LEU K 320 -47.18 -17.00 -11.31
N ILE K 321 -45.97 -17.33 -10.86
CA ILE K 321 -44.73 -16.93 -11.50
C ILE K 321 -43.83 -18.14 -11.64
N ASP K 322 -42.81 -18.01 -12.49
CA ASP K 322 -41.84 -19.07 -12.76
C ASP K 322 -42.49 -20.33 -13.29
N THR K 323 -43.65 -20.20 -13.92
CA THR K 323 -44.33 -21.37 -14.48
C THR K 323 -43.67 -21.84 -15.76
N GLY K 324 -42.87 -20.99 -16.40
CA GLY K 324 -42.24 -21.32 -17.66
C GLY K 324 -42.96 -20.81 -18.89
N SER K 325 -44.03 -20.04 -18.72
CA SER K 325 -44.80 -19.50 -19.82
C SER K 325 -44.72 -17.98 -19.81
N LYS K 326 -44.53 -17.38 -20.99
CA LYS K 326 -44.43 -15.93 -21.08
C LYS K 326 -45.77 -15.26 -20.75
N MET K 327 -46.88 -15.94 -21.00
CA MET K 327 -48.19 -15.36 -20.74
C MET K 327 -48.38 -15.09 -19.25
N ASP K 328 -47.98 -16.03 -18.40
CA ASP K 328 -48.10 -15.83 -16.96
C ASP K 328 -47.23 -14.66 -16.49
N GLU K 329 -46.02 -14.56 -17.03
CA GLU K 329 -45.15 -13.44 -16.68
C GLU K 329 -45.76 -12.11 -17.08
N VAL K 330 -46.34 -12.05 -18.29
CA VAL K 330 -46.98 -10.82 -18.73
C VAL K 330 -48.16 -10.46 -17.83
N ILE K 331 -48.97 -11.47 -17.48
CA ILE K 331 -50.12 -11.23 -16.61
C ILE K 331 -49.66 -10.70 -15.25
N TYR K 332 -48.60 -11.30 -14.70
CA TYR K 332 -48.07 -10.81 -13.44
C TYR K 332 -47.56 -9.39 -13.56
N GLU K 333 -46.89 -9.07 -14.67
CA GLU K 333 -46.38 -7.71 -14.87
C GLU K 333 -47.51 -6.70 -14.91
N GLU K 334 -48.62 -7.06 -15.56
CA GLU K 334 -49.75 -6.13 -15.65
C GLU K 334 -50.44 -5.91 -14.31
N PHE K 335 -50.29 -6.84 -13.36
CA PHE K 335 -50.91 -6.72 -12.05
C PHE K 335 -49.91 -6.30 -10.96
N LYS K 336 -48.70 -5.90 -11.34
CA LYS K 336 -47.66 -5.65 -10.35
C LYS K 336 -48.02 -4.48 -9.44
N GLY K 337 -48.54 -3.40 -10.00
CA GLY K 337 -48.81 -2.21 -9.21
C GLY K 337 -50.27 -2.01 -8.85
N THR K 338 -51.08 -3.05 -8.98
CA THR K 338 -52.52 -2.93 -8.74
C THR K 338 -52.87 -3.12 -7.27
N GLY K 339 -52.45 -4.25 -6.69
CA GLY K 339 -52.84 -4.54 -5.32
C GLY K 339 -52.11 -3.68 -4.31
N ASN K 340 -52.76 -3.46 -3.17
CA ASN K 340 -52.19 -2.71 -2.07
C ASN K 340 -51.56 -3.60 -1.00
N MET K 341 -51.53 -4.91 -1.22
CA MET K 341 -50.87 -5.84 -0.32
C MET K 341 -50.24 -6.94 -1.15
N GLU K 342 -48.99 -7.29 -0.85
CA GLU K 342 -48.27 -8.30 -1.60
C GLU K 342 -47.62 -9.29 -0.65
N LEU K 343 -47.74 -10.57 -0.99
CA LEU K 343 -47.10 -11.65 -0.23
C LEU K 343 -46.32 -12.50 -1.21
N HIS K 344 -45.00 -12.50 -1.09
CA HIS K 344 -44.13 -13.21 -2.02
C HIS K 344 -43.63 -14.50 -1.37
N LEU K 345 -43.87 -15.62 -2.05
CA LEU K 345 -43.38 -16.92 -1.61
C LEU K 345 -42.17 -17.31 -2.45
N SER K 346 -41.19 -17.91 -1.79
CA SER K 346 -39.92 -18.24 -2.42
C SER K 346 -39.80 -19.74 -2.66
N ARG K 347 -39.36 -20.10 -3.87
CA ARG K 347 -39.11 -21.51 -4.18
C ARG K 347 -37.95 -22.05 -3.36
N LYS K 348 -36.93 -21.23 -3.11
CA LYS K 348 -35.77 -21.68 -2.35
C LYS K 348 -36.15 -22.10 -0.93
N ILE K 349 -37.03 -21.33 -0.29
CA ILE K 349 -37.48 -21.69 1.05
C ILE K 349 -38.38 -22.92 1.00
N ALA K 350 -39.24 -23.01 -0.01
CA ALA K 350 -40.18 -24.12 -0.10
C ALA K 350 -39.45 -25.44 -0.32
N GLU K 351 -38.43 -25.46 -1.16
CA GLU K 351 -37.73 -26.71 -1.47
C GLU K 351 -36.91 -27.24 -0.30
N LYS K 352 -36.72 -26.45 0.75
CA LYS K 352 -36.03 -26.89 1.95
C LYS K 352 -37.00 -27.44 3.00
N ARG K 353 -38.27 -27.58 2.66
CA ARG K 353 -39.31 -28.01 3.61
C ARG K 353 -39.36 -27.11 4.83
N VAL K 354 -39.14 -25.82 4.62
CA VAL K 354 -39.28 -24.80 5.65
C VAL K 354 -40.53 -24.00 5.32
N PHE K 355 -41.56 -24.11 6.15
CA PHE K 355 -42.85 -23.52 5.84
C PHE K 355 -43.36 -22.71 7.02
N PRO K 356 -44.11 -21.63 6.75
CA PRO K 356 -44.51 -21.12 5.42
C PRO K 356 -43.35 -20.44 4.71
N ALA K 357 -43.22 -20.68 3.41
CA ALA K 357 -42.12 -20.12 2.62
C ALA K 357 -42.53 -18.74 2.14
N ILE K 358 -42.15 -17.72 2.90
CA ILE K 358 -42.54 -16.34 2.63
C ILE K 358 -41.29 -15.49 2.51
N ASP K 359 -41.22 -14.67 1.48
CA ASP K 359 -40.12 -13.72 1.32
C ASP K 359 -40.46 -12.49 2.16
N TYR K 360 -39.84 -12.39 3.33
CA TYR K 360 -40.17 -11.29 4.25
C TYR K 360 -39.85 -9.94 3.65
N ASN K 361 -38.67 -9.80 3.04
CA ASN K 361 -38.22 -8.49 2.58
C ASN K 361 -39.06 -7.98 1.41
N ARG K 362 -39.56 -8.88 0.57
CA ARG K 362 -40.32 -8.49 -0.61
C ARG K 362 -41.82 -8.43 -0.36
N SER K 363 -42.28 -8.74 0.84
CA SER K 363 -43.69 -8.76 1.17
C SER K 363 -44.01 -7.62 2.14
N GLY K 364 -45.10 -6.91 1.86
CA GLY K 364 -45.51 -5.80 2.70
C GLY K 364 -46.93 -5.37 2.37
N THR K 365 -47.36 -4.31 3.04
CA THR K 365 -48.69 -3.76 2.86
C THR K 365 -48.60 -2.25 2.74
N ARG K 366 -49.57 -1.67 2.03
CA ARG K 366 -49.64 -0.23 1.82
C ARG K 366 -50.57 0.40 2.85
N LYS K 367 -50.20 1.59 3.32
CA LYS K 367 -50.95 2.31 4.34
C LYS K 367 -51.12 1.46 5.60
N GLU K 368 -50.01 0.89 6.07
CA GLU K 368 -50.05 0.05 7.26
C GLU K 368 -50.38 0.84 8.52
N GLU K 369 -50.14 2.15 8.53
CA GLU K 369 -50.39 2.94 9.73
C GLU K 369 -51.87 3.01 10.06
N LEU K 370 -52.73 2.98 9.05
CA LEU K 370 -54.16 3.04 9.29
C LEU K 370 -54.69 1.73 9.86
N LEU K 371 -54.13 0.59 9.43
CA LEU K 371 -54.70 -0.70 9.79
C LEU K 371 -54.44 -1.05 11.24
N THR K 372 -53.20 -0.86 11.71
CA THR K 372 -52.78 -1.35 13.00
C THR K 372 -52.51 -0.20 13.97
N THR K 373 -52.21 -0.56 15.21
CA THR K 373 -51.90 0.40 16.25
C THR K 373 -50.48 0.93 16.07
N GLN K 374 -50.06 1.80 16.99
CA GLN K 374 -48.75 2.43 16.84
C GLN K 374 -47.63 1.53 17.36
N GLU K 375 -47.64 1.23 18.67
CA GLU K 375 -46.54 0.48 19.26
C GLU K 375 -46.34 -0.85 18.56
N GLU K 376 -47.43 -1.49 18.13
CA GLU K 376 -47.30 -2.66 17.28
C GLU K 376 -46.56 -2.33 15.99
N LEU K 377 -46.79 -1.13 15.45
CA LEU K 377 -46.13 -0.75 14.21
C LEU K 377 -44.64 -0.55 14.40
N GLN K 378 -44.22 0.10 15.50
CA GLN K 378 -42.78 0.20 15.74
C GLN K 378 -42.16 -1.16 16.06
N LYS K 379 -42.90 -2.05 16.75
CA LYS K 379 -42.37 -3.38 16.98
C LYS K 379 -42.15 -4.12 15.67
N MET K 380 -43.11 -4.03 14.75
CA MET K 380 -42.94 -4.64 13.43
C MET K 380 -41.78 -4.01 12.68
N TRP K 381 -41.61 -2.68 12.81
CA TRP K 381 -40.51 -2.02 12.13
C TRP K 381 -39.16 -2.49 12.66
N ILE K 382 -39.06 -2.67 13.99
CA ILE K 382 -37.83 -3.20 14.58
C ILE K 382 -37.57 -4.61 14.07
N LEU K 383 -38.62 -5.44 14.00
CA LEU K 383 -38.45 -6.78 13.46
C LEU K 383 -37.96 -6.75 12.02
N ARG K 384 -38.53 -5.86 11.21
CA ARG K 384 -38.11 -5.75 9.82
C ARG K 384 -36.65 -5.30 9.72
N LYS K 385 -36.23 -4.36 10.58
CA LYS K 385 -34.85 -3.92 10.58
C LYS K 385 -33.90 -5.06 10.95
N ILE K 386 -34.28 -5.88 11.94
CA ILE K 386 -33.43 -7.01 12.32
C ILE K 386 -33.37 -8.03 11.19
N ILE K 387 -34.50 -8.36 10.58
CA ILE K 387 -34.52 -9.42 9.57
C ILE K 387 -33.86 -8.99 8.27
N HIS K 388 -33.94 -7.70 7.93
CA HIS K 388 -33.55 -7.22 6.61
C HIS K 388 -32.15 -7.63 6.16
N PRO K 389 -31.11 -7.54 6.99
CA PRO K 389 -29.80 -8.06 6.55
C PRO K 389 -29.79 -9.54 6.25
N MET K 390 -30.62 -10.33 6.92
CA MET K 390 -30.58 -11.77 6.78
C MET K 390 -31.14 -12.22 5.44
N GLY K 391 -30.69 -13.39 4.98
CA GLY K 391 -31.26 -13.97 3.78
C GLY K 391 -32.63 -14.57 4.05
N GLU K 392 -33.35 -14.84 2.95
CA GLU K 392 -34.75 -15.25 3.06
C GLU K 392 -34.88 -16.58 3.80
N ILE K 393 -34.03 -17.55 3.50
CA ILE K 393 -34.09 -18.84 4.19
C ILE K 393 -33.72 -18.67 5.65
N ASP K 394 -32.64 -17.92 5.92
CA ASP K 394 -32.24 -17.66 7.29
C ASP K 394 -33.30 -16.86 8.03
N ALA K 395 -33.91 -15.88 7.35
CA ALA K 395 -34.96 -15.08 7.98
C ALA K 395 -36.14 -15.95 8.38
N MET K 396 -36.58 -16.84 7.48
CA MET K 396 -37.69 -17.72 7.82
C MET K 396 -37.32 -18.68 8.93
N GLU K 397 -36.11 -19.24 8.91
CA GLU K 397 -35.71 -20.14 10.00
C GLU K 397 -35.72 -19.42 11.34
N PHE K 398 -35.17 -18.21 11.37
CA PHE K 398 -35.13 -17.41 12.60
C PHE K 398 -36.55 -17.10 13.09
N LEU K 399 -37.41 -16.64 12.18
CA LEU K 399 -38.77 -16.29 12.56
C LEU K 399 -39.53 -17.50 13.06
N ILE K 400 -39.38 -18.65 12.38
CA ILE K 400 -40.11 -19.84 12.79
C ILE K 400 -39.67 -20.31 14.16
N ASN K 401 -38.35 -20.37 14.41
CA ASN K 401 -37.91 -20.85 15.72
C ASN K 401 -38.30 -19.88 16.83
N LYS K 402 -38.16 -18.57 16.58
CA LYS K 402 -38.54 -17.60 17.61
C LYS K 402 -40.05 -17.65 17.89
N LEU K 403 -40.86 -17.83 16.85
CA LEU K 403 -42.30 -17.91 17.06
C LEU K 403 -42.70 -19.20 17.75
N ALA K 404 -41.97 -20.30 17.49
CA ALA K 404 -42.25 -21.55 18.16
C ALA K 404 -41.86 -21.50 19.64
N MET K 405 -40.79 -20.75 19.97
CA MET K 405 -40.41 -20.62 21.38
C MET K 405 -41.51 -19.92 22.17
N THR K 406 -42.11 -18.88 21.61
CA THR K 406 -43.14 -18.12 22.31
C THR K 406 -44.51 -18.74 22.09
N LYS K 407 -45.55 -18.05 22.53
CA LYS K 407 -46.93 -18.53 22.42
C LYS K 407 -47.85 -17.57 21.69
N THR K 408 -47.63 -16.26 21.85
CA THR K 408 -48.48 -15.25 21.23
C THR K 408 -47.59 -14.19 20.60
N ASN K 409 -48.16 -13.48 19.61
CA ASN K 409 -47.41 -12.45 18.92
C ASN K 409 -46.94 -11.36 19.88
N ASP K 410 -47.79 -10.98 20.84
CA ASP K 410 -47.37 -10.03 21.86
C ASP K 410 -46.25 -10.62 22.71
N ASP K 411 -46.35 -11.90 23.06
CA ASP K 411 -45.27 -12.56 23.80
C ASP K 411 -43.98 -12.58 22.98
N PHE K 412 -44.10 -12.83 21.68
CA PHE K 412 -42.91 -12.81 20.81
C PHE K 412 -42.28 -11.42 20.78
N PHE K 413 -43.12 -10.38 20.67
CA PHE K 413 -42.60 -9.01 20.65
C PHE K 413 -41.89 -8.66 21.95
N GLU K 414 -42.50 -9.02 23.09
CA GLU K 414 -41.87 -8.67 24.37
C GLU K 414 -40.62 -9.49 24.60
N MET K 415 -40.60 -10.74 24.13
CA MET K 415 -39.38 -11.55 24.26
C MET K 415 -38.25 -10.95 23.43
N MET K 416 -38.56 -10.47 22.23
CA MET K 416 -37.50 -9.86 21.42
C MET K 416 -37.03 -8.54 21.99
N LYS K 417 -37.95 -7.69 22.45
CA LYS K 417 -37.52 -6.40 22.99
C LYS K 417 -36.78 -6.56 24.31
N ARG K 418 -37.14 -7.57 25.11
CA ARG K 418 -36.41 -7.83 26.34
C ARG K 418 -34.99 -8.31 26.05
N SER K 419 -34.83 -9.16 25.04
CA SER K 419 -33.51 -9.68 24.68
C SER K 419 -32.67 -8.60 24.02
N MET L 1 -71.99 -69.69 -28.70
CA MET L 1 -70.98 -70.00 -29.71
C MET L 1 -69.61 -69.53 -29.26
N ASN L 2 -69.58 -68.60 -28.30
CA ASN L 2 -68.34 -68.12 -27.69
C ASN L 2 -67.40 -67.52 -28.76
N LEU L 3 -67.87 -66.41 -29.32
CA LEU L 3 -67.23 -65.75 -30.45
C LEU L 3 -65.82 -65.24 -30.14
N THR L 4 -65.45 -65.17 -28.86
CA THR L 4 -64.15 -64.61 -28.49
C THR L 4 -63.00 -65.37 -29.15
N GLU L 5 -62.97 -66.71 -29.00
CA GLU L 5 -61.92 -67.48 -29.65
C GLU L 5 -62.10 -67.52 -31.16
N LEU L 6 -63.31 -67.32 -31.67
CA LEU L 6 -63.47 -67.17 -33.11
C LEU L 6 -62.68 -65.97 -33.62
N LYS L 7 -62.72 -64.85 -32.89
CA LYS L 7 -61.94 -63.69 -33.30
C LYS L 7 -60.45 -63.88 -33.03
N ASN L 8 -60.10 -64.36 -31.84
CA ASN L 8 -58.70 -64.27 -31.42
C ASN L 8 -57.80 -65.36 -32.01
N THR L 9 -58.35 -66.44 -32.56
CA THR L 9 -57.53 -67.42 -33.24
C THR L 9 -56.99 -66.85 -34.54
N PRO L 10 -55.79 -67.28 -34.97
CA PRO L 10 -55.19 -66.71 -36.17
C PRO L 10 -55.93 -67.10 -37.45
N VAL L 11 -55.43 -66.61 -38.59
CA VAL L 11 -56.11 -66.84 -39.86
C VAL L 11 -56.06 -68.32 -40.25
N SER L 12 -54.95 -69.00 -39.94
CA SER L 12 -54.77 -70.38 -40.40
C SER L 12 -55.83 -71.30 -39.81
N GLU L 13 -55.98 -71.28 -38.48
CA GLU L 13 -56.94 -72.17 -37.83
C GLU L 13 -58.36 -71.83 -38.26
N LEU L 14 -58.67 -70.54 -38.38
CA LEU L 14 -60.02 -70.13 -38.76
C LEU L 14 -60.34 -70.58 -40.19
N ILE L 15 -59.38 -70.46 -41.10
CA ILE L 15 -59.60 -70.91 -42.47
C ILE L 15 -59.74 -72.42 -42.53
N THR L 16 -58.94 -73.15 -41.74
CA THR L 16 -59.10 -74.60 -41.69
C THR L 16 -60.47 -75.01 -41.17
N LEU L 17 -60.95 -74.31 -40.13
CA LEU L 17 -62.29 -74.59 -39.61
C LEU L 17 -63.35 -74.28 -40.65
N GLY L 18 -63.21 -73.18 -41.39
CA GLY L 18 -64.16 -72.86 -42.44
C GLY L 18 -64.18 -73.89 -43.54
N GLU L 19 -63.00 -74.37 -43.95
CA GLU L 19 -62.92 -75.41 -44.96
C GLU L 19 -63.53 -76.71 -44.46
N ASN L 20 -63.32 -77.04 -43.18
CA ASN L 20 -63.93 -78.24 -42.60
C ASN L 20 -65.45 -78.12 -42.61
N MET L 21 -65.98 -76.95 -42.26
CA MET L 21 -67.43 -76.75 -42.28
C MET L 21 -67.97 -76.80 -43.71
N GLY L 22 -67.23 -76.26 -44.67
CA GLY L 22 -67.64 -76.32 -46.06
C GLY L 22 -68.04 -74.99 -46.65
N LEU L 23 -67.37 -73.91 -46.23
CA LEU L 23 -67.63 -72.60 -46.80
C LEU L 23 -67.14 -72.54 -48.25
N GLU L 24 -67.88 -71.80 -49.07
CA GLU L 24 -67.55 -71.73 -50.49
C GLU L 24 -66.19 -71.09 -50.75
N ASN L 25 -65.87 -70.02 -50.02
CA ASN L 25 -64.53 -69.44 -50.08
C ASN L 25 -64.36 -68.49 -48.91
N LEU L 26 -63.22 -68.63 -48.20
CA LEU L 26 -62.87 -67.72 -47.12
C LEU L 26 -61.43 -67.22 -47.27
N ALA L 27 -60.84 -67.38 -48.45
CA ALA L 27 -59.43 -67.07 -48.61
C ALA L 27 -59.16 -65.57 -48.66
N ARG L 28 -60.00 -64.82 -49.37
CA ARG L 28 -59.71 -63.42 -49.67
C ARG L 28 -60.83 -62.51 -49.16
N MET L 29 -60.73 -62.13 -47.89
CA MET L 29 -61.57 -61.11 -47.25
C MET L 29 -61.10 -60.93 -45.82
N ARG L 30 -61.56 -59.84 -45.19
CA ARG L 30 -61.11 -59.46 -43.86
C ARG L 30 -61.71 -60.37 -42.79
N LYS L 31 -61.02 -60.45 -41.64
CA LYS L 31 -61.48 -61.24 -40.50
C LYS L 31 -62.98 -61.13 -40.27
N GLN L 32 -63.51 -59.91 -40.33
CA GLN L 32 -64.91 -59.68 -40.00
C GLN L 32 -65.82 -60.50 -40.90
N ASP L 33 -65.49 -60.60 -42.19
CA ASP L 33 -66.34 -61.35 -43.11
C ASP L 33 -66.28 -62.85 -42.85
N ILE L 34 -65.10 -63.38 -42.53
CA ILE L 34 -65.03 -64.80 -42.19
C ILE L 34 -65.84 -65.08 -40.91
N ILE L 35 -65.69 -64.22 -39.91
CA ILE L 35 -66.45 -64.39 -38.68
C ILE L 35 -67.94 -64.35 -38.97
N PHE L 36 -68.37 -63.42 -39.84
CA PHE L 36 -69.76 -63.37 -40.25
C PHE L 36 -70.19 -64.65 -40.95
N ALA L 37 -69.30 -65.25 -41.74
CA ALA L 37 -69.63 -66.47 -42.45
C ALA L 37 -69.88 -67.63 -41.49
N ILE L 38 -68.96 -67.86 -40.55
CA ILE L 38 -69.21 -68.92 -39.56
C ILE L 38 -70.41 -68.60 -38.70
N LEU L 39 -70.61 -67.32 -38.36
CA LEU L 39 -71.79 -66.95 -37.58
C LEU L 39 -73.07 -67.31 -38.32
N LYS L 40 -73.13 -66.99 -39.61
CA LYS L 40 -74.33 -67.28 -40.39
C LYS L 40 -74.55 -68.79 -40.54
N GLN L 41 -73.47 -69.55 -40.78
CA GLN L 41 -73.65 -70.99 -40.96
C GLN L 41 -74.08 -71.66 -39.66
N HIS L 42 -73.51 -71.25 -38.52
CA HIS L 42 -73.93 -71.83 -37.25
C HIS L 42 -75.31 -71.34 -36.85
N ALA L 43 -75.72 -70.16 -37.32
CA ALA L 43 -77.07 -69.69 -37.07
C ALA L 43 -78.09 -70.50 -37.86
N LYS L 44 -77.79 -70.80 -39.13
CA LYS L 44 -78.73 -71.59 -39.90
C LYS L 44 -78.69 -73.07 -39.51
N SER L 45 -77.61 -73.53 -38.86
CA SER L 45 -77.62 -74.89 -38.33
C SER L 45 -78.66 -75.04 -37.23
N GLY L 46 -78.78 -74.04 -36.36
CA GLY L 46 -79.81 -74.01 -35.34
C GLY L 46 -79.33 -74.03 -33.90
N GLU L 47 -78.02 -74.14 -33.66
CA GLU L 47 -77.51 -74.19 -32.30
C GLU L 47 -77.48 -72.80 -31.67
N ASP L 48 -77.43 -72.78 -30.34
CA ASP L 48 -77.36 -71.52 -29.61
C ASP L 48 -76.01 -70.83 -29.84
N ILE L 49 -76.02 -69.51 -29.83
CA ILE L 49 -74.84 -68.71 -30.09
C ILE L 49 -74.70 -67.64 -29.00
N PHE L 50 -73.46 -67.20 -28.78
CA PHE L 50 -73.09 -66.32 -27.69
C PHE L 50 -72.35 -65.10 -28.23
N GLY L 51 -72.42 -64.00 -27.49
CA GLY L 51 -71.72 -62.79 -27.89
C GLY L 51 -71.48 -61.89 -26.71
N ASP L 52 -70.36 -61.16 -26.76
CA ASP L 52 -69.97 -60.25 -25.71
C ASP L 52 -69.16 -59.10 -26.28
N GLY L 53 -69.09 -58.01 -25.52
CA GLY L 53 -68.29 -56.87 -25.94
C GLY L 53 -68.77 -55.59 -25.28
N VAL L 54 -68.17 -54.50 -25.71
CA VAL L 54 -68.43 -53.18 -25.14
C VAL L 54 -69.55 -52.50 -25.92
N LEU L 55 -70.58 -52.07 -25.19
CA LEU L 55 -71.73 -51.43 -25.82
C LEU L 55 -71.40 -50.00 -26.22
N GLU L 56 -72.08 -49.53 -27.27
CA GLU L 56 -71.91 -48.18 -27.77
C GLU L 56 -73.25 -47.68 -28.27
N ILE L 57 -73.52 -46.39 -28.07
CA ILE L 57 -74.82 -45.80 -28.40
C ILE L 57 -74.62 -44.75 -29.48
N LEU L 58 -75.40 -44.86 -30.56
CA LEU L 58 -75.36 -43.90 -31.64
C LEU L 58 -76.14 -42.64 -31.26
N GLN L 59 -76.39 -41.77 -32.23
CA GLN L 59 -77.10 -40.52 -31.98
C GLN L 59 -78.60 -40.72 -31.79
N ASP L 60 -79.13 -41.91 -32.08
CA ASP L 60 -80.56 -42.17 -31.96
C ASP L 60 -80.85 -43.44 -31.18
N GLY L 61 -79.91 -43.91 -30.37
CA GLY L 61 -80.10 -45.13 -29.62
C GLY L 61 -79.94 -46.40 -30.42
N PHE L 62 -79.56 -46.31 -31.68
CA PHE L 62 -79.37 -47.47 -32.55
C PHE L 62 -78.03 -48.11 -32.16
N GLY L 63 -78.03 -48.76 -31.00
CA GLY L 63 -76.78 -49.13 -30.36
C GLY L 63 -76.09 -50.28 -31.06
N PHE L 64 -74.77 -50.32 -30.89
CA PHE L 64 -73.91 -51.38 -31.38
C PHE L 64 -73.13 -51.98 -30.22
N LEU L 65 -72.38 -53.04 -30.52
CA LEU L 65 -71.53 -53.70 -29.52
C LEU L 65 -70.22 -54.06 -30.18
N ARG L 66 -69.16 -53.33 -29.84
CA ARG L 66 -67.85 -53.53 -30.43
C ARG L 66 -67.04 -54.51 -29.60
N SER L 67 -65.89 -54.92 -30.14
CA SER L 67 -65.01 -55.87 -29.51
C SER L 67 -63.67 -55.22 -29.20
N ALA L 68 -63.13 -55.53 -28.02
CA ALA L 68 -61.89 -54.89 -27.59
C ALA L 68 -60.68 -55.42 -28.34
N ASP L 69 -60.63 -56.74 -28.57
CA ASP L 69 -59.48 -57.32 -29.25
C ASP L 69 -59.37 -56.85 -30.70
N SER L 70 -60.50 -56.47 -31.31
CA SER L 70 -60.51 -55.94 -32.66
C SER L 70 -60.22 -54.45 -32.71
N SER L 71 -59.91 -53.83 -31.56
CA SER L 71 -59.62 -52.40 -31.47
C SER L 71 -60.80 -51.54 -31.90
N TYR L 72 -62.01 -52.08 -31.75
CA TYR L 72 -63.26 -51.33 -31.96
C TYR L 72 -63.40 -50.83 -33.40
N LEU L 73 -63.35 -51.77 -34.35
CA LEU L 73 -63.72 -51.46 -35.71
C LEU L 73 -65.22 -51.61 -35.90
N ALA L 74 -65.77 -50.81 -36.82
CA ALA L 74 -67.20 -50.87 -37.15
C ALA L 74 -67.41 -51.90 -38.26
N GLY L 75 -67.10 -53.15 -37.93
CA GLY L 75 -67.21 -54.23 -38.88
C GLY L 75 -68.59 -54.86 -38.89
N PRO L 76 -68.83 -55.73 -39.88
CA PRO L 76 -70.13 -56.42 -39.95
C PRO L 76 -70.42 -57.32 -38.76
N ASP L 77 -69.39 -57.76 -38.03
CA ASP L 77 -69.56 -58.70 -36.93
C ASP L 77 -70.13 -58.05 -35.67
N ASP L 78 -70.25 -56.72 -35.64
CA ASP L 78 -70.74 -56.05 -34.45
C ASP L 78 -72.16 -56.48 -34.13
N ILE L 79 -72.43 -56.73 -32.86
CA ILE L 79 -73.73 -57.19 -32.40
C ILE L 79 -74.65 -56.00 -32.20
N TYR L 80 -75.75 -55.97 -32.93
CA TYR L 80 -76.71 -54.88 -32.82
C TYR L 80 -77.48 -54.97 -31.51
N VAL L 81 -77.70 -53.81 -30.89
CA VAL L 81 -78.48 -53.70 -29.65
C VAL L 81 -79.62 -52.73 -29.92
N SER L 82 -80.85 -53.20 -29.76
CA SER L 82 -82.00 -52.37 -30.01
C SER L 82 -82.17 -51.33 -28.90
N PRO L 83 -82.78 -50.19 -29.20
CA PRO L 83 -83.02 -49.19 -28.15
C PRO L 83 -83.88 -49.71 -27.01
N SER L 84 -84.77 -50.67 -27.28
CA SER L 84 -85.61 -51.22 -26.22
C SER L 84 -84.79 -51.90 -25.14
N GLN L 85 -83.78 -52.67 -25.54
CA GLN L 85 -82.92 -53.33 -24.56
C GLN L 85 -82.17 -52.32 -23.72
N ILE L 86 -81.65 -51.26 -24.35
CA ILE L 86 -80.92 -50.23 -23.62
C ILE L 86 -81.86 -49.54 -22.63
N ARG L 87 -83.08 -49.23 -23.06
CA ARG L 87 -84.03 -48.56 -22.18
C ARG L 87 -84.41 -49.45 -21.00
N ARG L 88 -84.60 -50.75 -21.25
CA ARG L 88 -85.08 -51.62 -20.18
C ARG L 88 -83.96 -51.93 -19.19
N PHE L 89 -82.73 -52.14 -19.68
CA PHE L 89 -81.61 -52.47 -18.83
C PHE L 89 -80.83 -51.25 -18.36
N ASN L 90 -81.23 -50.04 -18.77
CA ASN L 90 -80.56 -48.80 -18.38
C ASN L 90 -79.07 -48.84 -18.74
N LEU L 91 -78.76 -49.40 -19.90
CA LEU L 91 -77.38 -49.47 -20.35
C LEU L 91 -76.93 -48.13 -20.93
N ARG L 92 -75.62 -48.00 -21.10
CA ARG L 92 -75.04 -46.79 -21.66
C ARG L 92 -73.71 -47.16 -22.29
N THR L 93 -73.09 -46.17 -22.94
CA THR L 93 -71.83 -46.40 -23.62
C THR L 93 -70.75 -46.84 -22.65
N GLY L 94 -69.97 -47.84 -23.05
CA GLY L 94 -68.91 -48.37 -22.23
C GLY L 94 -69.28 -49.60 -21.43
N ASP L 95 -70.56 -49.97 -21.38
CA ASP L 95 -70.98 -51.15 -20.65
C ASP L 95 -70.45 -52.41 -21.30
N THR L 96 -70.04 -53.37 -20.48
CA THR L 96 -69.56 -54.67 -20.96
C THR L 96 -70.72 -55.66 -20.89
N ILE L 97 -71.26 -56.01 -22.05
CA ILE L 97 -72.43 -56.87 -22.15
C ILE L 97 -71.97 -58.25 -22.62
N SER L 98 -72.68 -59.28 -22.15
CA SER L 98 -72.43 -60.64 -22.60
C SER L 98 -73.71 -61.46 -22.44
N GLY L 99 -73.97 -62.30 -23.43
CA GLY L 99 -75.17 -63.12 -23.39
C GLY L 99 -75.44 -63.75 -24.74
N LYS L 100 -76.56 -64.47 -24.81
CA LYS L 100 -76.99 -65.07 -26.06
C LYS L 100 -77.40 -63.99 -27.05
N ILE L 101 -77.01 -64.18 -28.31
CA ILE L 101 -77.31 -63.22 -29.36
C ILE L 101 -78.22 -63.89 -30.39
N ARG L 102 -78.92 -63.05 -31.15
CA ARG L 102 -79.92 -63.52 -32.09
C ARG L 102 -79.40 -63.47 -33.52
N PRO L 103 -79.62 -64.51 -34.32
CA PRO L 103 -79.20 -64.46 -35.71
C PRO L 103 -79.99 -63.41 -36.47
N PRO L 104 -79.38 -62.75 -37.46
CA PRO L 104 -80.10 -61.75 -38.24
C PRO L 104 -81.17 -62.39 -39.11
N LYS L 105 -82.24 -61.63 -39.34
CA LYS L 105 -83.33 -62.03 -40.21
C LYS L 105 -83.36 -61.12 -41.44
N GLU L 106 -84.38 -61.30 -42.27
CA GLU L 106 -84.53 -60.46 -43.45
C GLU L 106 -84.79 -59.02 -43.04
N GLY L 107 -84.10 -58.09 -43.71
CA GLY L 107 -84.21 -56.68 -43.44
C GLY L 107 -83.07 -56.11 -42.62
N GLU L 108 -82.29 -56.95 -41.94
CA GLU L 108 -81.14 -56.50 -41.17
C GLU L 108 -79.96 -57.42 -41.45
N ARG L 109 -78.75 -56.86 -41.27
CA ARG L 109 -77.51 -57.58 -41.54
C ARG L 109 -76.60 -57.63 -40.33
N TYR L 110 -77.16 -57.46 -39.13
CA TYR L 110 -76.37 -57.48 -37.90
C TYR L 110 -77.00 -58.45 -36.91
N PHE L 111 -76.14 -59.23 -36.23
CA PHE L 111 -76.61 -60.17 -35.22
C PHE L 111 -77.17 -59.41 -34.04
N ALA L 112 -78.48 -59.52 -33.81
CA ALA L 112 -79.10 -58.87 -32.67
C ALA L 112 -78.77 -59.63 -31.40
N LEU L 113 -79.01 -58.98 -30.26
CA LEU L 113 -78.79 -59.57 -28.95
C LEU L 113 -80.07 -60.27 -28.49
N LEU L 114 -80.01 -61.59 -28.36
CA LEU L 114 -81.17 -62.35 -27.93
C LEU L 114 -81.50 -62.08 -26.47
N LYS L 115 -80.56 -62.40 -25.57
CA LYS L 115 -80.75 -62.16 -24.15
C LYS L 115 -79.39 -62.02 -23.49
N VAL L 116 -79.30 -61.10 -22.55
CA VAL L 116 -78.06 -60.83 -21.82
C VAL L 116 -78.04 -61.66 -20.54
N ASN L 117 -76.88 -62.25 -20.25
CA ASN L 117 -76.70 -62.96 -19.00
C ASN L 117 -75.65 -62.34 -18.09
N GLU L 118 -74.92 -61.32 -18.54
CA GLU L 118 -73.99 -60.63 -17.67
C GLU L 118 -73.74 -59.22 -18.20
N VAL L 119 -73.66 -58.26 -17.28
CA VAL L 119 -73.38 -56.87 -17.61
C VAL L 119 -72.25 -56.39 -16.70
N ASN L 120 -71.18 -55.88 -17.29
CA ASN L 120 -70.02 -55.39 -16.54
C ASN L 120 -69.48 -56.45 -15.59
N PHE L 121 -69.44 -57.69 -16.06
CA PHE L 121 -68.96 -58.83 -15.28
C PHE L 121 -69.75 -58.99 -13.99
N ASP L 122 -71.06 -58.72 -14.07
CA ASP L 122 -71.93 -58.79 -12.91
C ASP L 122 -73.35 -59.06 -13.39
N LYS L 123 -74.21 -59.44 -12.45
CA LYS L 123 -75.60 -59.71 -12.77
C LYS L 123 -76.27 -58.43 -13.27
N PRO L 124 -77.07 -58.49 -14.33
CA PRO L 124 -77.72 -57.28 -14.84
C PRO L 124 -78.65 -56.63 -13.83
N GLU L 125 -79.18 -57.40 -12.87
CA GLU L 125 -80.06 -56.82 -11.86
C GLU L 125 -79.30 -55.83 -10.99
N ASN L 126 -78.07 -56.17 -10.58
CA ASN L 126 -77.26 -55.27 -9.77
C ASN L 126 -76.55 -54.21 -10.60
N ALA L 127 -76.47 -54.38 -11.92
CA ALA L 127 -75.81 -53.39 -12.75
C ALA L 127 -76.54 -52.05 -12.74
N ARG L 128 -77.88 -52.09 -12.78
CA ARG L 128 -78.65 -50.86 -12.83
C ARG L 128 -78.56 -50.05 -11.54
N ASN L 129 -78.21 -50.69 -10.42
CA ASN L 129 -78.10 -50.00 -9.14
C ASN L 129 -76.63 -49.62 -8.88
N LYS L 130 -76.14 -48.71 -9.71
CA LYS L 130 -74.78 -48.22 -9.59
C LYS L 130 -74.76 -46.70 -9.78
N ILE L 131 -73.95 -46.03 -8.97
CA ILE L 131 -73.87 -44.58 -9.02
C ILE L 131 -73.02 -44.16 -10.22
N LEU L 132 -73.32 -42.96 -10.75
CA LEU L 132 -72.55 -42.44 -11.86
C LEU L 132 -71.12 -42.11 -11.42
N PHE L 133 -70.21 -42.16 -12.40
CA PHE L 133 -68.82 -41.84 -12.13
C PHE L 133 -68.65 -40.39 -11.71
N GLU L 134 -69.43 -39.49 -12.31
CA GLU L 134 -69.33 -38.08 -11.98
C GLU L 134 -69.77 -37.82 -10.53
N ASN L 135 -70.81 -38.52 -10.06
CA ASN L 135 -71.32 -38.29 -8.72
C ASN L 135 -70.34 -38.76 -7.64
N LEU L 136 -69.35 -39.57 -7.98
CA LEU L 136 -68.40 -40.04 -6.99
C LEU L 136 -67.45 -38.91 -6.60
N THR L 137 -67.25 -38.74 -5.29
CA THR L 137 -66.39 -37.67 -4.79
C THR L 137 -64.93 -38.07 -4.96
N PRO L 138 -64.11 -37.26 -5.62
CA PRO L 138 -62.70 -37.60 -5.80
C PRO L 138 -61.94 -37.48 -4.49
N LEU L 139 -60.71 -37.99 -4.51
CA LEU L 139 -59.80 -37.92 -3.38
C LEU L 139 -58.37 -37.93 -3.89
N HIS L 140 -57.44 -37.57 -3.01
CA HIS L 140 -56.03 -37.69 -3.33
C HIS L 140 -55.63 -39.17 -3.36
N ALA L 141 -54.48 -39.44 -3.98
CA ALA L 141 -53.98 -40.80 -4.08
C ALA L 141 -53.48 -41.27 -2.72
N ASN L 142 -53.99 -42.42 -2.27
CA ASN L 142 -53.60 -43.01 -0.99
C ASN L 142 -52.81 -44.30 -1.15
N SER L 143 -53.31 -45.24 -1.93
CA SER L 143 -52.66 -46.53 -2.08
C SER L 143 -51.45 -46.40 -3.00
N ARG L 144 -50.29 -46.78 -2.48
CA ARG L 144 -49.07 -46.74 -3.28
C ARG L 144 -49.10 -47.83 -4.34
N LEU L 145 -48.61 -47.50 -5.54
CA LEU L 145 -48.53 -48.43 -6.65
C LEU L 145 -47.04 -48.60 -6.99
N ARG L 146 -46.42 -49.60 -6.38
CA ARG L 146 -44.98 -49.79 -6.54
C ARG L 146 -44.66 -50.36 -7.91
N MET L 147 -43.54 -49.91 -8.48
CA MET L 147 -43.09 -50.39 -9.79
C MET L 147 -41.97 -51.43 -9.71
N GLU L 148 -41.24 -51.50 -8.60
CA GLU L 148 -40.12 -52.41 -8.50
C GLU L 148 -40.62 -53.85 -8.39
N ARG L 149 -40.16 -54.70 -9.31
CA ARG L 149 -40.58 -56.10 -9.30
C ARG L 149 -39.89 -56.89 -8.19
N GLY L 150 -38.62 -56.61 -7.94
CA GLY L 150 -37.86 -57.32 -6.93
C GLY L 150 -37.25 -58.63 -7.37
N ASN L 151 -37.37 -58.99 -8.65
CA ASN L 151 -36.81 -60.24 -9.15
C ASN L 151 -35.39 -60.07 -9.69
N GLY L 152 -34.83 -58.88 -9.61
CA GLY L 152 -33.48 -58.64 -10.09
C GLY L 152 -33.30 -58.81 -11.58
N SER L 153 -34.24 -58.32 -12.37
CA SER L 153 -34.15 -58.45 -13.82
C SER L 153 -33.10 -57.49 -14.38
N THR L 154 -32.66 -57.77 -15.61
CA THR L 154 -31.67 -56.91 -16.26
C THR L 154 -32.26 -55.56 -16.64
N GLU L 155 -33.56 -55.51 -16.92
CA GLU L 155 -34.23 -54.27 -17.29
C GLU L 155 -35.12 -53.72 -16.19
N ASP L 156 -35.15 -54.35 -15.02
CA ASP L 156 -35.90 -53.84 -13.88
C ASP L 156 -35.31 -52.54 -13.33
N LEU L 157 -34.09 -52.19 -13.74
CA LEU L 157 -33.48 -50.94 -13.30
C LEU L 157 -34.32 -49.74 -13.69
N THR L 158 -35.01 -49.81 -14.84
CA THR L 158 -35.90 -48.73 -15.23
C THR L 158 -37.03 -48.57 -14.21
N ALA L 159 -37.63 -49.68 -13.78
CA ALA L 159 -38.69 -49.61 -12.78
C ALA L 159 -38.16 -49.10 -11.45
N ARG L 160 -36.94 -49.51 -11.07
CA ARG L 160 -36.36 -49.02 -9.83
C ARG L 160 -36.12 -47.51 -9.88
N VAL L 161 -35.61 -47.01 -11.01
CA VAL L 161 -35.43 -45.57 -11.17
C VAL L 161 -36.77 -44.86 -11.14
N LEU L 162 -37.78 -45.45 -11.76
CA LEU L 162 -39.11 -44.84 -11.75
C LEU L 162 -39.65 -44.72 -10.33
N ASP L 163 -39.48 -45.77 -9.52
CA ASP L 163 -39.89 -45.70 -8.12
C ASP L 163 -39.10 -44.65 -7.35
N LEU L 164 -37.79 -44.57 -7.61
CA LEU L 164 -36.97 -43.60 -6.89
C LEU L 164 -37.25 -42.16 -7.31
N ALA L 165 -37.78 -41.95 -8.51
CA ALA L 165 -37.94 -40.59 -9.03
C ALA L 165 -39.32 -40.01 -8.73
N SER L 166 -40.38 -40.67 -9.21
CA SER L 166 -41.73 -40.18 -9.04
C SER L 166 -42.63 -41.30 -8.52
N LEU L 167 -43.48 -40.97 -7.56
CA LEU L 167 -44.38 -41.94 -6.98
C LEU L 167 -45.51 -42.27 -7.94
N ILE L 168 -46.02 -43.49 -7.83
CA ILE L 168 -47.18 -43.94 -8.59
C ILE L 168 -48.27 -44.33 -7.59
N GLY L 169 -49.47 -43.78 -7.79
CA GLY L 169 -50.57 -44.06 -6.90
C GLY L 169 -51.84 -44.32 -7.68
N ARG L 170 -52.79 -44.98 -6.99
CA ARG L 170 -54.08 -45.24 -7.58
C ARG L 170 -54.87 -43.95 -7.75
N GLY L 171 -55.55 -43.82 -8.88
CA GLY L 171 -56.32 -42.62 -9.16
C GLY L 171 -55.45 -41.38 -9.31
N GLN L 172 -54.36 -41.50 -10.06
CA GLN L 172 -53.40 -40.42 -10.23
C GLN L 172 -53.24 -40.09 -11.70
N ARG L 173 -52.95 -38.82 -11.98
CA ARG L 173 -52.72 -38.34 -13.33
C ARG L 173 -51.23 -38.23 -13.58
N GLY L 174 -50.77 -38.77 -14.70
CA GLY L 174 -49.35 -38.78 -15.02
C GLY L 174 -49.06 -38.19 -16.37
N LEU L 175 -47.92 -37.49 -16.46
CA LEU L 175 -47.42 -36.96 -17.71
C LEU L 175 -45.98 -37.41 -17.91
N ILE L 176 -45.65 -37.75 -19.15
CA ILE L 176 -44.29 -38.15 -19.52
C ILE L 176 -43.81 -37.13 -20.54
N VAL L 177 -43.11 -36.11 -20.07
CA VAL L 177 -42.62 -35.05 -20.95
C VAL L 177 -41.31 -35.51 -21.57
N ALA L 178 -41.34 -35.85 -22.85
CA ALA L 178 -40.16 -36.40 -23.51
C ALA L 178 -40.10 -36.03 -24.97
N PRO L 179 -38.91 -35.72 -25.49
CA PRO L 179 -38.75 -35.53 -26.94
C PRO L 179 -38.68 -36.87 -27.64
N PRO L 180 -38.71 -36.88 -28.97
CA PRO L 180 -38.52 -38.15 -29.70
C PRO L 180 -37.13 -38.72 -29.44
N LYS L 181 -37.01 -40.03 -29.69
CA LYS L 181 -35.78 -40.78 -29.46
C LYS L 181 -35.36 -40.73 -27.99
N ALA L 182 -36.28 -41.14 -27.13
CA ALA L 182 -36.06 -41.13 -25.69
C ALA L 182 -36.46 -42.42 -24.98
N GLY L 183 -37.22 -43.30 -25.61
CA GLY L 183 -37.60 -44.54 -24.99
C GLY L 183 -38.95 -44.52 -24.30
N LYS L 184 -39.89 -43.72 -24.77
CA LYS L 184 -41.21 -43.66 -24.13
C LYS L 184 -41.95 -44.98 -24.26
N THR L 185 -41.92 -45.59 -25.45
CA THR L 185 -42.76 -46.76 -25.71
C THR L 185 -42.43 -47.90 -24.76
N MET L 186 -41.16 -48.26 -24.65
CA MET L 186 -40.86 -49.37 -23.76
C MET L 186 -40.68 -48.96 -22.31
N LEU L 187 -40.62 -47.66 -22.02
CA LEU L 187 -40.83 -47.22 -20.64
C LEU L 187 -42.26 -47.56 -20.22
N LEU L 188 -43.24 -47.26 -21.07
CA LEU L 188 -44.61 -47.69 -20.83
C LEU L 188 -44.72 -49.21 -20.81
N GLN L 189 -43.92 -49.90 -21.63
CA GLN L 189 -43.90 -51.36 -21.60
C GLN L 189 -43.43 -51.87 -20.23
N ASN L 190 -42.38 -51.26 -19.68
CA ASN L 190 -41.90 -51.64 -18.36
C ASN L 190 -42.96 -51.36 -17.30
N ILE L 191 -43.65 -50.21 -17.42
CA ILE L 191 -44.73 -49.90 -16.48
C ILE L 191 -45.82 -50.95 -16.55
N ALA L 192 -46.20 -51.35 -17.76
CA ALA L 192 -47.25 -52.36 -17.94
C ALA L 192 -46.81 -53.70 -17.38
N GLN L 193 -45.54 -54.08 -17.60
CA GLN L 193 -45.05 -55.33 -17.04
C GLN L 193 -45.08 -55.29 -15.51
N SER L 194 -44.69 -54.16 -14.92
CA SER L 194 -44.73 -54.04 -13.47
C SER L 194 -46.16 -54.12 -12.94
N ILE L 195 -47.10 -53.49 -13.65
CA ILE L 195 -48.50 -53.59 -13.24
C ILE L 195 -48.99 -55.03 -13.31
N ALA L 196 -48.66 -55.73 -14.40
CA ALA L 196 -49.10 -57.11 -14.55
C ALA L 196 -48.47 -58.02 -13.50
N TYR L 197 -47.24 -57.72 -13.09
CA TYR L 197 -46.54 -58.59 -12.15
C TYR L 197 -46.96 -58.31 -10.71
N ASN L 198 -46.75 -57.08 -10.24
CA ASN L 198 -46.95 -56.76 -8.84
C ASN L 198 -48.43 -56.66 -8.46
N HIS L 199 -49.26 -56.11 -9.34
CA HIS L 199 -50.67 -55.85 -9.04
C HIS L 199 -51.54 -56.50 -10.11
N PRO L 200 -51.71 -57.82 -10.05
CA PRO L 200 -52.57 -58.49 -11.05
C PRO L 200 -54.05 -58.17 -10.89
N ASP L 201 -54.46 -57.65 -9.74
CA ASP L 201 -55.89 -57.41 -9.52
C ASP L 201 -56.40 -56.20 -10.30
N CYS L 202 -55.60 -55.14 -10.39
CA CYS L 202 -56.04 -53.93 -11.06
C CYS L 202 -56.09 -54.12 -12.58
N VAL L 203 -57.09 -53.53 -13.21
CA VAL L 203 -57.28 -53.65 -14.65
C VAL L 203 -56.32 -52.72 -15.36
N LEU L 204 -55.58 -53.25 -16.33
CA LEU L 204 -54.64 -52.49 -17.13
C LEU L 204 -55.20 -52.33 -18.54
N MET L 205 -55.23 -51.10 -19.03
CA MET L 205 -55.81 -50.78 -20.34
C MET L 205 -54.85 -49.84 -21.07
N VAL L 206 -53.94 -50.41 -21.84
CA VAL L 206 -53.00 -49.61 -22.62
C VAL L 206 -53.69 -49.11 -23.87
N LEU L 207 -53.54 -47.82 -24.15
CA LEU L 207 -54.15 -47.17 -25.30
C LEU L 207 -53.07 -46.47 -26.11
N LEU L 208 -53.06 -46.71 -27.41
CA LEU L 208 -52.09 -46.10 -28.32
C LEU L 208 -52.82 -45.34 -29.42
N ILE L 209 -52.28 -44.18 -29.77
CA ILE L 209 -52.87 -43.30 -30.78
C ILE L 209 -51.85 -43.13 -31.90
N ASP L 210 -52.34 -43.23 -33.15
CA ASP L 210 -51.60 -43.03 -34.39
C ASP L 210 -50.16 -43.56 -34.36
N GLU L 211 -49.97 -44.72 -33.73
CA GLU L 211 -48.66 -45.34 -33.68
C GLU L 211 -48.41 -46.18 -34.93
N ARG L 212 -47.14 -46.45 -35.20
CA ARG L 212 -46.78 -47.27 -36.33
C ARG L 212 -47.24 -48.71 -36.11
N PRO L 213 -47.64 -49.41 -37.18
CA PRO L 213 -48.14 -50.78 -37.01
C PRO L 213 -47.15 -51.73 -36.36
N GLU L 214 -45.86 -51.57 -36.62
CA GLU L 214 -44.86 -52.42 -35.97
C GLU L 214 -44.86 -52.22 -34.46
N GLU L 215 -44.94 -50.97 -34.01
CA GLU L 215 -45.02 -50.71 -32.58
C GLU L 215 -46.31 -51.27 -31.99
N VAL L 216 -47.41 -51.17 -32.71
CA VAL L 216 -48.69 -51.69 -32.23
C VAL L 216 -48.61 -53.20 -32.05
N THR L 217 -48.09 -53.90 -33.05
CA THR L 217 -48.03 -55.36 -32.96
C THR L 217 -46.96 -55.84 -31.98
N GLU L 218 -45.93 -55.04 -31.72
CA GLU L 218 -44.98 -55.38 -30.66
C GLU L 218 -45.60 -55.18 -29.29
N MET L 219 -46.36 -54.10 -29.11
CA MET L 219 -47.04 -53.85 -27.85
C MET L 219 -48.08 -54.92 -27.56
N GLN L 220 -48.82 -55.33 -28.58
CA GLN L 220 -49.97 -56.21 -28.36
C GLN L 220 -49.55 -57.60 -27.89
N ARG L 221 -48.41 -58.09 -28.35
CA ARG L 221 -47.96 -59.44 -28.01
C ARG L 221 -47.10 -59.47 -26.75
N LEU L 222 -46.91 -58.35 -26.08
CA LEU L 222 -46.05 -58.28 -24.90
C LEU L 222 -46.79 -57.98 -23.61
N VAL L 223 -47.72 -57.03 -23.61
CA VAL L 223 -48.41 -56.66 -22.38
C VAL L 223 -49.43 -57.73 -22.02
N LYS L 224 -49.47 -58.10 -20.75
CA LYS L 224 -50.43 -59.11 -20.30
C LYS L 224 -51.85 -58.60 -20.39
N GLY L 225 -52.10 -57.37 -19.94
CA GLY L 225 -53.42 -56.79 -20.05
C GLY L 225 -53.78 -56.45 -21.49
N GLU L 226 -55.08 -56.31 -21.72
CA GLU L 226 -55.55 -56.04 -23.07
C GLU L 226 -55.14 -54.64 -23.50
N VAL L 227 -54.79 -54.50 -24.77
CA VAL L 227 -54.28 -53.26 -25.33
C VAL L 227 -55.12 -52.88 -26.55
N VAL L 228 -55.36 -51.58 -26.71
CA VAL L 228 -56.09 -51.05 -27.85
C VAL L 228 -55.25 -49.96 -28.49
N ALA L 229 -55.16 -49.99 -29.81
CA ALA L 229 -54.28 -49.06 -30.51
C ALA L 229 -54.93 -48.64 -31.83
N SER L 230 -54.56 -47.45 -32.28
CA SER L 230 -54.98 -46.93 -33.57
C SER L 230 -53.75 -46.46 -34.33
N THR L 231 -53.74 -46.74 -35.63
CA THR L 231 -52.61 -46.37 -36.47
C THR L 231 -52.85 -45.00 -37.12
N PHE L 232 -51.83 -44.49 -37.79
CA PHE L 232 -51.95 -43.23 -38.51
C PHE L 232 -52.70 -43.36 -39.81
N ASP L 233 -52.99 -44.58 -40.27
CA ASP L 233 -53.65 -44.77 -41.55
C ASP L 233 -55.08 -44.23 -41.52
N GLU L 234 -55.86 -44.64 -40.52
CA GLU L 234 -57.25 -44.23 -40.43
C GLU L 234 -57.36 -42.78 -39.97
N PRO L 235 -58.47 -42.11 -40.26
CA PRO L 235 -58.60 -40.70 -39.91
C PRO L 235 -58.74 -40.50 -38.41
N ALA L 236 -58.77 -39.23 -38.02
CA ALA L 236 -58.84 -38.87 -36.60
C ALA L 236 -60.18 -39.20 -35.97
N SER L 237 -61.23 -39.41 -36.77
CA SER L 237 -62.52 -39.78 -36.20
C SER L 237 -62.43 -41.09 -35.45
N ARG L 238 -61.77 -42.09 -36.04
CA ARG L 238 -61.54 -43.35 -35.32
C ARG L 238 -60.70 -43.13 -34.08
N HIS L 239 -59.69 -42.26 -34.16
CA HIS L 239 -58.85 -41.97 -33.01
C HIS L 239 -59.69 -41.48 -31.85
N VAL L 240 -60.51 -40.45 -32.09
CA VAL L 240 -61.29 -39.87 -31.01
C VAL L 240 -62.31 -40.88 -30.50
N GLN L 241 -62.99 -41.60 -31.39
CA GLN L 241 -64.04 -42.51 -30.91
C GLN L 241 -63.43 -43.66 -30.11
N VAL L 242 -62.22 -44.12 -30.48
CA VAL L 242 -61.50 -45.05 -29.62
C VAL L 242 -61.23 -44.42 -28.26
N ALA L 243 -60.90 -43.13 -28.24
CA ALA L 243 -60.67 -42.46 -26.96
C ALA L 243 -61.91 -42.50 -26.07
N GLU L 244 -63.09 -42.14 -26.62
CA GLU L 244 -64.28 -42.23 -25.77
C GLU L 244 -64.62 -43.66 -25.41
N MET L 245 -64.38 -44.63 -26.30
CA MET L 245 -64.66 -46.01 -25.92
C MET L 245 -63.82 -46.43 -24.74
N VAL L 246 -62.53 -46.10 -24.76
CA VAL L 246 -61.64 -46.47 -23.67
C VAL L 246 -62.04 -45.79 -22.39
N ILE L 247 -62.33 -44.48 -22.45
CA ILE L 247 -62.63 -43.76 -21.22
C ILE L 247 -63.97 -44.21 -20.64
N GLU L 248 -64.96 -44.49 -21.50
CA GLU L 248 -66.24 -44.97 -21.01
C GLU L 248 -66.12 -46.36 -20.39
N LYS L 249 -65.32 -47.23 -21.00
CA LYS L 249 -65.10 -48.55 -20.41
C LYS L 249 -64.42 -48.42 -19.05
N ALA L 250 -63.41 -47.55 -18.96
CA ALA L 250 -62.73 -47.33 -17.68
C ALA L 250 -63.71 -46.83 -16.63
N LYS L 251 -64.57 -45.88 -17.01
CA LYS L 251 -65.56 -45.37 -16.07
C LYS L 251 -66.52 -46.45 -15.62
N ARG L 252 -66.99 -47.29 -16.55
CA ARG L 252 -67.93 -48.33 -16.19
C ARG L 252 -67.32 -49.35 -15.24
N LEU L 253 -66.08 -49.77 -15.50
CA LEU L 253 -65.42 -50.68 -14.57
C LEU L 253 -65.15 -50.03 -13.22
N VAL L 254 -64.69 -48.78 -13.20
CA VAL L 254 -64.37 -48.15 -11.92
C VAL L 254 -65.64 -47.84 -11.13
N GLU L 255 -66.80 -47.79 -11.80
CA GLU L 255 -68.06 -47.66 -11.08
C GLU L 255 -68.34 -48.88 -10.21
N HIS L 256 -67.72 -50.02 -10.49
CA HIS L 256 -67.89 -51.24 -9.72
C HIS L 256 -66.77 -51.43 -8.71
N LYS L 257 -66.20 -50.34 -8.20
CA LYS L 257 -65.12 -50.38 -7.21
C LYS L 257 -63.92 -51.18 -7.74
N LYS L 258 -63.61 -51.00 -9.01
CA LYS L 258 -62.46 -51.63 -9.65
C LYS L 258 -61.36 -50.60 -9.86
N ASP L 259 -60.12 -51.07 -9.90
CA ASP L 259 -58.97 -50.22 -10.15
C ASP L 259 -58.57 -50.34 -11.62
N VAL L 260 -58.65 -49.23 -12.34
CA VAL L 260 -58.34 -49.19 -13.77
C VAL L 260 -57.09 -48.34 -13.97
N ILE L 261 -56.19 -48.81 -14.83
CA ILE L 261 -54.97 -48.10 -15.17
C ILE L 261 -54.90 -47.96 -16.68
N ILE L 262 -54.67 -46.75 -17.16
CA ILE L 262 -54.62 -46.46 -18.59
C ILE L 262 -53.29 -45.79 -18.90
N LEU L 263 -52.45 -46.47 -19.67
CA LEU L 263 -51.22 -45.89 -20.20
C LEU L 263 -51.45 -45.44 -21.63
N LEU L 264 -51.18 -44.17 -21.92
CA LEU L 264 -51.56 -43.57 -23.18
C LEU L 264 -50.36 -42.94 -23.86
N ASP L 265 -50.23 -43.22 -25.16
CA ASP L 265 -49.16 -42.69 -25.99
C ASP L 265 -49.77 -42.35 -27.35
N SER L 266 -49.96 -41.07 -27.63
CA SER L 266 -49.62 -39.97 -26.76
C SER L 266 -50.75 -38.97 -26.66
N ILE L 267 -50.81 -38.22 -25.55
CA ILE L 267 -51.87 -37.25 -25.37
C ILE L 267 -51.75 -36.11 -26.39
N THR L 268 -50.53 -35.84 -26.87
CA THR L 268 -50.37 -34.83 -27.90
C THR L 268 -51.05 -35.24 -29.19
N ARG L 269 -50.92 -36.51 -29.58
CA ARG L 269 -51.56 -36.98 -30.80
C ARG L 269 -53.08 -37.01 -30.66
N LEU L 270 -53.57 -37.36 -29.47
CA LEU L 270 -55.01 -37.31 -29.21
C LEU L 270 -55.52 -35.88 -29.30
N ALA L 271 -54.74 -34.92 -28.78
CA ALA L 271 -55.10 -33.51 -28.92
C ALA L 271 -55.11 -33.09 -30.38
N ARG L 272 -54.14 -33.58 -31.17
CA ARG L 272 -54.15 -33.34 -32.60
C ARG L 272 -55.44 -33.83 -33.24
N ALA L 273 -55.82 -35.06 -32.93
CA ALA L 273 -57.02 -35.65 -33.52
C ALA L 273 -58.26 -34.84 -33.13
N TYR L 274 -58.37 -34.48 -31.85
CA TYR L 274 -59.52 -33.70 -31.40
C TYR L 274 -59.55 -32.34 -32.07
N ASN L 275 -58.40 -31.70 -32.22
CA ASN L 275 -58.34 -30.40 -32.87
C ASN L 275 -58.78 -30.50 -34.32
N THR L 276 -58.38 -31.56 -35.02
CA THR L 276 -58.70 -31.70 -36.43
C THR L 276 -60.07 -32.35 -36.67
N VAL L 277 -60.78 -32.78 -35.62
CA VAL L 277 -62.14 -33.29 -35.80
C VAL L 277 -63.19 -32.35 -35.24
N VAL L 278 -62.89 -31.58 -34.19
CA VAL L 278 -63.88 -30.69 -33.59
C VAL L 278 -64.05 -29.47 -34.49
N PRO L 279 -65.29 -29.09 -34.82
CA PRO L 279 -65.51 -27.91 -35.66
C PRO L 279 -64.96 -26.65 -35.00
N ALA L 280 -64.46 -25.74 -35.83
CA ALA L 280 -63.87 -24.51 -35.33
C ALA L 280 -64.92 -23.64 -34.64
N SER L 281 -64.53 -23.04 -33.52
CA SER L 281 -65.40 -22.18 -32.75
C SER L 281 -65.25 -20.71 -33.08
N GLY L 282 -64.41 -20.37 -34.06
CA GLY L 282 -64.16 -19.00 -34.45
C GLY L 282 -63.08 -18.29 -33.67
N LYS L 283 -62.52 -18.93 -32.66
CA LYS L 283 -61.43 -18.36 -31.85
C LYS L 283 -60.26 -19.35 -31.90
N VAL L 284 -59.29 -19.06 -32.77
CA VAL L 284 -58.12 -19.91 -32.95
C VAL L 284 -56.95 -19.31 -32.20
N LEU L 285 -56.23 -20.15 -31.46
CA LEU L 285 -55.05 -19.71 -30.71
C LEU L 285 -53.81 -19.85 -31.60
N THR L 286 -52.64 -19.68 -31.01
CA THR L 286 -51.40 -19.86 -31.76
C THR L 286 -51.22 -21.33 -32.14
N GLY L 287 -50.57 -21.55 -33.27
CA GLY L 287 -50.36 -22.90 -33.75
C GLY L 287 -51.56 -23.53 -34.40
N GLY L 288 -52.60 -22.77 -34.69
CA GLY L 288 -53.80 -23.33 -35.31
C GLY L 288 -54.57 -24.30 -34.45
N VAL L 289 -54.78 -23.96 -33.17
CA VAL L 289 -55.56 -24.78 -32.25
C VAL L 289 -56.80 -24.01 -31.84
N ASP L 290 -57.95 -24.67 -31.92
CA ASP L 290 -59.20 -24.06 -31.49
C ASP L 290 -59.28 -24.05 -29.97
N ALA L 291 -59.96 -23.04 -29.43
CA ALA L 291 -60.13 -22.94 -27.99
C ALA L 291 -60.91 -24.13 -27.43
N ASN L 292 -61.99 -24.52 -28.13
CA ASN L 292 -62.79 -25.66 -27.71
C ASN L 292 -62.18 -27.00 -28.10
N ALA L 293 -61.12 -26.99 -28.92
CA ALA L 293 -60.51 -28.23 -29.35
C ALA L 293 -59.92 -29.01 -28.18
N LEU L 294 -59.27 -28.32 -27.26
CA LEU L 294 -58.61 -28.97 -26.14
C LEU L 294 -59.53 -29.24 -24.97
N HIS L 295 -60.80 -28.85 -25.06
CA HIS L 295 -61.74 -29.09 -23.97
C HIS L 295 -61.96 -30.58 -23.75
N ARG L 296 -62.05 -31.36 -24.83
CA ARG L 296 -62.31 -32.79 -24.68
C ARG L 296 -61.10 -33.55 -24.18
N PRO L 297 -59.88 -33.35 -24.71
CA PRO L 297 -58.71 -34.01 -24.10
C PRO L 297 -58.52 -33.64 -22.64
N LYS L 298 -58.85 -32.41 -22.25
CA LYS L 298 -58.78 -32.04 -20.85
C LYS L 298 -59.76 -32.87 -20.02
N ARG L 299 -60.97 -33.09 -20.53
CA ARG L 299 -61.93 -33.94 -19.83
C ARG L 299 -61.41 -35.37 -19.72
N PHE L 300 -60.82 -35.89 -20.80
CA PHE L 300 -60.29 -37.25 -20.77
C PHE L 300 -59.18 -37.37 -19.72
N PHE L 301 -58.27 -36.40 -19.67
CA PHE L 301 -57.20 -36.45 -18.70
C PHE L 301 -57.72 -36.29 -17.28
N GLY L 302 -58.69 -35.40 -17.07
CA GLY L 302 -59.22 -35.16 -15.75
C GLY L 302 -60.22 -36.18 -15.26
N ALA L 303 -60.62 -37.12 -16.11
CA ALA L 303 -61.46 -38.21 -15.64
C ALA L 303 -60.77 -39.08 -14.61
N ALA L 304 -59.43 -39.02 -14.54
CA ALA L 304 -58.71 -39.80 -13.55
C ALA L 304 -58.90 -39.22 -12.16
N ARG L 305 -59.26 -40.08 -11.20
CA ARG L 305 -59.52 -39.65 -9.85
C ARG L 305 -59.48 -40.87 -8.93
N ASN L 306 -59.40 -40.61 -7.63
CA ASN L 306 -59.45 -41.64 -6.60
C ASN L 306 -60.81 -41.55 -5.93
N VAL L 307 -61.64 -42.56 -6.14
CA VAL L 307 -63.03 -42.53 -5.68
C VAL L 307 -63.07 -42.85 -4.19
N GLU L 308 -63.81 -42.03 -3.44
CA GLU L 308 -63.95 -42.27 -2.00
C GLU L 308 -64.69 -43.58 -1.73
N GLU L 309 -65.75 -43.86 -2.49
CA GLU L 309 -66.53 -45.06 -2.27
C GLU L 309 -65.70 -46.32 -2.50
N GLY L 310 -64.89 -46.32 -3.56
CA GLY L 310 -64.08 -47.48 -3.88
C GLY L 310 -63.64 -47.49 -5.32
N GLY L 311 -62.47 -48.05 -5.59
CA GLY L 311 -61.93 -48.08 -6.93
C GLY L 311 -61.14 -46.81 -7.25
N SER L 312 -60.40 -46.89 -8.35
CA SER L 312 -59.56 -45.77 -8.77
C SER L 312 -59.37 -45.82 -10.28
N LEU L 313 -59.02 -44.67 -10.85
CA LEU L 313 -58.74 -44.55 -12.27
C LEU L 313 -57.42 -43.80 -12.42
N THR L 314 -56.35 -44.54 -12.68
CA THR L 314 -55.04 -43.94 -12.92
C THR L 314 -54.81 -43.79 -14.41
N ILE L 315 -54.30 -42.62 -14.81
CA ILE L 315 -54.01 -42.31 -16.20
C ILE L 315 -52.58 -41.79 -16.29
N ILE L 316 -51.75 -42.47 -17.07
CA ILE L 316 -50.39 -42.04 -17.33
C ILE L 316 -50.30 -41.83 -18.84
N ALA L 317 -50.40 -40.58 -19.28
CA ALA L 317 -50.36 -40.24 -20.68
C ALA L 317 -49.10 -39.44 -20.98
N THR L 318 -48.39 -39.81 -22.04
CA THR L 318 -47.16 -39.11 -22.39
C THR L 318 -47.44 -37.93 -23.30
N ALA L 319 -46.58 -36.92 -23.22
CA ALA L 319 -46.70 -35.71 -24.01
C ALA L 319 -45.38 -35.43 -24.73
N LEU L 320 -45.47 -35.08 -26.00
CA LEU L 320 -44.29 -34.83 -26.81
C LEU L 320 -43.87 -33.36 -26.74
N ILE L 321 -42.56 -33.13 -26.69
CA ILE L 321 -41.98 -31.80 -26.76
C ILE L 321 -40.82 -31.84 -27.73
N ASP L 322 -40.42 -30.66 -28.19
CA ASP L 322 -39.29 -30.49 -29.11
C ASP L 322 -39.48 -31.32 -30.38
N THR L 323 -40.71 -31.39 -30.86
CA THR L 323 -41.04 -32.13 -32.07
C THR L 323 -40.92 -31.30 -33.34
N GLY L 324 -40.56 -30.01 -33.22
CA GLY L 324 -40.48 -29.14 -34.36
C GLY L 324 -41.76 -28.42 -34.71
N SER L 325 -42.87 -28.77 -34.07
CA SER L 325 -44.15 -28.10 -34.26
C SER L 325 -44.46 -27.24 -33.05
N LYS L 326 -44.70 -25.95 -33.27
CA LYS L 326 -44.92 -25.04 -32.16
C LYS L 326 -46.18 -25.39 -31.38
N MET L 327 -47.25 -25.78 -32.09
CA MET L 327 -48.49 -26.07 -31.41
C MET L 327 -48.39 -27.30 -30.52
N ASP L 328 -47.43 -28.19 -30.77
CA ASP L 328 -47.19 -29.30 -29.85
C ASP L 328 -46.80 -28.79 -28.47
N GLU L 329 -45.79 -27.90 -28.40
CA GLU L 329 -45.43 -27.38 -27.09
C GLU L 329 -46.50 -26.44 -26.56
N VAL L 330 -47.29 -25.81 -27.44
CA VAL L 330 -48.44 -25.04 -26.98
C VAL L 330 -49.41 -25.92 -26.20
N ILE L 331 -49.75 -27.08 -26.76
CA ILE L 331 -50.55 -28.06 -26.04
C ILE L 331 -49.82 -28.49 -24.77
N TYR L 332 -48.49 -28.52 -24.80
CA TYR L 332 -47.73 -28.89 -23.61
C TYR L 332 -48.00 -27.92 -22.45
N GLU L 333 -47.92 -26.60 -22.69
CA GLU L 333 -48.23 -25.75 -21.54
C GLU L 333 -49.73 -25.75 -21.25
N GLU L 334 -50.57 -26.06 -22.24
CA GLU L 334 -51.99 -26.22 -21.96
C GLU L 334 -52.23 -27.38 -21.01
N PHE L 335 -51.33 -28.36 -20.99
CA PHE L 335 -51.39 -29.48 -20.06
C PHE L 335 -50.31 -29.41 -18.98
N LYS L 336 -49.75 -28.22 -18.74
CA LYS L 336 -48.60 -28.11 -17.86
C LYS L 336 -48.96 -28.41 -16.41
N GLY L 337 -49.85 -27.62 -15.83
CA GLY L 337 -50.19 -27.78 -14.43
C GLY L 337 -51.41 -28.66 -14.21
N THR L 338 -51.75 -29.46 -15.22
CA THR L 338 -52.94 -30.30 -15.15
C THR L 338 -52.70 -31.53 -14.29
N GLY L 339 -51.75 -32.37 -14.68
CA GLY L 339 -51.50 -33.61 -13.96
C GLY L 339 -50.79 -33.38 -12.65
N ASN L 340 -50.99 -34.31 -11.72
CA ASN L 340 -50.34 -34.28 -10.42
C ASN L 340 -49.10 -35.15 -10.35
N MET L 341 -48.71 -35.77 -11.47
CA MET L 341 -47.45 -36.49 -11.56
C MET L 341 -46.80 -36.14 -12.90
N GLU L 342 -45.50 -35.81 -12.87
CA GLU L 342 -44.79 -35.52 -14.10
C GLU L 342 -43.43 -36.20 -14.07
N LEU L 343 -43.01 -36.71 -15.23
CA LEU L 343 -41.71 -37.35 -15.38
C LEU L 343 -41.05 -36.80 -16.63
N HIS L 344 -39.86 -36.22 -16.47
CA HIS L 344 -39.16 -35.59 -17.57
C HIS L 344 -38.07 -36.52 -18.10
N LEU L 345 -38.11 -36.78 -19.40
CA LEU L 345 -37.05 -37.50 -20.09
C LEU L 345 -36.32 -36.50 -20.98
N SER L 346 -34.99 -36.47 -20.88
CA SER L 346 -34.17 -35.52 -21.61
C SER L 346 -33.41 -36.23 -22.72
N ARG L 347 -33.45 -35.67 -23.93
CA ARG L 347 -32.73 -36.26 -25.05
C ARG L 347 -31.21 -36.09 -24.90
N LYS L 348 -30.77 -35.14 -24.07
CA LYS L 348 -29.33 -35.00 -23.84
C LYS L 348 -28.76 -36.22 -23.13
N ILE L 349 -29.51 -36.80 -22.19
CA ILE L 349 -29.11 -38.06 -21.58
C ILE L 349 -29.21 -39.18 -22.61
N ALA L 350 -30.24 -39.13 -23.46
CA ALA L 350 -30.45 -40.20 -24.43
C ALA L 350 -29.32 -40.30 -25.44
N GLU L 351 -28.82 -39.16 -25.92
CA GLU L 351 -27.78 -39.20 -26.94
C GLU L 351 -26.48 -39.79 -26.41
N LYS L 352 -26.21 -39.64 -25.10
CA LYS L 352 -25.05 -40.27 -24.50
C LYS L 352 -25.33 -41.72 -24.11
N ARG L 353 -26.58 -42.17 -24.25
CA ARG L 353 -26.99 -43.57 -24.12
C ARG L 353 -26.98 -44.05 -22.69
N VAL L 354 -27.03 -43.14 -21.72
CA VAL L 354 -27.20 -43.49 -20.31
C VAL L 354 -28.70 -43.75 -20.12
N PHE L 355 -29.09 -45.01 -20.20
CA PHE L 355 -30.49 -45.41 -20.27
C PHE L 355 -30.94 -46.10 -18.99
N PRO L 356 -32.16 -45.83 -18.51
CA PRO L 356 -33.17 -44.94 -19.10
C PRO L 356 -32.86 -43.45 -18.90
N ALA L 357 -33.32 -42.60 -19.81
CA ALA L 357 -33.03 -41.17 -19.75
C ALA L 357 -34.14 -40.49 -18.95
N ILE L 358 -33.83 -40.12 -17.71
CA ILE L 358 -34.78 -39.46 -16.82
C ILE L 358 -34.09 -38.27 -16.19
N ASP L 359 -34.71 -37.09 -16.29
CA ASP L 359 -34.21 -35.90 -15.63
C ASP L 359 -34.69 -35.93 -14.18
N TYR L 360 -33.81 -36.39 -13.29
CA TYR L 360 -34.22 -36.64 -11.91
C TYR L 360 -34.61 -35.34 -11.20
N ASN L 361 -33.86 -34.26 -11.43
CA ASN L 361 -34.12 -33.01 -10.72
C ASN L 361 -35.49 -32.45 -11.06
N ARG L 362 -35.86 -32.44 -12.35
CA ARG L 362 -37.14 -31.88 -12.74
C ARG L 362 -38.29 -32.83 -12.41
N SER L 363 -38.06 -34.14 -12.55
CA SER L 363 -39.11 -35.11 -12.33
C SER L 363 -39.53 -35.14 -10.86
N GLY L 364 -40.82 -35.31 -10.64
CA GLY L 364 -41.34 -35.38 -9.28
C GLY L 364 -42.84 -35.54 -9.30
N THR L 365 -43.41 -35.72 -8.11
CA THR L 365 -44.84 -35.86 -7.94
C THR L 365 -45.29 -34.98 -6.78
N ARG L 366 -46.53 -34.52 -6.83
CA ARG L 366 -47.08 -33.69 -5.77
C ARG L 366 -47.92 -34.54 -4.82
N LYS L 367 -48.00 -34.09 -3.57
CA LYS L 367 -48.71 -34.81 -2.51
C LYS L 367 -48.16 -36.23 -2.36
N GLU L 368 -46.84 -36.38 -2.49
CA GLU L 368 -46.20 -37.67 -2.29
C GLU L 368 -46.27 -38.11 -0.84
N GLU L 369 -46.55 -37.18 0.09
CA GLU L 369 -46.59 -37.49 1.50
C GLU L 369 -47.72 -38.45 1.86
N LEU L 370 -48.77 -38.51 1.05
CA LEU L 370 -49.92 -39.36 1.32
C LEU L 370 -49.80 -40.74 0.69
N LEU L 371 -48.70 -41.03 0.01
CA LEU L 371 -48.54 -42.29 -0.71
C LEU L 371 -47.57 -43.25 -0.07
N THR L 372 -46.59 -42.77 0.70
CA THR L 372 -45.55 -43.62 1.25
C THR L 372 -45.36 -43.31 2.73
N THR L 373 -44.72 -44.25 3.43
CA THR L 373 -44.39 -44.05 4.83
C THR L 373 -43.32 -42.98 4.97
N GLN L 374 -43.21 -42.44 6.19
CA GLN L 374 -42.32 -41.30 6.41
C GLN L 374 -40.86 -41.66 6.17
N GLU L 375 -40.38 -42.73 6.83
CA GLU L 375 -38.95 -43.05 6.77
C GLU L 375 -38.47 -43.18 5.33
N GLU L 376 -39.27 -43.80 4.47
CA GLU L 376 -38.96 -43.81 3.05
C GLU L 376 -38.92 -42.39 2.49
N LEU L 377 -39.76 -41.50 3.01
CA LEU L 377 -39.77 -40.14 2.51
C LEU L 377 -38.49 -39.39 2.87
N GLN L 378 -38.01 -39.53 4.11
CA GLN L 378 -36.72 -38.88 4.43
C GLN L 378 -35.57 -39.52 3.67
N LYS L 379 -35.61 -40.84 3.46
CA LYS L 379 -34.57 -41.47 2.65
C LYS L 379 -34.57 -40.90 1.23
N MET L 380 -35.74 -40.80 0.62
CA MET L 380 -35.84 -40.24 -0.72
C MET L 380 -35.44 -38.77 -0.75
N TRP L 381 -35.71 -38.03 0.33
CA TRP L 381 -35.39 -36.61 0.35
C TRP L 381 -33.89 -36.37 0.51
N ILE L 382 -33.20 -37.17 1.34
CA ILE L 382 -31.76 -37.05 1.42
C ILE L 382 -31.12 -37.48 0.10
N LEU L 383 -31.68 -38.52 -0.53
CA LEU L 383 -31.21 -38.89 -1.86
C LEU L 383 -31.40 -37.74 -2.85
N ARG L 384 -32.56 -37.09 -2.80
CA ARG L 384 -32.83 -35.96 -3.68
C ARG L 384 -31.83 -34.83 -3.47
N LYS L 385 -31.49 -34.55 -2.21
CA LYS L 385 -30.48 -33.53 -1.96
C LYS L 385 -29.12 -33.96 -2.47
N ILE L 386 -28.83 -35.26 -2.50
CA ILE L 386 -27.56 -35.72 -3.07
C ILE L 386 -27.52 -35.47 -4.58
N ILE L 387 -28.59 -35.86 -5.30
CA ILE L 387 -28.59 -35.66 -6.75
C ILE L 387 -28.68 -34.18 -7.13
N HIS L 388 -29.41 -33.38 -6.35
CA HIS L 388 -29.79 -32.03 -6.79
C HIS L 388 -28.62 -31.18 -7.30
N PRO L 389 -27.47 -31.09 -6.62
CA PRO L 389 -26.37 -30.29 -7.19
C PRO L 389 -25.86 -30.82 -8.52
N MET L 390 -25.91 -32.12 -8.74
CA MET L 390 -25.33 -32.72 -9.93
C MET L 390 -26.20 -32.46 -11.16
N GLY L 391 -25.56 -32.43 -12.33
CA GLY L 391 -26.29 -32.32 -13.57
C GLY L 391 -27.00 -33.61 -13.93
N GLU L 392 -27.80 -33.55 -15.00
CA GLU L 392 -28.59 -34.72 -15.38
C GLU L 392 -27.71 -35.90 -15.77
N ILE L 393 -26.63 -35.64 -16.52
CA ILE L 393 -25.80 -36.72 -17.04
C ILE L 393 -25.11 -37.49 -15.92
N ASP L 394 -24.28 -36.77 -15.15
CA ASP L 394 -23.48 -37.43 -14.13
C ASP L 394 -24.34 -37.98 -13.01
N ALA L 395 -25.41 -37.29 -12.63
CA ALA L 395 -26.31 -37.81 -11.61
C ALA L 395 -27.02 -39.06 -12.09
N MET L 396 -27.46 -39.08 -13.35
CA MET L 396 -28.11 -40.27 -13.88
C MET L 396 -27.17 -41.46 -13.90
N GLU L 397 -25.93 -41.27 -14.37
CA GLU L 397 -25.00 -42.39 -14.39
C GLU L 397 -24.61 -42.82 -12.98
N PHE L 398 -24.50 -41.86 -12.05
CA PHE L 398 -24.25 -42.19 -10.65
C PHE L 398 -25.35 -43.07 -10.08
N LEU L 399 -26.61 -42.67 -10.30
CA LEU L 399 -27.74 -43.44 -9.79
C LEU L 399 -27.79 -44.82 -10.44
N ILE L 400 -27.49 -44.90 -11.74
CA ILE L 400 -27.51 -46.18 -12.43
C ILE L 400 -26.46 -47.12 -11.84
N ASN L 401 -25.24 -46.61 -11.63
CA ASN L 401 -24.19 -47.45 -11.06
C ASN L 401 -24.55 -47.90 -9.65
N LYS L 402 -25.06 -46.98 -8.82
CA LYS L 402 -25.40 -47.34 -7.45
C LYS L 402 -26.54 -48.35 -7.39
N LEU L 403 -27.52 -48.26 -8.30
CA LEU L 403 -28.59 -49.25 -8.31
C LEU L 403 -28.14 -50.57 -8.90
N ALA L 404 -27.24 -50.55 -9.88
CA ALA L 404 -26.78 -51.80 -10.48
C ALA L 404 -25.88 -52.58 -9.54
N MET L 405 -25.05 -51.89 -8.75
CA MET L 405 -24.14 -52.59 -7.86
C MET L 405 -24.89 -53.33 -6.75
N THR L 406 -26.01 -52.77 -6.28
CA THR L 406 -26.82 -53.42 -5.26
C THR L 406 -27.88 -54.29 -5.92
N LYS L 407 -28.85 -54.75 -5.13
CA LYS L 407 -29.90 -55.64 -5.62
C LYS L 407 -31.27 -54.97 -5.61
N THR L 408 -31.71 -54.46 -4.47
CA THR L 408 -33.04 -53.89 -4.34
C THR L 408 -32.95 -52.43 -3.90
N ASN L 409 -34.10 -51.76 -3.93
CA ASN L 409 -34.15 -50.36 -3.53
C ASN L 409 -33.79 -50.17 -2.06
N ASP L 410 -34.28 -51.07 -1.20
CA ASP L 410 -33.99 -50.96 0.22
C ASP L 410 -32.49 -51.04 0.49
N ASP L 411 -31.85 -52.10 -0.01
CA ASP L 411 -30.41 -52.25 0.16
C ASP L 411 -29.66 -51.05 -0.38
N PHE L 412 -30.15 -50.46 -1.47
CA PHE L 412 -29.58 -49.20 -1.95
C PHE L 412 -29.71 -48.13 -0.89
N PHE L 413 -30.85 -48.07 -0.20
CA PHE L 413 -31.04 -47.06 0.84
C PHE L 413 -30.05 -47.25 1.99
N GLU L 414 -29.87 -48.50 2.45
CA GLU L 414 -28.89 -48.70 3.53
C GLU L 414 -27.47 -48.39 3.06
N MET L 415 -27.12 -48.75 1.83
CA MET L 415 -25.74 -48.50 1.41
C MET L 415 -25.49 -47.01 1.21
N MET L 416 -26.52 -46.26 0.79
CA MET L 416 -26.33 -44.81 0.62
C MET L 416 -26.35 -44.09 1.96
N LYS L 417 -27.09 -44.58 2.96
CA LYS L 417 -27.04 -43.95 4.26
C LYS L 417 -25.76 -44.31 5.02
N ARG L 418 -25.21 -45.50 4.79
CA ARG L 418 -23.96 -45.87 5.43
C ARG L 418 -22.74 -45.23 4.78
N SER L 419 -22.88 -44.75 3.55
CA SER L 419 -21.76 -44.14 2.84
C SER L 419 -21.97 -42.64 2.66
N MET M 1 -51.74 -68.28 -78.36
CA MET M 1 -50.61 -67.40 -78.73
C MET M 1 -50.63 -66.14 -77.86
N ASN M 2 -49.55 -65.36 -77.93
CA ASN M 2 -49.32 -64.26 -77.01
C ASN M 2 -49.64 -62.92 -77.64
N LEU M 3 -50.05 -61.96 -76.81
CA LEU M 3 -50.50 -60.64 -77.21
C LEU M 3 -49.49 -59.54 -76.86
N THR M 4 -49.02 -59.52 -75.61
CA THR M 4 -48.14 -58.44 -75.17
C THR M 4 -46.80 -58.47 -75.88
N GLU M 5 -46.31 -59.66 -76.22
CA GLU M 5 -45.09 -59.74 -77.03
C GLU M 5 -45.30 -59.11 -78.40
N LEU M 6 -46.53 -59.13 -78.91
CA LEU M 6 -46.84 -58.39 -80.13
C LEU M 6 -46.94 -56.90 -79.88
N LYS M 7 -47.53 -56.51 -78.74
CA LYS M 7 -47.67 -55.08 -78.44
C LYS M 7 -46.31 -54.40 -78.30
N ASN M 8 -45.40 -55.01 -77.52
CA ASN M 8 -44.09 -54.42 -77.31
C ASN M 8 -43.17 -54.59 -78.50
N THR M 9 -43.57 -55.36 -79.50
CA THR M 9 -42.74 -55.58 -80.68
C THR M 9 -42.56 -54.26 -81.44
N PRO M 10 -41.33 -53.94 -81.89
CA PRO M 10 -41.13 -52.68 -82.62
C PRO M 10 -41.70 -52.69 -84.02
N VAL M 11 -41.46 -51.61 -84.76
CA VAL M 11 -42.13 -51.41 -86.04
C VAL M 11 -41.60 -52.38 -87.11
N SER M 12 -40.29 -52.63 -87.12
CA SER M 12 -39.69 -53.42 -88.19
C SER M 12 -40.21 -54.86 -88.17
N GLU M 13 -40.23 -55.49 -87.00
CA GLU M 13 -40.77 -56.83 -86.90
C GLU M 13 -42.26 -56.87 -87.22
N LEU M 14 -42.98 -55.81 -86.84
CA LEU M 14 -44.41 -55.73 -87.18
C LEU M 14 -44.62 -55.70 -88.69
N ILE M 15 -43.82 -54.90 -89.40
CA ILE M 15 -44.04 -54.77 -90.84
C ILE M 15 -43.55 -56.01 -91.57
N THR M 16 -42.57 -56.72 -91.00
CA THR M 16 -42.20 -58.02 -91.58
C THR M 16 -43.30 -59.04 -91.36
N LEU M 17 -43.87 -59.09 -90.16
CA LEU M 17 -44.95 -60.04 -89.87
C LEU M 17 -46.20 -59.74 -90.68
N GLY M 18 -46.45 -58.46 -90.96
CA GLY M 18 -47.59 -58.10 -91.80
C GLY M 18 -47.48 -58.65 -93.21
N GLU M 19 -46.28 -58.57 -93.79
CA GLU M 19 -46.04 -59.21 -95.07
C GLU M 19 -46.12 -60.73 -94.95
N ASN M 20 -45.66 -61.28 -93.83
CA ASN M 20 -45.74 -62.72 -93.62
C ASN M 20 -47.18 -63.20 -93.63
N MET M 21 -48.09 -62.47 -92.98
CA MET M 21 -49.48 -62.86 -92.90
C MET M 21 -50.36 -62.23 -93.97
N GLY M 22 -49.95 -61.09 -94.53
CA GLY M 22 -50.67 -60.50 -95.65
C GLY M 22 -51.82 -59.59 -95.28
N LEU M 23 -51.54 -58.52 -94.53
CA LEU M 23 -52.56 -57.54 -94.19
C LEU M 23 -52.66 -56.50 -95.31
N GLU M 24 -53.84 -55.89 -95.43
CA GLU M 24 -54.10 -55.00 -96.55
C GLU M 24 -53.18 -53.78 -96.54
N ASN M 25 -53.11 -53.08 -95.41
CA ASN M 25 -52.38 -51.82 -95.30
C ASN M 25 -51.32 -51.96 -94.22
N LEU M 26 -50.07 -51.70 -94.58
CA LEU M 26 -48.93 -51.93 -93.69
C LEU M 26 -48.17 -50.62 -93.48
N ALA M 27 -47.94 -50.29 -92.21
CA ALA M 27 -47.10 -49.14 -91.82
C ALA M 27 -47.63 -47.82 -92.33
N ARG M 28 -48.95 -47.67 -92.43
CA ARG M 28 -49.60 -46.39 -92.64
C ARG M 28 -50.69 -46.13 -91.61
N MET M 29 -50.43 -46.51 -90.36
CA MET M 29 -51.37 -46.31 -89.26
C MET M 29 -50.64 -46.54 -87.94
N ARG M 30 -51.39 -46.43 -86.85
CA ARG M 30 -50.84 -46.57 -85.51
C ARG M 30 -50.63 -48.06 -85.18
N LYS M 31 -49.75 -48.30 -84.21
CA LYS M 31 -49.53 -49.65 -83.69
C LYS M 31 -50.84 -50.33 -83.30
N GLN M 32 -51.73 -49.59 -82.63
CA GLN M 32 -52.87 -50.22 -81.95
C GLN M 32 -53.82 -50.88 -82.95
N ASP M 33 -54.27 -50.14 -83.97
CA ASP M 33 -55.27 -50.69 -84.86
C ASP M 33 -54.68 -51.74 -85.81
N ILE M 34 -53.41 -51.61 -86.21
CA ILE M 34 -52.82 -52.63 -87.07
C ILE M 34 -52.62 -53.93 -86.29
N ILE M 35 -52.20 -53.83 -85.02
CA ILE M 35 -52.07 -55.06 -84.24
C ILE M 35 -53.45 -55.61 -83.91
N PHE M 36 -54.47 -54.75 -83.82
CA PHE M 36 -55.84 -55.22 -83.67
C PHE M 36 -56.28 -56.03 -84.89
N ALA M 37 -55.92 -55.56 -86.09
CA ALA M 37 -56.24 -56.31 -87.30
C ALA M 37 -55.48 -57.63 -87.35
N ILE M 38 -54.20 -57.62 -86.94
CA ILE M 38 -53.43 -58.85 -86.84
C ILE M 38 -54.13 -59.83 -85.90
N LEU M 39 -54.60 -59.33 -84.77
CA LEU M 39 -55.26 -60.17 -83.78
C LEU M 39 -56.58 -60.71 -84.32
N LYS M 40 -57.33 -59.90 -85.06
CA LYS M 40 -58.58 -60.38 -85.66
C LYS M 40 -58.31 -61.47 -86.69
N GLN M 41 -57.26 -61.31 -87.50
CA GLN M 41 -56.91 -62.35 -88.46
C GLN M 41 -56.45 -63.62 -87.75
N HIS M 42 -55.73 -63.48 -86.63
CA HIS M 42 -55.37 -64.64 -85.83
C HIS M 42 -56.61 -65.34 -85.28
N ALA M 43 -57.59 -64.55 -84.83
CA ALA M 43 -58.84 -65.12 -84.32
C ALA M 43 -59.58 -65.90 -85.40
N LYS M 44 -59.69 -65.32 -86.59
CA LYS M 44 -60.37 -66.03 -87.68
C LYS M 44 -59.55 -67.20 -88.20
N SER M 45 -58.24 -67.23 -87.92
CA SER M 45 -57.41 -68.37 -88.26
C SER M 45 -57.38 -69.43 -87.16
N GLY M 46 -57.94 -69.13 -85.99
CA GLY M 46 -58.05 -70.12 -84.93
C GLY M 46 -56.95 -70.09 -83.89
N GLU M 47 -56.65 -68.90 -83.36
CA GLU M 47 -55.65 -68.76 -82.31
C GLU M 47 -56.17 -67.78 -81.26
N ASP M 48 -56.51 -68.30 -80.08
CA ASP M 48 -56.87 -67.45 -78.96
C ASP M 48 -55.63 -66.70 -78.45
N ILE M 49 -55.85 -65.58 -77.79
CA ILE M 49 -54.78 -64.67 -77.45
C ILE M 49 -54.44 -64.80 -75.97
N PHE M 50 -53.36 -64.16 -75.54
CA PHE M 50 -52.87 -64.25 -74.16
C PHE M 50 -52.71 -62.86 -73.59
N GLY M 51 -53.51 -62.53 -72.59
CA GLY M 51 -53.51 -61.20 -72.00
C GLY M 51 -53.09 -61.22 -70.55
N ASP M 52 -52.36 -60.19 -70.14
CA ASP M 52 -51.90 -60.02 -68.77
C ASP M 52 -52.14 -58.58 -68.33
N GLY M 53 -52.08 -58.37 -67.02
CA GLY M 53 -52.16 -57.02 -66.49
C GLY M 53 -52.77 -57.03 -65.10
N VAL M 54 -53.38 -55.89 -64.75
CA VAL M 54 -54.05 -55.71 -63.47
C VAL M 54 -55.46 -55.21 -63.73
N LEU M 55 -56.43 -55.77 -63.04
CA LEU M 55 -57.83 -55.44 -63.27
C LEU M 55 -58.30 -54.41 -62.25
N GLU M 56 -59.03 -53.41 -62.75
CA GLU M 56 -59.69 -52.40 -61.93
C GLU M 56 -61.19 -52.59 -62.07
N ILE M 57 -61.87 -52.73 -60.94
CA ILE M 57 -63.30 -52.98 -60.90
C ILE M 57 -64.03 -51.67 -60.64
N LEU M 58 -65.01 -51.36 -61.48
CA LEU M 58 -65.77 -50.13 -61.35
C LEU M 58 -66.77 -50.26 -60.21
N GLN M 59 -67.65 -49.26 -60.07
CA GLN M 59 -68.61 -49.26 -58.97
C GLN M 59 -69.70 -50.32 -59.13
N ASP M 60 -69.88 -50.84 -60.34
CA ASP M 60 -70.93 -51.81 -60.62
C ASP M 60 -70.40 -53.23 -60.79
N GLY M 61 -69.13 -53.48 -60.45
CA GLY M 61 -68.52 -54.77 -60.69
C GLY M 61 -67.96 -54.96 -62.08
N PHE M 62 -68.12 -53.98 -62.96
CA PHE M 62 -67.62 -54.06 -64.32
C PHE M 62 -66.12 -53.75 -64.34
N GLY M 63 -65.35 -54.58 -65.03
CA GLY M 63 -63.91 -54.56 -64.90
C GLY M 63 -63.16 -54.21 -66.16
N PHE M 64 -62.18 -53.30 -66.02
CA PHE M 64 -61.20 -52.99 -67.06
C PHE M 64 -59.86 -53.56 -66.63
N LEU M 65 -59.27 -54.41 -67.47
CA LEU M 65 -57.94 -54.93 -67.21
C LEU M 65 -56.93 -54.10 -68.00
N ARG M 66 -55.96 -53.54 -67.31
CA ARG M 66 -55.01 -52.58 -67.85
C ARG M 66 -53.60 -53.13 -67.78
N SER M 67 -52.79 -52.76 -68.76
CA SER M 67 -51.37 -53.06 -68.78
C SER M 67 -50.59 -52.00 -68.01
N ALA M 68 -49.35 -52.33 -67.64
CA ALA M 68 -48.52 -51.44 -66.85
C ALA M 68 -47.56 -50.61 -67.69
N ASP M 69 -47.17 -51.10 -68.87
CA ASP M 69 -46.23 -50.37 -69.71
C ASP M 69 -46.82 -49.05 -70.19
N SER M 70 -48.11 -49.05 -70.54
CA SER M 70 -48.78 -47.86 -71.07
C SER M 70 -49.12 -46.84 -70.00
N SER M 71 -48.62 -47.01 -68.77
CA SER M 71 -48.87 -46.08 -67.67
C SER M 71 -50.36 -45.95 -67.36
N TYR M 72 -51.12 -47.02 -67.57
CA TYR M 72 -52.51 -47.13 -67.15
C TYR M 72 -53.38 -46.04 -67.77
N LEU M 73 -53.50 -46.12 -69.10
CA LEU M 73 -54.43 -45.29 -69.87
C LEU M 73 -55.57 -46.16 -70.36
N ALA M 74 -56.79 -45.79 -70.00
CA ALA M 74 -57.96 -46.55 -70.42
C ALA M 74 -58.19 -46.43 -71.92
N GLY M 75 -58.60 -47.53 -72.55
CA GLY M 75 -58.85 -47.56 -73.97
C GLY M 75 -59.35 -48.90 -74.43
N PRO M 76 -59.11 -49.23 -75.71
CA PRO M 76 -59.56 -50.53 -76.23
C PRO M 76 -58.64 -51.69 -75.90
N ASP M 77 -57.40 -51.42 -75.47
CA ASP M 77 -56.50 -52.49 -75.05
C ASP M 77 -56.98 -53.15 -73.77
N ASP M 78 -57.81 -52.47 -72.98
CA ASP M 78 -58.28 -53.02 -71.72
C ASP M 78 -59.09 -54.29 -71.94
N ILE M 79 -58.79 -55.31 -71.14
CA ILE M 79 -59.52 -56.57 -71.22
C ILE M 79 -60.86 -56.42 -70.51
N TYR M 80 -61.92 -56.79 -71.20
CA TYR M 80 -63.24 -56.93 -70.58
C TYR M 80 -63.18 -57.89 -69.41
N VAL M 81 -63.72 -57.46 -68.27
CA VAL M 81 -63.79 -58.29 -67.07
C VAL M 81 -65.24 -58.27 -66.61
N SER M 82 -66.01 -59.26 -67.06
CA SER M 82 -67.39 -59.43 -66.65
C SER M 82 -67.45 -59.87 -65.19
N PRO M 83 -68.53 -59.51 -64.49
CA PRO M 83 -68.66 -59.91 -63.08
C PRO M 83 -68.81 -61.42 -62.88
N SER M 84 -69.10 -62.18 -63.94
CA SER M 84 -69.22 -63.62 -63.81
C SER M 84 -67.93 -64.24 -63.29
N GLN M 85 -66.80 -63.89 -63.91
CA GLN M 85 -65.53 -64.37 -63.37
C GLN M 85 -65.18 -63.68 -62.06
N ILE M 86 -65.79 -62.53 -61.76
CA ILE M 86 -65.59 -61.90 -60.46
C ILE M 86 -66.13 -62.81 -59.35
N ARG M 87 -67.32 -63.39 -59.54
CA ARG M 87 -67.72 -64.43 -58.60
C ARG M 87 -66.89 -65.70 -58.72
N ARG M 88 -66.82 -66.30 -59.92
CA ARG M 88 -66.29 -67.66 -59.98
C ARG M 88 -64.80 -67.74 -59.65
N PHE M 89 -64.08 -66.61 -59.64
CA PHE M 89 -62.66 -66.63 -59.33
C PHE M 89 -62.27 -65.73 -58.17
N ASN M 90 -63.19 -64.91 -57.65
CA ASN M 90 -62.95 -64.05 -56.50
C ASN M 90 -61.75 -63.12 -56.75
N LEU M 91 -61.91 -62.27 -57.75
CA LEU M 91 -60.87 -61.33 -58.14
C LEU M 91 -60.99 -60.03 -57.35
N ARG M 92 -59.92 -59.24 -57.39
CA ARG M 92 -59.89 -57.95 -56.71
C ARG M 92 -58.95 -57.02 -57.46
N THR M 93 -59.09 -55.73 -57.20
CA THR M 93 -58.25 -54.74 -57.87
C THR M 93 -56.79 -54.93 -57.50
N GLY M 94 -55.92 -54.74 -58.49
CA GLY M 94 -54.49 -54.86 -58.29
C GLY M 94 -53.91 -56.25 -58.52
N ASP M 95 -54.73 -57.25 -58.80
CA ASP M 95 -54.23 -58.59 -59.05
C ASP M 95 -53.45 -58.64 -60.36
N THR M 96 -52.27 -59.24 -60.32
CA THR M 96 -51.48 -59.48 -61.53
C THR M 96 -51.99 -60.77 -62.15
N ILE M 97 -52.85 -60.64 -63.16
CA ILE M 97 -53.54 -61.77 -63.76
C ILE M 97 -53.13 -61.89 -65.22
N SER M 98 -52.82 -63.11 -65.65
CA SER M 98 -52.52 -63.40 -67.04
C SER M 98 -53.18 -64.72 -67.43
N GLY M 99 -53.59 -64.82 -68.68
CA GLY M 99 -54.23 -66.04 -69.13
C GLY M 99 -54.69 -65.94 -70.56
N LYS M 100 -55.27 -67.05 -71.03
CA LYS M 100 -55.86 -67.12 -72.35
C LYS M 100 -57.08 -66.21 -72.41
N ILE M 101 -56.96 -65.10 -73.11
CA ILE M 101 -58.06 -64.19 -73.34
C ILE M 101 -58.58 -64.39 -74.75
N ARG M 102 -59.86 -64.05 -74.93
CA ARG M 102 -60.69 -64.22 -76.13
C ARG M 102 -60.58 -62.97 -77.02
N PRO M 103 -60.24 -63.14 -78.29
CA PRO M 103 -60.26 -62.00 -79.21
C PRO M 103 -61.65 -61.41 -79.33
N PRO M 104 -61.76 -60.08 -79.46
CA PRO M 104 -63.08 -59.46 -79.53
C PRO M 104 -63.82 -59.83 -80.81
N LYS M 105 -65.14 -59.88 -80.69
CA LYS M 105 -66.01 -60.14 -81.84
C LYS M 105 -67.14 -59.13 -81.88
N GLU M 106 -68.14 -59.37 -82.73
CA GLU M 106 -69.25 -58.44 -82.86
C GLU M 106 -69.98 -58.27 -81.54
N GLY M 107 -70.43 -57.04 -81.28
CA GLY M 107 -71.06 -56.69 -80.02
C GLY M 107 -70.11 -56.22 -78.95
N GLU M 108 -68.80 -56.25 -79.19
CA GLU M 108 -67.82 -55.79 -78.22
C GLU M 108 -66.60 -55.28 -78.95
N ARG M 109 -65.82 -54.45 -78.25
CA ARG M 109 -64.58 -53.91 -78.79
C ARG M 109 -63.39 -54.14 -77.87
N TYR M 110 -63.52 -55.03 -76.88
CA TYR M 110 -62.49 -55.24 -75.88
C TYR M 110 -61.96 -56.66 -75.97
N PHE M 111 -60.68 -56.82 -75.62
CA PHE M 111 -60.00 -58.11 -75.71
C PHE M 111 -60.52 -59.00 -74.58
N ALA M 112 -61.66 -59.65 -74.84
CA ALA M 112 -62.40 -60.34 -73.81
C ALA M 112 -61.63 -61.54 -73.24
N LEU M 113 -62.13 -62.07 -72.13
CA LEU M 113 -61.51 -63.16 -71.40
C LEU M 113 -62.38 -64.41 -71.44
N LEU M 114 -61.72 -65.57 -71.50
CA LEU M 114 -62.41 -66.84 -71.34
C LEU M 114 -61.83 -67.72 -70.24
N LYS M 115 -60.51 -67.70 -70.04
CA LYS M 115 -59.90 -68.48 -68.98
C LYS M 115 -58.49 -68.02 -68.65
N VAL M 116 -58.22 -67.76 -67.37
CA VAL M 116 -56.91 -67.34 -66.90
C VAL M 116 -56.10 -68.55 -66.46
N ASN M 117 -54.77 -68.46 -66.61
CA ASN M 117 -53.93 -69.59 -66.22
C ASN M 117 -52.64 -69.18 -65.52
N GLU M 118 -52.49 -67.94 -65.05
CA GLU M 118 -51.30 -67.57 -64.29
C GLU M 118 -51.61 -66.34 -63.46
N VAL M 119 -51.70 -66.52 -62.15
CA VAL M 119 -51.86 -65.41 -61.21
C VAL M 119 -50.47 -65.05 -60.70
N ASN M 120 -50.03 -63.83 -61.02
CA ASN M 120 -48.78 -63.21 -60.57
C ASN M 120 -47.63 -64.21 -60.45
N PHE M 121 -47.30 -64.89 -61.54
CA PHE M 121 -46.21 -65.86 -61.60
C PHE M 121 -46.45 -67.03 -60.64
N ASP M 122 -47.70 -67.48 -60.56
CA ASP M 122 -48.05 -68.63 -59.75
C ASP M 122 -49.27 -69.31 -60.35
N LYS M 123 -49.45 -70.58 -60.00
CA LYS M 123 -50.60 -71.32 -60.48
C LYS M 123 -51.88 -70.73 -59.88
N PRO M 124 -52.92 -70.50 -60.68
CA PRO M 124 -54.09 -69.78 -60.15
C PRO M 124 -54.76 -70.45 -58.96
N GLU M 125 -55.03 -71.74 -59.04
CA GLU M 125 -55.75 -72.42 -57.96
C GLU M 125 -54.96 -72.37 -56.66
N ASN M 126 -53.65 -72.57 -56.74
CA ASN M 126 -52.81 -72.43 -55.54
C ASN M 126 -52.83 -71.00 -55.02
N ALA M 127 -52.82 -70.02 -55.93
CA ALA M 127 -52.81 -68.63 -55.52
C ALA M 127 -54.14 -68.17 -54.93
N ARG M 128 -55.22 -68.92 -55.17
CA ARG M 128 -56.51 -68.52 -54.62
C ARG M 128 -56.49 -68.52 -53.10
N ASN M 129 -55.92 -69.55 -52.49
CA ASN M 129 -55.92 -69.70 -51.04
C ASN M 129 -54.70 -68.97 -50.48
N LYS M 130 -54.89 -67.71 -50.10
CA LYS M 130 -53.84 -66.90 -49.51
C LYS M 130 -54.46 -66.03 -48.42
N ILE M 131 -53.68 -65.06 -47.94
CA ILE M 131 -54.10 -64.16 -46.87
C ILE M 131 -53.95 -62.73 -47.35
N LEU M 132 -54.88 -61.87 -46.95
CA LEU M 132 -54.81 -60.46 -47.32
C LEU M 132 -53.56 -59.80 -46.74
N PHE M 133 -53.00 -58.86 -47.50
CA PHE M 133 -51.85 -58.12 -47.03
C PHE M 133 -52.19 -57.31 -45.78
N GLU M 134 -53.33 -56.63 -45.78
CA GLU M 134 -53.79 -55.93 -44.60
C GLU M 134 -54.11 -56.88 -43.45
N ASN M 135 -54.42 -58.15 -43.76
CA ASN M 135 -54.66 -59.15 -42.73
C ASN M 135 -53.39 -59.74 -42.15
N LEU M 136 -52.23 -59.45 -42.74
CA LEU M 136 -50.97 -59.97 -42.26
C LEU M 136 -50.50 -59.22 -41.03
N THR M 137 -49.80 -59.94 -40.14
CA THR M 137 -49.30 -59.35 -38.91
C THR M 137 -47.94 -58.71 -39.16
N PRO M 138 -47.78 -57.41 -38.98
CA PRO M 138 -46.50 -56.76 -39.24
C PRO M 138 -45.48 -57.09 -38.17
N LEU M 139 -44.25 -56.64 -38.41
CA LEU M 139 -43.15 -56.76 -37.47
C LEU M 139 -42.17 -55.63 -37.74
N HIS M 140 -40.99 -55.72 -37.13
CA HIS M 140 -39.93 -54.76 -37.39
C HIS M 140 -39.01 -55.27 -38.50
N ALA M 141 -38.11 -54.40 -38.95
CA ALA M 141 -37.19 -54.76 -40.02
C ALA M 141 -36.12 -55.71 -39.49
N ASN M 142 -36.08 -56.92 -40.04
CA ASN M 142 -35.13 -57.94 -39.60
C ASN M 142 -33.94 -58.05 -40.55
N SER M 143 -34.20 -58.29 -41.84
CA SER M 143 -33.14 -58.49 -42.80
C SER M 143 -32.59 -57.15 -43.27
N ARG M 144 -31.26 -57.00 -43.18
CA ARG M 144 -30.62 -55.76 -43.57
C ARG M 144 -30.57 -55.64 -45.10
N LEU M 145 -30.96 -54.47 -45.60
CA LEU M 145 -30.93 -54.19 -47.04
C LEU M 145 -29.66 -53.40 -47.35
N ARG M 146 -28.54 -54.11 -47.42
CA ARG M 146 -27.28 -53.48 -47.78
C ARG M 146 -27.32 -53.03 -49.23
N MET M 147 -26.77 -51.84 -49.49
CA MET M 147 -26.84 -51.24 -50.82
C MET M 147 -25.48 -50.74 -51.30
N GLU M 148 -24.39 -51.17 -50.67
CA GLU M 148 -23.05 -50.85 -51.16
C GLU M 148 -22.67 -51.85 -52.25
N ARG M 149 -22.52 -51.36 -53.47
CA ARG M 149 -22.20 -52.25 -54.59
C ARG M 149 -20.79 -52.81 -54.47
N GLY M 150 -19.83 -51.97 -54.10
CA GLY M 150 -18.46 -52.41 -53.93
C GLY M 150 -17.68 -52.57 -55.22
N ASN M 151 -18.21 -52.08 -56.35
CA ASN M 151 -17.51 -52.21 -57.62
C ASN M 151 -16.30 -51.28 -57.73
N GLY M 152 -16.12 -50.35 -56.79
CA GLY M 152 -15.01 -49.43 -56.83
C GLY M 152 -15.20 -48.20 -57.69
N SER M 153 -16.37 -48.03 -58.29
CA SER M 153 -16.64 -46.85 -59.10
C SER M 153 -16.73 -45.61 -58.22
N THR M 154 -16.41 -44.46 -58.81
CA THR M 154 -16.50 -43.20 -58.08
C THR M 154 -17.93 -42.86 -57.70
N GLU M 155 -18.92 -43.39 -58.40
CA GLU M 155 -20.31 -43.17 -58.04
C GLU M 155 -20.72 -43.97 -56.81
N ASP M 156 -20.01 -45.06 -56.51
CA ASP M 156 -20.29 -45.86 -55.32
C ASP M 156 -20.01 -45.11 -54.03
N LEU M 157 -19.31 -43.96 -54.11
CA LEU M 157 -19.08 -43.15 -52.93
C LEU M 157 -20.40 -42.70 -52.30
N THR M 158 -21.37 -42.33 -53.13
CA THR M 158 -22.68 -41.94 -52.63
C THR M 158 -23.36 -43.09 -51.90
N ALA M 159 -23.29 -44.30 -52.47
CA ALA M 159 -23.88 -45.46 -51.82
C ALA M 159 -23.21 -45.75 -50.49
N ARG M 160 -21.88 -45.64 -50.43
CA ARG M 160 -21.16 -45.85 -49.18
C ARG M 160 -21.55 -44.81 -48.14
N VAL M 161 -21.69 -43.54 -48.55
CA VAL M 161 -22.12 -42.50 -47.63
C VAL M 161 -23.51 -42.80 -47.10
N LEU M 162 -24.43 -43.21 -47.98
CA LEU M 162 -25.78 -43.52 -47.53
C LEU M 162 -25.80 -44.70 -46.57
N ASP M 163 -24.99 -45.73 -46.85
CA ASP M 163 -24.92 -46.87 -45.94
C ASP M 163 -24.37 -46.46 -44.59
N LEU M 164 -23.39 -45.55 -44.57
CA LEU M 164 -22.90 -45.02 -43.30
C LEU M 164 -23.87 -44.06 -42.64
N ALA M 165 -24.86 -43.56 -43.37
CA ALA M 165 -25.79 -42.56 -42.83
C ALA M 165 -27.01 -43.20 -42.18
N SER M 166 -27.80 -43.94 -42.97
CA SER M 166 -29.01 -44.55 -42.47
C SER M 166 -29.11 -45.98 -42.99
N LEU M 167 -29.32 -46.93 -42.07
CA LEU M 167 -29.48 -48.31 -42.46
C LEU M 167 -30.82 -48.54 -43.14
N ILE M 168 -30.83 -49.44 -44.11
CA ILE M 168 -32.04 -49.78 -44.86
C ILE M 168 -32.35 -51.25 -44.61
N GLY M 169 -33.65 -51.55 -44.42
CA GLY M 169 -34.07 -52.91 -44.18
C GLY M 169 -35.42 -53.18 -44.83
N ARG M 170 -35.82 -54.45 -44.77
CA ARG M 170 -37.10 -54.85 -45.34
C ARG M 170 -38.25 -54.18 -44.62
N GLY M 171 -39.19 -53.62 -45.38
CA GLY M 171 -40.35 -52.99 -44.80
C GLY M 171 -40.05 -51.78 -43.94
N GLN M 172 -39.12 -50.92 -44.36
CA GLN M 172 -38.72 -49.76 -43.58
C GLN M 172 -39.12 -48.49 -44.31
N ARG M 173 -39.82 -47.60 -43.60
CA ARG M 173 -40.31 -46.37 -44.19
C ARG M 173 -39.20 -45.33 -44.31
N GLY M 174 -39.23 -44.57 -45.40
CA GLY M 174 -38.20 -43.58 -45.65
C GLY M 174 -38.73 -42.21 -45.99
N LEU M 175 -38.17 -41.18 -45.34
CA LEU M 175 -38.48 -39.78 -45.61
C LEU M 175 -37.20 -39.11 -46.08
N ILE M 176 -37.01 -39.01 -47.40
CA ILE M 176 -35.84 -38.32 -47.95
C ILE M 176 -36.26 -36.87 -48.15
N VAL M 177 -36.16 -36.09 -47.07
CA VAL M 177 -36.55 -34.69 -47.13
C VAL M 177 -35.47 -33.91 -47.86
N ALA M 178 -35.88 -33.07 -48.81
CA ALA M 178 -34.92 -32.39 -49.67
C ALA M 178 -35.53 -31.17 -50.33
N PRO M 179 -34.87 -30.02 -50.26
CA PRO M 179 -35.29 -28.87 -51.05
C PRO M 179 -34.89 -29.04 -52.50
N PRO M 180 -35.41 -28.20 -53.40
CA PRO M 180 -35.08 -28.36 -54.82
C PRO M 180 -33.59 -28.20 -55.09
N LYS M 181 -33.13 -28.84 -56.17
CA LYS M 181 -31.73 -28.83 -56.59
C LYS M 181 -30.84 -29.41 -55.49
N ALA M 182 -31.05 -30.69 -55.21
CA ALA M 182 -30.29 -31.40 -54.19
C ALA M 182 -29.83 -32.78 -54.65
N GLY M 183 -29.96 -33.09 -55.93
CA GLY M 183 -29.58 -34.40 -56.43
C GLY M 183 -30.57 -35.51 -56.15
N LYS M 184 -31.75 -35.18 -55.62
CA LYS M 184 -32.66 -36.21 -55.10
C LYS M 184 -33.06 -37.20 -56.18
N THR M 185 -33.24 -36.74 -57.42
CA THR M 185 -33.63 -37.65 -58.49
C THR M 185 -32.54 -38.66 -58.79
N MET M 186 -31.31 -38.19 -59.03
CA MET M 186 -30.25 -39.13 -59.35
C MET M 186 -29.69 -39.80 -58.10
N LEU M 187 -29.92 -39.23 -56.91
CA LEU M 187 -29.78 -40.01 -55.69
C LEU M 187 -30.73 -41.21 -55.72
N LEU M 188 -31.98 -40.99 -56.13
CA LEU M 188 -32.94 -42.09 -56.21
C LEU M 188 -32.47 -43.14 -57.20
N GLN M 189 -31.95 -42.71 -58.36
CA GLN M 189 -31.33 -43.67 -59.26
C GLN M 189 -30.12 -44.36 -58.65
N ASN M 190 -29.37 -43.68 -57.77
CA ASN M 190 -28.27 -44.36 -57.08
C ASN M 190 -28.78 -45.52 -56.24
N ILE M 191 -29.79 -45.28 -55.41
CA ILE M 191 -30.36 -46.38 -54.64
C ILE M 191 -30.93 -47.46 -55.55
N ALA M 192 -31.58 -47.04 -56.64
CA ALA M 192 -32.20 -48.01 -57.55
C ALA M 192 -31.16 -48.95 -58.14
N GLN M 193 -30.08 -48.39 -58.71
CA GLN M 193 -29.04 -49.23 -59.29
C GLN M 193 -28.31 -50.04 -58.22
N SER M 194 -28.11 -49.47 -57.03
CA SER M 194 -27.43 -50.20 -55.97
C SER M 194 -28.23 -51.44 -55.55
N ILE M 195 -29.54 -51.29 -55.37
CA ILE M 195 -30.34 -52.44 -54.97
C ILE M 195 -30.53 -53.41 -56.13
N ALA M 196 -30.54 -52.91 -57.37
CA ALA M 196 -30.63 -53.82 -58.51
C ALA M 196 -29.37 -54.68 -58.62
N TYR M 197 -28.19 -54.08 -58.43
CA TYR M 197 -26.96 -54.84 -58.54
C TYR M 197 -26.74 -55.75 -57.34
N ASN M 198 -27.00 -55.24 -56.13
CA ASN M 198 -26.74 -56.02 -54.92
C ASN M 198 -27.77 -57.11 -54.72
N HIS M 199 -29.05 -56.80 -54.95
CA HIS M 199 -30.15 -57.73 -54.73
C HIS M 199 -31.02 -57.79 -55.99
N PRO M 200 -30.57 -58.47 -57.03
CA PRO M 200 -31.40 -58.62 -58.23
C PRO M 200 -32.68 -59.41 -57.98
N ASP M 201 -32.74 -60.22 -56.93
CA ASP M 201 -33.90 -61.07 -56.70
C ASP M 201 -35.12 -60.25 -56.27
N CYS M 202 -34.91 -59.23 -55.44
CA CYS M 202 -36.03 -58.48 -54.89
C CYS M 202 -36.74 -57.68 -55.98
N VAL M 203 -38.05 -57.60 -55.87
CA VAL M 203 -38.87 -56.88 -56.85
C VAL M 203 -38.79 -55.39 -56.56
N LEU M 204 -38.44 -54.60 -57.57
CA LEU M 204 -38.29 -53.16 -57.42
C LEU M 204 -39.22 -52.44 -58.38
N MET M 205 -40.02 -51.53 -57.84
CA MET M 205 -40.82 -50.60 -58.64
C MET M 205 -40.49 -49.18 -58.24
N VAL M 206 -40.36 -48.31 -59.23
CA VAL M 206 -40.10 -46.89 -59.01
C VAL M 206 -41.27 -46.11 -59.59
N LEU M 207 -41.69 -45.07 -58.87
CA LEU M 207 -42.81 -44.23 -59.27
C LEU M 207 -42.35 -42.79 -59.38
N LEU M 208 -42.60 -42.18 -60.54
CA LEU M 208 -42.28 -40.78 -60.79
C LEU M 208 -43.58 -40.02 -61.00
N ILE M 209 -43.72 -38.88 -60.34
CA ILE M 209 -44.96 -38.11 -60.33
C ILE M 209 -44.69 -36.72 -60.89
N ASP M 210 -45.54 -36.27 -61.80
CA ASP M 210 -45.44 -34.99 -62.51
C ASP M 210 -43.99 -34.64 -62.85
N GLU M 211 -43.36 -35.54 -63.61
CA GLU M 211 -41.96 -35.39 -63.99
C GLU M 211 -41.82 -35.17 -65.48
N ARG M 212 -40.65 -34.67 -65.88
CA ARG M 212 -40.39 -34.37 -67.28
C ARG M 212 -40.27 -35.67 -68.09
N PRO M 213 -40.89 -35.73 -69.27
CA PRO M 213 -40.89 -37.00 -70.03
C PRO M 213 -39.50 -37.49 -70.42
N GLU M 214 -38.56 -36.60 -70.73
CA GLU M 214 -37.20 -37.04 -71.03
C GLU M 214 -36.56 -37.67 -69.80
N GLU M 215 -36.80 -37.10 -68.62
CA GLU M 215 -36.36 -37.74 -67.39
C GLU M 215 -37.08 -39.06 -67.16
N VAL M 216 -38.34 -39.16 -67.59
CA VAL M 216 -39.07 -40.42 -67.49
C VAL M 216 -38.36 -41.50 -68.30
N THR M 217 -38.04 -41.20 -69.56
CA THR M 217 -37.33 -42.17 -70.40
C THR M 217 -35.93 -42.48 -69.87
N GLU M 218 -35.26 -41.46 -69.31
CA GLU M 218 -33.95 -41.68 -68.71
C GLU M 218 -34.04 -42.67 -67.56
N MET M 219 -35.06 -42.52 -66.71
CA MET M 219 -35.32 -43.50 -65.66
C MET M 219 -35.65 -44.87 -66.24
N GLN M 220 -36.40 -44.89 -67.35
CA GLN M 220 -36.78 -46.16 -67.96
C GLN M 220 -35.57 -46.97 -68.39
N ARG M 221 -34.63 -46.33 -69.09
CA ARG M 221 -33.51 -47.11 -69.61
C ARG M 221 -32.31 -47.11 -68.65
N LEU M 222 -32.40 -46.41 -67.52
CA LEU M 222 -31.34 -46.50 -66.52
C LEU M 222 -31.49 -47.75 -65.66
N VAL M 223 -32.61 -47.86 -64.94
CA VAL M 223 -32.80 -48.94 -63.97
C VAL M 223 -33.25 -50.20 -64.68
N LYS M 224 -32.79 -51.35 -64.19
CA LYS M 224 -33.18 -52.62 -64.77
C LYS M 224 -34.67 -52.89 -64.57
N GLY M 225 -35.19 -52.60 -63.38
CA GLY M 225 -36.60 -52.80 -63.12
C GLY M 225 -37.48 -51.80 -63.85
N GLU M 226 -38.75 -52.17 -64.01
CA GLU M 226 -39.70 -51.31 -64.69
C GLU M 226 -40.10 -50.15 -63.79
N VAL M 227 -40.31 -48.99 -64.41
CA VAL M 227 -40.66 -47.77 -63.70
C VAL M 227 -41.98 -47.23 -64.25
N VAL M 228 -42.81 -46.71 -63.37
CA VAL M 228 -44.09 -46.11 -63.74
C VAL M 228 -44.02 -44.62 -63.45
N ALA M 229 -44.37 -43.81 -64.44
CA ALA M 229 -44.28 -42.37 -64.30
C ALA M 229 -45.51 -41.70 -64.88
N SER M 230 -45.89 -40.58 -64.27
CA SER M 230 -46.98 -39.75 -64.75
C SER M 230 -46.48 -38.31 -64.80
N THR M 231 -46.54 -37.70 -65.99
CA THR M 231 -46.01 -36.36 -66.17
C THR M 231 -46.99 -35.32 -65.61
N PHE M 232 -46.64 -34.04 -65.78
CA PHE M 232 -47.40 -32.95 -65.20
C PHE M 232 -48.51 -32.44 -66.12
N ASP M 233 -48.62 -32.95 -67.35
CA ASP M 233 -49.64 -32.47 -68.26
C ASP M 233 -51.03 -32.85 -67.77
N GLU M 234 -51.22 -34.10 -67.36
CA GLU M 234 -52.51 -34.55 -66.86
C GLU M 234 -52.75 -34.02 -65.45
N PRO M 235 -54.02 -33.92 -65.03
CA PRO M 235 -54.32 -33.41 -63.69
C PRO M 235 -53.96 -34.38 -62.59
N ALA M 236 -54.28 -34.00 -61.35
CA ALA M 236 -53.95 -34.81 -60.18
C ALA M 236 -54.67 -36.15 -60.18
N SER M 237 -55.82 -36.23 -60.86
CA SER M 237 -56.60 -37.47 -60.84
C SER M 237 -55.78 -38.65 -61.34
N ARG M 238 -55.15 -38.49 -62.50
CA ARG M 238 -54.33 -39.58 -63.06
C ARG M 238 -53.22 -39.98 -62.10
N HIS M 239 -52.60 -39.00 -61.44
CA HIS M 239 -51.65 -39.32 -60.38
C HIS M 239 -52.30 -40.22 -59.34
N VAL M 240 -53.55 -39.92 -58.99
CA VAL M 240 -54.23 -40.69 -57.95
C VAL M 240 -54.39 -42.14 -58.38
N GLN M 241 -54.94 -42.37 -59.58
CA GLN M 241 -55.16 -43.79 -59.89
C GLN M 241 -53.86 -44.51 -60.20
N VAL M 242 -52.82 -43.83 -60.71
CA VAL M 242 -51.58 -44.56 -60.93
C VAL M 242 -50.95 -44.95 -59.59
N ALA M 243 -51.05 -44.06 -58.59
CA ALA M 243 -50.58 -44.41 -57.26
C ALA M 243 -51.37 -45.58 -56.69
N GLU M 244 -52.69 -45.59 -56.90
CA GLU M 244 -53.49 -46.67 -56.33
C GLU M 244 -53.22 -47.99 -57.05
N MET M 245 -53.07 -47.96 -58.37
CA MET M 245 -52.61 -49.13 -59.13
C MET M 245 -51.31 -49.67 -58.57
N VAL M 246 -50.29 -48.81 -58.40
CA VAL M 246 -48.98 -49.32 -58.03
C VAL M 246 -48.99 -49.86 -56.60
N ILE M 247 -49.73 -49.21 -55.71
CA ILE M 247 -49.77 -49.71 -54.33
C ILE M 247 -50.53 -51.03 -54.27
N GLU M 248 -51.60 -51.17 -55.05
CA GLU M 248 -52.33 -52.44 -55.06
C GLU M 248 -51.48 -53.55 -55.67
N LYS M 249 -50.70 -53.24 -56.72
CA LYS M 249 -49.81 -54.23 -57.31
C LYS M 249 -48.75 -54.67 -56.31
N ALA M 250 -48.18 -53.72 -55.57
CA ALA M 250 -47.20 -54.06 -54.55
C ALA M 250 -47.82 -54.92 -53.46
N LYS M 251 -49.04 -54.58 -53.04
CA LYS M 251 -49.72 -55.38 -52.03
C LYS M 251 -49.94 -56.81 -52.51
N ARG M 252 -50.39 -56.97 -53.76
CA ARG M 252 -50.64 -58.31 -54.29
C ARG M 252 -49.34 -59.09 -54.45
N LEU M 253 -48.25 -58.41 -54.83
CA LEU M 253 -46.97 -59.11 -54.94
C LEU M 253 -46.45 -59.55 -53.58
N VAL M 254 -46.54 -58.69 -52.57
CA VAL M 254 -46.06 -59.07 -51.24
C VAL M 254 -47.00 -60.06 -50.57
N GLU M 255 -48.24 -60.19 -51.05
CA GLU M 255 -49.16 -61.18 -50.51
C GLU M 255 -48.63 -62.60 -50.62
N HIS M 256 -47.71 -62.86 -51.57
CA HIS M 256 -47.18 -64.19 -51.81
C HIS M 256 -45.74 -64.32 -51.32
N LYS M 257 -45.44 -63.70 -50.17
CA LYS M 257 -44.12 -63.78 -49.54
C LYS M 257 -43.01 -63.34 -50.49
N LYS M 258 -43.27 -62.30 -51.26
CA LYS M 258 -42.30 -61.74 -52.19
C LYS M 258 -41.85 -60.38 -51.71
N ASP M 259 -40.54 -60.16 -51.65
CA ASP M 259 -40.01 -58.88 -51.22
C ASP M 259 -40.34 -57.80 -52.23
N VAL M 260 -40.87 -56.68 -51.74
CA VAL M 260 -41.29 -55.57 -52.58
C VAL M 260 -40.63 -54.30 -52.07
N ILE M 261 -40.01 -53.54 -52.97
CA ILE M 261 -39.40 -52.26 -52.65
C ILE M 261 -39.95 -51.21 -53.61
N ILE M 262 -40.44 -50.11 -53.06
CA ILE M 262 -41.02 -49.02 -53.85
C ILE M 262 -40.19 -47.76 -53.60
N LEU M 263 -39.77 -47.12 -54.69
CA LEU M 263 -39.11 -45.83 -54.65
C LEU M 263 -40.04 -44.78 -55.26
N LEU M 264 -40.33 -43.74 -54.51
CA LEU M 264 -41.34 -42.77 -54.90
C LEU M 264 -40.78 -41.35 -54.82
N ASP M 265 -41.23 -40.50 -55.72
CA ASP M 265 -40.79 -39.11 -55.79
C ASP M 265 -41.91 -38.32 -56.45
N SER M 266 -42.65 -37.54 -55.67
CA SER M 266 -42.46 -37.37 -54.23
C SER M 266 -43.78 -37.46 -53.46
N ILE M 267 -43.69 -37.83 -52.19
CA ILE M 267 -44.89 -38.01 -51.38
C ILE M 267 -45.56 -36.67 -51.07
N THR M 268 -44.78 -35.59 -50.97
CA THR M 268 -45.35 -34.29 -50.64
C THR M 268 -46.30 -33.80 -51.73
N ARG M 269 -45.83 -33.79 -52.98
CA ARG M 269 -46.72 -33.40 -54.07
C ARG M 269 -47.76 -34.46 -54.38
N LEU M 270 -47.53 -35.72 -54.00
CA LEU M 270 -48.59 -36.70 -54.10
C LEU M 270 -49.74 -36.36 -53.15
N ALA M 271 -49.41 -35.95 -51.92
CA ALA M 271 -50.43 -35.49 -50.99
C ALA M 271 -51.09 -34.21 -51.48
N ARG M 272 -50.31 -33.34 -52.14
CA ARG M 272 -50.89 -32.17 -52.80
C ARG M 272 -51.95 -32.58 -53.81
N ALA M 273 -51.62 -33.58 -54.65
CA ALA M 273 -52.56 -34.07 -55.64
C ALA M 273 -53.80 -34.65 -54.98
N TYR M 274 -53.62 -35.43 -53.93
CA TYR M 274 -54.77 -36.01 -53.22
C TYR M 274 -55.66 -34.91 -52.65
N ASN M 275 -55.05 -33.87 -52.07
CA ASN M 275 -55.84 -32.75 -51.54
C ASN M 275 -56.59 -32.03 -52.64
N THR M 276 -55.95 -31.83 -53.78
CA THR M 276 -56.60 -31.10 -54.87
C THR M 276 -57.75 -31.91 -55.46
N VAL M 277 -57.62 -33.24 -55.53
CA VAL M 277 -58.66 -34.02 -56.17
C VAL M 277 -59.83 -34.31 -55.22
N VAL M 278 -59.56 -34.45 -53.93
CA VAL M 278 -60.60 -34.84 -52.99
C VAL M 278 -61.56 -33.67 -52.77
N PRO M 279 -62.87 -33.91 -52.66
CA PRO M 279 -63.78 -32.83 -52.28
C PRO M 279 -63.53 -32.36 -50.85
N ALA M 280 -63.84 -31.09 -50.61
CA ALA M 280 -63.68 -30.53 -49.28
C ALA M 280 -64.66 -31.19 -48.31
N SER M 281 -64.16 -31.56 -47.14
CA SER M 281 -64.96 -32.24 -46.12
C SER M 281 -65.63 -31.28 -45.14
N GLY M 282 -65.45 -29.97 -45.33
CA GLY M 282 -66.01 -29.00 -44.40
C GLY M 282 -65.00 -28.54 -43.37
N LYS M 283 -64.20 -29.48 -42.87
CA LYS M 283 -63.13 -29.16 -41.92
C LYS M 283 -61.89 -28.74 -42.71
N VAL M 284 -61.69 -27.43 -42.80
CA VAL M 284 -60.55 -26.86 -43.50
C VAL M 284 -59.50 -26.49 -42.47
N LEU M 285 -58.31 -27.07 -42.61
CA LEU M 285 -57.21 -26.79 -41.70
C LEU M 285 -56.56 -25.45 -42.07
N THR M 286 -55.40 -25.17 -41.50
CA THR M 286 -54.73 -23.89 -41.76
C THR M 286 -54.34 -23.74 -43.22
N GLY M 287 -54.93 -22.75 -43.89
CA GLY M 287 -54.59 -22.41 -45.25
C GLY M 287 -55.50 -23.03 -46.30
N GLY M 288 -56.07 -24.19 -46.04
CA GLY M 288 -56.97 -24.80 -47.01
C GLY M 288 -56.87 -26.31 -47.13
N VAL M 289 -55.84 -26.90 -46.52
CA VAL M 289 -55.69 -28.35 -46.57
C VAL M 289 -56.80 -29.02 -45.78
N ASP M 290 -57.34 -30.11 -46.31
CA ASP M 290 -58.47 -30.80 -45.72
C ASP M 290 -58.01 -31.95 -44.84
N ALA M 291 -58.80 -32.24 -43.81
CA ALA M 291 -58.45 -33.32 -42.89
C ALA M 291 -58.46 -34.68 -43.58
N ASN M 292 -59.54 -34.99 -44.31
CA ASN M 292 -59.61 -36.24 -45.04
C ASN M 292 -58.65 -36.27 -46.23
N ALA M 293 -58.20 -35.11 -46.69
CA ALA M 293 -57.30 -35.07 -47.83
C ALA M 293 -56.01 -35.84 -47.55
N LEU M 294 -55.47 -35.68 -46.34
CA LEU M 294 -54.28 -36.41 -45.94
C LEU M 294 -54.60 -37.81 -45.43
N HIS M 295 -55.88 -38.17 -45.30
CA HIS M 295 -56.23 -39.50 -44.83
C HIS M 295 -55.78 -40.59 -45.81
N ARG M 296 -55.93 -40.33 -47.10
CA ARG M 296 -55.56 -41.35 -48.09
C ARG M 296 -54.06 -41.55 -48.21
N PRO M 297 -53.23 -40.51 -48.44
CA PRO M 297 -51.79 -40.78 -48.62
C PRO M 297 -51.13 -41.46 -47.44
N LYS M 298 -51.51 -41.10 -46.21
CA LYS M 298 -50.89 -41.70 -45.04
C LYS M 298 -51.05 -43.21 -45.03
N ARG M 299 -52.28 -43.69 -45.26
CA ARG M 299 -52.49 -45.12 -45.39
C ARG M 299 -51.60 -45.71 -46.48
N PHE M 300 -51.46 -45.00 -47.60
CA PHE M 300 -50.51 -45.42 -48.61
C PHE M 300 -49.12 -45.58 -48.01
N PHE M 301 -48.63 -44.53 -47.33
CA PHE M 301 -47.34 -44.63 -46.68
C PHE M 301 -47.36 -45.58 -45.50
N GLY M 302 -48.55 -45.92 -45.01
CA GLY M 302 -48.69 -46.93 -44.00
C GLY M 302 -48.66 -48.35 -44.53
N ALA M 303 -48.58 -48.52 -45.84
CA ALA M 303 -48.53 -49.86 -46.41
C ALA M 303 -47.22 -50.55 -46.05
N ALA M 304 -46.15 -49.81 -45.84
CA ALA M 304 -44.85 -50.40 -45.58
C ALA M 304 -44.85 -51.18 -44.27
N ARG M 305 -44.39 -52.43 -44.33
CA ARG M 305 -44.32 -53.28 -43.15
C ARG M 305 -43.43 -54.48 -43.47
N ASN M 306 -43.02 -55.18 -42.42
CA ASN M 306 -42.24 -56.41 -42.55
C ASN M 306 -43.12 -57.54 -42.03
N VAL M 307 -43.70 -58.31 -42.96
CA VAL M 307 -44.64 -59.36 -42.58
C VAL M 307 -43.90 -60.50 -41.93
N GLU M 308 -44.43 -60.99 -40.81
CA GLU M 308 -43.84 -62.14 -40.13
C GLU M 308 -43.92 -63.39 -40.99
N GLU M 309 -45.05 -63.61 -41.67
CA GLU M 309 -45.24 -64.83 -42.45
C GLU M 309 -44.23 -64.93 -43.59
N GLY M 310 -43.99 -63.82 -44.29
CA GLY M 310 -43.04 -63.83 -45.39
C GLY M 310 -43.14 -62.60 -46.26
N GLY M 311 -42.01 -62.15 -46.79
CA GLY M 311 -41.98 -60.98 -47.64
C GLY M 311 -42.07 -59.69 -46.85
N SER M 312 -41.96 -58.58 -47.59
CA SER M 312 -42.01 -57.26 -46.98
C SER M 312 -42.32 -56.23 -48.07
N LEU M 313 -42.71 -55.04 -47.63
CA LEU M 313 -42.97 -53.92 -48.52
C LEU M 313 -42.20 -52.71 -48.00
N THR M 314 -41.11 -52.38 -48.67
CA THR M 314 -40.26 -51.27 -48.27
C THR M 314 -40.51 -50.06 -49.17
N ILE M 315 -40.80 -48.92 -48.55
CA ILE M 315 -41.13 -47.69 -49.27
C ILE M 315 -40.15 -46.61 -48.85
N ILE M 316 -39.52 -45.97 -49.83
CA ILE M 316 -38.59 -44.86 -49.59
C ILE M 316 -39.08 -43.72 -50.46
N ALA M 317 -39.87 -42.82 -49.89
CA ALA M 317 -40.43 -41.69 -50.61
C ALA M 317 -39.77 -40.40 -50.14
N THR M 318 -39.29 -39.60 -51.08
CA THR M 318 -38.65 -38.35 -50.75
C THR M 318 -39.69 -37.27 -50.44
N ALA M 319 -39.26 -36.22 -49.75
CA ALA M 319 -40.11 -35.12 -49.35
C ALA M 319 -39.46 -33.80 -49.70
N LEU M 320 -40.30 -32.79 -49.94
CA LEU M 320 -39.84 -31.45 -50.28
C LEU M 320 -40.05 -30.52 -49.09
N ILE M 321 -38.99 -29.81 -48.71
CA ILE M 321 -39.05 -28.81 -47.65
C ILE M 321 -38.36 -27.55 -48.15
N ASP M 322 -38.69 -26.42 -47.52
CA ASP M 322 -38.12 -25.12 -47.85
C ASP M 322 -38.30 -24.82 -49.35
N THR M 323 -39.49 -25.12 -49.86
CA THR M 323 -39.81 -24.88 -51.26
C THR M 323 -40.57 -23.58 -51.49
N GLY M 324 -40.80 -22.80 -50.43
CA GLY M 324 -41.57 -21.59 -50.54
C GLY M 324 -43.07 -21.79 -50.52
N SER M 325 -43.54 -23.02 -50.42
CA SER M 325 -44.96 -23.33 -50.35
C SER M 325 -45.28 -23.85 -48.95
N LYS M 326 -46.27 -23.24 -48.30
CA LYS M 326 -46.59 -23.60 -46.93
C LYS M 326 -47.30 -24.94 -46.86
N MET M 327 -48.02 -25.33 -47.93
CA MET M 327 -48.68 -26.62 -47.95
C MET M 327 -47.66 -27.75 -47.86
N ASP M 328 -46.53 -27.60 -48.56
CA ASP M 328 -45.46 -28.60 -48.47
C ASP M 328 -44.96 -28.70 -47.04
N GLU M 329 -44.82 -27.56 -46.36
CA GLU M 329 -44.35 -27.57 -44.98
C GLU M 329 -45.34 -28.26 -44.06
N VAL M 330 -46.64 -28.00 -44.25
CA VAL M 330 -47.66 -28.68 -43.46
C VAL M 330 -47.60 -30.18 -43.68
N ILE M 331 -47.41 -30.59 -44.94
CA ILE M 331 -47.27 -32.01 -45.23
C ILE M 331 -46.04 -32.58 -44.54
N TYR M 332 -44.95 -31.80 -44.46
CA TYR M 332 -43.70 -32.33 -43.92
C TYR M 332 -43.80 -32.54 -42.41
N GLU M 333 -44.30 -31.53 -41.67
CA GLU M 333 -44.63 -31.81 -40.26
C GLU M 333 -45.97 -32.54 -40.08
N GLU M 334 -46.57 -33.08 -41.13
CA GLU M 334 -47.64 -34.04 -40.95
C GLU M 334 -47.17 -35.47 -41.19
N PHE M 335 -46.02 -35.64 -41.84
CA PHE M 335 -45.43 -36.94 -42.11
C PHE M 335 -44.14 -37.18 -41.33
N LYS M 336 -43.83 -36.31 -40.37
CA LYS M 336 -42.53 -36.38 -39.70
C LYS M 336 -42.40 -37.64 -38.86
N GLY M 337 -43.37 -37.93 -38.01
CA GLY M 337 -43.28 -39.02 -37.08
C GLY M 337 -43.78 -40.36 -37.58
N THR M 338 -44.24 -40.45 -38.82
CA THR M 338 -44.80 -41.68 -39.35
C THR M 338 -43.76 -42.59 -39.99
N GLY M 339 -42.53 -42.13 -40.17
CA GLY M 339 -41.48 -42.89 -40.83
C GLY M 339 -40.39 -43.27 -39.86
N ASN M 340 -39.85 -44.48 -40.03
CA ASN M 340 -38.80 -44.99 -39.17
C ASN M 340 -37.41 -44.76 -39.74
N MET M 341 -37.28 -44.18 -40.92
CA MET M 341 -36.00 -43.80 -41.48
C MET M 341 -36.15 -42.45 -42.18
N GLU M 342 -35.14 -41.59 -42.03
CA GLU M 342 -35.21 -40.27 -42.64
C GLU M 342 -33.81 -39.81 -43.02
N LEU M 343 -33.75 -39.04 -44.10
CA LEU M 343 -32.49 -38.50 -44.63
C LEU M 343 -32.69 -37.05 -45.03
N HIS M 344 -31.79 -36.18 -44.59
CA HIS M 344 -31.93 -34.74 -44.78
C HIS M 344 -31.08 -34.25 -45.94
N LEU M 345 -31.60 -33.27 -46.67
CA LEU M 345 -30.83 -32.49 -47.64
C LEU M 345 -31.00 -31.01 -47.30
N SER M 346 -29.96 -30.22 -47.57
CA SER M 346 -29.99 -28.81 -47.23
C SER M 346 -29.36 -28.00 -48.35
N ARG M 347 -29.75 -26.72 -48.41
CA ARG M 347 -29.28 -25.83 -49.47
C ARG M 347 -27.94 -25.20 -49.12
N LYS M 348 -27.73 -24.83 -47.86
CA LYS M 348 -26.53 -24.11 -47.48
C LYS M 348 -25.27 -24.99 -47.54
N ILE M 349 -25.41 -26.28 -47.84
CA ILE M 349 -24.27 -27.15 -48.09
C ILE M 349 -24.10 -27.45 -49.57
N ALA M 350 -25.11 -27.18 -50.40
CA ALA M 350 -25.08 -27.58 -51.80
C ALA M 350 -24.17 -26.69 -52.64
N GLU M 351 -24.05 -25.40 -52.31
CA GLU M 351 -23.26 -24.50 -53.16
C GLU M 351 -21.77 -24.84 -53.14
N LYS M 352 -21.31 -25.56 -52.13
CA LYS M 352 -19.91 -25.96 -52.06
C LYS M 352 -19.57 -27.03 -53.10
N ARG M 353 -20.58 -27.59 -53.76
CA ARG M 353 -20.40 -28.58 -54.84
C ARG M 353 -19.78 -29.88 -54.34
N VAL M 354 -19.96 -30.18 -53.05
CA VAL M 354 -19.54 -31.45 -52.47
C VAL M 354 -20.80 -32.30 -52.29
N PHE M 355 -20.78 -33.52 -52.83
CA PHE M 355 -21.97 -34.34 -52.88
C PHE M 355 -21.67 -35.75 -52.41
N PRO M 356 -22.66 -36.44 -51.80
CA PRO M 356 -24.04 -36.00 -51.56
C PRO M 356 -24.13 -34.89 -50.52
N ALA M 357 -25.13 -34.02 -50.63
CA ALA M 357 -25.21 -32.83 -49.78
C ALA M 357 -26.17 -33.06 -48.61
N ILE M 358 -25.89 -34.11 -47.83
CA ILE M 358 -26.69 -34.47 -46.68
C ILE M 358 -25.94 -34.08 -45.41
N ASP M 359 -26.68 -34.00 -44.31
CA ASP M 359 -26.11 -33.71 -43.01
C ASP M 359 -26.07 -35.00 -42.18
N TYR M 360 -25.00 -35.18 -41.41
CA TYR M 360 -24.80 -36.40 -40.64
C TYR M 360 -25.09 -36.24 -39.16
N ASN M 361 -25.15 -35.01 -38.65
CA ASN M 361 -25.33 -34.80 -37.21
C ASN M 361 -26.67 -35.33 -36.73
N ARG M 362 -27.74 -35.07 -37.48
CA ARG M 362 -29.09 -35.42 -37.03
C ARG M 362 -29.89 -36.16 -38.12
N SER M 363 -29.20 -36.90 -38.97
CA SER M 363 -29.85 -37.79 -39.93
C SER M 363 -29.61 -39.23 -39.51
N GLY M 364 -30.67 -40.03 -39.49
CA GLY M 364 -30.54 -41.41 -39.07
C GLY M 364 -31.86 -42.12 -39.12
N THR M 365 -31.87 -43.33 -38.57
CA THR M 365 -33.06 -44.17 -38.53
C THR M 365 -33.22 -44.77 -37.13
N ARG M 366 -34.44 -45.18 -36.82
CA ARG M 366 -34.77 -45.73 -35.52
C ARG M 366 -34.77 -47.25 -35.56
N LYS M 367 -34.51 -47.85 -34.40
CA LYS M 367 -34.49 -49.30 -34.23
C LYS M 367 -33.51 -49.96 -35.21
N GLU M 368 -32.33 -49.34 -35.36
CA GLU M 368 -31.31 -49.90 -36.24
C GLU M 368 -30.61 -51.11 -35.63
N GLU M 369 -30.73 -51.33 -34.32
CA GLU M 369 -30.07 -52.44 -33.68
C GLU M 369 -30.54 -53.78 -34.23
N LEU M 370 -31.81 -53.87 -34.65
CA LEU M 370 -32.32 -55.09 -35.22
C LEU M 370 -31.81 -55.35 -36.64
N LEU M 371 -31.15 -54.37 -37.25
CA LEU M 371 -30.71 -54.50 -38.64
C LEU M 371 -29.26 -54.95 -38.78
N THR M 372 -28.40 -54.62 -37.82
CA THR M 372 -26.97 -54.85 -37.96
C THR M 372 -26.41 -55.51 -36.71
N THR M 373 -25.23 -56.12 -36.87
CA THR M 373 -24.55 -56.73 -35.76
C THR M 373 -23.95 -55.66 -34.84
N GLN M 374 -23.56 -56.09 -33.64
CA GLN M 374 -23.22 -55.14 -32.58
C GLN M 374 -21.90 -54.42 -32.87
N GLU M 375 -20.90 -55.14 -33.38
CA GLU M 375 -19.56 -54.56 -33.49
C GLU M 375 -19.50 -53.43 -34.51
N GLU M 376 -20.05 -53.65 -35.70
CA GLU M 376 -20.04 -52.57 -36.68
C GLU M 376 -21.00 -51.46 -36.29
N LEU M 377 -22.05 -51.80 -35.53
CA LEU M 377 -22.93 -50.76 -35.01
C LEU M 377 -22.20 -49.84 -34.05
N GLN M 378 -21.38 -50.40 -33.16
CA GLN M 378 -20.63 -49.55 -32.24
C GLN M 378 -19.49 -48.83 -32.94
N LYS M 379 -18.95 -49.41 -34.02
CA LYS M 379 -18.00 -48.66 -34.84
C LYS M 379 -18.67 -47.44 -35.47
N MET M 380 -19.87 -47.61 -36.00
CA MET M 380 -20.62 -46.49 -36.55
C MET M 380 -20.94 -45.47 -35.48
N TRP M 381 -21.26 -45.94 -34.26
CA TRP M 381 -21.49 -45.04 -33.14
C TRP M 381 -20.23 -44.23 -32.82
N ILE M 382 -19.08 -44.88 -32.84
CA ILE M 382 -17.82 -44.19 -32.58
C ILE M 382 -17.57 -43.12 -33.64
N LEU M 383 -17.82 -43.46 -34.90
CA LEU M 383 -17.67 -42.47 -35.97
C LEU M 383 -18.63 -41.30 -35.76
N ARG M 384 -19.88 -41.59 -35.40
CA ARG M 384 -20.87 -40.56 -35.19
C ARG M 384 -20.44 -39.61 -34.07
N LYS M 385 -19.99 -40.15 -32.95
CA LYS M 385 -19.58 -39.31 -31.84
C LYS M 385 -18.28 -38.58 -32.15
N ILE M 386 -17.45 -39.13 -33.04
CA ILE M 386 -16.21 -38.45 -33.41
C ILE M 386 -16.51 -37.22 -34.26
N ILE M 387 -17.37 -37.37 -35.27
CA ILE M 387 -17.58 -36.29 -36.24
C ILE M 387 -18.85 -35.50 -35.96
N HIS M 388 -19.52 -35.75 -34.84
CA HIS M 388 -20.73 -35.01 -34.52
C HIS M 388 -20.48 -33.61 -33.97
N PRO M 389 -19.67 -33.45 -32.90
CA PRO M 389 -19.54 -32.10 -32.30
C PRO M 389 -19.01 -31.05 -33.27
N MET M 390 -18.07 -31.41 -34.14
CA MET M 390 -17.54 -30.49 -35.10
C MET M 390 -18.55 -30.22 -36.22
N GLY M 391 -18.27 -29.20 -37.02
CA GLY M 391 -19.27 -28.68 -37.95
C GLY M 391 -19.78 -29.75 -38.91
N GLU M 392 -20.85 -29.40 -39.64
CA GLU M 392 -21.52 -30.39 -40.46
C GLU M 392 -21.03 -30.38 -41.91
N ILE M 393 -20.80 -29.20 -42.49
CA ILE M 393 -20.34 -29.12 -43.87
C ILE M 393 -18.94 -29.71 -44.00
N ASP M 394 -18.04 -29.28 -43.11
CA ASP M 394 -16.70 -29.84 -43.09
C ASP M 394 -16.72 -31.31 -42.67
N ALA M 395 -17.71 -31.71 -41.87
CA ALA M 395 -17.88 -33.13 -41.58
C ALA M 395 -18.19 -33.91 -42.84
N MET M 396 -19.07 -33.39 -43.69
CA MET M 396 -19.40 -34.09 -44.92
C MET M 396 -18.21 -34.14 -45.88
N GLU M 397 -17.47 -33.03 -46.01
CA GLU M 397 -16.31 -33.09 -46.91
C GLU M 397 -15.24 -34.03 -46.35
N PHE M 398 -15.10 -34.08 -45.03
CA PHE M 398 -14.20 -35.04 -44.39
C PHE M 398 -14.63 -36.48 -44.68
N LEU M 399 -15.92 -36.77 -44.54
CA LEU M 399 -16.41 -38.10 -44.86
C LEU M 399 -16.13 -38.43 -46.32
N ILE M 400 -16.38 -37.47 -47.21
CA ILE M 400 -16.21 -37.70 -48.65
C ILE M 400 -14.77 -38.05 -48.97
N ASN M 401 -13.81 -37.23 -48.50
CA ASN M 401 -12.44 -37.48 -48.92
C ASN M 401 -11.82 -38.67 -48.18
N LYS M 402 -12.18 -38.89 -46.91
CA LYS M 402 -11.63 -40.04 -46.20
C LYS M 402 -12.23 -41.35 -46.72
N LEU M 403 -13.43 -41.31 -47.30
CA LEU M 403 -13.94 -42.46 -48.04
C LEU M 403 -13.30 -42.58 -49.41
N ALA M 404 -12.97 -41.44 -50.04
CA ALA M 404 -12.38 -41.47 -51.37
C ALA M 404 -10.98 -42.07 -51.35
N MET M 405 -10.22 -41.81 -50.29
CA MET M 405 -8.86 -42.36 -50.24
C MET M 405 -8.89 -43.88 -50.20
N THR M 406 -9.93 -44.45 -49.60
CA THR M 406 -10.01 -45.89 -49.36
C THR M 406 -11.01 -46.54 -50.31
N LYS M 407 -11.09 -47.87 -50.22
CA LYS M 407 -11.86 -48.68 -51.14
C LYS M 407 -13.27 -48.99 -50.62
N THR M 408 -13.36 -49.66 -49.48
CA THR M 408 -14.63 -50.17 -48.97
C THR M 408 -14.93 -49.59 -47.58
N ASN M 409 -16.17 -49.83 -47.15
CA ASN M 409 -16.59 -49.36 -45.83
C ASN M 409 -15.83 -50.08 -44.72
N ASP M 410 -15.57 -51.37 -44.88
CA ASP M 410 -14.82 -52.11 -43.88
C ASP M 410 -13.43 -51.51 -43.69
N ASP M 411 -12.80 -51.08 -44.78
CA ASP M 411 -11.53 -50.37 -44.67
C ASP M 411 -11.69 -49.05 -43.92
N PHE M 412 -12.87 -48.44 -43.99
CA PHE M 412 -13.12 -47.23 -43.21
C PHE M 412 -13.25 -47.54 -41.73
N PHE M 413 -13.89 -48.65 -41.39
CA PHE M 413 -13.88 -49.10 -40.00
C PHE M 413 -12.45 -49.39 -39.56
N GLU M 414 -11.63 -49.92 -40.46
CA GLU M 414 -10.23 -50.16 -40.13
C GLU M 414 -9.47 -48.85 -39.91
N MET M 415 -9.81 -47.80 -40.65
CA MET M 415 -9.10 -46.55 -40.42
C MET M 415 -9.58 -45.85 -39.15
N MET M 416 -10.81 -46.12 -38.69
CA MET M 416 -11.09 -45.80 -37.29
C MET M 416 -10.28 -46.67 -36.34
N LYS M 417 -10.04 -47.94 -36.72
CA LYS M 417 -9.26 -48.81 -35.85
C LYS M 417 -7.85 -48.28 -35.64
N ARG M 418 -7.20 -47.79 -36.70
CA ARG M 418 -5.86 -47.24 -36.52
C ARG M 418 -5.90 -45.86 -35.87
N SER M 419 -6.92 -45.08 -36.16
CA SER M 419 -7.04 -43.74 -35.60
C SER M 419 -7.66 -43.77 -34.21
N THR N 4 74.56 35.81 -42.29
CA THR N 4 75.38 34.64 -41.98
C THR N 4 74.78 33.85 -40.82
N ALA N 5 73.55 34.18 -40.44
CA ALA N 5 72.87 33.48 -39.37
C ALA N 5 72.65 32.01 -39.73
N LEU N 6 72.26 31.75 -40.97
CA LEU N 6 72.09 30.37 -41.42
C LEU N 6 73.40 29.60 -41.39
N GLN N 7 74.49 30.24 -41.84
CA GLN N 7 75.79 29.56 -41.85
C GLN N 7 76.27 29.26 -40.43
N GLN N 8 76.12 30.21 -39.51
CA GLN N 8 76.55 29.97 -38.13
C GLN N 8 75.66 28.94 -37.45
N ALA N 9 74.35 28.92 -37.77
CA ALA N 9 73.48 27.89 -37.23
C ALA N 9 73.89 26.51 -37.72
N PHE N 10 74.23 26.39 -39.01
CA PHE N 10 74.72 25.13 -39.52
C PHE N 10 76.05 24.74 -38.88
N ASP N 11 76.90 25.73 -38.62
CA ASP N 11 78.17 25.46 -37.94
C ASP N 11 77.92 24.91 -36.54
N THR N 12 76.98 25.50 -35.80
CA THR N 12 76.64 24.98 -34.48
C THR N 12 76.04 23.59 -34.56
N CYS N 13 75.24 23.34 -35.60
CA CYS N 13 74.69 22.00 -35.80
C CYS N 13 75.80 20.98 -36.02
N GLN N 14 76.79 21.34 -36.84
CA GLN N 14 77.94 20.45 -37.03
C GLN N 14 78.72 20.29 -35.73
N ASN N 15 78.81 21.35 -34.93
CA ASN N 15 79.55 21.29 -33.67
C ASN N 15 78.92 20.27 -32.73
N ASN N 16 77.61 20.37 -32.49
CA ASN N 16 77.01 19.40 -31.58
C ASN N 16 76.85 18.03 -32.22
N LYS N 17 76.82 17.94 -33.56
CA LYS N 17 76.90 16.64 -34.21
C LYS N 17 78.23 15.96 -33.92
N ALA N 18 79.33 16.72 -33.99
CA ALA N 18 80.63 16.18 -33.63
C ALA N 18 80.71 15.84 -32.15
N ALA N 19 80.03 16.63 -31.31
CA ALA N 19 79.95 16.30 -29.90
C ALA N 19 79.26 14.96 -29.69
N TRP N 20 78.16 14.72 -30.41
CA TRP N 20 77.49 13.43 -30.33
C TRP N 20 78.38 12.32 -30.87
N LEU N 21 79.17 12.62 -31.90
CA LEU N 21 80.13 11.64 -32.41
C LEU N 21 81.10 11.23 -31.31
N GLN N 22 81.69 12.20 -30.62
CA GLN N 22 82.59 11.89 -29.51
C GLN N 22 81.87 11.11 -28.43
N ARG N 23 80.62 11.47 -28.14
CA ARG N 23 79.85 10.76 -27.12
C ARG N 23 79.70 9.29 -27.48
N LYS N 24 79.40 8.98 -28.76
CA LYS N 24 79.32 7.57 -29.12
C LYS N 24 80.71 6.92 -29.18
N ASN N 25 81.77 7.72 -29.36
CA ASN N 25 83.11 7.14 -29.22
C ASN N 25 83.34 6.61 -27.81
N GLU N 26 83.11 7.46 -26.80
CA GLU N 26 83.25 6.96 -25.43
C GLU N 26 82.24 5.87 -25.12
N LEU N 27 81.05 5.94 -25.72
CA LEU N 27 80.06 4.87 -25.58
C LEU N 27 80.66 3.54 -26.02
N ALA N 28 81.01 3.45 -27.30
CA ALA N 28 81.56 2.21 -27.86
C ALA N 28 82.77 1.74 -27.06
N ALA N 29 83.59 2.67 -26.57
CA ALA N 29 84.71 2.28 -25.71
C ALA N 29 84.20 1.61 -24.45
N ALA N 30 83.16 2.17 -23.83
CA ALA N 30 82.62 1.59 -22.60
C ALA N 30 82.06 0.20 -22.85
N GLU N 31 81.27 0.03 -23.91
CA GLU N 31 80.72 -1.30 -24.19
C GLU N 31 81.82 -2.31 -24.55
N GLN N 32 82.85 -1.89 -25.30
CA GLN N 32 83.88 -2.87 -25.64
C GLN N 32 84.69 -3.29 -24.42
N GLU N 33 85.00 -2.34 -23.52
CA GLU N 33 85.74 -2.73 -22.32
C GLU N 33 84.85 -3.57 -21.39
N TYR N 34 83.56 -3.26 -21.33
CA TYR N 34 82.65 -4.06 -20.52
C TYR N 34 82.53 -5.48 -21.05
N LEU N 35 82.46 -5.63 -22.38
CA LEU N 35 82.44 -6.96 -22.97
C LEU N 35 83.74 -7.71 -22.69
N ARG N 36 84.88 -7.02 -22.80
CA ARG N 36 86.16 -7.69 -22.59
C ARG N 36 86.33 -8.10 -21.12
N LEU N 37 85.75 -7.33 -20.19
CA LEU N 37 85.80 -7.72 -18.79
C LEU N 37 84.83 -8.84 -18.46
N LEU N 38 83.63 -8.83 -19.04
CA LEU N 38 82.69 -9.91 -18.76
C LEU N 38 83.19 -11.24 -19.35
N SER N 39 83.78 -11.18 -20.55
CA SER N 39 84.35 -12.38 -21.14
C SER N 39 85.58 -12.87 -20.38
N GLY N 40 86.23 -11.99 -19.63
CA GLY N 40 87.38 -12.35 -18.82
C GLY N 40 87.00 -12.76 -17.42
N GLU N 41 87.95 -12.61 -16.50
CA GLU N 41 87.76 -12.97 -15.10
C GLU N 41 87.38 -11.72 -14.31
N GLY N 42 86.09 -11.41 -14.31
CA GLY N 42 85.58 -10.27 -13.57
C GLY N 42 85.27 -10.60 -12.13
N ARG N 43 86.31 -10.98 -11.37
CA ARG N 43 86.10 -11.39 -9.98
C ARG N 43 85.60 -10.23 -9.13
N ASN N 44 86.18 -9.05 -9.28
CA ASN N 44 85.75 -7.90 -8.49
C ASN N 44 84.37 -7.45 -8.95
N VAL N 45 83.54 -7.03 -7.99
CA VAL N 45 82.16 -6.66 -8.26
C VAL N 45 82.04 -5.15 -8.35
N SER N 46 82.91 -4.44 -7.62
CA SER N 46 82.83 -2.98 -7.60
C SER N 46 83.04 -2.40 -8.99
N ARG N 47 84.01 -2.93 -9.75
CA ARG N 47 84.22 -2.43 -11.10
C ARG N 47 83.03 -2.70 -12.00
N LEU N 48 82.32 -3.81 -11.77
CA LEU N 48 81.14 -4.10 -12.58
C LEU N 48 80.04 -3.07 -12.35
N ASP N 49 79.78 -2.74 -11.08
CA ASP N 49 78.78 -1.71 -10.78
C ASP N 49 79.21 -0.36 -11.32
N GLU N 50 80.49 -0.04 -11.20
CA GLU N 50 81.01 1.19 -11.81
C GLU N 50 80.72 1.21 -13.30
N LEU N 51 81.08 0.13 -14.00
CA LEU N 51 80.89 0.07 -15.45
C LEU N 51 79.41 0.24 -15.80
N ARG N 52 78.51 -0.36 -15.02
CA ARG N 52 77.09 -0.12 -15.24
C ARG N 52 76.75 1.36 -15.12
N ASN N 53 77.32 2.02 -14.11
CA ASN N 53 77.07 3.46 -13.93
C ASN N 53 77.54 4.25 -15.15
N ILE N 54 78.77 4.00 -15.60
CA ILE N 54 79.30 4.73 -16.76
C ILE N 54 78.49 4.44 -18.02
N ILE N 55 78.13 3.18 -18.27
CA ILE N 55 77.41 2.88 -19.50
C ILE N 55 76.02 3.51 -19.47
N GLU N 56 75.38 3.54 -18.30
CA GLU N 56 74.06 4.15 -18.21
C GLU N 56 74.14 5.66 -18.42
N VAL N 57 75.08 6.33 -17.77
CA VAL N 57 75.19 7.77 -17.96
C VAL N 57 75.61 8.09 -19.39
N ARG N 58 76.41 7.23 -20.01
CA ARG N 58 76.82 7.45 -21.40
C ARG N 58 75.64 7.27 -22.35
N LYS N 59 74.78 6.29 -22.09
CA LYS N 59 73.61 6.13 -22.97
C LYS N 59 72.64 7.28 -22.80
N TRP N 60 72.47 7.79 -21.57
CA TRP N 60 71.66 8.99 -21.40
C TRP N 60 72.28 10.19 -22.12
N GLN N 61 73.61 10.33 -22.03
CA GLN N 61 74.28 11.44 -22.69
C GLN N 61 74.12 11.38 -24.20
N VAL N 62 74.28 10.18 -24.78
CA VAL N 62 74.13 10.07 -26.22
C VAL N 62 72.67 10.26 -26.62
N ASN N 63 71.72 9.84 -25.78
CA ASN N 63 70.31 10.11 -26.06
C ASN N 63 70.05 11.61 -26.15
N GLN N 64 70.50 12.37 -25.14
CA GLN N 64 70.22 13.80 -25.14
C GLN N 64 71.02 14.52 -26.22
N ALA N 65 72.22 14.03 -26.54
CA ALA N 65 73.00 14.63 -27.62
C ALA N 65 72.32 14.40 -28.97
N ALA N 66 71.83 13.19 -29.23
CA ALA N 66 71.09 12.93 -30.45
C ALA N 66 69.82 13.77 -30.51
N GLY N 67 69.15 13.92 -29.36
CA GLY N 67 68.00 14.80 -29.28
C GLY N 67 68.32 16.20 -29.74
N ARG N 68 69.27 16.87 -29.06
CA ARG N 68 69.61 18.24 -29.43
C ARG N 68 70.13 18.32 -30.85
N TYR N 69 70.76 17.26 -31.36
CA TYR N 69 71.17 17.25 -32.75
C TYR N 69 69.96 17.28 -33.68
N ILE N 70 68.93 16.51 -33.35
CA ILE N 70 67.69 16.53 -34.15
C ILE N 70 67.06 17.92 -34.09
N ARG N 71 67.00 18.52 -32.90
CA ARG N 71 66.42 19.86 -32.80
C ARG N 71 67.23 20.88 -33.60
N SER N 72 68.56 20.80 -33.55
CA SER N 72 69.39 21.74 -34.31
C SER N 72 69.20 21.55 -35.81
N HIS N 73 69.12 20.29 -36.27
CA HIS N 73 68.89 20.03 -37.69
C HIS N 73 67.55 20.56 -38.13
N GLU N 74 66.51 20.35 -37.31
CA GLU N 74 65.20 20.91 -37.64
C GLU N 74 65.25 22.44 -37.67
N ALA N 75 65.95 23.05 -36.72
CA ALA N 75 66.01 24.50 -36.66
C ALA N 75 66.70 25.07 -37.89
N VAL N 76 67.81 24.47 -38.32
CA VAL N 76 68.49 24.97 -39.50
C VAL N 76 67.63 24.75 -40.74
N GLN N 77 66.91 23.63 -40.81
CA GLN N 77 66.00 23.41 -41.92
C GLN N 77 64.92 24.50 -41.96
N HIS N 78 64.30 24.79 -40.82
CA HIS N 78 63.24 25.80 -40.81
C HIS N 78 63.79 27.19 -41.15
N ILE N 79 64.96 27.55 -40.64
CA ILE N 79 65.48 28.88 -40.93
C ILE N 79 65.83 29.01 -42.41
N SER N 80 66.43 27.96 -43.00
CA SER N 80 66.73 28.00 -44.42
C SER N 80 65.46 28.08 -45.26
N ILE N 81 64.44 27.28 -44.91
CA ILE N 81 63.20 27.30 -45.66
C ILE N 81 62.52 28.67 -45.56
N ARG N 82 62.49 29.25 -44.36
CA ARG N 82 61.84 30.55 -44.18
C ARG N 82 62.60 31.64 -44.93
N ASP N 83 63.93 31.61 -44.92
CA ASP N 83 64.70 32.58 -45.68
C ASP N 83 64.41 32.45 -47.18
N ARG N 84 64.32 31.22 -47.68
CA ARG N 84 63.97 31.02 -49.08
C ARG N 84 62.56 31.54 -49.36
N LEU N 85 61.63 31.33 -48.42
CA LEU N 85 60.27 31.86 -48.56
C LEU N 85 60.28 33.37 -48.70
N ASN N 86 60.98 34.05 -47.78
CA ASN N 86 61.01 35.51 -47.84
C ASN N 86 61.63 35.99 -49.14
N ASP N 87 62.74 35.37 -49.56
CA ASP N 87 63.39 35.78 -50.79
C ASP N 87 62.46 35.61 -51.99
N PHE N 88 61.83 34.44 -52.12
CA PHE N 88 61.05 34.17 -53.32
C PHE N 88 59.78 35.01 -53.37
N MET N 89 59.02 35.07 -52.26
CA MET N 89 57.83 35.91 -52.31
C MET N 89 58.12 37.39 -52.17
N GLN N 90 59.38 37.78 -51.94
CA GLN N 90 59.76 39.15 -52.25
C GLN N 90 60.01 39.31 -53.75
N GLN N 91 60.51 38.26 -54.40
CA GLN N 91 60.76 38.34 -55.84
C GLN N 91 59.46 38.32 -56.64
N HIS N 92 58.52 37.44 -56.29
CA HIS N 92 57.32 37.21 -57.07
C HIS N 92 56.06 37.29 -56.21
N GLY N 93 56.02 38.22 -55.27
CA GLY N 93 54.87 38.32 -54.38
C GLY N 93 53.60 38.74 -55.09
N THR N 94 53.69 39.72 -56.00
CA THR N 94 52.51 40.25 -56.65
C THR N 94 51.81 39.21 -57.51
N ALA N 95 52.56 38.25 -58.06
CA ALA N 95 51.96 37.26 -58.94
C ALA N 95 50.96 36.38 -58.19
N LEU N 96 51.38 35.79 -57.06
CA LEU N 96 50.42 35.01 -56.29
C LEU N 96 49.49 35.89 -55.49
N ALA N 97 49.81 37.18 -55.31
CA ALA N 97 48.83 38.11 -54.77
C ALA N 97 47.63 38.23 -55.70
N ALA N 98 47.90 38.41 -56.99
CA ALA N 98 46.83 38.44 -57.98
C ALA N 98 46.16 37.07 -58.11
N ALA N 99 46.93 35.99 -57.97
CA ALA N 99 46.35 34.66 -58.06
C ALA N 99 45.40 34.38 -56.90
N LEU N 100 45.73 34.85 -55.71
CA LEU N 100 44.95 34.54 -54.52
C LEU N 100 44.43 35.82 -53.89
N ALA N 101 43.86 36.70 -54.70
CA ALA N 101 43.47 38.04 -54.24
C ALA N 101 42.38 38.03 -53.17
N PRO N 102 41.24 37.35 -53.33
CA PRO N 102 40.12 37.56 -52.38
C PRO N 102 40.47 37.33 -50.92
N GLU N 103 41.17 36.23 -50.62
CA GLU N 103 41.59 36.01 -49.23
C GLU N 103 42.58 37.06 -48.77
N LEU N 104 43.34 37.64 -49.69
CA LEU N 104 44.28 38.69 -49.30
C LEU N 104 43.56 39.99 -48.95
N MET N 105 42.54 40.37 -49.72
CA MET N 105 41.72 41.49 -49.29
C MET N 105 40.99 41.18 -47.99
N GLY N 106 40.60 39.92 -47.79
CA GLY N 106 39.99 39.55 -46.52
C GLY N 106 40.93 39.74 -45.35
N TYR N 107 42.19 39.36 -45.52
CA TYR N 107 43.18 39.56 -44.45
C TYR N 107 43.49 41.04 -44.25
N SER N 108 43.53 41.81 -45.35
CA SER N 108 44.08 43.17 -45.27
C SER N 108 43.13 44.15 -44.58
N GLU N 109 41.83 44.10 -44.89
CA GLU N 109 40.89 45.12 -44.41
C GLU N 109 39.68 44.48 -43.76
N LEU N 110 39.89 43.50 -42.88
CA LEU N 110 38.80 42.91 -42.11
C LEU N 110 39.28 42.63 -40.70
N THR N 111 38.38 42.05 -39.89
CA THR N 111 38.65 41.79 -38.48
C THR N 111 39.56 40.58 -38.32
N ALA N 112 39.93 40.32 -37.07
CA ALA N 112 40.87 39.24 -36.77
C ALA N 112 40.30 37.88 -37.15
N ILE N 113 39.03 37.63 -36.85
CA ILE N 113 38.44 36.33 -37.18
C ILE N 113 38.35 36.14 -38.68
N ALA N 114 38.01 37.20 -39.42
CA ALA N 114 38.01 37.11 -40.88
C ALA N 114 39.42 36.90 -41.41
N ARG N 115 40.41 37.52 -40.77
CA ARG N 115 41.80 37.28 -41.16
C ARG N 115 42.18 35.83 -40.98
N ASN N 116 41.80 35.23 -39.84
CA ASN N 116 42.11 33.82 -39.60
C ASN N 116 41.39 32.93 -40.61
N CYS N 117 40.14 33.25 -40.92
CA CYS N 117 39.41 32.46 -41.92
C CYS N 117 40.08 32.54 -43.29
N ALA N 118 40.53 33.73 -43.68
CA ALA N 118 41.24 33.88 -44.95
C ALA N 118 42.56 33.11 -44.94
N ILE N 119 43.26 33.14 -43.80
CA ILE N 119 44.50 32.37 -43.69
C ILE N 119 44.22 30.89 -43.86
N GLN N 120 43.16 30.38 -43.23
CA GLN N 120 42.82 28.98 -43.36
C GLN N 120 42.44 28.62 -44.80
N ARG N 121 41.68 29.50 -45.46
CA ARG N 121 41.30 29.24 -46.84
C ARG N 121 42.52 29.19 -47.76
N ALA N 122 43.46 30.14 -47.58
CA ALA N 122 44.69 30.12 -48.36
C ALA N 122 45.51 28.87 -48.05
N THR N 123 45.54 28.47 -46.78
CA THR N 123 46.22 27.24 -46.39
C THR N 123 45.66 26.04 -47.16
N ASP N 124 44.34 25.87 -47.14
CA ASP N 124 43.74 24.74 -47.84
C ASP N 124 44.00 24.81 -49.33
N ALA N 125 43.91 26.02 -49.92
CA ALA N 125 44.16 26.18 -51.34
C ALA N 125 45.56 25.71 -51.72
N LEU N 126 46.56 26.21 -51.00
CA LEU N 126 47.93 25.77 -51.28
C LEU N 126 48.12 24.29 -50.98
N ARG N 127 47.34 23.74 -50.06
CA ARG N 127 47.41 22.30 -49.81
C ARG N 127 46.98 21.51 -51.02
N GLU N 128 45.82 21.84 -51.62
CA GLU N 128 45.46 21.09 -52.83
C GLU N 128 46.43 21.40 -53.96
N ALA N 129 46.99 22.61 -53.99
CA ALA N 129 48.02 22.94 -54.98
C ALA N 129 49.17 21.95 -54.93
N LEU N 130 49.80 21.83 -53.76
CA LEU N 130 50.95 20.96 -53.63
C LEU N 130 50.56 19.49 -53.80
N LEU N 131 49.41 19.09 -53.25
CA LEU N 131 48.99 17.70 -53.40
C LEU N 131 48.74 17.34 -54.86
N SER N 132 48.27 18.28 -55.67
CA SER N 132 48.09 18.02 -57.09
C SER N 132 49.42 18.00 -57.83
N TRP N 133 50.31 18.94 -57.52
CA TRP N 133 51.54 19.03 -58.33
C TRP N 133 52.54 17.94 -57.99
N LEU N 134 52.67 17.59 -56.71
CA LEU N 134 53.69 16.63 -56.30
C LEU N 134 53.41 15.21 -56.77
N ALA N 135 52.20 14.96 -57.30
CA ALA N 135 51.91 13.64 -57.87
C ALA N 135 52.82 13.36 -59.06
N LYS N 136 53.09 14.38 -59.89
CA LYS N 136 54.02 14.20 -61.00
C LYS N 136 55.42 13.86 -60.50
N GLY N 137 55.87 14.55 -59.46
CA GLY N 137 57.16 14.24 -58.86
C GLY N 137 58.35 14.45 -59.77
N GLU N 138 58.38 15.57 -60.49
CA GLU N 138 59.51 15.87 -61.35
C GLU N 138 60.72 16.26 -60.51
N LYS N 139 61.91 15.83 -60.95
CA LYS N 139 63.13 16.01 -60.17
C LYS N 139 63.50 17.48 -60.09
N ILE N 140 63.92 17.90 -58.89
CA ILE N 140 64.34 19.26 -58.61
C ILE N 140 65.70 19.22 -57.91
N ASN N 141 66.17 20.40 -57.52
CA ASN N 141 67.41 20.56 -56.78
C ASN N 141 67.15 21.37 -55.51
N TYR N 142 68.20 21.54 -54.71
CA TYR N 142 68.11 22.33 -53.49
C TYR N 142 68.18 23.82 -53.85
N SER N 143 68.14 24.67 -52.83
CA SER N 143 68.30 26.10 -53.03
C SER N 143 69.70 26.41 -53.54
N ALA N 144 69.79 27.38 -54.45
CA ALA N 144 71.06 27.68 -55.09
C ALA N 144 72.10 28.14 -54.07
N GLN N 145 71.71 29.01 -53.14
CA GLN N 145 72.65 29.50 -52.15
C GLN N 145 73.01 28.41 -51.14
N ASP N 146 72.05 27.57 -50.77
CA ASP N 146 72.26 26.59 -49.71
C ASP N 146 72.15 25.16 -50.22
N SER N 147 72.77 24.86 -51.36
CA SER N 147 72.64 23.52 -51.93
C SER N 147 73.53 22.51 -51.20
N ASP N 148 74.86 22.71 -51.27
CA ASP N 148 75.77 21.67 -50.81
C ASP N 148 75.72 21.50 -49.30
N ILE N 149 75.47 22.58 -48.55
CA ILE N 149 75.36 22.47 -47.09
C ILE N 149 74.24 21.49 -46.73
N LEU N 150 73.06 21.68 -47.34
CA LEU N 150 71.94 20.83 -47.00
C LEU N 150 72.07 19.44 -47.60
N THR N 151 72.77 19.29 -48.72
CA THR N 151 73.06 17.95 -49.21
C THR N 151 73.95 17.18 -48.24
N THR N 152 74.97 17.87 -47.69
CA THR N 152 75.83 17.22 -46.70
C THR N 152 75.06 16.88 -45.43
N ILE N 153 74.22 17.81 -44.95
CA ILE N 153 73.48 17.53 -43.73
C ILE N 153 72.31 16.58 -44.00
N GLY N 154 71.77 16.59 -45.23
CA GLY N 154 70.69 15.70 -45.59
C GLY N 154 69.35 16.15 -45.04
N PHE N 155 68.28 15.93 -45.81
CA PHE N 155 66.94 16.28 -45.32
C PHE N 155 66.55 15.38 -44.16
N ARG N 156 66.73 14.07 -44.32
CA ARG N 156 66.58 13.20 -43.17
C ARG N 156 67.84 13.25 -42.31
N PRO N 157 67.71 13.11 -41.00
CA PRO N 157 68.88 12.99 -40.13
C PRO N 157 69.36 11.54 -40.11
N ASP N 158 70.37 11.29 -39.28
CA ASP N 158 70.91 9.95 -39.17
C ASP N 158 69.87 9.01 -38.57
N VAL N 159 69.77 7.80 -39.15
CA VAL N 159 68.87 6.80 -38.60
C VAL N 159 69.32 6.39 -37.20
N ALA N 160 70.63 6.35 -36.97
CA ALA N 160 71.14 6.09 -35.63
C ALA N 160 70.65 7.13 -34.63
N SER N 161 70.47 8.38 -35.08
CA SER N 161 69.98 9.41 -34.17
C SER N 161 68.59 9.09 -33.65
N VAL N 162 67.66 8.80 -34.56
CA VAL N 162 66.29 8.50 -34.12
C VAL N 162 66.24 7.18 -33.36
N ASP N 163 67.06 6.21 -33.76
CA ASP N 163 67.10 4.94 -33.04
C ASP N 163 67.57 5.15 -31.60
N ASP N 164 68.58 6.00 -31.41
CA ASP N 164 69.05 6.31 -30.06
C ASP N 164 68.00 7.11 -29.29
N SER N 165 67.28 7.99 -29.97
CA SER N 165 66.30 8.86 -29.32
C SER N 165 64.92 8.21 -29.21
N ARG N 166 64.78 6.93 -29.58
CA ARG N 166 63.50 6.25 -29.43
C ARG N 166 63.01 6.28 -27.98
N GLU N 167 63.90 5.98 -27.04
CA GLU N 167 63.52 5.96 -25.63
C GLU N 167 63.55 7.36 -25.04
N LYS N 168 62.65 7.60 -24.09
CA LYS N 168 62.53 8.89 -23.42
C LYS N 168 62.47 8.68 -21.91
N PHE N 169 62.99 9.64 -21.16
CA PHE N 169 63.06 9.55 -19.71
C PHE N 169 62.19 10.62 -19.07
N THR N 170 61.68 10.29 -17.88
CA THR N 170 60.93 11.25 -17.10
C THR N 170 61.85 12.36 -16.60
N PRO N 171 61.32 13.57 -16.38
CA PRO N 171 62.21 14.68 -16.01
C PRO N 171 62.98 14.46 -14.71
N ALA N 172 62.41 13.74 -13.74
CA ALA N 172 63.18 13.37 -12.56
C ALA N 172 64.34 12.46 -12.92
N GLN N 173 64.09 11.51 -13.83
CA GLN N 173 65.16 10.66 -14.33
C GLN N 173 66.21 11.49 -15.07
N ASN N 174 65.78 12.50 -15.82
CA ASN N 174 66.73 13.39 -16.49
C ASN N 174 67.58 14.15 -15.48
N MET N 175 66.96 14.62 -14.39
CA MET N 175 67.71 15.34 -13.37
C MET N 175 68.73 14.45 -12.70
N ILE N 176 68.33 13.22 -12.33
CA ILE N 176 69.27 12.33 -11.65
C ILE N 176 70.38 11.90 -12.61
N PHE N 177 70.08 11.76 -13.91
CA PHE N 177 71.13 11.42 -14.86
C PHE N 177 72.05 12.59 -15.13
N SER N 178 71.55 13.83 -15.05
CA SER N 178 72.44 14.98 -15.11
C SER N 178 73.36 15.01 -13.91
N ARG N 179 72.84 14.67 -12.73
CA ARG N 179 73.69 14.53 -11.54
C ARG N 179 74.75 13.44 -11.75
N LYS N 180 74.35 12.32 -12.36
CA LYS N 180 75.29 11.26 -12.67
C LYS N 180 76.38 11.73 -13.63
N SER N 181 75.99 12.52 -14.64
CA SER N 181 76.98 13.07 -15.57
C SER N 181 77.95 13.99 -14.85
N ALA N 182 77.44 14.84 -13.96
CA ALA N 182 78.31 15.73 -13.21
C ALA N 182 79.29 14.96 -12.33
N GLN N 183 78.80 13.93 -11.64
CA GLN N 183 79.69 13.17 -10.76
C GLN N 183 80.69 12.34 -11.56
N LEU N 184 80.30 11.84 -12.74
CA LEU N 184 81.25 11.14 -13.58
C LEU N 184 82.31 12.09 -14.13
N ALA N 185 81.92 13.33 -14.47
CA ALA N 185 82.90 14.32 -14.88
C ALA N 185 83.88 14.61 -13.74
N SER N 186 83.35 14.71 -12.51
CA SER N 186 84.24 14.91 -11.37
C SER N 186 85.19 13.73 -11.18
N ARG N 187 84.69 12.50 -11.36
CA ARG N 187 85.55 11.33 -11.27
C ARG N 187 86.64 11.36 -12.34
N GLN N 188 86.26 11.70 -13.58
CA GLN N 188 87.23 11.75 -14.67
C GLN N 188 88.27 12.83 -14.46
N SER N 189 87.87 13.95 -13.83
CA SER N 189 88.85 14.98 -13.49
C SER N 189 89.88 14.45 -12.50
N VAL N 190 89.45 13.63 -11.54
CA VAL N 190 90.35 13.02 -10.58
C VAL N 190 91.22 11.98 -11.27
N THR O 4 36.57 25.72 -67.91
CA THR O 4 35.61 26.66 -68.47
C THR O 4 34.32 26.69 -67.66
N ALA O 5 34.33 26.02 -66.51
CA ALA O 5 33.14 25.98 -65.66
C ALA O 5 32.92 27.29 -64.90
N LEU O 6 33.90 28.20 -64.91
CA LEU O 6 33.77 29.43 -64.15
C LEU O 6 32.68 30.33 -64.73
N GLN O 7 32.52 30.36 -66.04
CA GLN O 7 31.44 31.15 -66.63
C GLN O 7 30.07 30.63 -66.24
N GLN O 8 29.89 29.30 -66.25
CA GLN O 8 28.62 28.74 -65.79
C GLN O 8 28.39 29.01 -64.31
N ALA O 9 29.45 28.92 -63.50
CA ALA O 9 29.32 29.25 -62.08
C ALA O 9 28.92 30.70 -61.89
N PHE O 10 29.51 31.60 -62.67
CA PHE O 10 29.15 33.02 -62.60
C PHE O 10 27.70 33.25 -63.00
N ASP O 11 27.23 32.56 -64.04
CA ASP O 11 25.84 32.68 -64.45
C ASP O 11 24.91 32.15 -63.35
N THR O 12 25.28 31.04 -62.72
CA THR O 12 24.48 30.50 -61.62
C THR O 12 24.44 31.48 -60.45
N CYS O 13 25.57 32.10 -60.13
CA CYS O 13 25.57 33.10 -59.06
C CYS O 13 24.68 34.28 -59.42
N GLN O 14 24.72 34.72 -60.68
CA GLN O 14 23.89 35.84 -61.10
C GLN O 14 22.41 35.50 -60.99
N ASN O 15 22.01 34.31 -61.44
CA ASN O 15 20.58 34.00 -61.41
C ASN O 15 20.11 33.72 -59.98
N ASN O 16 20.98 33.18 -59.13
CA ASN O 16 20.65 33.04 -57.72
C ASN O 16 20.48 34.41 -57.05
N LYS O 17 21.35 35.37 -57.40
CA LYS O 17 21.19 36.72 -56.90
C LYS O 17 19.88 37.33 -57.36
N ALA O 18 19.52 37.13 -58.63
CA ALA O 18 18.25 37.64 -59.14
C ALA O 18 17.07 37.02 -58.41
N ALA O 19 17.15 35.70 -58.16
CA ALA O 19 16.07 35.03 -57.44
C ALA O 19 15.93 35.58 -56.02
N TRP O 20 17.06 35.77 -55.33
CA TRP O 20 17.01 36.33 -53.98
C TRP O 20 16.44 37.74 -53.98
N LEU O 21 16.85 38.56 -54.96
CA LEU O 21 16.32 39.91 -55.05
C LEU O 21 14.81 39.91 -55.29
N GLN O 22 14.34 39.07 -56.22
CA GLN O 22 12.90 39.05 -56.48
C GLN O 22 12.13 38.54 -55.26
N ARG O 23 12.65 37.51 -54.59
CA ARG O 23 12.08 37.06 -53.32
C ARG O 23 11.92 38.22 -52.35
N LYS O 24 12.99 39.02 -52.21
CA LYS O 24 12.90 40.21 -51.37
C LYS O 24 11.78 41.14 -51.82
N ASN O 25 11.62 41.29 -53.14
CA ASN O 25 10.57 42.19 -53.63
C ASN O 25 9.18 41.71 -53.26
N GLU O 26 8.84 40.44 -53.49
CA GLU O 26 7.46 40.09 -53.12
C GLU O 26 7.30 39.99 -51.60
N LEU O 27 8.37 39.70 -50.86
CA LEU O 27 8.27 39.75 -49.41
C LEU O 27 7.93 41.16 -48.95
N ALA O 28 8.62 42.16 -49.50
CA ALA O 28 8.33 43.54 -49.14
C ALA O 28 6.91 43.94 -49.56
N ALA O 29 6.48 43.49 -50.74
CA ALA O 29 5.12 43.82 -51.19
C ALA O 29 4.07 43.23 -50.26
N ALA O 30 4.23 41.95 -49.88
CA ALA O 30 3.29 41.34 -48.96
C ALA O 30 3.33 42.02 -47.60
N GLU O 31 4.52 42.41 -47.14
CA GLU O 31 4.63 43.08 -45.85
C GLU O 31 3.90 44.41 -45.86
N GLN O 32 4.11 45.22 -46.90
CA GLN O 32 3.46 46.53 -46.94
C GLN O 32 1.96 46.38 -47.13
N GLU O 33 1.51 45.39 -47.90
CA GLU O 33 0.08 45.17 -48.04
C GLU O 33 -0.55 44.74 -46.72
N TYR O 34 0.15 43.90 -45.96
CA TYR O 34 -0.36 43.48 -44.65
C TYR O 34 -0.43 44.66 -43.68
N LEU O 35 0.58 45.53 -43.68
CA LEU O 35 0.50 46.73 -42.85
C LEU O 35 -0.64 47.64 -43.30
N ARG O 36 -0.85 47.76 -44.60
CA ARG O 36 -1.97 48.56 -45.09
C ARG O 36 -3.30 48.00 -44.62
N LEU O 37 -3.46 46.67 -44.67
CA LEU O 37 -4.70 46.07 -44.20
C LEU O 37 -4.87 46.22 -42.70
N LEU O 38 -3.77 46.15 -41.94
CA LEU O 38 -3.85 46.41 -40.51
C LEU O 38 -4.28 47.84 -40.22
N SER O 39 -3.77 48.80 -41.00
CA SER O 39 -4.19 50.18 -40.84
C SER O 39 -5.68 50.36 -41.13
N GLY O 40 -6.24 49.51 -41.99
CA GLY O 40 -7.66 49.57 -42.26
C GLY O 40 -8.49 49.09 -41.08
N GLU O 41 -9.77 49.43 -41.12
CA GLU O 41 -10.70 49.11 -40.05
C GLU O 41 -11.55 47.89 -40.36
N GLY O 42 -11.24 47.16 -41.43
CA GLY O 42 -12.02 45.99 -41.77
C GLY O 42 -11.84 44.86 -40.78
N ARG O 43 -12.86 43.99 -40.72
CA ARG O 43 -12.86 42.84 -39.81
C ARG O 43 -12.45 41.56 -40.52
N ASN O 44 -11.57 41.65 -41.52
CA ASN O 44 -11.11 40.50 -42.28
C ASN O 44 -9.99 39.77 -41.53
N VAL O 45 -10.39 39.16 -40.42
CA VAL O 45 -9.43 38.45 -39.55
C VAL O 45 -8.79 37.29 -40.29
N SER O 46 -9.59 36.52 -41.04
CA SER O 46 -9.04 35.40 -41.80
C SER O 46 -8.03 35.90 -42.84
N ARG O 47 -8.30 37.07 -43.44
CA ARG O 47 -7.35 37.67 -44.35
C ARG O 47 -6.03 37.96 -43.65
N LEU O 48 -6.10 38.48 -42.43
CA LEU O 48 -4.88 38.77 -41.67
C LEU O 48 -4.12 37.48 -41.33
N ASP O 49 -4.84 36.43 -40.97
CA ASP O 49 -4.17 35.16 -40.65
C ASP O 49 -3.47 34.59 -41.88
N GLU O 50 -4.15 34.58 -43.03
CA GLU O 50 -3.50 34.06 -44.22
C GLU O 50 -2.38 34.98 -44.68
N LEU O 51 -2.48 36.28 -44.41
CA LEU O 51 -1.37 37.18 -44.70
C LEU O 51 -0.16 36.87 -43.84
N ARG O 52 -0.37 36.57 -42.56
CA ARG O 52 0.73 36.16 -41.70
C ARG O 52 1.36 34.87 -42.20
N ASN O 53 0.52 33.93 -42.64
CA ASN O 53 1.04 32.70 -43.23
C ASN O 53 1.90 33.00 -44.46
N ILE O 54 1.43 33.92 -45.32
CA ILE O 54 2.20 34.32 -46.48
C ILE O 54 3.53 34.93 -46.08
N ILE O 55 3.52 35.78 -45.05
CA ILE O 55 4.75 36.40 -44.58
C ILE O 55 5.75 35.33 -44.13
N GLU O 56 5.27 34.35 -43.36
CA GLU O 56 6.17 33.29 -42.90
C GLU O 56 6.73 32.49 -44.06
N VAL O 57 5.87 32.12 -45.03
CA VAL O 57 6.32 31.31 -46.16
C VAL O 57 7.33 32.09 -46.99
N ARG O 58 7.06 33.37 -47.25
CA ARG O 58 7.98 34.17 -48.03
C ARG O 58 9.29 34.41 -47.29
N LYS O 59 9.25 34.54 -45.96
CA LYS O 59 10.49 34.68 -45.20
C LYS O 59 11.33 33.41 -45.31
N TRP O 60 10.69 32.24 -45.23
CA TRP O 60 11.43 30.99 -45.40
C TRP O 60 12.01 30.89 -46.81
N GLN O 61 11.23 31.29 -47.81
CA GLN O 61 11.73 31.24 -49.19
C GLN O 61 12.91 32.19 -49.38
N VAL O 62 12.85 33.38 -48.78
CA VAL O 62 13.96 34.32 -48.86
C VAL O 62 15.20 33.75 -48.19
N ASN O 63 15.03 33.13 -47.02
CA ASN O 63 16.17 32.51 -46.35
C ASN O 63 16.80 31.42 -47.21
N GLN O 64 15.96 30.57 -47.81
CA GLN O 64 16.48 29.50 -48.67
C GLN O 64 17.22 30.07 -49.88
N ALA O 65 16.65 31.09 -50.52
CA ALA O 65 17.29 31.70 -51.68
C ALA O 65 18.61 32.35 -51.31
N ALA O 66 18.65 33.03 -50.15
CA ALA O 66 19.89 33.64 -49.70
C ALA O 66 20.96 32.58 -49.42
N GLY O 67 20.56 31.48 -48.79
CA GLY O 67 21.51 30.40 -48.56
C GLY O 67 22.06 29.81 -49.85
N ARG O 68 21.18 29.58 -50.82
CA ARG O 68 21.62 29.05 -52.10
C ARG O 68 22.56 30.04 -52.80
N TYR O 69 22.25 31.32 -52.75
CA TYR O 69 23.11 32.33 -53.37
C TYR O 69 24.48 32.38 -52.68
N ILE O 70 24.50 32.26 -51.36
CA ILE O 70 25.78 32.24 -50.63
C ILE O 70 26.59 31.02 -51.03
N ARG O 71 25.94 29.85 -51.14
CA ARG O 71 26.65 28.65 -51.56
C ARG O 71 27.22 28.81 -52.97
N SER O 72 26.43 29.39 -53.88
CA SER O 72 26.93 29.60 -55.24
C SER O 72 28.09 30.59 -55.26
N HIS O 73 28.00 31.64 -54.46
CA HIS O 73 29.09 32.62 -54.36
C HIS O 73 30.37 31.95 -53.86
N GLU O 74 30.26 31.12 -52.83
CA GLU O 74 31.43 30.41 -52.33
C GLU O 74 31.99 29.46 -53.37
N ALA O 75 31.12 28.78 -54.12
CA ALA O 75 31.60 27.89 -55.18
C ALA O 75 32.34 28.65 -56.26
N VAL O 76 31.81 29.82 -56.66
CA VAL O 76 32.47 30.63 -57.68
C VAL O 76 33.83 31.10 -57.19
N GLN O 77 33.89 31.57 -55.94
CA GLN O 77 35.17 32.00 -55.38
C GLN O 77 36.16 30.85 -55.34
N HIS O 78 35.71 29.67 -54.90
CA HIS O 78 36.61 28.53 -54.81
C HIS O 78 37.13 28.11 -56.18
N ILE O 79 36.26 28.05 -57.19
CA ILE O 79 36.71 27.61 -58.51
C ILE O 79 37.64 28.65 -59.15
N SER O 80 37.34 29.94 -58.95
CA SER O 80 38.23 30.97 -59.48
C SER O 80 39.60 30.91 -58.80
N ILE O 81 39.61 30.73 -57.48
CA ILE O 81 40.88 30.59 -56.76
C ILE O 81 41.64 29.38 -57.26
N ARG O 82 40.94 28.26 -57.46
CA ARG O 82 41.61 27.05 -57.95
C ARG O 82 42.22 27.26 -59.33
N ASP O 83 41.47 27.89 -60.25
CA ASP O 83 41.99 28.09 -61.60
C ASP O 83 43.19 29.03 -61.60
N ARG O 84 43.11 30.14 -60.84
CA ARG O 84 44.25 31.05 -60.76
C ARG O 84 45.44 30.38 -60.09
N LEU O 85 45.18 29.54 -59.09
CA LEU O 85 46.23 28.73 -58.50
C LEU O 85 46.89 27.84 -59.53
N ASN O 86 46.09 27.17 -60.37
CA ASN O 86 46.66 26.25 -61.35
C ASN O 86 47.52 26.99 -62.38
N ASP O 87 47.04 28.12 -62.90
CA ASP O 87 47.84 28.76 -63.92
C ASP O 87 48.95 29.65 -63.33
N PHE O 88 49.00 29.79 -62.00
CA PHE O 88 50.19 30.36 -61.37
C PHE O 88 51.23 29.28 -61.07
N MET O 89 50.77 28.12 -60.61
CA MET O 89 51.69 27.03 -60.30
C MET O 89 52.30 26.42 -61.56
N GLN O 90 51.55 26.36 -62.67
CA GLN O 90 52.15 25.87 -63.90
C GLN O 90 53.27 26.78 -64.37
N GLN O 91 53.37 28.00 -63.84
CA GLN O 91 54.46 28.92 -64.16
C GLN O 91 55.59 28.82 -63.14
N HIS O 92 55.28 28.81 -61.85
CA HIS O 92 56.30 28.90 -60.81
C HIS O 92 56.44 27.63 -59.97
N GLY O 93 56.08 26.47 -60.53
CA GLY O 93 56.21 25.24 -59.77
C GLY O 93 57.64 24.87 -59.50
N THR O 94 58.52 25.03 -60.50
CA THR O 94 59.93 24.72 -60.30
C THR O 94 60.54 25.64 -59.24
N ALA O 95 60.19 26.92 -59.26
CA ALA O 95 60.71 27.85 -58.28
C ALA O 95 60.21 27.53 -56.87
N LEU O 96 58.91 27.25 -56.73
CA LEU O 96 58.39 26.85 -55.43
C LEU O 96 59.04 25.57 -54.93
N ALA O 97 59.26 24.61 -55.82
CA ALA O 97 59.90 23.36 -55.44
C ALA O 97 61.34 23.61 -54.99
N ALA O 98 62.08 24.47 -55.71
CA ALA O 98 63.45 24.78 -55.32
C ALA O 98 63.50 25.46 -53.97
N ALA O 99 62.54 26.35 -53.71
CA ALA O 99 62.52 27.07 -52.44
C ALA O 99 61.96 26.25 -51.29
N LEU O 100 61.32 25.10 -51.56
CA LEU O 100 60.66 24.31 -50.52
C LEU O 100 61.09 22.85 -50.58
N ALA O 101 62.29 22.59 -51.12
CA ALA O 101 62.65 21.25 -51.59
C ALA O 101 62.56 20.15 -50.54
N PRO O 102 63.18 20.27 -49.33
CA PRO O 102 63.34 19.11 -48.45
C PRO O 102 62.10 18.26 -48.26
N GLU O 103 61.03 18.86 -47.76
CA GLU O 103 59.81 18.10 -47.55
C GLU O 103 59.20 17.63 -48.87
N LEU O 104 59.51 18.31 -49.97
CA LEU O 104 58.90 17.94 -51.25
C LEU O 104 59.49 16.66 -51.82
N MET O 105 60.82 16.48 -51.75
CA MET O 105 61.23 15.12 -52.11
C MET O 105 61.18 14.17 -50.92
N GLY O 106 60.84 14.66 -49.73
CA GLY O 106 60.44 13.73 -48.67
C GLY O 106 59.11 13.08 -48.97
N TYR O 107 58.19 13.82 -49.60
CA TYR O 107 56.89 13.27 -49.95
C TYR O 107 57.00 12.08 -50.90
N SER O 108 57.99 12.09 -51.79
CA SER O 108 58.02 11.13 -52.90
C SER O 108 58.26 9.70 -52.43
N GLU O 109 58.84 9.48 -51.24
CA GLU O 109 59.12 8.12 -50.79
C GLU O 109 58.83 7.87 -49.33
N LEU O 110 58.26 8.83 -48.59
CA LEU O 110 57.97 8.61 -47.19
C LEU O 110 56.55 8.12 -46.98
N THR O 111 56.30 7.57 -45.79
CA THR O 111 54.99 7.03 -45.45
C THR O 111 53.99 8.15 -45.18
N ALA O 112 52.72 7.78 -45.12
CA ALA O 112 51.65 8.76 -45.03
C ALA O 112 51.79 9.63 -43.79
N ILE O 113 52.30 9.06 -42.69
CA ILE O 113 52.52 9.86 -41.48
C ILE O 113 53.56 10.94 -41.75
N ALA O 114 54.70 10.55 -42.31
CA ALA O 114 55.71 11.53 -42.69
C ALA O 114 55.19 12.44 -43.79
N ARG O 115 54.36 11.92 -44.68
CA ARG O 115 53.80 12.72 -45.76
C ARG O 115 52.99 13.90 -45.21
N ASN O 116 52.03 13.61 -44.33
CA ASN O 116 51.21 14.70 -43.82
C ASN O 116 51.93 15.54 -42.77
N CYS O 117 52.93 14.98 -42.08
CA CYS O 117 53.77 15.82 -41.22
C CYS O 117 54.52 16.85 -42.04
N ALA O 118 55.10 16.43 -43.16
CA ALA O 118 55.76 17.38 -44.06
C ALA O 118 54.76 18.37 -44.65
N ILE O 119 53.56 17.89 -44.96
CA ILE O 119 52.52 18.76 -45.51
C ILE O 119 52.18 19.88 -44.52
N GLN O 120 51.97 19.52 -43.25
CA GLN O 120 51.62 20.52 -42.26
C GLN O 120 52.79 21.42 -41.92
N ARG O 121 54.02 20.90 -41.93
CA ARG O 121 55.18 21.76 -41.74
C ARG O 121 55.28 22.79 -42.86
N ALA O 122 55.09 22.35 -44.11
CA ALA O 122 55.16 23.28 -45.23
C ALA O 122 54.06 24.32 -45.16
N THR O 123 52.84 23.91 -44.81
CA THR O 123 51.74 24.88 -44.76
C THR O 123 51.95 25.87 -43.61
N ASP O 124 52.51 25.42 -42.49
CA ASP O 124 52.84 26.36 -41.43
C ASP O 124 53.90 27.36 -41.90
N ALA O 125 54.95 26.86 -42.54
CA ALA O 125 56.02 27.73 -42.99
C ALA O 125 55.50 28.79 -43.94
N LEU O 126 54.68 28.38 -44.92
CA LEU O 126 54.07 29.38 -45.79
C LEU O 126 53.09 30.27 -45.04
N ARG O 127 52.53 29.81 -43.91
CA ARG O 127 51.66 30.69 -43.14
C ARG O 127 52.44 31.86 -42.55
N GLU O 128 53.59 31.58 -41.92
CA GLU O 128 54.42 32.71 -41.49
C GLU O 128 54.93 33.50 -42.70
N ALA O 129 55.16 32.83 -43.83
CA ALA O 129 55.62 33.55 -45.02
C ALA O 129 54.60 34.59 -45.46
N LEU O 130 53.33 34.20 -45.56
CA LEU O 130 52.28 35.14 -45.95
C LEU O 130 52.06 36.22 -44.89
N LEU O 131 52.04 35.84 -43.61
CA LEU O 131 51.78 36.88 -42.60
C LEU O 131 52.92 37.89 -42.54
N SER O 132 54.15 37.47 -42.88
CA SER O 132 55.24 38.42 -42.96
C SER O 132 55.18 39.24 -44.24
N TRP O 133 54.77 38.63 -45.36
CA TRP O 133 54.73 39.37 -46.61
C TRP O 133 53.65 40.45 -46.60
N LEU O 134 52.50 40.17 -45.96
CA LEU O 134 51.40 41.12 -45.94
C LEU O 134 51.69 42.38 -45.12
N ALA O 135 52.92 42.55 -44.62
CA ALA O 135 53.26 43.76 -43.87
C ALA O 135 53.15 45.00 -44.76
N LYS O 136 53.65 44.92 -45.98
CA LYS O 136 53.57 46.07 -46.89
C LYS O 136 52.12 46.34 -47.29
N GLY O 137 51.35 45.29 -47.56
CA GLY O 137 49.93 45.43 -47.83
C GLY O 137 49.55 46.34 -48.98
N GLU O 138 50.22 46.19 -50.12
CA GLU O 138 49.88 47.00 -51.29
C GLU O 138 48.51 46.58 -51.83
N LYS O 139 47.97 47.42 -52.71
CA LYS O 139 46.66 47.17 -53.30
C LYS O 139 46.72 45.92 -54.16
N ILE O 140 46.09 44.85 -53.69
CA ILE O 140 46.08 43.59 -54.42
C ILE O 140 45.08 43.68 -55.56
N ASN O 141 45.53 43.39 -56.77
CA ASN O 141 44.69 43.41 -57.96
C ASN O 141 44.23 42.00 -58.31
N TYR O 142 43.19 41.92 -59.13
CA TYR O 142 42.67 40.65 -59.58
C TYR O 142 43.56 40.08 -60.69
N SER O 143 43.12 38.96 -61.26
CA SER O 143 43.90 38.24 -62.25
C SER O 143 43.67 38.83 -63.65
N ALA O 144 44.13 38.12 -64.67
CA ALA O 144 44.08 38.65 -66.03
C ALA O 144 42.68 38.58 -66.61
N GLN O 145 42.13 37.37 -66.76
CA GLN O 145 40.85 37.18 -67.40
C GLN O 145 39.70 37.00 -66.42
N ASP O 146 39.97 36.71 -65.15
CA ASP O 146 38.93 36.53 -64.15
C ASP O 146 38.67 37.80 -63.35
N SER O 147 39.32 38.91 -63.71
CA SER O 147 39.11 40.16 -62.98
C SER O 147 37.66 40.63 -63.10
N ASP O 148 37.09 40.56 -64.31
CA ASP O 148 35.71 40.98 -64.49
C ASP O 148 34.75 40.08 -63.71
N ILE O 149 35.00 38.77 -63.72
CA ILE O 149 34.13 37.85 -62.99
C ILE O 149 34.20 38.14 -61.49
N LEU O 150 35.41 38.33 -60.97
CA LEU O 150 35.55 38.60 -59.53
C LEU O 150 34.99 39.97 -59.16
N THR O 151 35.01 40.93 -60.09
CA THR O 151 34.41 42.23 -59.80
C THR O 151 32.89 42.15 -59.78
N THR O 152 32.30 41.47 -60.77
CA THR O 152 30.85 41.32 -60.80
C THR O 152 30.35 40.52 -59.60
N ILE O 153 31.02 39.41 -59.30
CA ILE O 153 30.66 38.63 -58.11
C ILE O 153 30.92 39.43 -56.85
N GLY O 154 32.05 40.12 -56.79
CA GLY O 154 32.40 40.93 -55.64
C GLY O 154 33.24 40.19 -54.63
N PHE O 155 33.93 40.97 -53.79
CA PHE O 155 34.77 40.39 -52.75
C PHE O 155 33.94 39.59 -51.76
N ARG O 156 32.82 40.14 -51.31
CA ARG O 156 31.92 39.49 -50.38
C ARG O 156 30.49 39.72 -50.82
N PRO O 157 29.57 38.81 -50.48
CA PRO O 157 28.17 39.01 -50.83
C PRO O 157 27.58 40.18 -50.08
N ASP O 158 26.34 40.53 -50.45
CA ASP O 158 25.65 41.65 -49.86
C ASP O 158 25.38 41.40 -48.38
N VAL O 159 25.32 42.49 -47.61
CA VAL O 159 25.08 42.37 -46.18
C VAL O 159 23.68 41.84 -45.91
N ALA O 160 22.69 42.20 -46.74
CA ALA O 160 21.34 41.71 -46.55
C ALA O 160 21.28 40.19 -46.71
N SER O 161 21.95 39.67 -47.75
CA SER O 161 21.91 38.25 -48.04
C SER O 161 22.59 37.40 -46.98
N VAL O 162 23.37 38.00 -46.10
CA VAL O 162 24.01 37.26 -45.02
C VAL O 162 23.29 37.48 -43.69
N ASP O 163 22.74 38.68 -43.45
CA ASP O 163 22.02 38.86 -42.18
C ASP O 163 20.64 38.22 -42.22
N ASP O 164 20.02 38.06 -43.39
CA ASP O 164 18.73 37.38 -43.42
C ASP O 164 18.84 35.89 -43.16
N SER O 165 20.06 35.33 -43.11
CA SER O 165 20.27 33.91 -42.90
C SER O 165 20.80 33.60 -41.50
N ARG O 166 20.66 34.53 -40.56
CA ARG O 166 21.06 34.26 -39.18
C ARG O 166 20.24 33.13 -38.57
N GLU O 167 18.94 33.10 -38.84
CA GLU O 167 18.08 32.05 -38.30
C GLU O 167 18.25 30.76 -39.09
N LYS O 168 18.25 29.64 -38.38
CA LYS O 168 18.37 28.31 -38.98
C LYS O 168 17.14 27.48 -38.62
N PHE O 169 16.77 26.59 -39.53
CA PHE O 169 15.60 25.73 -39.37
C PHE O 169 16.03 24.27 -39.31
N THR O 170 15.52 23.55 -38.32
CA THR O 170 15.74 22.12 -38.25
C THR O 170 14.95 21.44 -39.38
N PRO O 171 15.31 20.20 -39.73
CA PRO O 171 14.63 19.55 -40.86
C PRO O 171 13.12 19.47 -40.72
N ALA O 172 12.59 19.49 -39.49
CA ALA O 172 11.14 19.53 -39.32
C ALA O 172 10.56 20.83 -39.85
N GLN O 173 11.19 21.97 -39.48
CA GLN O 173 10.74 23.25 -40.02
C GLN O 173 10.95 23.32 -41.52
N ASN O 174 12.06 22.76 -42.02
CA ASN O 174 12.27 22.76 -43.46
C ASN O 174 11.17 21.98 -44.18
N MET O 175 10.78 20.83 -43.64
CA MET O 175 9.73 20.02 -44.26
C MET O 175 8.39 20.75 -44.22
N ILE O 176 8.04 21.32 -43.06
CA ILE O 176 6.74 21.98 -42.95
C ILE O 176 6.67 23.20 -43.87
N PHE O 177 7.76 23.98 -43.94
CA PHE O 177 7.74 25.15 -44.82
C PHE O 177 7.80 24.76 -46.29
N SER O 178 8.45 23.64 -46.62
CA SER O 178 8.40 23.16 -48.00
C SER O 178 6.98 22.76 -48.37
N ARG O 179 6.27 22.07 -47.46
CA ARG O 179 4.88 21.73 -47.71
C ARG O 179 4.02 22.97 -47.87
N LYS O 180 4.23 23.97 -47.01
CA LYS O 180 3.46 25.21 -47.09
C LYS O 180 3.76 25.95 -48.39
N SER O 181 5.02 25.96 -48.82
CA SER O 181 5.38 26.63 -50.07
C SER O 181 4.78 25.90 -51.26
N ALA O 182 4.74 24.57 -51.23
CA ALA O 182 4.09 23.82 -52.30
C ALA O 182 2.60 24.12 -52.34
N GLN O 183 1.97 24.21 -51.16
CA GLN O 183 0.56 24.57 -51.11
C GLN O 183 0.32 25.97 -51.67
N LEU O 184 1.20 26.91 -51.34
CA LEU O 184 1.08 28.27 -51.87
C LEU O 184 1.29 28.30 -53.38
N ALA O 185 2.22 27.49 -53.88
CA ALA O 185 2.41 27.40 -55.33
C ALA O 185 1.17 26.85 -56.02
N SER O 186 0.55 25.84 -55.42
CA SER O 186 -0.70 25.31 -55.96
C SER O 186 -1.80 26.37 -55.93
N ARG O 187 -1.87 27.14 -54.85
CA ARG O 187 -2.85 28.21 -54.75
C ARG O 187 -2.63 29.27 -55.83
N GLN O 188 -1.37 29.65 -56.07
CA GLN O 188 -1.06 30.62 -57.10
C GLN O 188 -1.38 30.09 -58.49
N SER O 189 -1.12 28.80 -58.73
CA SER O 189 -1.40 28.22 -60.04
C SER O 189 -2.88 28.25 -60.35
N VAL O 190 -3.73 27.95 -59.36
CA VAL O 190 -5.16 27.96 -59.57
C VAL O 190 -5.68 29.40 -59.56
N THR P 4 24.08 80.74 -0.95
CA THR P 4 25.31 80.58 -1.70
C THR P 4 25.64 79.09 -1.89
N ALA P 5 24.62 78.24 -1.77
CA ALA P 5 24.82 76.81 -1.90
C ALA P 5 25.22 76.42 -3.33
N LEU P 6 24.71 77.14 -4.33
CA LEU P 6 25.03 76.80 -5.71
C LEU P 6 26.51 76.97 -6.02
N GLN P 7 27.11 78.07 -5.52
CA GLN P 7 28.54 78.26 -5.73
C GLN P 7 29.36 77.20 -5.00
N GLN P 8 28.91 76.79 -3.82
CA GLN P 8 29.58 75.71 -3.10
C GLN P 8 29.52 74.42 -3.89
N ALA P 9 28.35 74.10 -4.45
CA ALA P 9 28.25 72.92 -5.30
C ALA P 9 29.17 73.03 -6.50
N PHE P 10 29.25 74.22 -7.10
CA PHE P 10 30.05 74.42 -8.31
C PHE P 10 31.54 74.21 -8.02
N ASP P 11 32.07 74.84 -6.97
CA ASP P 11 33.51 74.69 -6.76
C ASP P 11 33.85 73.33 -6.15
N THR P 12 32.91 72.68 -5.44
CA THR P 12 33.16 71.30 -5.07
C THR P 12 33.23 70.40 -6.31
N CYS P 13 32.36 70.65 -7.29
CA CYS P 13 32.44 69.90 -8.55
C CYS P 13 33.76 70.17 -9.26
N GLN P 14 34.24 71.41 -9.22
CA GLN P 14 35.53 71.72 -9.82
C GLN P 14 36.67 71.00 -9.09
N ASN P 15 36.60 70.93 -7.77
CA ASN P 15 37.59 70.19 -7.01
C ASN P 15 37.55 68.71 -7.37
N ASN P 16 36.36 68.15 -7.55
CA ASN P 16 36.26 66.77 -8.01
C ASN P 16 36.87 66.59 -9.39
N LYS P 17 36.64 67.55 -10.29
CA LYS P 17 37.31 67.55 -11.59
C LYS P 17 38.82 67.46 -11.43
N ALA P 18 39.39 68.34 -10.62
CA ALA P 18 40.84 68.37 -10.45
C ALA P 18 41.35 67.06 -9.87
N ALA P 19 40.68 66.54 -8.84
CA ALA P 19 41.12 65.32 -8.20
C ALA P 19 41.06 64.13 -9.16
N TRP P 20 39.95 64.02 -9.89
CA TRP P 20 39.81 62.91 -10.83
C TRP P 20 40.82 63.00 -11.96
N LEU P 21 41.07 64.21 -12.47
CA LEU P 21 42.05 64.38 -13.53
C LEU P 21 43.46 64.02 -13.05
N GLN P 22 43.84 64.46 -11.86
CA GLN P 22 45.18 64.12 -11.37
C GLN P 22 45.30 62.63 -11.06
N ARG P 23 44.22 62.00 -10.56
CA ARG P 23 44.26 60.56 -10.35
C ARG P 23 44.44 59.82 -11.66
N LYS P 24 43.72 60.24 -12.71
CA LYS P 24 43.89 59.60 -14.02
C LYS P 24 45.29 59.82 -14.57
N ASN P 25 45.84 61.03 -14.42
CA ASN P 25 47.18 61.30 -14.91
C ASN P 25 48.22 60.43 -14.22
N GLU P 26 48.12 60.31 -12.89
CA GLU P 26 49.08 59.50 -12.15
C GLU P 26 48.90 58.02 -12.46
N LEU P 27 47.66 57.56 -12.66
CA LEU P 27 47.44 56.18 -13.07
C LEU P 27 48.09 55.92 -14.42
N ALA P 28 47.95 56.86 -15.36
CA ALA P 28 48.59 56.70 -16.67
C ALA P 28 50.10 56.66 -16.53
N ALA P 29 50.66 57.50 -15.65
CA ALA P 29 52.11 57.49 -15.44
C ALA P 29 52.57 56.15 -14.86
N ALA P 30 51.83 55.61 -13.89
CA ALA P 30 52.20 54.33 -13.31
C ALA P 30 52.10 53.21 -14.34
N GLU P 31 51.07 53.22 -15.17
CA GLU P 31 50.94 52.21 -16.22
C GLU P 31 52.07 52.32 -17.23
N GLN P 32 52.43 53.54 -17.60
CA GLN P 32 53.54 53.74 -18.54
C GLN P 32 54.85 53.20 -17.97
N GLU P 33 55.11 53.49 -16.69
CA GLU P 33 56.35 53.05 -16.05
C GLU P 33 56.37 51.52 -15.90
N TYR P 34 55.22 50.93 -15.58
CA TYR P 34 55.11 49.47 -15.50
C TYR P 34 55.37 48.81 -16.85
N LEU P 35 54.75 49.32 -17.91
CA LEU P 35 54.99 48.73 -19.22
C LEU P 35 56.41 48.97 -19.69
N ARG P 36 57.02 50.09 -19.27
CA ARG P 36 58.41 50.34 -19.61
C ARG P 36 59.33 49.32 -18.96
N LEU P 37 59.08 48.98 -17.69
CA LEU P 37 59.87 47.91 -17.08
C LEU P 37 59.56 46.56 -17.70
N LEU P 38 58.32 46.33 -18.14
CA LEU P 38 58.02 45.10 -18.86
C LEU P 38 58.85 44.99 -20.14
N SER P 39 58.94 46.08 -20.90
CA SER P 39 59.74 46.07 -22.11
C SER P 39 61.24 46.14 -21.81
N GLY P 40 61.62 46.51 -20.60
CA GLY P 40 63.01 46.61 -20.24
C GLY P 40 63.66 45.27 -19.98
N GLU P 41 65.00 45.31 -19.89
CA GLU P 41 65.78 44.10 -19.64
C GLU P 41 65.73 43.67 -18.18
N GLY P 42 65.37 44.57 -17.27
CA GLY P 42 65.39 44.28 -15.84
C GLY P 42 64.55 43.09 -15.43
N ARG P 43 65.15 42.21 -14.62
CA ARG P 43 64.51 41.00 -14.13
C ARG P 43 63.95 41.16 -12.72
N ASN P 44 63.67 42.40 -12.31
CA ASN P 44 63.16 42.70 -10.97
C ASN P 44 61.67 42.34 -10.85
N VAL P 45 61.43 41.05 -10.56
CA VAL P 45 60.07 40.55 -10.42
C VAL P 45 59.36 41.23 -9.26
N SER P 46 60.09 41.49 -8.17
CA SER P 46 59.49 42.15 -7.02
C SER P 46 58.97 43.54 -7.39
N ARG P 47 59.76 44.29 -8.15
CA ARG P 47 59.31 45.61 -8.61
C ARG P 47 58.09 45.48 -9.52
N LEU P 48 58.05 44.42 -10.34
CA LEU P 48 56.89 44.20 -11.19
C LEU P 48 55.63 43.95 -10.38
N ASP P 49 55.73 43.12 -9.33
CA ASP P 49 54.57 42.84 -8.49
C ASP P 49 54.14 44.09 -7.73
N GLU P 50 55.10 44.87 -7.23
CA GLU P 50 54.77 46.11 -6.54
C GLU P 50 54.08 47.09 -7.49
N LEU P 51 54.52 47.13 -8.75
CA LEU P 51 53.92 48.01 -9.74
C LEU P 51 52.51 47.55 -10.11
N ARG P 52 52.31 46.23 -10.15
CA ARG P 52 50.97 45.71 -10.39
C ARG P 52 50.03 46.11 -9.27
N ASN P 53 50.52 46.03 -8.03
CA ASN P 53 49.74 46.53 -6.90
C ASN P 53 49.43 48.01 -7.06
N ILE P 54 50.44 48.79 -7.47
CA ILE P 54 50.24 50.22 -7.68
C ILE P 54 49.12 50.47 -8.68
N ILE P 55 49.19 49.81 -9.83
CA ILE P 55 48.21 50.10 -10.89
C ILE P 55 46.82 49.64 -10.48
N GLU P 56 46.72 48.52 -9.76
CA GLU P 56 45.41 48.07 -9.29
C GLU P 56 44.78 49.08 -8.33
N VAL P 57 45.54 49.48 -7.31
CA VAL P 57 44.97 50.41 -6.33
C VAL P 57 44.69 51.76 -6.98
N ARG P 58 45.49 52.16 -7.97
CA ARG P 58 45.23 53.43 -8.64
C ARG P 58 43.99 53.36 -9.52
N LYS P 59 43.76 52.22 -10.18
CA LYS P 59 42.50 52.07 -10.91
C LYS P 59 41.31 52.15 -9.96
N TRP P 60 41.43 51.54 -8.78
CA TRP P 60 40.36 51.65 -7.80
C TRP P 60 40.15 53.11 -7.37
N GLN P 61 41.25 53.83 -7.13
CA GLN P 61 41.13 55.23 -6.73
C GLN P 61 40.50 56.08 -7.84
N VAL P 62 40.88 55.83 -9.09
CA VAL P 62 40.30 56.57 -10.21
C VAL P 62 38.81 56.28 -10.32
N ASN P 63 38.42 55.02 -10.14
CA ASN P 63 37.00 54.68 -10.17
C ASN P 63 36.23 55.40 -9.07
N GLN P 64 36.79 55.43 -7.86
CA GLN P 64 36.12 56.12 -6.76
C GLN P 64 36.01 57.61 -7.04
N ALA P 65 37.08 58.22 -7.55
CA ALA P 65 37.05 59.66 -7.86
C ALA P 65 36.03 59.96 -8.95
N ALA P 66 35.95 59.10 -9.97
CA ALA P 66 34.98 59.29 -11.03
C ALA P 66 33.56 59.18 -10.50
N GLY P 67 33.30 58.21 -9.62
CA GLY P 67 31.99 58.10 -9.01
C GLY P 67 31.63 59.32 -8.19
N ARG P 68 32.59 59.83 -7.42
CA ARG P 68 32.36 61.05 -6.64
C ARG P 68 32.07 62.23 -7.56
N TYR P 69 32.79 62.33 -8.68
CA TYR P 69 32.51 63.37 -9.65
C TYR P 69 31.10 63.25 -10.20
N ILE P 70 30.68 62.04 -10.55
CA ILE P 70 29.33 61.85 -11.07
C ILE P 70 28.29 62.29 -10.05
N ARG P 71 28.49 61.90 -8.79
CA ARG P 71 27.55 62.29 -7.74
C ARG P 71 27.51 63.80 -7.56
N SER P 72 28.67 64.45 -7.56
CA SER P 72 28.72 65.89 -7.39
C SER P 72 28.06 66.61 -8.56
N HIS P 73 28.30 66.15 -9.78
CA HIS P 73 27.69 66.77 -10.96
C HIS P 73 26.18 66.62 -10.93
N GLU P 74 25.69 65.43 -10.55
CA GLU P 74 24.25 65.25 -10.43
C GLU P 74 23.67 66.15 -9.35
N ALA P 75 24.38 66.30 -8.23
CA ALA P 75 23.90 67.19 -7.17
C ALA P 75 23.82 68.64 -7.65
N VAL P 76 24.84 69.09 -8.38
CA VAL P 76 24.83 70.47 -8.89
C VAL P 76 23.67 70.68 -9.85
N GLN P 77 23.47 69.72 -10.77
CA GLN P 77 22.37 69.84 -11.71
C GLN P 77 21.03 69.82 -10.99
N HIS P 78 20.88 68.98 -9.97
CA HIS P 78 19.63 68.93 -9.22
C HIS P 78 19.36 70.24 -8.49
N ILE P 79 20.41 70.83 -7.90
CA ILE P 79 20.23 72.10 -7.19
C ILE P 79 19.82 73.20 -8.16
N SER P 80 20.50 73.27 -9.32
CA SER P 80 20.14 74.28 -10.31
C SER P 80 18.72 74.08 -10.82
N ILE P 81 18.32 72.83 -11.05
CA ILE P 81 16.95 72.54 -11.46
C ILE P 81 15.97 72.99 -10.39
N ARG P 82 16.27 72.69 -9.13
CA ARG P 82 15.37 73.08 -8.05
C ARG P 82 15.19 74.59 -8.01
N ASP P 83 16.29 75.33 -8.12
CA ASP P 83 16.20 76.79 -8.04
C ASP P 83 15.44 77.38 -9.22
N ARG P 84 15.79 76.97 -10.45
CA ARG P 84 15.14 77.52 -11.63
C ARG P 84 13.67 77.13 -11.70
N LEU P 85 13.37 75.86 -11.41
CA LEU P 85 11.99 75.43 -11.32
C LEU P 85 11.24 76.23 -10.26
N ASN P 86 11.89 76.49 -9.11
CA ASN P 86 11.23 77.19 -8.02
C ASN P 86 10.86 78.62 -8.41
N ASP P 87 11.78 79.36 -9.02
CA ASP P 87 11.41 80.74 -9.31
C ASP P 87 10.45 80.81 -10.50
N PHE P 88 10.57 79.88 -11.47
CA PHE P 88 9.59 79.87 -12.55
C PHE P 88 8.19 79.57 -12.02
N MET P 89 8.07 78.59 -11.10
CA MET P 89 6.77 78.25 -10.56
C MET P 89 6.24 79.35 -9.66
N GLN P 90 7.12 80.04 -8.93
CA GLN P 90 6.67 81.21 -8.18
C GLN P 90 6.14 82.28 -9.14
N GLN P 91 6.69 82.35 -10.35
CA GLN P 91 6.17 83.29 -11.33
C GLN P 91 4.80 82.89 -11.87
N HIS P 92 4.65 81.62 -12.26
CA HIS P 92 3.49 81.18 -13.05
C HIS P 92 2.58 80.19 -12.33
N GLY P 93 2.62 80.16 -11.00
CA GLY P 93 1.79 79.22 -10.27
C GLY P 93 0.31 79.49 -10.38
N THR P 94 -0.09 80.77 -10.49
CA THR P 94 -1.51 81.07 -10.65
C THR P 94 -2.05 80.47 -11.94
N ALA P 95 -1.31 80.63 -13.04
CA ALA P 95 -1.75 80.06 -14.30
C ALA P 95 -1.68 78.54 -14.28
N LEU P 96 -0.66 77.97 -13.63
CA LEU P 96 -0.57 76.52 -13.55
C LEU P 96 -1.73 75.95 -12.74
N ALA P 97 -2.13 76.64 -11.67
CA ALA P 97 -3.29 76.22 -10.89
C ALA P 97 -4.57 76.40 -11.68
N ALA P 98 -4.68 77.47 -12.47
CA ALA P 98 -5.82 77.60 -13.38
C ALA P 98 -5.87 76.42 -14.34
N ALA P 99 -4.72 75.90 -14.74
CA ALA P 99 -4.70 74.74 -15.62
C ALA P 99 -5.11 73.46 -14.89
N LEU P 100 -4.62 73.26 -13.67
CA LEU P 100 -4.81 72.00 -12.95
C LEU P 100 -5.68 72.17 -11.70
N ALA P 101 -6.71 73.01 -11.80
CA ALA P 101 -7.60 73.29 -10.68
C ALA P 101 -8.21 72.06 -10.02
N PRO P 102 -8.79 71.07 -10.73
CA PRO P 102 -9.49 69.98 -10.02
C PRO P 102 -8.64 69.21 -9.03
N GLU P 103 -7.56 68.58 -9.52
CA GLU P 103 -6.74 67.73 -8.66
C GLU P 103 -6.05 68.53 -7.56
N LEU P 104 -5.55 69.71 -7.89
CA LEU P 104 -4.79 70.48 -6.90
C LEU P 104 -5.72 71.08 -5.86
N MET P 105 -6.88 71.56 -6.28
CA MET P 105 -7.90 72.01 -5.33
C MET P 105 -8.38 70.87 -4.44
N GLY P 106 -8.41 69.64 -4.98
CA GLY P 106 -8.62 68.49 -4.12
C GLY P 106 -7.51 68.33 -3.11
N TYR P 107 -6.26 68.47 -3.55
CA TYR P 107 -5.13 68.40 -2.63
C TYR P 107 -5.23 69.46 -1.55
N SER P 108 -5.90 70.58 -1.82
CA SER P 108 -6.04 71.61 -0.80
C SER P 108 -6.62 71.04 0.49
N GLU P 109 -7.66 70.20 0.37
CA GLU P 109 -8.21 69.50 1.52
C GLU P 109 -8.75 68.15 1.03
N LEU P 110 -8.05 67.07 1.35
CA LEU P 110 -8.46 65.71 1.02
C LEU P 110 -7.68 64.75 1.88
N THR P 111 -8.05 63.47 1.79
CA THR P 111 -7.37 62.42 2.53
C THR P 111 -6.02 62.12 1.89
N ALA P 112 -5.21 61.32 2.59
CA ALA P 112 -3.86 61.03 2.12
C ALA P 112 -3.88 60.28 0.80
N ILE P 113 -4.72 59.25 0.69
CA ILE P 113 -4.79 58.48 -0.55
C ILE P 113 -5.35 59.33 -1.69
N ALA P 114 -6.39 60.12 -1.40
CA ALA P 114 -6.95 60.99 -2.43
C ALA P 114 -5.95 62.06 -2.84
N ARG P 115 -5.21 62.62 -1.88
CA ARG P 115 -4.18 63.60 -2.22
C ARG P 115 -3.09 62.99 -3.08
N ASN P 116 -2.66 61.77 -2.76
CA ASN P 116 -1.65 61.09 -3.57
C ASN P 116 -2.16 60.81 -4.97
N CYS P 117 -3.42 60.38 -5.09
CA CYS P 117 -4.00 60.15 -6.42
C CYS P 117 -4.06 61.45 -7.22
N ALA P 118 -4.44 62.55 -6.57
CA ALA P 118 -4.47 63.84 -7.26
C ALA P 118 -3.08 64.25 -7.70
N ILE P 119 -2.08 64.03 -6.85
CA ILE P 119 -0.70 64.37 -7.22
C ILE P 119 -0.24 63.53 -8.39
N GLN P 120 -0.57 62.23 -8.40
CA GLN P 120 -0.19 61.38 -9.53
C GLN P 120 -0.86 61.84 -10.81
N ARG P 121 -2.14 62.21 -10.74
CA ARG P 121 -2.83 62.71 -11.93
C ARG P 121 -2.19 64.00 -12.42
N ALA P 122 -1.86 64.91 -11.50
CA ALA P 122 -1.19 66.15 -11.90
C ALA P 122 0.15 65.86 -12.56
N THR P 123 0.92 64.95 -11.97
CA THR P 123 2.27 64.67 -12.48
C THR P 123 2.23 64.05 -13.86
N ASP P 124 1.38 63.05 -14.07
CA ASP P 124 1.39 62.45 -15.41
C ASP P 124 0.69 63.35 -16.44
N ALA P 125 -0.22 64.23 -15.99
CA ALA P 125 -0.76 65.25 -16.87
C ALA P 125 0.33 66.20 -17.36
N LEU P 126 1.17 66.66 -16.44
CA LEU P 126 2.34 67.41 -16.85
C LEU P 126 3.30 66.55 -17.68
N ARG P 127 3.27 65.23 -17.51
CA ARG P 127 4.09 64.36 -18.34
C ARG P 127 3.69 64.45 -19.82
N GLU P 128 2.40 64.28 -20.14
CA GLU P 128 2.11 64.34 -21.58
C GLU P 128 2.19 65.79 -22.06
N ALA P 129 1.94 66.76 -21.18
CA ALA P 129 2.14 68.16 -21.56
C ALA P 129 3.58 68.39 -22.01
N LEU P 130 4.55 67.94 -21.20
CA LEU P 130 5.95 68.11 -21.56
C LEU P 130 6.31 67.29 -22.80
N LEU P 131 5.73 66.10 -22.94
CA LEU P 131 6.02 65.29 -24.12
C LEU P 131 5.56 65.99 -25.40
N SER P 132 4.37 66.58 -25.38
CA SER P 132 3.91 67.33 -26.55
C SER P 132 4.79 68.55 -26.80
N TRP P 133 5.11 69.29 -25.73
CA TRP P 133 5.91 70.50 -25.89
C TRP P 133 7.32 70.18 -26.39
N LEU P 134 7.83 68.99 -26.08
CA LEU P 134 9.09 68.54 -26.65
C LEU P 134 8.93 68.07 -28.08
N ALA P 135 7.83 67.38 -28.38
CA ALA P 135 7.63 66.81 -29.71
C ALA P 135 7.33 67.87 -30.76
N LYS P 136 6.94 69.08 -30.35
CA LYS P 136 6.73 70.14 -31.33
C LYS P 136 8.04 70.47 -32.05
N GLY P 137 9.18 70.32 -31.36
CA GLY P 137 10.47 70.41 -32.01
C GLY P 137 11.14 71.77 -32.02
N GLU P 138 11.33 72.39 -30.85
CA GLU P 138 12.06 73.64 -30.77
C GLU P 138 13.45 73.40 -30.20
N LYS P 139 14.29 74.43 -30.31
CA LYS P 139 15.63 74.41 -29.74
C LYS P 139 15.62 75.06 -28.36
N ILE P 140 16.48 74.59 -27.48
CA ILE P 140 16.47 74.95 -26.07
C ILE P 140 17.85 75.39 -25.63
N ASN P 141 17.91 76.39 -24.76
CA ASN P 141 19.13 76.85 -24.12
C ASN P 141 18.97 76.82 -22.60
N TYR P 142 20.00 77.26 -21.89
CA TYR P 142 19.98 77.25 -20.44
C TYR P 142 19.25 78.48 -19.90
N SER P 143 19.01 78.48 -18.59
CA SER P 143 18.45 79.64 -17.93
C SER P 143 19.50 80.74 -17.82
N ALA P 144 19.06 81.99 -17.97
CA ALA P 144 19.99 83.12 -18.00
C ALA P 144 20.72 83.30 -16.68
N GLN P 145 20.01 83.13 -15.56
CA GLN P 145 20.60 83.43 -14.25
C GLN P 145 21.77 82.50 -13.94
N ASP P 146 21.62 81.21 -14.21
CA ASP P 146 22.63 80.21 -13.89
C ASP P 146 23.25 79.61 -15.15
N SER P 147 23.37 80.40 -16.22
CA SER P 147 23.88 79.86 -17.48
C SER P 147 25.35 79.49 -17.37
N ASP P 148 26.17 80.38 -16.82
CA ASP P 148 27.62 80.19 -16.87
C ASP P 148 28.07 78.96 -16.09
N ILE P 149 27.52 78.76 -14.88
CA ILE P 149 27.92 77.59 -14.08
C ILE P 149 27.58 76.30 -14.82
N LEU P 150 26.36 76.23 -15.37
CA LEU P 150 25.93 75.02 -16.04
C LEU P 150 26.72 74.77 -17.33
N THR P 151 27.08 75.84 -18.05
CA THR P 151 27.92 75.66 -19.23
C THR P 151 29.32 75.18 -18.86
N THR P 152 29.89 75.73 -17.79
CA THR P 152 31.22 75.28 -17.37
C THR P 152 31.20 73.83 -16.92
N ILE P 153 30.20 73.42 -16.14
CA ILE P 153 30.15 72.04 -15.69
C ILE P 153 29.72 71.09 -16.81
N GLY P 154 29.13 71.61 -17.87
CA GLY P 154 28.73 70.79 -19.00
C GLY P 154 27.34 70.19 -18.83
N PHE P 155 26.73 69.86 -19.96
CA PHE P 155 25.42 69.21 -19.95
C PHE P 155 25.49 67.85 -19.26
N ARG P 156 26.50 67.06 -19.60
CA ARG P 156 26.70 65.74 -19.04
C ARG P 156 28.15 65.57 -18.63
N PRO P 157 28.44 64.69 -17.66
CA PRO P 157 29.83 64.42 -17.29
C PRO P 157 30.59 63.76 -18.44
N ASP P 158 31.92 63.84 -18.35
CA ASP P 158 32.77 63.35 -19.42
C ASP P 158 32.63 61.84 -19.59
N VAL P 159 32.89 61.37 -20.81
CA VAL P 159 32.78 59.95 -21.11
C VAL P 159 33.80 59.15 -20.32
N ALA P 160 34.99 59.74 -20.10
CA ALA P 160 36.00 59.07 -19.28
C ALA P 160 35.47 58.80 -17.87
N SER P 161 34.74 59.76 -17.30
CA SER P 161 34.18 59.58 -15.98
C SER P 161 33.17 58.43 -15.96
N VAL P 162 32.31 58.35 -16.98
CA VAL P 162 31.26 57.35 -16.95
C VAL P 162 31.80 55.95 -17.21
N ASP P 163 32.77 55.79 -18.12
CA ASP P 163 33.28 54.44 -18.33
C ASP P 163 34.31 54.04 -17.28
N ASP P 164 34.87 54.99 -16.54
CA ASP P 164 35.68 54.65 -15.38
C ASP P 164 34.82 54.22 -14.20
N SER P 165 33.56 54.63 -14.16
CA SER P 165 32.63 54.22 -13.10
C SER P 165 31.74 53.05 -13.49
N ARG P 166 31.94 52.49 -14.68
CA ARG P 166 31.09 51.39 -15.13
C ARG P 166 31.25 50.17 -14.22
N GLU P 167 32.49 49.82 -13.89
CA GLU P 167 32.73 48.67 -13.03
C GLU P 167 32.56 49.05 -11.57
N LYS P 168 31.96 48.14 -10.80
CA LYS P 168 31.69 48.35 -9.39
C LYS P 168 32.65 47.52 -8.54
N PHE P 169 32.63 47.77 -7.24
CA PHE P 169 33.47 47.05 -6.30
C PHE P 169 32.63 46.57 -5.13
N THR P 170 32.79 45.30 -4.76
CA THR P 170 32.11 44.77 -3.59
C THR P 170 32.70 45.42 -2.34
N PRO P 171 31.89 45.54 -1.27
CA PRO P 171 32.40 46.22 -0.05
C PRO P 171 33.69 45.64 0.49
N ALA P 172 33.86 44.31 0.46
CA ALA P 172 35.13 43.72 0.91
C ALA P 172 36.29 44.33 0.15
N GLN P 173 36.20 44.35 -1.18
CA GLN P 173 37.18 45.05 -1.98
C GLN P 173 37.26 46.52 -1.59
N ASN P 174 36.15 47.12 -1.18
CA ASN P 174 36.16 48.55 -0.85
C ASN P 174 37.09 48.83 0.33
N MET P 175 36.91 48.13 1.46
CA MET P 175 37.80 48.51 2.55
C MET P 175 39.19 47.90 2.40
N ILE P 176 39.35 46.78 1.68
CA ILE P 176 40.70 46.29 1.49
C ILE P 176 41.49 47.24 0.61
N PHE P 177 40.84 47.84 -0.40
CA PHE P 177 41.52 48.84 -1.22
C PHE P 177 41.73 50.13 -0.45
N SER P 178 40.83 50.49 0.46
CA SER P 178 41.09 51.65 1.30
C SER P 178 42.33 51.44 2.17
N ARG P 179 42.46 50.25 2.76
CA ARG P 179 43.64 49.93 3.56
C ARG P 179 44.90 49.95 2.70
N LYS P 180 44.83 49.38 1.50
CA LYS P 180 45.99 49.38 0.61
C LYS P 180 46.36 50.78 0.18
N SER P 181 45.36 51.65 -0.04
CA SER P 181 45.65 53.04 -0.39
C SER P 181 46.29 53.78 0.76
N ALA P 182 45.85 53.52 2.00
CA ALA P 182 46.51 54.12 3.15
C ALA P 182 47.95 53.65 3.28
N GLN P 183 48.19 52.35 3.06
CA GLN P 183 49.55 51.83 3.08
C GLN P 183 50.39 52.48 1.97
N LEU P 184 49.78 52.70 0.81
CA LEU P 184 50.49 53.36 -0.29
C LEU P 184 50.83 54.81 0.07
N ALA P 185 49.91 55.50 0.76
CA ALA P 185 50.21 56.87 1.19
C ALA P 185 51.38 56.88 2.16
N SER P 186 51.41 55.91 3.08
CA SER P 186 52.54 55.78 3.99
C SER P 186 53.83 55.50 3.22
N ARG P 187 53.74 54.66 2.18
CA ARG P 187 54.91 54.36 1.35
C ARG P 187 55.41 55.61 0.64
N GLN P 188 54.49 56.40 0.09
CA GLN P 188 54.87 57.66 -0.56
C GLN P 188 55.48 58.63 0.44
N SER P 189 55.04 58.59 1.69
CA SER P 189 55.69 59.39 2.73
C SER P 189 57.14 58.98 2.92
N VAL P 190 57.46 57.72 2.64
CA VAL P 190 58.84 57.25 2.71
C VAL P 190 59.59 57.61 1.44
N THR Q 4 -14.56 71.52 -29.78
CA THR Q 4 -15.90 71.44 -29.21
C THR Q 4 -16.11 70.11 -28.50
N ALA Q 5 -15.04 69.30 -28.41
CA ALA Q 5 -15.13 68.02 -27.74
C ALA Q 5 -15.46 68.17 -26.26
N LEU Q 6 -15.03 69.29 -25.66
CA LEU Q 6 -15.34 69.53 -24.25
C LEU Q 6 -16.84 69.66 -24.04
N GLN Q 7 -17.53 70.35 -24.94
CA GLN Q 7 -18.99 70.47 -24.86
C GLN Q 7 -19.66 69.10 -24.99
N GLN Q 8 -19.16 68.26 -25.90
CA GLN Q 8 -19.72 66.93 -26.06
C GLN Q 8 -19.53 66.10 -24.80
N ALA Q 9 -18.34 66.16 -24.19
CA ALA Q 9 -18.13 65.45 -22.93
C ALA Q 9 -19.04 66.00 -21.84
N PHE Q 10 -19.24 67.32 -21.82
CA PHE Q 10 -20.05 67.94 -20.78
C PHE Q 10 -21.51 67.49 -20.86
N ASP Q 11 -22.12 67.59 -22.04
CA ASP Q 11 -23.51 67.19 -22.10
C ASP Q 11 -23.68 65.67 -22.08
N THR Q 12 -22.65 64.90 -22.47
CA THR Q 12 -22.70 63.47 -22.24
C THR Q 12 -22.73 63.17 -20.74
N CYS Q 13 -21.91 63.87 -19.95
CA CYS Q 13 -21.96 63.71 -18.51
C CYS Q 13 -23.31 64.13 -17.94
N GLN Q 14 -23.89 65.20 -18.49
CA GLN Q 14 -25.21 65.64 -18.04
C GLN Q 14 -26.26 64.57 -18.31
N ASN Q 15 -26.24 63.97 -19.51
CA ASN Q 15 -27.17 62.90 -19.84
C ASN Q 15 -26.97 61.69 -18.93
N ASN Q 16 -25.71 61.34 -18.65
CA ASN Q 16 -25.43 60.21 -17.77
C ASN Q 16 -25.97 60.48 -16.36
N LYS Q 17 -25.79 61.70 -15.87
CA LYS Q 17 -26.32 62.06 -14.55
C LYS Q 17 -27.84 61.99 -14.53
N ALA Q 18 -28.49 62.48 -15.58
CA ALA Q 18 -29.95 62.39 -15.66
C ALA Q 18 -30.42 60.95 -15.66
N ALA Q 19 -29.74 60.09 -16.43
CA ALA Q 19 -30.10 58.67 -16.46
C ALA Q 19 -29.91 58.03 -15.09
N TRP Q 20 -28.81 58.36 -14.40
CA TRP Q 20 -28.59 57.80 -13.08
C TRP Q 20 -29.67 58.25 -12.09
N LEU Q 21 -30.07 59.52 -12.16
CA LEU Q 21 -31.14 60.01 -11.29
C LEU Q 21 -32.46 59.29 -11.59
N GLN Q 22 -32.79 59.10 -12.86
CA GLN Q 22 -34.06 58.44 -13.18
C GLN Q 22 -34.03 56.98 -12.76
N ARG Q 23 -32.87 56.31 -12.89
CA ARG Q 23 -32.77 54.93 -12.40
C ARG Q 23 -32.92 54.86 -10.90
N LYS Q 24 -32.33 55.82 -10.17
CA LYS Q 24 -32.49 55.86 -8.73
C LYS Q 24 -33.95 56.07 -8.34
N ASN Q 25 -34.64 56.96 -9.05
CA ASN Q 25 -36.05 57.20 -8.77
C ASN Q 25 -36.88 55.94 -9.01
N GLU Q 26 -36.63 55.24 -10.12
CA GLU Q 26 -37.36 54.02 -10.41
C GLU Q 26 -37.09 52.96 -9.34
N LEU Q 27 -35.84 52.80 -8.92
CA LEU Q 27 -35.51 51.83 -7.90
C LEU Q 27 -36.20 52.17 -6.58
N ALA Q 28 -36.20 53.45 -6.20
CA ALA Q 28 -36.85 53.86 -4.97
C ALA Q 28 -38.35 53.59 -5.02
N ALA Q 29 -38.99 53.90 -6.15
CA ALA Q 29 -40.42 53.64 -6.29
C ALA Q 29 -40.72 52.16 -6.19
N ALA Q 30 -39.93 51.32 -6.87
CA ALA Q 30 -40.15 49.89 -6.81
C ALA Q 30 -39.97 49.36 -5.40
N GLU Q 31 -38.93 49.82 -4.69
CA GLU Q 31 -38.69 49.35 -3.33
C GLU Q 31 -39.79 49.77 -2.39
N GLN Q 32 -40.27 51.02 -2.51
CA GLN Q 32 -41.34 51.47 -1.62
C GLN Q 32 -42.65 50.73 -1.91
N GLU Q 33 -42.93 50.44 -3.18
CA GLU Q 33 -44.14 49.70 -3.51
C GLU Q 33 -44.04 48.26 -3.01
N TYR Q 34 -42.85 47.67 -3.10
CA TYR Q 34 -42.63 46.33 -2.54
C TYR Q 34 -42.84 46.32 -1.03
N LEU Q 35 -42.33 47.34 -0.34
CA LEU Q 35 -42.54 47.43 1.10
C LEU Q 35 -44.02 47.59 1.43
N ARG Q 36 -44.73 48.39 0.63
CA ARG Q 36 -46.17 48.55 0.84
C ARG Q 36 -46.90 47.22 0.68
N LEU Q 37 -46.57 46.45 -0.36
CA LEU Q 37 -47.21 45.15 -0.55
C LEU Q 37 -46.85 44.17 0.56
N LEU Q 38 -45.60 44.20 1.02
CA LEU Q 38 -45.20 43.31 2.11
C LEU Q 38 -45.95 43.65 3.39
N SER Q 39 -46.15 44.94 3.66
CA SER Q 39 -46.89 45.34 4.85
C SER Q 39 -48.37 45.00 4.76
N GLY Q 40 -48.89 44.77 3.56
CA GLY Q 40 -50.29 44.47 3.42
C GLY Q 40 -50.66 43.12 4.01
N GLU Q 41 -51.93 43.00 4.42
CA GLU Q 41 -52.41 41.76 5.01
C GLU Q 41 -52.47 40.63 3.98
N GLY Q 42 -52.93 40.95 2.76
CA GLY Q 42 -53.02 39.91 1.74
C GLY Q 42 -51.65 39.39 1.35
N ARG Q 43 -51.59 38.10 1.07
CA ARG Q 43 -50.33 37.44 0.71
C ARG Q 43 -50.29 37.24 -0.80
N ASN Q 44 -49.22 37.74 -1.42
CA ASN Q 44 -48.97 37.59 -2.85
C ASN Q 44 -47.52 37.13 -3.00
N VAL Q 45 -47.29 35.82 -2.92
CA VAL Q 45 -45.93 35.30 -2.93
C VAL Q 45 -45.29 35.50 -4.30
N SER Q 46 -46.02 35.20 -5.36
CA SER Q 46 -45.49 35.40 -6.71
C SER Q 46 -45.21 36.87 -6.97
N ARG Q 47 -46.12 37.74 -6.56
CA ARG Q 47 -45.90 39.18 -6.72
C ARG Q 47 -44.69 39.64 -5.92
N LEU Q 48 -44.53 39.10 -4.70
CA LEU Q 48 -43.38 39.46 -3.88
C LEU Q 48 -42.08 39.04 -4.56
N ASP Q 49 -42.03 37.83 -5.12
CA ASP Q 49 -40.82 37.37 -5.81
C ASP Q 49 -40.54 38.23 -7.04
N GLU Q 50 -41.58 38.55 -7.81
CA GLU Q 50 -41.40 39.40 -8.98
C GLU Q 50 -40.88 40.78 -8.58
N LEU Q 51 -41.42 41.32 -7.48
CA LEU Q 51 -40.96 42.62 -7.00
C LEU Q 51 -39.51 42.56 -6.55
N ARG Q 52 -39.11 41.47 -5.88
CA ARG Q 52 -37.72 41.32 -5.48
C ARG Q 52 -36.80 41.28 -6.69
N ASN Q 53 -37.20 40.53 -7.73
CA ASN Q 53 -36.41 40.48 -8.95
C ASN Q 53 -36.31 41.86 -9.59
N ILE Q 54 -37.43 42.59 -9.64
CA ILE Q 54 -37.42 43.92 -10.23
C ILE Q 54 -36.51 44.86 -9.44
N ILE Q 55 -36.58 44.79 -8.11
CA ILE Q 55 -35.73 45.63 -7.27
C ILE Q 55 -34.26 45.34 -7.53
N GLU Q 56 -33.89 44.07 -7.60
CA GLU Q 56 -32.48 43.73 -7.82
C GLU Q 56 -32.01 44.19 -9.20
N VAL Q 57 -32.86 44.03 -10.22
CA VAL Q 57 -32.51 44.51 -11.55
C VAL Q 57 -32.34 46.03 -11.55
N ARG Q 58 -33.24 46.75 -10.87
CA ARG Q 58 -33.11 48.19 -10.77
C ARG Q 58 -31.83 48.59 -10.05
N LYS Q 59 -31.46 47.86 -9.00
CA LYS Q 59 -30.23 48.15 -8.28
C LYS Q 59 -29.01 47.97 -9.19
N TRP Q 60 -28.99 46.89 -9.97
CA TRP Q 60 -27.88 46.68 -10.91
C TRP Q 60 -27.84 47.79 -11.95
N GLN Q 61 -29.01 48.21 -12.44
CA GLN Q 61 -29.05 49.29 -13.43
C GLN Q 61 -28.54 50.59 -12.83
N VAL Q 62 -28.90 50.88 -11.58
CA VAL Q 62 -28.41 52.08 -10.92
C VAL Q 62 -26.89 52.02 -10.76
N ASN Q 63 -26.37 50.86 -10.38
CA ASN Q 63 -24.91 50.70 -10.25
C ASN Q 63 -24.22 50.98 -11.57
N GLN Q 64 -24.74 50.39 -12.67
CA GLN Q 64 -24.12 50.59 -13.97
C GLN Q 64 -24.20 52.06 -14.40
N ALA Q 65 -25.35 52.70 -14.18
CA ALA Q 65 -25.50 54.10 -14.57
C ALA Q 65 -24.57 54.99 -13.77
N ALA Q 66 -24.43 54.74 -12.47
CA ALA Q 66 -23.53 55.53 -11.65
C ALA Q 66 -22.08 55.35 -12.09
N GLY Q 67 -21.68 54.11 -12.41
CA GLY Q 67 -20.33 53.90 -12.91
C GLY Q 67 -20.08 54.64 -14.21
N ARG Q 68 -21.05 54.58 -15.13
CA ARG Q 68 -20.90 55.29 -16.40
C ARG Q 68 -20.81 56.80 -16.19
N TYR Q 69 -21.64 57.34 -15.29
CA TYR Q 69 -21.62 58.76 -15.00
C TYR Q 69 -20.29 59.19 -14.41
N ILE Q 70 -19.75 58.40 -13.47
CA ILE Q 70 -18.46 58.71 -12.89
C ILE Q 70 -17.36 58.67 -13.94
N ARG Q 71 -17.40 57.67 -14.81
CA ARG Q 71 -16.38 57.58 -15.86
C ARG Q 71 -16.47 58.77 -16.81
N SER Q 72 -17.68 59.20 -17.16
CA SER Q 72 -17.82 60.35 -18.05
C SER Q 72 -17.35 61.64 -17.38
N HIS Q 73 -17.63 61.78 -16.08
CA HIS Q 73 -17.14 62.94 -15.35
C HIS Q 73 -15.61 62.97 -15.33
N GLU Q 74 -14.99 61.82 -15.09
CA GLU Q 74 -13.53 61.75 -15.12
C GLU Q 74 -13.00 62.08 -16.51
N ALA Q 75 -13.69 61.60 -17.56
CA ALA Q 75 -13.23 61.87 -18.92
C ALA Q 75 -13.31 63.35 -19.26
N VAL Q 76 -14.40 64.02 -18.88
CA VAL Q 76 -14.52 65.44 -19.21
C VAL Q 76 -13.51 66.25 -18.40
N GLN Q 77 -13.28 65.88 -17.13
CA GLN Q 77 -12.24 66.56 -16.37
C GLN Q 77 -10.87 66.36 -17.01
N HIS Q 78 -10.58 65.15 -17.48
CA HIS Q 78 -9.30 64.87 -18.12
C HIS Q 78 -9.14 65.70 -19.39
N ILE Q 79 -10.20 65.81 -20.20
CA ILE Q 79 -10.12 66.60 -21.42
C ILE Q 79 -9.87 68.07 -21.10
N SER Q 80 -10.57 68.59 -20.09
CA SER Q 80 -10.35 69.98 -19.69
C SER Q 80 -8.92 70.21 -19.23
N ILE Q 81 -8.39 69.28 -18.42
CA ILE Q 81 -7.01 69.40 -17.97
C ILE Q 81 -6.04 69.34 -19.14
N ARG Q 82 -6.30 68.46 -20.11
CA ARG Q 82 -5.41 68.34 -21.26
C ARG Q 82 -5.39 69.65 -22.05
N ASP Q 83 -6.56 70.25 -22.28
CA ASP Q 83 -6.60 71.50 -23.03
C ASP Q 83 -5.90 72.63 -22.25
N ARG Q 84 -6.15 72.70 -20.94
CA ARG Q 84 -5.55 73.76 -20.13
C ARG Q 84 -4.03 73.62 -20.07
N LEU Q 85 -3.54 72.40 -19.94
CA LEU Q 85 -2.09 72.21 -19.98
C LEU Q 85 -1.53 72.48 -21.37
N ASN Q 86 -2.29 72.19 -22.42
CA ASN Q 86 -1.83 72.47 -23.77
C ASN Q 86 -1.59 73.97 -23.97
N ASP Q 87 -2.59 74.79 -23.62
CA ASP Q 87 -2.36 76.22 -23.84
C ASP Q 87 -1.46 76.84 -22.76
N PHE Q 88 -1.35 76.24 -21.57
CA PHE Q 88 -0.35 76.68 -20.62
C PHE Q 88 1.05 76.43 -21.14
N MET Q 89 1.28 75.27 -21.77
CA MET Q 89 2.54 75.05 -22.48
C MET Q 89 2.72 76.10 -23.57
N GLN Q 90 1.72 76.28 -24.42
CA GLN Q 90 1.85 77.24 -25.52
C GLN Q 90 2.17 78.64 -25.01
N GLN Q 91 1.82 78.95 -23.77
CA GLN Q 91 2.11 80.28 -23.22
C GLN Q 91 3.48 80.34 -22.54
N HIS Q 92 3.74 79.49 -21.55
CA HIS Q 92 4.93 79.60 -20.71
C HIS Q 92 5.93 78.45 -20.89
N GLY Q 93 5.90 77.76 -22.04
CA GLY Q 93 6.79 76.63 -22.21
C GLY Q 93 8.22 77.05 -22.42
N THR Q 94 8.44 78.22 -23.02
CA THR Q 94 9.81 78.72 -23.15
C THR Q 94 10.46 78.87 -21.79
N ALA Q 95 9.77 79.49 -20.84
CA ALA Q 95 10.32 79.68 -19.51
C ALA Q 95 10.44 78.35 -18.76
N LEU Q 96 9.42 77.50 -18.85
CA LEU Q 96 9.49 76.20 -18.18
C LEU Q 96 10.67 75.37 -18.70
N ALA Q 97 10.84 75.30 -20.01
CA ALA Q 97 11.93 74.54 -20.60
C ALA Q 97 13.28 75.19 -20.32
N ALA Q 98 13.34 76.53 -20.27
CA ALA Q 98 14.59 77.18 -19.90
C ALA Q 98 15.00 76.81 -18.48
N ALA Q 99 14.02 76.74 -17.57
CA ALA Q 99 14.33 76.33 -16.20
C ALA Q 99 14.70 74.86 -16.12
N LEU Q 100 14.10 74.02 -16.96
CA LEU Q 100 14.22 72.57 -16.85
C LEU Q 100 15.23 71.97 -17.83
N ALA Q 101 15.96 72.82 -18.57
CA ALA Q 101 16.86 72.33 -19.61
C ALA Q 101 17.91 71.33 -19.16
N PRO Q 102 18.60 71.47 -18.00
CA PRO Q 102 19.73 70.56 -17.69
C PRO Q 102 19.47 69.07 -17.84
N GLU Q 103 18.22 68.65 -17.99
CA GLU Q 103 17.92 67.26 -18.33
C GLU Q 103 17.15 67.09 -19.62
N LEU Q 104 16.65 68.17 -20.23
CA LEU Q 104 15.77 68.07 -21.38
C LEU Q 104 16.42 68.44 -22.69
N MET Q 105 17.65 68.94 -22.68
CA MET Q 105 18.31 69.35 -23.90
C MET Q 105 18.66 68.13 -24.77
N GLY Q 106 18.51 68.31 -26.08
CA GLY Q 106 18.76 67.22 -27.01
C GLY Q 106 17.84 66.04 -26.83
N TYR Q 107 16.58 66.30 -26.45
CA TYR Q 107 15.65 65.22 -26.17
C TYR Q 107 15.32 64.40 -27.41
N SER Q 108 15.42 65.01 -28.59
CA SER Q 108 15.03 64.31 -29.81
C SER Q 108 15.93 63.12 -30.11
N GLU Q 109 17.25 63.29 -29.99
CA GLU Q 109 18.19 62.26 -30.40
C GLU Q 109 18.60 61.33 -29.27
N LEU Q 110 18.18 61.60 -28.03
CA LEU Q 110 18.56 60.73 -26.92
C LEU Q 110 17.87 59.37 -27.03
N THR Q 111 18.52 58.35 -26.48
CA THR Q 111 17.98 57.01 -26.51
C THR Q 111 16.76 56.91 -25.58
N ALA Q 112 16.08 55.76 -25.66
CA ALA Q 112 14.85 55.58 -24.88
C ALA Q 112 15.13 55.63 -23.38
N ILE Q 113 16.18 54.95 -22.92
CA ILE Q 113 16.45 54.88 -21.49
C ILE Q 113 16.77 56.26 -20.94
N ALA Q 114 17.66 56.98 -21.62
CA ALA Q 114 18.01 58.32 -21.18
C ALA Q 114 16.81 59.26 -21.21
N ARG Q 115 15.99 59.15 -22.26
CA ARG Q 115 14.81 60.00 -22.37
C ARG Q 115 13.85 59.75 -21.21
N ASN Q 116 13.57 58.48 -20.91
CA ASN Q 116 12.67 58.19 -19.80
C ASN Q 116 13.25 58.63 -18.47
N CYS Q 117 14.56 58.43 -18.26
CA CYS Q 117 15.17 58.85 -17.00
C CYS Q 117 15.09 60.36 -16.83
N ALA Q 118 15.40 61.11 -17.89
CA ALA Q 118 15.31 62.57 -17.82
C ALA Q 118 13.88 63.02 -17.59
N ILE Q 119 12.92 62.38 -18.26
CA ILE Q 119 11.52 62.73 -18.08
C ILE Q 119 11.09 62.50 -16.64
N GLN Q 120 11.47 61.35 -16.07
CA GLN Q 120 11.11 61.06 -14.69
C GLN Q 120 11.72 62.07 -13.73
N ARG Q 121 13.00 62.43 -13.96
CA ARG Q 121 13.63 63.42 -13.09
C ARG Q 121 12.91 64.76 -13.17
N ALA Q 122 12.60 65.22 -14.39
CA ALA Q 122 11.89 66.48 -14.53
C ALA Q 122 10.52 66.44 -13.87
N THR Q 123 9.81 65.33 -14.05
CA THR Q 123 8.44 65.26 -13.55
C THR Q 123 8.39 65.16 -12.03
N ASP Q 124 9.27 64.36 -11.42
CA ASP Q 124 9.20 64.32 -9.96
C ASP Q 124 9.78 65.60 -9.34
N ALA Q 125 10.71 66.27 -10.04
CA ALA Q 125 11.16 67.58 -9.58
C ALA Q 125 10.01 68.59 -9.54
N LEU Q 126 9.29 68.72 -10.66
CA LEU Q 126 8.10 69.57 -10.65
C LEU Q 126 7.05 69.05 -9.68
N ARG Q 127 7.10 67.76 -9.33
CA ARG Q 127 6.22 67.24 -8.30
C ARG Q 127 6.50 67.89 -6.95
N GLU Q 128 7.77 67.88 -6.50
CA GLU Q 128 7.96 68.55 -5.21
C GLU Q 128 7.78 70.06 -5.33
N ALA Q 129 7.97 70.62 -6.53
CA ALA Q 129 7.64 72.04 -6.72
C ALA Q 129 6.17 72.30 -6.43
N LEU Q 130 5.29 71.48 -7.01
CA LEU Q 130 3.86 71.63 -6.76
C LEU Q 130 3.51 71.37 -5.30
N LEU Q 131 4.18 70.38 -4.68
CA LEU Q 131 3.96 70.12 -3.26
C LEU Q 131 4.31 71.34 -2.42
N SER Q 132 5.43 72.01 -2.71
CA SER Q 132 5.80 73.21 -1.98
C SER Q 132 4.76 74.32 -2.22
N TRP Q 133 4.31 74.49 -3.46
CA TRP Q 133 3.35 75.55 -3.75
C TRP Q 133 2.06 75.33 -2.98
N LEU Q 134 1.59 74.09 -2.90
CA LEU Q 134 0.40 73.80 -2.12
C LEU Q 134 0.68 73.86 -0.63
N ALA Q 135 1.93 73.63 -0.21
CA ALA Q 135 2.27 73.68 1.19
C ALA Q 135 2.26 75.10 1.73
N LYS Q 136 2.61 76.09 0.90
CA LYS Q 136 2.65 77.45 1.44
C LYS Q 136 1.26 77.99 1.77
N GLY Q 137 0.19 77.34 1.30
CA GLY Q 137 -1.13 77.57 1.85
C GLY Q 137 -1.96 78.72 1.28
N GLU Q 138 -2.29 78.66 0.00
CA GLU Q 138 -3.12 79.67 -0.65
C GLU Q 138 -4.39 79.03 -1.20
N LYS Q 139 -5.15 79.82 -1.95
CA LYS Q 139 -6.44 79.41 -2.49
C LYS Q 139 -6.35 79.23 -3.99
N ILE Q 140 -7.03 78.20 -4.51
CA ILE Q 140 -6.99 77.85 -5.92
C ILE Q 140 -8.37 78.11 -6.54
N ASN Q 141 -8.37 78.52 -7.80
CA ASN Q 141 -9.58 78.80 -8.54
C ASN Q 141 -9.53 78.13 -9.90
N TYR Q 142 -10.71 77.90 -10.47
CA TYR Q 142 -10.82 77.23 -11.75
C TYR Q 142 -10.25 78.10 -12.88
N SER Q 143 -10.11 77.49 -14.06
CA SER Q 143 -9.70 78.23 -15.23
C SER Q 143 -10.78 79.20 -15.65
N ALA Q 144 -10.36 80.36 -16.17
CA ALA Q 144 -11.32 81.39 -16.56
C ALA Q 144 -12.22 80.92 -17.70
N GLN Q 145 -11.65 80.24 -18.68
CA GLN Q 145 -12.41 79.86 -19.87
C GLN Q 145 -13.46 78.80 -19.55
N ASP Q 146 -13.07 77.76 -18.79
CA ASP Q 146 -13.94 76.61 -18.54
C ASP Q 146 -14.41 76.56 -17.08
N SER Q 147 -14.57 77.72 -16.45
CA SER Q 147 -15.04 77.74 -15.06
C SER Q 147 -16.47 77.21 -14.96
N ASP Q 148 -17.35 77.68 -15.85
CA ASP Q 148 -18.77 77.32 -15.75
C ASP Q 148 -19.00 75.84 -15.99
N ILE Q 149 -18.29 75.24 -16.94
CA ILE Q 149 -18.44 73.81 -17.19
C ILE Q 149 -17.97 73.01 -15.98
N LEU Q 150 -16.82 73.39 -15.41
CA LEU Q 150 -16.29 72.64 -14.26
C LEU Q 150 -17.20 72.78 -13.04
N THR Q 151 -17.77 73.96 -12.83
CA THR Q 151 -18.69 74.13 -11.71
C THR Q 151 -20.01 73.40 -11.95
N THR Q 152 -20.47 73.33 -13.20
CA THR Q 152 -21.73 72.66 -13.50
C THR Q 152 -21.63 71.17 -13.20
N ILE Q 153 -20.57 70.52 -13.67
CA ILE Q 153 -20.37 69.10 -13.39
C ILE Q 153 -19.92 68.85 -11.95
N GLY Q 154 -19.57 69.88 -11.22
CA GLY Q 154 -19.13 69.74 -9.85
C GLY Q 154 -17.66 69.39 -9.75
N PHE Q 155 -17.10 69.69 -8.57
CA PHE Q 155 -15.70 69.35 -8.31
C PHE Q 155 -15.48 67.86 -8.33
N ARG Q 156 -16.36 67.10 -7.70
CA ARG Q 156 -16.28 65.65 -7.62
C ARG Q 156 -17.65 65.06 -7.88
N PRO Q 157 -17.71 63.80 -8.32
CA PRO Q 157 -19.01 63.13 -8.45
C PRO Q 157 -19.71 63.04 -7.11
N ASP Q 158 -21.04 63.02 -7.16
CA ASP Q 158 -21.84 63.02 -5.94
C ASP Q 158 -21.55 61.79 -5.10
N VAL Q 159 -21.63 61.97 -3.77
CA VAL Q 159 -21.33 60.89 -2.85
C VAL Q 159 -22.28 59.71 -3.05
N ALA Q 160 -23.50 59.98 -3.51
CA ALA Q 160 -24.42 58.90 -3.81
C ALA Q 160 -23.89 58.02 -4.93
N SER Q 161 -23.36 58.63 -5.99
CA SER Q 161 -22.80 57.85 -7.08
C SER Q 161 -21.58 57.06 -6.65
N VAL Q 162 -20.90 57.50 -5.59
CA VAL Q 162 -19.72 56.80 -5.11
C VAL Q 162 -20.11 55.61 -4.23
N ASP Q 163 -21.00 55.83 -3.26
CA ASP Q 163 -21.32 54.77 -2.32
C ASP Q 163 -22.35 53.78 -2.85
N ASP Q 164 -23.08 54.14 -3.92
CA ASP Q 164 -23.96 53.16 -4.54
C ASP Q 164 -23.25 52.24 -5.53
N SER Q 165 -22.02 52.58 -5.93
CA SER Q 165 -21.25 51.78 -6.86
C SER Q 165 -20.05 51.12 -6.19
N ARG Q 166 -20.03 51.06 -4.86
CA ARG Q 166 -18.91 50.45 -4.15
C ARG Q 166 -18.80 48.96 -4.47
N GLU Q 167 -19.93 48.27 -4.52
CA GLU Q 167 -19.92 46.84 -4.83
C GLU Q 167 -19.61 46.61 -6.30
N LYS Q 168 -18.96 45.49 -6.57
CA LYS Q 168 -18.58 45.11 -7.93
C LYS Q 168 -19.27 43.81 -8.32
N PHE Q 169 -19.45 43.62 -9.62
CA PHE Q 169 -20.16 42.47 -10.16
C PHE Q 169 -19.23 41.69 -11.09
N THR Q 170 -19.25 40.36 -10.96
CA THR Q 170 -18.46 39.51 -11.82
C THR Q 170 -19.07 39.47 -13.23
N PRO Q 171 -18.26 39.12 -14.24
CA PRO Q 171 -18.81 39.08 -15.62
C PRO Q 171 -20.01 38.18 -15.78
N ALA Q 172 -20.04 37.02 -15.11
CA ALA Q 172 -21.20 36.15 -15.20
C ALA Q 172 -22.44 36.83 -14.63
N GLN Q 173 -22.30 37.47 -13.47
CA GLN Q 173 -23.41 38.23 -12.91
C GLN Q 173 -23.78 39.38 -13.82
N ASN Q 174 -22.80 40.02 -14.46
CA ASN Q 174 -23.09 41.12 -15.35
C ASN Q 174 -23.95 40.68 -16.53
N MET Q 175 -23.60 39.54 -17.15
CA MET Q 175 -24.37 39.08 -18.29
C MET Q 175 -25.73 38.55 -17.87
N ILE Q 176 -25.80 37.90 -16.70
CA ILE Q 176 -27.10 37.45 -16.18
C ILE Q 176 -28.02 38.63 -15.95
N PHE Q 177 -27.49 39.69 -15.33
CA PHE Q 177 -28.29 40.89 -15.08
C PHE Q 177 -28.66 41.60 -16.38
N SER Q 178 -27.79 41.56 -17.39
CA SER Q 178 -28.12 42.14 -18.67
C SER Q 178 -29.31 41.41 -19.30
N ARG Q 179 -29.28 40.08 -19.27
CA ARG Q 179 -30.41 39.32 -19.80
C ARG Q 179 -31.69 39.59 -19.01
N LYS Q 180 -31.58 39.64 -17.68
CA LYS Q 180 -32.76 39.89 -16.86
C LYS Q 180 -33.33 41.29 -17.12
N SER Q 181 -32.46 42.28 -17.27
CA SER Q 181 -32.92 43.64 -17.57
C SER Q 181 -33.57 43.72 -18.93
N ALA Q 182 -33.01 43.03 -19.93
CA ALA Q 182 -33.64 43.00 -21.24
C ALA Q 182 -35.02 42.35 -21.18
N GLN Q 183 -35.14 41.24 -20.45
CA GLN Q 183 -36.42 40.58 -20.30
C GLN Q 183 -37.42 41.48 -19.58
N LEU Q 184 -36.97 42.18 -18.54
CA LEU Q 184 -37.86 43.08 -17.82
C LEU Q 184 -38.32 44.24 -18.69
N ALA Q 185 -37.42 44.79 -19.51
CA ALA Q 185 -37.80 45.85 -20.43
C ALA Q 185 -38.81 45.36 -21.45
N SER Q 186 -38.60 44.15 -21.98
CA SER Q 186 -39.56 43.57 -22.91
C SER Q 186 -40.92 43.37 -22.25
N ARG Q 187 -40.93 42.89 -21.00
CA ARG Q 187 -42.19 42.70 -20.28
C ARG Q 187 -42.89 44.03 -20.06
N GLN Q 188 -42.14 45.07 -19.70
CA GLN Q 188 -42.75 46.39 -19.50
C GLN Q 188 -43.29 46.94 -20.81
N SER Q 189 -42.60 46.70 -21.92
CA SER Q 189 -43.09 47.16 -23.22
C SER Q 189 -44.41 46.49 -23.57
N VAL Q 190 -44.54 45.20 -23.29
CA VAL Q 190 -45.77 44.47 -23.56
C VAL Q 190 -46.87 44.89 -22.58
N THR R 4 -20.82 52.95 55.84
CA THR R 4 -19.74 53.79 55.33
C THR R 4 -18.94 53.09 54.25
N ALA R 5 -19.44 51.92 53.82
CA ALA R 5 -18.77 51.18 52.75
C ALA R 5 -18.77 51.96 51.46
N LEU R 6 -19.87 52.66 51.15
CA LEU R 6 -19.91 53.49 49.97
C LEU R 6 -18.89 54.62 50.04
N GLN R 7 -18.71 55.20 51.23
CA GLN R 7 -17.70 56.24 51.40
C GLN R 7 -16.30 55.68 51.16
N GLN R 8 -16.03 54.47 51.65
CA GLN R 8 -14.74 53.84 51.41
C GLN R 8 -14.52 53.58 49.93
N ALA R 9 -15.55 53.11 49.23
CA ALA R 9 -15.42 52.92 47.79
C ALA R 9 -15.16 54.24 47.09
N PHE R 10 -15.84 55.30 47.52
CA PHE R 10 -15.69 56.61 46.89
C PHE R 10 -14.27 57.14 47.07
N ASP R 11 -13.74 57.12 48.29
CA ASP R 11 -12.42 57.71 48.47
C ASP R 11 -11.33 56.80 47.93
N THR R 12 -11.55 55.47 47.90
CA THR R 12 -10.61 54.60 47.19
C THR R 12 -10.59 54.91 45.70
N CYS R 13 -11.76 55.17 45.10
CA CYS R 13 -11.80 55.55 43.70
C CYS R 13 -11.10 56.88 43.47
N GLN R 14 -11.28 57.83 44.40
CA GLN R 14 -10.59 59.11 44.28
C GLN R 14 -9.08 58.94 44.35
N ASN R 15 -8.60 58.09 45.27
CA ASN R 15 -7.17 57.84 45.36
C ASN R 15 -6.64 57.17 44.10
N ASN R 16 -7.40 56.21 43.55
CA ASN R 16 -6.98 55.56 42.31
C ASN R 16 -6.92 56.55 41.16
N LYS R 17 -7.91 57.45 41.08
CA LYS R 17 -7.90 58.48 40.04
C LYS R 17 -6.69 59.39 40.18
N ALA R 18 -6.37 59.79 41.41
CA ALA R 18 -5.20 60.64 41.62
C ALA R 18 -3.92 59.92 41.24
N ALA R 19 -3.80 58.64 41.59
CA ALA R 19 -2.61 57.87 41.23
C ALA R 19 -2.49 57.73 39.72
N TRP R 20 -3.60 57.48 39.03
CA TRP R 20 -3.57 57.36 37.58
C TRP R 20 -3.17 58.68 36.93
N LEU R 21 -3.69 59.79 37.44
CA LEU R 21 -3.30 61.10 36.92
C LEU R 21 -1.81 61.36 37.14
N GLN R 22 -1.30 60.99 38.32
CA GLN R 22 0.13 61.16 38.58
C GLN R 22 0.98 60.32 37.64
N ARG R 23 0.55 59.07 37.39
CA ARG R 23 1.28 58.22 36.45
C ARG R 23 1.27 58.82 35.05
N LYS R 24 0.12 59.35 34.62
CA LYS R 24 0.05 59.99 33.30
C LYS R 24 0.96 61.20 33.23
N ASN R 25 1.00 62.00 34.30
CA ASN R 25 1.88 63.17 34.31
C ASN R 25 3.34 62.76 34.22
N GLU R 26 3.74 61.73 34.98
CA GLU R 26 5.12 61.26 34.91
C GLU R 26 5.46 60.73 33.52
N LEU R 27 4.54 59.96 32.92
CA LEU R 27 4.79 59.44 31.58
C LEU R 27 4.92 60.57 30.56
N ALA R 28 4.06 61.59 30.65
CA ALA R 28 4.15 62.71 29.72
C ALA R 28 5.45 63.47 29.88
N ALA R 29 5.88 63.70 31.12
CA ALA R 29 7.13 64.40 31.36
C ALA R 29 8.31 63.61 30.80
N ALA R 30 8.33 62.30 31.05
CA ALA R 30 9.42 61.47 30.52
C ALA R 30 9.40 61.44 29.00
N GLU R 31 8.21 61.41 28.40
CA GLU R 31 8.10 61.40 26.95
C GLU R 31 8.63 62.70 26.35
N GLN R 32 8.29 63.83 26.95
CA GLN R 32 8.80 65.11 26.48
C GLN R 32 10.32 65.19 26.63
N GLU R 33 10.84 64.69 27.75
CA GLU R 33 12.29 64.67 27.96
C GLU R 33 12.99 63.79 26.92
N TYR R 34 12.40 62.63 26.61
CA TYR R 34 12.96 61.75 25.60
C TYR R 34 12.96 62.42 24.23
N LEU R 35 11.87 63.09 23.88
CA LEU R 35 11.83 63.80 22.60
C LEU R 35 12.86 64.92 22.55
N ARG R 36 13.05 65.62 23.68
CA ARG R 36 14.02 66.71 23.71
C ARG R 36 15.43 66.19 23.48
N LEU R 37 15.77 65.05 24.10
CA LEU R 37 17.08 64.46 23.83
C LEU R 37 17.19 63.88 22.43
N LEU R 38 16.10 63.31 21.90
CA LEU R 38 16.16 62.75 20.55
C LEU R 38 16.39 63.83 19.52
N SER R 39 15.75 64.99 19.69
CA SER R 39 15.97 66.10 18.78
C SER R 39 17.35 66.74 18.94
N GLY R 40 18.03 66.47 20.04
CA GLY R 40 19.35 67.02 20.24
C GLY R 40 20.40 66.41 19.33
N GLU R 41 21.50 67.14 19.16
CA GLU R 41 22.57 66.67 18.29
C GLU R 41 23.37 65.54 18.92
N GLY R 42 23.44 65.49 20.24
CA GLY R 42 24.18 64.42 20.90
C GLY R 42 23.53 63.07 20.66
N ARG R 43 24.36 62.07 20.37
CA ARG R 43 23.85 60.73 20.09
C ARG R 43 23.18 60.13 21.33
N ASN R 44 23.91 60.10 22.45
CA ASN R 44 23.38 59.62 23.74
C ASN R 44 22.66 58.28 23.58
N VAL R 45 23.35 57.30 22.98
CA VAL R 45 22.72 56.04 22.63
C VAL R 45 22.25 55.31 23.88
N SER R 46 23.11 55.22 24.90
CA SER R 46 22.72 54.56 26.14
C SER R 46 21.58 55.31 26.82
N ARG R 47 21.66 56.64 26.83
CA ARG R 47 20.58 57.43 27.42
C ARG R 47 19.28 57.23 26.65
N LEU R 48 19.36 57.19 25.32
CA LEU R 48 18.15 56.94 24.52
C LEU R 48 17.55 55.59 24.84
N ASP R 49 18.38 54.55 24.97
CA ASP R 49 17.87 53.22 25.26
C ASP R 49 17.21 53.16 26.64
N GLU R 50 17.87 53.73 27.65
CA GLU R 50 17.29 53.70 28.99
C GLU R 50 16.03 54.55 29.06
N LEU R 51 15.98 55.66 28.32
CA LEU R 51 14.77 56.48 28.30
C LEU R 51 13.63 55.76 27.60
N ARG R 52 13.93 54.99 26.55
CA ARG R 52 12.89 54.18 25.92
C ARG R 52 12.34 53.14 26.89
N ASN R 53 13.23 52.50 27.65
CA ASN R 53 12.79 51.55 28.66
C ASN R 53 11.90 52.23 29.71
N ILE R 54 12.31 53.42 30.16
CA ILE R 54 11.51 54.18 31.12
C ILE R 54 10.15 54.51 30.53
N ILE R 55 10.12 54.92 29.26
CA ILE R 55 8.86 55.28 28.60
C ILE R 55 7.92 54.08 28.59
N GLU R 56 8.43 52.92 28.21
CA GLU R 56 7.55 51.76 28.11
C GLU R 56 7.06 51.30 29.48
N VAL R 57 7.94 51.33 30.49
CA VAL R 57 7.49 50.92 31.82
C VAL R 57 6.49 51.92 32.38
N ARG R 58 6.66 53.21 32.07
CA ARG R 58 5.66 54.20 32.48
C ARG R 58 4.33 53.96 31.79
N LYS R 59 4.36 53.59 30.52
CA LYS R 59 3.12 53.26 29.82
C LYS R 59 2.43 52.07 30.47
N TRP R 60 3.19 51.05 30.83
CA TRP R 60 2.59 49.90 31.50
C TRP R 60 2.01 50.29 32.86
N GLN R 61 2.71 51.14 33.61
CA GLN R 61 2.20 51.60 34.89
C GLN R 61 0.91 52.39 34.71
N VAL R 62 0.86 53.24 33.69
CA VAL R 62 -0.35 54.00 33.40
C VAL R 62 -1.50 53.07 33.06
N ASN R 63 -1.23 52.04 32.26
CA ASN R 63 -2.28 51.07 31.92
C ASN R 63 -2.80 50.38 33.18
N GLN R 64 -1.89 49.96 34.06
CA GLN R 64 -2.32 49.28 35.28
C GLN R 64 -3.14 50.21 36.16
N ALA R 65 -2.70 51.45 36.32
CA ALA R 65 -3.44 52.41 37.14
C ALA R 65 -4.83 52.69 36.56
N ALA R 66 -4.92 52.84 35.23
CA ALA R 66 -6.20 53.08 34.61
C ALA R 66 -7.14 51.90 34.80
N GLY R 67 -6.62 50.68 34.65
CA GLY R 67 -7.45 49.50 34.87
C GLY R 67 -7.95 49.42 36.30
N ARG R 68 -7.06 49.70 37.26
CA ARG R 68 -7.48 49.67 38.66
C ARG R 68 -8.53 50.74 38.95
N TYR R 69 -8.36 51.93 38.38
CA TYR R 69 -9.34 53.00 38.59
C TYR R 69 -10.69 52.63 37.99
N ILE R 70 -10.68 52.04 36.79
CA ILE R 70 -11.93 51.61 36.17
C ILE R 70 -12.61 50.54 37.02
N ARG R 71 -11.84 49.58 37.53
CA ARG R 71 -12.42 48.55 38.37
C ARG R 71 -13.03 49.14 39.64
N SER R 72 -12.35 50.11 40.26
CA SER R 72 -12.89 50.74 41.46
C SER R 72 -14.15 51.54 41.14
N HIS R 73 -14.19 52.20 39.99
CA HIS R 73 -15.39 52.91 39.56
C HIS R 73 -16.55 51.95 39.40
N GLU R 74 -16.30 50.80 38.76
CA GLU R 74 -17.35 49.80 38.61
C GLU R 74 -17.81 49.28 39.96
N ALA R 75 -16.86 49.06 40.89
CA ALA R 75 -17.22 48.55 42.21
C ALA R 75 -18.08 49.53 42.98
N VAL R 76 -17.74 50.82 42.94
CA VAL R 76 -18.52 51.80 43.69
C VAL R 76 -19.91 51.96 43.06
N GLN R 77 -19.99 51.94 41.73
CA GLN R 77 -21.30 51.98 41.10
C GLN R 77 -22.14 50.76 41.49
N HIS R 78 -21.51 49.59 41.52
CA HIS R 78 -22.23 48.37 41.87
C HIS R 78 -22.74 48.40 43.30
N ILE R 79 -21.91 48.87 44.24
CA ILE R 79 -22.35 48.92 45.63
C ILE R 79 -23.46 49.96 45.82
N SER R 80 -23.36 51.09 45.12
CA SER R 80 -24.44 52.07 45.16
C SER R 80 -25.74 51.48 44.63
N ILE R 81 -25.66 50.73 43.52
CA ILE R 81 -26.85 50.08 42.97
C ILE R 81 -27.41 49.08 43.97
N ARG R 82 -26.55 48.29 44.61
CA ARG R 82 -27.02 47.31 45.56
C ARG R 82 -27.77 47.98 46.71
N ASP R 83 -27.20 49.03 47.28
CA ASP R 83 -27.86 49.72 48.39
C ASP R 83 -29.18 50.37 47.95
N ARG R 84 -29.19 50.99 46.77
CA ARG R 84 -30.38 51.69 46.30
C ARG R 84 -31.51 50.71 46.00
N LEU R 85 -31.21 49.60 45.31
CA LEU R 85 -32.23 48.59 45.12
C LEU R 85 -32.68 48.00 46.45
N ASN R 86 -31.75 47.83 47.40
CA ASN R 86 -32.12 47.27 48.69
C ASN R 86 -33.16 48.14 49.38
N ASP R 87 -32.91 49.45 49.51
CA ASP R 87 -33.88 50.24 50.27
C ASP R 87 -35.14 50.55 49.46
N PHE R 88 -35.04 50.76 48.14
CA PHE R 88 -36.24 50.93 47.34
C PHE R 88 -37.14 49.71 47.40
N MET R 89 -36.56 48.53 47.29
CA MET R 89 -37.34 47.30 47.31
C MET R 89 -37.80 46.95 48.72
N GLN R 90 -37.06 47.37 49.75
CA GLN R 90 -37.60 47.32 51.11
C GLN R 90 -38.85 48.18 51.22
N GLN R 91 -38.86 49.32 50.52
CA GLN R 91 -40.05 50.17 50.55
C GLN R 91 -41.22 49.54 49.81
N HIS R 92 -40.99 48.99 48.62
CA HIS R 92 -42.08 48.59 47.73
C HIS R 92 -42.15 47.08 47.47
N GLY R 93 -41.63 46.26 48.38
CA GLY R 93 -41.59 44.83 48.16
C GLY R 93 -42.96 44.17 48.13
N THR R 94 -43.87 44.61 49.00
CA THR R 94 -45.21 44.01 49.00
C THR R 94 -45.88 44.17 47.66
N ALA R 95 -45.89 45.39 47.12
CA ALA R 95 -46.49 45.63 45.81
C ALA R 95 -45.74 44.91 44.71
N LEU R 96 -44.40 44.91 44.76
CA LEU R 96 -43.63 44.27 43.71
C LEU R 96 -43.90 42.77 43.66
N ALA R 97 -43.94 42.12 44.82
CA ALA R 97 -44.17 40.68 44.86
C ALA R 97 -45.63 40.34 44.58
N ALA R 98 -46.56 41.24 44.91
CA ALA R 98 -47.95 41.05 44.51
C ALA R 98 -48.08 41.09 42.99
N ALA R 99 -47.33 41.97 42.34
CA ALA R 99 -47.30 42.00 40.89
C ALA R 99 -46.64 40.76 40.30
N LEU R 100 -45.88 40.00 41.10
CA LEU R 100 -45.18 38.81 40.64
C LEU R 100 -45.61 37.56 41.39
N ALA R 101 -46.80 37.57 42.00
CA ALA R 101 -47.25 36.42 42.77
C ALA R 101 -47.35 35.12 41.98
N PRO R 102 -47.87 35.08 40.75
CA PRO R 102 -48.06 33.79 40.07
C PRO R 102 -46.79 32.97 39.87
N GLU R 103 -45.60 33.58 39.95
CA GLU R 103 -44.36 32.84 39.75
C GLU R 103 -43.36 32.99 40.89
N LEU R 104 -43.75 33.56 42.03
CA LEU R 104 -42.85 33.70 43.17
C LEU R 104 -43.33 33.00 44.43
N MET R 105 -44.61 32.68 44.55
CA MET R 105 -45.10 32.02 45.75
C MET R 105 -44.58 30.59 45.83
N GLY R 106 -44.46 30.09 47.06
CA GLY R 106 -43.93 28.77 47.28
C GLY R 106 -42.47 28.62 46.93
N TYR R 107 -41.74 29.73 46.89
CA TYR R 107 -40.34 29.68 46.46
C TYR R 107 -39.48 28.86 47.42
N SER R 108 -39.82 28.85 48.71
CA SER R 108 -38.97 28.18 49.70
C SER R 108 -38.91 26.68 49.46
N GLU R 109 -40.04 26.06 49.16
CA GLU R 109 -40.12 24.60 49.04
C GLU R 109 -40.02 24.10 47.61
N LEU R 110 -39.87 24.98 46.63
CA LEU R 110 -39.75 24.53 45.24
C LEU R 110 -38.36 23.92 44.99
N THR R 111 -38.30 23.07 43.97
CA THR R 111 -37.05 22.42 43.62
C THR R 111 -36.10 23.42 42.96
N ALA R 112 -34.84 23.01 42.83
CA ALA R 112 -33.80 23.90 42.31
C ALA R 112 -34.10 24.32 40.88
N ILE R 113 -34.49 23.36 40.03
CA ILE R 113 -34.80 23.69 38.64
C ILE R 113 -36.05 24.55 38.56
N ALA R 114 -37.08 24.23 39.35
CA ALA R 114 -38.29 25.04 39.37
C ALA R 114 -38.01 26.43 39.90
N ARG R 115 -37.20 26.53 40.96
CA ARG R 115 -36.85 27.84 41.51
C ARG R 115 -36.10 28.67 40.48
N ASN R 116 -35.14 28.05 39.77
CA ASN R 116 -34.38 28.78 38.76
C ASN R 116 -35.28 29.23 37.62
N CYS R 117 -36.18 28.37 37.17
CA CYS R 117 -37.10 28.76 36.10
C CYS R 117 -38.00 29.91 36.54
N ALA R 118 -38.51 29.85 37.78
CA ALA R 118 -39.37 30.90 38.29
C ALA R 118 -38.63 32.23 38.37
N ILE R 119 -37.41 32.21 38.90
CA ILE R 119 -36.67 33.46 39.03
C ILE R 119 -36.28 33.99 37.67
N GLN R 120 -35.97 33.12 36.70
CA GLN R 120 -35.67 33.60 35.35
C GLN R 120 -36.89 34.24 34.70
N ARG R 121 -38.07 33.63 34.87
CA ARG R 121 -39.28 34.22 34.31
C ARG R 121 -39.57 35.58 34.96
N ALA R 122 -39.45 35.65 36.28
CA ALA R 122 -39.65 36.93 36.96
C ALA R 122 -38.63 37.96 36.48
N THR R 123 -37.39 37.53 36.30
CA THR R 123 -36.31 38.45 35.97
C THR R 123 -36.50 39.02 34.56
N ASP R 124 -36.80 38.17 33.57
CA ASP R 124 -36.97 38.73 32.24
C ASP R 124 -38.31 39.44 32.08
N ALA R 125 -39.31 39.11 32.89
CA ALA R 125 -40.51 39.95 32.93
C ALA R 125 -40.19 41.34 33.44
N LEU R 126 -39.40 41.44 34.52
CA LEU R 126 -38.94 42.73 34.99
C LEU R 126 -38.13 43.45 33.92
N ARG R 127 -37.29 42.71 33.20
CA ARG R 127 -36.47 43.32 32.16
C ARG R 127 -37.34 43.92 31.06
N GLU R 128 -38.37 43.20 30.61
CA GLU R 128 -39.26 43.72 29.59
C GLU R 128 -40.02 44.95 30.11
N ALA R 129 -40.50 44.89 31.35
CA ALA R 129 -41.23 46.02 31.92
C ALA R 129 -40.34 47.25 31.99
N LEU R 130 -39.10 47.07 32.46
CA LEU R 130 -38.17 48.19 32.56
C LEU R 130 -37.79 48.71 31.17
N LEU R 131 -37.67 47.82 30.19
CA LEU R 131 -37.37 48.25 28.83
C LEU R 131 -38.49 49.15 28.30
N SER R 132 -39.74 48.74 28.48
CA SER R 132 -40.85 49.57 28.04
C SER R 132 -40.88 50.90 28.79
N TRP R 133 -40.67 50.85 30.11
CA TRP R 133 -40.70 52.06 30.92
C TRP R 133 -39.64 53.05 30.47
N LEU R 134 -38.43 52.57 30.19
CA LEU R 134 -37.38 53.43 29.66
C LEU R 134 -37.71 53.90 28.25
N ALA R 135 -38.40 53.06 27.48
CA ALA R 135 -38.67 53.38 26.08
C ALA R 135 -39.71 54.49 25.94
N LYS R 136 -40.60 54.65 26.92
CA LYS R 136 -41.63 55.68 26.74
C LYS R 136 -41.04 57.08 26.71
N GLY R 137 -39.81 57.28 27.19
CA GLY R 137 -39.06 58.49 26.87
C GLY R 137 -38.95 59.60 27.91
N GLU R 138 -38.62 59.26 29.16
CA GLU R 138 -38.43 60.25 30.20
C GLU R 138 -36.96 60.29 30.65
N LYS R 139 -36.67 61.21 31.57
CA LYS R 139 -35.32 61.45 32.03
C LYS R 139 -35.10 60.82 33.40
N ILE R 140 -33.91 60.25 33.59
CA ILE R 140 -33.55 59.54 34.81
C ILE R 140 -32.55 60.39 35.59
N ASN R 141 -32.68 60.41 36.91
CA ASN R 141 -31.83 61.22 37.77
C ASN R 141 -31.39 60.37 38.95
N TYR R 142 -30.25 60.73 39.54
CA TYR R 142 -29.69 60.01 40.67
C TYR R 142 -30.64 60.01 41.87
N SER R 143 -30.42 59.04 42.75
CA SER R 143 -31.13 59.03 44.02
C SER R 143 -30.73 60.22 44.87
N ALA R 144 -31.69 60.78 45.59
CA ALA R 144 -31.43 62.00 46.36
C ALA R 144 -30.38 61.76 47.44
N GLN R 145 -30.43 60.59 48.08
CA GLN R 145 -29.50 60.31 49.17
C GLN R 145 -28.06 60.26 48.70
N ASP R 146 -27.81 59.66 47.53
CA ASP R 146 -26.45 59.44 47.04
C ASP R 146 -26.24 60.09 45.68
N SER R 147 -26.79 61.28 45.49
CA SER R 147 -26.59 61.99 44.22
C SER R 147 -25.20 62.60 44.16
N ASP R 148 -24.70 63.14 45.27
CA ASP R 148 -23.45 63.89 45.25
C ASP R 148 -22.26 63.00 44.92
N ILE R 149 -22.17 61.83 45.55
CA ILE R 149 -21.04 60.93 45.30
C ILE R 149 -21.05 60.47 43.85
N LEU R 150 -22.21 60.06 43.34
CA LEU R 150 -22.28 59.57 41.98
C LEU R 150 -22.04 60.68 40.95
N THR R 151 -22.38 61.93 41.30
CA THR R 151 -22.05 63.04 40.40
C THR R 151 -20.56 63.31 40.38
N THR R 152 -19.92 63.29 41.56
CA THR R 152 -18.47 63.53 41.60
C THR R 152 -17.71 62.43 40.88
N ILE R 153 -18.10 61.17 41.09
CA ILE R 153 -17.42 60.07 40.40
C ILE R 153 -17.68 60.14 38.90
N GLY R 154 -18.92 60.40 38.51
CA GLY R 154 -19.26 60.51 37.11
C GLY R 154 -20.08 59.33 36.63
N PHE R 155 -20.82 59.57 35.54
CA PHE R 155 -21.65 58.51 34.96
C PHE R 155 -20.80 57.37 34.42
N ARG R 156 -19.70 57.68 33.75
CA ARG R 156 -18.81 56.69 33.17
C ARG R 156 -17.38 57.11 33.44
N PRO R 157 -16.44 56.16 33.45
CA PRO R 157 -15.03 56.53 33.59
C PRO R 157 -14.57 57.36 32.41
N ASP R 158 -13.55 58.19 32.66
CA ASP R 158 -13.08 59.13 31.64
C ASP R 158 -12.55 58.39 30.42
N VAL R 159 -12.63 59.06 29.27
CA VAL R 159 -12.16 58.46 28.03
C VAL R 159 -10.66 58.18 28.10
N ALA R 160 -9.92 59.06 28.78
CA ALA R 160 -8.48 58.85 28.95
C ALA R 160 -8.19 57.59 29.76
N SER R 161 -9.14 57.11 30.55
CA SER R 161 -8.96 55.85 31.26
C SER R 161 -9.29 54.64 30.39
N VAL R 162 -9.95 54.84 29.26
CA VAL R 162 -10.32 53.74 28.38
C VAL R 162 -9.28 53.50 27.31
N ASP R 163 -8.81 54.56 26.65
CA ASP R 163 -7.80 54.41 25.61
C ASP R 163 -6.46 53.95 26.16
N ASP R 164 -6.22 54.11 27.46
CA ASP R 164 -5.01 53.64 28.10
C ASP R 164 -5.14 52.21 28.63
N SER R 165 -6.28 51.55 28.42
CA SER R 165 -6.49 50.19 28.89
C SER R 165 -7.02 49.27 27.80
N ARG R 166 -7.00 49.70 26.54
CA ARG R 166 -7.49 48.85 25.46
C ARG R 166 -6.56 47.68 25.20
N GLU R 167 -5.26 47.86 25.43
CA GLU R 167 -4.28 46.80 25.22
C GLU R 167 -4.19 45.91 26.46
N LYS R 168 -3.92 44.63 26.23
CA LYS R 168 -3.80 43.65 27.29
C LYS R 168 -2.39 43.07 27.31
N PHE R 169 -1.87 42.87 28.52
CA PHE R 169 -0.53 42.33 28.71
C PHE R 169 -0.63 40.89 29.22
N THR R 170 0.18 40.01 28.63
CA THR R 170 0.20 38.62 29.06
C THR R 170 0.80 38.51 30.46
N PRO R 171 0.49 37.44 31.19
CA PRO R 171 1.04 37.31 32.55
C PRO R 171 2.56 37.35 32.62
N ALA R 172 3.25 36.76 31.64
CA ALA R 172 4.70 36.86 31.60
C ALA R 172 5.14 38.30 31.41
N GLN R 173 4.48 39.03 30.51
CA GLN R 173 4.78 40.44 30.32
C GLN R 173 4.47 41.23 31.59
N ASN R 174 3.39 40.88 32.28
CA ASN R 174 3.07 41.55 33.54
C ASN R 174 4.17 41.36 34.56
N MET R 175 4.67 40.13 34.69
CA MET R 175 5.77 39.87 35.63
C MET R 175 7.03 40.64 35.23
N ILE R 176 7.37 40.63 33.94
CA ILE R 176 8.58 41.31 33.49
C ILE R 176 8.48 42.80 33.77
N PHE R 177 7.34 43.40 33.45
CA PHE R 177 7.16 44.82 33.70
C PHE R 177 7.13 45.13 35.19
N SER R 178 6.60 44.23 36.02
CA SER R 178 6.64 44.44 37.46
C SER R 178 8.07 44.48 37.97
N ARG R 179 8.90 43.52 37.53
CA ARG R 179 10.30 43.52 37.94
C ARG R 179 11.02 44.78 37.47
N LYS R 180 10.81 45.16 36.20
CA LYS R 180 11.47 46.37 35.69
C LYS R 180 11.02 47.61 36.43
N SER R 181 9.72 47.71 36.74
CA SER R 181 9.21 48.86 37.48
C SER R 181 9.79 48.92 38.88
N ALA R 182 9.89 47.77 39.56
CA ALA R 182 10.49 47.75 40.89
C ALA R 182 11.95 48.19 40.84
N GLN R 183 12.71 47.66 39.86
CA GLN R 183 14.11 48.04 39.74
C GLN R 183 14.26 49.52 39.43
N LEU R 184 13.42 50.04 38.53
CA LEU R 184 13.50 51.45 38.17
C LEU R 184 13.13 52.35 39.34
N ALA R 185 12.11 51.96 40.13
CA ALA R 185 11.75 52.73 41.30
C ALA R 185 12.89 52.73 42.32
N SER R 186 13.52 51.58 42.52
CA SER R 186 14.65 51.52 43.44
C SER R 186 15.80 52.40 42.97
N ARG R 187 16.09 52.38 41.66
CA ARG R 187 17.18 53.19 41.13
C ARG R 187 16.87 54.68 41.21
N GLN R 188 15.63 55.07 40.90
CA GLN R 188 15.27 56.48 40.90
C GLN R 188 15.16 57.03 42.31
N SER R 189 14.76 56.20 43.28
CA SER R 189 14.72 56.64 44.66
C SER R 189 16.09 57.04 45.19
N VAL R 190 17.16 56.50 44.60
CA VAL R 190 18.51 56.87 44.99
C VAL R 190 18.89 58.21 44.35
N THR S 4 -58.68 44.39 28.09
CA THR S 4 -59.50 43.39 28.78
C THR S 4 -59.22 41.98 28.26
N ALA S 5 -58.05 41.82 27.62
CA ALA S 5 -57.68 40.52 27.06
C ALA S 5 -57.53 39.45 28.13
N LEU S 6 -57.41 39.85 29.40
CA LEU S 6 -57.31 38.88 30.49
C LEU S 6 -58.59 38.03 30.58
N GLN S 7 -59.74 38.65 30.33
CA GLN S 7 -60.99 37.89 30.36
C GLN S 7 -61.02 36.83 29.26
N GLN S 8 -60.58 37.19 28.06
CA GLN S 8 -60.53 36.22 26.97
C GLN S 8 -59.53 35.11 27.27
N ALA S 9 -58.37 35.45 27.82
CA ALA S 9 -57.42 34.42 28.22
C ALA S 9 -58.03 33.49 29.26
N PHE S 10 -58.75 34.06 30.23
CA PHE S 10 -59.33 33.25 31.30
C PHE S 10 -60.40 32.31 30.79
N ASP S 11 -61.33 32.80 29.95
CA ASP S 11 -62.40 31.92 29.50
C ASP S 11 -61.88 30.92 28.46
N THR S 12 -60.85 31.29 27.69
CA THR S 12 -60.19 30.30 26.84
C THR S 12 -59.55 29.20 27.67
N CYS S 13 -58.90 29.55 28.78
CA CYS S 13 -58.33 28.54 29.67
C CYS S 13 -59.41 27.66 30.27
N GLN S 14 -60.53 28.25 30.67
CA GLN S 14 -61.63 27.46 31.22
C GLN S 14 -62.19 26.49 30.19
N ASN S 15 -62.37 26.95 28.95
CA ASN S 15 -62.86 26.07 27.89
C ASN S 15 -61.87 24.95 27.61
N ASN S 16 -60.57 25.27 27.60
CA ASN S 16 -59.56 24.24 27.37
C ASN S 16 -59.58 23.21 28.49
N LYS S 17 -59.73 23.65 29.74
CA LYS S 17 -59.81 22.72 30.85
C LYS S 17 -61.04 21.82 30.74
N ALA S 18 -62.18 22.41 30.36
CA ALA S 18 -63.38 21.60 30.19
C ALA S 18 -63.22 20.57 29.09
N ALA S 19 -62.62 20.97 27.96
CA ALA S 19 -62.40 20.02 26.87
C ALA S 19 -61.43 18.93 27.28
N TRP S 20 -60.38 19.28 28.03
CA TRP S 20 -59.43 18.28 28.51
C TRP S 20 -60.10 17.28 29.44
N LEU S 21 -60.94 17.77 30.34
CA LEU S 21 -61.66 16.86 31.25
C LEU S 21 -62.61 15.96 30.48
N GLN S 22 -63.30 16.50 29.46
CA GLN S 22 -64.19 15.68 28.64
C GLN S 22 -63.41 14.60 27.91
N ARG S 23 -62.26 14.95 27.33
CA ARG S 23 -61.42 13.95 26.69
C ARG S 23 -60.99 12.88 27.69
N LYS S 24 -60.59 13.30 28.89
CA LYS S 24 -60.13 12.36 29.90
C LYS S 24 -61.21 11.37 30.28
N ASN S 25 -62.42 11.85 30.56
CA ASN S 25 -63.43 10.91 31.05
C ASN S 25 -64.01 10.06 29.92
N GLU S 26 -64.07 10.57 28.69
CA GLU S 26 -64.48 9.69 27.60
C GLU S 26 -63.43 8.62 27.33
N LEU S 27 -62.15 8.97 27.45
CA LEU S 27 -61.09 7.97 27.32
C LEU S 27 -61.19 6.92 28.42
N ALA S 28 -61.50 7.36 29.65
CA ALA S 28 -61.65 6.41 30.74
C ALA S 28 -62.83 5.48 30.50
N ALA S 29 -63.94 6.01 29.99
CA ALA S 29 -65.09 5.16 29.68
C ALA S 29 -64.75 4.14 28.60
N ALA S 30 -64.05 4.58 27.56
CA ALA S 30 -63.65 3.66 26.50
C ALA S 30 -62.71 2.58 27.05
N GLU S 31 -61.78 2.97 27.92
CA GLU S 31 -60.85 1.99 28.47
C GLU S 31 -61.56 0.97 29.36
N GLN S 32 -62.51 1.42 30.17
CA GLN S 32 -63.22 0.46 31.02
C GLN S 32 -64.12 -0.44 30.20
N GLU S 33 -64.70 0.08 29.11
CA GLU S 33 -65.48 -0.80 28.22
C GLU S 33 -64.59 -1.82 27.53
N TYR S 34 -63.37 -1.41 27.15
CA TYR S 34 -62.41 -2.35 26.58
C TYR S 34 -62.03 -3.43 27.58
N LEU S 35 -61.81 -3.04 28.84
CA LEU S 35 -61.53 -4.03 29.87
C LEU S 35 -62.70 -4.98 30.07
N ARG S 36 -63.92 -4.45 30.03
CA ARG S 36 -65.11 -5.30 30.15
C ARG S 36 -65.18 -6.31 29.02
N LEU S 37 -64.90 -5.88 27.79
CA LEU S 37 -64.91 -6.82 26.67
C LEU S 37 -63.77 -7.83 26.77
N LEU S 38 -62.62 -7.43 27.29
CA LEU S 38 -61.54 -8.39 27.52
C LEU S 38 -61.94 -9.45 28.53
N SER S 39 -62.60 -9.03 29.62
CA SER S 39 -63.01 -9.98 30.65
C SER S 39 -64.18 -10.84 30.21
N GLY S 40 -64.88 -10.47 29.13
CA GLY S 40 -66.01 -11.24 28.69
C GLY S 40 -65.61 -12.55 28.03
N GLU S 41 -66.60 -13.42 27.87
CA GLU S 41 -66.39 -14.72 27.25
C GLU S 41 -66.33 -14.66 25.73
N GLY S 42 -66.64 -13.51 25.14
CA GLY S 42 -66.64 -13.39 23.70
C GLY S 42 -65.25 -13.45 23.10
N ARG S 43 -65.22 -13.62 21.78
CA ARG S 43 -63.99 -13.76 21.03
C ARG S 43 -64.03 -12.86 19.79
N ASN S 44 -64.43 -11.59 20.01
CA ASN S 44 -64.55 -10.60 18.94
C ASN S 44 -63.22 -9.85 18.76
N VAL S 45 -62.32 -10.48 18.00
CA VAL S 45 -60.98 -9.92 17.80
C VAL S 45 -61.05 -8.59 17.07
N SER S 46 -61.92 -8.48 16.07
CA SER S 46 -62.04 -7.23 15.33
C SER S 46 -62.49 -6.10 16.24
N ARG S 47 -63.47 -6.36 17.11
CA ARG S 47 -63.92 -5.35 18.05
C ARG S 47 -62.79 -4.95 19.00
N LEU S 48 -61.99 -5.93 19.43
CA LEU S 48 -60.86 -5.63 20.31
C LEU S 48 -59.85 -4.72 19.62
N ASP S 49 -59.53 -5.00 18.35
CA ASP S 49 -58.59 -4.15 17.63
C ASP S 49 -59.15 -2.75 17.43
N GLU S 50 -60.45 -2.65 17.10
CA GLU S 50 -61.07 -1.34 16.98
C GLU S 50 -61.01 -0.57 18.29
N LEU S 51 -61.25 -1.27 19.41
CA LEU S 51 -61.17 -0.64 20.71
C LEU S 51 -59.76 -0.16 21.01
N ARG S 52 -58.74 -0.95 20.66
CA ARG S 52 -57.37 -0.52 20.88
C ARG S 52 -57.05 0.73 20.08
N ASN S 53 -57.48 0.78 18.82
CA ASN S 53 -57.26 1.97 18.00
C ASN S 53 -57.97 3.18 18.61
N ILE S 54 -59.21 2.98 19.07
CA ILE S 54 -59.94 4.08 19.70
C ILE S 54 -59.22 4.55 20.95
N ILE S 55 -58.72 3.62 21.76
CA ILE S 55 -58.01 3.99 22.98
C ILE S 55 -56.78 4.83 22.65
N GLU S 56 -56.01 4.42 21.64
CA GLU S 56 -54.81 5.16 21.31
C GLU S 56 -55.13 6.56 20.77
N VAL S 57 -56.15 6.66 19.91
CA VAL S 57 -56.48 7.98 19.37
C VAL S 57 -57.04 8.89 20.46
N ARG S 58 -57.81 8.32 21.40
CA ARG S 58 -58.32 9.14 22.50
C ARG S 58 -57.19 9.56 23.44
N LYS S 59 -56.19 8.71 23.63
CA LYS S 59 -55.03 9.09 24.43
C LYS S 59 -54.27 10.23 23.77
N TRP S 60 -54.11 10.17 22.45
CA TRP S 60 -53.46 11.27 21.74
C TRP S 60 -54.26 12.56 21.88
N GLN S 61 -55.59 12.46 21.77
CA GLN S 61 -56.44 13.64 21.94
C GLN S 61 -56.32 14.21 23.34
N VAL S 62 -56.26 13.34 24.35
CA VAL S 62 -56.09 13.80 25.73
C VAL S 62 -54.77 14.51 25.89
N ASN S 63 -53.70 13.96 25.32
CA ASN S 63 -52.39 14.62 25.41
C ASN S 63 -52.43 16.00 24.74
N GLN S 64 -53.05 16.09 23.56
CA GLN S 64 -53.13 17.37 22.87
C GLN S 64 -53.93 18.38 23.69
N ALA S 65 -55.06 17.95 24.27
CA ALA S 65 -55.88 18.85 25.07
C ALA S 65 -55.14 19.32 26.31
N ALA S 66 -54.41 18.41 26.96
CA ALA S 66 -53.63 18.81 28.13
C ALA S 66 -52.56 19.81 27.77
N GLY S 67 -51.86 19.59 26.65
CA GLY S 67 -50.86 20.55 26.21
C GLY S 67 -51.46 21.91 25.92
N ARG S 68 -52.60 21.94 25.22
CA ARG S 68 -53.25 23.20 24.92
C ARG S 68 -53.70 23.92 26.19
N TYR S 69 -54.24 23.18 27.15
CA TYR S 69 -54.66 23.77 28.41
C TYR S 69 -53.48 24.35 29.18
N ILE S 70 -52.37 23.63 29.21
CA ILE S 70 -51.17 24.14 29.89
C ILE S 70 -50.67 25.41 29.21
N ARG S 71 -50.65 25.40 27.87
CA ARG S 71 -50.21 26.59 27.14
C ARG S 71 -51.10 27.79 27.43
N SER S 72 -52.42 27.57 27.47
CA SER S 72 -53.34 28.67 27.74
C SER S 72 -53.18 29.18 29.17
N HIS S 73 -52.95 28.28 30.13
CA HIS S 73 -52.72 28.70 31.50
C HIS S 73 -51.45 29.54 31.62
N GLU S 74 -50.38 29.11 30.94
CA GLU S 74 -49.16 29.90 30.93
C GLU S 74 -49.40 31.26 30.27
N ALA S 75 -50.19 31.28 29.20
CA ALA S 75 -50.45 32.54 28.51
C ALA S 75 -51.23 33.52 29.39
N VAL S 76 -52.24 33.03 30.11
CA VAL S 76 -53.03 33.93 30.95
C VAL S 76 -52.18 34.42 32.12
N GLN S 77 -51.34 33.56 32.68
CA GLN S 77 -50.43 34.01 33.73
C GLN S 77 -49.47 35.09 33.20
N HIS S 78 -48.96 34.89 31.97
CA HIS S 78 -48.06 35.86 31.37
C HIS S 78 -48.75 37.19 31.14
N ILE S 79 -50.01 37.17 30.68
CA ILE S 79 -50.74 38.41 30.46
C ILE S 79 -50.97 39.14 31.78
N SER S 80 -51.36 38.41 32.83
CA SER S 80 -51.56 39.05 34.12
C SER S 80 -50.27 39.66 34.64
N ILE S 81 -49.15 38.93 34.49
CA ILE S 81 -47.86 39.45 34.91
C ILE S 81 -47.50 40.70 34.13
N ARG S 82 -47.73 40.69 32.81
CA ARG S 82 -47.41 41.86 32.00
C ARG S 82 -48.20 43.08 32.45
N ASP S 83 -49.50 42.90 32.71
CA ASP S 83 -50.31 44.03 33.16
C ASP S 83 -49.86 44.54 34.53
N ARG S 84 -49.56 43.62 35.46
CA ARG S 84 -49.13 44.02 36.79
C ARG S 84 -47.79 44.75 36.74
N LEU S 85 -46.85 44.27 35.93
CA LEU S 85 -45.59 44.98 35.77
C LEU S 85 -45.81 46.34 35.12
N ASN S 86 -46.72 46.42 34.14
CA ASN S 86 -46.97 47.69 33.47
C ASN S 86 -47.46 48.74 34.46
N ASP S 87 -48.49 48.42 35.25
CA ASP S 87 -49.01 49.45 36.14
C ASP S 87 -48.09 49.66 37.35
N PHE S 88 -47.32 48.65 37.76
CA PHE S 88 -46.35 48.88 38.83
C PHE S 88 -45.24 49.81 38.37
N MET S 89 -44.81 49.68 37.10
CA MET S 89 -43.90 50.67 36.53
C MET S 89 -44.55 52.04 36.51
N GLN S 90 -45.78 52.14 35.98
CA GLN S 90 -46.45 53.43 35.94
C GLN S 90 -46.61 54.04 37.33
N GLN S 91 -46.55 53.22 38.38
CA GLN S 91 -46.63 53.72 39.75
C GLN S 91 -45.28 54.19 40.29
N HIS S 92 -44.27 53.31 40.30
CA HIS S 92 -43.01 53.58 40.99
C HIS S 92 -41.79 53.56 40.06
N GLY S 93 -41.97 53.91 38.80
CA GLY S 93 -40.84 53.87 37.88
C GLY S 93 -39.79 54.91 38.15
N THR S 94 -40.20 56.12 38.55
CA THR S 94 -39.23 57.16 38.86
C THR S 94 -38.32 56.74 40.00
N ALA S 95 -38.89 56.17 41.06
CA ALA S 95 -38.08 55.70 42.18
C ALA S 95 -37.22 54.51 41.78
N LEU S 96 -37.76 53.59 40.97
CA LEU S 96 -36.97 52.46 40.51
C LEU S 96 -35.75 52.92 39.70
N ALA S 97 -35.96 53.89 38.80
CA ALA S 97 -34.86 54.40 37.99
C ALA S 97 -33.87 55.19 38.84
N ALA S 98 -34.37 55.92 39.84
CA ALA S 98 -33.47 56.62 40.76
C ALA S 98 -32.60 55.64 41.52
N ALA S 99 -33.14 54.47 41.85
CA ALA S 99 -32.32 53.42 42.45
C ALA S 99 -31.37 52.78 41.46
N LEU S 100 -31.61 52.94 40.15
CA LEU S 100 -30.77 52.33 39.11
C LEU S 100 -30.18 53.38 38.19
N ALA S 101 -30.08 54.63 38.64
CA ALA S 101 -29.59 55.71 37.79
C ALA S 101 -28.16 55.52 37.27
N PRO S 102 -27.19 55.03 38.05
CA PRO S 102 -25.79 55.00 37.55
C PRO S 102 -25.60 54.33 36.20
N GLU S 103 -26.40 53.33 35.85
CA GLU S 103 -26.23 52.65 34.56
C GLU S 103 -27.51 52.67 33.72
N LEU S 104 -28.41 53.63 33.95
CA LEU S 104 -29.57 53.81 33.09
C LEU S 104 -29.75 55.22 32.55
N MET S 105 -29.09 56.22 33.12
CA MET S 105 -29.15 57.55 32.53
C MET S 105 -28.48 57.56 31.17
N GLY S 106 -29.05 58.35 30.25
CA GLY S 106 -28.52 58.40 28.90
C GLY S 106 -28.77 57.13 28.11
N TYR S 107 -29.75 56.33 28.54
CA TYR S 107 -30.04 55.08 27.85
C TYR S 107 -30.53 55.30 26.43
N SER S 108 -31.28 56.38 26.19
CA SER S 108 -31.91 56.59 24.89
C SER S 108 -30.87 56.73 23.79
N GLU S 109 -29.80 57.50 24.04
CA GLU S 109 -28.81 57.78 23.00
C GLU S 109 -27.65 56.79 22.99
N LEU S 110 -27.61 55.84 23.92
CA LEU S 110 -26.55 54.85 23.91
C LEU S 110 -26.70 53.90 22.72
N THR S 111 -25.58 53.34 22.29
CA THR S 111 -25.59 52.42 21.16
C THR S 111 -26.23 51.10 21.56
N ALA S 112 -26.38 50.21 20.58
CA ALA S 112 -27.11 48.96 20.80
C ALA S 112 -26.42 48.08 21.83
N ILE S 113 -25.11 47.87 21.67
CA ILE S 113 -24.37 47.00 22.59
C ILE S 113 -24.35 47.60 24.00
N ALA S 114 -24.12 48.90 24.10
CA ALA S 114 -24.13 49.55 25.42
C ALA S 114 -25.50 49.49 26.04
N ARG S 115 -26.55 49.70 25.25
CA ARG S 115 -27.91 49.61 25.78
C ARG S 115 -28.20 48.21 26.31
N ASN S 116 -27.81 47.19 25.54
CA ASN S 116 -28.07 45.82 25.97
C ASN S 116 -27.27 45.47 27.22
N CYS S 117 -26.01 45.91 27.30
CA CYS S 117 -25.22 45.59 28.49
C CYS S 117 -25.76 46.31 29.72
N ALA S 118 -26.19 47.57 29.58
CA ALA S 118 -26.80 48.27 30.71
C ALA S 118 -28.09 47.59 31.14
N ILE S 119 -28.90 47.15 30.18
CA ILE S 119 -30.12 46.43 30.51
C ILE S 119 -29.80 45.15 31.27
N GLN S 120 -28.77 44.42 30.81
CA GLN S 120 -28.40 43.17 31.48
C GLN S 120 -27.93 43.42 32.91
N ARG S 121 -27.14 44.49 33.12
CA ARG S 121 -26.67 44.79 34.47
C ARG S 121 -27.83 45.18 35.38
N ALA S 122 -28.74 46.04 34.89
CA ALA S 122 -29.92 46.37 35.68
C ALA S 122 -30.75 45.12 35.96
N THR S 123 -30.82 44.22 34.98
CA THR S 123 -31.65 43.03 35.07
C THR S 123 -31.13 42.09 36.17
N ASP S 124 -29.83 41.79 36.16
CA ASP S 124 -29.34 40.88 37.19
C ASP S 124 -29.20 41.56 38.54
N ALA S 125 -29.09 42.90 38.59
CA ALA S 125 -29.21 43.58 39.87
C ALA S 125 -30.62 43.42 40.45
N LEU S 126 -31.64 43.60 39.61
CA LEU S 126 -33.01 43.37 40.05
C LEU S 126 -33.22 41.93 40.47
N ARG S 127 -32.61 40.99 39.75
CA ARG S 127 -32.70 39.58 40.13
C ARG S 127 -32.08 39.33 41.49
N GLU S 128 -30.92 39.93 41.76
CA GLU S 128 -30.29 39.78 43.07
C GLU S 128 -31.20 40.34 44.17
N ALA S 129 -31.84 41.48 43.90
CA ALA S 129 -32.79 42.04 44.87
C ALA S 129 -33.94 41.08 45.12
N LEU S 130 -34.46 40.47 44.04
CA LEU S 130 -35.55 39.50 44.20
C LEU S 130 -35.12 38.31 45.05
N LEU S 131 -33.92 37.78 44.79
CA LEU S 131 -33.42 36.68 45.60
C LEU S 131 -33.26 37.07 47.07
N SER S 132 -32.80 38.30 47.32
CA SER S 132 -32.67 38.77 48.71
C SER S 132 -34.04 38.82 49.39
N TRP S 133 -35.04 39.39 48.70
CA TRP S 133 -36.36 39.49 49.31
C TRP S 133 -36.99 38.11 49.51
N LEU S 134 -36.72 37.18 48.59
CA LEU S 134 -37.18 35.81 48.81
C LEU S 134 -36.50 35.17 50.01
N ALA S 135 -35.19 35.41 50.16
CA ALA S 135 -34.48 34.92 51.33
C ALA S 135 -34.96 35.54 52.62
N LYS S 136 -35.59 36.72 52.55
CA LYS S 136 -36.21 37.30 53.74
C LYS S 136 -37.29 36.38 54.30
N GLY S 137 -38.13 35.82 53.43
CA GLY S 137 -39.03 34.75 53.81
C GLY S 137 -40.46 35.13 54.15
N GLU S 138 -40.88 36.35 53.86
CA GLU S 138 -42.25 36.78 54.17
C GLU S 138 -43.22 36.25 53.13
N LYS S 139 -44.40 35.84 53.61
CA LYS S 139 -45.42 35.28 52.73
C LYS S 139 -46.05 36.38 51.88
N ILE S 140 -46.38 36.05 50.64
CA ILE S 140 -46.98 37.00 49.70
C ILE S 140 -48.24 36.37 49.10
N ASN S 141 -49.16 37.23 48.66
CA ASN S 141 -50.44 36.85 48.09
C ASN S 141 -50.60 37.42 46.68
N TYR S 142 -51.72 37.07 46.04
CA TYR S 142 -51.98 37.48 44.67
C TYR S 142 -52.25 38.97 44.58
N SER S 143 -52.22 39.49 43.36
CA SER S 143 -52.56 40.88 43.12
C SER S 143 -54.02 41.12 43.48
N ALA S 144 -54.29 42.26 44.13
CA ALA S 144 -55.63 42.54 44.60
C ALA S 144 -56.61 42.72 43.43
N GLN S 145 -56.17 43.38 42.36
CA GLN S 145 -57.08 43.69 41.26
C GLN S 145 -57.40 42.46 40.42
N ASP S 146 -56.49 41.48 40.37
CA ASP S 146 -56.69 40.24 39.62
C ASP S 146 -56.56 39.03 40.52
N SER S 147 -57.22 39.07 41.68
CA SER S 147 -57.08 37.97 42.63
C SER S 147 -57.89 36.75 42.20
N ASP S 148 -59.20 36.92 41.99
CA ASP S 148 -60.07 35.79 41.77
C ASP S 148 -59.74 35.03 40.49
N ILE S 149 -59.34 35.75 39.43
CA ILE S 149 -58.99 35.10 38.17
C ILE S 149 -57.81 34.15 38.38
N LEU S 150 -56.79 34.61 39.11
CA LEU S 150 -55.63 33.75 39.35
C LEU S 150 -55.91 32.67 40.39
N THR S 151 -56.87 32.88 41.29
CA THR S 151 -57.24 31.80 42.21
C THR S 151 -57.97 30.68 41.48
N THR S 152 -58.89 31.03 40.57
CA THR S 152 -59.65 30.01 39.86
C THR S 152 -58.75 29.15 38.98
N ILE S 153 -57.82 29.78 38.24
CA ILE S 153 -56.93 29.02 37.38
C ILE S 153 -55.88 28.26 38.18
N GLY S 154 -55.61 28.68 39.40
CA GLY S 154 -54.65 27.99 40.26
C GLY S 154 -53.23 28.51 40.07
N PHE S 155 -52.41 28.26 41.09
CA PHE S 155 -51.01 28.65 41.03
C PHE S 155 -50.27 27.91 39.93
N ARG S 156 -50.52 26.61 39.80
CA ARG S 156 -49.92 25.77 38.78
C ARG S 156 -50.98 24.90 38.13
N PRO S 157 -50.77 24.48 36.89
CA PRO S 157 -51.72 23.55 36.26
C PRO S 157 -51.75 22.22 36.99
N ASP S 158 -52.89 21.53 36.86
CA ASP S 158 -53.09 20.28 37.57
C ASP S 158 -52.01 19.26 37.17
N VAL S 159 -51.61 18.44 38.14
CA VAL S 159 -50.55 17.46 37.89
C VAL S 159 -50.98 16.46 36.83
N ALA S 160 -52.30 16.22 36.70
CA ALA S 160 -52.80 15.34 35.65
C ALA S 160 -52.45 15.89 34.28
N SER S 161 -52.65 17.20 34.08
CA SER S 161 -52.21 17.84 32.85
C SER S 161 -50.71 17.74 32.65
N VAL S 162 -49.96 17.47 33.73
CA VAL S 162 -48.51 17.35 33.61
C VAL S 162 -48.14 15.96 33.11
N ASP S 163 -48.63 14.90 33.74
CA ASP S 163 -48.18 13.58 33.28
C ASP S 163 -48.86 13.19 31.98
N ASP S 164 -50.08 13.67 31.73
CA ASP S 164 -50.73 13.36 30.46
C ASP S 164 -49.98 13.98 29.29
N SER S 165 -49.47 15.19 29.46
CA SER S 165 -48.73 15.89 28.42
C SER S 165 -47.24 15.62 28.46
N ARG S 166 -46.78 14.73 29.35
CA ARG S 166 -45.34 14.45 29.45
C ARG S 166 -44.81 13.83 28.16
N GLU S 167 -45.54 12.89 27.58
CA GLU S 167 -45.08 12.18 26.40
C GLU S 167 -45.27 13.04 25.17
N LYS S 168 -44.26 13.05 24.29
CA LYS S 168 -44.25 13.89 23.10
C LYS S 168 -44.25 13.03 21.85
N PHE S 169 -45.04 13.45 20.86
CA PHE S 169 -45.20 12.72 19.61
C PHE S 169 -44.42 13.38 18.49
N THR S 170 -43.81 12.56 17.64
CA THR S 170 -43.12 13.06 16.46
C THR S 170 -44.14 13.56 15.44
N PRO S 171 -43.73 14.47 14.55
CA PRO S 171 -44.70 15.05 13.59
C PRO S 171 -45.43 14.01 12.75
N ALA S 172 -44.76 12.94 12.34
CA ALA S 172 -45.45 11.90 11.60
C ALA S 172 -46.54 11.25 12.43
N GLN S 173 -46.25 10.99 13.71
CA GLN S 173 -47.27 10.45 14.59
C GLN S 173 -48.43 11.41 14.76
N ASN S 174 -48.15 12.72 14.86
CA ASN S 174 -49.22 13.70 14.93
C ASN S 174 -50.09 13.66 13.68
N MET S 175 -49.47 13.54 12.51
CA MET S 175 -50.24 13.45 11.27
C MET S 175 -51.14 12.21 11.27
N ILE S 176 -50.57 11.06 11.62
CA ILE S 176 -51.34 9.82 11.59
C ILE S 176 -52.49 9.88 12.59
N PHE S 177 -52.22 10.38 13.80
CA PHE S 177 -53.27 10.47 14.80
C PHE S 177 -54.34 11.47 14.41
N SER S 178 -53.96 12.58 13.75
CA SER S 178 -54.97 13.52 13.28
C SER S 178 -55.87 12.89 12.22
N ARG S 179 -55.28 12.16 11.28
CA ARG S 179 -56.11 11.48 10.28
C ARG S 179 -57.02 10.44 10.93
N LYS S 180 -56.49 9.68 11.90
CA LYS S 180 -57.31 8.67 12.56
C LYS S 180 -58.44 9.31 13.35
N SER S 181 -58.16 10.42 14.04
CA SER S 181 -59.21 11.12 14.78
C SER S 181 -60.28 11.67 13.85
N ALA S 182 -59.87 12.23 12.71
CA ALA S 182 -60.85 12.72 11.75
C ALA S 182 -61.73 11.58 11.22
N GLN S 183 -61.11 10.44 10.90
CA GLN S 183 -61.89 9.30 10.43
C GLN S 183 -62.85 8.80 11.50
N LEU S 184 -62.38 8.74 12.76
CA LEU S 184 -63.24 8.28 13.84
C LEU S 184 -64.40 9.23 14.06
N ALA S 185 -64.14 10.54 14.00
CA ALA S 185 -65.22 11.52 14.15
C ALA S 185 -66.24 11.39 13.03
N SER S 186 -65.76 11.20 11.80
CA SER S 186 -66.67 11.02 10.67
C SER S 186 -67.52 9.76 10.84
N ARG S 187 -66.90 8.66 11.29
CA ARG S 187 -67.64 7.42 11.50
C ARG S 187 -68.66 7.56 12.61
N GLN S 188 -68.29 8.22 13.72
CA GLN S 188 -69.21 8.34 14.85
C GLN S 188 -70.34 9.31 14.55
N SER S 189 -70.09 10.34 13.74
CA SER S 189 -71.13 11.31 13.41
C SER S 189 -72.27 10.64 12.65
N VAL S 190 -71.94 9.78 11.70
CA VAL S 190 -72.95 9.08 10.91
C VAL S 190 -73.42 7.83 11.67
N THR T 4 -25.28 -23.93 71.20
CA THR T 4 -24.62 -22.73 71.68
C THR T 4 -24.08 -21.90 70.52
N ALA T 5 -24.20 -22.45 69.31
CA ALA T 5 -23.74 -21.72 68.12
C ALA T 5 -24.57 -20.46 67.89
N LEU T 6 -25.87 -20.52 68.19
CA LEU T 6 -26.73 -19.35 68.03
C LEU T 6 -26.27 -18.20 68.92
N GLN T 7 -25.93 -18.51 70.18
CA GLN T 7 -25.45 -17.47 71.08
C GLN T 7 -24.13 -16.88 70.60
N GLN T 8 -23.24 -17.72 70.08
CA GLN T 8 -21.97 -17.23 69.56
C GLN T 8 -22.20 -16.30 68.36
N ALA T 9 -23.10 -16.70 67.45
CA ALA T 9 -23.41 -15.82 66.32
C ALA T 9 -24.03 -14.53 66.79
N PHE T 10 -24.91 -14.59 67.79
CA PHE T 10 -25.57 -13.39 68.30
C PHE T 10 -24.56 -12.42 68.91
N ASP T 11 -23.64 -12.92 69.75
CA ASP T 11 -22.69 -12.01 70.39
C ASP T 11 -21.66 -11.51 69.39
N THR T 12 -21.31 -12.33 68.39
CA THR T 12 -20.46 -11.83 67.30
C THR T 12 -21.15 -10.69 66.55
N CYS T 13 -22.44 -10.84 66.27
CA CYS T 13 -23.18 -9.77 65.61
C CYS T 13 -23.22 -8.52 66.47
N GLN T 14 -23.41 -8.68 67.78
CA GLN T 14 -23.43 -7.53 68.67
C GLN T 14 -22.07 -6.82 68.69
N ASN T 15 -20.99 -7.58 68.74
CA ASN T 15 -19.66 -6.99 68.69
C ASN T 15 -19.41 -6.27 67.38
N ASN T 16 -19.86 -6.86 66.27
CA ASN T 16 -19.71 -6.22 64.97
C ASN T 16 -20.49 -4.91 64.91
N LYS T 17 -21.71 -4.89 65.46
CA LYS T 17 -22.49 -3.67 65.50
C LYS T 17 -21.80 -2.60 66.34
N ALA T 18 -21.24 -3.01 67.49
CA ALA T 18 -20.53 -2.05 68.33
C ALA T 18 -19.31 -1.48 67.61
N ALA T 19 -18.55 -2.34 66.92
CA ALA T 19 -17.39 -1.86 66.17
C ALA T 19 -17.80 -0.91 65.05
N TRP T 20 -18.90 -1.23 64.35
CA TRP T 20 -19.39 -0.35 63.29
C TRP T 20 -19.80 1.01 63.84
N LEU T 21 -20.48 1.01 65.00
CA LEU T 21 -20.85 2.28 65.62
C LEU T 21 -19.62 3.08 66.03
N GLN T 22 -18.60 2.40 66.57
CA GLN T 22 -17.38 3.08 66.95
C GLN T 22 -16.69 3.70 65.74
N ARG T 23 -16.63 2.95 64.63
CA ARG T 23 -16.04 3.50 63.41
C ARG T 23 -16.85 4.70 62.91
N LYS T 24 -18.18 4.62 62.99
CA LYS T 24 -19.01 5.73 62.55
C LYS T 24 -18.77 6.98 63.39
N ASN T 25 -18.67 6.83 64.71
CA ASN T 25 -18.45 8.01 65.54
C ASN T 25 -17.05 8.58 65.33
N GLU T 26 -16.06 7.71 65.12
CA GLU T 26 -14.72 8.21 64.80
C GLU T 26 -14.71 9.00 63.50
N LEU T 27 -15.39 8.48 62.47
CA LEU T 27 -15.47 9.19 61.20
C LEU T 27 -16.19 10.53 61.36
N ALA T 28 -17.27 10.54 62.15
CA ALA T 28 -18.00 11.78 62.37
C ALA T 28 -17.12 12.81 63.09
N ALA T 29 -16.37 12.37 64.10
CA ALA T 29 -15.47 13.29 64.80
C ALA T 29 -14.41 13.83 63.88
N ALA T 30 -13.82 12.97 63.03
CA ALA T 30 -12.82 13.43 62.08
C ALA T 30 -13.39 14.44 61.10
N GLU T 31 -14.60 14.18 60.58
CA GLU T 31 -15.24 15.11 59.67
C GLU T 31 -15.53 16.45 60.34
N GLN T 32 -16.01 16.41 61.58
CA GLN T 32 -16.30 17.65 62.30
C GLN T 32 -15.04 18.46 62.53
N GLU T 33 -13.95 17.79 62.93
CA GLU T 33 -12.70 18.50 63.19
C GLU T 33 -12.12 19.06 61.88
N TYR T 34 -12.24 18.32 60.79
CA TYR T 34 -11.80 18.83 59.50
C TYR T 34 -12.58 20.06 59.08
N LEU T 35 -13.91 20.02 59.27
CA LEU T 35 -14.72 21.19 58.94
C LEU T 35 -14.36 22.38 59.83
N ARG T 36 -14.08 22.12 61.10
CA ARG T 36 -13.72 23.20 62.02
C ARG T 36 -12.41 23.86 61.60
N LEU T 37 -11.42 23.05 61.19
CA LEU T 37 -10.17 23.63 60.69
C LEU T 37 -10.38 24.35 59.37
N LEU T 38 -11.19 23.80 58.48
CA LEU T 38 -11.40 24.43 57.17
C LEU T 38 -12.08 25.79 57.33
N SER T 39 -13.04 25.89 58.25
CA SER T 39 -13.71 27.17 58.49
C SER T 39 -12.77 28.21 59.08
N GLY T 40 -11.67 27.79 59.68
CA GLY T 40 -10.74 28.74 60.26
C GLY T 40 -9.95 29.49 59.22
N GLU T 41 -9.34 30.61 59.64
CA GLU T 41 -8.56 31.44 58.75
C GLU T 41 -7.19 30.86 58.44
N GLY T 42 -6.68 29.96 59.28
CA GLY T 42 -5.37 29.38 59.04
C GLY T 42 -5.35 28.51 57.81
N ARG T 43 -4.19 28.46 57.15
CA ARG T 43 -4.06 27.66 55.94
C ARG T 43 -3.97 26.19 56.25
N ASN T 44 -2.89 25.78 56.94
CA ASN T 44 -2.69 24.39 57.38
C ASN T 44 -2.91 23.40 56.24
N VAL T 45 -2.22 23.65 55.12
CA VAL T 45 -2.44 22.86 53.92
C VAL T 45 -2.07 21.39 54.16
N SER T 46 -0.92 21.16 54.80
CA SER T 46 -0.52 19.80 55.12
C SER T 46 -1.51 19.16 56.10
N ARG T 47 -1.96 19.94 57.09
CA ARG T 47 -2.95 19.45 58.04
C ARG T 47 -4.24 19.08 57.32
N LEU T 48 -4.69 19.92 56.38
CA LEU T 48 -5.92 19.62 55.64
C LEU T 48 -5.76 18.35 54.81
N ASP T 49 -4.60 18.20 54.15
CA ASP T 49 -4.39 17.00 53.33
C ASP T 49 -4.37 15.73 54.19
N GLU T 50 -3.66 15.77 55.32
CA GLU T 50 -3.62 14.59 56.17
C GLU T 50 -4.98 14.32 56.81
N LEU T 51 -5.76 15.36 57.08
CA LEU T 51 -7.13 15.17 57.56
C LEU T 51 -8.00 14.52 56.50
N ARG T 52 -7.83 14.92 55.25
CA ARG T 52 -8.57 14.27 54.16
C ARG T 52 -8.18 12.80 54.05
N ASN T 53 -6.89 12.49 54.20
CA ASN T 53 -6.46 11.10 54.19
C ASN T 53 -7.09 10.32 55.33
N ILE T 54 -7.11 10.90 56.53
CA ILE T 54 -7.75 10.24 57.67
C ILE T 54 -9.23 10.03 57.41
N ILE T 55 -9.88 11.02 56.79
CA ILE T 55 -11.31 10.90 56.49
C ILE T 55 -11.57 9.73 55.55
N GLU T 56 -10.75 9.61 54.50
CA GLU T 56 -10.91 8.50 53.57
C GLU T 56 -10.67 7.16 54.26
N VAL T 57 -9.65 7.09 55.11
CA VAL T 57 -9.36 5.84 55.83
C VAL T 57 -10.52 5.48 56.74
N ARG T 58 -11.07 6.46 57.46
CA ARG T 58 -12.20 6.19 58.35
C ARG T 58 -13.43 5.77 57.56
N LYS T 59 -13.65 6.37 56.40
CA LYS T 59 -14.79 5.96 55.57
C LYS T 59 -14.64 4.52 55.11
N TRP T 60 -13.43 4.14 54.69
CA TRP T 60 -13.19 2.75 54.30
C TRP T 60 -13.40 1.80 55.48
N GLN T 61 -12.92 2.19 56.66
CA GLN T 61 -13.11 1.34 57.84
C GLN T 61 -14.58 1.20 58.19
N VAL T 62 -15.34 2.29 58.05
CA VAL T 62 -16.78 2.24 58.30
C VAL T 62 -17.46 1.30 57.32
N ASN T 63 -17.08 1.38 56.04
CA ASN T 63 -17.65 0.47 55.04
C ASN T 63 -17.36 -0.98 55.39
N GLN T 64 -16.10 -1.27 55.75
CA GLN T 64 -15.73 -2.64 56.09
C GLN T 64 -16.49 -3.13 57.31
N ALA T 65 -16.60 -2.30 58.35
CA ALA T 65 -17.32 -2.70 59.55
C ALA T 65 -18.80 -2.93 59.26
N ALA T 66 -19.42 -2.07 58.46
CA ALA T 66 -20.83 -2.24 58.13
C ALA T 66 -21.04 -3.52 57.33
N GLY T 67 -20.16 -3.80 56.37
CA GLY T 67 -20.29 -5.04 55.61
C GLY T 67 -20.14 -6.27 56.49
N ARG T 68 -19.16 -6.25 57.39
CA ARG T 68 -18.97 -7.39 58.28
C ARG T 68 -20.16 -7.58 59.21
N TYR T 69 -20.71 -6.47 59.73
CA TYR T 69 -21.88 -6.55 60.60
C TYR T 69 -23.09 -7.10 59.85
N ILE T 70 -23.31 -6.65 58.61
CA ILE T 70 -24.42 -7.17 57.83
C ILE T 70 -24.25 -8.65 57.56
N ARG T 71 -23.02 -9.07 57.22
CA ARG T 71 -22.77 -10.49 56.97
C ARG T 71 -23.03 -11.32 58.22
N SER T 72 -22.59 -10.84 59.38
CA SER T 72 -22.80 -11.59 60.61
C SER T 72 -24.28 -11.66 60.98
N HIS T 73 -25.02 -10.57 60.75
CA HIS T 73 -26.46 -10.58 61.00
C HIS T 73 -27.16 -11.58 60.09
N GLU T 74 -26.78 -11.61 58.82
CA GLU T 74 -27.36 -12.60 57.92
C GLU T 74 -27.01 -14.01 58.35
N ALA T 75 -25.77 -14.22 58.81
CA ALA T 75 -25.35 -15.54 59.25
C ALA T 75 -26.15 -16.01 60.47
N VAL T 76 -26.33 -15.13 61.45
CA VAL T 76 -27.08 -15.54 62.64
C VAL T 76 -28.54 -15.79 62.30
N GLN T 77 -29.11 -14.98 61.41
CA GLN T 77 -30.48 -15.24 60.97
C GLN T 77 -30.58 -16.59 60.28
N HIS T 78 -29.60 -16.91 59.42
CA HIS T 78 -29.62 -18.18 58.70
C HIS T 78 -29.49 -19.36 59.67
N ILE T 79 -28.62 -19.23 60.67
CA ILE T 79 -28.46 -20.32 61.65
C ILE T 79 -29.74 -20.52 62.44
N SER T 80 -30.38 -19.41 62.85
CA SER T 80 -31.64 -19.52 63.57
C SER T 80 -32.70 -20.21 62.71
N ILE T 81 -32.78 -19.83 61.43
CA ILE T 81 -33.74 -20.47 60.53
C ILE T 81 -33.43 -21.95 60.38
N ARG T 82 -32.15 -22.30 60.21
CA ARG T 82 -31.81 -23.72 60.05
C ARG T 82 -32.22 -24.52 61.26
N ASP T 83 -31.94 -24.00 62.47
CA ASP T 83 -32.29 -24.75 63.68
C ASP T 83 -33.80 -24.85 63.87
N ARG T 84 -34.52 -23.74 63.69
CA ARG T 84 -35.97 -23.76 63.88
C ARG T 84 -36.65 -24.66 62.86
N LEU T 85 -36.26 -24.57 61.59
CA LEU T 85 -36.86 -25.43 60.59
C LEU T 85 -36.48 -26.89 60.83
N ASN T 86 -35.25 -27.11 61.32
CA ASN T 86 -34.80 -28.47 61.63
C ASN T 86 -35.67 -29.12 62.69
N ASP T 87 -35.87 -28.45 63.83
CA ASP T 87 -36.64 -29.13 64.87
C ASP T 87 -38.14 -29.13 64.57
N PHE T 88 -38.65 -28.11 63.86
CA PHE T 88 -40.04 -28.15 63.42
C PHE T 88 -40.28 -29.34 62.49
N MET T 89 -39.37 -29.58 61.54
CA MET T 89 -39.59 -30.67 60.61
C MET T 89 -39.28 -32.01 61.27
N GLN T 90 -38.40 -32.03 62.27
CA GLN T 90 -38.26 -33.23 63.09
C GLN T 90 -39.57 -33.56 63.80
N GLN T 91 -40.31 -32.52 64.22
CA GLN T 91 -41.62 -32.75 64.83
C GLN T 91 -42.63 -33.27 63.81
N HIS T 92 -42.72 -32.64 62.64
CA HIS T 92 -43.80 -32.91 61.70
C HIS T 92 -43.34 -33.62 60.43
N GLY T 93 -42.27 -34.40 60.51
CA GLY T 93 -41.73 -35.05 59.32
C GLY T 93 -42.65 -36.10 58.74
N THR T 94 -43.31 -36.88 59.59
CA THR T 94 -44.22 -37.91 59.08
C THR T 94 -45.34 -37.28 58.26
N ALA T 95 -45.96 -36.23 58.79
CA ALA T 95 -47.04 -35.57 58.08
C ALA T 95 -46.52 -34.86 56.82
N LEU T 96 -45.36 -34.22 56.89
CA LEU T 96 -44.83 -33.54 55.72
C LEU T 96 -44.50 -34.53 54.61
N ALA T 97 -43.90 -35.67 54.96
CA ALA T 97 -43.60 -36.70 53.95
C ALA T 97 -44.88 -37.31 53.40
N ALA T 98 -45.89 -37.50 54.25
CA ALA T 98 -47.17 -38.01 53.77
C ALA T 98 -47.80 -37.05 52.77
N ALA T 99 -47.68 -35.75 53.02
CA ALA T 99 -48.17 -34.76 52.06
C ALA T 99 -47.38 -34.82 50.75
N LEU T 100 -46.09 -35.10 50.82
CA LEU T 100 -45.23 -35.16 49.64
C LEU T 100 -44.90 -36.59 49.24
N ALA T 101 -45.64 -37.57 49.76
CA ALA T 101 -45.35 -38.97 49.44
C ALA T 101 -45.39 -39.32 47.96
N PRO T 102 -46.37 -38.88 47.16
CA PRO T 102 -46.43 -39.33 45.76
C PRO T 102 -45.23 -38.92 44.91
N GLU T 103 -44.27 -38.18 45.45
CA GLU T 103 -43.21 -37.62 44.63
C GLU T 103 -41.80 -37.80 45.19
N LEU T 104 -41.64 -38.12 46.48
CA LEU T 104 -40.32 -38.20 47.09
C LEU T 104 -39.85 -39.62 47.39
N MET T 105 -40.67 -40.62 47.15
CA MET T 105 -40.26 -41.98 47.49
C MET T 105 -39.11 -42.46 46.61
N GLY T 106 -38.38 -43.44 47.11
CA GLY T 106 -37.25 -43.98 46.38
C GLY T 106 -36.03 -43.10 46.35
N TYR T 107 -35.99 -42.04 47.15
CA TYR T 107 -34.84 -41.14 47.13
C TYR T 107 -33.57 -41.83 47.58
N SER T 108 -33.69 -42.88 48.40
CA SER T 108 -32.51 -43.55 48.93
C SER T 108 -31.72 -44.29 47.87
N GLU T 109 -32.31 -44.56 46.70
CA GLU T 109 -31.61 -45.32 45.66
C GLU T 109 -31.79 -44.75 44.26
N LEU T 110 -32.54 -43.66 44.09
CA LEU T 110 -32.73 -43.11 42.76
C LEU T 110 -31.45 -42.47 42.25
N THR T 111 -31.39 -42.30 40.92
CA THR T 111 -30.22 -41.72 40.29
C THR T 111 -30.16 -40.21 40.56
N ALA T 112 -29.02 -39.61 40.20
CA ALA T 112 -28.78 -38.21 40.53
C ALA T 112 -29.79 -37.29 39.85
N ILE T 113 -30.03 -37.49 38.55
CA ILE T 113 -30.94 -36.60 37.82
C ILE T 113 -32.36 -36.74 38.33
N ALA T 114 -32.81 -37.98 38.56
CA ALA T 114 -34.16 -38.19 39.09
C ALA T 114 -34.30 -37.59 40.48
N ARG T 115 -33.28 -37.78 41.32
CA ARG T 115 -33.32 -37.21 42.67
C ARG T 115 -33.40 -35.70 42.62
N ASN T 116 -32.59 -35.07 41.77
CA ASN T 116 -32.59 -33.61 41.66
C ASN T 116 -33.93 -33.10 41.14
N CYS T 117 -34.49 -33.77 40.14
CA CYS T 117 -35.78 -33.34 39.60
C CYS T 117 -36.89 -33.50 40.63
N ALA T 118 -36.88 -34.59 41.39
CA ALA T 118 -37.87 -34.79 42.45
C ALA T 118 -37.74 -33.71 43.51
N ILE T 119 -36.51 -33.40 43.91
CA ILE T 119 -36.29 -32.33 44.89
C ILE T 119 -36.82 -31.00 44.36
N GLN T 120 -36.57 -30.71 43.08
CA GLN T 120 -37.03 -29.46 42.50
C GLN T 120 -38.56 -29.38 42.48
N ARG T 121 -39.23 -30.48 42.11
CA ARG T 121 -40.69 -30.47 42.07
C ARG T 121 -41.29 -30.32 43.47
N ALA T 122 -40.76 -31.05 44.44
CA ALA T 122 -41.20 -30.84 45.82
C ALA T 122 -40.93 -29.41 46.25
N THR T 123 -39.83 -28.83 45.77
CA THR T 123 -39.44 -27.49 46.16
C THR T 123 -40.45 -26.45 45.69
N ASP T 124 -40.82 -26.48 44.41
CA ASP T 124 -41.78 -25.45 43.98
C ASP T 124 -43.19 -25.76 44.44
N ALA T 125 -43.52 -27.03 44.75
CA ALA T 125 -44.79 -27.30 45.41
C ALA T 125 -44.83 -26.62 46.78
N LEU T 126 -43.76 -26.75 47.56
CA LEU T 126 -43.67 -26.04 48.83
C LEU T 126 -43.71 -24.53 48.64
N ARG T 127 -43.09 -24.04 47.57
CA ARG T 127 -43.17 -22.62 47.25
C ARG T 127 -44.61 -22.17 47.07
N GLU T 128 -45.39 -22.95 46.31
CA GLU T 128 -46.78 -22.59 46.08
C GLU T 128 -47.58 -22.61 47.38
N ALA T 129 -47.34 -23.61 48.23
CA ALA T 129 -48.07 -23.69 49.51
C ALA T 129 -47.75 -22.48 50.38
N LEU T 130 -46.46 -22.13 50.48
CA LEU T 130 -46.07 -20.98 51.29
C LEU T 130 -46.62 -19.68 50.71
N LEU T 131 -46.67 -19.58 49.37
CA LEU T 131 -47.27 -18.41 48.73
C LEU T 131 -48.76 -18.30 49.06
N SER T 132 -49.47 -19.43 49.06
CA SER T 132 -50.88 -19.38 49.43
C SER T 132 -51.06 -18.92 50.87
N TRP T 133 -50.22 -19.43 51.77
CA TRP T 133 -50.30 -19.02 53.17
C TRP T 133 -50.04 -17.51 53.30
N LEU T 134 -49.03 -17.00 52.60
CA LEU T 134 -48.80 -15.56 52.59
C LEU T 134 -49.97 -14.82 51.95
N ALA T 135 -50.72 -15.49 51.08
CA ALA T 135 -51.89 -14.87 50.47
C ALA T 135 -53.02 -14.70 51.49
N LYS T 136 -53.22 -15.67 52.39
CA LYS T 136 -54.27 -15.47 53.40
C LYS T 136 -53.94 -14.31 54.32
N GLY T 137 -52.65 -14.08 54.61
CA GLY T 137 -52.23 -12.88 55.29
C GLY T 137 -52.18 -12.93 56.80
N GLU T 138 -52.13 -14.12 57.40
CA GLU T 138 -52.02 -14.20 58.85
C GLU T 138 -50.66 -13.69 59.31
N LYS T 139 -50.66 -12.93 60.40
CA LYS T 139 -49.43 -12.31 60.90
C LYS T 139 -48.48 -13.38 61.44
N ILE T 140 -47.19 -13.21 61.14
CA ILE T 140 -46.16 -14.19 61.48
C ILE T 140 -45.40 -13.68 62.70
N ASN T 141 -45.17 -14.56 63.66
CA ASN T 141 -44.45 -14.23 64.88
C ASN T 141 -43.17 -15.06 64.97
N TYR T 142 -42.20 -14.53 65.69
CA TYR T 142 -40.93 -15.22 65.90
C TYR T 142 -41.14 -16.48 66.72
N SER T 143 -40.23 -17.44 66.55
CA SER T 143 -40.26 -18.66 67.34
C SER T 143 -40.01 -18.34 68.81
N ALA T 144 -40.78 -18.98 69.69
CA ALA T 144 -40.72 -18.64 71.11
C ALA T 144 -39.39 -19.03 71.74
N GLN T 145 -38.72 -20.07 71.22
CA GLN T 145 -37.48 -20.53 71.83
C GLN T 145 -36.38 -19.48 71.73
N ASP T 146 -36.27 -18.81 70.59
CA ASP T 146 -35.22 -17.83 70.35
C ASP T 146 -35.80 -16.51 69.86
N SER T 147 -36.92 -16.09 70.45
CA SER T 147 -37.54 -14.84 70.04
C SER T 147 -36.71 -13.63 70.47
N ASP T 148 -36.11 -13.69 71.65
CA ASP T 148 -35.41 -12.52 72.19
C ASP T 148 -34.22 -12.13 71.32
N ILE T 149 -33.41 -13.10 70.90
CA ILE T 149 -32.25 -12.80 70.07
C ILE T 149 -32.69 -12.22 68.73
N LEU T 150 -33.72 -12.82 68.13
CA LEU T 150 -34.19 -12.35 66.83
C LEU T 150 -34.80 -10.96 66.92
N THR T 151 -35.38 -10.61 68.07
CA THR T 151 -35.90 -9.25 68.25
C THR T 151 -34.77 -8.25 68.46
N THR T 152 -33.75 -8.62 69.24
CA THR T 152 -32.62 -7.71 69.46
C THR T 152 -31.86 -7.45 68.17
N ILE T 153 -31.60 -8.49 67.37
CA ILE T 153 -30.87 -8.28 66.14
C ILE T 153 -31.72 -7.57 65.09
N GLY T 154 -33.04 -7.62 65.22
CA GLY T 154 -33.93 -6.93 64.32
C GLY T 154 -34.32 -7.76 63.11
N PHE T 155 -35.45 -7.38 62.51
CA PHE T 155 -35.90 -8.05 61.30
C PHE T 155 -34.92 -7.88 60.15
N ARG T 156 -34.39 -6.67 59.98
CA ARG T 156 -33.39 -6.35 58.97
C ARG T 156 -32.27 -5.55 59.61
N PRO T 157 -31.08 -5.57 59.01
CA PRO T 157 -30.01 -4.70 59.50
C PRO T 157 -30.38 -3.24 59.34
N ASP T 158 -29.76 -2.39 60.17
CA ASP T 158 -30.07 -0.97 60.16
C ASP T 158 -29.78 -0.36 58.80
N VAL T 159 -30.64 0.59 58.40
CA VAL T 159 -30.50 1.20 57.08
C VAL T 159 -29.19 1.96 56.95
N ALA T 160 -28.65 2.43 58.06
CA ALA T 160 -27.33 3.06 58.02
C ALA T 160 -26.26 2.05 57.56
N SER T 161 -26.31 0.83 58.09
CA SER T 161 -25.40 -0.20 57.60
C SER T 161 -25.71 -0.57 56.16
N VAL T 162 -26.97 -0.44 55.74
CA VAL T 162 -27.34 -0.78 54.37
C VAL T 162 -26.73 0.19 53.38
N ASP T 163 -26.86 1.50 53.65
CA ASP T 163 -26.36 2.49 52.71
C ASP T 163 -24.92 2.89 52.96
N ASP T 164 -24.30 2.39 54.03
CA ASP T 164 -22.85 2.57 54.20
C ASP T 164 -22.04 1.48 53.53
N SER T 165 -22.68 0.45 52.98
CA SER T 165 -22.00 -0.67 52.34
C SER T 165 -22.26 -0.75 50.84
N ARG T 166 -22.52 0.40 50.21
CA ARG T 166 -22.78 0.44 48.78
C ARG T 166 -21.61 1.05 48.00
N GLU T 167 -20.47 1.27 48.64
CA GLU T 167 -19.34 1.88 47.96
C GLU T 167 -18.74 0.93 46.92
N LYS T 168 -18.67 -0.36 47.24
CA LYS T 168 -18.14 -1.38 46.34
C LYS T 168 -16.70 -1.08 45.93
N PHE T 169 -15.82 -1.10 46.92
CA PHE T 169 -14.40 -0.85 46.68
C PHE T 169 -13.78 -2.00 45.92
N THR T 170 -12.90 -1.68 44.97
CA THR T 170 -12.17 -2.68 44.21
C THR T 170 -11.05 -3.27 45.05
N PRO T 171 -10.63 -4.50 44.73
CA PRO T 171 -9.54 -5.13 45.52
C PRO T 171 -8.28 -4.29 45.59
N ALA T 172 -7.90 -3.65 44.49
CA ALA T 172 -6.74 -2.76 44.52
C ALA T 172 -6.92 -1.68 45.58
N GLN T 173 -8.04 -0.97 45.53
CA GLN T 173 -8.36 -0.02 46.58
C GLN T 173 -8.43 -0.70 47.94
N ASN T 174 -8.84 -1.97 47.97
CA ASN T 174 -8.95 -2.67 49.25
C ASN T 174 -7.59 -2.78 49.94
N MET T 175 -6.57 -3.30 49.25
CA MET T 175 -5.32 -3.40 49.99
C MET T 175 -4.61 -2.06 50.11
N ILE T 176 -4.85 -1.12 49.18
CA ILE T 176 -4.29 0.22 49.37
C ILE T 176 -4.83 0.84 50.65
N PHE T 177 -6.15 0.75 50.86
CA PHE T 177 -6.74 1.29 52.08
C PHE T 177 -6.32 0.50 53.30
N SER T 178 -6.08 -0.81 53.17
CA SER T 178 -5.59 -1.57 54.32
C SER T 178 -4.21 -1.07 54.75
N ARG T 179 -3.31 -0.87 53.78
CA ARG T 179 -1.99 -0.33 54.11
C ARG T 179 -2.09 1.07 54.69
N LYS T 180 -2.95 1.91 54.11
CA LYS T 180 -3.10 3.27 54.65
C LYS T 180 -3.66 3.25 56.07
N SER T 181 -4.60 2.34 56.35
CA SER T 181 -5.15 2.24 57.70
C SER T 181 -4.09 1.75 58.69
N ALA T 182 -3.27 0.77 58.29
CA ALA T 182 -2.20 0.32 59.17
C ALA T 182 -1.20 1.45 59.45
N GLN T 183 -0.84 2.21 58.42
CA GLN T 183 0.07 3.33 58.60
C GLN T 183 -0.55 4.40 59.49
N LEU T 184 -1.86 4.65 59.33
CA LEU T 184 -2.55 5.62 60.16
C LEU T 184 -2.56 5.18 61.62
N ALA T 185 -2.80 3.89 61.86
CA ALA T 185 -2.76 3.38 63.23
C ALA T 185 -1.37 3.52 63.82
N SER T 186 -0.33 3.23 63.02
CA SER T 186 1.04 3.40 63.50
C SER T 186 1.34 4.85 63.84
N ARG T 187 0.89 5.78 62.99
CA ARG T 187 1.11 7.21 63.26
C ARG T 187 0.35 7.65 64.50
N GLN T 188 -0.88 7.16 64.68
CA GLN T 188 -1.64 7.48 65.88
C GLN T 188 -0.96 6.95 67.13
N SER T 189 -0.32 5.79 67.03
CA SER T 189 0.49 5.28 68.14
C SER T 189 1.64 6.21 68.44
N VAL T 190 2.27 6.77 67.40
CA VAL T 190 3.36 7.71 67.57
C VAL T 190 2.85 9.01 68.18
N THR U 4 -63.93 -33.04 44.25
CA THR U 4 -64.21 -34.07 43.28
C THR U 4 -63.29 -33.96 42.07
N ALA U 5 -62.44 -32.94 42.07
CA ALA U 5 -61.47 -32.77 40.99
C ALA U 5 -60.49 -33.93 40.95
N LEU U 6 -60.09 -34.44 42.13
CA LEU U 6 -59.19 -35.58 42.17
C LEU U 6 -59.83 -36.81 41.53
N GLN U 7 -61.13 -37.03 41.79
CA GLN U 7 -61.81 -38.19 41.23
C GLN U 7 -61.88 -38.11 39.71
N GLN U 8 -62.20 -36.94 39.16
CA GLN U 8 -62.27 -36.81 37.71
C GLN U 8 -60.88 -36.91 37.09
N ALA U 9 -59.85 -36.37 37.75
CA ALA U 9 -58.50 -36.58 37.26
C ALA U 9 -58.15 -38.06 37.24
N PHE U 10 -58.53 -38.78 38.29
CA PHE U 10 -58.22 -40.20 38.39
C PHE U 10 -58.91 -41.01 37.29
N ASP U 11 -60.21 -40.78 37.08
CA ASP U 11 -60.87 -41.63 36.09
C ASP U 11 -60.53 -41.21 34.66
N THR U 12 -60.20 -39.93 34.42
CA THR U 12 -59.65 -39.58 33.11
C THR U 12 -58.29 -40.24 32.89
N CYS U 13 -57.46 -40.33 33.93
CA CYS U 13 -56.20 -41.04 33.81
C CYS U 13 -56.43 -42.52 33.51
N GLN U 14 -57.42 -43.12 34.16
CA GLN U 14 -57.75 -44.52 33.88
C GLN U 14 -58.22 -44.71 32.45
N ASN U 15 -59.05 -43.78 31.96
CA ASN U 15 -59.51 -43.85 30.57
C ASN U 15 -58.34 -43.72 29.61
N ASN U 16 -57.39 -42.82 29.90
CA ASN U 16 -56.21 -42.68 29.06
C ASN U 16 -55.38 -43.96 29.06
N LYS U 17 -55.24 -44.59 30.23
CA LYS U 17 -54.51 -45.85 30.30
C LYS U 17 -55.20 -46.92 29.45
N ALA U 18 -56.53 -47.02 29.55
CA ALA U 18 -57.26 -48.00 28.76
C ALA U 18 -57.10 -47.73 27.26
N ALA U 19 -57.18 -46.46 26.87
CA ALA U 19 -57.01 -46.12 25.45
C ALA U 19 -55.61 -46.47 24.97
N TRP U 20 -54.59 -46.20 25.78
CA TRP U 20 -53.23 -46.51 25.38
C TRP U 20 -53.02 -48.03 25.26
N LEU U 21 -53.59 -48.80 26.19
CA LEU U 21 -53.52 -50.25 26.06
C LEU U 21 -54.22 -50.73 24.79
N GLN U 22 -55.37 -50.16 24.47
CA GLN U 22 -56.07 -50.56 23.25
C GLN U 22 -55.26 -50.22 22.00
N ARG U 23 -54.62 -49.04 21.99
CA ARG U 23 -53.77 -48.66 20.87
C ARG U 23 -52.61 -49.63 20.71
N LYS U 24 -51.96 -49.98 21.83
CA LYS U 24 -50.85 -50.93 21.77
C LYS U 24 -51.31 -52.29 21.27
N ASN U 25 -52.48 -52.75 21.74
CA ASN U 25 -52.99 -54.05 21.33
C ASN U 25 -53.26 -54.09 19.83
N GLU U 26 -53.93 -53.05 19.30
CA GLU U 26 -54.23 -53.06 17.88
C GLU U 26 -52.97 -52.88 17.04
N LEU U 27 -52.00 -52.10 17.52
CA LEU U 27 -50.73 -51.98 16.81
C LEU U 27 -50.00 -53.32 16.75
N ALA U 28 -50.00 -54.06 17.86
CA ALA U 28 -49.36 -55.37 17.87
C ALA U 28 -50.08 -56.34 16.95
N ALA U 29 -51.41 -56.29 16.92
CA ALA U 29 -52.16 -57.16 16.02
C ALA U 29 -51.84 -56.85 14.56
N ALA U 30 -51.79 -55.56 14.21
CA ALA U 30 -51.43 -55.19 12.85
C ALA U 30 -50.02 -55.62 12.50
N GLU U 31 -49.09 -55.47 13.45
CA GLU U 31 -47.70 -55.85 13.19
C GLU U 31 -47.57 -57.35 12.97
N GLN U 32 -48.25 -58.15 13.79
CA GLN U 32 -48.16 -59.60 13.60
C GLN U 32 -48.85 -60.03 12.32
N GLU U 33 -49.95 -59.38 11.94
CA GLU U 33 -50.58 -59.68 10.66
C GLU U 33 -49.65 -59.35 9.49
N TYR U 34 -48.97 -58.20 9.56
CA TYR U 34 -48.04 -57.82 8.50
C TYR U 34 -46.87 -58.80 8.41
N LEU U 35 -46.35 -59.23 9.57
CA LEU U 35 -45.27 -60.21 9.56
C LEU U 35 -45.75 -61.55 8.99
N ARG U 36 -46.97 -61.95 9.32
CA ARG U 36 -47.52 -63.19 8.77
C ARG U 36 -47.65 -63.11 7.26
N LEU U 37 -48.12 -61.97 6.74
CA LEU U 37 -48.21 -61.82 5.29
C LEU U 37 -46.84 -61.74 4.65
N LEU U 38 -45.84 -61.22 5.36
CA LEU U 38 -44.47 -61.30 4.87
C LEU U 38 -44.02 -62.76 4.75
N SER U 39 -44.34 -63.58 5.75
CA SER U 39 -43.98 -64.99 5.69
C SER U 39 -44.76 -65.75 4.61
N GLY U 40 -45.91 -65.23 4.20
CA GLY U 40 -46.70 -65.91 3.19
C GLY U 40 -46.04 -65.85 1.82
N GLU U 41 -46.40 -66.83 0.99
CA GLU U 41 -45.85 -66.91 -0.36
C GLU U 41 -46.36 -65.76 -1.23
N GLY U 42 -47.63 -65.40 -1.08
CA GLY U 42 -48.23 -64.37 -1.90
C GLY U 42 -47.52 -63.02 -1.81
N ARG U 43 -47.27 -62.41 -2.97
CA ARG U 43 -46.55 -61.14 -3.02
C ARG U 43 -47.34 -60.05 -2.31
N ASN U 44 -48.50 -59.68 -2.86
CA ASN U 44 -49.38 -58.67 -2.30
C ASN U 44 -48.62 -57.39 -1.96
N VAL U 45 -48.04 -56.79 -3.00
CA VAL U 45 -47.21 -55.60 -2.80
C VAL U 45 -48.04 -54.45 -2.26
N SER U 46 -49.22 -54.22 -2.85
CA SER U 46 -50.08 -53.14 -2.37
C SER U 46 -50.53 -53.40 -0.94
N ARG U 47 -50.86 -54.65 -0.62
CA ARG U 47 -51.25 -54.99 0.74
C ARG U 47 -50.10 -54.73 1.71
N LEU U 48 -48.88 -55.09 1.32
CA LEU U 48 -47.72 -54.84 2.18
C LEU U 48 -47.50 -53.35 2.40
N ASP U 49 -47.63 -52.55 1.33
CA ASP U 49 -47.45 -51.11 1.48
C ASP U 49 -48.50 -50.50 2.39
N GLU U 50 -49.77 -50.89 2.21
CA GLU U 50 -50.80 -50.34 3.07
C GLU U 50 -50.66 -50.83 4.51
N LEU U 51 -50.15 -52.04 4.70
CA LEU U 51 -49.88 -52.52 6.06
C LEU U 51 -48.74 -51.73 6.70
N ARG U 52 -47.71 -51.39 5.93
CA ARG U 52 -46.65 -50.55 6.46
C ARG U 52 -47.19 -49.18 6.86
N ASN U 53 -48.07 -48.61 6.04
CA ASN U 53 -48.70 -47.33 6.38
C ASN U 53 -49.51 -47.46 7.67
N ILE U 54 -50.27 -48.55 7.81
CA ILE U 54 -51.05 -48.77 9.02
C ILE U 54 -50.14 -48.88 10.23
N ILE U 55 -49.03 -49.61 10.09
CA ILE U 55 -48.08 -49.76 11.19
C ILE U 55 -47.53 -48.41 11.62
N GLU U 56 -47.14 -47.58 10.64
CA GLU U 56 -46.58 -46.28 10.97
C GLU U 56 -47.61 -45.40 11.68
N VAL U 57 -48.84 -45.34 11.14
CA VAL U 57 -49.84 -44.46 11.72
C VAL U 57 -50.26 -44.95 13.10
N ARG U 58 -50.32 -46.26 13.30
CA ARG U 58 -50.71 -46.77 14.62
C ARG U 58 -49.58 -46.65 15.62
N LYS U 59 -48.32 -46.71 15.18
CA LYS U 59 -47.22 -46.38 16.07
C LYS U 59 -47.29 -44.92 16.52
N TRP U 60 -47.62 -44.02 15.59
CA TRP U 60 -47.81 -42.62 15.98
C TRP U 60 -48.96 -42.48 16.96
N GLN U 61 -50.06 -43.20 16.73
CA GLN U 61 -51.20 -43.15 17.65
C GLN U 61 -50.82 -43.65 19.03
N VAL U 62 -50.04 -44.74 19.09
CA VAL U 62 -49.58 -45.28 20.37
C VAL U 62 -48.70 -44.27 21.09
N ASN U 63 -47.80 -43.61 20.35
CA ASN U 63 -46.95 -42.59 20.96
C ASN U 63 -47.78 -41.44 21.53
N GLN U 64 -48.77 -40.97 20.76
CA GLN U 64 -49.62 -39.89 21.24
C GLN U 64 -50.41 -40.31 22.48
N ALA U 65 -50.96 -41.52 22.47
CA ALA U 65 -51.73 -41.99 23.62
C ALA U 65 -50.85 -42.12 24.86
N ALA U 66 -49.63 -42.64 24.68
CA ALA U 66 -48.71 -42.75 25.81
C ALA U 66 -48.35 -41.38 26.37
N GLY U 67 -48.09 -40.41 25.50
CA GLY U 67 -47.80 -39.07 25.97
C GLY U 67 -48.97 -38.45 26.72
N ARG U 68 -50.18 -38.63 26.20
CA ARG U 68 -51.37 -38.09 26.86
C ARG U 68 -51.57 -38.75 28.23
N TYR U 69 -51.40 -40.07 28.30
CA TYR U 69 -51.56 -40.76 29.58
C TYR U 69 -50.50 -40.31 30.59
N ILE U 70 -49.26 -40.13 30.14
CA ILE U 70 -48.20 -39.67 31.02
C ILE U 70 -48.52 -38.27 31.56
N ARG U 71 -48.98 -37.39 30.67
CA ARG U 71 -49.34 -36.04 31.11
C ARG U 71 -50.49 -36.06 32.10
N SER U 72 -51.50 -36.91 31.86
CA SER U 72 -52.62 -37.00 32.78
C SER U 72 -52.18 -37.54 34.14
N HIS U 73 -51.30 -38.55 34.15
CA HIS U 73 -50.79 -39.09 35.40
C HIS U 73 -50.00 -38.04 36.17
N GLU U 74 -49.17 -37.26 35.46
CA GLU U 74 -48.44 -36.18 36.11
C GLU U 74 -49.39 -35.14 36.68
N ALA U 75 -50.47 -34.83 35.95
CA ALA U 75 -51.45 -33.87 36.45
C ALA U 75 -52.14 -34.39 37.71
N VAL U 76 -52.48 -35.68 37.74
CA VAL U 76 -53.11 -36.25 38.92
C VAL U 76 -52.16 -36.17 40.11
N GLN U 77 -50.90 -36.53 39.90
CA GLN U 77 -49.93 -36.45 40.99
C GLN U 77 -49.76 -35.01 41.47
N HIS U 78 -49.70 -34.06 40.54
CA HIS U 78 -49.52 -32.66 40.91
C HIS U 78 -50.71 -32.13 41.71
N ILE U 79 -51.93 -32.46 41.29
CA ILE U 79 -53.09 -31.97 42.04
C ILE U 79 -53.18 -32.63 43.41
N SER U 80 -52.81 -33.91 43.51
CA SER U 80 -52.77 -34.55 44.82
C SER U 80 -51.75 -33.89 45.73
N ILE U 81 -50.57 -33.56 45.19
CA ILE U 81 -49.56 -32.86 45.96
C ILE U 81 -50.08 -31.50 46.39
N ARG U 82 -50.75 -30.79 45.49
CA ARG U 82 -51.28 -29.46 45.83
C ARG U 82 -52.26 -29.55 46.99
N ASP U 83 -53.20 -30.51 46.93
CA ASP U 83 -54.18 -30.65 48.00
C ASP U 83 -53.53 -31.09 49.31
N ARG U 84 -52.54 -31.99 49.25
CA ARG U 84 -51.89 -32.45 50.47
C ARG U 84 -51.10 -31.33 51.13
N LEU U 85 -50.36 -30.53 50.35
CA LEU U 85 -49.73 -29.35 50.92
C LEU U 85 -50.78 -28.40 51.49
N ASN U 86 -51.91 -28.27 50.81
CA ASN U 86 -52.94 -27.36 51.29
C ASN U 86 -53.44 -27.75 52.67
N ASP U 87 -53.86 -29.02 52.85
CA ASP U 87 -54.45 -29.38 54.14
C ASP U 87 -53.38 -29.56 55.21
N PHE U 88 -52.22 -30.11 54.86
CA PHE U 88 -51.08 -30.11 55.79
C PHE U 88 -50.76 -28.73 56.33
N MET U 89 -50.73 -27.71 55.47
CA MET U 89 -50.20 -26.45 55.98
C MET U 89 -51.32 -25.61 56.57
N GLN U 90 -52.58 -25.83 56.15
CA GLN U 90 -53.67 -25.38 57.01
C GLN U 90 -53.52 -25.95 58.41
N GLN U 91 -52.99 -27.17 58.53
CA GLN U 91 -52.75 -27.73 59.86
C GLN U 91 -51.59 -27.03 60.59
N HIS U 92 -50.44 -26.87 59.92
CA HIS U 92 -49.21 -26.47 60.61
C HIS U 92 -48.61 -25.15 60.10
N GLY U 93 -49.45 -24.23 59.63
CA GLY U 93 -48.94 -22.98 59.08
C GLY U 93 -48.33 -22.08 60.11
N THR U 94 -48.94 -21.98 61.30
CA THR U 94 -48.41 -21.12 62.33
C THR U 94 -47.01 -21.56 62.75
N ALA U 95 -46.83 -22.87 62.96
CA ALA U 95 -45.51 -23.37 63.33
C ALA U 95 -44.51 -23.20 62.19
N LEU U 96 -44.92 -23.47 60.95
CA LEU U 96 -44.01 -23.33 59.83
C LEU U 96 -43.56 -21.88 59.66
N ALA U 97 -44.49 -20.93 59.80
CA ALA U 97 -44.13 -19.52 59.70
C ALA U 97 -43.27 -19.06 60.88
N ALA U 98 -43.53 -19.59 62.08
CA ALA U 98 -42.68 -19.27 63.22
C ALA U 98 -41.26 -19.75 62.99
N ALA U 99 -41.10 -20.93 62.38
CA ALA U 99 -39.76 -21.41 62.06
C ALA U 99 -39.11 -20.57 60.97
N LEU U 100 -39.90 -19.77 60.24
CA LEU U 100 -39.41 -19.00 59.10
C LEU U 100 -39.70 -17.51 59.25
N ALA U 101 -39.89 -17.03 60.48
CA ALA U 101 -40.31 -15.64 60.68
C ALA U 101 -39.32 -14.61 60.14
N PRO U 102 -38.00 -14.71 60.38
CA PRO U 102 -37.10 -13.63 59.93
C PRO U 102 -37.14 -13.36 58.43
N GLU U 103 -37.46 -14.35 57.59
CA GLU U 103 -37.61 -14.09 56.17
C GLU U 103 -39.06 -13.90 55.75
N LEU U 104 -40.03 -14.27 56.58
CA LEU U 104 -41.42 -14.22 56.20
C LEU U 104 -42.21 -13.09 56.85
N MET U 105 -41.75 -12.56 57.98
CA MET U 105 -42.42 -11.42 58.57
C MET U 105 -42.31 -10.20 57.66
N GLY U 106 -43.38 -9.41 57.62
CA GLY U 106 -43.41 -8.24 56.77
C GLY U 106 -43.63 -8.53 55.30
N TYR U 107 -44.04 -9.74 54.94
CA TYR U 107 -44.28 -10.07 53.54
C TYR U 107 -45.39 -9.23 52.94
N SER U 108 -46.39 -8.87 53.75
CA SER U 108 -47.56 -8.16 53.24
C SER U 108 -47.26 -6.75 52.75
N GLU U 109 -46.09 -6.20 53.08
CA GLU U 109 -45.75 -4.84 52.67
C GLU U 109 -44.40 -4.75 51.97
N LEU U 110 -43.63 -5.83 51.90
CA LEU U 110 -42.33 -5.79 51.24
C LEU U 110 -42.48 -5.59 49.74
N THR U 111 -41.46 -4.99 49.13
CA THR U 111 -41.48 -4.74 47.70
C THR U 111 -41.28 -6.04 46.93
N ALA U 112 -41.35 -5.95 45.60
CA ALA U 112 -41.31 -7.14 44.76
C ALA U 112 -39.98 -7.87 44.88
N ILE U 113 -38.87 -7.14 44.78
CA ILE U 113 -37.56 -7.79 44.83
C ILE U 113 -37.28 -8.36 46.20
N ALA U 114 -37.65 -7.62 47.26
CA ALA U 114 -37.47 -8.14 48.62
C ALA U 114 -38.36 -9.36 48.86
N ARG U 115 -39.59 -9.32 48.37
CA ARG U 115 -40.48 -10.46 48.51
C ARG U 115 -39.90 -11.69 47.82
N ASN U 116 -39.39 -11.50 46.60
CA ASN U 116 -38.83 -12.62 45.84
C ASN U 116 -37.59 -13.19 46.53
N CYS U 117 -36.70 -12.32 47.00
CA CYS U 117 -35.50 -12.82 47.67
C CYS U 117 -35.86 -13.56 48.96
N ALA U 118 -36.82 -13.02 49.72
CA ALA U 118 -37.23 -13.67 50.96
C ALA U 118 -37.86 -15.03 50.69
N ILE U 119 -38.73 -15.12 49.68
CA ILE U 119 -39.37 -16.40 49.40
C ILE U 119 -38.35 -17.40 48.86
N GLN U 120 -37.36 -16.95 48.09
CA GLN U 120 -36.33 -17.87 47.62
C GLN U 120 -35.45 -18.36 48.77
N ARG U 121 -35.16 -17.49 49.74
CA ARG U 121 -34.39 -17.92 50.90
C ARG U 121 -35.17 -18.93 51.74
N ALA U 122 -36.45 -18.67 51.98
CA ALA U 122 -37.29 -19.67 52.64
C ALA U 122 -37.34 -20.96 51.82
N THR U 123 -37.34 -20.83 50.50
CA THR U 123 -37.45 -21.96 49.60
C THR U 123 -36.25 -22.89 49.73
N ASP U 124 -35.05 -22.34 49.62
CA ASP U 124 -33.88 -23.21 49.71
C ASP U 124 -33.60 -23.63 51.14
N ALA U 125 -34.06 -22.89 52.15
CA ALA U 125 -34.03 -23.41 53.51
C ALA U 125 -34.91 -24.65 53.65
N LEU U 126 -36.12 -24.60 53.09
CA LEU U 126 -36.99 -25.77 53.09
C LEU U 126 -36.37 -26.92 52.32
N ARG U 127 -35.71 -26.61 51.20
CA ARG U 127 -35.03 -27.65 50.43
C ARG U 127 -33.93 -28.32 51.25
N GLU U 128 -33.16 -27.52 51.99
CA GLU U 128 -32.12 -28.08 52.85
C GLU U 128 -32.73 -28.95 53.94
N ALA U 129 -33.84 -28.52 54.52
CA ALA U 129 -34.51 -29.33 55.54
C ALA U 129 -34.99 -30.66 54.96
N LEU U 130 -35.57 -30.63 53.76
CA LEU U 130 -36.00 -31.86 53.10
C LEU U 130 -34.83 -32.78 52.83
N LEU U 131 -33.70 -32.22 52.39
CA LEU U 131 -32.49 -33.01 52.19
C LEU U 131 -32.03 -33.66 53.49
N SER U 132 -32.05 -32.89 54.58
CA SER U 132 -31.61 -33.42 55.87
C SER U 132 -32.51 -34.56 56.32
N TRP U 133 -33.83 -34.42 56.15
CA TRP U 133 -34.74 -35.49 56.53
C TRP U 133 -34.54 -36.72 55.65
N LEU U 134 -34.44 -36.52 54.33
CA LEU U 134 -34.25 -37.63 53.42
C LEU U 134 -32.91 -38.33 53.63
N ALA U 135 -31.95 -37.66 54.27
CA ALA U 135 -30.69 -38.31 54.60
C ALA U 135 -30.90 -39.48 55.54
N LYS U 136 -31.85 -39.36 56.49
CA LYS U 136 -32.10 -40.44 57.43
C LYS U 136 -32.58 -41.70 56.72
N GLY U 137 -33.49 -41.56 55.76
CA GLY U 137 -33.99 -42.71 55.04
C GLY U 137 -35.24 -43.34 55.60
N GLU U 138 -36.08 -42.57 56.28
CA GLU U 138 -37.33 -43.11 56.78
C GLU U 138 -38.25 -43.49 55.62
N LYS U 139 -39.01 -44.57 55.82
CA LYS U 139 -39.95 -45.02 54.81
C LYS U 139 -41.15 -44.07 54.78
N ILE U 140 -41.53 -43.64 53.57
CA ILE U 140 -42.63 -42.70 53.40
C ILE U 140 -43.86 -43.45 52.92
N ASN U 141 -44.96 -43.31 53.64
CA ASN U 141 -46.23 -43.89 53.25
C ASN U 141 -47.16 -42.81 52.70
N TYR U 142 -48.21 -43.25 52.03
CA TYR U 142 -49.11 -42.32 51.37
C TYR U 142 -50.00 -41.62 52.39
N SER U 143 -50.61 -40.52 51.96
CA SER U 143 -51.63 -39.87 52.78
C SER U 143 -52.84 -40.78 52.90
N ALA U 144 -53.38 -40.87 54.11
CA ALA U 144 -54.48 -41.81 54.36
C ALA U 144 -55.73 -41.42 53.59
N GLN U 145 -55.97 -40.12 53.42
CA GLN U 145 -57.19 -39.68 52.75
C GLN U 145 -57.22 -40.10 51.28
N ASP U 146 -56.08 -39.99 50.60
CA ASP U 146 -56.02 -40.21 49.15
C ASP U 146 -55.04 -41.32 48.79
N SER U 147 -54.93 -42.35 49.62
CA SER U 147 -53.97 -43.41 49.36
C SER U 147 -54.39 -44.28 48.18
N ASP U 148 -55.67 -44.67 48.14
CA ASP U 148 -56.10 -45.70 47.19
C ASP U 148 -55.95 -45.23 45.74
N ILE U 149 -56.33 -43.99 45.44
CA ILE U 149 -56.27 -43.50 44.07
C ILE U 149 -54.82 -43.47 43.58
N LEU U 150 -53.93 -42.96 44.42
CA LEU U 150 -52.53 -42.83 44.02
C LEU U 150 -51.84 -44.19 43.95
N THR U 151 -52.24 -45.14 44.79
CA THR U 151 -51.72 -46.49 44.64
C THR U 151 -52.21 -47.14 43.35
N THR U 152 -53.47 -46.91 42.99
CA THR U 152 -53.98 -47.47 41.75
C THR U 152 -53.27 -46.88 40.53
N ILE U 153 -53.04 -45.57 40.52
CA ILE U 153 -52.35 -44.98 39.37
C ILE U 153 -50.87 -45.31 39.37
N GLY U 154 -50.32 -45.74 40.50
CA GLY U 154 -48.92 -46.10 40.60
C GLY U 154 -48.03 -44.90 40.87
N PHE U 155 -46.85 -45.19 41.43
CA PHE U 155 -45.89 -44.13 41.73
C PHE U 155 -45.38 -43.48 40.45
N ARG U 156 -45.05 -44.28 39.45
CA ARG U 156 -44.52 -43.78 38.18
C ARG U 156 -45.19 -44.52 37.03
N PRO U 157 -45.28 -43.90 35.86
CA PRO U 157 -45.82 -44.59 34.70
C PRO U 157 -44.92 -45.75 34.27
N ASP U 158 -45.53 -46.71 33.58
CA ASP U 158 -44.82 -47.92 33.18
C ASP U 158 -43.71 -47.57 32.17
N VAL U 159 -42.72 -48.47 32.09
CA VAL U 159 -41.61 -48.27 31.16
C VAL U 159 -42.11 -48.27 29.73
N ALA U 160 -43.18 -49.01 29.45
CA ALA U 160 -43.78 -48.97 28.11
C ALA U 160 -44.30 -47.57 27.80
N SER U 161 -44.89 -46.90 28.80
CA SER U 161 -45.41 -45.55 28.57
C SER U 161 -44.29 -44.58 28.21
N VAL U 162 -43.18 -44.62 28.94
CA VAL U 162 -42.10 -43.67 28.68
C VAL U 162 -41.38 -44.01 27.37
N ASP U 163 -41.20 -45.29 27.08
CA ASP U 163 -40.48 -45.66 25.86
C ASP U 163 -41.33 -45.38 24.62
N ASP U 164 -42.63 -45.66 24.69
CA ASP U 164 -43.51 -45.37 23.55
C ASP U 164 -43.60 -43.87 23.29
N SER U 165 -43.47 -43.06 24.34
CA SER U 165 -43.47 -41.61 24.21
C SER U 165 -42.06 -41.04 24.00
N ARG U 166 -41.05 -41.89 23.89
CA ARG U 166 -39.68 -41.41 23.67
C ARG U 166 -39.56 -40.69 22.34
N GLU U 167 -40.19 -41.23 21.29
CA GLU U 167 -40.08 -40.65 19.97
C GLU U 167 -40.73 -39.27 19.92
N LYS U 168 -40.05 -38.33 19.27
CA LYS U 168 -40.52 -36.97 19.13
C LYS U 168 -40.86 -36.69 17.67
N PHE U 169 -41.91 -35.92 17.44
CA PHE U 169 -42.41 -35.65 16.09
C PHE U 169 -42.51 -34.15 15.87
N THR U 170 -42.09 -33.71 14.69
CA THR U 170 -42.20 -32.31 14.31
C THR U 170 -43.67 -31.96 14.07
N PRO U 171 -44.02 -30.67 14.16
CA PRO U 171 -45.42 -30.28 13.92
C PRO U 171 -45.95 -30.72 12.57
N ALA U 172 -45.13 -30.64 11.52
CA ALA U 172 -45.56 -31.13 10.21
C ALA U 172 -45.85 -32.62 10.25
N GLN U 173 -44.98 -33.38 10.91
CA GLN U 173 -45.25 -34.81 11.10
C GLN U 173 -46.52 -35.02 11.89
N ASN U 174 -46.76 -34.18 12.90
CA ASN U 174 -47.97 -34.32 13.69
C ASN U 174 -49.22 -34.14 12.85
N MET U 175 -49.25 -33.09 12.02
CA MET U 175 -50.45 -32.84 11.22
C MET U 175 -50.63 -33.89 10.15
N ILE U 176 -49.53 -34.32 9.50
CA ILE U 176 -49.67 -35.33 8.47
C ILE U 176 -50.15 -36.66 9.06
N PHE U 177 -49.62 -37.04 10.23
CA PHE U 177 -50.07 -38.27 10.86
C PHE U 177 -51.51 -38.17 11.32
N SER U 178 -51.93 -37.00 11.81
CA SER U 178 -53.33 -36.83 12.18
C SER U 178 -54.24 -36.97 10.97
N ARG U 179 -53.86 -36.37 9.84
CA ARG U 179 -54.66 -36.48 8.63
C ARG U 179 -54.73 -37.94 8.15
N LYS U 180 -53.59 -38.64 8.17
CA LYS U 180 -53.57 -40.02 7.72
C LYS U 180 -54.40 -40.91 8.65
N SER U 181 -54.33 -40.66 9.96
CA SER U 181 -55.13 -41.43 10.91
C SER U 181 -56.61 -41.18 10.70
N ALA U 182 -57.01 -39.92 10.47
CA ALA U 182 -58.41 -39.63 10.20
C ALA U 182 -58.88 -40.33 8.92
N GLN U 183 -58.06 -40.29 7.87
CA GLN U 183 -58.42 -40.97 6.63
C GLN U 183 -58.54 -42.47 6.84
N LEU U 184 -57.61 -43.06 7.60
CA LEU U 184 -57.67 -44.50 7.86
C LEU U 184 -58.91 -44.87 8.66
N ALA U 185 -59.25 -44.06 9.68
CA ALA U 185 -60.44 -44.33 10.46
C ALA U 185 -61.70 -44.23 9.60
N SER U 186 -61.77 -43.22 8.74
CA SER U 186 -62.92 -43.07 7.86
C SER U 186 -63.03 -44.25 6.90
N ARG U 187 -61.90 -44.69 6.34
CA ARG U 187 -61.91 -45.82 5.41
C ARG U 187 -62.31 -47.11 6.11
N GLN U 188 -61.82 -47.34 7.32
CA GLN U 188 -62.14 -48.55 8.05
C GLN U 188 -63.60 -48.55 8.49
N SER U 189 -64.14 -47.37 8.85
CA SER U 189 -65.54 -47.30 9.23
C SER U 189 -66.46 -47.67 8.07
N VAL U 190 -66.13 -47.22 6.87
CA VAL U 190 -66.93 -47.54 5.69
C VAL U 190 -66.68 -48.98 5.26
N THR V 4 7.48 -77.46 24.82
CA THR V 4 8.65 -76.60 24.87
C THR V 4 8.27 -75.14 24.81
N ALA V 5 7.75 -74.70 23.67
CA ALA V 5 7.34 -73.32 23.51
C ALA V 5 6.17 -72.98 24.44
N LEU V 6 5.25 -73.93 24.64
CA LEU V 6 4.11 -73.66 25.50
C LEU V 6 4.53 -73.40 26.94
N GLN V 7 5.53 -74.14 27.43
CA GLN V 7 5.97 -73.96 28.80
C GLN V 7 6.59 -72.58 29.01
N GLN V 8 7.48 -72.16 28.10
CA GLN V 8 8.11 -70.85 28.22
C GLN V 8 7.06 -69.74 28.06
N ALA V 9 6.12 -69.91 27.14
CA ALA V 9 5.06 -68.92 26.98
C ALA V 9 4.20 -68.84 28.24
N PHE V 10 3.92 -69.98 28.87
CA PHE V 10 3.11 -69.99 30.08
C PHE V 10 3.81 -69.29 31.23
N ASP V 11 5.10 -69.55 31.43
CA ASP V 11 5.79 -68.87 32.51
C ASP V 11 5.95 -67.38 32.22
N THR V 12 6.15 -67.02 30.95
CA THR V 12 6.18 -65.60 30.58
C THR V 12 4.86 -64.94 30.93
N CYS V 13 3.74 -65.59 30.59
CA CYS V 13 2.43 -65.02 30.88
C CYS V 13 2.19 -64.89 32.37
N GLN V 14 2.59 -65.91 33.15
CA GLN V 14 2.32 -65.86 34.59
C GLN V 14 3.18 -64.79 35.27
N ASN V 15 4.44 -64.64 34.85
CA ASN V 15 5.24 -63.58 35.46
C ASN V 15 4.79 -62.20 35.01
N ASN V 16 4.31 -62.07 33.78
CA ASN V 16 3.71 -60.80 33.36
C ASN V 16 2.49 -60.47 34.18
N LYS V 17 1.64 -61.47 34.46
CA LYS V 17 0.49 -61.24 35.32
C LYS V 17 0.91 -60.84 36.72
N ALA V 18 1.94 -61.48 37.26
CA ALA V 18 2.44 -61.12 38.58
C ALA V 18 2.94 -59.68 38.61
N ALA V 19 3.68 -59.28 37.57
CA ALA V 19 4.16 -57.90 37.50
C ALA V 19 2.99 -56.91 37.39
N TRP V 20 1.96 -57.27 36.62
CA TRP V 20 0.80 -56.40 36.49
C TRP V 20 0.08 -56.24 37.83
N LEU V 21 -0.07 -57.34 38.58
CA LEU V 21 -0.65 -57.23 39.91
C LEU V 21 0.21 -56.38 40.83
N GLN V 22 1.53 -56.52 40.72
CA GLN V 22 2.44 -55.70 41.53
C GLN V 22 2.22 -54.22 41.25
N ARG V 23 2.16 -53.86 39.96
CA ARG V 23 1.90 -52.47 39.60
C ARG V 23 0.54 -52.01 40.09
N LYS V 24 -0.45 -52.91 40.03
CA LYS V 24 -1.80 -52.55 40.50
C LYS V 24 -1.80 -52.19 41.98
N ASN V 25 -1.17 -53.04 42.82
CA ASN V 25 -1.22 -52.71 44.25
C ASN V 25 -0.32 -51.54 44.58
N GLU V 26 0.77 -51.34 43.83
CA GLU V 26 1.58 -50.14 44.03
C GLU V 26 0.77 -48.88 43.72
N LEU V 27 0.03 -48.89 42.62
CA LEU V 27 -0.83 -47.76 42.28
C LEU V 27 -1.91 -47.55 43.33
N ALA V 28 -2.50 -48.63 43.84
CA ALA V 28 -3.52 -48.51 44.87
C ALA V 28 -2.95 -47.91 46.14
N ALA V 29 -1.75 -48.34 46.54
CA ALA V 29 -1.11 -47.79 47.74
C ALA V 29 -0.81 -46.30 47.55
N ALA V 30 -0.30 -45.93 46.38
CA ALA V 30 -0.04 -44.52 46.12
C ALA V 30 -1.33 -43.71 46.15
N GLU V 31 -2.40 -44.26 45.59
CA GLU V 31 -3.68 -43.55 45.58
C GLU V 31 -4.23 -43.34 46.97
N GLN V 32 -4.16 -44.38 47.82
CA GLN V 32 -4.66 -44.23 49.18
C GLN V 32 -3.79 -43.28 49.98
N GLU V 33 -2.48 -43.28 49.74
CA GLU V 33 -1.60 -42.31 50.40
C GLU V 33 -1.95 -40.89 50.00
N TYR V 34 -2.16 -40.65 48.71
CA TYR V 34 -2.52 -39.32 48.22
C TYR V 34 -3.86 -38.88 48.79
N LEU V 35 -4.84 -39.79 48.83
CA LEU V 35 -6.14 -39.44 49.40
C LEU V 35 -6.03 -39.13 50.89
N ARG V 36 -5.22 -39.89 51.61
CA ARG V 36 -5.04 -39.64 53.03
C ARG V 36 -4.40 -38.28 53.27
N LEU V 37 -3.38 -37.93 52.48
CA LEU V 37 -2.74 -36.62 52.67
C LEU V 37 -3.66 -35.48 52.24
N LEU V 38 -4.51 -35.70 51.23
CA LEU V 38 -5.50 -34.69 50.88
C LEU V 38 -6.50 -34.48 52.01
N SER V 39 -6.94 -35.58 52.63
CA SER V 39 -7.90 -35.47 53.73
C SER V 39 -7.27 -34.84 54.96
N GLY V 40 -5.98 -35.09 55.19
CA GLY V 40 -5.33 -34.56 56.37
C GLY V 40 -5.20 -33.05 56.35
N GLU V 41 -5.08 -32.47 57.54
CA GLU V 41 -4.94 -31.03 57.67
C GLU V 41 -3.60 -30.52 57.16
N GLY V 42 -2.58 -31.38 57.14
CA GLY V 42 -1.26 -30.98 56.71
C GLY V 42 -1.22 -30.39 55.32
N ARG V 43 -0.64 -29.20 55.20
CA ARG V 43 -0.62 -28.47 53.93
C ARG V 43 0.74 -28.66 53.26
N ASN V 44 0.90 -29.85 52.67
CA ASN V 44 2.13 -30.21 51.95
C ASN V 44 1.83 -30.15 50.46
N VAL V 45 1.93 -28.93 49.91
CA VAL V 45 1.66 -28.73 48.49
C VAL V 45 2.68 -29.47 47.64
N SER V 46 3.96 -29.37 48.00
CA SER V 46 5.00 -30.06 47.26
C SER V 46 4.81 -31.58 47.31
N ARG V 47 4.50 -32.10 48.50
CA ARG V 47 4.24 -33.53 48.63
C ARG V 47 3.01 -33.95 47.85
N LEU V 48 1.97 -33.10 47.84
CA LEU V 48 0.78 -33.41 47.05
C LEU V 48 1.10 -33.49 45.56
N ASP V 49 1.90 -32.54 45.05
CA ASP V 49 2.27 -32.58 43.64
C ASP V 49 3.13 -33.80 43.34
N GLU V 50 4.07 -34.13 44.24
CA GLU V 50 4.90 -35.32 44.03
C GLU V 50 4.05 -36.58 44.00
N LEU V 51 3.08 -36.68 44.91
CA LEU V 51 2.20 -37.85 44.92
C LEU V 51 1.31 -37.89 43.69
N ARG V 52 0.88 -36.74 43.18
CA ARG V 52 0.09 -36.74 41.95
C ARG V 52 0.93 -37.24 40.77
N ASN V 53 2.19 -36.83 40.71
CA ASN V 53 3.10 -37.36 39.70
C ASN V 53 3.26 -38.86 39.85
N ILE V 54 3.37 -39.34 41.10
CA ILE V 54 3.47 -40.77 41.35
C ILE V 54 2.22 -41.49 40.86
N ILE V 55 1.04 -40.92 41.13
CA ILE V 55 -0.21 -41.53 40.68
C ILE V 55 -0.22 -41.66 39.17
N GLU V 56 0.18 -40.58 38.48
CA GLU V 56 0.22 -40.59 37.03
C GLU V 56 1.16 -41.66 36.49
N VAL V 57 2.38 -41.71 37.02
CA VAL V 57 3.38 -42.63 36.48
C VAL V 57 3.00 -44.07 36.80
N ARG V 58 2.43 -44.30 37.98
CA ARG V 58 1.96 -45.65 38.31
C ARG V 58 0.82 -46.06 37.39
N LYS V 59 -0.08 -45.13 37.05
CA LYS V 59 -1.16 -45.46 36.12
C LYS V 59 -0.60 -45.84 34.75
N TRP V 60 0.39 -45.09 34.27
CA TRP V 60 1.00 -45.43 32.99
C TRP V 60 1.69 -46.78 33.05
N GLN V 61 2.39 -47.07 34.15
CA GLN V 61 3.05 -48.35 34.30
C GLN V 61 2.05 -49.50 34.35
N VAL V 62 0.90 -49.29 35.03
CA VAL V 62 -0.15 -50.31 35.05
C VAL V 62 -0.70 -50.53 33.66
N ASN V 63 -0.90 -49.46 32.89
CA ASN V 63 -1.37 -49.62 31.52
C ASN V 63 -0.38 -50.43 30.69
N GLN V 64 0.91 -50.12 30.82
CA GLN V 64 1.93 -50.86 30.07
C GLN V 64 1.96 -52.32 30.48
N ALA V 65 1.88 -52.60 31.78
CA ALA V 65 1.90 -53.98 32.26
C ALA V 65 0.68 -54.74 31.77
N ALA V 66 -0.49 -54.11 31.80
CA ALA V 66 -1.69 -54.75 31.30
C ALA V 66 -1.58 -55.05 29.81
N GLY V 67 -1.04 -54.11 29.03
CA GLY V 67 -0.85 -54.36 27.61
C GLY V 67 0.10 -55.51 27.35
N ARG V 68 1.23 -55.55 28.06
CA ARG V 68 2.18 -56.63 27.87
C ARG V 68 1.58 -57.98 28.28
N TYR V 69 0.81 -58.00 29.38
CA TYR V 69 0.17 -59.24 29.81
C TYR V 69 -0.86 -59.70 28.79
N ILE V 70 -1.62 -58.77 28.21
CA ILE V 70 -2.58 -59.13 27.18
C ILE V 70 -1.86 -59.72 25.96
N ARG V 71 -0.75 -59.10 25.55
CA ARG V 71 0.00 -59.61 24.42
C ARG V 71 0.53 -61.02 24.69
N SER V 72 1.05 -61.24 25.90
CA SER V 72 1.57 -62.56 26.25
C SER V 72 0.46 -63.60 26.29
N HIS V 73 -0.71 -63.23 26.84
CA HIS V 73 -1.85 -64.14 26.86
C HIS V 73 -2.27 -64.53 25.45
N GLU V 74 -2.35 -63.54 24.55
CA GLU V 74 -2.71 -63.82 23.17
C GLU V 74 -1.67 -64.71 22.51
N ALA V 75 -0.39 -64.47 22.78
CA ALA V 75 0.66 -65.32 22.21
C ALA V 75 0.53 -66.75 22.71
N VAL V 76 0.24 -66.93 24.01
CA VAL V 76 0.07 -68.27 24.56
C VAL V 76 -1.09 -68.98 23.87
N GLN V 77 -2.22 -68.29 23.74
CA GLN V 77 -3.38 -68.91 23.09
C GLN V 77 -3.09 -69.26 21.64
N HIS V 78 -2.40 -68.35 20.93
CA HIS V 78 -2.06 -68.61 19.54
C HIS V 78 -1.14 -69.82 19.40
N ILE V 79 -0.14 -69.93 20.28
CA ILE V 79 0.77 -71.06 20.22
C ILE V 79 0.03 -72.37 20.51
N SER V 80 -0.86 -72.35 21.50
CA SER V 80 -1.63 -73.56 21.80
C SER V 80 -2.51 -73.95 20.63
N ILE V 81 -3.18 -72.99 20.01
CA ILE V 81 -4.03 -73.28 18.86
C ILE V 81 -3.19 -73.86 17.72
N ARG V 82 -2.03 -73.26 17.46
CA ARG V 82 -1.19 -73.73 16.36
C ARG V 82 -0.71 -75.15 16.60
N ASP V 83 -0.29 -75.46 17.84
CA ASP V 83 0.18 -76.81 18.13
C ASP V 83 -0.95 -77.83 18.02
N ARG V 84 -2.13 -77.51 18.57
CA ARG V 84 -3.26 -78.43 18.47
C ARG V 84 -3.64 -78.66 17.02
N LEU V 85 -3.67 -77.60 16.20
CA LEU V 85 -3.98 -77.77 14.79
C LEU V 85 -2.92 -78.58 14.08
N ASN V 86 -1.65 -78.36 14.41
CA ASN V 86 -0.57 -79.10 13.76
C ASN V 86 -0.70 -80.59 14.03
N ASP V 87 -0.95 -80.97 15.29
CA ASP V 87 -1.05 -82.39 15.60
C ASP V 87 -2.35 -83.01 15.08
N PHE V 88 -3.47 -82.29 15.16
CA PHE V 88 -4.71 -82.78 14.58
C PHE V 88 -4.57 -82.98 13.07
N MET V 89 -3.85 -82.07 12.41
CA MET V 89 -3.62 -82.22 10.98
C MET V 89 -2.72 -83.41 10.68
N GLN V 90 -1.65 -83.58 11.45
CA GLN V 90 -0.81 -84.76 11.29
C GLN V 90 -1.62 -86.04 11.51
N GLN V 91 -2.69 -85.96 12.31
CA GLN V 91 -3.53 -87.12 12.54
C GLN V 91 -4.50 -87.38 11.38
N HIS V 92 -5.20 -86.35 10.92
CA HIS V 92 -6.33 -86.52 10.00
C HIS V 92 -6.16 -85.70 8.73
N GLY V 93 -4.93 -85.58 8.22
CA GLY V 93 -4.74 -84.85 6.98
C GLY V 93 -5.45 -85.50 5.80
N THR V 94 -5.34 -86.82 5.67
CA THR V 94 -6.06 -87.51 4.62
C THR V 94 -7.56 -87.38 4.80
N ALA V 95 -8.04 -87.38 6.05
CA ALA V 95 -9.45 -87.24 6.31
C ALA V 95 -9.98 -85.87 5.86
N LEU V 96 -9.23 -84.80 6.17
CA LEU V 96 -9.61 -83.48 5.67
C LEU V 96 -9.55 -83.43 4.15
N ALA V 97 -8.47 -83.97 3.57
CA ALA V 97 -8.26 -83.84 2.13
C ALA V 97 -9.29 -84.63 1.34
N ALA V 98 -9.83 -85.72 1.91
CA ALA V 98 -10.87 -86.46 1.22
C ALA V 98 -12.09 -85.59 0.96
N ALA V 99 -12.47 -84.78 1.94
CA ALA V 99 -13.57 -83.85 1.74
C ALA V 99 -13.18 -82.64 0.90
N LEU V 100 -11.94 -82.16 1.03
CA LEU V 100 -11.53 -80.93 0.37
C LEU V 100 -10.98 -81.14 -1.04
N ALA V 101 -10.89 -82.37 -1.52
CA ALA V 101 -10.30 -82.65 -2.83
C ALA V 101 -10.88 -81.85 -4.00
N PRO V 102 -12.20 -81.64 -4.12
CA PRO V 102 -12.72 -80.97 -5.33
C PRO V 102 -12.02 -79.68 -5.73
N GLU V 103 -11.37 -78.96 -4.80
CA GLU V 103 -10.63 -77.76 -5.15
C GLU V 103 -9.29 -77.67 -4.44
N LEU V 104 -8.78 -78.79 -3.90
CA LEU V 104 -7.49 -78.80 -3.25
C LEU V 104 -6.42 -79.61 -3.97
N MET V 105 -6.81 -80.52 -4.87
CA MET V 105 -5.82 -81.26 -5.64
C MET V 105 -5.18 -80.34 -6.67
N GLY V 106 -3.99 -80.73 -7.11
CA GLY V 106 -3.24 -79.91 -8.04
C GLY V 106 -2.85 -78.57 -7.46
N TYR V 107 -2.65 -78.51 -6.15
CA TYR V 107 -2.30 -77.23 -5.52
C TYR V 107 -0.96 -76.73 -6.02
N SER V 108 0.01 -77.62 -6.19
CA SER V 108 1.34 -77.21 -6.63
C SER V 108 1.31 -76.65 -8.04
N GLU V 109 0.54 -77.26 -8.93
CA GLU V 109 0.51 -76.84 -10.32
C GLU V 109 -0.42 -75.65 -10.57
N LEU V 110 -1.30 -75.32 -9.63
CA LEU V 110 -2.20 -74.19 -9.82
C LEU V 110 -1.43 -72.87 -9.68
N THR V 111 -1.87 -71.88 -10.44
CA THR V 111 -1.27 -70.55 -10.38
C THR V 111 -1.68 -69.85 -9.08
N ALA V 112 -0.98 -68.75 -8.79
CA ALA V 112 -1.13 -68.09 -7.48
C ALA V 112 -2.57 -67.62 -7.25
N ILE V 113 -3.20 -67.03 -8.26
CA ILE V 113 -4.56 -66.54 -8.09
C ILE V 113 -5.52 -67.71 -7.91
N ALA V 114 -5.33 -68.80 -8.66
CA ALA V 114 -6.16 -69.98 -8.47
C ALA V 114 -5.93 -70.61 -7.10
N ARG V 115 -4.67 -70.66 -6.66
CA ARG V 115 -4.37 -71.16 -5.32
C ARG V 115 -5.11 -70.35 -4.27
N ASN V 116 -5.04 -69.02 -4.37
CA ASN V 116 -5.68 -68.17 -3.38
C ASN V 116 -7.20 -68.32 -3.42
N CYS V 117 -7.79 -68.38 -4.61
CA CYS V 117 -9.25 -68.50 -4.69
C CYS V 117 -9.71 -69.83 -4.11
N ALA V 118 -8.98 -70.91 -4.38
CA ALA V 118 -9.32 -72.20 -3.78
C ALA V 118 -9.16 -72.16 -2.27
N ILE V 119 -8.10 -71.50 -1.78
CA ILE V 119 -7.88 -71.41 -0.34
C ILE V 119 -9.03 -70.68 0.33
N GLN V 120 -9.45 -69.54 -0.24
CA GLN V 120 -10.56 -68.81 0.36
C GLN V 120 -11.88 -69.56 0.23
N ARG V 121 -12.09 -70.30 -0.85
CA ARG V 121 -13.32 -71.09 -0.96
C ARG V 121 -13.38 -72.16 0.12
N ALA V 122 -12.29 -72.90 0.30
CA ALA V 122 -12.23 -73.89 1.38
C ALA V 122 -12.37 -73.23 2.74
N THR V 123 -11.78 -72.04 2.90
CA THR V 123 -11.90 -71.27 4.13
C THR V 123 -13.35 -70.97 4.46
N ASP V 124 -14.08 -70.43 3.49
CA ASP V 124 -15.50 -70.16 3.69
C ASP V 124 -16.24 -71.44 4.06
N ALA V 125 -16.03 -72.51 3.30
CA ALA V 125 -16.77 -73.75 3.51
C ALA V 125 -16.55 -74.30 4.91
N LEU V 126 -15.29 -74.35 5.35
CA LEU V 126 -15.03 -74.77 6.72
C LEU V 126 -15.61 -73.79 7.73
N ARG V 127 -15.79 -72.53 7.35
CA ARG V 127 -16.46 -71.59 8.25
C ARG V 127 -17.93 -71.96 8.46
N GLU V 128 -18.64 -72.30 7.38
CA GLU V 128 -20.02 -72.78 7.61
C GLU V 128 -20.03 -74.09 8.38
N ALA V 129 -19.03 -74.95 8.14
CA ALA V 129 -18.95 -76.19 8.91
C ALA V 129 -18.82 -75.89 10.40
N LEU V 130 -17.92 -74.96 10.76
CA LEU V 130 -17.73 -74.61 12.17
C LEU V 130 -18.99 -74.00 12.76
N LEU V 131 -19.66 -73.11 12.02
CA LEU V 131 -20.86 -72.49 12.60
C LEU V 131 -21.97 -73.51 12.78
N SER V 132 -22.05 -74.52 11.89
CA SER V 132 -23.03 -75.58 12.09
C SER V 132 -22.68 -76.41 13.34
N TRP V 133 -21.40 -76.75 13.50
CA TRP V 133 -21.00 -77.54 14.65
C TRP V 133 -21.29 -76.81 15.95
N LEU V 134 -21.12 -75.49 15.94
CA LEU V 134 -21.42 -74.70 17.12
C LEU V 134 -22.93 -74.51 17.28
N ALA V 135 -23.68 -74.52 16.18
CA ALA V 135 -25.12 -74.42 16.25
C ALA V 135 -25.72 -75.64 16.95
N LYS V 136 -25.22 -76.84 16.62
CA LYS V 136 -25.70 -78.02 17.35
C LYS V 136 -25.21 -77.99 18.80
N GLY V 137 -24.03 -77.42 19.05
CA GLY V 137 -23.71 -76.87 20.35
C GLY V 137 -23.52 -77.79 21.54
N GLU V 138 -22.44 -78.56 21.57
CA GLU V 138 -22.12 -79.31 22.76
C GLU V 138 -21.41 -78.41 23.77
N LYS V 139 -20.85 -79.02 24.81
CA LYS V 139 -19.94 -78.33 25.71
C LYS V 139 -18.51 -78.60 25.27
N ILE V 140 -17.76 -77.54 24.99
CA ILE V 140 -16.39 -77.69 24.49
C ILE V 140 -15.44 -77.79 25.67
N ASN V 141 -14.37 -78.57 25.51
CA ASN V 141 -13.41 -78.81 26.58
C ASN V 141 -11.99 -78.75 26.02
N TYR V 142 -11.05 -78.45 26.92
CA TYR V 142 -9.64 -78.36 26.55
C TYR V 142 -9.09 -79.71 26.10
N SER V 143 -8.01 -79.65 25.34
CA SER V 143 -7.27 -80.85 24.99
C SER V 143 -6.59 -81.43 26.23
N ALA V 144 -6.55 -82.76 26.30
CA ALA V 144 -6.02 -83.41 27.51
C ALA V 144 -4.52 -83.20 27.65
N GLN V 145 -3.80 -83.03 26.54
CA GLN V 145 -2.35 -82.92 26.61
C GLN V 145 -1.90 -81.68 27.37
N ASP V 146 -2.57 -80.55 27.15
CA ASP V 146 -2.16 -79.27 27.71
C ASP V 146 -3.35 -78.57 28.37
N SER V 147 -4.09 -79.31 29.18
CA SER V 147 -5.29 -78.76 29.80
C SER V 147 -4.95 -77.79 30.92
N ASP V 148 -3.96 -78.15 31.76
CA ASP V 148 -3.68 -77.36 32.97
C ASP V 148 -3.13 -75.97 32.63
N ILE V 149 -2.24 -75.88 31.63
CA ILE V 149 -1.72 -74.58 31.23
C ILE V 149 -2.85 -73.68 30.77
N LEU V 150 -3.74 -74.21 29.94
CA LEU V 150 -4.83 -73.40 29.38
C LEU V 150 -5.83 -73.00 30.47
N THR V 151 -6.13 -73.89 31.42
CA THR V 151 -7.07 -73.52 32.46
C THR V 151 -6.45 -72.50 33.42
N THR V 152 -5.13 -72.57 33.64
CA THR V 152 -4.47 -71.52 34.41
C THR V 152 -4.52 -70.19 33.67
N ILE V 153 -4.26 -70.21 32.35
CA ILE V 153 -4.33 -68.99 31.57
C ILE V 153 -5.77 -68.51 31.43
N GLY V 154 -6.69 -69.42 31.14
CA GLY V 154 -8.09 -69.08 31.00
C GLY V 154 -8.46 -68.75 29.56
N PHE V 155 -9.76 -68.83 29.29
CA PHE V 155 -10.26 -68.55 27.94
C PHE V 155 -10.04 -67.08 27.58
N ARG V 156 -10.33 -66.18 28.50
CA ARG V 156 -10.16 -64.74 28.29
C ARG V 156 -9.38 -64.15 29.45
N PRO V 157 -8.63 -63.08 29.21
CA PRO V 157 -7.89 -62.43 30.31
C PRO V 157 -8.85 -61.72 31.26
N ASP V 158 -8.26 -61.20 32.34
CA ASP V 158 -9.05 -60.52 33.36
C ASP V 158 -9.67 -59.24 32.81
N VAL V 159 -10.87 -58.94 33.29
CA VAL V 159 -11.56 -57.71 32.87
C VAL V 159 -10.78 -56.48 33.33
N ALA V 160 -10.08 -56.59 34.46
CA ALA V 160 -9.23 -55.49 34.91
C ALA V 160 -8.13 -55.22 33.91
N SER V 161 -7.55 -56.28 33.33
CA SER V 161 -6.51 -56.09 32.32
C SER V 161 -7.06 -55.36 31.09
N VAL V 162 -8.27 -55.67 30.67
CA VAL V 162 -8.77 -55.11 29.42
C VAL V 162 -9.27 -53.68 29.64
N ASP V 163 -9.86 -53.38 30.79
CA ASP V 163 -10.33 -52.01 30.99
C ASP V 163 -9.26 -51.07 31.53
N ASP V 164 -8.17 -51.61 32.09
CA ASP V 164 -7.04 -50.77 32.45
C ASP V 164 -6.20 -50.38 31.23
N SER V 165 -6.34 -51.10 30.12
CA SER V 165 -5.67 -50.77 28.87
C SER V 165 -6.60 -50.07 27.89
N ARG V 166 -7.78 -49.62 28.35
CA ARG V 166 -8.73 -48.99 27.46
C ARG V 166 -8.17 -47.69 26.87
N GLU V 167 -7.53 -46.88 27.70
CA GLU V 167 -6.98 -45.62 27.22
C GLU V 167 -5.78 -45.87 26.31
N LYS V 168 -5.62 -45.00 25.32
CA LYS V 168 -4.53 -45.09 24.37
C LYS V 168 -3.62 -43.88 24.52
N PHE V 169 -2.32 -44.14 24.66
CA PHE V 169 -1.32 -43.09 24.80
C PHE V 169 -0.48 -43.03 23.54
N THR V 170 -0.27 -41.82 23.02
CA THR V 170 0.65 -41.67 21.91
C THR V 170 2.06 -42.04 22.38
N PRO V 171 2.85 -42.68 21.52
CA PRO V 171 4.17 -43.15 21.97
C PRO V 171 5.13 -42.04 22.36
N ALA V 172 4.87 -40.80 21.96
CA ALA V 172 5.60 -39.68 22.54
C ALA V 172 5.31 -39.59 24.04
N GLN V 173 4.04 -39.71 24.42
CA GLN V 173 3.71 -39.80 25.83
C GLN V 173 4.32 -41.05 26.46
N ASN V 174 4.36 -42.15 25.72
CA ASN V 174 4.95 -43.36 26.26
C ASN V 174 6.42 -43.16 26.62
N MET V 175 7.18 -42.49 25.74
CA MET V 175 8.60 -42.28 26.02
C MET V 175 8.83 -41.22 27.08
N ILE V 176 8.02 -40.17 27.12
CA ILE V 176 8.17 -39.20 28.19
C ILE V 176 7.85 -39.84 29.54
N PHE V 177 6.86 -40.73 29.56
CA PHE V 177 6.57 -41.49 30.77
C PHE V 177 7.68 -42.47 31.09
N SER V 178 8.37 -42.99 30.07
CA SER V 178 9.53 -43.85 30.34
C SER V 178 10.61 -43.07 31.08
N ARG V 179 10.91 -41.86 30.61
CA ARG V 179 11.85 -41.02 31.35
C ARG V 179 11.36 -40.72 32.76
N LYS V 180 10.08 -40.38 32.91
CA LYS V 180 9.55 -40.07 34.24
C LYS V 180 9.66 -41.28 35.17
N SER V 181 9.32 -42.46 34.68
CA SER V 181 9.39 -43.67 35.49
C SER V 181 10.82 -44.02 35.86
N ALA V 182 11.76 -43.85 34.92
CA ALA V 182 13.16 -44.09 35.23
C ALA V 182 13.65 -43.13 36.31
N GLN V 183 13.28 -41.84 36.19
CA GLN V 183 13.68 -40.87 37.20
C GLN V 183 13.09 -41.20 38.56
N LEU V 184 11.82 -41.60 38.59
CA LEU V 184 11.18 -41.92 39.87
C LEU V 184 11.79 -43.19 40.48
N ALA V 185 12.12 -44.18 39.66
CA ALA V 185 12.78 -45.37 40.18
C ALA V 185 14.15 -45.03 40.76
N SER V 186 14.91 -44.18 40.06
CA SER V 186 16.20 -43.75 40.59
C SER V 186 16.04 -42.99 41.89
N ARG V 187 15.04 -42.11 41.98
CA ARG V 187 14.80 -41.35 43.20
C ARG V 187 14.40 -42.26 44.35
N GLN V 188 13.53 -43.24 44.09
CA GLN V 188 13.12 -44.17 45.13
C GLN V 188 14.29 -45.04 45.59
N SER V 189 15.17 -45.44 44.66
CA SER V 189 16.36 -46.19 45.05
C SER V 189 17.26 -45.35 45.94
N VAL V 190 17.39 -44.06 45.65
CA VAL V 190 18.19 -43.16 46.46
C VAL V 190 17.54 -42.95 47.82
N THR W 4 -30.22 -86.49 -2.26
CA THR W 4 -30.67 -86.61 -3.66
C THR W 4 -30.32 -85.36 -4.44
N ALA W 5 -29.92 -84.30 -3.73
CA ALA W 5 -29.54 -83.06 -4.40
C ALA W 5 -28.27 -83.23 -5.22
N LEU W 6 -27.38 -84.15 -4.81
CA LEU W 6 -26.15 -84.37 -5.56
C LEU W 6 -26.45 -84.88 -6.97
N GLN W 7 -27.40 -85.82 -7.09
CA GLN W 7 -27.76 -86.33 -8.42
C GLN W 7 -28.39 -85.24 -9.28
N GLN W 8 -29.22 -84.39 -8.68
CA GLN W 8 -29.81 -83.28 -9.42
C GLN W 8 -28.73 -82.33 -9.92
N ALA W 9 -27.78 -81.98 -9.06
CA ALA W 9 -26.69 -81.13 -9.48
C ALA W 9 -25.89 -81.78 -10.61
N PHE W 10 -25.62 -83.08 -10.46
CA PHE W 10 -24.81 -83.80 -11.44
C PHE W 10 -25.46 -83.82 -12.81
N ASP W 11 -26.74 -84.22 -12.89
CA ASP W 11 -27.35 -84.32 -14.21
C ASP W 11 -27.72 -82.96 -14.78
N THR W 12 -27.98 -81.95 -13.93
CA THR W 12 -28.11 -80.60 -14.45
C THR W 12 -26.80 -80.12 -15.08
N CYS W 13 -25.68 -80.39 -14.43
CA CYS W 13 -24.39 -80.05 -15.02
C CYS W 13 -24.16 -80.79 -16.33
N GLN W 14 -24.52 -82.07 -16.37
CA GLN W 14 -24.34 -82.86 -17.59
C GLN W 14 -25.16 -82.30 -18.75
N ASN W 15 -26.44 -81.99 -18.50
CA ASN W 15 -27.26 -81.48 -19.59
C ASN W 15 -26.85 -80.06 -19.97
N ASN W 16 -26.36 -79.26 -19.02
CA ASN W 16 -25.82 -77.95 -19.37
C ASN W 16 -24.59 -78.08 -20.26
N LYS W 17 -23.71 -79.04 -19.96
CA LYS W 17 -22.55 -79.28 -20.81
C LYS W 17 -22.98 -79.75 -22.20
N ALA W 18 -23.99 -80.61 -22.27
CA ALA W 18 -24.50 -81.07 -23.56
C ALA W 18 -25.08 -79.91 -24.36
N ALA W 19 -25.83 -79.02 -23.70
CA ALA W 19 -26.37 -77.85 -24.38
C ALA W 19 -25.26 -76.94 -24.87
N TRP W 20 -24.22 -76.74 -24.07
CA TRP W 20 -23.09 -75.94 -24.51
C TRP W 20 -22.40 -76.56 -25.72
N LEU W 21 -22.24 -77.88 -25.71
CA LEU W 21 -21.62 -78.56 -26.85
C LEU W 21 -22.47 -78.42 -28.11
N GLN W 22 -23.79 -78.55 -27.98
CA GLN W 22 -24.62 -78.45 -29.19
C GLN W 22 -24.67 -77.01 -29.70
N ARG W 23 -24.67 -76.02 -28.80
CA ARG W 23 -24.53 -74.64 -29.25
C ARG W 23 -23.21 -74.44 -29.98
N LYS W 24 -22.13 -75.03 -29.46
CA LYS W 24 -20.82 -74.91 -30.11
C LYS W 24 -20.83 -75.50 -31.51
N ASN W 25 -21.44 -76.69 -31.66
CA ASN W 25 -21.45 -77.31 -32.98
C ASN W 25 -22.34 -76.55 -33.95
N GLU W 26 -23.46 -75.99 -33.47
CA GLU W 26 -24.29 -75.15 -34.32
C GLU W 26 -23.53 -73.91 -34.77
N LEU W 27 -22.79 -73.27 -33.87
CA LEU W 27 -22.00 -72.09 -34.23
C LEU W 27 -20.92 -72.47 -35.24
N ALA W 28 -20.27 -73.62 -35.03
CA ALA W 28 -19.24 -74.06 -35.97
C ALA W 28 -19.82 -74.31 -37.34
N ALA W 29 -20.99 -74.96 -37.41
CA ALA W 29 -21.63 -75.18 -38.71
C ALA W 29 -22.00 -73.87 -39.38
N ALA W 30 -22.53 -72.91 -38.61
CA ALA W 30 -22.90 -71.62 -39.19
C ALA W 30 -21.68 -70.88 -39.73
N GLU W 31 -20.59 -70.86 -38.96
CA GLU W 31 -19.40 -70.15 -39.43
C GLU W 31 -18.75 -70.86 -40.62
N GLN W 32 -18.80 -72.21 -40.65
CA GLN W 32 -18.31 -72.92 -41.81
C GLN W 32 -19.12 -72.61 -43.05
N GLU W 33 -20.45 -72.54 -42.90
CA GLU W 33 -21.30 -72.16 -44.03
C GLU W 33 -21.00 -70.75 -44.50
N TYR W 34 -20.79 -69.82 -43.55
CA TYR W 34 -20.45 -68.45 -43.93
C TYR W 34 -19.12 -68.38 -44.67
N LEU W 35 -18.12 -69.13 -44.21
CA LEU W 35 -16.84 -69.17 -44.90
C LEU W 35 -16.98 -69.77 -46.29
N ARG W 36 -17.77 -70.83 -46.42
CA ARG W 36 -17.99 -71.44 -47.72
C ARG W 36 -18.67 -70.48 -48.69
N LEU W 37 -19.67 -69.74 -48.20
CA LEU W 37 -20.32 -68.75 -49.05
C LEU W 37 -19.39 -67.61 -49.41
N LEU W 38 -18.49 -67.24 -48.50
CA LEU W 38 -17.44 -66.27 -48.85
C LEU W 38 -16.57 -66.81 -49.98
N SER W 39 -16.18 -68.07 -49.90
CA SER W 39 -15.39 -68.70 -50.95
C SER W 39 -16.22 -69.07 -52.17
N GLY W 40 -17.55 -69.04 -52.07
CA GLY W 40 -18.40 -69.39 -53.18
C GLY W 40 -18.53 -68.30 -54.22
N GLU W 41 -19.18 -68.66 -55.33
CA GLU W 41 -19.39 -67.71 -56.42
C GLU W 41 -20.63 -66.84 -56.22
N GLY W 42 -21.58 -67.29 -55.41
CA GLY W 42 -22.81 -66.52 -55.22
C GLY W 42 -22.54 -65.17 -54.59
N ARG W 43 -23.35 -64.18 -54.98
CA ARG W 43 -23.19 -62.80 -54.57
C ARG W 43 -24.46 -62.28 -53.89
N ASN W 44 -25.03 -63.08 -53.00
CA ASN W 44 -26.22 -62.68 -52.25
C ASN W 44 -25.76 -61.98 -50.98
N VAL W 45 -25.70 -60.64 -51.05
CA VAL W 45 -25.20 -59.85 -49.92
C VAL W 45 -26.14 -59.97 -48.73
N SER W 46 -27.45 -60.05 -48.99
CA SER W 46 -28.41 -60.19 -47.91
C SER W 46 -28.17 -61.48 -47.12
N ARG W 47 -27.89 -62.58 -47.84
CA ARG W 47 -27.57 -63.82 -47.16
C ARG W 47 -26.27 -63.70 -46.36
N LEU W 48 -25.31 -62.94 -46.88
CA LEU W 48 -24.07 -62.73 -46.15
C LEU W 48 -24.32 -62.00 -44.83
N ASP W 49 -25.11 -60.93 -44.88
CA ASP W 49 -25.42 -60.20 -43.65
C ASP W 49 -26.22 -61.05 -42.68
N GLU W 50 -27.16 -61.84 -43.20
CA GLU W 50 -27.92 -62.75 -42.34
C GLU W 50 -26.99 -63.76 -41.68
N LEU W 51 -26.04 -64.32 -42.43
CA LEU W 51 -25.10 -65.25 -41.82
C LEU W 51 -24.24 -64.55 -40.77
N ARG W 52 -23.88 -63.29 -41.03
CA ARG W 52 -23.07 -62.54 -40.06
C ARG W 52 -23.81 -62.36 -38.74
N ASN W 53 -25.05 -61.85 -38.78
CA ASN W 53 -25.72 -61.61 -37.51
C ASN W 53 -26.16 -62.93 -36.87
N ILE W 54 -26.41 -63.97 -37.68
CA ILE W 54 -26.70 -65.29 -37.11
C ILE W 54 -25.49 -65.83 -36.36
N ILE W 55 -24.28 -65.73 -36.93
CA ILE W 55 -23.13 -66.26 -36.21
C ILE W 55 -22.84 -65.39 -34.98
N GLU W 56 -23.12 -64.09 -35.06
CA GLU W 56 -22.95 -63.24 -33.88
C GLU W 56 -23.87 -63.67 -32.74
N VAL W 57 -25.15 -63.87 -33.04
CA VAL W 57 -26.07 -64.30 -31.99
C VAL W 57 -25.75 -65.72 -31.54
N ARG W 58 -25.23 -66.56 -32.44
CA ARG W 58 -24.83 -67.92 -32.05
C ARG W 58 -23.65 -67.90 -31.08
N LYS W 59 -22.67 -67.02 -31.30
CA LYS W 59 -21.57 -66.95 -30.35
C LYS W 59 -22.02 -66.32 -29.04
N TRP W 60 -22.99 -65.40 -29.08
CA TRP W 60 -23.58 -64.95 -27.82
C TRP W 60 -24.26 -66.11 -27.09
N GLN W 61 -24.95 -66.97 -27.83
CA GLN W 61 -25.61 -68.11 -27.21
C GLN W 61 -24.61 -69.09 -26.61
N VAL W 62 -23.50 -69.33 -27.32
CA VAL W 62 -22.51 -70.26 -26.77
C VAL W 62 -21.84 -69.66 -25.54
N ASN W 63 -21.65 -68.33 -25.54
CA ASN W 63 -21.16 -67.67 -24.33
C ASN W 63 -22.11 -67.87 -23.16
N GLN W 64 -23.41 -67.68 -23.40
CA GLN W 64 -24.40 -67.86 -22.34
C GLN W 64 -24.41 -69.31 -21.84
N ALA W 65 -24.36 -70.26 -22.77
CA ALA W 65 -24.36 -71.68 -22.38
C ALA W 65 -23.11 -72.04 -21.59
N ALA W 66 -21.95 -71.52 -22.00
CA ALA W 66 -20.73 -71.78 -21.26
C ALA W 66 -20.79 -71.19 -19.86
N GLY W 67 -21.32 -69.97 -19.73
CA GLY W 67 -21.49 -69.38 -18.41
C GLY W 67 -22.41 -70.19 -17.53
N ARG W 68 -23.54 -70.65 -18.09
CA ARG W 68 -24.46 -71.48 -17.32
C ARG W 68 -23.82 -72.78 -16.89
N TYR W 69 -23.06 -73.42 -17.79
CA TYR W 69 -22.41 -74.68 -17.46
C TYR W 69 -21.35 -74.48 -16.37
N ILE W 70 -20.58 -73.39 -16.46
CA ILE W 70 -19.57 -73.11 -15.44
C ILE W 70 -20.23 -72.85 -14.10
N ARG W 71 -21.33 -72.09 -14.09
CA ARG W 71 -22.03 -71.84 -12.84
C ARG W 71 -22.58 -73.14 -12.25
N SER W 72 -23.13 -74.01 -13.09
CA SER W 72 -23.63 -75.30 -12.60
C SER W 72 -22.52 -76.16 -12.04
N HIS W 73 -21.36 -76.18 -12.71
CA HIS W 73 -20.21 -76.95 -12.20
C HIS W 73 -19.75 -76.40 -10.86
N GLU W 74 -19.69 -75.08 -10.73
CA GLU W 74 -19.32 -74.47 -9.45
C GLU W 74 -20.32 -74.82 -8.36
N ALA W 75 -21.62 -74.83 -8.70
CA ALA W 75 -22.64 -75.22 -7.73
C ALA W 75 -22.47 -76.68 -7.32
N VAL W 76 -22.16 -77.55 -8.27
CA VAL W 76 -21.94 -78.96 -7.95
C VAL W 76 -20.76 -79.09 -6.99
N GLN W 77 -19.66 -78.41 -7.28
CA GLN W 77 -18.49 -78.48 -6.41
C GLN W 77 -18.81 -77.92 -5.03
N HIS W 78 -19.55 -76.81 -4.97
CA HIS W 78 -19.86 -76.20 -3.68
C HIS W 78 -20.76 -77.10 -2.84
N ILE W 79 -21.77 -77.72 -3.44
CA ILE W 79 -22.65 -78.60 -2.67
C ILE W 79 -21.91 -79.86 -2.25
N SER W 80 -21.00 -80.36 -3.11
CA SER W 80 -20.19 -81.50 -2.72
C SER W 80 -19.32 -81.17 -1.52
N ILE W 81 -18.66 -80.01 -1.55
CA ILE W 81 -17.87 -79.58 -0.40
C ILE W 81 -18.73 -79.44 0.84
N ARG W 82 -19.90 -78.82 0.70
CA ARG W 82 -20.77 -78.63 1.86
C ARG W 82 -21.13 -79.97 2.49
N ASP W 83 -21.60 -80.92 1.69
CA ASP W 83 -22.03 -82.20 2.23
C ASP W 83 -20.85 -83.00 2.80
N ARG W 84 -19.74 -83.05 2.07
CA ARG W 84 -18.59 -83.83 2.52
C ARG W 84 -18.01 -83.26 3.81
N LEU W 85 -17.84 -81.94 3.86
CA LEU W 85 -17.41 -81.32 5.11
C LEU W 85 -18.40 -81.63 6.22
N ASN W 86 -19.71 -81.54 5.92
CA ASN W 86 -20.72 -81.70 6.97
C ASN W 86 -20.62 -83.08 7.62
N ASP W 87 -20.62 -84.15 6.82
CA ASP W 87 -20.59 -85.45 7.50
C ASP W 87 -19.21 -85.74 8.08
N PHE W 88 -18.13 -85.31 7.40
CA PHE W 88 -16.80 -85.53 7.94
C PHE W 88 -16.65 -84.93 9.33
N MET W 89 -16.98 -83.66 9.48
CA MET W 89 -16.99 -83.00 10.78
C MET W 89 -18.09 -83.51 11.70
N GLN W 90 -19.11 -84.20 11.18
CA GLN W 90 -20.04 -84.87 12.07
C GLN W 90 -19.38 -86.07 12.74
N GLN W 91 -18.47 -86.76 12.05
CA GLN W 91 -17.76 -87.88 12.65
C GLN W 91 -16.46 -87.47 13.34
N HIS W 92 -15.66 -86.58 12.73
CA HIS W 92 -14.37 -86.19 13.28
C HIS W 92 -14.40 -84.82 13.95
N GLY W 93 -15.59 -84.34 14.32
CA GLY W 93 -15.71 -82.97 14.81
C GLY W 93 -15.02 -82.72 16.14
N THR W 94 -15.10 -83.70 17.06
CA THR W 94 -14.60 -83.47 18.41
C THR W 94 -13.10 -83.21 18.42
N ALA W 95 -12.34 -83.84 17.52
CA ALA W 95 -10.89 -83.69 17.52
C ALA W 95 -10.47 -82.25 17.23
N LEU W 96 -10.97 -81.69 16.12
CA LEU W 96 -10.61 -80.29 15.83
C LEU W 96 -11.37 -79.30 16.70
N ALA W 97 -12.50 -79.71 17.28
CA ALA W 97 -13.17 -78.86 18.26
C ALA W 97 -12.29 -78.67 19.49
N ALA W 98 -11.70 -79.77 19.98
CA ALA W 98 -10.72 -79.67 21.06
C ALA W 98 -9.45 -78.98 20.59
N ALA W 99 -9.11 -79.12 19.30
CA ALA W 99 -7.96 -78.39 18.76
C ALA W 99 -8.21 -76.89 18.76
N LEU W 100 -9.45 -76.47 18.54
CA LEU W 100 -9.82 -75.06 18.60
C LEU W 100 -10.43 -74.68 19.94
N ALA W 101 -10.30 -75.54 20.95
CA ALA W 101 -10.91 -75.26 22.24
C ALA W 101 -10.46 -73.94 22.86
N PRO W 102 -9.16 -73.63 22.97
CA PRO W 102 -8.76 -72.40 23.70
C PRO W 102 -9.45 -71.13 23.24
N GLU W 103 -10.23 -71.17 22.15
CA GLU W 103 -10.92 -69.99 21.65
C GLU W 103 -12.43 -70.13 21.59
N LEU W 104 -12.97 -71.33 21.80
CA LEU W 104 -14.38 -71.60 21.54
C LEU W 104 -15.22 -71.79 22.81
N MET W 105 -14.66 -71.56 23.99
CA MET W 105 -15.50 -71.58 25.20
C MET W 105 -16.46 -70.39 25.19
N GLY W 106 -17.73 -70.67 25.46
CA GLY W 106 -18.73 -69.64 25.64
C GLY W 106 -18.89 -68.73 24.44
N TYR W 107 -18.97 -69.31 23.24
CA TYR W 107 -19.15 -68.49 22.04
C TYR W 107 -20.47 -67.73 22.09
N SER W 108 -21.55 -68.40 22.55
CA SER W 108 -22.87 -67.79 22.51
C SER W 108 -22.94 -66.55 23.39
N GLU W 109 -22.33 -66.61 24.58
CA GLU W 109 -22.37 -65.46 25.48
C GLU W 109 -21.49 -64.30 25.03
N LEU W 110 -20.60 -64.51 24.06
CA LEU W 110 -19.80 -63.42 23.55
C LEU W 110 -20.63 -62.49 22.67
N THR W 111 -20.18 -61.25 22.57
CA THR W 111 -20.86 -60.26 21.76
C THR W 111 -20.64 -60.55 20.28
N ALA W 112 -21.47 -59.91 19.44
CA ALA W 112 -21.44 -60.18 18.00
C ALA W 112 -20.09 -59.86 17.40
N ILE W 113 -19.51 -58.71 17.76
CA ILE W 113 -18.20 -58.34 17.24
C ILE W 113 -17.13 -59.29 17.76
N ALA W 114 -17.18 -59.62 19.05
CA ALA W 114 -16.23 -60.58 19.61
C ALA W 114 -16.42 -61.96 18.98
N ARG W 115 -17.67 -62.36 18.76
CA ARG W 115 -17.94 -63.64 18.11
C ARG W 115 -17.34 -63.68 16.71
N ASN W 116 -17.53 -62.61 15.93
CA ASN W 116 -16.97 -62.56 14.58
C ASN W 116 -15.45 -62.57 14.61
N CYS W 117 -14.85 -61.85 15.55
CA CYS W 117 -13.39 -61.85 15.67
C CYS W 117 -12.87 -63.24 16.01
N ALA W 118 -13.54 -63.93 16.94
CA ALA W 118 -13.11 -65.27 17.30
C ALA W 118 -13.25 -66.23 16.11
N ILE W 119 -14.34 -66.14 15.38
CA ILE W 119 -14.51 -66.99 14.20
C ILE W 119 -13.43 -66.71 13.18
N GLN W 120 -13.12 -65.44 12.94
CA GLN W 120 -12.10 -65.09 11.96
C GLN W 120 -10.73 -65.61 12.38
N ARG W 121 -10.39 -65.48 13.66
CA ARG W 121 -9.08 -65.95 14.12
C ARG W 121 -8.97 -67.47 14.07
N ALA W 122 -10.02 -68.17 14.50
CA ALA W 122 -10.01 -69.63 14.38
C ALA W 122 -9.90 -70.06 12.92
N THR W 123 -10.59 -69.33 12.04
CA THR W 123 -10.59 -69.68 10.62
C THR W 123 -9.23 -69.46 9.99
N ASP W 124 -8.54 -68.37 10.37
CA ASP W 124 -7.22 -68.15 9.79
C ASP W 124 -6.18 -69.10 10.38
N ALA W 125 -6.36 -69.53 11.64
CA ALA W 125 -5.52 -70.60 12.17
C ALA W 125 -5.72 -71.89 11.38
N LEU W 126 -6.98 -72.22 11.07
CA LEU W 126 -7.25 -73.37 10.21
C LEU W 126 -6.63 -73.19 8.83
N ARG W 127 -6.63 -71.96 8.32
CA ARG W 127 -5.98 -71.67 7.05
C ARG W 127 -4.50 -71.98 7.12
N GLU W 128 -3.84 -71.56 8.20
CA GLU W 128 -2.41 -71.84 8.36
C GLU W 128 -2.16 -73.33 8.43
N ALA W 129 -3.01 -74.07 9.16
CA ALA W 129 -2.85 -75.51 9.25
C ALA W 129 -3.02 -76.17 7.87
N LEU W 130 -4.01 -75.73 7.10
CA LEU W 130 -4.21 -76.28 5.76
C LEU W 130 -3.03 -75.97 4.85
N LEU W 131 -2.49 -74.76 4.93
CA LEU W 131 -1.31 -74.42 4.15
C LEU W 131 -0.12 -75.30 4.52
N SER W 132 0.07 -75.55 5.82
CA SER W 132 1.15 -76.43 6.24
C SER W 132 0.97 -77.84 5.68
N TRP W 133 -0.25 -78.37 5.78
CA TRP W 133 -0.48 -79.73 5.28
C TRP W 133 -0.35 -79.81 3.77
N LEU W 134 -0.74 -78.76 3.06
CA LEU W 134 -0.52 -78.71 1.61
C LEU W 134 0.96 -78.66 1.29
N ALA W 135 1.73 -77.93 2.11
CA ALA W 135 3.18 -77.92 1.96
C ALA W 135 3.79 -79.28 2.25
N LYS W 136 3.11 -80.13 3.01
CA LYS W 136 3.57 -81.51 3.17
C LYS W 136 3.66 -82.22 1.83
N GLY W 137 2.63 -82.07 0.99
CA GLY W 137 2.73 -82.41 -0.41
C GLY W 137 2.09 -83.71 -0.85
N GLU W 138 1.63 -84.56 0.07
CA GLU W 138 1.06 -85.83 -0.32
C GLU W 138 -0.28 -85.64 -1.04
N LYS W 139 -0.54 -86.50 -2.02
CA LYS W 139 -1.72 -86.39 -2.88
C LYS W 139 -2.89 -87.15 -2.28
N ILE W 140 -4.09 -86.69 -2.60
CA ILE W 140 -5.33 -87.28 -2.12
C ILE W 140 -6.27 -87.50 -3.30
N ASN W 141 -7.25 -88.38 -3.10
CA ASN W 141 -8.29 -88.66 -4.08
C ASN W 141 -9.64 -88.19 -3.54
N TYR W 142 -10.69 -88.46 -4.32
CA TYR W 142 -12.03 -88.07 -3.93
C TYR W 142 -12.55 -88.95 -2.80
N SER W 143 -13.61 -88.48 -2.15
CA SER W 143 -14.29 -89.28 -1.14
C SER W 143 -15.03 -90.44 -1.80
N ALA W 144 -15.21 -91.52 -1.04
CA ALA W 144 -15.80 -92.73 -1.60
C ALA W 144 -17.23 -92.50 -2.08
N GLN W 145 -18.03 -91.77 -1.29
CA GLN W 145 -19.43 -91.58 -1.65
C GLN W 145 -19.58 -90.70 -2.88
N ASP W 146 -18.75 -89.66 -2.99
CA ASP W 146 -18.84 -88.69 -4.09
C ASP W 146 -17.66 -88.80 -5.05
N SER W 147 -17.21 -90.03 -5.33
CA SER W 147 -16.08 -90.22 -6.24
C SER W 147 -16.51 -90.19 -7.70
N ASP W 148 -17.37 -91.13 -8.09
CA ASP W 148 -17.70 -91.31 -9.51
C ASP W 148 -18.39 -90.07 -10.08
N ILE W 149 -19.31 -89.48 -9.33
CA ILE W 149 -20.07 -88.33 -9.84
C ILE W 149 -19.12 -87.20 -10.21
N LEU W 150 -18.21 -86.84 -9.31
CA LEU W 150 -17.35 -85.71 -9.56
C LEU W 150 -16.18 -86.05 -10.49
N THR W 151 -15.79 -87.33 -10.58
CA THR W 151 -14.86 -87.72 -11.64
C THR W 151 -15.50 -87.51 -13.01
N THR W 152 -16.78 -87.85 -13.15
CA THR W 152 -17.48 -87.54 -14.39
C THR W 152 -17.58 -86.03 -14.59
N ILE W 153 -17.87 -85.29 -13.52
CA ILE W 153 -17.93 -83.83 -13.63
C ILE W 153 -16.56 -83.26 -13.97
N GLY W 154 -15.52 -83.74 -13.29
CA GLY W 154 -14.18 -83.26 -13.54
C GLY W 154 -13.73 -82.25 -12.50
N PHE W 155 -12.40 -82.18 -12.31
CA PHE W 155 -11.84 -81.28 -11.30
C PHE W 155 -12.06 -79.82 -11.68
N ARG W 156 -11.87 -79.48 -12.95
CA ARG W 156 -11.99 -78.11 -13.42
C ARG W 156 -12.84 -78.06 -14.68
N PRO W 157 -13.50 -76.93 -14.94
CA PRO W 157 -14.24 -76.79 -16.18
C PRO W 157 -13.32 -76.81 -17.40
N ASP W 158 -13.89 -77.22 -18.53
CA ASP W 158 -13.13 -77.35 -19.75
C ASP W 158 -12.57 -76.00 -20.20
N VAL W 159 -11.39 -76.04 -20.81
CA VAL W 159 -10.74 -74.81 -21.28
C VAL W 159 -11.59 -74.15 -22.36
N ALA W 160 -12.26 -74.95 -23.20
CA ALA W 160 -13.12 -74.38 -24.23
C ALA W 160 -14.26 -73.58 -23.61
N SER W 161 -14.82 -74.06 -22.49
CA SER W 161 -15.87 -73.30 -21.81
C SER W 161 -15.34 -71.97 -21.30
N VAL W 162 -14.13 -71.97 -20.73
CA VAL W 162 -13.55 -70.73 -20.23
C VAL W 162 -13.30 -69.76 -21.39
N ASP W 163 -12.80 -70.26 -22.52
CA ASP W 163 -12.59 -69.41 -23.67
C ASP W 163 -13.91 -68.83 -24.19
N ASP W 164 -14.96 -69.64 -24.22
CA ASP W 164 -16.26 -69.16 -24.66
C ASP W 164 -16.82 -68.11 -23.71
N SER W 165 -16.62 -68.28 -22.41
CA SER W 165 -17.16 -67.36 -21.41
C SER W 165 -16.22 -66.20 -21.10
N ARG W 166 -15.06 -66.12 -21.77
CA ARG W 166 -14.12 -65.04 -21.50
C ARG W 166 -14.73 -63.68 -21.83
N GLU W 167 -15.29 -63.54 -23.02
CA GLU W 167 -15.89 -62.28 -23.41
C GLU W 167 -17.18 -62.04 -22.63
N LYS W 168 -17.42 -60.78 -22.27
CA LYS W 168 -18.58 -60.40 -21.47
C LYS W 168 -19.32 -59.26 -22.14
N PHE W 169 -20.64 -59.32 -22.08
CA PHE W 169 -21.52 -58.29 -22.63
C PHE W 169 -22.25 -57.57 -21.51
N THR W 170 -22.33 -56.25 -21.61
CA THR W 170 -23.07 -55.47 -20.65
C THR W 170 -24.56 -55.73 -20.78
N PRO W 171 -25.35 -55.45 -19.73
CA PRO W 171 -26.78 -55.76 -19.79
C PRO W 171 -27.52 -55.11 -20.96
N ALA W 172 -26.97 -54.05 -21.54
CA ALA W 172 -27.61 -53.45 -22.71
C ALA W 172 -27.65 -54.42 -23.88
N GLN W 173 -26.54 -55.13 -24.13
CA GLN W 173 -26.49 -56.06 -25.25
C GLN W 173 -27.24 -57.35 -24.97
N ASN W 174 -27.34 -57.75 -23.70
CA ASN W 174 -28.00 -59.02 -23.38
C ASN W 174 -29.46 -59.00 -23.81
N MET W 175 -30.16 -57.88 -23.58
CA MET W 175 -31.56 -57.78 -23.98
C MET W 175 -31.72 -57.93 -25.49
N ILE W 176 -30.93 -57.19 -26.25
CA ILE W 176 -31.08 -57.21 -27.70
C ILE W 176 -30.68 -58.57 -28.27
N PHE W 177 -29.65 -59.20 -27.69
CA PHE W 177 -29.27 -60.53 -28.17
C PHE W 177 -30.31 -61.59 -27.79
N SER W 178 -30.98 -61.42 -26.65
CA SER W 178 -32.09 -62.32 -26.33
C SER W 178 -33.23 -62.14 -27.34
N ARG W 179 -33.51 -60.90 -27.73
CA ARG W 179 -34.52 -60.66 -28.77
C ARG W 179 -34.09 -61.29 -30.09
N LYS W 180 -32.80 -61.20 -30.42
CA LYS W 180 -32.28 -61.84 -31.64
C LYS W 180 -32.46 -63.34 -31.59
N SER W 181 -32.19 -63.95 -30.43
CA SER W 181 -32.41 -65.38 -30.27
C SER W 181 -33.87 -65.74 -30.43
N ALA W 182 -34.76 -64.92 -29.87
CA ALA W 182 -36.19 -65.17 -30.02
C ALA W 182 -36.61 -65.11 -31.49
N GLN W 183 -36.12 -64.11 -32.23
CA GLN W 183 -36.56 -63.96 -33.61
C GLN W 183 -35.98 -65.07 -34.48
N LEU W 184 -34.75 -65.51 -34.19
CA LEU W 184 -34.20 -66.63 -34.97
C LEU W 184 -34.94 -67.92 -34.66
N ALA W 185 -35.35 -68.11 -33.41
CA ALA W 185 -36.16 -69.28 -33.07
C ALA W 185 -37.49 -69.26 -33.81
N SER W 186 -38.13 -68.09 -33.87
CA SER W 186 -39.38 -67.99 -34.62
C SER W 186 -39.16 -68.25 -36.10
N ARG W 187 -38.07 -67.71 -36.65
CA ARG W 187 -37.77 -67.91 -38.07
C ARG W 187 -37.52 -69.37 -38.39
N GLN W 188 -36.78 -70.07 -37.52
CA GLN W 188 -36.54 -71.50 -37.71
C GLN W 188 -37.83 -72.30 -37.56
N SER W 189 -38.71 -71.89 -36.65
CA SER W 189 -40.00 -72.55 -36.52
C SER W 189 -40.83 -72.42 -37.80
N VAL W 190 -40.81 -71.24 -38.41
CA VAL W 190 -41.53 -71.01 -39.65
C VAL W 190 -40.85 -71.76 -40.79
PG AGS X . 16.10 -24.62 23.04
S1G AGS X . 17.04 -22.92 22.97
O2G AGS X . 17.14 -25.77 23.23
O3G AGS X . 15.11 -24.62 24.24
PB AGS X . 15.09 -26.30 21.14
O1B AGS X . 16.21 -27.18 21.54
O2B AGS X . 15.00 -26.12 19.62
O3B AGS X . 15.31 -24.84 21.72
PA AGS X . 13.65 -28.30 22.38
O1A AGS X . 13.93 -28.12 23.82
O2A AGS X . 14.65 -29.22 21.68
O3A AGS X . 13.70 -26.91 21.61
O5' AGS X . 12.16 -28.84 22.23
C5' AGS X . 11.02 -28.04 22.63
C4' AGS X . 9.81 -28.91 22.83
O4' AGS X . 9.53 -29.65 21.62
C3' AGS X . 9.92 -29.94 23.96
O3' AGS X . 8.97 -29.67 24.99
C2' AGS X . 9.65 -31.30 23.29
O2' AGS X . 8.77 -32.10 24.06
C1' AGS X . 8.98 -30.90 21.97
N9 AGS X . 9.26 -31.82 20.87
C8 AGS X . 9.62 -31.46 19.59
N7 AGS X . 9.83 -32.47 18.79
C5 AGS X . 9.59 -33.58 19.59
C6 AGS X . 9.64 -34.97 19.32
N6 AGS X . 9.96 -35.49 18.14
N1 AGS X . 9.34 -35.81 20.34
C2 AGS X . 9.02 -35.29 21.53
N3 AGS X . 8.94 -34.00 21.89
C4 AGS X . 9.24 -33.19 20.87
MG MG Y . 17.45 -27.80 23.09
PG AGS Z . 10.39 0.41 39.79
S1G AGS Z . 11.24 1.51 38.42
O2G AGS Z . 11.49 -0.35 40.60
O3G AGS Z . 9.58 1.32 40.76
PB AGS Z . 8.53 -1.57 40.01
O1B AGS Z . 9.24 -1.95 41.26
O2B AGS Z . 8.18 -2.76 39.14
O3B AGS Z . 9.44 -0.62 39.12
PA AGS Z . 6.30 -1.33 41.58
O1A AGS Z . 6.63 -0.56 42.80
O2A AGS Z . 6.53 -2.84 41.73
O3A AGS Z . 7.16 -0.85 40.34
O5' AGS Z . 4.81 -0.99 41.19
C5' AGS Z . 4.53 -0.14 40.05
C4' AGS Z . 3.04 0.15 40.00
O4' AGS Z . 2.32 -1.05 39.67
C3' AGS Z . 2.44 0.71 41.28
O3' AGS Z . 1.61 1.84 41.02
C2' AGS Z . 1.62 -0.48 41.83
O2' AGS Z . 0.47 -0.03 42.54
C1' AGS Z . 1.21 -1.18 40.54
N9 AGS Z . 0.93 -2.61 40.72
C8 AGS Z . 1.77 -3.65 40.47
N7 AGS Z . 1.25 -4.83 40.72
C5 AGS Z . -0.03 -4.54 41.16
C6 AGS Z . -1.09 -5.35 41.59
N6 AGS Z . -1.03 -6.68 41.64
N1 AGS Z . -2.23 -4.73 41.97
C2 AGS Z . -2.29 -3.40 41.92
N3 AGS Z . -1.35 -2.54 41.54
C4 AGS Z . -0.23 -3.17 41.16
MG MG AA . 10.96 -1.40 42.30
PG AGS BA . 20.30 28.38 32.63
S1G AGS BA . 21.64 27.38 31.65
O2G AGS BA . 20.79 28.61 34.09
O3G AGS BA . 20.08 29.76 31.95
PB AGS BA . 17.76 28.09 33.54
O1B AGS BA . 18.24 28.63 34.82
O2B AGS BA . 16.83 26.89 33.70
O3B AGS BA . 18.97 27.59 32.65
PA AGS BA . 16.22 30.37 33.54
O1A AGS BA . 17.22 31.29 34.12
O2A AGS BA . 15.28 29.73 34.57
O3A AGS BA . 16.91 29.18 32.75
O5' AGS BA . 15.41 31.15 32.44
C5' AGS BA . 14.43 30.49 31.62
C4' AGS BA . 14.05 31.38 30.47
O4' AGS BA . 12.69 31.13 30.09
C3' AGS BA . 14.12 32.87 30.74
O3' AGS BA . 14.35 33.61 29.55
C2' AGS BA . 12.74 33.16 31.33
O2' AGS BA . 12.32 34.50 31.07
C1' AGS BA . 11.85 32.16 30.59
N9 AGS BA . 10.83 31.55 31.43
C8 AGS BA . 10.91 30.34 32.09
N7 AGS BA . 9.85 30.04 32.78
C5 AGS BA . 9.01 31.12 32.59
C6 AGS BA . 7.71 31.42 33.07
N6 AGS BA . 7.02 30.62 33.87
N1 AGS BA . 7.16 32.60 32.68
C2 AGS BA . 7.85 33.40 31.87
N3 AGS BA . 9.08 33.22 31.36
C4 AGS BA . 9.60 32.06 31.76
MG MG CA . 19.96 29.02 35.95
PG AGS DA . 43.20 33.79 13.16
S1G AGS DA . 43.62 32.13 14.11
O2G AGS DA . 43.84 34.99 13.91
O3G AGS DA . 43.79 33.72 11.72
PB AGS DA . 41.06 35.44 12.93
O1B AGS DA . 41.86 36.42 13.70
O2B AGS DA . 39.61 35.34 13.43
O3B AGS DA . 41.67 33.99 13.09
PA AGS DA . 40.87 37.38 11.01
O1A AGS DA . 42.20 38.02 10.99
O2A AGS DA . 39.90 38.03 11.99
O3A AGS DA . 40.97 35.85 11.40
O5' AGS DA . 40.30 37.38 9.53
C5' AGS DA . 40.42 36.22 8.70
C4' AGS DA . 39.86 36.52 7.33
O4' AGS DA . 38.47 36.91 7.46
C3' AGS DA . 40.56 37.63 6.56
O3' AGS DA . 40.75 37.26 5.20
C2' AGS DA . 39.60 38.81 6.70
O2' AGS DA . 39.66 39.68 5.57
C1' AGS DA . 38.25 38.11 6.75
N9 AGS DA . 37.20 38.86 7.43
C8 AGS DA . 36.76 38.70 8.71
N7 AGS DA . 35.80 39.52 9.05
C5 AGS DA . 35.60 40.29 7.92
C6 AGS DA . 34.71 41.35 7.63
N6 AGS DA . 33.83 41.83 8.50
N1 AGS DA . 34.76 41.88 6.39
C2 AGS DA . 35.65 41.40 5.51
N3 AGS DA . 36.53 40.41 5.67
C4 AGS DA . 36.46 39.90 6.90
MG MG EA . 43.43 36.70 15.04
PG AGS FA . 65.01 13.40 5.04
S1G AGS FA . 64.76 12.79 6.87
O2G AGS FA . 66.06 14.55 5.01
O3G AGS FA . 65.53 12.22 4.17
PB AGS FA . 63.64 14.80 3.15
O1B AGS FA . 64.76 15.77 3.18
O2B AGS FA . 62.27 15.48 3.13
O3B AGS FA . 63.66 13.91 4.46
PA AGS FA . 64.54 14.39 0.60
O1A AGS FA . 65.97 14.06 0.74
O2A AGS FA . 64.25 15.88 0.44
O3A AGS FA . 63.71 13.89 1.86
O5' AGS FA . 63.96 13.55 -0.62
C5' AGS FA . 63.36 12.25 -0.40
C4' AGS FA . 62.94 11.67 -1.72
O4' AGS FA . 61.97 12.54 -2.35
C3' AGS FA . 64.06 11.44 -2.73
O3' AGS FA . 64.06 10.09 -3.19
C2' AGS FA . 63.75 12.42 -3.87
O2' AGS FA . 64.08 11.88 -5.14
C1' AGS FA . 62.24 12.60 -3.74
N9 AGS FA . 61.72 13.86 -4.25
C8 AGS FA . 60.95 14.77 -3.57
N7 AGS FA . 60.62 15.83 -4.27
C5 AGS FA . 61.21 15.59 -5.51
C6 AGS FA . 61.23 16.35 -6.70
N6 AGS FA . 60.62 17.53 -6.85
N1 AGS FA . 61.91 15.84 -7.74
C2 AGS FA . 62.52 14.65 -7.60
N3 AGS FA . 62.56 13.86 -6.53
C4 AGS FA . 61.89 14.39 -5.51
MG MG GA . 65.67 16.58 4.87
PG AGS HA . 71.96 -12.41 21.49
S1G AGS HA . 72.09 -11.43 23.17
O2G AGS HA . 73.22 -12.14 20.62
O3G AGS HA . 71.86 -13.93 21.78
PB AGS HA . 70.57 -12.27 19.15
O1B AGS HA . 71.88 -12.08 18.49
O2B AGS HA . 69.48 -11.35 18.60
O3B AGS HA . 70.70 -11.94 20.70
PA AGS HA . 71.00 -14.81 18.27
O1A AGS HA . 71.73 -15.60 19.28
O2A AGS HA . 71.91 -14.01 17.34
O3A AGS HA . 70.05 -13.75 18.95
O5' AGS HA . 70.05 -15.79 17.47
C5' AGS HA . 68.89 -16.39 18.10
C4' AGS HA . 68.36 -17.50 17.23
O4' AGS HA . 68.22 -17.04 15.87
C3' AGS HA . 69.21 -18.77 17.18
O3' AGS HA . 68.44 -19.91 17.54
C2' AGS HA . 69.71 -18.84 15.73
O2' AGS HA . 69.78 -20.18 15.27
C1' AGS HA . 68.61 -18.07 14.99
N9 AGS HA . 69.03 -17.48 13.73
C8 AGS HA . 69.03 -16.15 13.40
N7 AGS HA . 69.47 -15.90 12.20
C5 AGS HA . 69.78 -17.14 11.69
C6 AGS HA . 70.30 -17.57 10.45
N6 AGS HA . 70.61 -16.73 9.46
N1 AGS HA . 70.51 -18.89 10.27
C2 AGS HA . 70.20 -19.73 11.26
N3 AGS HA . 69.71 -19.45 12.47
C4 AGS HA . 69.52 -18.13 12.63
MG MG IA . 73.73 -13.05 18.75
PG AGS JA . -3.35 9.63 -35.75
S1G AGS JA . -4.90 8.92 -34.82
O2G AGS JA . -3.11 8.87 -37.09
O3G AGS JA . -3.59 11.14 -36.07
PB AGS JA . -0.67 9.55 -35.58
O1B AGS JA . -0.84 9.58 -37.04
O2B AGS JA . 0.08 8.33 -35.06
O3B AGS JA . -2.08 9.50 -34.86
PA AGS JA . 0.70 11.76 -36.27
O1A AGS JA . -0.37 12.62 -36.81
O2A AGS JA . 1.31 10.82 -37.33
O3A AGS JA . 0.16 10.83 -35.12
O5' AGS JA . 1.79 12.67 -35.59
C5' AGS JA . 1.44 13.66 -34.60
C4' AGS JA . 2.43 14.80 -34.72
O4' AGS JA . 3.75 14.30 -34.53
C3' AGS JA . 2.44 15.48 -36.08
O3' AGS JA . 1.66 16.67 -36.07
C2' AGS JA . 3.92 15.78 -36.35
O2' AGS JA . 4.17 17.18 -36.46
C1' AGS JA . 4.65 15.21 -35.12
N9 AGS JA . 5.89 14.48 -35.42
C8 AGS JA . 6.33 13.34 -34.81
N7 AGS JA . 7.48 12.90 -35.25
C5 AGS JA . 7.83 13.82 -36.23
C6 AGS JA . 8.94 13.92 -37.08
N6 AGS JA . 9.95 13.04 -37.08
N1 AGS JA . 8.99 14.96 -37.94
C2 AGS JA . 7.98 15.84 -37.94
N3 AGS JA . 6.88 15.85 -37.18
C4 AGS JA . 6.87 14.80 -36.34
MG MG KA . -1.95 9.44 -38.80
PG AGS LA . -27.78 21.07 -21.04
S1G AGS LA . -28.17 19.20 -21.41
O2G AGS LA . -28.07 21.94 -22.31
O3G AGS LA . -28.68 21.56 -19.87
PB AGS LA . -25.47 22.48 -21.18
O1B AGS LA . -26.16 23.09 -22.33
O2B AGS LA . -24.08 21.95 -21.52
O3B AGS LA . -26.28 21.24 -20.64
PA AGS LA . -25.84 25.03 -20.21
O1A AGS LA . -27.32 25.02 -20.23
O2A AGS LA . -25.20 25.59 -21.47
O3A AGS LA . -25.28 23.55 -20.02
O5' AGS LA . -25.37 25.80 -18.91
C5' AGS LA . -25.54 25.21 -17.61
C4' AGS LA . -25.01 26.14 -16.55
O4' AGS LA . -23.67 26.54 -16.88
C3' AGS LA . -25.82 27.43 -16.35
O3' AGS LA . -26.11 27.64 -14.97
C2' AGS LA . -24.90 28.53 -16.89
O2' AGS LA . -25.04 29.75 -16.18
C1' AGS LA . -23.52 27.92 -16.65
N9 AGS LA . -22.48 28.43 -17.54
C8 AGS LA . -21.80 27.72 -18.50
N7 AGS LA . -20.91 28.44 -19.15
C5 AGS LA . -21.02 29.69 -18.59
C6 AGS LA . -20.35 30.91 -18.85
N6 AGS LA . -19.40 31.06 -19.77
N1 AGS LA . -20.70 31.99 -18.10
C2 AGS LA . -21.65 31.85 -17.18
N3 AGS LA . -22.35 30.76 -16.85
C4 AGS LA . -21.99 29.71 -17.60
MG MG MA . -27.77 23.67 -23.47
PG AGS NA . -46.90 3.79 -4.25
S1G AGS NA . -46.05 2.33 -5.22
O2G AGS NA . -48.03 4.41 -5.12
O3G AGS NA . -47.51 3.24 -2.93
PB AGS NA . -46.26 6.14 -3.06
O1B AGS NA . -47.58 6.65 -3.49
O2B AGS NA . -45.13 7.16 -3.26
O3B AGS NA . -45.85 4.88 -3.91
PA AGS NA . -47.09 6.68 -0.51
O1A AGS NA . -48.53 6.35 -0.57
O2A AGS NA . -46.78 8.14 -0.84
O3A AGS NA . -46.25 5.80 -1.52
O5' AGS NA . -46.55 6.28 0.92
C5' AGS NA . -45.46 7.00 1.53
C4' AGS NA . -45.00 6.25 2.76
O4' AGS NA . -43.96 7.00 3.41
C3' AGS NA . -46.06 6.06 3.83
O3' AGS NA . -45.77 4.93 4.65
C2' AGS NA . -45.97 7.36 4.63
O2' AGS NA . -46.30 7.18 6.00
C1' AGS NA . -44.49 7.74 4.48
N9 AGS NA . -44.26 9.16 4.22
C8 AGS NA . -43.93 9.73 3.02
N7 AGS NA . -43.79 11.04 3.06
C5 AGS NA . -44.07 11.35 4.39
C6 AGS NA . -44.10 12.57 5.09
N6 AGS NA . -43.84 13.76 4.52
N1 AGS NA . -44.41 12.53 6.41
C2 AGS NA . -44.66 11.35 6.97
N3 AGS NA . -44.66 10.14 6.41
C4 AGS NA . -44.36 10.20 5.11
MG MG OA . -48.97 6.25 -4.99
PG AGS PA . -49.54 -26.42 -6.60
S1G AGS PA . -48.68 -26.30 -8.34
O2G AGS PA . -51.03 -25.97 -6.72
O3G AGS PA . -49.49 -27.87 -6.08
PB AGS PA . -49.33 -25.34 -4.11
O1B AGS PA . -50.79 -25.52 -4.06
O2B AGS PA . -48.87 -23.96 -3.63
O3B AGS PA . -48.80 -25.48 -5.60
PA AGS PA . -49.42 -27.18 -2.07
O1A AGS PA . -50.42 -28.07 -2.69
O2A AGS PA . -50.00 -26.13 -1.12
O3A AGS PA . -48.60 -26.39 -3.17
O5' AGS PA . -48.35 -28.07 -1.34
C5' AGS PA . -47.13 -27.51 -0.82
C4' AGS PA . -46.18 -28.62 -0.46
O4' AGS PA . -45.37 -28.21 0.66
C3' AGS PA . -46.84 -29.92 -0.01
O3' AGS PA . -45.99 -31.03 -0.27
C2' AGS PA . -47.04 -29.69 1.48
O2' AGS PA . -47.03 -30.91 2.21
C1' AGS PA . -45.82 -28.84 1.85
N9 AGS PA . -46.11 -27.80 2.82
C8 AGS PA . -46.38 -26.48 2.58
N7 AGS PA . -46.61 -25.77 3.65
C5 AGS PA . -46.48 -26.68 4.69
C6 AGS PA . -46.61 -26.56 6.08
N6 AGS PA . -46.90 -25.41 6.70
N1 AGS PA . -46.42 -27.66 6.83
C2 AGS PA . -46.12 -28.82 6.22
N3 AGS PA . -45.98 -29.05 4.91
C4 AGS PA . -46.17 -27.93 4.19
MG MG QA . -52.42 -26.16 -5.20
PG AGS RA . -40.14 -42.78 -30.79
S1G AGS RA . -40.46 -41.19 -31.87
O2G AGS RA . -41.50 -43.42 -30.39
O3G AGS RA . -39.31 -43.80 -31.61
PB AGS RA . -39.26 -43.41 -28.29
O1B AGS RA . -40.49 -44.23 -28.20
O2B AGS RA . -39.02 -42.55 -27.04
O3B AGS RA . -39.35 -42.38 -29.50
PA AGS RA . -38.15 -45.89 -28.57
O1A AGS RA . -38.82 -46.26 -29.85
O2A AGS RA . -38.91 -46.36 -27.33
O3A AGS RA . -37.98 -44.32 -28.45
O5' AGS RA . -36.68 -46.45 -28.62
C5' AGS RA . -35.64 -45.88 -27.79
C4' AGS RA . -34.29 -46.28 -28.35
O4' AGS RA . -33.31 -46.21 -27.29
C3' AGS RA . -34.21 -47.70 -28.88
O3' AGS RA . -33.23 -47.80 -29.91
C2' AGS RA . -33.80 -48.50 -27.64
O2' AGS RA . -33.07 -49.67 -27.97
C1' AGS RA . -32.91 -47.50 -26.89
N9 AGS RA . -33.03 -47.58 -25.44
C8 AGS RA . -33.62 -46.68 -24.61
N7 AGS RA . -33.58 -47.01 -23.34
C5 AGS RA . -32.90 -48.22 -23.34
C6 AGS RA . -32.54 -49.10 -22.30
N6 AGS RA . -32.81 -48.89 -21.02
N1 AGS RA . -31.88 -50.23 -22.65
C2 AGS RA . -31.61 -50.45 -23.94
N3 AGS RA . -31.91 -49.70 -25.00
C4 AGS RA . -32.57 -48.59 -24.63
MG MG SA . -41.78 -45.26 -29.46
PG AGS TA . -34.12 -30.86 -59.30
S1G AGS TA . -35.48 -29.52 -58.90
O2G AGS TA . -34.80 -32.14 -59.86
O3G AGS TA . -33.12 -30.28 -60.34
PB AGS TA . -32.32 -32.43 -57.98
O1B AGS TA . -32.68 -33.43 -59.00
O2B AGS TA . -32.38 -32.98 -56.55
O3B AGS TA . -33.35 -31.22 -57.99
PA AGS TA . -29.95 -32.46 -59.39
O1A AGS TA . -30.15 -31.65 -60.61
O2A AGS TA . -30.31 -33.93 -59.55
O3A AGS TA . -30.84 -31.89 -58.19
O5' AGS TA . -28.43 -32.28 -58.92
C5' AGS TA . -27.85 -30.97 -58.74
C4' AGS TA . -26.34 -31.09 -58.88
O4' AGS TA . -25.85 -32.10 -57.99
C3' AGS TA . -25.85 -31.49 -60.27
O3' AGS TA . -25.50 -30.35 -61.03
C2' AGS TA . -24.63 -32.39 -60.00
O2' AGS TA . -23.43 -31.80 -60.49
C1' AGS TA . -24.59 -32.51 -58.46
N9 AGS TA . -24.32 -33.85 -57.95
C8 AGS TA . -24.96 -34.47 -56.93
N7 AGS TA . -24.53 -35.67 -56.67
C5 AGS TA . -23.52 -35.87 -57.59
C6 AGS TA . -22.67 -36.96 -57.86
N6 AGS TA . -22.69 -38.11 -57.17
N1 AGS TA . -21.78 -36.82 -58.87
C2 AGS TA . -21.74 -35.68 -59.56
N3 AGS TA . -22.50 -34.59 -59.40
C4 AGS TA . -23.38 -34.75 -58.40
MG MG UA . -34.61 -34.16 -59.32
#